data_5DZK
#
_entry.id   5DZK
#
_cell.length_a   205.940
_cell.length_b   183.350
_cell.length_c   188.450
_cell.angle_alpha   90.00
_cell.angle_beta   94.44
_cell.angle_gamma   90.00
#
_symmetry.space_group_name_H-M   'C 1 2 1'
#
loop_
_entity.id
_entity.type
_entity.pdbx_description
1 polymer 'ATP-dependent Clp protease proteolytic subunit 2'
2 polymer BEZ-LEU-LEU
3 polymer 'ATP-dependent Clp protease proteolytic subunit 1'
4 water water
#
loop_
_entity_poly.entity_id
_entity_poly.type
_entity_poly.pdbx_seq_one_letter_code
_entity_poly.pdbx_strand_id
1 'polypeptide(L)'
;MNSQNSQIQPQARYILPSFIEHSSFGVKESNPYNKLFEERIIFLGVQVDDASANDIMAQLLVLESLDPDRDITMYINSPG
GGFTSLMAIYDTMQYVRADIQTVCLGQAASAAAVLLAAGTPGKRMALPNARVLIHQPSLSGVIQGQFSDLEIQAAEIERM
RTLMETTLARHTGKDAGVIRKDTDRDKILTAEEAKDYGIIDTVLEYRKLSAQTA
;
A,B,C,D,E,F,G,a,b,c,d,e,f,g
2 'polypeptide(L)' (BEZ)LL O,P,Q,R,S,T,U,V,W,X,Y,Z,1,2,o,p,q,r,s,t,u,v,w,x,y,z,3,4
3 'polypeptide(L)'
;MSQVTDMRSNSQGLSLTDSVYERLLSERIIFLGSEVNDEIANRLCAQILLLAAEDASKDISLYINSPGGSISAGMAIYDT
MVLAPCDIATYAMGMAASMGEFLLAAGTKGKRYALPHARILMHQPLGGVTGSAADIAIQAEQFAVIKKEMFRLNAEFTGQ
PIERIEADSDRDRWFTAAEALEYGFVDHIITRAHVNGEAQ
;
H,I,J,K,L,M,N,h,i,j,k,l,m,n
#
# COMPACT_ATOMS: atom_id res chain seq x y z
N ILE A 15 -0.71 61.02 -17.59
CA ILE A 15 -0.86 62.03 -16.48
C ILE A 15 -2.21 62.78 -16.51
N LEU A 16 -2.93 62.63 -15.40
CA LEU A 16 -4.33 63.09 -15.22
C LEU A 16 -4.48 63.79 -13.91
N PRO A 17 -4.68 65.11 -13.93
CA PRO A 17 -4.56 65.82 -12.63
C PRO A 17 -5.75 65.62 -11.75
N SER A 18 -5.51 65.77 -10.47
CA SER A 18 -6.59 65.86 -9.51
C SER A 18 -6.58 67.26 -8.94
N PHE A 19 -7.67 67.58 -8.29
CA PHE A 19 -7.90 68.90 -7.78
C PHE A 19 -8.79 68.76 -6.56
N ILE A 20 -9.02 69.88 -5.90
CA ILE A 20 -9.80 69.92 -4.66
C ILE A 20 -11.04 70.82 -4.76
N GLU A 21 -12.14 70.38 -4.17
CA GLU A 21 -13.36 71.24 -4.11
C GLU A 21 -13.74 71.80 -2.70
N HIS A 22 -13.59 73.13 -2.57
CA HIS A 22 -14.18 73.92 -1.44
C HIS A 22 -15.68 73.65 -1.24
N SER A 23 -16.09 73.74 0.03
CA SER A 23 -17.52 73.83 0.47
C SER A 23 -17.58 74.12 1.97
N SER A 24 -18.74 74.59 2.43
CA SER A 24 -18.94 74.85 3.89
C SER A 24 -18.98 73.55 4.74
N PHE A 25 -19.16 72.42 4.06
CA PHE A 25 -19.30 71.11 4.73
C PHE A 25 -17.94 70.47 4.98
N GLY A 26 -17.10 70.63 3.99
CA GLY A 26 -15.78 70.01 4.00
C GLY A 26 -15.08 70.21 2.67
N VAL A 27 -13.91 69.62 2.56
CA VAL A 27 -13.05 69.82 1.43
C VAL A 27 -12.71 68.46 0.84
N LYS A 28 -13.06 68.22 -0.40
CA LYS A 28 -12.84 66.88 -1.04
C LYS A 28 -11.93 66.88 -2.29
N GLU A 29 -11.12 65.83 -2.38
CA GLU A 29 -10.23 65.61 -3.52
C GLU A 29 -10.94 64.81 -4.64
N SER A 30 -10.80 65.21 -5.89
CA SER A 30 -11.34 64.37 -6.99
C SER A 30 -10.58 64.51 -8.36
N ASN A 31 -10.74 63.48 -9.20
CA ASN A 31 -10.32 63.46 -10.62
C ASN A 31 -11.32 64.12 -11.47
N PRO A 32 -10.96 64.32 -12.74
CA PRO A 32 -11.95 64.64 -13.71
C PRO A 32 -12.99 63.54 -13.91
N TYR A 33 -12.54 62.30 -13.82
CA TYR A 33 -13.45 61.17 -14.13
C TYR A 33 -14.46 61.04 -13.00
N ASN A 34 -13.98 61.37 -11.81
CA ASN A 34 -14.82 61.25 -10.60
C ASN A 34 -15.81 62.35 -10.48
N LYS A 35 -15.32 63.54 -10.71
CA LYS A 35 -16.17 64.72 -10.84
C LYS A 35 -17.25 64.46 -11.92
N LEU A 36 -16.83 63.90 -13.03
CA LEU A 36 -17.80 63.53 -14.07
C LEU A 36 -18.85 62.55 -13.53
N PHE A 37 -18.37 61.57 -12.79
CA PHE A 37 -19.25 60.55 -12.22
C PHE A 37 -20.16 61.16 -11.14
N GLU A 38 -19.61 62.09 -10.39
CA GLU A 38 -20.39 62.79 -9.35
C GLU A 38 -21.60 63.46 -9.94
N GLU A 39 -21.49 63.80 -11.22
CA GLU A 39 -22.54 64.47 -12.03
C GLU A 39 -23.33 63.54 -12.93
N ARG A 40 -23.24 62.28 -12.58
CA ARG A 40 -23.97 61.19 -13.23
C ARG A 40 -23.56 60.97 -14.69
N ILE A 41 -22.30 61.22 -14.95
CA ILE A 41 -21.75 60.95 -16.26
C ILE A 41 -20.78 59.79 -16.22
N ILE A 42 -21.07 58.79 -17.04
CA ILE A 42 -20.25 57.60 -17.14
C ILE A 42 -19.45 57.74 -18.43
N PHE A 43 -18.14 57.49 -18.38
CA PHE A 43 -17.32 57.61 -19.59
C PHE A 43 -17.00 56.29 -20.27
N LEU A 44 -17.44 56.18 -21.51
CA LEU A 44 -17.14 54.97 -22.30
C LEU A 44 -16.10 55.27 -23.38
N GLY A 45 -14.84 55.05 -23.03
CA GLY A 45 -13.69 55.48 -23.84
C GLY A 45 -12.79 54.38 -24.32
N VAL A 46 -12.70 53.30 -23.60
CA VAL A 46 -11.86 52.21 -24.07
C VAL A 46 -12.67 51.39 -25.08
N GLN A 47 -12.01 50.34 -25.56
CA GLN A 47 -12.64 49.19 -26.23
C GLN A 47 -13.37 48.33 -25.21
N VAL A 48 -14.61 48.04 -25.56
CA VAL A 48 -15.63 47.33 -24.72
C VAL A 48 -15.24 45.87 -24.51
N ASP A 49 -14.15 45.66 -23.78
CA ASP A 49 -13.78 44.30 -23.37
C ASP A 49 -14.69 43.83 -22.20
N ASP A 50 -14.66 42.55 -21.83
CA ASP A 50 -15.51 42.02 -20.71
C ASP A 50 -15.27 42.79 -19.37
N ALA A 51 -14.02 43.12 -19.12
CA ALA A 51 -13.60 43.90 -17.93
C ALA A 51 -14.28 45.25 -17.86
N SER A 52 -14.07 46.05 -18.91
CA SER A 52 -14.60 47.42 -18.98
C SER A 52 -16.14 47.42 -18.87
N ALA A 53 -16.73 46.40 -19.45
CA ALA A 53 -18.20 46.29 -19.49
C ALA A 53 -18.78 46.17 -18.09
N ASN A 54 -18.14 45.33 -17.28
CA ASN A 54 -18.55 45.15 -15.88
C ASN A 54 -18.46 46.45 -15.12
N ASP A 55 -17.37 47.14 -15.35
CA ASP A 55 -17.16 48.50 -14.79
C ASP A 55 -18.32 49.48 -15.19
N ILE A 56 -18.71 49.42 -16.46
CA ILE A 56 -19.79 50.29 -16.96
C ILE A 56 -21.10 49.90 -16.32
N MET A 57 -21.36 48.62 -16.26
CA MET A 57 -22.64 48.12 -15.65
C MET A 57 -22.75 48.52 -14.16
N ALA A 58 -21.65 48.30 -13.46
CA ALA A 58 -21.55 48.59 -12.02
C ALA A 58 -21.81 50.06 -11.77
N GLN A 59 -21.17 50.89 -12.57
CA GLN A 59 -21.39 52.34 -12.49
C GLN A 59 -22.84 52.72 -12.72
N LEU A 60 -23.40 52.15 -13.75
CA LEU A 60 -24.84 52.32 -14.06
C LEU A 60 -25.69 51.94 -12.88
N LEU A 61 -25.51 50.70 -12.44
CA LEU A 61 -26.31 50.11 -11.30
C LEU A 61 -26.19 50.94 -10.01
N VAL A 62 -24.99 51.43 -9.80
CA VAL A 62 -24.69 52.22 -8.59
C VAL A 62 -25.37 53.57 -8.66
N LEU A 63 -25.20 54.25 -9.79
CA LEU A 63 -25.90 55.53 -10.03
C LEU A 63 -27.41 55.42 -9.88
N GLU A 64 -27.98 54.32 -10.35
CA GLU A 64 -29.43 54.10 -10.14
C GLU A 64 -29.76 53.99 -8.64
N SER A 65 -29.01 53.12 -7.98
CA SER A 65 -29.15 52.92 -6.53
C SER A 65 -29.03 54.24 -5.76
N LEU A 66 -28.12 55.10 -6.18
CA LEU A 66 -27.90 56.39 -5.50
C LEU A 66 -29.03 57.39 -5.66
N ASP A 67 -29.73 57.34 -6.77
CA ASP A 67 -30.80 58.28 -7.09
C ASP A 67 -31.56 57.82 -8.37
N PRO A 68 -32.59 57.00 -8.18
CA PRO A 68 -33.27 56.43 -9.32
C PRO A 68 -34.04 57.37 -10.24
N ASP A 69 -34.29 58.59 -9.80
CA ASP A 69 -35.10 59.50 -10.62
C ASP A 69 -34.27 60.34 -11.56
N ARG A 70 -33.14 60.80 -11.08
CA ARG A 70 -32.24 61.64 -11.90
C ARG A 70 -31.58 60.89 -13.07
N ASP A 71 -31.33 61.65 -14.12
CA ASP A 71 -30.79 61.11 -15.37
C ASP A 71 -29.36 60.68 -15.24
N ILE A 72 -29.04 59.62 -15.97
CA ILE A 72 -27.66 59.19 -16.19
C ILE A 72 -27.26 59.57 -17.60
N THR A 73 -26.08 60.14 -17.71
CA THR A 73 -25.52 60.47 -19.04
C THR A 73 -24.31 59.56 -19.30
N MET A 74 -24.17 59.15 -20.56
CA MET A 74 -23.10 58.23 -21.03
C MET A 74 -22.33 58.89 -22.15
N TYR A 75 -21.08 59.25 -21.87
CA TYR A 75 -20.18 59.88 -22.87
C TYR A 75 -19.50 58.78 -23.61
N ILE A 76 -19.62 58.82 -24.91
CA ILE A 76 -19.10 57.75 -25.74
C ILE A 76 -18.04 58.22 -26.72
N ASN A 77 -16.86 57.65 -26.57
CA ASN A 77 -15.79 57.75 -27.58
C ASN A 77 -15.09 56.46 -27.61
N SER A 78 -15.65 55.51 -28.31
CA SER A 78 -15.18 54.15 -28.22
C SER A 78 -15.10 53.52 -29.59
N PRO A 79 -14.00 52.78 -29.87
CA PRO A 79 -13.87 52.11 -31.16
C PRO A 79 -14.68 50.83 -31.23
N GLY A 80 -15.40 50.47 -30.20
CA GLY A 80 -16.23 49.33 -30.32
C GLY A 80 -15.87 48.29 -29.31
N GLY A 81 -16.10 47.03 -29.61
CA GLY A 81 -15.91 45.97 -28.58
C GLY A 81 -16.76 44.71 -28.65
N GLY A 82 -16.57 43.84 -27.65
CA GLY A 82 -17.19 42.51 -27.60
C GLY A 82 -18.71 42.48 -27.65
N PHE A 83 -19.27 41.47 -28.31
CA PHE A 83 -20.73 41.42 -28.55
C PHE A 83 -21.39 40.98 -27.29
N THR A 84 -20.80 40.03 -26.65
CA THR A 84 -21.39 39.52 -25.42
C THR A 84 -21.53 40.66 -24.33
N SER A 85 -20.52 41.52 -24.34
CA SER A 85 -20.46 42.72 -23.47
C SER A 85 -21.45 43.80 -23.88
N LEU A 86 -21.46 44.12 -25.15
CA LEU A 86 -22.44 45.03 -25.71
C LEU A 86 -23.82 44.74 -25.14
N MET A 87 -24.28 43.51 -25.28
CA MET A 87 -25.66 43.15 -24.89
C MET A 87 -25.91 43.35 -23.40
N ALA A 88 -24.91 43.00 -22.63
CA ALA A 88 -24.98 43.12 -21.17
C ALA A 88 -25.13 44.60 -20.73
N ILE A 89 -24.33 45.44 -21.36
CA ILE A 89 -24.38 46.85 -21.08
C ILE A 89 -25.73 47.41 -21.48
N TYR A 90 -26.09 47.13 -22.70
CA TYR A 90 -27.43 47.43 -23.25
C TYR A 90 -28.55 47.07 -22.30
N ASP A 91 -28.55 45.82 -21.85
CA ASP A 91 -29.64 45.34 -20.98
C ASP A 91 -29.69 46.17 -19.70
N THR A 92 -28.51 46.49 -19.20
CA THR A 92 -28.37 47.30 -17.96
C THR A 92 -28.86 48.75 -18.17
N MET A 93 -28.45 49.32 -19.29
CA MET A 93 -28.93 50.69 -19.71
C MET A 93 -30.44 50.82 -19.70
N GLN A 94 -31.04 49.88 -20.39
CA GLN A 94 -32.47 49.86 -20.54
C GLN A 94 -33.15 49.57 -19.17
N TYR A 95 -32.51 48.74 -18.37
CA TYR A 95 -33.11 48.14 -17.18
C TYR A 95 -33.26 49.13 -16.05
N VAL A 96 -32.26 49.97 -15.86
CA VAL A 96 -32.29 50.91 -14.70
C VAL A 96 -33.45 51.87 -14.83
N ARG A 97 -33.91 52.35 -13.68
CA ARG A 97 -35.10 53.24 -13.57
C ARG A 97 -34.90 54.56 -14.25
N ALA A 98 -33.68 55.02 -14.17
CA ALA A 98 -33.31 56.33 -14.69
C ALA A 98 -33.22 56.41 -16.19
N ASP A 99 -33.52 57.57 -16.72
CA ASP A 99 -33.31 57.83 -18.16
C ASP A 99 -31.83 57.83 -18.50
N ILE A 100 -31.52 57.35 -19.69
CA ILE A 100 -30.13 57.38 -20.16
C ILE A 100 -29.96 58.31 -21.33
N GLN A 101 -29.02 59.19 -21.14
CA GLN A 101 -28.65 60.16 -22.15
C GLN A 101 -27.32 59.73 -22.74
N THR A 102 -27.27 59.52 -24.04
CA THR A 102 -26.02 59.11 -24.73
C THR A 102 -25.47 60.23 -25.58
N VAL A 103 -24.18 60.45 -25.40
CA VAL A 103 -23.47 61.56 -26.08
C VAL A 103 -22.18 61.13 -26.74
N CYS A 104 -22.15 61.16 -28.06
CA CYS A 104 -20.99 60.71 -28.78
C CYS A 104 -20.11 61.90 -28.94
N LEU A 105 -18.89 61.75 -28.47
CA LEU A 105 -17.86 62.77 -28.54
C LEU A 105 -16.99 61.97 -29.57
N GLY A 106 -16.25 62.50 -30.54
CA GLY A 106 -15.40 61.57 -31.32
C GLY A 106 -16.00 60.42 -32.11
N GLN A 107 -15.88 59.18 -31.66
CA GLN A 107 -16.33 58.01 -32.48
C GLN A 107 -17.21 57.12 -31.63
N ALA A 108 -18.22 56.59 -32.26
CA ALA A 108 -18.98 55.51 -31.66
C ALA A 108 -19.04 54.44 -32.72
N ALA A 109 -18.11 53.52 -32.62
CA ALA A 109 -18.00 52.46 -33.63
C ALA A 109 -18.45 51.08 -33.14
N SER A 110 -18.94 50.30 -34.10
CA SER A 110 -19.25 48.92 -33.90
C SER A 110 -20.36 48.78 -32.86
N ALA A 111 -19.95 48.32 -31.68
CA ALA A 111 -20.82 48.03 -30.54
C ALA A 111 -21.28 49.32 -29.95
N ALA A 112 -20.31 50.20 -29.82
CA ALA A 112 -20.49 51.57 -29.28
C ALA A 112 -21.58 52.34 -30.02
N ALA A 113 -21.70 52.05 -31.31
CA ALA A 113 -22.76 52.64 -32.12
C ALA A 113 -24.15 52.24 -31.66
N VAL A 114 -24.31 50.95 -31.40
CA VAL A 114 -25.57 50.40 -30.91
C VAL A 114 -25.96 51.04 -29.57
N LEU A 115 -24.97 51.12 -28.71
CA LEU A 115 -25.14 51.75 -27.36
C LEU A 115 -25.58 53.20 -27.46
N LEU A 116 -24.88 53.94 -28.30
CA LEU A 116 -25.22 55.32 -28.59
C LEU A 116 -26.68 55.38 -28.96
N ALA A 117 -27.02 54.52 -29.90
CA ALA A 117 -28.40 54.42 -30.40
C ALA A 117 -29.39 54.03 -29.34
N ALA A 118 -28.90 53.30 -28.35
CA ALA A 118 -29.76 52.67 -27.32
C ALA A 118 -30.08 53.55 -26.10
N GLY A 119 -29.65 54.79 -26.14
CA GLY A 119 -30.04 55.77 -25.15
C GLY A 119 -31.53 55.99 -25.23
N THR A 120 -32.08 56.63 -24.21
CA THR A 120 -33.57 56.87 -24.21
C THR A 120 -33.87 57.88 -25.29
N PRO A 121 -34.94 57.60 -26.06
CA PRO A 121 -35.32 58.47 -27.17
C PRO A 121 -35.49 59.89 -26.74
N GLY A 122 -35.06 60.81 -27.59
CA GLY A 122 -34.98 62.23 -27.26
C GLY A 122 -33.62 62.64 -26.75
N LYS A 123 -32.90 61.70 -26.14
CA LYS A 123 -31.65 62.04 -25.42
C LYS A 123 -30.32 61.53 -26.00
N ARG A 124 -30.34 61.27 -27.30
CA ARG A 124 -29.18 60.73 -28.00
C ARG A 124 -28.52 61.80 -28.87
N MET A 125 -27.25 62.02 -28.59
CA MET A 125 -26.54 63.15 -29.17
C MET A 125 -25.17 62.84 -29.70
N ALA A 126 -24.69 63.74 -30.52
CA ALA A 126 -23.30 63.70 -30.96
C ALA A 126 -22.76 65.12 -31.22
N LEU A 127 -21.46 65.29 -31.01
CA LEU A 127 -20.78 66.53 -31.41
C LEU A 127 -20.70 66.49 -32.94
N PRO A 128 -20.58 67.65 -33.62
CA PRO A 128 -20.78 67.74 -35.09
C PRO A 128 -19.83 66.94 -35.96
N ASN A 129 -18.53 66.99 -35.66
CA ASN A 129 -17.56 66.10 -36.37
C ASN A 129 -17.44 64.71 -35.79
N ALA A 130 -18.44 64.31 -35.03
CA ALA A 130 -18.42 62.96 -34.51
C ALA A 130 -18.74 62.06 -35.68
N ARG A 131 -18.45 60.80 -35.42
CA ARG A 131 -18.41 59.77 -36.44
C ARG A 131 -19.00 58.49 -35.85
N VAL A 132 -19.98 57.95 -36.56
CA VAL A 132 -20.60 56.73 -36.14
C VAL A 132 -20.36 55.69 -37.18
N LEU A 133 -19.85 54.55 -36.77
CA LEU A 133 -19.62 53.43 -37.71
C LEU A 133 -20.36 52.15 -37.29
N ILE A 134 -21.14 51.58 -38.21
CA ILE A 134 -21.81 50.33 -37.92
C ILE A 134 -21.35 49.28 -38.86
N HIS A 135 -21.30 48.07 -38.36
CA HIS A 135 -20.87 46.98 -39.19
C HIS A 135 -21.28 45.70 -38.50
N GLN A 136 -21.27 44.60 -39.23
CA GLN A 136 -21.77 43.37 -38.69
C GLN A 136 -20.66 42.77 -37.84
N PRO A 137 -20.98 41.80 -36.98
CA PRO A 137 -19.99 41.20 -36.10
C PRO A 137 -18.92 40.40 -36.84
N SER A 138 -17.69 40.70 -36.52
CA SER A 138 -16.55 40.01 -37.07
C SER A 138 -15.95 39.21 -35.98
N LEU A 139 -15.17 38.26 -36.43
CA LEU A 139 -14.35 37.50 -35.54
C LEU A 139 -12.97 37.56 -36.14
N SER A 140 -12.11 38.42 -35.62
CA SER A 140 -10.70 38.29 -36.02
C SER A 140 -10.10 37.27 -35.06
N GLY A 141 -9.06 36.59 -35.52
CA GLY A 141 -8.65 35.34 -34.83
C GLY A 141 -9.56 34.22 -35.28
N VAL A 142 -9.15 32.99 -35.02
CA VAL A 142 -9.89 31.87 -35.57
C VAL A 142 -10.45 30.98 -34.43
N ILE A 143 -11.67 30.51 -34.62
CA ILE A 143 -12.23 29.47 -33.77
C ILE A 143 -12.09 28.14 -34.45
N GLN A 144 -11.35 27.31 -33.76
CA GLN A 144 -10.95 25.98 -34.23
C GLN A 144 -11.94 24.94 -33.70
N GLY A 145 -12.11 23.82 -34.39
CA GLY A 145 -12.98 22.77 -33.88
C GLY A 145 -13.43 21.70 -34.84
N GLN A 146 -14.02 20.68 -34.27
CA GLN A 146 -14.80 19.73 -35.06
C GLN A 146 -15.92 20.49 -35.77
N PHE A 147 -16.34 19.97 -36.90
CA PHE A 147 -17.39 20.62 -37.71
C PHE A 147 -18.63 20.76 -36.86
N SER A 148 -18.96 19.70 -36.13
CA SER A 148 -20.16 19.74 -35.23
C SER A 148 -20.15 20.91 -34.28
N ASP A 149 -18.97 21.17 -33.77
CA ASP A 149 -18.76 22.29 -32.87
C ASP A 149 -18.84 23.61 -33.62
N LEU A 150 -18.26 23.60 -34.81
CA LEU A 150 -18.20 24.82 -35.62
C LEU A 150 -19.59 25.20 -36.15
N GLU A 151 -20.42 24.20 -36.41
CA GLU A 151 -21.78 24.44 -36.93
C GLU A 151 -22.64 25.12 -35.81
N ILE A 152 -22.47 24.65 -34.59
CA ILE A 152 -23.11 25.20 -33.39
C ILE A 152 -22.70 26.66 -33.20
N GLN A 153 -21.39 26.85 -33.37
CA GLN A 153 -20.77 28.17 -33.25
C GLN A 153 -21.29 29.15 -34.28
N ALA A 154 -21.24 28.70 -35.52
CA ALA A 154 -21.72 29.51 -36.63
C ALA A 154 -23.15 29.94 -36.39
N ALA A 155 -23.97 28.97 -35.99
CA ALA A 155 -25.40 29.21 -35.63
C ALA A 155 -25.58 30.34 -34.61
N GLU A 156 -24.78 30.24 -33.56
CA GLU A 156 -24.80 31.22 -32.47
C GLU A 156 -24.40 32.58 -32.99
N ILE A 157 -23.50 32.59 -33.96
CA ILE A 157 -23.04 33.87 -34.55
C ILE A 157 -24.09 34.50 -35.42
N GLU A 158 -24.85 33.68 -36.14
CA GLU A 158 -25.98 34.19 -36.96
C GLU A 158 -27.02 34.83 -36.04
N ARG A 159 -27.20 34.22 -34.89
CA ARG A 159 -28.16 34.72 -33.86
C ARG A 159 -27.74 36.08 -33.35
N MET A 160 -26.46 36.14 -33.00
CA MET A 160 -25.80 37.32 -32.48
C MET A 160 -25.96 38.41 -33.53
N ARG A 161 -25.56 38.11 -34.74
CA ARG A 161 -25.77 39.07 -35.84
C ARG A 161 -27.19 39.60 -35.92
N THR A 162 -28.16 38.71 -36.00
CA THR A 162 -29.57 39.13 -36.17
C THR A 162 -30.07 39.85 -34.89
N LEU A 163 -29.47 39.57 -33.75
CA LEU A 163 -29.84 40.29 -32.51
C LEU A 163 -29.35 41.74 -32.58
N MET A 164 -28.16 41.94 -33.12
CA MET A 164 -27.63 43.30 -33.33
C MET A 164 -28.58 44.09 -34.23
N GLU A 165 -29.01 43.43 -35.27
CA GLU A 165 -29.93 44.04 -36.25
C GLU A 165 -31.32 44.32 -35.66
N THR A 166 -31.87 43.36 -34.92
CA THR A 166 -33.13 43.55 -34.15
C THR A 166 -33.07 44.79 -33.24
N THR A 167 -32.01 44.84 -32.43
CA THR A 167 -31.94 45.87 -31.39
C THR A 167 -31.58 47.25 -31.96
N LEU A 168 -30.88 47.29 -33.08
CA LEU A 168 -30.74 48.57 -33.78
C LEU A 168 -32.05 49.02 -34.38
N ALA A 169 -32.69 48.10 -35.08
CA ALA A 169 -34.03 48.33 -35.70
C ALA A 169 -35.01 48.92 -34.67
N ARG A 170 -35.05 48.31 -33.50
CA ARG A 170 -35.88 48.79 -32.37
C ARG A 170 -35.64 50.26 -32.13
N HIS A 171 -34.38 50.65 -32.02
CA HIS A 171 -33.98 52.04 -31.58
C HIS A 171 -33.88 53.12 -32.64
N THR A 172 -33.69 52.68 -33.88
CA THR A 172 -33.54 53.58 -35.06
C THR A 172 -34.86 53.80 -35.77
N GLY A 173 -35.81 52.91 -35.53
CA GLY A 173 -37.12 52.93 -36.21
C GLY A 173 -37.02 52.37 -37.63
N LYS A 174 -35.91 51.73 -37.91
CA LYS A 174 -35.72 51.08 -39.21
C LYS A 174 -36.14 49.64 -39.18
N ASP A 175 -36.27 49.06 -40.37
CA ASP A 175 -36.56 47.65 -40.51
C ASP A 175 -35.29 46.83 -40.27
N ALA A 176 -35.42 45.75 -39.51
CA ALA A 176 -34.28 44.82 -39.28
C ALA A 176 -33.53 44.38 -40.59
N GLY A 177 -34.30 44.02 -41.61
CA GLY A 177 -33.72 43.58 -42.88
C GLY A 177 -32.91 44.70 -43.55
N VAL A 178 -33.35 45.93 -43.33
CA VAL A 178 -32.66 47.12 -43.91
C VAL A 178 -31.29 47.34 -43.25
N ILE A 179 -31.32 47.29 -41.93
CA ILE A 179 -30.09 47.32 -41.16
C ILE A 179 -29.12 46.27 -41.72
N ARG A 180 -29.59 45.04 -41.87
CA ARG A 180 -28.72 43.96 -42.36
C ARG A 180 -28.08 44.29 -43.71
N LYS A 181 -28.89 44.82 -44.63
CA LYS A 181 -28.39 45.30 -45.96
C LYS A 181 -27.31 46.36 -45.72
N ASP A 182 -27.62 47.34 -44.89
CA ASP A 182 -26.70 48.49 -44.69
C ASP A 182 -25.38 48.14 -43.96
N THR A 183 -25.42 47.12 -43.10
CA THR A 183 -24.27 46.68 -42.28
C THR A 183 -23.54 45.51 -42.83
N ASP A 184 -24.00 45.00 -43.95
CA ASP A 184 -23.33 43.85 -44.58
C ASP A 184 -21.82 44.16 -44.77
N ARG A 185 -21.59 45.42 -45.07
CA ARG A 185 -20.26 45.97 -45.21
C ARG A 185 -20.21 47.10 -44.21
N ASP A 186 -19.04 47.70 -44.02
CA ASP A 186 -18.95 48.85 -43.05
C ASP A 186 -19.72 50.08 -43.52
N LYS A 187 -20.39 50.70 -42.57
CA LYS A 187 -21.22 51.86 -42.84
C LYS A 187 -20.86 53.01 -41.93
N ILE A 188 -20.28 54.03 -42.53
CA ILE A 188 -19.80 55.19 -41.78
C ILE A 188 -20.77 56.35 -41.91
N LEU A 189 -21.06 56.97 -40.76
CA LEU A 189 -22.06 58.07 -40.66
C LEU A 189 -21.49 59.26 -39.97
N THR A 190 -21.61 60.39 -40.63
CA THR A 190 -21.35 61.66 -39.97
C THR A 190 -22.41 61.86 -38.88
N ALA A 191 -22.19 62.82 -37.99
CA ALA A 191 -23.19 63.12 -36.96
C ALA A 191 -24.56 63.42 -37.60
N GLU A 192 -24.57 64.25 -38.64
CA GLU A 192 -25.83 64.53 -39.38
C GLU A 192 -26.49 63.25 -39.95
N GLU A 193 -25.70 62.50 -40.67
CA GLU A 193 -26.18 61.24 -41.28
C GLU A 193 -26.75 60.26 -40.21
N ALA A 194 -26.11 60.27 -39.06
CA ALA A 194 -26.45 59.41 -37.93
C ALA A 194 -27.79 59.79 -37.35
N LYS A 195 -28.06 61.07 -37.41
CA LYS A 195 -29.36 61.57 -36.97
C LYS A 195 -30.48 61.13 -37.92
N ASP A 196 -30.21 61.30 -39.21
CA ASP A 196 -31.08 60.82 -40.29
C ASP A 196 -31.35 59.36 -40.21
N TYR A 197 -30.30 58.64 -39.90
CA TYR A 197 -30.42 57.18 -39.76
C TYR A 197 -31.24 56.77 -38.53
N GLY A 198 -31.38 57.69 -37.60
CA GLY A 198 -32.16 57.44 -36.37
C GLY A 198 -31.34 56.86 -35.22
N ILE A 199 -30.05 57.14 -35.24
CA ILE A 199 -29.11 56.63 -34.22
C ILE A 199 -28.94 57.64 -33.08
N ILE A 200 -29.04 58.90 -33.46
CA ILE A 200 -29.07 59.98 -32.48
C ILE A 200 -30.25 60.86 -32.78
N ASP A 201 -30.62 61.67 -31.81
CA ASP A 201 -31.77 62.56 -31.98
C ASP A 201 -31.34 63.93 -32.38
N THR A 202 -30.32 64.42 -31.72
CA THR A 202 -29.86 65.76 -32.02
C THR A 202 -28.37 65.79 -32.22
N VAL A 203 -27.92 66.78 -32.97
CA VAL A 203 -26.48 67.07 -33.09
C VAL A 203 -26.16 68.29 -32.25
N LEU A 204 -25.28 68.15 -31.27
CA LEU A 204 -24.92 69.29 -30.42
C LEU A 204 -24.26 70.42 -31.19
N GLU A 205 -24.75 71.61 -30.97
CA GLU A 205 -24.11 72.79 -31.56
C GLU A 205 -23.17 73.29 -30.50
N TYR A 206 -22.10 73.91 -30.94
CA TYR A 206 -21.15 74.51 -30.00
C TYR A 206 -21.83 75.61 -29.13
N ARG A 207 -21.52 75.69 -27.84
CA ARG A 207 -22.02 76.80 -26.97
C ARG A 207 -20.99 77.87 -26.69
N LYS A 208 -20.02 78.10 -27.55
CA LYS A 208 -19.01 79.13 -27.22
C LYS A 208 -19.66 80.51 -27.06
N LEU A 209 -19.33 81.19 -25.97
CA LEU A 209 -19.88 82.54 -25.73
C LEU A 209 -19.46 83.56 -26.81
N SER A 210 -18.49 83.24 -27.66
CA SER A 210 -17.98 84.22 -28.64
C SER A 210 -17.88 83.65 -30.07
N LEU B 2 -17.16 42.91 -32.06
CA LEU B 2 -15.98 42.00 -32.18
C LEU B 2 -16.39 40.65 -31.50
N LEU B 3 -15.93 39.50 -32.01
CA LEU B 3 -16.39 38.19 -31.50
C LEU B 3 -15.27 37.26 -30.97
N ILE C 15 -10.20 52.37 -16.13
CA ILE C 15 -10.60 53.57 -15.30
C ILE C 15 -12.01 53.42 -14.67
N LEU C 16 -11.99 53.48 -13.34
CA LEU C 16 -13.16 53.20 -12.46
C LEU C 16 -13.29 54.25 -11.38
N PRO C 17 -14.30 55.12 -11.47
CA PRO C 17 -14.33 56.22 -10.51
C PRO C 17 -14.71 55.80 -9.12
N SER C 18 -14.25 56.62 -8.17
CA SER C 18 -14.74 56.55 -6.81
C SER C 18 -15.51 57.83 -6.51
N PHE C 19 -16.27 57.78 -5.45
CA PHE C 19 -17.20 58.83 -5.10
C PHE C 19 -17.35 58.78 -3.60
N ILE C 20 -18.05 59.77 -3.06
CA ILE C 20 -18.21 59.94 -1.62
C ILE C 20 -19.68 59.91 -1.21
N GLU C 21 -19.96 59.28 -0.08
CA GLU C 21 -21.33 59.29 0.49
C GLU C 21 -21.53 60.13 1.82
N HIS C 22 -22.29 61.23 1.69
CA HIS C 22 -22.88 61.99 2.83
C HIS C 22 -23.64 61.08 3.82
N SER C 23 -23.60 61.47 5.08
CA SER C 23 -24.49 60.97 6.17
C SER C 23 -24.26 61.79 7.45
N SER C 24 -25.21 61.73 8.37
CA SER C 24 -25.09 62.46 9.68
C SER C 24 -24.00 61.84 10.59
N PHE C 25 -23.55 60.64 10.24
CA PHE C 25 -22.56 59.89 11.04
C PHE C 25 -21.13 60.22 10.64
N GLY C 26 -20.98 60.37 9.35
CA GLY C 26 -19.70 60.65 8.77
C GLY C 26 -19.77 60.58 7.26
N VAL C 27 -18.61 60.75 6.66
CA VAL C 27 -18.50 60.87 5.19
C VAL C 27 -17.51 59.81 4.70
N LYS C 28 -17.97 58.90 3.85
CA LYS C 28 -17.12 57.76 3.40
C LYS C 28 -16.88 57.71 1.88
N GLU C 29 -15.65 57.35 1.51
CA GLU C 29 -15.26 57.15 0.13
C GLU C 29 -15.53 55.69 -0.32
N SER C 30 -16.08 55.47 -1.51
CA SER C 30 -16.19 54.09 -2.03
C SER C 30 -16.19 53.98 -3.57
N ASN C 31 -15.86 52.78 -4.05
CA ASN C 31 -16.03 52.33 -5.47
C ASN C 31 -17.41 51.89 -5.75
N PRO C 32 -17.69 51.63 -7.03
CA PRO C 32 -18.91 50.96 -7.37
C PRO C 32 -18.91 49.56 -6.85
N TYR C 33 -17.75 48.94 -6.84
CA TYR C 33 -17.70 47.52 -6.48
C TYR C 33 -17.90 47.38 -4.99
N ASN C 34 -17.41 48.39 -4.28
CA ASN C 34 -17.53 48.42 -2.81
C ASN C 34 -18.90 48.76 -2.33
N LYS C 35 -19.46 49.78 -2.95
CA LYS C 35 -20.90 50.13 -2.79
C LYS C 35 -21.81 48.91 -3.13
N LEU C 36 -21.50 48.22 -4.21
CA LEU C 36 -22.18 46.95 -4.51
C LEU C 36 -22.05 45.91 -3.37
N PHE C 37 -20.84 45.77 -2.86
CA PHE C 37 -20.59 44.80 -1.77
C PHE C 37 -21.28 45.25 -0.47
N GLU C 38 -21.30 46.55 -0.25
CA GLU C 38 -21.96 47.11 0.92
C GLU C 38 -23.41 46.71 0.96
N GLU C 39 -23.96 46.48 -0.22
CA GLU C 39 -25.37 46.04 -0.45
C GLU C 39 -25.56 44.54 -0.67
N ARG C 40 -24.55 43.82 -0.23
CA ARG C 40 -24.52 42.36 -0.28
C ARG C 40 -24.54 41.77 -1.69
N ILE C 41 -23.92 42.51 -2.59
CA ILE C 41 -23.77 42.05 -3.98
C ILE C 41 -22.30 41.72 -4.28
N ILE C 42 -22.08 40.48 -4.67
CA ILE C 42 -20.78 39.97 -5.03
C ILE C 42 -20.70 39.92 -6.52
N PHE C 43 -19.64 40.44 -7.12
CA PHE C 43 -19.57 40.48 -8.59
C PHE C 43 -18.67 39.39 -9.18
N LEU C 44 -19.27 38.55 -10.00
CA LEU C 44 -18.53 37.49 -10.65
C LEU C 44 -18.41 37.83 -12.13
N GLY C 45 -17.30 38.49 -12.45
CA GLY C 45 -17.03 39.04 -13.82
C GLY C 45 -15.83 38.51 -14.57
N VAL C 46 -14.83 38.04 -13.86
CA VAL C 46 -13.68 37.44 -14.55
C VAL C 46 -14.01 35.99 -14.88
N GLN C 47 -13.00 35.36 -15.48
CA GLN C 47 -12.89 33.90 -15.58
C GLN C 47 -12.52 33.34 -14.21
N VAL C 48 -13.31 32.35 -13.83
CA VAL C 48 -13.25 31.62 -12.51
C VAL C 48 -11.90 30.82 -12.34
N ASP C 49 -10.78 31.54 -12.27
CA ASP C 49 -9.51 30.90 -11.97
C ASP C 49 -9.44 30.61 -10.44
N ASP C 50 -8.44 29.84 -9.97
CA ASP C 50 -8.33 29.49 -8.52
C ASP C 50 -8.26 30.73 -7.62
N ALA C 51 -7.56 31.75 -8.12
CA ALA C 51 -7.42 33.05 -7.42
C ALA C 51 -8.75 33.74 -7.17
N SER C 52 -9.45 34.00 -8.25
CA SER C 52 -10.78 34.68 -8.19
C SER C 52 -11.82 33.90 -7.30
N ALA C 53 -11.75 32.59 -7.38
CA ALA C 53 -12.66 31.72 -6.64
C ALA C 53 -12.50 31.91 -5.14
N ASN C 54 -11.27 31.96 -4.70
CA ASN C 54 -10.99 32.25 -3.29
C ASN C 54 -11.58 33.58 -2.85
N ASP C 55 -11.38 34.58 -3.68
CA ASP C 55 -11.94 35.94 -3.47
C ASP C 55 -13.47 35.89 -3.36
N ILE C 56 -14.11 35.12 -4.24
CA ILE C 56 -15.57 34.94 -4.17
C ILE C 56 -15.99 34.24 -2.88
N MET C 57 -15.29 33.19 -2.50
CA MET C 57 -15.65 32.39 -1.30
C MET C 57 -15.50 33.24 -0.03
N ALA C 58 -14.39 33.94 0.01
CA ALA C 58 -14.09 34.84 1.13
C ALA C 58 -15.17 35.89 1.27
N GLN C 59 -15.54 36.51 0.16
CA GLN C 59 -16.63 37.49 0.15
C GLN C 59 -17.96 36.91 0.67
N LEU C 60 -18.31 35.74 0.17
CA LEU C 60 -19.50 35.02 0.62
C LEU C 60 -19.45 34.76 2.10
N LEU C 61 -18.36 34.13 2.55
CA LEU C 61 -18.16 33.79 3.99
C LEU C 61 -18.21 35.02 4.91
N VAL C 62 -17.65 36.11 4.43
CA VAL C 62 -17.59 37.34 5.18
C VAL C 62 -18.96 37.93 5.31
N LEU C 63 -19.64 38.03 4.18
CA LEU C 63 -21.04 38.52 4.16
C LEU C 63 -21.95 37.72 5.09
N GLU C 64 -21.76 36.41 5.13
CA GLU C 64 -22.52 35.59 6.06
C GLU C 64 -22.18 35.98 7.50
N SER C 65 -20.89 36.01 7.77
CA SER C 65 -20.39 36.41 9.11
C SER C 65 -20.96 37.81 9.57
N LEU C 66 -21.06 38.75 8.63
CA LEU C 66 -21.56 40.11 8.93
C LEU C 66 -23.04 40.19 9.21
N ASP C 67 -23.82 39.31 8.61
CA ASP C 67 -25.28 39.27 8.79
C ASP C 67 -25.92 37.99 8.18
N PRO C 68 -26.05 36.93 8.99
CA PRO C 68 -26.42 35.64 8.44
C PRO C 68 -27.83 35.55 7.92
N ASP C 69 -28.69 36.49 8.28
CA ASP C 69 -30.11 36.37 7.89
C ASP C 69 -30.41 37.02 6.56
N ARG C 70 -29.80 38.17 6.34
CA ARG C 70 -30.00 38.90 5.07
C ARG C 70 -29.43 38.17 3.84
N ASP C 71 -30.10 38.39 2.71
CA ASP C 71 -29.74 37.76 1.44
C ASP C 71 -28.45 38.27 0.86
N ILE C 72 -27.76 37.35 0.21
CA ILE C 72 -26.56 37.65 -0.61
C ILE C 72 -26.98 37.54 -2.07
N THR C 73 -26.58 38.54 -2.85
CA THR C 73 -26.85 38.54 -4.26
C THR C 73 -25.51 38.40 -4.98
N MET C 74 -25.54 37.64 -6.06
CA MET C 74 -24.39 37.34 -6.87
C MET C 74 -24.67 37.77 -8.33
N TYR C 75 -23.98 38.81 -8.79
CA TYR C 75 -24.06 39.30 -10.19
C TYR C 75 -23.09 38.52 -11.07
N ILE C 76 -23.60 37.92 -12.11
CA ILE C 76 -22.82 37.02 -12.92
C ILE C 76 -22.71 37.46 -14.37
N ASN C 77 -21.47 37.71 -14.78
CA ASN C 77 -21.13 37.95 -16.21
C ASN C 77 -19.78 37.38 -16.43
N SER C 78 -19.74 36.08 -16.62
CA SER C 78 -18.49 35.37 -16.60
C SER C 78 -18.47 34.37 -17.73
N PRO C 79 -17.36 34.32 -18.49
CA PRO C 79 -17.20 33.32 -19.54
C PRO C 79 -16.90 31.91 -19.02
N GLY C 80 -16.82 31.72 -17.73
CA GLY C 80 -16.67 30.36 -17.23
C GLY C 80 -15.42 30.21 -16.41
N GLY C 81 -14.84 29.01 -16.38
CA GLY C 81 -13.72 28.78 -15.48
C GLY C 81 -13.48 27.38 -14.94
N GLY C 82 -12.48 27.26 -14.08
CA GLY C 82 -11.98 25.99 -13.57
C GLY C 82 -13.06 25.17 -12.88
N PHE C 83 -12.99 23.85 -13.02
CA PHE C 83 -13.98 22.95 -12.40
C PHE C 83 -13.75 22.82 -10.91
N THR C 84 -12.49 22.71 -10.54
CA THR C 84 -12.15 22.55 -9.13
C THR C 84 -12.68 23.77 -8.29
N SER C 85 -12.56 24.92 -8.91
CA SER C 85 -13.04 26.20 -8.36
C SER C 85 -14.56 26.29 -8.32
N LEU C 86 -15.19 25.97 -9.43
CA LEU C 86 -16.66 25.87 -9.54
C LEU C 86 -17.21 25.20 -8.32
N MET C 87 -16.73 24.01 -8.03
CA MET C 87 -17.29 23.20 -6.93
C MET C 87 -17.11 23.82 -5.56
N ALA C 88 -15.97 24.42 -5.38
CA ALA C 88 -15.64 25.12 -4.12
C ALA C 88 -16.61 26.29 -3.88
N ILE C 89 -16.81 27.05 -4.92
CA ILE C 89 -17.70 28.21 -4.85
C ILE C 89 -19.12 27.74 -4.54
N TYR C 90 -19.56 26.82 -5.34
CA TYR C 90 -20.83 26.13 -5.17
C TYR C 90 -21.06 25.65 -3.76
N ASP C 91 -20.10 24.92 -3.22
CA ASP C 91 -20.28 24.38 -1.89
C ASP C 91 -20.47 25.53 -0.89
N THR C 92 -19.71 26.60 -1.09
CA THR C 92 -19.75 27.75 -0.19
C THR C 92 -21.11 28.44 -0.32
N MET C 93 -21.57 28.62 -1.54
CA MET C 93 -22.91 29.24 -1.83
C MET C 93 -24.02 28.54 -1.06
N GLN C 94 -24.03 27.23 -1.21
CA GLN C 94 -25.04 26.37 -0.57
C GLN C 94 -24.87 26.38 0.96
N TYR C 95 -23.64 26.42 1.39
CA TYR C 95 -23.30 26.23 2.78
C TYR C 95 -23.73 27.37 3.67
N VAL C 96 -23.50 28.59 3.22
CA VAL C 96 -23.73 29.76 4.10
C VAL C 96 -25.23 29.80 4.49
N ARG C 97 -25.50 30.37 5.65
CA ARG C 97 -26.89 30.48 6.21
C ARG C 97 -27.85 31.25 5.33
N ALA C 98 -27.30 32.29 4.73
CA ALA C 98 -28.08 33.22 3.95
C ALA C 98 -28.54 32.65 2.63
N ASP C 99 -29.70 33.12 2.21
CA ASP C 99 -30.14 32.82 0.84
C ASP C 99 -29.20 33.46 -0.20
N ILE C 100 -29.05 32.76 -1.32
CA ILE C 100 -28.34 33.32 -2.44
C ILE C 100 -29.20 33.62 -3.63
N GLN C 101 -29.07 34.85 -4.07
CA GLN C 101 -29.76 35.33 -5.24
C GLN C 101 -28.76 35.43 -6.37
N THR C 102 -29.00 34.74 -7.47
CA THR C 102 -28.11 34.81 -8.65
C THR C 102 -28.72 35.57 -9.81
N VAL C 103 -27.93 36.48 -10.35
CA VAL C 103 -28.39 37.37 -11.44
C VAL C 103 -27.42 37.46 -12.61
N CYS C 104 -27.83 36.92 -13.75
CA CYS C 104 -26.99 36.89 -14.93
C CYS C 104 -27.21 38.15 -15.70
N LEU C 105 -26.13 38.87 -15.92
CA LEU C 105 -26.19 40.22 -16.51
C LEU C 105 -25.85 40.20 -17.95
N GLY C 106 -24.93 39.34 -18.30
CA GLY C 106 -24.53 39.28 -19.70
C GLY C 106 -24.48 37.87 -20.16
N GLN C 107 -23.47 37.22 -19.66
CA GLN C 107 -23.23 35.87 -20.01
C GLN C 107 -22.98 35.07 -18.74
N ALA C 108 -23.50 33.87 -18.70
CA ALA C 108 -23.06 32.91 -17.70
C ALA C 108 -22.73 31.66 -18.46
N ALA C 109 -21.48 31.49 -18.72
CA ALA C 109 -21.01 30.32 -19.50
C ALA C 109 -20.26 29.28 -18.69
N SER C 110 -20.36 28.06 -19.16
CA SER C 110 -19.60 26.96 -18.63
C SER C 110 -19.96 26.72 -17.15
N ALA C 111 -18.99 27.09 -16.30
CA ALA C 111 -19.02 26.89 -14.86
C ALA C 111 -20.02 27.87 -14.30
N ALA C 112 -19.91 29.10 -14.82
CA ALA C 112 -20.74 30.24 -14.40
C ALA C 112 -22.21 29.92 -14.54
N ALA C 113 -22.50 29.08 -15.53
CA ALA C 113 -23.89 28.63 -15.75
C ALA C 113 -24.41 27.82 -14.58
N VAL C 114 -23.58 26.89 -14.11
CA VAL C 114 -23.91 26.01 -12.99
C VAL C 114 -24.18 26.83 -11.74
N LEU C 115 -23.29 27.77 -11.53
CA LEU C 115 -23.42 28.72 -10.39
C LEU C 115 -24.72 29.50 -10.45
N LEU C 116 -24.98 30.05 -11.62
CA LEU C 116 -26.21 30.78 -11.85
C LEU C 116 -27.38 29.88 -11.38
N ALA C 117 -27.33 28.66 -11.87
CA ALA C 117 -28.38 27.67 -11.61
C ALA C 117 -28.44 27.28 -10.17
N ALA C 118 -27.31 27.42 -9.50
CA ALA C 118 -27.15 26.98 -8.10
C ALA C 118 -27.57 27.97 -7.01
N GLY C 119 -28.11 29.10 -7.43
CA GLY C 119 -28.74 30.05 -6.51
C GLY C 119 -29.93 29.40 -5.81
N THR C 120 -30.42 30.03 -4.75
CA THR C 120 -31.58 29.44 -4.05
C THR C 120 -32.81 29.58 -4.94
N PRO C 121 -33.61 28.51 -4.98
CA PRO C 121 -34.79 28.47 -5.84
C PRO C 121 -35.72 29.61 -5.57
N GLY C 122 -36.33 30.11 -6.64
CA GLY C 122 -37.08 31.37 -6.58
C GLY C 122 -36.24 32.61 -6.89
N LYS C 123 -34.95 32.53 -6.63
CA LYS C 123 -34.10 33.74 -6.70
C LYS C 123 -33.01 33.77 -7.81
N ARG C 124 -33.26 33.04 -8.88
CA ARG C 124 -32.35 32.97 -10.01
C ARG C 124 -32.87 33.73 -11.21
N MET C 125 -32.07 34.67 -11.67
CA MET C 125 -32.51 35.62 -12.68
C MET C 125 -31.53 35.89 -13.78
N ALA C 126 -32.07 36.49 -14.83
CA ALA C 126 -31.23 37.00 -15.93
C ALA C 126 -31.87 38.19 -16.61
N LEU C 127 -31.04 39.08 -17.13
CA LEU C 127 -31.51 40.19 -17.96
C LEU C 127 -31.89 39.58 -19.30
N PRO C 128 -32.79 40.22 -20.08
CA PRO C 128 -33.46 39.55 -21.22
C PRO C 128 -32.55 39.06 -22.36
N ASN C 129 -31.62 39.89 -22.77
CA ASN C 129 -30.62 39.45 -23.76
C ASN C 129 -29.41 38.78 -23.14
N ALA C 130 -29.58 38.26 -21.94
CA ALA C 130 -28.51 37.47 -21.37
C ALA C 130 -28.50 36.16 -22.07
N ARG C 131 -27.38 35.51 -21.86
CA ARG C 131 -26.98 34.30 -22.58
C ARG C 131 -26.35 33.30 -21.63
N VAL C 132 -26.90 32.08 -21.64
CA VAL C 132 -26.38 31.01 -20.79
C VAL C 132 -25.86 29.92 -21.66
N LEU C 133 -24.63 29.53 -21.43
CA LEU C 133 -24.03 28.43 -22.21
C LEU C 133 -23.55 27.28 -21.32
N ILE C 134 -23.98 26.06 -21.61
CA ILE C 134 -23.52 24.92 -20.86
C ILE C 134 -22.82 23.98 -21.75
N HIS C 135 -21.80 23.34 -21.19
CA HIS C 135 -21.04 22.40 -21.99
C HIS C 135 -20.26 21.55 -21.02
N GLN C 136 -19.76 20.43 -21.51
CA GLN C 136 -19.08 19.49 -20.64
C GLN C 136 -17.66 20.02 -20.41
N PRO C 137 -16.97 19.50 -19.41
CA PRO C 137 -15.63 19.95 -19.13
C PRO C 137 -14.61 19.60 -20.16
N SER C 138 -13.86 20.63 -20.56
CA SER C 138 -12.78 20.48 -21.53
C SER C 138 -11.51 20.71 -20.83
N LEU C 139 -10.48 20.25 -21.44
CA LEU C 139 -9.15 20.51 -20.99
C LEU C 139 -8.43 21.03 -22.19
N SER C 140 -8.27 22.34 -22.28
CA SER C 140 -7.38 22.85 -23.33
C SER C 140 -6.02 22.79 -22.75
N GLY C 141 -5.02 22.66 -23.61
CA GLY C 141 -3.71 22.26 -23.10
C GLY C 141 -3.71 20.75 -22.83
N VAL C 142 -2.52 20.20 -22.64
CA VAL C 142 -2.37 18.77 -22.58
C VAL C 142 -1.85 18.32 -21.23
N ILE C 143 -2.43 17.26 -20.68
CA ILE C 143 -1.80 16.57 -19.56
C ILE C 143 -1.01 15.37 -20.04
N GLN C 144 0.27 15.45 -19.76
CA GLN C 144 1.28 14.48 -20.19
C GLN C 144 1.54 13.45 -19.08
N GLY C 145 1.96 12.26 -19.43
CA GLY C 145 2.17 11.25 -18.40
C GLY C 145 2.27 9.82 -18.86
N GLN C 146 2.71 8.99 -17.94
CA GLN C 146 2.60 7.55 -18.11
C GLN C 146 1.11 7.23 -18.22
N PHE C 147 0.81 6.15 -18.94
CA PHE C 147 -0.58 5.71 -19.09
C PHE C 147 -1.23 5.50 -17.70
N SER C 148 -0.51 4.85 -16.77
CA SER C 148 -1.05 4.65 -15.44
C SER C 148 -1.52 5.92 -14.80
N ASP C 149 -0.76 6.97 -14.99
CA ASP C 149 -1.09 8.30 -14.46
C ASP C 149 -2.28 8.86 -15.21
N LEU C 150 -2.29 8.61 -16.49
CA LEU C 150 -3.31 9.21 -17.33
C LEU C 150 -4.64 8.57 -17.08
N GLU C 151 -4.61 7.29 -16.74
CA GLU C 151 -5.85 6.49 -16.59
C GLU C 151 -6.52 7.03 -15.35
N ILE C 152 -5.70 7.32 -14.36
CA ILE C 152 -6.15 7.89 -13.06
C ILE C 152 -6.83 9.25 -13.29
N GLN C 153 -6.13 10.02 -14.09
CA GLN C 153 -6.54 11.35 -14.48
C GLN C 153 -7.87 11.33 -15.20
N ALA C 154 -7.93 10.48 -16.20
CA ALA C 154 -9.14 10.32 -17.03
C ALA C 154 -10.34 10.01 -16.15
N ALA C 155 -10.10 9.08 -15.23
CA ALA C 155 -11.12 8.61 -14.28
C ALA C 155 -11.67 9.75 -13.50
N GLU C 156 -10.74 10.52 -12.97
CA GLU C 156 -11.08 11.69 -12.17
C GLU C 156 -11.88 12.71 -13.01
N ILE C 157 -11.57 12.78 -14.29
CA ILE C 157 -12.29 13.68 -15.16
C ILE C 157 -13.71 13.20 -15.43
N GLU C 158 -13.89 11.90 -15.58
CA GLU C 158 -15.25 11.34 -15.79
C GLU C 158 -16.09 11.64 -14.55
N ARG C 159 -15.45 11.58 -13.39
CA ARG C 159 -16.12 11.86 -12.13
C ARG C 159 -16.60 13.30 -12.12
N MET C 160 -15.67 14.17 -12.53
CA MET C 160 -15.85 15.63 -12.54
C MET C 160 -16.98 15.94 -13.49
N ARG C 161 -16.90 15.40 -14.67
CA ARG C 161 -18.02 15.50 -15.63
C ARG C 161 -19.38 15.11 -15.04
N THR C 162 -19.46 13.90 -14.47
CA THR C 162 -20.76 13.39 -13.92
C THR C 162 -21.18 14.20 -12.67
N LEU C 163 -20.24 14.81 -11.97
CA LEU C 163 -20.59 15.64 -10.83
C LEU C 163 -21.26 16.95 -11.32
N MET C 164 -20.78 17.48 -12.44
CA MET C 164 -21.39 18.69 -13.05
C MET C 164 -22.83 18.37 -13.42
N GLU C 165 -23.00 17.19 -13.98
CA GLU C 165 -24.33 16.72 -14.45
C GLU C 165 -25.29 16.45 -13.30
N THR C 166 -24.80 15.79 -12.26
CA THR C 166 -25.53 15.62 -11.02
C THR C 166 -26.03 16.97 -10.50
N THR C 167 -25.12 17.93 -10.34
CA THR C 167 -25.44 19.11 -9.56
C THR C 167 -26.28 20.03 -10.38
N LEU C 168 -26.16 19.96 -11.69
CA LEU C 168 -27.11 20.72 -12.52
C LEU C 168 -28.50 20.11 -12.42
N ALA C 169 -28.54 18.80 -12.53
CA ALA C 169 -29.77 18.03 -12.43
C ALA C 169 -30.52 18.42 -11.15
N ARG C 170 -29.78 18.42 -10.04
CA ARG C 170 -30.32 18.78 -8.74
C ARG C 170 -31.07 20.09 -8.86
N HIS C 171 -30.43 21.08 -9.46
CA HIS C 171 -30.94 22.49 -9.44
C HIS C 171 -31.90 22.88 -10.53
N THR C 172 -31.86 22.13 -11.63
CA THR C 172 -32.75 22.38 -12.79
C THR C 172 -34.04 21.56 -12.75
N GLY C 173 -34.00 20.51 -11.93
CA GLY C 173 -35.08 19.52 -11.87
C GLY C 173 -35.04 18.48 -12.99
N LYS C 174 -33.96 18.47 -13.74
CA LYS C 174 -33.84 17.59 -14.88
C LYS C 174 -33.16 16.35 -14.47
N ASP C 175 -33.23 15.36 -15.35
CA ASP C 175 -32.54 14.09 -15.12
C ASP C 175 -31.06 14.23 -15.48
N ALA C 176 -30.19 13.69 -14.63
CA ALA C 176 -28.72 13.74 -14.89
C ALA C 176 -28.31 13.25 -16.29
N GLY C 177 -28.92 12.15 -16.70
CA GLY C 177 -28.65 11.59 -18.04
C GLY C 177 -29.03 12.50 -19.17
N VAL C 178 -30.07 13.27 -18.93
CA VAL C 178 -30.57 14.26 -19.93
C VAL C 178 -29.56 15.40 -20.07
N ILE C 179 -29.13 15.91 -18.94
CA ILE C 179 -28.09 16.95 -18.92
C ILE C 179 -26.92 16.45 -19.76
N ARG C 180 -26.46 15.26 -19.48
CA ARG C 180 -25.30 14.70 -20.20
C ARG C 180 -25.47 14.70 -21.70
N LYS C 181 -26.64 14.27 -22.12
CA LYS C 181 -26.97 14.32 -23.52
C LYS C 181 -26.91 15.78 -24.03
N ASP C 182 -27.55 16.71 -23.31
CA ASP C 182 -27.73 18.11 -23.77
C ASP C 182 -26.40 18.87 -23.79
N THR C 183 -25.48 18.44 -22.94
CA THR C 183 -24.12 19.05 -22.80
C THR C 183 -22.97 18.33 -23.50
N ASP C 184 -23.29 17.24 -24.17
CA ASP C 184 -22.26 16.48 -24.90
C ASP C 184 -21.52 17.41 -25.85
N ARG C 185 -22.29 18.32 -26.37
CA ARG C 185 -21.81 19.36 -27.25
C ARG C 185 -22.20 20.67 -26.59
N ASP C 186 -21.75 21.81 -27.10
CA ASP C 186 -22.16 23.09 -26.49
C ASP C 186 -23.64 23.39 -26.65
N LYS C 187 -24.22 23.93 -25.60
CA LYS C 187 -25.66 24.25 -25.56
C LYS C 187 -25.88 25.68 -25.13
N ILE C 188 -26.34 26.48 -26.07
CA ILE C 188 -26.55 27.92 -25.84
C ILE C 188 -28.02 28.24 -25.60
N LEU C 189 -28.27 29.04 -24.57
CA LEU C 189 -29.63 29.36 -24.12
C LEU C 189 -29.81 30.84 -23.98
N THR C 190 -30.87 31.31 -24.59
CA THR C 190 -31.37 32.68 -24.31
C THR C 190 -31.86 32.73 -22.87
N ALA C 191 -32.08 33.92 -22.36
CA ALA C 191 -32.63 34.03 -21.02
C ALA C 191 -33.95 33.23 -20.88
N GLU C 192 -34.84 33.39 -21.84
CA GLU C 192 -36.14 32.65 -21.86
C GLU C 192 -35.89 31.15 -21.82
N GLU C 193 -35.07 30.70 -22.74
CA GLU C 193 -34.74 29.26 -22.86
C GLU C 193 -34.13 28.69 -21.54
N ALA C 194 -33.35 29.53 -20.89
CA ALA C 194 -32.68 29.19 -19.67
C ALA C 194 -33.66 28.98 -18.56
N LYS C 195 -34.71 29.77 -18.63
CA LYS C 195 -35.79 29.68 -17.62
C LYS C 195 -36.55 28.36 -17.79
N ASP C 196 -36.90 28.09 -19.03
CA ASP C 196 -37.51 26.83 -19.42
C ASP C 196 -36.67 25.68 -18.99
N TYR C 197 -35.37 25.82 -19.15
CA TYR C 197 -34.45 24.71 -18.86
C TYR C 197 -34.35 24.50 -17.37
N GLY C 198 -34.77 25.49 -16.64
CA GLY C 198 -34.77 25.39 -15.16
C GLY C 198 -33.46 25.87 -14.54
N ILE C 199 -32.77 26.75 -15.27
CA ILE C 199 -31.49 27.35 -14.81
C ILE C 199 -31.68 28.69 -14.06
N ILE C 200 -32.68 29.42 -14.48
CA ILE C 200 -33.10 30.61 -13.76
C ILE C 200 -34.63 30.52 -13.56
N ASP C 201 -35.13 31.33 -12.64
CA ASP C 201 -36.55 31.30 -12.30
C ASP C 201 -37.31 32.36 -13.03
N THR C 202 -36.75 33.53 -13.07
CA THR C 202 -37.44 34.64 -13.72
C THR C 202 -36.49 35.32 -14.67
N VAL C 203 -37.06 35.96 -15.67
CA VAL C 203 -36.30 36.89 -16.52
C VAL C 203 -36.61 38.32 -16.16
N LEU C 204 -35.60 39.09 -15.74
CA LEU C 204 -35.85 40.49 -15.36
C LEU C 204 -36.41 41.33 -16.48
N GLU C 205 -37.47 42.06 -16.17
CA GLU C 205 -37.97 43.04 -17.10
C GLU C 205 -37.32 44.36 -16.72
N TYR C 206 -37.15 45.21 -17.72
CA TYR C 206 -36.56 46.54 -17.48
C TYR C 206 -37.45 47.33 -16.52
N ARG C 207 -36.86 48.06 -15.57
CA ARG C 207 -37.61 48.99 -14.66
C ARG C 207 -37.53 50.46 -15.06
N LYS C 208 -37.33 50.79 -16.31
CA LYS C 208 -37.23 52.23 -16.65
C LYS C 208 -38.51 53.00 -16.27
N LEU C 209 -38.34 54.12 -15.58
CA LEU C 209 -39.48 54.95 -15.14
C LEU C 209 -40.23 55.58 -16.31
N SER C 210 -39.54 55.84 -17.42
CA SER C 210 -40.13 56.51 -18.59
C SER C 210 -41.02 55.57 -19.37
N ALA C 211 -40.54 54.38 -19.71
CA ALA C 211 -41.38 53.39 -20.39
C ALA C 211 -42.34 52.69 -19.40
N GLN C 212 -42.45 53.17 -18.15
CA GLN C 212 -43.44 52.57 -17.24
C GLN C 212 -44.87 52.82 -17.70
N THR C 213 -45.10 53.66 -18.73
CA THR C 213 -46.47 53.94 -19.19
C THR C 213 -46.88 52.87 -20.24
N ALA C 214 -46.81 51.58 -19.84
CA ALA C 214 -47.11 50.41 -20.68
C ALA C 214 -47.05 49.10 -19.90
N LEU D 2 -13.45 24.21 -17.47
CA LEU D 2 -12.19 24.02 -18.18
C LEU D 2 -11.18 23.71 -17.11
N LEU D 3 -10.24 22.82 -17.43
CA LEU D 3 -9.31 22.18 -16.51
C LEU D 3 -7.85 22.36 -17.01
N ILE E 15 -10.33 41.94 -8.86
CA ILE E 15 -11.16 42.93 -8.07
C ILE E 15 -11.81 42.33 -6.80
N LEU E 16 -11.41 42.93 -5.66
CA LEU E 16 -11.73 42.45 -4.27
C LEU E 16 -12.19 43.60 -3.39
N PRO E 17 -13.48 43.65 -3.05
CA PRO E 17 -13.95 44.86 -2.41
C PRO E 17 -13.48 44.99 -0.98
N SER E 18 -13.41 46.23 -0.52
CA SER E 18 -13.29 46.52 0.88
C SER E 18 -14.58 47.20 1.34
N PHE E 19 -14.75 47.23 2.63
CA PHE E 19 -15.98 47.65 3.26
C PHE E 19 -15.60 48.18 4.63
N ILE E 20 -16.59 48.74 5.30
CA ILE E 20 -16.39 49.42 6.58
C ILE E 20 -17.24 48.81 7.71
N GLU E 21 -16.68 48.70 8.90
CA GLU E 21 -17.43 48.21 10.07
C GLU E 21 -17.73 49.29 11.17
N HIS E 22 -19.02 49.62 11.27
CA HIS E 22 -19.61 50.38 12.41
C HIS E 22 -19.26 49.76 13.77
N SER E 23 -19.14 50.64 14.76
CA SER E 23 -19.11 50.30 16.22
C SER E 23 -19.17 51.57 17.06
N SER E 24 -19.53 51.45 18.33
CA SER E 24 -19.60 52.63 19.24
C SER E 24 -18.19 53.19 19.56
N PHE E 25 -17.17 52.40 19.26
CA PHE E 25 -15.77 52.74 19.58
C PHE E 25 -15.15 53.59 18.45
N GLY E 26 -15.47 53.19 17.24
CA GLY E 26 -14.92 53.79 16.04
C GLY E 26 -15.32 53.01 14.79
N VAL E 27 -14.80 53.45 13.67
CA VAL E 27 -15.21 52.93 12.36
C VAL E 27 -13.99 52.48 11.58
N LYS E 28 -13.92 51.20 11.23
CA LYS E 28 -12.68 50.65 10.59
C LYS E 28 -12.92 50.05 9.19
N GLU E 29 -11.96 50.27 8.31
CA GLU E 29 -11.97 49.73 6.94
C GLU E 29 -11.29 48.33 6.89
N SER E 30 -11.88 47.38 6.20
CA SER E 30 -11.18 46.11 5.99
C SER E 30 -11.57 45.32 4.67
N ASN E 31 -10.67 44.43 4.24
CA ASN E 31 -10.91 43.40 3.20
C ASN E 31 -11.63 42.22 3.75
N PRO E 32 -12.05 41.32 2.85
CA PRO E 32 -12.49 40.04 3.27
C PRO E 32 -11.36 39.24 3.90
N TYR E 33 -10.15 39.40 3.38
CA TYR E 33 -9.02 38.56 3.84
C TYR E 33 -8.60 39.02 5.22
N ASN E 34 -8.77 40.31 5.45
CA ASN E 34 -8.43 40.90 6.75
C ASN E 34 -9.42 40.64 7.81
N LYS E 35 -10.66 40.82 7.46
CA LYS E 35 -11.78 40.38 8.29
C LYS E 35 -11.64 38.90 8.64
N LEU E 36 -11.30 38.09 7.66
CA LEU E 36 -11.04 36.66 7.91
C LEU E 36 -9.91 36.47 8.94
N PHE E 37 -8.86 37.22 8.77
CA PHE E 37 -7.73 37.11 9.68
C PHE E 37 -8.12 37.62 11.07
N GLU E 38 -8.93 38.67 11.08
CA GLU E 38 -9.36 39.28 12.35
C GLU E 38 -10.05 38.23 13.19
N GLU E 39 -10.61 37.25 12.49
CA GLU E 39 -11.40 36.15 13.07
C GLU E 39 -10.58 34.83 13.13
N ARG E 40 -9.26 35.02 13.13
CA ARG E 40 -8.26 33.95 13.30
C ARG E 40 -8.31 32.88 12.23
N ILE E 41 -8.65 33.35 11.04
CA ILE E 41 -8.66 32.47 9.88
C ILE E 41 -7.55 32.88 8.91
N ILE E 42 -6.70 31.90 8.63
CA ILE E 42 -5.59 32.07 7.70
C ILE E 42 -6.00 31.42 6.39
N PHE E 43 -5.83 32.12 5.25
CA PHE E 43 -6.26 31.53 3.96
C PHE E 43 -5.11 30.95 3.13
N LEU E 44 -5.19 29.67 2.86
CA LEU E 44 -4.17 28.99 2.11
C LEU E 44 -4.73 28.65 0.76
N GLY E 45 -4.52 29.57 -0.18
CA GLY E 45 -5.15 29.54 -1.54
C GLY E 45 -4.21 29.46 -2.73
N VAL E 46 -3.01 29.96 -2.59
CA VAL E 46 -2.06 29.83 -3.68
C VAL E 46 -1.42 28.46 -3.60
N GLN E 47 -0.51 28.26 -4.55
CA GLN E 47 0.53 27.21 -4.49
C GLN E 47 1.58 27.59 -3.46
N VAL E 48 1.85 26.63 -2.60
CA VAL E 48 2.78 26.70 -1.44
C VAL E 48 4.26 26.88 -1.92
N ASP E 49 4.55 28.03 -2.56
CA ASP E 49 5.93 28.40 -2.85
C ASP E 49 6.67 28.91 -1.54
N ASP E 50 7.99 29.04 -1.56
CA ASP E 50 8.75 29.46 -0.33
C ASP E 50 8.20 30.80 0.23
N ALA E 51 7.85 31.70 -0.66
CA ALA E 51 7.32 33.03 -0.31
C ALA E 51 6.04 32.94 0.49
N SER E 52 5.08 32.28 -0.09
CA SER E 52 3.77 32.13 0.54
C SER E 52 3.87 31.45 1.94
N ALA E 53 4.79 30.50 2.02
CA ALA E 53 4.96 29.68 3.22
C ALA E 53 5.38 30.52 4.36
N ASN E 54 6.32 31.39 4.11
CA ASN E 54 6.73 32.38 5.11
C ASN E 54 5.56 33.22 5.61
N ASP E 55 4.77 33.67 4.66
CA ASP E 55 3.55 34.46 4.94
C ASP E 55 2.57 33.68 5.85
N ILE E 56 2.41 32.40 5.55
CA ILE E 56 1.55 31.51 6.37
C ILE E 56 2.14 31.36 7.78
N MET E 57 3.45 31.14 7.87
CA MET E 57 4.11 30.92 9.17
C MET E 57 3.98 32.15 10.04
N ALA E 58 4.25 33.28 9.41
CA ALA E 58 4.22 34.59 10.08
C ALA E 58 2.85 34.87 10.62
N GLN E 59 1.86 34.62 9.79
CA GLN E 59 0.44 34.75 10.22
C GLN E 59 0.08 33.84 11.41
N LEU E 60 0.48 32.59 11.31
CA LEU E 60 0.35 31.64 12.40
C LEU E 60 1.03 32.12 13.68
N LEU E 61 2.32 32.43 13.58
CA LEU E 61 3.11 32.96 14.73
C LEU E 61 2.53 34.23 15.39
N VAL E 62 1.99 35.10 14.54
CA VAL E 62 1.44 36.38 14.98
C VAL E 62 0.16 36.15 15.71
N LEU E 63 -0.69 35.35 15.11
CA LEU E 63 -1.98 34.93 15.76
C LEU E 63 -1.77 34.27 17.13
N GLU E 64 -0.74 33.44 17.23
CA GLU E 64 -0.41 32.85 18.53
C GLU E 64 -0.03 33.95 19.52
N SER E 65 0.87 34.80 19.07
CA SER E 65 1.36 35.93 19.89
C SER E 65 0.20 36.83 20.36
N LEU E 66 -0.77 37.06 19.48
CA LEU E 66 -1.95 37.90 19.81
C LEU E 66 -2.91 37.32 20.82
N ASP E 67 -3.02 36.00 20.85
CA ASP E 67 -3.94 35.27 21.78
C ASP E 67 -3.70 33.75 21.81
N PRO E 68 -2.85 33.26 22.72
CA PRO E 68 -2.38 31.88 22.58
C PRO E 68 -3.40 30.83 22.90
N ASP E 69 -4.49 31.23 23.52
CA ASP E 69 -5.49 30.22 23.94
C ASP E 69 -6.54 29.96 22.87
N ARG E 70 -6.97 31.02 22.21
CA ARG E 70 -7.97 30.89 21.14
C ARG E 70 -7.45 30.11 19.88
N ASP E 71 -8.38 29.44 19.24
CA ASP E 71 -8.13 28.60 18.11
C ASP E 71 -7.77 29.40 16.88
N ILE E 72 -6.87 28.81 16.09
CA ILE E 72 -6.55 29.27 14.75
C ILE E 72 -7.16 28.34 13.74
N THR E 73 -7.78 28.92 12.74
CA THR E 73 -8.41 28.12 11.72
C THR E 73 -7.70 28.45 10.38
N MET E 74 -7.52 27.41 9.59
CA MET E 74 -6.77 27.45 8.33
C MET E 74 -7.66 26.98 7.17
N TYR E 75 -8.02 27.90 6.28
CA TYR E 75 -8.87 27.61 5.13
C TYR E 75 -8.00 27.18 4.02
N ILE E 76 -8.28 26.02 3.48
CA ILE E 76 -7.41 25.44 2.50
C ILE E 76 -8.13 25.21 1.17
N ASN E 77 -7.62 25.88 0.15
CA ASN E 77 -7.95 25.58 -1.25
C ASN E 77 -6.69 25.75 -2.05
N SER E 78 -5.86 24.74 -2.08
CA SER E 78 -4.54 24.88 -2.62
C SER E 78 -4.19 23.68 -3.44
N PRO E 79 -3.58 23.92 -4.64
CA PRO E 79 -3.15 22.81 -5.51
C PRO E 79 -1.83 22.19 -5.08
N GLY E 80 -1.25 22.66 -4.01
CA GLY E 80 -0.12 21.93 -3.48
C GLY E 80 1.04 22.82 -3.37
N GLY E 81 2.23 22.27 -3.48
CA GLY E 81 3.43 23.10 -3.27
C GLY E 81 4.68 22.43 -2.72
N GLY E 82 5.70 23.25 -2.51
CA GLY E 82 7.06 22.78 -2.19
C GLY E 82 7.15 21.93 -0.94
N PHE E 83 8.04 20.94 -0.93
CA PHE E 83 8.15 20.02 0.19
C PHE E 83 8.84 20.72 1.34
N THR E 84 9.88 21.46 1.03
CA THR E 84 10.65 22.14 2.09
C THR E 84 9.73 23.11 2.89
N SER E 85 8.83 23.72 2.16
CA SER E 85 7.83 24.66 2.68
C SER E 85 6.77 23.93 3.49
N LEU E 86 6.21 22.87 2.90
CA LEU E 86 5.25 21.96 3.61
C LEU E 86 5.68 21.67 5.00
N MET E 87 6.88 21.17 5.15
CA MET E 87 7.43 20.83 6.49
C MET E 87 7.55 22.01 7.48
N ALA E 88 7.98 23.13 6.97
CA ALA E 88 8.10 24.34 7.76
C ALA E 88 6.76 24.80 8.31
N ILE E 89 5.78 24.80 7.45
CA ILE E 89 4.44 25.23 7.82
C ILE E 89 3.89 24.28 8.85
N TYR E 90 3.96 23.01 8.52
CA TYR E 90 3.59 21.91 9.43
C TYR E 90 4.19 22.10 10.79
N ASP E 91 5.50 22.29 10.83
CA ASP E 91 6.20 22.39 12.13
C ASP E 91 5.60 23.56 12.93
N THR E 92 5.33 24.63 12.22
CA THR E 92 4.81 25.82 12.84
C THR E 92 3.40 25.50 13.38
N MET E 93 2.59 24.86 12.56
CA MET E 93 1.19 24.53 12.92
C MET E 93 1.15 23.79 14.24
N GLN E 94 1.98 22.76 14.29
CA GLN E 94 2.07 21.90 15.46
C GLN E 94 2.66 22.65 16.66
N TYR E 95 3.60 23.53 16.37
CA TYR E 95 4.41 24.21 17.39
C TYR E 95 3.63 25.22 18.22
N VAL E 96 2.78 26.00 17.56
CA VAL E 96 2.08 27.11 18.26
C VAL E 96 1.15 26.53 19.33
N ARG E 97 0.92 27.33 20.36
CA ARG E 97 0.14 26.92 21.57
C ARG E 97 -1.28 26.57 21.23
N ALA E 98 -1.80 27.36 20.30
CA ALA E 98 -3.21 27.30 19.93
C ALA E 98 -3.59 26.10 19.10
N ASP E 99 -4.81 25.64 19.27
CA ASP E 99 -5.33 24.55 18.43
C ASP E 99 -5.51 25.00 17.00
N ILE E 100 -5.29 24.07 16.07
CA ILE E 100 -5.44 24.37 14.65
C ILE E 100 -6.54 23.59 14.03
N GLN E 101 -7.42 24.36 13.45
CA GLN E 101 -8.57 23.84 12.79
C GLN E 101 -8.36 23.99 11.31
N THR E 102 -8.41 22.88 10.58
CA THR E 102 -8.20 22.90 9.13
C THR E 102 -9.48 22.63 8.38
N VAL E 103 -9.71 23.47 7.39
CA VAL E 103 -10.92 23.40 6.58
C VAL E 103 -10.66 23.43 5.10
N CYS E 104 -10.94 22.34 4.43
CA CYS E 104 -10.72 22.26 3.01
C CYS E 104 -11.99 22.73 2.35
N LEU E 105 -11.81 23.72 1.50
CA LEU E 105 -12.96 24.40 0.82
C LEU E 105 -13.16 23.98 -0.58
N GLY E 106 -12.06 23.69 -1.25
CA GLY E 106 -12.16 23.20 -2.62
C GLY E 106 -11.30 21.99 -2.84
N GLN E 107 -10.02 22.26 -2.89
CA GLN E 107 -9.02 21.24 -3.08
C GLN E 107 -8.03 21.33 -2.01
N ALA E 108 -7.53 20.21 -1.60
CA ALA E 108 -6.31 20.19 -0.84
C ALA E 108 -5.45 19.12 -1.47
N ALA E 109 -4.56 19.56 -2.34
CA ALA E 109 -3.70 18.62 -3.08
C ALA E 109 -2.27 18.63 -2.68
N SER E 110 -1.66 17.48 -2.85
CA SER E 110 -0.23 17.28 -2.66
C SER E 110 0.19 17.55 -1.20
N ALA E 111 0.83 18.72 -1.03
CA ALA E 111 1.37 19.25 0.24
C ALA E 111 0.27 19.74 1.11
N ALA E 112 -0.64 20.43 0.45
CA ALA E 112 -1.88 20.92 1.08
C ALA E 112 -2.69 19.83 1.76
N ALA E 113 -2.67 18.65 1.18
CA ALA E 113 -3.37 17.52 1.77
C ALA E 113 -2.82 17.19 3.16
N VAL E 114 -1.49 17.17 3.25
CA VAL E 114 -0.78 16.81 4.47
C VAL E 114 -1.09 17.81 5.54
N LEU E 115 -1.07 19.06 5.13
CA LEU E 115 -1.46 20.16 6.03
C LEU E 115 -2.87 20.00 6.56
N LEU E 116 -3.80 19.75 5.64
CA LEU E 116 -5.19 19.55 6.00
C LEU E 116 -5.23 18.50 7.11
N ALA E 117 -4.53 17.41 6.83
CA ALA E 117 -4.47 16.25 7.71
C ALA E 117 -3.82 16.59 9.03
N ALA E 118 -2.96 17.58 9.00
CA ALA E 118 -2.10 17.89 10.15
C ALA E 118 -2.72 18.85 11.15
N GLY E 119 -3.97 19.23 10.92
CA GLY E 119 -4.73 20.02 11.90
C GLY E 119 -4.88 19.22 13.20
N THR E 120 -5.32 19.88 14.26
CA THR E 120 -5.49 19.16 15.53
C THR E 120 -6.66 18.21 15.42
N PRO E 121 -6.50 16.97 15.98
CA PRO E 121 -7.52 15.93 15.86
C PRO E 121 -8.84 16.37 16.43
N GLY E 122 -9.91 15.98 15.77
CA GLY E 122 -11.24 16.55 16.02
C GLY E 122 -11.61 17.76 15.16
N LYS E 123 -10.60 18.50 14.71
CA LYS E 123 -10.87 19.80 14.04
C LYS E 123 -10.51 19.93 12.54
N ARG E 124 -10.51 18.81 11.86
CA ARG E 124 -10.19 18.76 10.45
C ARG E 124 -11.41 18.52 9.61
N MET E 125 -11.63 19.42 8.68
CA MET E 125 -12.88 19.42 7.93
C MET E 125 -12.76 19.63 6.43
N ALA E 126 -13.84 19.33 5.74
CA ALA E 126 -13.97 19.67 4.33
C ALA E 126 -15.43 19.92 3.97
N LEU E 127 -15.64 20.78 3.00
CA LEU E 127 -16.98 20.94 2.39
C LEU E 127 -17.25 19.70 1.54
N PRO E 128 -18.52 19.36 1.24
CA PRO E 128 -18.89 18.01 0.69
C PRO E 128 -18.30 17.61 -0.67
N ASN E 129 -18.34 18.54 -1.61
CA ASN E 129 -17.66 18.34 -2.91
C ASN E 129 -16.21 18.74 -2.91
N ALA E 130 -15.61 18.82 -1.74
CA ALA E 130 -14.20 19.06 -1.69
C ALA E 130 -13.51 17.79 -2.10
N ARG E 131 -12.24 17.99 -2.40
CA ARG E 131 -11.42 17.02 -3.06
C ARG E 131 -10.02 17.04 -2.44
N VAL E 132 -9.56 15.87 -2.05
CA VAL E 132 -8.20 15.73 -1.48
C VAL E 132 -7.37 14.80 -2.33
N LEU E 133 -6.20 15.27 -2.73
CA LEU E 133 -5.33 14.45 -3.55
C LEU E 133 -3.97 14.26 -2.90
N ILE E 134 -3.54 13.02 -2.77
CA ILE E 134 -2.22 12.74 -2.25
C ILE E 134 -1.39 12.05 -3.24
N HIS E 135 -0.10 12.36 -3.21
CA HIS E 135 0.80 11.72 -4.16
C HIS E 135 2.19 11.93 -3.63
N GLN E 136 3.14 11.16 -4.15
CA GLN E 136 4.49 11.22 -3.64
C GLN E 136 5.17 12.42 -4.28
N PRO E 137 6.29 12.83 -3.71
CA PRO E 137 6.97 14.01 -4.22
C PRO E 137 7.56 13.83 -5.61
N SER E 138 7.26 14.79 -6.46
CA SER E 138 7.79 14.87 -7.83
C SER E 138 8.72 16.01 -7.94
N LEU E 139 9.54 15.94 -8.93
CA LEU E 139 10.44 17.01 -9.27
C LEU E 139 10.25 17.23 -10.73
N SER E 140 9.43 18.20 -11.09
CA SER E 140 9.40 18.56 -12.53
C SER E 140 10.54 19.54 -12.68
N GLY E 141 11.09 19.60 -13.87
CA GLY E 141 12.38 20.26 -14.04
C GLY E 141 13.45 19.31 -13.60
N VAL E 142 14.69 19.61 -13.97
CA VAL E 142 15.78 18.64 -13.83
C VAL E 142 16.86 19.16 -12.90
N ILE E 143 17.34 18.30 -12.00
CA ILE E 143 18.53 18.59 -11.24
C ILE E 143 19.72 17.92 -11.90
N GLN E 144 20.63 18.79 -12.30
CA GLN E 144 21.84 18.46 -13.05
C GLN E 144 23.02 18.30 -12.10
N GLY E 145 24.00 17.50 -12.46
CA GLY E 145 25.14 17.32 -11.57
C GLY E 145 26.02 16.14 -11.84
N GLN E 146 27.17 16.14 -11.18
CA GLN E 146 27.95 14.92 -11.09
C GLN E 146 27.14 13.84 -10.36
N PHE E 147 27.44 12.58 -10.65
CA PHE E 147 26.71 11.43 -10.08
C PHE E 147 26.82 11.51 -8.55
N SER E 148 28.01 11.82 -8.05
CA SER E 148 28.20 11.95 -6.59
C SER E 148 27.24 12.94 -5.97
N ASP E 149 26.99 14.03 -6.67
CA ASP E 149 26.06 15.08 -6.21
C ASP E 149 24.64 14.60 -6.35
N LEU E 150 24.39 13.86 -7.43
CA LEU E 150 23.01 13.37 -7.73
C LEU E 150 22.60 12.26 -6.77
N GLU E 151 23.57 11.48 -6.31
CA GLU E 151 23.28 10.35 -5.42
C GLU E 151 22.89 10.91 -4.06
N ILE E 152 23.57 11.97 -3.67
CA ILE E 152 23.31 12.70 -2.40
C ILE E 152 21.93 13.29 -2.42
N GLN E 153 21.64 13.88 -3.55
CA GLN E 153 20.33 14.45 -3.83
C GLN E 153 19.21 13.43 -3.76
N ALA E 154 19.41 12.35 -4.50
CA ALA E 154 18.43 11.24 -4.56
C ALA E 154 18.12 10.74 -3.17
N ALA E 155 19.18 10.55 -2.42
CA ALA E 155 19.10 10.13 -1.02
C ALA E 155 18.21 11.05 -0.21
N GLU E 156 18.47 12.32 -0.37
CA GLU E 156 17.71 13.36 0.33
C GLU E 156 16.25 13.33 -0.09
N ILE E 157 16.01 12.98 -1.34
CA ILE E 157 14.63 12.86 -1.83
C ILE E 157 13.92 11.65 -1.28
N GLU E 158 14.61 10.55 -1.12
CA GLU E 158 14.01 9.36 -0.51
C GLU E 158 13.63 9.67 0.93
N ARG E 159 14.47 10.45 1.59
CA ARG E 159 14.22 10.87 2.98
C ARG E 159 12.94 11.71 3.06
N MET E 160 12.88 12.67 2.16
CA MET E 160 11.75 13.61 2.03
C MET E 160 10.46 12.81 1.78
N ARG E 161 10.50 11.96 0.78
CA ARG E 161 9.38 11.01 0.55
C ARG E 161 8.93 10.28 1.82
N THR E 162 9.87 9.60 2.50
CA THR E 162 9.50 8.77 3.65
C THR E 162 9.06 9.68 4.80
N LEU E 163 9.54 10.90 4.84
CA LEU E 163 9.05 11.83 5.87
C LEU E 163 7.57 12.20 5.65
N MET E 164 7.20 12.39 4.38
CA MET E 164 5.80 12.69 4.03
C MET E 164 4.94 11.54 4.52
N GLU E 165 5.43 10.34 4.29
CA GLU E 165 4.71 9.12 4.62
C GLU E 165 4.60 8.90 6.14
N THR E 166 5.70 9.13 6.85
CA THR E 166 5.72 9.16 8.31
C THR E 166 4.65 10.13 8.85
N THR E 167 4.68 11.36 8.36
CA THR E 167 3.89 12.40 9.02
C THR E 167 2.43 12.26 8.66
N LEU E 168 2.15 11.70 7.52
CA LEU E 168 0.73 11.40 7.19
C LEU E 168 0.25 10.26 8.05
N ALA E 169 1.07 9.25 8.13
CA ALA E 169 0.79 8.07 9.00
C ALA E 169 0.45 8.51 10.46
N ARG E 170 1.30 9.38 11.00
CA ARG E 170 1.09 9.95 12.34
C ARG E 170 -0.32 10.51 12.46
N HIS E 171 -0.74 11.32 11.51
CA HIS E 171 -2.04 12.04 11.61
C HIS E 171 -3.32 11.31 11.15
N THR E 172 -3.14 10.31 10.28
CA THR E 172 -4.25 9.53 9.69
C THR E 172 -4.53 8.27 10.48
N GLY E 173 -3.56 7.85 11.26
CA GLY E 173 -3.64 6.62 12.02
C GLY E 173 -3.34 5.42 11.15
N LYS E 174 -2.83 5.64 9.96
CA LYS E 174 -2.52 4.54 9.04
C LYS E 174 -1.07 4.17 9.21
N ASP E 175 -0.71 3.03 8.64
CA ASP E 175 0.66 2.57 8.64
C ASP E 175 1.48 3.30 7.56
N ALA E 176 2.69 3.74 7.89
CA ALA E 176 3.55 4.42 6.91
C ALA E 176 3.67 3.65 5.58
N GLY E 177 3.89 2.35 5.66
CA GLY E 177 4.09 1.52 4.46
C GLY E 177 2.86 1.49 3.60
N VAL E 178 1.70 1.61 4.25
CA VAL E 178 0.39 1.63 3.55
C VAL E 178 0.18 2.95 2.79
N ILE E 179 0.47 4.04 3.48
CA ILE E 179 0.57 5.35 2.80
C ILE E 179 1.47 5.26 1.53
N ARG E 180 2.67 4.73 1.67
CA ARG E 180 3.56 4.58 0.53
C ARG E 180 2.96 3.82 -0.65
N LYS E 181 2.33 2.71 -0.37
CA LYS E 181 1.59 1.91 -1.41
C LYS E 181 0.55 2.83 -2.05
N ASP E 182 -0.21 3.52 -1.24
CA ASP E 182 -1.38 4.28 -1.74
C ASP E 182 -1.01 5.53 -2.51
N THR E 183 0.14 6.07 -2.19
CA THR E 183 0.67 7.30 -2.85
C THR E 183 1.70 7.06 -3.97
N ASP E 184 2.02 5.81 -4.23
CA ASP E 184 3.01 5.47 -5.27
C ASP E 184 2.57 6.16 -6.59
N ARG E 185 1.28 6.20 -6.74
CA ARG E 185 0.65 6.85 -7.85
C ARG E 185 -0.28 7.87 -7.23
N ASP E 186 -0.89 8.69 -8.02
CA ASP E 186 -1.84 9.68 -7.46
C ASP E 186 -3.09 9.03 -6.87
N LYS E 187 -3.49 9.58 -5.75
CA LYS E 187 -4.65 9.09 -5.02
C LYS E 187 -5.63 10.21 -4.71
N ILE E 188 -6.78 10.14 -5.36
CA ILE E 188 -7.78 11.17 -5.20
C ILE E 188 -8.88 10.71 -4.23
N LEU E 189 -9.26 11.61 -3.34
CA LEU E 189 -10.28 11.35 -2.33
C LEU E 189 -11.37 12.38 -2.29
N THR E 190 -12.59 11.89 -2.31
CA THR E 190 -13.77 12.75 -2.05
C THR E 190 -13.71 13.16 -0.59
N ALA E 191 -14.49 14.16 -0.22
CA ALA E 191 -14.51 14.53 1.19
C ALA E 191 -14.83 13.32 2.08
N GLU E 192 -15.84 12.53 1.72
CA GLU E 192 -16.21 11.31 2.49
C GLU E 192 -15.03 10.34 2.57
N GLU E 193 -14.46 10.04 1.43
CA GLU E 193 -13.31 9.12 1.36
C GLU E 193 -12.15 9.60 2.25
N ALA E 194 -12.00 10.90 2.30
CA ALA E 194 -10.90 11.56 2.99
C ALA E 194 -11.09 11.41 4.46
N LYS E 195 -12.33 11.40 4.84
CA LYS E 195 -12.66 11.17 6.25
C LYS E 195 -12.34 9.71 6.65
N ASP E 196 -12.76 8.77 5.81
CA ASP E 196 -12.46 7.35 5.94
C ASP E 196 -11.00 7.11 6.01
N TYR E 197 -10.28 7.83 5.18
CA TYR E 197 -8.79 7.70 5.14
C TYR E 197 -8.11 8.29 6.40
N GLY E 198 -8.83 9.11 7.12
CA GLY E 198 -8.32 9.67 8.37
C GLY E 198 -7.57 10.96 8.15
N ILE E 199 -7.92 11.65 7.08
CA ILE E 199 -7.31 12.95 6.73
C ILE E 199 -8.10 14.13 7.31
N ILE E 200 -9.39 13.94 7.39
CA ILE E 200 -10.26 14.90 8.03
C ILE E 200 -11.15 14.15 9.01
N ASP E 201 -11.73 14.89 9.93
CA ASP E 201 -12.58 14.30 10.92
C ASP E 201 -14.04 14.35 10.54
N THR E 202 -14.47 15.51 10.06
CA THR E 202 -15.89 15.68 9.73
C THR E 202 -16.03 16.30 8.38
N VAL E 203 -17.16 16.04 7.76
CA VAL E 203 -17.51 16.69 6.49
C VAL E 203 -18.58 17.70 6.78
N LEU E 204 -18.31 18.95 6.48
CA LEU E 204 -19.31 19.99 6.78
C LEU E 204 -20.59 19.83 6.00
N GLU E 205 -21.69 19.93 6.71
CA GLU E 205 -22.98 19.96 6.03
C GLU E 205 -23.33 21.40 5.85
N TYR E 206 -24.10 21.67 4.80
CA TYR E 206 -24.55 23.05 4.53
C TYR E 206 -25.41 23.53 5.75
N ARG E 207 -25.27 24.78 6.17
CA ARG E 207 -26.20 25.38 7.15
C ARG E 207 -27.32 26.28 6.60
N LYS E 208 -27.79 26.06 5.38
CA LYS E 208 -28.81 27.01 4.81
C LYS E 208 -30.08 26.99 5.63
N LEU E 209 -30.58 28.16 5.98
CA LEU E 209 -31.81 28.24 6.78
C LEU E 209 -33.01 27.59 6.06
N SER E 210 -32.91 27.30 4.76
CA SER E 210 -34.03 26.78 3.99
C SER E 210 -33.53 25.63 3.10
N LEU F 2 6.35 19.20 -4.34
CA LEU F 2 7.02 19.78 -5.55
C LEU F 2 8.46 19.98 -5.13
N LEU F 3 9.43 19.30 -5.74
CA LEU F 3 10.82 19.50 -5.31
C LEU F 3 11.50 20.49 -6.25
N ILE G 15 -1.07 37.32 -1.26
CA ILE G 15 -2.07 37.96 -0.32
C ILE G 15 -1.69 37.74 1.17
N LEU G 16 -1.51 38.90 1.82
CA LEU G 16 -1.01 39.01 3.23
C LEU G 16 -1.86 39.99 4.03
N PRO G 17 -2.64 39.52 4.98
CA PRO G 17 -3.59 40.41 5.59
C PRO G 17 -2.95 41.34 6.57
N SER G 18 -3.65 42.44 6.77
CA SER G 18 -3.33 43.37 7.87
C SER G 18 -4.48 43.37 8.85
N PHE G 19 -4.18 43.85 10.04
CA PHE G 19 -5.10 43.78 11.15
C PHE G 19 -4.80 44.98 12.05
N ILE G 20 -5.65 45.16 13.05
CA ILE G 20 -5.58 46.32 13.91
C ILE G 20 -5.40 45.94 15.38
N GLU G 21 -4.57 46.70 16.11
CA GLU G 21 -4.37 46.47 17.56
C GLU G 21 -4.96 47.55 18.51
N HIS G 22 -6.02 47.13 19.23
CA HIS G 22 -6.58 47.85 20.40
C HIS G 22 -5.51 48.20 21.44
N SER G 23 -5.70 49.35 22.08
CA SER G 23 -5.02 49.76 23.34
C SER G 23 -5.69 51.02 23.89
N SER G 24 -5.48 51.28 25.17
CA SER G 24 -6.05 52.53 25.80
C SER G 24 -5.40 53.81 25.27
N PHE G 25 -4.27 53.65 24.61
CA PHE G 25 -3.43 54.78 24.12
C PHE G 25 -3.90 55.22 22.73
N GLY G 26 -4.21 54.21 21.94
CA GLY G 26 -4.61 54.41 20.56
C GLY G 26 -4.72 53.10 19.83
N VAL G 27 -5.02 53.21 18.55
CA VAL G 27 -5.36 52.04 17.71
C VAL G 27 -4.46 52.04 16.48
N LYS G 28 -3.67 51.00 16.30
CA LYS G 28 -2.70 50.96 15.17
C LYS G 28 -2.91 49.79 14.21
N GLU G 29 -2.71 50.08 12.94
CA GLU G 29 -2.75 49.08 11.87
C GLU G 29 -1.35 48.42 11.64
N SER G 30 -1.31 47.10 11.49
CA SER G 30 -0.02 46.46 11.12
C SER G 30 -0.17 45.11 10.35
N ASN G 31 0.90 44.74 9.65
CA ASN G 31 1.10 43.40 9.03
C ASN G 31 1.57 42.42 10.01
N PRO G 32 1.63 41.17 9.59
CA PRO G 32 2.36 40.19 10.34
C PRO G 32 3.84 40.51 10.39
N TYR G 33 4.37 41.02 9.29
CA TYR G 33 5.84 41.20 9.21
C TYR G 33 6.25 42.35 10.09
N ASN G 34 5.34 43.32 10.20
CA ASN G 34 5.58 44.51 11.04
C ASN G 34 5.43 44.25 12.48
N LYS G 35 4.35 43.57 12.80
CA LYS G 35 4.14 43.02 14.15
C LYS G 35 5.36 42.17 14.58
N LEU G 36 5.84 41.35 13.68
CA LEU G 36 7.03 40.57 13.96
C LEU G 36 8.20 41.49 14.29
N PHE G 37 8.36 42.49 13.46
CA PHE G 37 9.49 43.40 13.64
C PHE G 37 9.32 44.23 14.93
N GLU G 38 8.11 44.59 15.23
CA GLU G 38 7.83 45.31 16.44
C GLU G 38 8.35 44.55 17.65
N GLU G 39 8.39 43.24 17.51
CA GLU G 39 8.85 42.31 18.56
C GLU G 39 10.28 41.87 18.42
N ARG G 40 11.01 42.66 17.66
CA ARG G 40 12.43 42.44 17.37
C ARG G 40 12.76 41.15 16.59
N ILE G 41 11.83 40.77 15.71
CA ILE G 41 12.03 39.59 14.86
C ILE G 41 12.18 40.01 13.41
N ILE G 42 13.33 39.65 12.85
CA ILE G 42 13.65 39.94 11.48
C ILE G 42 13.44 38.67 10.69
N PHE G 43 12.74 38.73 9.56
CA PHE G 43 12.49 37.51 8.78
C PHE G 43 13.38 37.35 7.57
N LEU G 44 14.10 36.26 7.56
CA LEU G 44 15.01 35.95 6.45
C LEU G 44 14.47 34.80 5.63
N GLY G 45 13.70 35.16 4.62
CA GLY G 45 12.87 34.20 3.85
C GLY G 45 13.17 34.11 2.38
N VAL G 46 13.67 35.17 1.80
CA VAL G 46 14.05 35.08 0.40
C VAL G 46 15.45 34.48 0.31
N GLN G 47 15.90 34.39 -0.95
CA GLN G 47 17.32 34.19 -1.32
C GLN G 47 18.09 35.47 -1.07
N VAL G 48 19.18 35.28 -0.36
CA VAL G 48 20.09 36.35 0.14
C VAL G 48 20.79 37.07 -1.04
N ASP G 49 20.01 37.77 -1.86
CA ASP G 49 20.58 38.64 -2.90
C ASP G 49 21.12 39.97 -2.26
N ASP G 50 21.90 40.77 -3.02
CA ASP G 50 22.53 42.01 -2.47
C ASP G 50 21.46 42.98 -1.91
N ALA G 51 20.34 43.04 -2.60
CA ALA G 51 19.19 43.86 -2.17
C ALA G 51 18.68 43.47 -0.79
N SER G 52 18.29 42.21 -0.67
CA SER G 52 17.69 41.67 0.58
C SER G 52 18.65 41.83 1.78
N ALA G 53 19.92 41.68 1.48
CA ALA G 53 20.99 41.74 2.50
C ALA G 53 21.09 43.10 3.13
N ASN G 54 21.04 44.11 2.29
CA ASN G 54 20.94 45.51 2.77
C ASN G 54 19.72 45.75 3.68
N ASP G 55 18.57 45.25 3.24
CA ASP G 55 17.32 45.29 4.04
C ASP G 55 17.48 44.60 5.41
N ILE G 56 18.15 43.45 5.42
CA ILE G 56 18.42 42.73 6.69
C ILE G 56 19.36 43.54 7.58
N MET G 57 20.41 44.09 7.00
CA MET G 57 21.39 44.87 7.78
C MET G 57 20.75 46.11 8.39
N ALA G 58 19.99 46.80 7.56
CA ALA G 58 19.30 48.04 7.98
C ALA G 58 18.36 47.75 9.11
N GLN G 59 17.62 46.67 8.98
CA GLN G 59 16.73 46.23 10.06
C GLN G 59 17.49 45.93 11.35
N LEU G 60 18.57 45.19 11.21
CA LEU G 60 19.44 44.89 12.37
C LEU G 60 19.92 46.16 13.03
N LEU G 61 20.54 47.01 12.23
CA LEU G 61 21.09 48.31 12.70
C LEU G 61 20.05 49.22 13.39
N VAL G 62 18.85 49.20 12.84
CA VAL G 62 17.73 50.04 13.33
C VAL G 62 17.24 49.50 14.64
N LEU G 63 16.99 48.21 14.68
CA LEU G 63 16.67 47.53 15.97
C LEU G 63 17.70 47.78 17.09
N GLU G 64 18.99 47.74 16.75
CA GLU G 64 20.01 48.07 17.75
C GLU G 64 19.85 49.53 18.25
N SER G 65 19.76 50.43 17.29
CA SER G 65 19.56 51.85 17.59
C SER G 65 18.32 52.09 18.49
N LEU G 66 17.25 51.36 18.24
CA LEU G 66 16.01 51.53 19.00
C LEU G 66 16.09 51.07 20.44
N ASP G 67 16.92 50.06 20.70
CA ASP G 67 17.05 49.44 22.05
C ASP G 67 18.24 48.45 22.12
N PRO G 68 19.41 48.95 22.50
CA PRO G 68 20.62 48.13 22.32
C PRO G 68 20.73 46.96 23.26
N ASP G 69 19.93 46.94 24.29
CA ASP G 69 20.07 45.87 25.31
C ASP G 69 19.23 44.65 25.01
N ARG G 70 18.02 44.91 24.55
CA ARG G 70 17.09 43.81 24.18
C ARG G 70 17.55 42.97 22.95
N ASP G 71 17.20 41.71 23.02
CA ASP G 71 17.59 40.73 22.03
C ASP G 71 16.89 40.92 20.71
N ILE G 72 17.62 40.58 19.68
CA ILE G 72 17.09 40.51 18.31
C ILE G 72 17.01 39.05 17.93
N THR G 73 15.90 38.69 17.34
CA THR G 73 15.68 37.34 16.86
C THR G 73 15.59 37.42 15.33
N MET G 74 16.14 36.40 14.71
CA MET G 74 16.20 36.23 13.27
C MET G 74 15.58 34.91 12.85
N TYR G 75 14.46 34.99 12.17
CA TYR G 75 13.72 33.80 11.67
C TYR G 75 14.26 33.46 10.33
N ILE G 76 14.71 32.25 10.20
CA ILE G 76 15.39 31.82 8.99
C ILE G 76 14.66 30.68 8.26
N ASN G 77 14.23 30.99 7.04
CA ASN G 77 13.77 29.97 6.08
C ASN G 77 14.23 30.44 4.74
N SER G 78 15.48 30.14 4.42
CA SER G 78 16.11 30.69 3.23
C SER G 78 16.90 29.62 2.52
N PRO G 79 16.79 29.56 1.19
CA PRO G 79 17.55 28.60 0.42
C PRO G 79 18.98 29.02 0.17
N GLY G 80 19.38 30.14 0.70
CA GLY G 80 20.77 30.47 0.63
C GLY G 80 20.94 31.77 -0.09
N GLY G 81 22.05 31.95 -0.74
CA GLY G 81 22.38 33.29 -1.28
C GLY G 81 23.84 33.72 -1.37
N GLY G 82 24.01 34.96 -1.84
CA GLY G 82 25.34 35.48 -2.24
C GLY G 82 26.36 35.50 -1.11
N PHE G 83 27.63 35.27 -1.45
CA PHE G 83 28.68 35.15 -0.43
C PHE G 83 29.03 36.51 0.10
N THR G 84 29.13 37.42 -0.81
CA THR G 84 29.54 38.77 -0.44
C THR G 84 28.51 39.38 0.59
N SER G 85 27.26 39.04 0.34
CA SER G 85 26.13 39.41 1.19
C SER G 85 26.18 38.69 2.53
N LEU G 86 26.35 37.38 2.48
CA LEU G 86 26.52 36.52 3.68
C LEU G 86 27.42 37.21 4.65
N MET G 87 28.60 37.56 4.21
CA MET G 87 29.61 38.16 5.10
C MET G 87 29.21 39.48 5.72
N ALA G 88 28.57 40.28 4.91
CA ALA G 88 28.08 41.59 5.35
C ALA G 88 27.06 41.45 6.47
N ILE G 89 26.15 40.55 6.25
CA ILE G 89 25.07 40.32 7.20
C ILE G 89 25.67 39.79 8.48
N TYR G 90 26.47 38.76 8.32
CA TYR G 90 27.28 38.19 9.41
C TYR G 90 27.99 39.25 10.24
N ASP G 91 28.72 40.13 9.57
CA ASP G 91 29.50 41.19 10.28
C ASP G 91 28.57 42.09 11.09
N THR G 92 27.45 42.41 10.49
CA THR G 92 26.43 43.24 11.14
C THR G 92 25.80 42.51 12.36
N MET G 93 25.45 41.24 12.18
CA MET G 93 24.92 40.40 13.29
C MET G 93 25.83 40.45 14.50
N GLN G 94 27.10 40.18 14.25
CA GLN G 94 28.10 40.09 15.31
C GLN G 94 28.35 41.46 15.91
N TYR G 95 28.30 42.47 15.05
CA TYR G 95 28.69 43.84 15.40
C TYR G 95 27.76 44.56 16.36
N VAL G 96 26.47 44.39 16.15
CA VAL G 96 25.48 45.11 16.97
C VAL G 96 25.57 44.69 18.44
N ARG G 97 25.20 45.61 19.33
CA ARG G 97 25.34 45.41 20.80
C ARG G 97 24.51 44.24 21.29
N ALA G 98 23.34 44.11 20.66
CA ALA G 98 22.31 43.18 21.12
C ALA G 98 22.63 41.75 20.77
N ASP G 99 22.19 40.85 21.63
CA ASP G 99 22.33 39.44 21.35
C ASP G 99 21.47 39.07 20.16
N ILE G 100 21.95 38.10 19.38
CA ILE G 100 21.16 37.59 18.24
C ILE G 100 20.74 36.17 18.43
N GLN G 101 19.46 36.01 18.31
CA GLN G 101 18.83 34.72 18.43
C GLN G 101 18.43 34.26 17.05
N THR G 102 18.94 33.11 16.62
CA THR G 102 18.61 32.56 15.30
C THR G 102 17.72 31.35 15.41
N VAL G 103 16.67 31.39 14.62
CA VAL G 103 15.65 30.32 14.58
C VAL G 103 15.31 29.79 13.17
N CYS G 104 15.66 28.55 12.90
CA CYS G 104 15.44 28.00 11.59
C CYS G 104 14.10 27.38 11.64
N LEU G 105 13.28 27.82 10.72
CA LEU G 105 11.86 27.40 10.66
C LEU G 105 11.61 26.33 9.64
N GLY G 106 12.33 26.40 8.54
CA GLY G 106 12.17 25.40 7.51
C GLY G 106 13.52 24.89 7.10
N GLN G 107 14.18 25.74 6.35
CA GLN G 107 15.47 25.43 5.78
C GLN G 107 16.36 26.51 6.14
N ALA G 108 17.58 26.14 6.34
CA ALA G 108 18.64 27.12 6.30
C ALA G 108 19.71 26.48 5.48
N ALA G 109 19.74 26.87 4.22
CA ALA G 109 20.73 26.31 3.28
C ALA G 109 21.85 27.28 2.88
N SER G 110 23.00 26.70 2.59
CA SER G 110 24.14 27.40 1.99
C SER G 110 24.68 28.46 2.93
N ALA G 111 24.36 29.70 2.58
CA ALA G 111 24.73 30.93 3.32
C ALA G 111 23.94 31.07 4.57
N ALA G 112 22.66 30.84 4.40
CA ALA G 112 21.69 30.86 5.48
C ALA G 112 22.14 29.95 6.64
N ALA G 113 22.83 28.85 6.28
CA ALA G 113 23.27 27.89 7.30
C ALA G 113 24.30 28.51 8.22
N VAL G 114 25.22 29.22 7.59
CA VAL G 114 26.28 29.96 8.30
C VAL G 114 25.70 31.03 9.23
N LEU G 115 24.73 31.75 8.71
CA LEU G 115 23.99 32.75 9.50
C LEU G 115 23.28 32.14 10.71
N LEU G 116 22.56 31.05 10.47
CA LEU G 116 21.91 30.30 11.55
C LEU G 116 22.95 30.00 12.63
N ALA G 117 24.06 29.47 12.17
CA ALA G 117 25.16 29.10 13.04
C ALA G 117 25.77 30.28 13.77
N ALA G 118 25.64 31.44 13.17
CA ALA G 118 26.34 32.63 13.64
C ALA G 118 25.59 33.43 14.65
N GLY G 119 24.44 32.95 15.04
CA GLY G 119 23.72 33.56 16.15
C GLY G 119 24.54 33.50 17.45
N THR G 120 24.11 34.22 18.49
CA THR G 120 24.90 34.18 19.77
C THR G 120 24.74 32.86 20.48
N PRO G 121 25.85 32.33 21.07
CA PRO G 121 25.83 30.94 21.57
C PRO G 121 24.82 30.81 22.64
N GLY G 122 24.16 29.68 22.68
CA GLY G 122 23.01 29.46 23.53
C GLY G 122 21.69 29.74 22.83
N LYS G 123 21.72 30.61 21.83
CA LYS G 123 20.45 31.12 21.23
C LYS G 123 20.14 30.70 19.77
N ARG G 124 20.71 29.59 19.35
CA ARG G 124 20.53 29.09 18.00
C ARG G 124 19.62 27.87 17.99
N MET G 125 18.55 27.99 17.22
CA MET G 125 17.47 27.02 17.25
C MET G 125 16.94 26.58 15.91
N ALA G 126 16.22 25.47 15.95
CA ALA G 126 15.48 24.99 14.79
C ALA G 126 14.23 24.22 15.23
N LEU G 127 13.19 24.31 14.40
CA LEU G 127 12.01 23.47 14.54
C LEU G 127 12.42 22.05 14.11
N PRO G 128 11.74 20.98 14.57
CA PRO G 128 12.27 19.58 14.53
C PRO G 128 12.47 19.01 13.16
N ASN G 129 11.54 19.22 12.26
CA ASN G 129 11.75 18.82 10.84
C ASN G 129 12.48 19.89 10.00
N ALA G 130 13.18 20.78 10.66
CA ALA G 130 13.92 21.74 9.91
C ALA G 130 15.10 21.02 9.38
N ARG G 131 15.73 21.73 8.47
CA ARG G 131 16.73 21.17 7.61
C ARG G 131 17.84 22.19 7.40
N VAL G 132 19.06 21.74 7.61
CA VAL G 132 20.21 22.59 7.40
C VAL G 132 21.10 21.98 6.37
N LEU G 133 21.44 22.75 5.38
CA LEU G 133 22.33 22.25 4.35
C LEU G 133 23.58 23.13 4.20
N ILE G 134 24.76 22.52 4.25
CA ILE G 134 25.99 23.26 4.01
C ILE G 134 26.69 22.74 2.81
N HIS G 135 27.34 23.65 2.10
CA HIS G 135 28.08 23.24 0.93
C HIS G 135 29.02 24.35 0.61
N GLN G 136 30.02 24.05 -0.21
CA GLN G 136 31.04 25.06 -0.50
C GLN G 136 30.48 26.02 -1.55
N PRO G 137 31.10 27.17 -1.71
CA PRO G 137 30.62 28.15 -2.68
C PRO G 137 30.72 27.69 -4.13
N SER G 138 29.60 27.83 -4.85
CA SER G 138 29.50 27.53 -6.28
C SER G 138 29.35 28.81 -7.03
N LEU G 139 29.67 28.72 -8.29
CA LEU G 139 29.43 29.79 -9.22
C LEU G 139 28.69 29.14 -10.38
N SER G 140 27.39 29.24 -10.41
CA SER G 140 26.68 28.81 -11.64
C SER G 140 26.73 30.06 -12.53
N GLY G 141 26.67 29.82 -13.83
CA GLY G 141 27.10 30.86 -14.75
C GLY G 141 28.63 30.91 -14.80
N VAL G 142 29.15 31.59 -15.80
CA VAL G 142 30.57 31.54 -16.11
C VAL G 142 31.20 32.92 -15.96
N ILE G 143 32.37 32.97 -15.37
CA ILE G 143 33.19 34.16 -15.43
C ILE G 143 34.24 33.99 -16.49
N GLN G 144 34.14 34.91 -17.44
CA GLN G 144 34.96 34.96 -18.66
C GLN G 144 36.16 35.91 -18.44
N GLY G 145 37.25 35.69 -19.15
CA GLY G 145 38.41 36.58 -18.98
C GLY G 145 39.73 36.06 -19.48
N GLN G 146 40.68 36.98 -19.55
CA GLN G 146 42.08 36.61 -19.70
C GLN G 146 42.49 35.73 -18.52
N PHE G 147 43.47 34.88 -18.75
CA PHE G 147 43.93 33.94 -17.71
C PHE G 147 44.38 34.74 -16.49
N SER G 148 45.10 35.83 -16.73
CA SER G 148 45.56 36.73 -15.63
C SER G 148 44.47 37.22 -14.74
N ASP G 149 43.36 37.53 -15.37
CA ASP G 149 42.16 37.93 -14.63
C ASP G 149 41.52 36.75 -13.92
N LEU G 150 41.52 35.60 -14.58
CA LEU G 150 40.84 34.40 -14.06
C LEU G 150 41.60 33.85 -12.86
N GLU G 151 42.91 34.01 -12.89
CA GLU G 151 43.74 33.45 -11.82
C GLU G 151 43.51 34.28 -10.54
N ILE G 152 43.34 35.57 -10.71
CA ILE G 152 43.08 36.52 -9.62
C ILE G 152 41.76 36.18 -9.03
N GLN G 153 40.83 35.95 -9.92
CA GLN G 153 39.44 35.56 -9.57
C GLN G 153 39.42 34.25 -8.75
N ALA G 154 40.10 33.24 -9.31
CA ALA G 154 40.16 31.91 -8.69
C ALA G 154 40.71 31.99 -7.28
N ALA G 155 41.77 32.74 -7.18
CA ALA G 155 42.38 33.04 -5.91
C ALA G 155 41.37 33.61 -4.89
N GLU G 156 40.65 34.64 -5.32
CA GLU G 156 39.67 35.31 -4.47
C GLU G 156 38.61 34.33 -4.05
N ILE G 157 38.30 33.40 -4.94
CA ILE G 157 37.23 32.44 -4.64
C ILE G 157 37.75 31.36 -3.66
N GLU G 158 39.02 31.02 -3.69
CA GLU G 158 39.60 30.13 -2.67
C GLU G 158 39.56 30.82 -1.32
N ARG G 159 39.77 32.13 -1.32
CA ARG G 159 39.80 32.97 -0.06
C ARG G 159 38.44 32.92 0.55
N MET G 160 37.46 33.12 -0.32
CA MET G 160 35.99 33.16 0.03
C MET G 160 35.56 31.81 0.61
N ARG G 161 35.86 30.77 -0.12
CA ARG G 161 35.72 29.44 0.40
C ARG G 161 36.30 29.27 1.82
N THR G 162 37.59 29.56 1.99
CA THR G 162 38.28 29.29 3.27
C THR G 162 37.72 30.23 4.36
N LEU G 163 37.19 31.36 3.95
CA LEU G 163 36.56 32.27 4.94
C LEU G 163 35.23 31.71 5.45
N MET G 164 34.48 31.07 4.56
CA MET G 164 33.24 30.35 4.98
C MET G 164 33.60 29.26 6.02
N GLU G 165 34.67 28.54 5.71
CA GLU G 165 35.13 27.45 6.58
C GLU G 165 35.64 27.96 7.93
N THR G 166 36.44 29.02 7.90
CA THR G 166 36.91 29.69 9.12
C THR G 166 35.70 30.06 10.01
N THR G 167 34.72 30.72 9.43
CA THR G 167 33.70 31.36 10.25
C THR G 167 32.71 30.34 10.73
N LEU G 168 32.56 29.28 9.98
CA LEU G 168 31.76 28.16 10.50
C LEU G 168 32.48 27.50 11.68
N ALA G 169 33.75 27.24 11.47
CA ALA G 169 34.63 26.62 12.48
C ALA G 169 34.52 27.38 13.79
N ARG G 170 34.61 28.71 13.66
CA ARG G 170 34.51 29.64 14.83
C ARG G 170 33.24 29.33 15.62
N HIS G 171 32.12 29.24 14.93
CA HIS G 171 30.77 29.11 15.58
C HIS G 171 30.26 27.71 15.94
N THR G 172 30.80 26.70 15.26
CA THR G 172 30.46 25.28 15.50
C THR G 172 31.37 24.57 16.48
N GLY G 173 32.53 25.16 16.70
CA GLY G 173 33.56 24.58 17.56
C GLY G 173 34.31 23.47 16.85
N LYS G 174 34.15 23.39 15.55
CA LYS G 174 34.86 22.41 14.75
C LYS G 174 36.14 22.96 14.19
N ASP G 175 36.98 22.06 13.71
CA ASP G 175 38.17 22.47 13.02
C ASP G 175 37.86 22.94 11.60
N ALA G 176 38.47 24.05 11.18
CA ALA G 176 38.29 24.53 9.79
C ALA G 176 38.50 23.42 8.70
N GLY G 177 39.55 22.64 8.86
CA GLY G 177 39.89 21.62 7.87
C GLY G 177 38.78 20.58 7.81
N VAL G 178 38.11 20.37 8.94
CA VAL G 178 37.04 19.35 9.06
C VAL G 178 35.81 19.81 8.32
N ILE G 179 35.49 21.07 8.56
CA ILE G 179 34.45 21.72 7.77
C ILE G 179 34.68 21.56 6.24
N ARG G 180 35.88 21.88 5.81
CA ARG G 180 36.21 21.75 4.41
C ARG G 180 35.95 20.37 3.84
N LYS G 181 36.39 19.38 4.59
CA LYS G 181 36.16 18.01 4.20
C LYS G 181 34.66 17.74 4.12
N ASP G 182 33.94 18.16 5.16
CA ASP G 182 32.48 17.86 5.26
C ASP G 182 31.61 18.62 4.19
N THR G 183 32.11 19.77 3.74
CA THR G 183 31.43 20.61 2.74
C THR G 183 31.96 20.51 1.33
N ASP G 184 32.93 19.64 1.14
CA ASP G 184 33.49 19.43 -0.21
C ASP G 184 32.34 19.08 -1.19
N ARG G 185 31.40 18.35 -0.63
CA ARG G 185 30.20 17.97 -1.31
C ARG G 185 29.08 18.50 -0.46
N ASP G 186 27.87 18.42 -0.94
CA ASP G 186 26.72 18.88 -0.12
C ASP G 186 26.50 18.02 1.12
N LYS G 187 26.20 18.70 2.20
CA LYS G 187 26.00 18.07 3.51
C LYS G 187 24.67 18.50 4.14
N ILE G 188 23.76 17.55 4.19
CA ILE G 188 22.43 17.85 4.67
C ILE G 188 22.28 17.37 6.10
N LEU G 189 21.70 18.22 6.93
CA LEU G 189 21.52 17.97 8.37
C LEU G 189 20.10 18.14 8.82
N THR G 190 19.59 17.11 9.49
CA THR G 190 18.35 17.24 10.23
C THR G 190 18.57 18.24 11.39
N ALA G 191 17.50 18.71 12.00
CA ALA G 191 17.68 19.61 13.13
C ALA G 191 18.56 18.97 14.22
N GLU G 192 18.29 17.72 14.57
CA GLU G 192 19.11 16.97 15.58
C GLU G 192 20.58 16.93 15.16
N GLU G 193 20.82 16.49 13.95
CA GLU G 193 22.18 16.41 13.39
C GLU G 193 22.90 17.78 13.45
N ALA G 194 22.12 18.82 13.23
CA ALA G 194 22.61 20.19 13.15
C ALA G 194 23.03 20.67 14.49
N LYS G 195 22.34 20.18 15.48
CA LYS G 195 22.72 20.44 16.87
C LYS G 195 24.05 19.77 17.25
N ASP G 196 24.14 18.48 16.93
CA ASP G 196 25.38 17.69 17.07
C ASP G 196 26.53 18.32 16.36
N TYR G 197 26.26 18.85 15.20
CA TYR G 197 27.31 19.50 14.39
C TYR G 197 27.75 20.83 14.98
N GLY G 198 26.91 21.37 15.83
CA GLY G 198 27.25 22.61 16.54
C GLY G 198 26.79 23.84 15.80
N ILE G 199 25.78 23.65 14.99
CA ILE G 199 25.20 24.76 14.19
C ILE G 199 24.04 25.45 14.90
N ILE G 200 23.32 24.66 15.68
CA ILE G 200 22.30 25.17 16.57
C ILE G 200 22.52 24.62 17.95
N ASP G 201 21.92 25.26 18.91
CA ASP G 201 22.09 24.83 20.30
C ASP G 201 20.96 23.93 20.77
N THR G 202 19.75 24.33 20.46
CA THR G 202 18.60 23.55 20.89
C THR G 202 17.66 23.31 19.73
N VAL G 203 16.90 22.24 19.85
CA VAL G 203 15.85 21.98 18.90
C VAL G 203 14.54 22.32 19.56
N LEU G 204 13.78 23.24 19.00
CA LEU G 204 12.47 23.59 19.57
C LEU G 204 11.47 22.43 19.61
N GLU G 205 10.87 22.24 20.76
CA GLU G 205 9.83 21.24 20.86
C GLU G 205 8.56 21.98 20.63
N TYR G 206 7.58 21.27 20.07
CA TYR G 206 6.27 21.87 19.88
C TYR G 206 5.75 22.23 21.27
N ARG G 207 5.07 23.35 21.38
CA ARG G 207 4.55 23.78 22.67
C ARG G 207 3.05 23.94 22.65
N LYS G 208 2.33 23.05 21.98
CA LYS G 208 0.89 23.14 21.93
C LYS G 208 0.16 22.45 23.14
N LEU G 209 -0.87 23.13 23.63
CA LEU G 209 -1.60 22.67 24.81
C LEU G 209 -2.15 21.25 24.87
N SER G 210 -2.52 20.69 23.75
CA SER G 210 -2.98 19.31 23.79
C SER G 210 -1.75 18.40 23.49
N LEU H 2 26.11 31.29 -3.03
CA LEU H 2 26.05 31.51 -4.50
C LEU H 2 27.25 32.38 -4.74
N LEU H 3 27.71 32.53 -5.96
CA LEU H 3 28.94 33.23 -6.15
C LEU H 3 29.00 33.92 -7.48
N ILE I 15 10.40 42.19 0.89
CA ILE I 15 9.65 42.57 2.13
C ILE I 15 10.54 43.27 3.19
N LEU I 16 10.09 44.49 3.51
CA LEU I 16 10.82 45.45 4.37
C LEU I 16 9.85 46.08 5.35
N PRO I 17 9.95 45.74 6.63
CA PRO I 17 8.90 46.19 7.56
C PRO I 17 8.99 47.64 7.88
N SER I 18 7.84 48.18 8.23
CA SER I 18 7.82 49.49 8.86
C SER I 18 7.36 49.30 10.30
N PHE I 19 7.62 50.33 11.07
CA PHE I 19 7.38 50.29 12.51
C PHE I 19 7.05 51.72 12.95
N ILE I 20 6.67 51.84 14.21
CA ILE I 20 6.18 53.11 14.74
C ILE I 20 6.98 53.57 15.93
N GLU I 21 7.23 54.87 16.02
CA GLU I 21 7.97 55.42 17.17
C GLU I 21 7.11 56.29 18.12
N HIS I 22 6.86 55.74 19.32
CA HIS I 22 6.34 56.48 20.51
C HIS I 22 7.15 57.76 20.80
N SER I 23 6.43 58.77 21.31
CA SER I 23 7.00 59.97 21.97
C SER I 23 5.87 60.78 22.59
N SER I 24 6.23 61.65 23.52
CA SER I 24 5.23 62.54 24.19
C SER I 24 4.65 63.58 23.21
N PHE I 25 5.32 63.74 22.09
CA PHE I 25 4.97 64.80 21.11
C PHE I 25 3.94 64.27 20.12
N GLY I 26 4.14 63.02 19.77
CA GLY I 26 3.31 62.37 18.78
C GLY I 26 3.90 61.03 18.39
N VAL I 27 3.24 60.39 17.44
CA VAL I 27 3.57 59.00 17.06
C VAL I 27 3.83 58.96 15.55
N LYS I 28 5.03 58.55 15.15
CA LYS I 28 5.38 58.54 13.71
C LYS I 28 5.72 57.15 13.15
N GLU I 29 5.27 56.91 11.94
CA GLU I 29 5.61 55.70 11.20
C GLU I 29 6.97 55.87 10.41
N SER I 30 7.83 54.86 10.42
CA SER I 30 9.00 54.92 9.50
C SER I 30 9.56 53.52 9.08
N ASN I 31 10.33 53.52 7.98
CA ASN I 31 11.16 52.37 7.52
C ASN I 31 12.44 52.32 8.23
N PRO I 32 13.19 51.25 7.99
CA PRO I 32 14.55 51.25 8.39
C PRO I 32 15.35 52.29 7.62
N TYR I 33 15.03 52.46 6.35
CA TYR I 33 15.89 53.32 5.48
C TYR I 33 15.66 54.75 5.85
N ASN I 34 14.44 55.03 6.28
CA ASN I 34 14.08 56.40 6.73
C ASN I 34 14.65 56.75 8.07
N LYS I 35 14.49 55.81 9.00
CA LYS I 35 15.10 55.90 10.33
C LYS I 35 16.58 56.10 10.16
N LEU I 36 17.18 55.34 9.26
CA LEU I 36 18.63 55.52 8.94
C LEU I 36 18.93 56.94 8.47
N PHE I 37 18.09 57.43 7.58
CA PHE I 37 18.28 58.78 7.03
C PHE I 37 18.01 59.84 8.10
N GLU I 38 17.05 59.57 8.96
CA GLU I 38 16.74 60.47 10.04
C GLU I 38 17.98 60.73 10.87
N GLU I 39 18.86 59.75 10.89
CA GLU I 39 20.13 59.77 11.67
C GLU I 39 21.33 60.11 10.84
N ARG I 40 21.05 60.74 9.71
CA ARG I 40 22.07 61.23 8.75
C ARG I 40 22.93 60.12 8.12
N ILE I 41 22.28 58.99 7.89
CA ILE I 41 22.92 57.87 7.20
C ILE I 41 22.28 57.64 5.86
N ILE I 42 23.12 57.70 4.85
CA ILE I 42 22.70 57.48 3.47
C ILE I 42 23.13 56.10 3.05
N PHE I 43 22.26 55.31 2.43
CA PHE I 43 22.63 53.93 2.10
C PHE I 43 22.97 53.74 0.64
N LEU I 44 24.19 53.29 0.40
CA LEU I 44 24.68 53.03 -0.98
C LEU I 44 24.81 51.53 -1.22
N GLY I 45 23.74 50.93 -1.69
CA GLY I 45 23.57 49.47 -1.78
C GLY I 45 23.38 48.90 -3.16
N VAL I 46 22.86 49.67 -4.06
CA VAL I 46 22.73 49.20 -5.44
C VAL I 46 24.04 49.43 -6.15
N GLN I 47 24.01 49.06 -7.43
CA GLN I 47 24.98 49.50 -8.44
C GLN I 47 24.72 50.97 -8.80
N VAL I 48 25.82 51.70 -8.75
CA VAL I 48 25.89 53.18 -8.98
C VAL I 48 25.50 53.57 -10.43
N ASP I 49 24.26 53.34 -10.81
CA ASP I 49 23.75 53.82 -12.12
C ASP I 49 23.43 55.34 -12.04
N ASP I 50 23.20 56.00 -13.18
CA ASP I 50 22.97 57.47 -13.19
C ASP I 50 21.77 57.84 -12.30
N ALA I 51 20.75 56.99 -12.31
CA ALA I 51 19.52 57.16 -11.44
C ALA I 51 19.86 57.22 -9.95
N SER I 52 20.50 56.17 -9.48
CA SER I 52 20.86 56.03 -8.06
C SER I 52 21.79 57.16 -7.58
N ALA I 53 22.66 57.58 -8.46
CA ALA I 53 23.63 58.59 -8.14
C ALA I 53 22.98 59.90 -7.82
N ASN I 54 22.00 60.24 -8.64
CA ASN I 54 21.19 61.45 -8.40
C ASN I 54 20.50 61.41 -7.02
N ASP I 55 19.91 60.26 -6.74
CA ASP I 55 19.28 59.99 -5.43
C ASP I 55 20.29 60.21 -4.27
N ILE I 56 21.52 59.73 -4.44
CA ILE I 56 22.58 59.90 -3.42
C ILE I 56 22.93 61.36 -3.26
N MET I 57 23.07 62.06 -4.39
CA MET I 57 23.50 63.48 -4.36
C MET I 57 22.45 64.34 -3.67
N ALA I 58 21.22 64.09 -4.07
CA ALA I 58 20.09 64.79 -3.52
C ALA I 58 20.03 64.60 -2.02
N GLN I 59 20.16 63.36 -1.59
CA GLN I 59 20.15 63.02 -0.14
C GLN I 59 21.28 63.75 0.61
N LEU I 60 22.45 63.70 0.01
CA LEU I 60 23.61 64.46 0.55
C LEU I 60 23.30 65.95 0.67
N LEU I 61 22.90 66.54 -0.46
CA LEU I 61 22.53 67.99 -0.53
C LEU I 61 21.43 68.43 0.47
N VAL I 62 20.48 67.55 0.66
CA VAL I 62 19.36 67.81 1.52
C VAL I 62 19.82 67.77 2.93
N LEU I 63 20.52 66.71 3.27
CA LEU I 63 21.07 66.59 4.63
C LEU I 63 21.92 67.80 5.01
N GLU I 64 22.71 68.31 4.07
CA GLU I 64 23.53 69.50 4.33
C GLU I 64 22.62 70.69 4.63
N SER I 65 21.66 70.88 3.74
CA SER I 65 20.65 71.97 3.89
C SER I 65 19.93 71.88 5.26
N LEU I 66 19.62 70.67 5.71
CA LEU I 66 18.92 70.48 7.01
C LEU I 66 19.74 70.80 8.23
N ASP I 67 21.05 70.60 8.16
CA ASP I 67 21.97 70.82 9.30
C ASP I 67 23.43 70.75 8.86
N PRO I 68 24.00 71.89 8.46
CA PRO I 68 25.33 71.84 7.82
C PRO I 68 26.48 71.46 8.72
N ASP I 69 26.28 71.49 10.03
CA ASP I 69 27.39 71.24 10.95
C ASP I 69 27.53 69.78 11.29
N ARG I 70 26.40 69.11 11.48
CA ARG I 70 26.41 67.70 11.82
C ARG I 70 26.87 66.78 10.68
N ASP I 71 27.52 65.71 11.10
CA ASP I 71 28.14 64.76 10.18
C ASP I 71 27.12 63.98 9.38
N ILE I 72 27.52 63.66 8.15
CA ILE I 72 26.80 62.72 7.32
C ILE I 72 27.58 61.47 7.28
N THR I 73 26.86 60.39 7.42
CA THR I 73 27.48 59.07 7.30
C THR I 73 26.87 58.28 6.09
N MET I 74 27.73 57.55 5.39
CA MET I 74 27.42 56.86 4.13
C MET I 74 27.76 55.41 4.27
N TYR I 75 26.73 54.59 4.30
CA TYR I 75 26.86 53.11 4.43
C TYR I 75 27.05 52.53 3.03
N ILE I 76 28.13 51.80 2.84
CA ILE I 76 28.49 51.31 1.51
C ILE I 76 28.55 49.80 1.41
N ASN I 77 27.69 49.27 0.55
CA ASN I 77 27.72 47.85 0.15
C ASN I 77 27.29 47.83 -1.27
N SER I 78 28.22 48.10 -2.12
CA SER I 78 27.91 48.29 -3.51
C SER I 78 28.94 47.60 -4.40
N PRO I 79 28.49 46.91 -5.45
CA PRO I 79 29.40 46.27 -6.38
C PRO I 79 30.02 47.22 -7.38
N GLY I 80 29.71 48.49 -7.29
CA GLY I 80 30.42 49.42 -8.13
C GLY I 80 29.47 50.19 -8.97
N GLY I 81 29.90 50.61 -10.13
CA GLY I 81 29.05 51.49 -10.95
C GLY I 81 29.71 52.51 -11.87
N GLY I 82 28.88 53.28 -12.54
CA GLY I 82 29.30 54.19 -13.63
C GLY I 82 30.32 55.23 -13.21
N PHE I 83 31.21 55.58 -14.12
CA PHE I 83 32.34 56.46 -13.77
C PHE I 83 31.82 57.88 -13.72
N THR I 84 30.99 58.21 -14.69
CA THR I 84 30.47 59.58 -14.75
C THR I 84 29.72 59.93 -13.41
N SER I 85 29.02 58.92 -12.90
CA SER I 85 28.27 58.99 -11.65
C SER I 85 29.17 59.06 -10.43
N LEU I 86 30.15 58.16 -10.39
CA LEU I 86 31.21 58.18 -9.36
C LEU I 86 31.68 59.58 -9.09
N MET I 87 32.10 60.25 -10.14
CA MET I 87 32.69 61.61 -9.98
C MET I 87 31.71 62.65 -9.43
N ALA I 88 30.49 62.53 -9.87
CA ALA I 88 29.45 63.46 -9.46
C ALA I 88 29.21 63.31 -7.97
N ILE I 89 29.14 62.07 -7.55
CA ILE I 89 28.84 61.77 -6.15
C ILE I 89 29.97 62.28 -5.32
N TYR I 90 31.14 61.88 -5.72
CA TYR I 90 32.39 62.35 -5.12
C TYR I 90 32.43 63.87 -4.92
N ASP I 91 32.16 64.59 -5.99
CA ASP I 91 32.25 66.06 -5.94
C ASP I 91 31.30 66.59 -4.89
N THR I 92 30.13 65.98 -4.87
CA THR I 92 29.04 66.37 -3.94
C THR I 92 29.50 66.05 -2.49
N MET I 93 30.09 64.89 -2.30
CA MET I 93 30.63 64.44 -0.97
C MET I 93 31.59 65.47 -0.40
N GLN I 94 32.52 65.85 -1.26
CA GLN I 94 33.58 66.78 -0.89
C GLN I 94 33.00 68.18 -0.68
N TYR I 95 32.03 68.50 -1.51
CA TYR I 95 31.50 69.86 -1.62
C TYR I 95 30.68 70.33 -0.44
N VAL I 96 29.84 69.45 0.07
CA VAL I 96 28.93 69.85 1.17
C VAL I 96 29.76 70.31 2.38
N ARG I 97 29.17 71.20 3.21
CA ARG I 97 29.83 71.75 4.50
C ARG I 97 30.19 70.68 5.58
N ALA I 98 29.32 69.67 5.67
CA ALA I 98 29.43 68.60 6.65
C ALA I 98 30.49 67.58 6.35
N ASP I 99 31.04 67.07 7.43
CA ASP I 99 31.99 65.99 7.27
C ASP I 99 31.29 64.74 6.76
N ILE I 100 32.02 63.94 5.99
CA ILE I 100 31.49 62.68 5.54
C ILE I 100 32.20 61.49 6.14
N GLN I 101 31.40 60.64 6.74
CA GLN I 101 31.86 59.42 7.33
C GLN I 101 31.45 58.25 6.43
N THR I 102 32.42 57.48 5.95
CA THR I 102 32.15 56.32 5.05
C THR I 102 32.38 54.99 5.77
N VAL I 103 31.40 54.12 5.62
CA VAL I 103 31.41 52.85 6.28
C VAL I 103 31.09 51.71 5.31
N CYS I 104 32.05 50.85 5.06
CA CYS I 104 31.84 49.73 4.17
C CYS I 104 31.31 48.61 5.03
N LEU I 105 30.19 48.07 4.60
CA LEU I 105 29.53 47.02 5.35
C LEU I 105 29.76 45.67 4.79
N GLY I 106 29.85 45.59 3.49
CA GLY I 106 30.04 44.26 2.86
C GLY I 106 31.12 44.30 1.85
N GLN I 107 30.77 44.94 0.78
CA GLN I 107 31.70 45.14 -0.30
C GLN I 107 31.72 46.60 -0.75
N ALA I 108 32.89 47.11 -1.09
CA ALA I 108 32.96 48.39 -1.81
C ALA I 108 33.85 48.19 -2.98
N ALA I 109 33.21 47.93 -4.10
CA ALA I 109 33.96 47.56 -5.31
C ALA I 109 33.96 48.65 -6.33
N SER I 110 35.04 48.67 -7.09
CA SER I 110 35.13 49.50 -8.28
C SER I 110 35.07 50.96 -7.84
N ALA I 111 33.91 51.57 -8.14
CA ALA I 111 33.60 53.01 -7.98
C ALA I 111 33.39 53.24 -6.55
N ALA I 112 32.63 52.32 -6.00
CA ALA I 112 32.31 52.30 -4.57
C ALA I 112 33.56 52.36 -3.69
N ALA I 113 34.62 51.74 -4.18
CA ALA I 113 35.89 51.76 -3.44
C ALA I 113 36.42 53.17 -3.32
N VAL I 114 36.40 53.88 -4.42
CA VAL I 114 36.89 55.25 -4.47
C VAL I 114 36.09 56.16 -3.52
N LEU I 115 34.79 55.97 -3.57
CA LEU I 115 33.86 56.68 -2.67
C LEU I 115 34.19 56.39 -1.20
N LEU I 116 34.34 55.10 -0.87
CA LEU I 116 34.70 54.69 0.48
C LEU I 116 35.93 55.53 0.88
N ALA I 117 36.90 55.51 -0.02
CA ALA I 117 38.20 56.17 0.20
C ALA I 117 38.06 57.64 0.34
N ALA I 118 37.02 58.16 -0.28
CA ALA I 118 36.82 59.64 -0.41
C ALA I 118 36.08 60.31 0.73
N GLY I 119 35.76 59.53 1.74
CA GLY I 119 35.24 60.09 2.98
C GLY I 119 36.26 61.05 3.60
N THR I 120 35.82 61.83 4.59
CA THR I 120 36.78 62.76 5.25
C THR I 120 37.77 61.95 6.09
N PRO I 121 39.04 62.35 6.06
CA PRO I 121 40.10 61.59 6.71
C PRO I 121 39.83 61.46 8.17
N GLY I 122 40.17 60.29 8.72
CA GLY I 122 39.77 59.93 10.09
C GLY I 122 38.47 59.14 10.13
N LYS I 123 37.60 59.35 9.15
CA LYS I 123 36.20 58.84 9.24
C LYS I 123 35.79 57.78 8.25
N ARG I 124 36.78 57.05 7.79
CA ARG I 124 36.56 55.98 6.83
C ARG I 124 36.73 54.61 7.48
N MET I 125 35.69 53.81 7.36
CA MET I 125 35.62 52.52 8.07
C MET I 125 35.13 51.34 7.29
N ALA I 126 35.41 50.17 7.83
CA ALA I 126 34.86 48.92 7.27
C ALA I 126 34.67 47.90 8.38
N LEU I 127 33.67 47.07 8.23
CA LEU I 127 33.47 45.93 9.12
C LEU I 127 34.57 44.95 8.77
N PRO I 128 34.98 44.09 9.69
CA PRO I 128 36.17 43.27 9.51
C PRO I 128 36.24 42.34 8.25
N ASN I 129 35.18 41.57 7.99
CA ASN I 129 35.15 40.73 6.79
C ASN I 129 34.67 41.49 5.56
N ALA I 130 34.74 42.80 5.63
CA ALA I 130 34.42 43.60 4.45
C ALA I 130 35.56 43.44 3.48
N ARG I 131 35.24 43.84 2.28
CA ARG I 131 36.03 43.55 1.11
C ARG I 131 36.03 44.76 0.19
N VAL I 132 37.24 45.19 -0.18
CA VAL I 132 37.39 46.34 -1.07
C VAL I 132 38.08 45.90 -2.32
N LEU I 133 37.48 46.22 -3.46
CA LEU I 133 38.10 45.86 -4.71
C LEU I 133 38.31 47.08 -5.58
N ILE I 134 39.53 47.27 -6.06
CA ILE I 134 39.81 48.34 -7.03
C ILE I 134 40.25 47.79 -8.33
N HIS I 135 39.86 48.47 -9.39
CA HIS I 135 40.25 48.03 -10.71
C HIS I 135 40.02 49.19 -11.64
N GLN I 136 40.63 49.13 -12.82
CA GLN I 136 40.60 50.28 -13.73
C GLN I 136 39.25 50.23 -14.43
N PRO I 137 38.85 51.33 -15.05
CA PRO I 137 37.59 51.37 -15.75
C PRO I 137 37.50 50.45 -16.95
N SER I 138 36.42 49.68 -17.00
CA SER I 138 36.14 48.80 -18.11
C SER I 138 34.96 49.30 -18.86
N LEU I 139 34.85 48.81 -20.10
CA LEU I 139 33.67 49.03 -20.90
C LEU I 139 33.24 47.66 -21.44
N SER I 140 32.28 47.02 -20.80
CA SER I 140 31.74 45.79 -21.41
C SER I 140 30.65 46.31 -22.30
N GLY I 141 30.39 45.56 -23.35
CA GLY I 141 29.62 46.15 -24.47
C GLY I 141 30.56 46.99 -25.32
N VAL I 142 30.08 47.33 -26.50
CA VAL I 142 30.97 47.90 -27.49
C VAL I 142 30.54 49.29 -27.86
N ILE I 143 31.49 50.20 -27.98
CA ILE I 143 31.25 51.51 -28.65
C ILE I 143 31.74 51.51 -30.10
N GLN I 144 30.78 51.70 -30.97
CA GLN I 144 30.90 51.60 -32.39
C GLN I 144 31.13 53.01 -32.97
N GLY I 145 31.80 53.10 -34.11
CA GLY I 145 32.06 54.40 -34.66
C GLY I 145 33.17 54.51 -35.68
N GLN I 146 33.20 55.67 -36.34
CA GLN I 146 34.33 56.05 -37.15
C GLN I 146 35.56 56.14 -36.26
N PHE I 147 36.73 55.91 -36.85
CA PHE I 147 37.98 55.90 -36.09
C PHE I 147 38.16 57.27 -35.42
N SER I 148 37.87 58.34 -36.17
CA SER I 148 37.93 59.71 -35.60
C SER I 148 37.13 59.83 -34.33
N ASP I 149 35.94 59.21 -34.31
CA ASP I 149 35.07 59.23 -33.12
C ASP I 149 35.64 58.35 -32.02
N LEU I 150 36.21 57.22 -32.44
CA LEU I 150 36.72 56.24 -31.49
C LEU I 150 37.97 56.74 -30.82
N GLU I 151 38.76 57.50 -31.55
CA GLU I 151 40.01 57.98 -31.01
C GLU I 151 39.72 59.03 -29.93
N ILE I 152 38.71 59.85 -30.18
CA ILE I 152 38.23 60.88 -29.22
C ILE I 152 37.74 60.20 -27.97
N GLN I 153 36.97 59.14 -28.20
CA GLN I 153 36.43 58.28 -27.10
C GLN I 153 37.52 57.66 -26.23
N ALA I 154 38.45 57.02 -26.90
CA ALA I 154 39.60 56.38 -26.25
C ALA I 154 40.34 57.36 -25.39
N ALA I 155 40.60 58.52 -25.97
CA ALA I 155 41.24 59.66 -25.28
C ALA I 155 40.52 60.00 -23.98
N GLU I 156 39.21 60.14 -24.09
CA GLU I 156 38.35 60.48 -22.95
C GLU I 156 38.40 59.38 -21.89
N ILE I 157 38.54 58.15 -22.34
CA ILE I 157 38.67 57.03 -21.42
C ILE I 157 40.02 57.01 -20.71
N GLU I 158 41.08 57.36 -21.38
CA GLU I 158 42.42 57.43 -20.74
C GLU I 158 42.37 58.55 -19.68
N ARG I 159 41.60 59.59 -19.94
CA ARG I 159 41.46 60.73 -19.00
C ARG I 159 40.75 60.28 -17.76
N MET I 160 39.66 59.56 -18.01
CA MET I 160 38.76 59.01 -16.95
C MET I 160 39.60 58.10 -16.09
N ARG I 161 40.28 57.17 -16.73
CA ARG I 161 41.23 56.31 -16.02
C ARG I 161 42.16 57.09 -15.10
N THR I 162 42.86 58.05 -15.67
CA THR I 162 43.90 58.78 -14.90
C THR I 162 43.22 59.65 -13.84
N LEU I 163 41.98 60.03 -14.05
CA LEU I 163 41.29 60.81 -13.03
C LEU I 163 40.95 59.94 -11.80
N MET I 164 40.60 58.68 -12.06
CA MET I 164 40.36 57.71 -10.96
C MET I 164 41.64 57.59 -10.15
N GLU I 165 42.74 57.51 -10.86
CA GLU I 165 44.03 57.30 -10.22
C GLU I 165 44.44 58.50 -9.42
N THR I 166 44.24 59.66 -10.00
CA THR I 166 44.53 60.93 -9.33
C THR I 166 43.78 60.98 -8.01
N THR I 167 42.48 60.75 -8.11
CA THR I 167 41.63 61.03 -6.95
C THR I 167 41.81 59.95 -5.87
N LEU I 168 42.18 58.75 -6.27
CA LEU I 168 42.52 57.75 -5.26
C LEU I 168 43.82 58.13 -4.58
N ALA I 169 44.79 58.51 -5.39
CA ALA I 169 46.11 58.99 -4.91
C ALA I 169 45.96 60.09 -3.86
N ARG I 170 45.13 61.08 -4.20
CA ARG I 170 44.80 62.19 -3.27
C ARG I 170 44.40 61.62 -1.92
N HIS I 171 43.47 60.68 -1.89
CA HIS I 171 42.84 60.21 -0.62
C HIS I 171 43.56 59.11 0.17
N THR I 172 44.40 58.36 -0.53
CA THR I 172 45.13 57.23 0.05
C THR I 172 46.50 57.64 0.53
N GLY I 173 46.96 58.76 0.01
CA GLY I 173 48.32 59.21 0.22
C GLY I 173 49.36 58.51 -0.67
N LYS I 174 48.89 57.80 -1.67
CA LYS I 174 49.78 57.05 -2.57
C LYS I 174 50.07 57.84 -3.77
N ASP I 175 51.08 57.39 -4.49
CA ASP I 175 51.44 58.02 -5.74
C ASP I 175 50.52 57.57 -6.85
N ALA I 176 50.09 58.50 -7.70
CA ALA I 176 49.17 58.18 -8.84
C ALA I 176 49.66 57.03 -9.74
N GLY I 177 50.95 57.04 -10.04
CA GLY I 177 51.54 55.98 -10.84
C GLY I 177 51.46 54.61 -10.18
N VAL I 178 51.54 54.63 -8.84
CA VAL I 178 51.51 53.38 -8.04
C VAL I 178 50.10 52.78 -8.13
N ILE I 179 49.13 53.63 -7.91
CA ILE I 179 47.74 53.23 -8.10
C ILE I 179 47.54 52.57 -9.47
N ARG I 180 48.01 53.24 -10.50
CA ARG I 180 47.87 52.69 -11.88
C ARG I 180 48.46 51.29 -12.04
N LYS I 181 49.65 51.11 -11.51
CA LYS I 181 50.24 49.82 -11.49
C LYS I 181 49.35 48.79 -10.71
N ASP I 182 48.91 49.16 -9.52
CA ASP I 182 48.17 48.24 -8.64
C ASP I 182 46.77 47.89 -9.20
N THR I 183 46.22 48.80 -9.99
CA THR I 183 44.85 48.64 -10.60
C THR I 183 44.83 48.23 -12.05
N ASP I 184 46.00 48.00 -12.60
CA ASP I 184 46.08 47.54 -13.99
C ASP I 184 45.21 46.27 -14.17
N ARG I 185 45.22 45.48 -13.11
CA ARG I 185 44.45 44.27 -13.03
C ARG I 185 43.65 44.45 -11.77
N ASP I 186 42.73 43.55 -11.53
CA ASP I 186 41.91 43.68 -10.31
C ASP I 186 42.72 43.48 -9.03
N LYS I 187 42.40 44.30 -8.05
CA LYS I 187 43.08 44.29 -6.75
C LYS I 187 42.12 44.20 -5.60
N ILE I 188 42.15 43.07 -4.93
CA ILE I 188 41.20 42.79 -3.86
C ILE I 188 41.84 42.97 -2.53
N LEU I 189 41.13 43.67 -1.68
CA LEU I 189 41.62 44.02 -0.31
C LEU I 189 40.68 43.61 0.79
N THR I 190 41.20 42.88 1.74
CA THR I 190 40.50 42.67 3.03
C THR I 190 40.36 44.03 3.73
N ALA I 191 39.50 44.10 4.74
CA ALA I 191 39.37 45.36 5.52
C ALA I 191 40.74 45.83 6.10
N GLU I 192 41.51 44.90 6.69
CA GLU I 192 42.87 45.21 7.17
C GLU I 192 43.77 45.78 6.04
N GLU I 193 43.82 45.06 4.95
CA GLU I 193 44.64 45.45 3.79
C GLU I 193 44.27 46.86 3.29
N ALA I 194 42.99 47.12 3.35
CA ALA I 194 42.38 48.36 2.84
C ALA I 194 42.77 49.53 3.69
N LYS I 195 42.96 49.24 4.95
CA LYS I 195 43.47 50.24 5.89
C LYS I 195 44.92 50.59 5.60
N ASP I 196 45.71 49.55 5.44
CA ASP I 196 47.11 49.67 5.04
C ASP I 196 47.26 50.45 3.77
N TYR I 197 46.38 50.18 2.84
CA TYR I 197 46.45 50.82 1.50
C TYR I 197 46.06 52.28 1.60
N GLY I 198 45.43 52.63 2.71
CA GLY I 198 45.04 54.03 2.93
C GLY I 198 43.66 54.36 2.38
N ILE I 199 42.82 53.35 2.26
CA ILE I 199 41.47 53.50 1.73
C ILE I 199 40.45 53.73 2.86
N ILE I 200 40.73 53.13 4.00
CA ILE I 200 39.96 53.37 5.20
C ILE I 200 40.89 53.66 6.32
N ASP I 201 40.37 54.24 7.37
CA ASP I 201 41.20 54.62 8.50
C ASP I 201 41.17 53.60 9.60
N THR I 202 39.99 53.14 9.90
CA THR I 202 39.85 52.17 10.98
C THR I 202 38.98 51.02 10.56
N VAL I 203 39.22 49.89 11.21
CA VAL I 203 38.39 48.71 10.99
C VAL I 203 37.52 48.59 12.19
N LEU I 204 36.21 48.63 11.99
CA LEU I 204 35.27 48.46 13.11
C LEU I 204 35.37 47.11 13.81
N GLU I 205 35.47 47.18 15.11
CA GLU I 205 35.42 45.96 15.93
C GLU I 205 33.97 45.79 16.35
N TYR I 206 33.58 44.55 16.57
CA TYR I 206 32.21 44.25 16.98
C TYR I 206 31.95 44.90 18.34
N ARG I 207 30.76 45.46 18.54
CA ARG I 207 30.32 45.96 19.87
C ARG I 207 29.37 45.02 20.63
N LYS I 208 29.46 43.71 20.47
CA LYS I 208 28.54 42.81 21.23
C LYS I 208 28.72 43.02 22.73
N LEU I 209 27.62 43.22 23.44
CA LEU I 209 27.67 43.42 24.92
C LEU I 209 28.19 42.18 25.66
N SER I 210 28.07 40.99 25.06
CA SER I 210 28.78 39.80 25.50
C SER I 210 30.29 39.96 25.05
N ALA I 211 30.92 41.04 25.56
CA ALA I 211 32.32 41.47 25.27
C ALA I 211 33.26 41.32 26.49
N GLN I 212 34.21 40.39 26.36
CA GLN I 212 35.19 40.07 27.37
C GLN I 212 36.49 40.78 27.01
N THR I 213 36.67 41.98 27.56
CA THR I 213 37.77 42.90 27.19
C THR I 213 38.25 43.86 28.39
N ALA I 214 38.56 43.27 29.56
CA ALA I 214 38.89 44.03 30.80
C ALA I 214 39.99 45.09 30.64
N LEU J 2 32.51 51.19 -14.54
CA LEU J 2 31.98 50.62 -15.80
C LEU J 2 31.50 51.85 -16.55
N LEU J 3 31.79 51.92 -17.84
CA LEU J 3 31.41 53.05 -18.65
C LEU J 3 30.67 52.48 -19.84
N ILE K 15 15.91 52.81 -4.16
CA ILE K 15 15.49 53.21 -2.77
C ILE K 15 15.93 54.63 -2.37
N LEU K 16 14.89 55.41 -2.03
CA LEU K 16 14.97 56.87 -1.75
C LEU K 16 14.20 57.23 -0.50
N PRO K 17 14.90 57.57 0.59
CA PRO K 17 14.17 57.80 1.82
C PRO K 17 13.36 59.07 1.86
N SER K 18 12.33 59.03 2.67
CA SER K 18 11.61 60.23 3.02
C SER K 18 11.83 60.46 4.48
N PHE K 19 11.50 61.67 4.88
CA PHE K 19 11.80 62.14 6.22
C PHE K 19 10.74 63.16 6.56
N ILE K 20 10.76 63.60 7.81
CA ILE K 20 9.74 64.51 8.34
C ILE K 20 10.36 65.81 8.86
N GLU K 21 9.68 66.92 8.61
CA GLU K 21 10.13 68.23 9.15
C GLU K 21 9.23 68.83 10.27
N HIS K 22 9.79 68.83 11.49
CA HIS K 22 9.30 69.59 12.67
C HIS K 22 9.05 71.07 12.36
N SER K 23 8.04 71.62 13.03
CA SER K 23 7.77 73.09 13.15
C SER K 23 6.65 73.32 14.18
N SER K 24 6.53 74.54 14.65
CA SER K 24 5.42 74.91 15.60
C SER K 24 4.04 74.95 14.92
N PHE K 25 4.05 74.97 13.60
CA PHE K 25 2.81 75.08 12.76
C PHE K 25 2.18 73.70 12.53
N GLY K 26 3.07 72.75 12.29
CA GLY K 26 2.70 71.40 11.94
C GLY K 26 3.91 70.59 11.52
N VAL K 27 3.64 69.36 11.12
CA VAL K 27 4.68 68.41 10.82
C VAL K 27 4.46 67.85 9.42
N LYS K 28 5.43 68.02 8.52
CA LYS K 28 5.25 67.57 7.12
C LYS K 28 6.26 66.51 6.66
N GLU K 29 5.77 65.57 5.88
CA GLU K 29 6.60 64.54 5.23
C GLU K 29 7.16 65.05 3.87
N SER K 30 8.42 64.80 3.60
CA SER K 30 8.94 65.04 2.23
C SER K 30 10.14 64.15 1.77
N ASN K 31 10.35 64.07 0.45
CA ASN K 31 11.54 63.48 -0.19
C ASN K 31 12.63 64.43 -0.23
N PRO K 32 13.81 63.95 -0.63
CA PRO K 32 14.86 64.84 -1.05
C PRO K 32 14.51 65.65 -2.27
N TYR K 33 13.79 65.05 -3.20
CA TYR K 33 13.48 65.75 -4.46
C TYR K 33 12.47 66.86 -4.22
N ASN K 34 11.57 66.62 -3.28
CA ASN K 34 10.54 67.60 -2.92
C ASN K 34 11.08 68.72 -2.12
N LYS K 35 11.90 68.37 -1.15
CA LYS K 35 12.63 69.36 -0.35
C LYS K 35 13.45 70.24 -1.28
N LEU K 36 14.11 69.61 -2.21
CA LEU K 36 14.85 70.37 -3.23
C LEU K 36 13.94 71.35 -3.98
N PHE K 37 12.79 70.84 -4.39
CA PHE K 37 11.86 71.66 -5.17
C PHE K 37 11.28 72.80 -4.29
N GLU K 38 11.07 72.48 -3.02
CA GLU K 38 10.56 73.46 -2.05
C GLU K 38 11.47 74.65 -2.03
N GLU K 39 12.73 74.39 -2.34
CA GLU K 39 13.84 75.41 -2.35
C GLU K 39 14.19 75.93 -3.73
N ARG K 40 13.25 75.74 -4.63
CA ARG K 40 13.31 76.20 -6.02
C ARG K 40 14.42 75.56 -6.85
N ILE K 41 14.70 74.32 -6.52
CA ILE K 41 15.66 73.56 -7.28
C ILE K 41 14.94 72.47 -8.07
N ILE K 42 15.16 72.48 -9.37
CA ILE K 42 14.61 71.50 -10.31
C ILE K 42 15.70 70.55 -10.70
N PHE K 43 15.46 69.25 -10.59
CA PHE K 43 16.53 68.26 -10.88
C PHE K 43 16.44 67.64 -12.29
N LEU K 44 17.47 67.87 -13.09
CA LEU K 44 17.52 67.34 -14.48
C LEU K 44 18.52 66.19 -14.60
N GLY K 45 18.02 64.99 -14.35
CA GLY K 45 18.88 63.80 -14.11
C GLY K 45 18.69 62.69 -15.10
N VAL K 46 17.52 62.61 -15.69
CA VAL K 46 17.30 61.57 -16.68
C VAL K 46 17.79 62.12 -18.01
N GLN K 47 17.64 61.25 -19.00
CA GLN K 47 17.70 61.60 -20.43
C GLN K 47 16.45 62.35 -20.80
N VAL K 48 16.71 63.49 -21.44
CA VAL K 48 15.70 64.52 -21.85
C VAL K 48 14.74 63.96 -22.93
N ASP K 49 13.92 62.97 -22.55
CA ASP K 49 12.86 62.49 -23.43
C ASP K 49 11.67 63.49 -23.42
N ASP K 50 10.72 63.34 -24.34
CA ASP K 50 9.55 64.28 -24.40
C ASP K 50 8.78 64.33 -23.06
N ALA K 51 8.64 63.18 -22.43
CA ALA K 51 7.97 63.07 -21.11
C ALA K 51 8.64 63.94 -20.03
N SER K 52 9.91 63.68 -19.81
CA SER K 52 10.70 64.38 -18.78
C SER K 52 10.71 65.90 -19.03
N ALA K 53 10.74 66.26 -20.29
CA ALA K 53 10.81 67.68 -20.69
C ALA K 53 9.60 68.45 -20.25
N ASN K 54 8.46 67.84 -20.44
CA ASN K 54 7.21 68.41 -19.98
C ASN K 54 7.26 68.65 -18.49
N ASP K 55 7.75 67.64 -17.79
CA ASP K 55 7.85 67.67 -16.30
C ASP K 55 8.73 68.85 -15.88
N ILE K 56 9.81 69.05 -16.62
CA ILE K 56 10.75 70.16 -16.33
C ILE K 56 10.08 71.49 -16.60
N MET K 57 9.38 71.57 -17.71
CA MET K 57 8.70 72.85 -18.09
C MET K 57 7.61 73.24 -17.07
N ALA K 58 6.81 72.24 -16.73
CA ALA K 58 5.73 72.40 -15.75
C ALA K 58 6.27 72.86 -14.42
N GLN K 59 7.33 72.23 -13.97
CA GLN K 59 8.02 72.64 -12.73
C GLN K 59 8.49 74.11 -12.81
N LEU K 60 9.13 74.43 -13.92
CA LEU K 60 9.61 75.81 -14.17
C LEU K 60 8.47 76.80 -14.12
N LEU K 61 7.45 76.53 -14.93
CA LEU K 61 6.19 77.39 -14.98
C LEU K 61 5.46 77.57 -13.65
N VAL K 62 5.44 76.48 -12.89
CA VAL K 62 4.80 76.44 -11.57
C VAL K 62 5.62 77.27 -10.59
N LEU K 63 6.92 77.03 -10.54
CA LEU K 63 7.83 77.84 -9.67
C LEU K 63 7.71 79.35 -9.97
N GLU K 64 7.59 79.72 -11.24
CA GLU K 64 7.43 81.13 -11.60
C GLU K 64 6.11 81.65 -11.04
N SER K 65 5.05 80.89 -11.31
CA SER K 65 3.70 81.22 -10.82
C SER K 65 3.69 81.38 -9.28
N LEU K 66 4.42 80.53 -8.57
CA LEU K 66 4.48 80.61 -7.09
C LEU K 66 5.20 81.83 -6.52
N ASP K 67 6.20 82.33 -7.23
CA ASP K 67 7.04 83.46 -6.78
C ASP K 67 7.96 84.00 -7.92
N PRO K 68 7.48 84.98 -8.69
CA PRO K 68 8.17 85.34 -9.92
C PRO K 68 9.47 86.07 -9.71
N ASP K 69 9.73 86.53 -8.51
CA ASP K 69 10.96 87.29 -8.28
C ASP K 69 12.13 86.43 -7.89
N ARG K 70 11.87 85.45 -7.03
CA ARG K 70 12.94 84.57 -6.55
C ARG K 70 13.52 83.66 -7.66
N ASP K 71 14.81 83.39 -7.50
CA ASP K 71 15.59 82.59 -8.46
C ASP K 71 15.14 81.12 -8.47
N ILE K 72 15.23 80.55 -9.67
CA ILE K 72 15.11 79.11 -9.87
C ILE K 72 16.48 78.57 -10.14
N THR K 73 16.78 77.46 -9.49
CA THR K 73 18.03 76.77 -9.74
C THR K 73 17.69 75.44 -10.43
N MET K 74 18.56 75.05 -11.35
CA MET K 74 18.43 73.80 -12.16
C MET K 74 19.69 72.94 -12.01
N TYR K 75 19.53 71.81 -11.33
CA TYR K 75 20.64 70.88 -11.10
C TYR K 75 20.70 69.96 -12.29
N ILE K 76 21.86 69.91 -12.92
CA ILE K 76 22.03 69.11 -14.13
C ILE K 76 23.04 67.99 -14.02
N ASN K 77 22.54 66.78 -14.20
CA ASN K 77 23.39 65.58 -14.38
C ASN K 77 22.72 64.66 -15.36
N SER K 78 22.88 64.97 -16.63
CA SER K 78 22.08 64.36 -17.64
C SER K 78 22.93 64.03 -18.82
N PRO K 79 22.75 62.84 -19.37
CA PRO K 79 23.51 62.42 -20.54
C PRO K 79 22.99 63.01 -21.82
N GLY K 80 21.97 63.82 -21.77
CA GLY K 80 21.55 64.49 -22.98
C GLY K 80 20.12 64.17 -23.30
N GLY K 81 19.77 64.19 -24.57
CA GLY K 81 18.35 64.02 -24.93
C GLY K 81 17.83 64.69 -26.19
N GLY K 82 16.53 64.55 -26.40
CA GLY K 82 15.86 64.96 -27.65
C GLY K 82 15.99 66.45 -27.99
N PHE K 83 16.09 66.75 -29.27
CA PHE K 83 16.34 68.14 -29.69
C PHE K 83 15.06 68.90 -29.53
N THR K 84 13.96 68.28 -29.92
CA THR K 84 12.66 68.96 -29.90
C THR K 84 12.39 69.47 -28.45
N SER K 85 12.77 68.60 -27.54
CA SER K 85 12.61 68.82 -26.10
C SER K 85 13.56 69.88 -25.59
N LEU K 86 14.82 69.74 -25.96
CA LEU K 86 15.86 70.76 -25.63
C LEU K 86 15.31 72.14 -25.85
N MET K 87 14.83 72.39 -27.05
CA MET K 87 14.36 73.76 -27.43
C MET K 87 13.18 74.28 -26.60
N ALA K 88 12.27 73.36 -26.32
CA ALA K 88 11.09 73.67 -25.52
C ALA K 88 11.48 74.07 -24.09
N ILE K 89 12.39 73.30 -23.52
CA ILE K 89 12.85 73.56 -22.16
C ILE K 89 13.54 74.90 -22.15
N TYR K 90 14.48 75.02 -23.07
CA TYR K 90 15.19 76.29 -23.30
C TYR K 90 14.30 77.51 -23.36
N ASP K 91 13.29 77.41 -24.19
CA ASP K 91 12.38 78.54 -24.37
C ASP K 91 11.72 78.90 -23.05
N THR K 92 11.36 77.86 -22.32
CA THR K 92 10.67 78.02 -21.03
C THR K 92 11.63 78.66 -20.01
N MET K 93 12.85 78.17 -19.98
CA MET K 93 13.89 78.73 -19.08
C MET K 93 14.02 80.23 -19.25
N GLN K 94 14.17 80.59 -20.52
CA GLN K 94 14.40 81.97 -20.88
C GLN K 94 13.14 82.81 -20.60
N TYR K 95 11.99 82.18 -20.82
CA TYR K 95 10.68 82.87 -20.84
C TYR K 95 10.19 83.31 -19.46
N VAL K 96 10.38 82.47 -18.47
CA VAL K 96 9.88 82.79 -17.11
C VAL K 96 10.57 84.05 -16.56
N ARG K 97 9.85 84.75 -15.70
CA ARG K 97 10.31 86.04 -15.10
C ARG K 97 11.62 85.87 -14.32
N ALA K 98 11.69 84.75 -13.64
CA ALA K 98 12.75 84.51 -12.66
C ALA K 98 14.05 84.16 -13.30
N ASP K 99 15.11 84.51 -12.60
CA ASP K 99 16.43 84.15 -13.09
C ASP K 99 16.61 82.67 -12.97
N ILE K 100 17.38 82.13 -13.91
CA ILE K 100 17.74 80.71 -13.83
C ILE K 100 19.21 80.48 -13.57
N GLN K 101 19.43 79.71 -12.53
CA GLN K 101 20.76 79.34 -12.11
C GLN K 101 20.97 77.89 -12.51
N THR K 102 21.99 77.62 -13.32
CA THR K 102 22.29 76.25 -13.75
C THR K 102 23.54 75.71 -13.07
N VAL K 103 23.40 74.51 -12.54
CA VAL K 103 24.49 73.85 -11.83
C VAL K 103 24.77 72.43 -12.29
N CYS K 104 25.92 72.21 -12.90
CA CYS K 104 26.24 70.89 -13.43
C CYS K 104 26.91 70.16 -12.31
N LEU K 105 26.36 69.00 -11.99
CA LEU K 105 26.84 68.20 -10.88
C LEU K 105 27.73 67.09 -11.30
N GLY K 106 27.41 66.51 -12.44
CA GLY K 106 28.22 65.38 -12.91
C GLY K 106 28.57 65.56 -14.34
N GLN K 107 27.58 65.33 -15.17
CA GLN K 107 27.76 65.44 -16.62
C GLN K 107 26.65 66.33 -17.13
N ALA K 108 26.99 67.16 -18.08
CA ALA K 108 25.96 67.84 -18.88
C ALA K 108 26.31 67.61 -20.32
N ALA K 109 25.70 66.60 -20.89
CA ALA K 109 26.07 66.16 -22.24
C ALA K 109 25.02 66.50 -23.24
N SER K 110 25.48 66.73 -24.46
CA SER K 110 24.61 66.87 -25.63
C SER K 110 23.72 68.10 -25.48
N ALA K 111 22.44 67.81 -25.22
CA ALA K 111 21.36 68.81 -25.05
C ALA K 111 21.51 69.51 -23.74
N ALA K 112 21.79 68.70 -22.75
CA ALA K 112 22.03 69.14 -21.36
C ALA K 112 23.10 70.21 -21.31
N ALA K 113 24.06 70.10 -22.21
CA ALA K 113 25.17 71.06 -22.26
C ALA K 113 24.66 72.44 -22.62
N VAL K 114 23.81 72.46 -23.62
CA VAL K 114 23.19 73.71 -24.11
C VAL K 114 22.34 74.38 -22.99
N LEU K 115 21.55 73.56 -22.33
CA LEU K 115 20.75 73.99 -21.16
C LEU K 115 21.61 74.58 -20.04
N LEU K 116 22.66 73.87 -19.66
CA LEU K 116 23.64 74.36 -18.70
C LEU K 116 24.05 75.76 -19.12
N ALA K 117 24.42 75.85 -20.38
CA ALA K 117 24.93 77.10 -20.97
C ALA K 117 23.90 78.16 -20.99
N ALA K 118 22.66 77.73 -21.07
CA ALA K 118 21.51 78.65 -21.27
C ALA K 118 20.94 79.28 -20.00
N GLY K 119 21.58 79.01 -18.89
CA GLY K 119 21.21 79.67 -17.63
C GLY K 119 21.44 81.16 -17.77
N THR K 120 20.93 81.94 -16.82
CA THR K 120 21.18 83.40 -16.87
C THR K 120 22.67 83.67 -16.60
N PRO K 121 23.26 84.60 -17.40
CA PRO K 121 24.68 84.94 -17.26
C PRO K 121 25.05 85.38 -15.86
N GLY K 122 26.23 84.96 -15.44
CA GLY K 122 26.62 85.07 -14.03
C GLY K 122 26.28 83.85 -13.18
N LYS K 123 25.25 83.11 -13.58
CA LYS K 123 24.72 82.06 -12.71
C LYS K 123 24.88 80.60 -13.16
N ARG K 124 25.90 80.37 -13.98
CA ARG K 124 26.13 79.05 -14.55
C ARG K 124 27.34 78.42 -13.94
N MET K 125 27.13 77.22 -13.39
CA MET K 125 28.15 76.58 -12.59
C MET K 125 28.37 75.13 -12.85
N ALA K 126 29.51 74.65 -12.37
CA ALA K 126 29.77 73.22 -12.34
C ALA K 126 30.64 72.86 -11.14
N LEU K 127 30.45 71.65 -10.63
CA LEU K 127 31.39 71.06 -9.64
C LEU K 127 32.71 70.75 -10.38
N PRO K 128 33.86 70.69 -9.69
CA PRO K 128 35.16 70.68 -10.37
C PRO K 128 35.44 69.52 -11.33
N ASN K 129 35.11 68.30 -10.92
CA ASN K 129 35.26 67.14 -11.83
C ASN K 129 34.04 66.90 -12.67
N ALA K 130 33.26 67.94 -12.85
CA ALA K 130 32.16 67.82 -13.77
C ALA K 130 32.74 67.82 -15.15
N ARG K 131 31.89 67.37 -16.04
CA ARG K 131 32.23 67.06 -17.40
C ARG K 131 31.11 67.57 -18.33
N VAL K 132 31.51 68.36 -19.34
CA VAL K 132 30.54 68.87 -20.32
C VAL K 132 30.89 68.36 -21.66
N LEU K 133 29.93 67.77 -22.33
CA LEU K 133 30.18 67.27 -23.68
C LEU K 133 29.23 67.89 -24.71
N ILE K 134 29.78 68.46 -25.79
CA ILE K 134 28.95 68.97 -26.87
C ILE K 134 29.19 68.24 -28.12
N HIS K 135 28.14 68.08 -28.90
CA HIS K 135 28.28 67.37 -30.17
C HIS K 135 27.07 67.69 -30.97
N GLN K 136 27.14 67.43 -32.27
CA GLN K 136 26.07 67.85 -33.17
C GLN K 136 24.97 66.84 -33.05
N PRO K 137 23.76 67.19 -33.51
CA PRO K 137 22.66 66.25 -33.46
C PRO K 137 22.84 64.99 -34.32
N SER K 138 22.63 63.85 -33.68
CA SER K 138 22.67 62.58 -34.35
C SER K 138 21.29 62.03 -34.44
N LEU K 139 21.14 61.09 -35.35
CA LEU K 139 19.94 60.30 -35.42
C LEU K 139 20.42 58.84 -35.41
N SER K 140 20.38 58.17 -34.26
CA SER K 140 20.54 56.70 -34.28
C SER K 140 19.14 56.11 -34.55
N GLY K 141 19.11 54.95 -35.17
CA GLY K 141 17.88 54.51 -35.85
C GLY K 141 17.73 55.24 -37.21
N VAL K 142 16.83 54.74 -38.03
CA VAL K 142 16.77 55.18 -39.42
C VAL K 142 15.43 55.81 -39.72
N ILE K 143 15.44 56.93 -40.42
CA ILE K 143 14.22 57.46 -41.00
C ILE K 143 14.11 57.04 -42.48
N GLN K 144 13.04 56.32 -42.75
CA GLN K 144 12.73 55.70 -44.01
C GLN K 144 11.81 56.60 -44.81
N GLY K 145 11.84 56.51 -46.12
CA GLY K 145 10.95 57.37 -46.92
C GLY K 145 11.31 57.59 -48.37
N GLN K 146 10.35 58.14 -49.09
CA GLN K 146 10.62 58.65 -50.43
C GLN K 146 11.67 59.73 -50.34
N PHE K 147 12.44 59.91 -51.42
CA PHE K 147 13.56 60.90 -51.43
C PHE K 147 13.00 62.27 -51.14
N SER K 148 11.86 62.57 -51.75
CA SER K 148 11.17 63.85 -51.49
C SER K 148 10.94 64.11 -50.01
N ASP K 149 10.54 63.07 -49.30
CA ASP K 149 10.26 63.17 -47.86
C ASP K 149 11.57 63.29 -47.12
N LEU K 150 12.56 62.57 -47.59
CA LEU K 150 13.86 62.50 -46.90
C LEU K 150 14.61 63.80 -47.05
N GLU K 151 14.42 64.45 -48.19
CA GLU K 151 15.12 65.71 -48.45
C GLU K 151 14.56 66.78 -47.50
N ILE K 152 13.25 66.73 -47.28
CA ILE K 152 12.51 67.67 -46.38
C ILE K 152 13.02 67.50 -44.99
N GLN K 153 13.15 66.23 -44.66
CA GLN K 153 13.66 65.81 -43.36
C GLN K 153 15.07 66.31 -43.13
N ALA K 154 15.93 66.01 -44.10
CA ALA K 154 17.34 66.40 -44.04
C ALA K 154 17.48 67.89 -43.83
N ALA K 155 16.70 68.62 -44.59
CA ALA K 155 16.59 70.10 -44.49
C ALA K 155 16.27 70.56 -43.08
N GLU K 156 15.23 69.94 -42.53
CA GLU K 156 14.82 70.23 -41.15
C GLU K 156 15.94 69.90 -40.14
N ILE K 157 16.69 68.85 -40.43
CA ILE K 157 17.74 68.46 -39.51
C ILE K 157 18.96 69.42 -39.63
N GLU K 158 19.20 70.00 -40.81
CA GLU K 158 20.25 71.05 -40.97
C GLU K 158 19.85 72.33 -40.21
N ARG K 159 18.56 72.62 -40.22
CA ARG K 159 17.99 73.84 -39.52
C ARG K 159 18.18 73.65 -38.00
N MET K 160 17.86 72.43 -37.55
CA MET K 160 18.00 72.00 -36.12
C MET K 160 19.45 72.13 -35.70
N ARG K 161 20.32 71.49 -36.46
CA ARG K 161 21.77 71.65 -36.24
C ARG K 161 22.20 73.11 -36.06
N THR K 162 21.87 73.94 -37.06
CA THR K 162 22.33 75.34 -37.05
C THR K 162 21.62 76.12 -35.92
N LEU K 163 20.45 75.68 -35.51
CA LEU K 163 19.78 76.32 -34.35
C LEU K 163 20.55 76.03 -33.03
N MET K 164 21.06 74.81 -32.91
CA MET K 164 21.87 74.45 -31.72
C MET K 164 23.06 75.34 -31.68
N GLU K 165 23.65 75.52 -32.85
CA GLU K 165 24.90 76.33 -33.00
C GLU K 165 24.66 77.81 -32.73
N THR K 166 23.55 78.31 -33.26
CA THR K 166 23.08 79.69 -32.96
C THR K 166 22.96 79.91 -31.45
N THR K 167 22.21 79.03 -30.81
CA THR K 167 21.80 79.30 -29.43
C THR K 167 22.98 79.07 -28.48
N LEU K 168 23.91 78.21 -28.86
CA LEU K 168 25.13 78.08 -28.06
C LEU K 168 25.98 79.30 -28.22
N ALA K 169 26.14 79.70 -29.47
CA ALA K 169 26.86 80.96 -29.81
C ALA K 169 26.34 82.15 -28.95
N ARG K 170 25.01 82.30 -28.93
CA ARG K 170 24.30 83.36 -28.15
C ARG K 170 24.84 83.35 -26.74
N HIS K 171 24.84 82.20 -26.12
CA HIS K 171 25.13 82.08 -24.67
C HIS K 171 26.61 81.98 -24.26
N THR K 172 27.47 81.57 -25.19
CA THR K 172 28.91 81.33 -24.93
C THR K 172 29.72 82.53 -25.33
N GLY K 173 29.12 83.36 -26.16
CA GLY K 173 29.81 84.53 -26.71
C GLY K 173 30.72 84.16 -27.86
N LYS K 174 30.56 82.95 -28.36
CA LYS K 174 31.37 82.46 -29.48
C LYS K 174 30.67 82.63 -30.77
N ASP K 175 31.44 82.49 -31.83
CA ASP K 175 30.89 82.61 -33.16
C ASP K 175 30.17 81.30 -33.51
N ALA K 176 28.99 81.40 -34.10
CA ALA K 176 28.24 80.19 -34.57
C ALA K 176 29.08 79.21 -35.43
N GLY K 177 29.81 79.76 -36.39
CA GLY K 177 30.65 78.94 -37.25
C GLY K 177 31.73 78.17 -36.47
N VAL K 178 32.21 78.80 -35.40
CA VAL K 178 33.27 78.20 -34.54
C VAL K 178 32.69 77.02 -33.78
N ILE K 179 31.53 77.24 -33.20
CA ILE K 179 30.77 76.14 -32.57
C ILE K 179 30.64 74.96 -33.54
N ARG K 180 30.20 75.25 -34.74
CA ARG K 180 30.00 74.18 -35.75
C ARG K 180 31.28 73.38 -35.98
N LYS K 181 32.38 74.08 -36.13
CA LYS K 181 33.66 73.43 -36.28
C LYS K 181 33.95 72.57 -35.06
N ASP K 182 33.77 73.13 -33.86
CA ASP K 182 34.15 72.43 -32.58
C ASP K 182 33.27 71.25 -32.26
N THR K 183 32.04 71.29 -32.75
CA THR K 183 31.03 70.21 -32.53
C THR K 183 30.84 69.25 -33.69
N ASP K 184 31.59 69.46 -34.75
CA ASP K 184 31.52 68.55 -35.90
C ASP K 184 31.76 67.11 -35.45
N ARG K 185 32.65 66.98 -34.49
CA ARG K 185 32.96 65.74 -33.83
C ARG K 185 32.67 65.99 -32.36
N ASP K 186 32.69 64.97 -31.55
CA ASP K 186 32.44 65.19 -30.10
C ASP K 186 33.51 66.02 -29.43
N LYS K 187 33.05 66.88 -28.55
CA LYS K 187 33.93 67.80 -27.82
C LYS K 187 33.73 67.76 -26.32
N ILE K 188 34.72 67.23 -25.63
CA ILE K 188 34.61 67.00 -24.21
C ILE K 188 35.34 68.08 -23.44
N LEU K 189 34.67 68.62 -22.42
CA LEU K 189 35.19 69.76 -21.59
C LEU K 189 35.18 69.47 -20.13
N THR K 190 36.35 69.63 -19.52
CA THR K 190 36.47 69.66 -18.10
C THR K 190 35.72 70.93 -17.57
N ALA K 191 35.41 70.95 -16.29
CA ALA K 191 34.69 72.13 -15.76
C ALA K 191 35.45 73.43 -16.08
N GLU K 192 36.76 73.39 -15.88
CA GLU K 192 37.63 74.58 -16.19
C GLU K 192 37.49 74.97 -17.67
N GLU K 193 37.70 73.98 -18.51
CA GLU K 193 37.61 74.17 -19.97
C GLU K 193 36.26 74.75 -20.39
N ALA K 194 35.23 74.28 -19.71
CA ALA K 194 33.83 74.68 -19.97
C ALA K 194 33.59 76.13 -19.61
N LYS K 195 34.30 76.59 -18.60
CA LYS K 195 34.27 77.97 -18.20
C LYS K 195 34.95 78.85 -19.25
N ASP K 196 36.14 78.43 -19.65
CA ASP K 196 36.89 79.07 -20.75
C ASP K 196 36.07 79.14 -22.00
N TYR K 197 35.34 78.07 -22.29
CA TYR K 197 34.53 77.98 -23.51
C TYR K 197 33.31 78.91 -23.41
N GLY K 198 33.00 79.34 -22.20
CA GLY K 198 31.87 80.27 -21.99
C GLY K 198 30.53 79.58 -21.74
N ILE K 199 30.60 78.35 -21.26
CA ILE K 199 29.40 77.52 -21.04
C ILE K 199 28.92 77.65 -19.62
N ILE K 200 29.88 77.86 -18.75
CA ILE K 200 29.58 78.16 -17.34
C ILE K 200 30.39 79.39 -16.95
N ASP K 201 29.97 80.01 -15.88
CA ASP K 201 30.64 81.23 -15.39
C ASP K 201 31.65 80.96 -14.31
N THR K 202 31.27 80.13 -13.37
CA THR K 202 32.17 79.80 -12.28
C THR K 202 32.25 78.30 -12.05
N VAL K 203 33.38 77.89 -11.49
CA VAL K 203 33.51 76.50 -11.07
C VAL K 203 33.38 76.46 -9.57
N LEU K 204 32.40 75.72 -9.08
CA LEU K 204 32.23 75.63 -7.62
C LEU K 204 33.43 75.01 -6.91
N GLU K 205 33.88 75.68 -5.86
CA GLU K 205 34.90 75.09 -5.00
C GLU K 205 34.16 74.38 -3.86
N TYR K 206 34.77 73.34 -3.35
CA TYR K 206 34.19 72.63 -2.21
C TYR K 206 34.06 73.58 -1.01
N ARG K 207 32.98 73.51 -0.27
CA ARG K 207 32.86 74.25 1.01
C ARG K 207 33.09 73.44 2.30
N LYS K 208 33.82 72.33 2.25
CA LYS K 208 33.89 71.46 3.43
C LYS K 208 34.73 72.28 4.35
N LEU K 209 34.33 72.39 5.61
CA LEU K 209 35.14 73.13 6.62
C LEU K 209 36.71 72.85 6.52
N SER K 210 37.13 71.89 5.65
CA SER K 210 38.48 71.32 5.53
C SER K 210 38.85 70.92 6.97
N LEU L 2 19.90 63.94 -29.72
CA LEU L 2 19.38 62.77 -30.52
C LEU L 2 18.01 63.13 -31.16
N LEU L 3 17.51 62.35 -32.11
CA LEU L 3 16.22 62.65 -32.78
C LEU L 3 15.65 61.53 -33.66
N ILE M 15 10.69 61.07 -12.16
CA ILE M 15 10.53 61.79 -10.82
C ILE M 15 10.04 63.26 -10.98
N LEU M 16 8.89 63.49 -10.35
CA LEU M 16 8.07 64.73 -10.47
C LEU M 16 7.64 65.19 -9.11
N PRO M 17 8.18 66.31 -8.62
CA PRO M 17 8.01 66.57 -7.18
C PRO M 17 6.64 67.08 -6.91
N SER M 18 6.23 66.86 -5.68
CA SER M 18 5.07 67.53 -5.18
C SER M 18 5.53 68.49 -4.08
N PHE M 19 4.62 69.38 -3.76
CA PHE M 19 4.91 70.47 -2.85
C PHE M 19 3.60 70.84 -2.19
N ILE M 20 3.70 71.72 -1.21
CA ILE M 20 2.57 72.06 -0.34
C ILE M 20 2.29 73.55 -0.38
N GLU M 21 1.01 73.89 -0.38
CA GLU M 21 0.59 75.32 -0.33
C GLU M 21 -0.09 75.77 1.00
N HIS M 22 0.65 76.60 1.76
CA HIS M 22 0.12 77.43 2.89
C HIS M 22 -1.15 78.23 2.52
N SER M 23 -2.03 78.38 3.51
CA SER M 23 -3.16 79.33 3.51
C SER M 23 -3.81 79.36 4.88
N SER M 24 -4.59 80.39 5.12
CA SER M 24 -5.34 80.53 6.40
C SER M 24 -6.42 79.49 6.60
N PHE M 25 -6.81 78.88 5.49
CA PHE M 25 -7.96 77.97 5.44
C PHE M 25 -7.51 76.55 5.75
N GLY M 26 -6.36 76.25 5.21
CA GLY M 26 -5.80 74.92 5.33
C GLY M 26 -4.56 74.79 4.46
N VAL M 27 -4.05 73.57 4.44
CA VAL M 27 -2.75 73.29 3.80
C VAL M 27 -2.92 72.15 2.83
N LYS M 28 -2.65 72.39 1.56
CA LYS M 28 -2.91 71.37 0.51
C LYS M 28 -1.66 70.93 -0.24
N GLU M 29 -1.60 69.63 -0.52
CA GLU M 29 -0.53 69.03 -1.34
C GLU M 29 -0.89 69.06 -2.85
N SER M 30 0.04 69.45 -3.70
CA SER M 30 -0.21 69.31 -5.15
C SER M 30 1.06 69.10 -6.02
N ASN M 31 0.84 68.55 -7.22
CA ASN M 31 1.86 68.43 -8.31
C ASN M 31 1.96 69.71 -9.04
N PRO M 32 2.99 69.80 -9.87
CA PRO M 32 2.96 70.80 -10.90
C PRO M 32 1.75 70.67 -11.85
N TYR M 33 1.36 69.44 -12.20
CA TYR M 33 0.34 69.27 -13.25
C TYR M 33 -1.01 69.69 -12.66
N ASN M 34 -1.14 69.45 -11.36
CA ASN M 34 -2.39 69.77 -10.62
C ASN M 34 -2.55 71.23 -10.35
N LYS M 35 -1.48 71.82 -9.88
CA LYS M 35 -1.35 73.27 -9.76
C LYS M 35 -1.64 73.93 -11.13
N LEU M 36 -1.07 73.38 -12.18
CA LEU M 36 -1.40 73.87 -13.53
C LEU M 36 -2.91 73.80 -13.81
N PHE M 37 -3.48 72.65 -13.47
CA PHE M 37 -4.91 72.44 -13.74
C PHE M 37 -5.76 73.34 -12.87
N GLU M 38 -5.30 73.54 -11.66
CA GLU M 38 -5.99 74.44 -10.72
C GLU M 38 -6.16 75.80 -11.34
N GLU M 39 -5.24 76.14 -12.23
CA GLU M 39 -5.17 77.45 -12.93
C GLU M 39 -5.71 77.40 -14.31
N ARG M 40 -6.51 76.39 -14.53
CA ARG M 40 -7.23 76.16 -15.81
C ARG M 40 -6.31 75.89 -17.01
N ILE M 41 -5.18 75.24 -16.72
CA ILE M 41 -4.26 74.84 -17.78
C ILE M 41 -4.21 73.32 -17.93
N ILE M 42 -4.52 72.89 -19.14
CA ILE M 42 -4.52 71.49 -19.49
C ILE M 42 -3.28 71.18 -20.28
N PHE M 43 -2.56 70.13 -19.92
CA PHE M 43 -1.29 69.85 -20.60
C PHE M 43 -1.38 68.74 -21.67
N LEU M 44 -1.09 69.08 -22.89
CA LEU M 44 -1.14 68.12 -24.00
C LEU M 44 0.26 67.75 -24.47
N GLY M 45 0.81 66.72 -23.88
CA GLY M 45 2.26 66.38 -23.98
C GLY M 45 2.57 65.04 -24.55
N VAL M 46 1.67 64.09 -24.42
CA VAL M 46 1.90 62.79 -25.03
C VAL M 46 1.49 62.88 -26.49
N GLN M 47 1.61 61.73 -27.14
CA GLN M 47 0.93 61.39 -28.40
C GLN M 47 -0.56 61.16 -28.14
N VAL M 48 -1.35 61.86 -28.95
CA VAL M 48 -2.85 61.90 -28.92
C VAL M 48 -3.46 60.50 -29.26
N ASP M 49 -3.20 59.52 -28.41
CA ASP M 49 -3.89 58.22 -28.53
C ASP M 49 -5.37 58.34 -28.01
N ASP M 50 -6.21 57.35 -28.28
CA ASP M 50 -7.64 57.40 -27.86
C ASP M 50 -7.76 57.63 -26.31
N ALA M 51 -6.88 56.99 -25.55
CA ALA M 51 -6.82 57.10 -24.06
C ALA M 51 -6.58 58.54 -23.60
N SER M 52 -5.49 59.12 -24.07
CA SER M 52 -5.12 60.50 -23.73
C SER M 52 -6.21 61.55 -24.13
N ALA M 53 -6.83 61.29 -25.27
CA ALA M 53 -7.88 62.19 -25.81
C ALA M 53 -9.09 62.31 -24.90
N ASN M 54 -9.54 61.16 -24.41
CA ASN M 54 -10.60 61.12 -23.40
C ASN M 54 -10.22 61.94 -22.18
N ASP M 55 -9.00 61.75 -21.70
CA ASP M 55 -8.44 62.50 -20.54
C ASP M 55 -8.47 64.05 -20.80
N ILE M 56 -8.09 64.44 -22.00
CA ILE M 56 -8.16 65.85 -22.38
C ILE M 56 -9.59 66.36 -22.42
N MET M 57 -10.48 65.59 -23.03
CA MET M 57 -11.87 66.02 -23.16
C MET M 57 -12.53 66.18 -21.79
N ALA M 58 -12.30 65.16 -20.97
CA ALA M 58 -12.82 65.15 -19.60
C ALA M 58 -12.33 66.37 -18.82
N GLN M 59 -11.04 66.65 -18.90
CA GLN M 59 -10.46 67.86 -18.24
C GLN M 59 -11.09 69.15 -18.76
N LEU M 60 -11.24 69.22 -20.06
CA LEU M 60 -11.97 70.34 -20.70
C LEU M 60 -13.40 70.50 -20.15
N LEU M 61 -14.17 69.42 -20.28
CA LEU M 61 -15.58 69.38 -19.80
C LEU M 61 -15.79 69.74 -18.32
N VAL M 62 -14.83 69.28 -17.53
CA VAL M 62 -14.85 69.48 -16.08
C VAL M 62 -14.54 70.92 -15.75
N LEU M 63 -13.47 71.41 -16.34
CA LEU M 63 -13.15 72.86 -16.22
C LEU M 63 -14.34 73.78 -16.61
N GLU M 64 -15.06 73.45 -17.67
CA GLU M 64 -16.25 74.24 -18.09
C GLU M 64 -17.32 74.17 -17.00
N SER M 65 -17.60 72.96 -16.57
CA SER M 65 -18.54 72.74 -15.49
C SER M 65 -18.16 73.54 -14.21
N LEU M 66 -16.88 73.61 -13.89
CA LEU M 66 -16.41 74.30 -12.66
C LEU M 66 -16.54 75.80 -12.70
N ASP M 67 -16.43 76.37 -13.90
CA ASP M 67 -16.51 77.85 -14.12
C ASP M 67 -16.62 78.20 -15.61
N PRO M 68 -17.84 78.29 -16.14
CA PRO M 68 -18.01 78.42 -17.58
C PRO M 68 -17.56 79.73 -18.19
N ASP M 69 -17.33 80.74 -17.36
CA ASP M 69 -16.97 82.07 -17.90
C ASP M 69 -15.47 82.25 -18.07
N ARG M 70 -14.72 81.77 -17.09
CA ARG M 70 -13.25 81.86 -17.16
C ARG M 70 -12.59 81.01 -18.29
N ASP M 71 -11.49 81.52 -18.78
CA ASP M 71 -10.74 80.93 -19.87
C ASP M 71 -10.06 79.65 -19.48
N ILE M 72 -10.02 78.76 -20.47
CA ILE M 72 -9.21 77.55 -20.40
C ILE M 72 -8.02 77.74 -21.27
N THR M 73 -6.88 77.36 -20.74
CA THR M 73 -5.67 77.40 -21.53
C THR M 73 -5.11 75.93 -21.71
N MET M 74 -4.56 75.68 -22.90
CA MET M 74 -4.09 74.36 -23.36
C MET M 74 -2.64 74.45 -23.77
N TYR M 75 -1.77 73.84 -22.98
CA TYR M 75 -0.30 73.83 -23.27
C TYR M 75 0.01 72.67 -24.15
N ILE M 76 0.62 72.95 -25.28
CA ILE M 76 0.83 71.93 -26.27
C ILE M 76 2.30 71.69 -26.55
N ASN M 77 2.70 70.46 -26.30
CA ASN M 77 4.02 69.92 -26.74
C ASN M 77 3.84 68.49 -27.12
N SER M 78 3.35 68.25 -28.32
CA SER M 78 2.89 66.94 -28.69
C SER M 78 3.35 66.62 -30.08
N PRO M 79 3.87 65.42 -30.29
CA PRO M 79 4.25 64.98 -31.62
C PRO M 79 3.08 64.58 -32.52
N GLY M 80 1.87 64.64 -32.03
CA GLY M 80 0.76 64.41 -32.91
C GLY M 80 -0.10 63.30 -32.40
N GLY M 81 -0.75 62.58 -33.29
CA GLY M 81 -1.72 61.57 -32.85
C GLY M 81 -2.93 61.26 -33.74
N GLY M 82 -3.79 60.41 -33.22
CA GLY M 82 -4.91 59.81 -33.98
C GLY M 82 -5.86 60.83 -34.53
N PHE M 83 -6.40 60.56 -35.71
CA PHE M 83 -7.32 61.53 -36.38
C PHE M 83 -8.69 61.48 -35.73
N THR M 84 -9.15 60.30 -35.42
CA THR M 84 -10.44 60.18 -34.79
C THR M 84 -10.49 60.99 -33.45
N SER M 85 -9.37 60.93 -32.75
CA SER M 85 -9.17 61.61 -31.47
C SER M 85 -9.08 63.09 -31.66
N LEU M 86 -8.23 63.50 -32.61
CA LEU M 86 -8.10 64.93 -33.01
C LEU M 86 -9.46 65.58 -33.09
N MET M 87 -10.34 65.01 -33.89
CA MET M 87 -11.70 65.59 -34.10
C MET M 87 -12.58 65.70 -32.84
N ALA M 88 -12.50 64.65 -32.02
CA ALA M 88 -13.23 64.61 -30.74
C ALA M 88 -12.78 65.71 -29.78
N ILE M 89 -11.47 65.88 -29.70
CA ILE M 89 -10.88 66.93 -28.86
C ILE M 89 -11.29 68.30 -29.37
N TYR M 90 -11.03 68.49 -30.64
CA TYR M 90 -11.45 69.70 -31.36
C TYR M 90 -12.89 70.07 -31.08
N ASP M 91 -13.79 69.11 -31.24
CA ASP M 91 -15.23 69.39 -31.09
C ASP M 91 -15.49 69.88 -29.66
N THR M 92 -14.80 69.26 -28.72
CA THR M 92 -14.97 69.57 -27.34
C THR M 92 -14.44 70.97 -27.07
N MET M 93 -13.28 71.27 -27.61
CA MET M 93 -12.64 72.64 -27.46
C MET M 93 -13.55 73.75 -27.89
N GLN M 94 -14.09 73.55 -29.07
CA GLN M 94 -15.03 74.51 -29.67
C GLN M 94 -16.37 74.58 -28.91
N TYR M 95 -16.80 73.42 -28.43
CA TYR M 95 -18.14 73.24 -27.81
C TYR M 95 -18.32 73.95 -26.47
N VAL M 96 -17.31 73.86 -25.62
CA VAL M 96 -17.43 74.38 -24.24
C VAL M 96 -17.67 75.88 -24.30
N ARG M 97 -18.35 76.38 -23.28
CA ARG M 97 -18.72 77.82 -23.17
C ARG M 97 -17.49 78.75 -23.14
N ALA M 98 -16.46 78.25 -22.47
CA ALA M 98 -15.26 79.04 -22.20
C ALA M 98 -14.37 79.21 -23.39
N ASP M 99 -13.69 80.34 -23.43
CA ASP M 99 -12.68 80.55 -24.44
C ASP M 99 -11.49 79.63 -24.24
N ILE M 100 -10.89 79.24 -25.35
CA ILE M 100 -9.70 78.38 -25.30
C ILE M 100 -8.48 79.10 -25.81
N GLN M 101 -7.50 79.11 -24.94
CA GLN M 101 -6.21 79.68 -25.24
C GLN M 101 -5.22 78.56 -25.49
N THR M 102 -4.61 78.54 -26.67
CA THR M 102 -3.66 77.48 -27.03
C THR M 102 -2.23 78.02 -27.07
N VAL M 103 -1.34 77.28 -26.42
CA VAL M 103 0.04 77.69 -26.29
C VAL M 103 1.00 76.57 -26.65
N CYS M 104 1.72 76.72 -27.74
CA CYS M 104 2.69 75.72 -28.16
C CYS M 104 4.00 76.02 -27.47
N LEU M 105 4.51 75.02 -26.76
CA LEU M 105 5.70 75.18 -25.96
C LEU M 105 6.90 74.65 -26.63
N GLY M 106 6.71 73.55 -27.36
CA GLY M 106 7.86 72.92 -28.01
C GLY M 106 7.51 72.64 -29.43
N GLN M 107 6.70 71.64 -29.56
CA GLN M 107 6.31 71.17 -30.83
C GLN M 107 4.83 70.96 -30.86
N ALA M 108 4.21 71.32 -31.97
CA ALA M 108 2.82 70.96 -32.19
C ALA M 108 2.76 70.36 -33.57
N ALA M 109 2.84 69.06 -33.60
CA ALA M 109 2.93 68.33 -34.89
C ALA M 109 1.65 67.60 -35.23
N SER M 110 1.44 67.48 -36.53
CA SER M 110 0.40 66.64 -37.07
C SER M 110 -0.97 67.16 -36.62
N ALA M 111 -1.55 66.40 -35.69
CA ALA M 111 -2.90 66.62 -35.13
C ALA M 111 -2.83 67.78 -34.21
N ALA M 112 -1.77 67.78 -33.42
CA ALA M 112 -1.49 68.81 -32.42
C ALA M 112 -1.45 70.16 -33.05
N ALA M 113 -1.01 70.18 -34.30
CA ALA M 113 -0.94 71.45 -35.04
C ALA M 113 -2.33 72.02 -35.25
N VAL M 114 -3.24 71.15 -35.66
CA VAL M 114 -4.66 71.55 -35.91
C VAL M 114 -5.32 72.10 -34.62
N LEU M 115 -5.06 71.39 -33.54
CA LEU M 115 -5.52 71.80 -32.24
C LEU M 115 -5.00 73.19 -31.86
N LEU M 116 -3.68 73.35 -32.01
CA LEU M 116 -3.03 74.63 -31.72
C LEU M 116 -3.81 75.72 -32.46
N ALA M 117 -4.00 75.43 -33.74
CA ALA M 117 -4.70 76.35 -34.65
C ALA M 117 -6.13 76.58 -34.25
N ALA M 118 -6.71 75.58 -33.60
CA ALA M 118 -8.18 75.57 -33.27
C ALA M 118 -8.59 76.31 -31.98
N GLY M 119 -7.61 76.92 -31.34
CA GLY M 119 -7.87 77.76 -30.19
C GLY M 119 -8.73 78.93 -30.61
N THR M 120 -9.28 79.65 -29.63
CA THR M 120 -10.13 80.85 -29.99
C THR M 120 -9.25 81.92 -30.54
N PRO M 121 -9.71 82.55 -31.62
CA PRO M 121 -8.91 83.55 -32.31
C PRO M 121 -8.50 84.66 -31.38
N GLY M 122 -7.30 85.15 -31.57
CA GLY M 122 -6.65 86.08 -30.63
C GLY M 122 -5.80 85.39 -29.58
N LYS M 123 -6.13 84.14 -29.27
CA LYS M 123 -5.54 83.45 -28.11
C LYS M 123 -4.63 82.24 -28.43
N ARG M 124 -4.05 82.24 -29.63
CA ARG M 124 -3.19 81.16 -30.07
C ARG M 124 -1.74 81.61 -30.10
N MET M 125 -0.92 80.89 -29.36
CA MET M 125 0.46 81.28 -29.14
C MET M 125 1.51 80.21 -29.30
N ALA M 126 2.73 80.66 -29.42
CA ALA M 126 3.86 79.75 -29.35
C ALA M 126 5.08 80.46 -28.78
N LEU M 127 5.93 79.70 -28.10
CA LEU M 127 7.24 80.20 -27.67
C LEU M 127 8.10 80.32 -28.94
N PRO M 128 9.12 81.19 -28.95
CA PRO M 128 9.84 81.54 -30.21
C PRO M 128 10.51 80.37 -31.00
N ASN M 129 11.26 79.51 -30.32
CA ASN M 129 11.84 78.32 -31.00
C ASN M 129 10.88 77.16 -31.04
N ALA M 130 9.60 77.44 -30.90
CA ALA M 130 8.64 76.38 -31.10
C ALA M 130 8.57 76.07 -32.56
N ARG M 131 7.97 74.93 -32.81
CA ARG M 131 7.96 74.29 -34.09
C ARG M 131 6.60 73.67 -34.36
N VAL M 132 6.05 74.01 -35.52
CA VAL M 132 4.75 73.48 -35.91
C VAL M 132 4.90 72.70 -37.17
N LEU M 133 4.40 71.50 -37.18
CA LEU M 133 4.49 70.67 -38.38
C LEU M 133 3.13 70.17 -38.83
N ILE M 134 2.80 70.40 -40.10
CA ILE M 134 1.54 69.89 -40.64
C ILE M 134 1.79 68.93 -41.73
N HIS M 135 0.93 67.93 -41.82
CA HIS M 135 1.09 66.97 -42.87
C HIS M 135 -0.20 66.23 -42.97
N GLN M 136 -0.38 65.51 -44.08
CA GLN M 136 -1.68 64.88 -44.35
C GLN M 136 -1.70 63.58 -43.55
N PRO M 137 -2.88 62.99 -43.35
CA PRO M 137 -2.98 61.78 -42.56
C PRO M 137 -2.29 60.60 -43.20
N SER M 138 -1.47 59.94 -42.40
CA SER M 138 -0.78 58.70 -42.80
C SER M 138 -1.34 57.54 -42.04
N LEU M 139 -1.10 56.39 -42.59
CA LEU M 139 -1.44 55.16 -41.95
C LEU M 139 -0.16 54.37 -42.04
N SER M 140 0.64 54.37 -40.98
CA SER M 140 1.72 53.37 -40.91
C SER M 140 1.09 52.08 -40.32
N GLY M 141 1.65 50.93 -40.65
CA GLY M 141 0.89 49.69 -40.52
C GLY M 141 -0.13 49.57 -41.67
N VAL M 142 -0.65 48.38 -41.85
CA VAL M 142 -1.41 48.08 -43.04
C VAL M 142 -2.82 47.70 -42.66
N ILE M 143 -3.77 48.20 -43.41
CA ILE M 143 -5.15 47.67 -43.32
C ILE M 143 -5.43 46.67 -44.43
N GLN M 144 -5.75 45.48 -43.99
CA GLN M 144 -5.92 44.30 -44.83
C GLN M 144 -7.39 44.13 -45.12
N GLY M 145 -7.73 43.51 -46.24
CA GLY M 145 -9.15 43.35 -46.55
C GLY M 145 -9.51 43.04 -47.97
N GLN M 146 -10.76 42.64 -48.14
CA GLN M 146 -11.34 42.54 -49.49
C GLN M 146 -11.33 43.94 -50.11
N PHE M 147 -11.25 43.98 -51.42
CA PHE M 147 -11.17 45.25 -52.11
C PHE M 147 -12.38 46.07 -51.70
N SER M 148 -13.55 45.44 -51.65
CA SER M 148 -14.83 46.17 -51.32
C SER M 148 -14.67 46.87 -50.02
N ASP M 149 -13.99 46.23 -49.09
CA ASP M 149 -13.79 46.78 -47.75
C ASP M 149 -12.77 47.88 -47.84
N LEU M 150 -11.76 47.66 -48.67
CA LEU M 150 -10.62 48.61 -48.77
C LEU M 150 -11.03 49.89 -49.47
N GLU M 151 -11.96 49.74 -50.38
CA GLU M 151 -12.43 50.92 -51.16
C GLU M 151 -13.26 51.84 -50.22
N ILE M 152 -14.04 51.22 -49.34
CA ILE M 152 -14.86 51.93 -48.32
C ILE M 152 -13.91 52.70 -47.42
N GLN M 153 -12.86 51.98 -47.04
CA GLN M 153 -11.83 52.49 -46.14
C GLN M 153 -11.14 53.68 -46.73
N ALA M 154 -10.68 53.47 -47.95
CA ALA M 154 -9.96 54.52 -48.73
C ALA M 154 -10.81 55.81 -48.85
N ALA M 155 -12.08 55.60 -49.18
CA ALA M 155 -13.09 56.65 -49.19
C ALA M 155 -13.16 57.44 -47.89
N GLU M 156 -13.28 56.70 -46.79
CA GLU M 156 -13.32 57.28 -45.44
C GLU M 156 -12.03 58.04 -45.12
N ILE M 157 -10.92 57.55 -45.63
CA ILE M 157 -9.67 58.28 -45.44
C ILE M 157 -9.61 59.58 -46.25
N GLU M 158 -10.15 59.59 -47.46
CA GLU M 158 -10.16 60.82 -48.28
C GLU M 158 -11.01 61.86 -47.57
N ARG M 159 -12.05 61.37 -46.91
CA ARG M 159 -12.97 62.27 -46.18
C ARG M 159 -12.25 62.91 -45.03
N MET M 160 -11.56 62.04 -44.31
CA MET M 160 -10.79 62.39 -43.10
C MET M 160 -9.78 63.45 -43.55
N ARG M 161 -9.01 63.12 -44.58
CA ARG M 161 -8.06 64.09 -45.16
C ARG M 161 -8.70 65.46 -45.44
N THR M 162 -9.78 65.46 -46.20
CA THR M 162 -10.43 66.74 -46.61
C THR M 162 -11.06 67.45 -45.36
N LEU M 163 -11.41 66.70 -44.33
CA LEU M 163 -11.94 67.31 -43.12
C LEU M 163 -10.82 68.07 -42.39
N MET M 164 -9.63 67.49 -42.39
CA MET M 164 -8.45 68.15 -41.75
C MET M 164 -8.22 69.47 -42.47
N GLU M 165 -8.33 69.41 -43.78
CA GLU M 165 -8.08 70.58 -44.63
C GLU M 165 -9.14 71.64 -44.45
N THR M 166 -10.39 71.21 -44.42
CA THR M 166 -11.54 72.11 -44.09
C THR M 166 -11.35 72.83 -42.77
N THR M 167 -11.05 72.06 -41.74
CA THR M 167 -11.03 72.65 -40.40
C THR M 167 -9.76 73.51 -40.18
N LEU M 168 -8.68 73.21 -40.86
CA LEU M 168 -7.51 74.09 -40.81
C LEU M 168 -7.77 75.38 -41.56
N ALA M 169 -8.34 75.22 -42.74
CA ALA M 169 -8.81 76.36 -43.55
C ALA M 169 -9.69 77.33 -42.74
N ARG M 170 -10.71 76.78 -42.06
CA ARG M 170 -11.62 77.55 -41.17
C ARG M 170 -10.82 78.43 -40.22
N HIS M 171 -9.83 77.86 -39.56
CA HIS M 171 -9.09 78.56 -38.46
C HIS M 171 -7.92 79.46 -38.88
N THR M 172 -7.37 79.18 -40.04
CA THR M 172 -6.14 79.86 -40.53
C THR M 172 -6.51 81.00 -41.44
N GLY M 173 -7.73 80.93 -41.93
CA GLY M 173 -8.20 81.88 -42.94
C GLY M 173 -7.67 81.59 -44.34
N LYS M 174 -7.13 80.41 -44.52
CA LYS M 174 -6.66 79.98 -45.84
C LYS M 174 -7.71 79.20 -46.59
N ASP M 175 -7.45 79.03 -47.88
CA ASP M 175 -8.32 78.24 -48.72
C ASP M 175 -8.04 76.74 -48.51
N ALA M 176 -9.09 75.94 -48.40
CA ALA M 176 -8.94 74.47 -48.22
C ALA M 176 -8.00 73.81 -49.24
N GLY M 177 -8.15 74.21 -50.50
CA GLY M 177 -7.32 73.68 -51.57
C GLY M 177 -5.85 74.02 -51.39
N VAL M 178 -5.60 75.18 -50.81
CA VAL M 178 -4.20 75.65 -50.55
C VAL M 178 -3.55 74.81 -49.45
N ILE M 179 -4.30 74.63 -48.37
CA ILE M 179 -3.89 73.70 -47.34
C ILE M 179 -3.49 72.33 -47.95
N ARG M 180 -4.37 71.77 -48.76
CA ARG M 180 -4.11 70.46 -49.37
C ARG M 180 -2.81 70.42 -50.15
N LYS M 181 -2.58 71.46 -50.92
CA LYS M 181 -1.31 71.61 -51.62
C LYS M 181 -0.12 71.68 -50.64
N ASP M 182 -0.24 72.52 -49.62
CA ASP M 182 0.89 72.72 -48.66
C ASP M 182 1.20 71.51 -47.77
N THR M 183 0.17 70.70 -47.53
CA THR M 183 0.28 69.47 -46.68
C THR M 183 0.45 68.15 -47.44
N ASP M 184 0.49 68.24 -48.77
CA ASP M 184 0.66 67.02 -49.58
C ASP M 184 1.91 66.28 -49.11
N ARG M 185 2.88 67.07 -48.72
CA ARG M 185 4.13 66.59 -48.19
C ARG M 185 4.26 67.27 -46.84
N ASP M 186 5.23 66.88 -46.06
CA ASP M 186 5.38 67.53 -44.73
C ASP M 186 5.75 69.01 -44.83
N LYS M 187 5.14 69.80 -43.95
CA LYS M 187 5.36 71.24 -43.90
C LYS M 187 5.73 71.73 -42.52
N ILE M 188 6.97 72.11 -42.37
CA ILE M 188 7.53 72.53 -41.09
C ILE M 188 7.47 74.05 -40.98
N LEU M 189 7.00 74.54 -39.85
CA LEU M 189 6.88 75.99 -39.57
C LEU M 189 7.51 76.42 -38.29
N THR M 190 8.35 77.42 -38.38
CA THR M 190 8.86 78.11 -37.17
C THR M 190 7.70 78.82 -36.53
N ALA M 191 7.89 79.25 -35.30
CA ALA M 191 6.81 80.01 -34.64
C ALA M 191 6.37 81.23 -35.47
N GLU M 192 7.34 81.98 -35.99
CA GLU M 192 7.05 83.15 -36.89
C GLU M 192 6.24 82.71 -38.11
N GLU M 193 6.75 81.72 -38.78
CA GLU M 193 6.10 81.18 -39.98
C GLU M 193 4.65 80.74 -39.71
N ALA M 194 4.47 80.17 -38.53
CA ALA M 194 3.20 79.61 -38.08
C ALA M 194 2.20 80.71 -37.86
N LYS M 195 2.71 81.85 -37.44
CA LYS M 195 1.88 83.06 -37.27
C LYS M 195 1.41 83.58 -38.61
N ASP M 196 2.37 83.69 -39.52
CA ASP M 196 2.11 84.08 -40.93
C ASP M 196 1.11 83.19 -41.58
N TYR M 197 1.25 81.91 -41.32
CA TYR M 197 0.35 80.90 -41.88
C TYR M 197 -1.07 81.01 -41.29
N GLY M 198 -1.18 81.66 -40.15
CA GLY M 198 -2.48 81.84 -39.48
C GLY M 198 -2.84 80.73 -38.52
N ILE M 199 -1.81 80.07 -38.00
CA ILE M 199 -1.99 78.92 -37.07
C ILE M 199 -1.95 79.39 -35.61
N ILE M 200 -1.16 80.43 -35.40
CA ILE M 200 -1.13 81.09 -34.11
C ILE M 200 -1.30 82.58 -34.35
N ASP M 201 -1.66 83.30 -33.30
CA ASP M 201 -1.84 84.73 -33.41
C ASP M 201 -0.62 85.50 -33.02
N THR M 202 -0.03 85.11 -31.92
CA THR M 202 1.13 85.83 -31.42
C THR M 202 2.24 84.86 -31.08
N VAL M 203 3.46 85.37 -31.12
CA VAL M 203 4.62 84.62 -30.67
C VAL M 203 5.05 85.19 -29.35
N LEU M 204 5.03 84.36 -28.31
CA LEU M 204 5.45 84.86 -26.99
C LEU M 204 6.89 85.36 -26.96
N GLU M 205 7.07 86.55 -26.42
CA GLU M 205 8.42 87.03 -26.14
C GLU M 205 8.75 86.68 -24.69
N TYR M 206 10.02 86.49 -24.44
CA TYR M 206 10.47 86.13 -23.09
C TYR M 206 10.13 87.30 -22.14
N ARG M 207 9.71 87.00 -20.92
CA ARG M 207 9.53 88.05 -19.85
C ARG M 207 10.66 88.13 -18.79
N LYS M 208 11.91 87.81 -19.11
CA LYS M 208 12.96 87.83 -18.04
C LYS M 208 13.27 89.23 -17.46
N LEU M 209 13.61 89.34 -16.16
CA LEU M 209 14.19 90.56 -15.52
C LEU M 209 15.68 90.41 -15.15
N LEU N 2 -2.66 60.00 -37.78
CA LEU N 2 -2.40 58.55 -37.72
C LEU N 2 -3.72 57.93 -38.04
N LEU N 3 -3.75 56.71 -38.53
CA LEU N 3 -5.00 56.10 -38.91
C LEU N 3 -5.01 54.61 -38.57
N SER O 15 20.38 10.45 -52.64
CA SER O 15 20.13 10.59 -51.16
C SER O 15 19.61 9.26 -50.57
N LEU O 16 20.17 8.78 -49.47
CA LEU O 16 19.93 7.38 -49.09
C LEU O 16 18.47 7.04 -48.95
N THR O 17 17.71 7.91 -48.36
CA THR O 17 16.26 7.65 -48.21
C THR O 17 15.55 7.74 -49.55
N ASP O 18 15.82 8.83 -50.25
CA ASP O 18 15.32 9.04 -51.61
C ASP O 18 15.62 7.82 -52.49
N SER O 19 16.88 7.39 -52.46
CA SER O 19 17.35 6.25 -53.26
C SER O 19 16.56 4.96 -52.96
N VAL O 20 16.30 4.78 -51.68
CA VAL O 20 15.55 3.61 -51.21
C VAL O 20 14.10 3.63 -51.68
N TYR O 21 13.50 4.82 -51.70
CA TYR O 21 12.08 4.99 -52.09
C TYR O 21 11.93 4.84 -53.59
N GLU O 22 12.77 5.58 -54.32
CA GLU O 22 13.10 5.36 -55.76
C GLU O 22 13.08 3.87 -56.17
N ARG O 23 13.89 3.06 -55.52
CA ARG O 23 14.00 1.64 -55.89
C ARG O 23 12.65 0.92 -55.69
N LEU O 24 11.97 1.31 -54.64
CA LEU O 24 10.58 0.83 -54.39
C LEU O 24 9.56 1.36 -55.37
N LEU O 25 9.76 2.63 -55.71
CA LEU O 25 8.93 3.33 -56.72
C LEU O 25 8.98 2.57 -58.06
N SER O 26 10.17 2.14 -58.45
CA SER O 26 10.32 1.35 -59.68
C SER O 26 9.67 -0.04 -59.52
N GLU O 27 9.46 -0.48 -58.30
CA GLU O 27 8.68 -1.72 -58.02
C GLU O 27 7.17 -1.46 -57.87
N ARG O 28 6.76 -0.27 -58.28
CA ARG O 28 5.34 0.20 -58.22
C ARG O 28 4.79 0.31 -56.75
N ILE O 29 5.71 0.64 -55.85
CA ILE O 29 5.37 0.82 -54.44
C ILE O 29 5.57 2.30 -54.04
N ILE O 30 4.49 2.88 -53.55
CA ILE O 30 4.46 4.27 -53.07
C ILE O 30 4.05 4.39 -51.60
N PHE O 31 4.53 5.44 -50.94
CA PHE O 31 4.22 5.68 -49.50
C PHE O 31 3.51 6.96 -49.21
N LEU O 32 2.48 6.83 -48.38
CA LEU O 32 1.84 7.96 -47.77
C LEU O 32 2.20 7.82 -46.35
N GLY O 33 3.32 8.40 -46.01
CA GLY O 33 3.91 8.22 -44.66
C GLY O 33 3.86 9.40 -43.69
N SER O 34 3.02 10.35 -43.97
CA SER O 34 2.99 11.55 -43.18
C SER O 34 1.69 12.30 -43.25
N GLU O 35 1.70 13.43 -42.59
CA GLU O 35 0.55 14.38 -42.67
C GLU O 35 0.29 14.69 -44.12
N VAL O 36 -0.98 14.74 -44.44
CA VAL O 36 -1.43 14.93 -45.82
C VAL O 36 -1.53 16.40 -46.18
N ASN O 37 -0.49 16.94 -46.80
CA ASN O 37 -0.53 18.28 -47.35
C ASN O 37 -0.78 18.25 -48.79
N ASP O 38 -1.08 19.45 -49.26
CA ASP O 38 -0.95 19.79 -50.64
C ASP O 38 0.38 19.24 -51.20
N GLU O 39 1.47 19.48 -50.51
CA GLU O 39 2.79 19.03 -51.04
C GLU O 39 2.94 17.55 -51.20
N ILE O 40 2.58 16.86 -50.13
CA ILE O 40 2.66 15.43 -50.13
C ILE O 40 1.69 14.85 -51.18
N ALA O 41 0.49 15.42 -51.21
CA ALA O 41 -0.59 14.97 -52.11
C ALA O 41 -0.19 15.09 -53.52
N ASN O 42 0.48 16.18 -53.82
CA ASN O 42 0.86 16.43 -55.19
C ASN O 42 1.86 15.42 -55.72
N ARG O 43 2.83 15.14 -54.87
CA ARG O 43 3.87 14.19 -55.19
C ARG O 43 3.24 12.80 -55.42
N LEU O 44 2.30 12.44 -54.56
CA LEU O 44 1.64 11.16 -54.67
C LEU O 44 0.87 11.09 -55.94
N CYS O 45 0.17 12.17 -56.21
CA CYS O 45 -0.64 12.26 -57.44
C CYS O 45 0.25 12.14 -58.68
N ALA O 46 1.39 12.81 -58.63
CA ALA O 46 2.39 12.71 -59.71
C ALA O 46 2.88 11.27 -59.89
N GLN O 47 3.20 10.64 -58.78
CA GLN O 47 3.71 9.27 -58.79
C GLN O 47 2.68 8.35 -59.40
N ILE O 48 1.43 8.48 -58.98
CA ILE O 48 0.39 7.60 -59.53
C ILE O 48 0.20 7.82 -61.03
N LEU O 49 0.26 9.09 -61.43
CA LEU O 49 0.22 9.53 -62.88
C LEU O 49 1.37 8.91 -63.73
N LEU O 50 2.57 8.98 -63.16
CA LEU O 50 3.83 8.49 -63.77
C LEU O 50 3.81 6.95 -63.90
N LEU O 51 3.39 6.27 -62.83
CA LEU O 51 3.29 4.81 -62.84
C LEU O 51 2.23 4.29 -63.81
N ALA O 52 1.08 4.93 -63.84
CA ALA O 52 -0.01 4.57 -64.79
C ALA O 52 0.50 4.70 -66.22
N ALA O 53 1.11 5.87 -66.49
CA ALA O 53 1.70 6.20 -67.82
C ALA O 53 2.81 5.23 -68.21
N GLU O 54 3.58 4.74 -67.25
CA GLU O 54 4.55 3.66 -67.54
C GLU O 54 3.82 2.39 -67.93
N ASP O 55 3.22 1.71 -66.96
CA ASP O 55 2.54 0.42 -67.17
C ASP O 55 1.10 0.50 -66.71
N ALA O 56 0.19 0.63 -67.64
CA ALA O 56 -1.22 0.95 -67.29
C ALA O 56 -2.02 -0.27 -66.86
N SER O 57 -1.35 -1.40 -66.81
CA SER O 57 -2.04 -2.64 -66.53
C SER O 57 -1.71 -3.16 -65.13
N LYS O 58 -0.43 -3.05 -64.75
CA LYS O 58 0.04 -3.52 -63.42
C LYS O 58 -0.43 -2.66 -62.19
N ASP O 59 -0.71 -3.37 -61.11
CA ASP O 59 -1.09 -2.76 -59.88
C ASP O 59 -0.06 -1.80 -59.35
N ILE O 60 -0.59 -0.83 -58.59
CA ILE O 60 0.16 0.06 -57.71
C ILE O 60 -0.13 -0.26 -56.25
N SER O 61 0.94 -0.39 -55.48
CA SER O 61 0.82 -0.60 -54.03
C SER O 61 1.07 0.68 -53.20
N LEU O 62 0.04 1.10 -52.47
CA LEU O 62 0.04 2.34 -51.68
C LEU O 62 0.08 2.04 -50.22
N TYR O 63 1.27 2.11 -49.66
CA TYR O 63 1.50 1.91 -48.21
C TYR O 63 1.14 3.18 -47.47
N ILE O 64 0.29 3.05 -46.48
CA ILE O 64 -0.18 4.23 -45.73
C ILE O 64 0.16 4.14 -44.25
N ASN O 65 0.92 5.10 -43.80
CA ASN O 65 1.20 5.30 -42.37
C ASN O 65 1.11 6.78 -42.08
N SER O 66 -0.12 7.25 -41.92
CA SER O 66 -0.40 8.69 -41.85
C SER O 66 -1.40 8.99 -40.80
N PRO O 67 -1.23 10.12 -40.12
CA PRO O 67 -2.18 10.59 -39.11
C PRO O 67 -3.41 11.37 -39.65
N GLY O 68 -3.44 11.58 -40.94
CA GLY O 68 -4.53 12.30 -41.59
C GLY O 68 -4.00 13.61 -42.12
N GLY O 69 -4.90 14.54 -42.43
CA GLY O 69 -4.54 15.81 -43.05
C GLY O 69 -5.62 16.55 -43.80
N SER O 70 -5.20 17.33 -44.79
CA SER O 70 -6.10 18.24 -45.59
C SER O 70 -7.08 17.45 -46.47
N ILE O 71 -8.36 17.78 -46.36
CA ILE O 71 -9.36 17.09 -47.17
C ILE O 71 -9.15 17.39 -48.66
N SER O 72 -9.13 18.67 -48.98
CA SER O 72 -8.81 19.16 -50.32
C SER O 72 -7.65 18.32 -50.96
N ALA O 73 -6.51 18.30 -50.27
CA ALA O 73 -5.28 17.53 -50.67
C ALA O 73 -5.54 16.01 -50.76
N GLY O 74 -6.33 15.50 -49.82
CA GLY O 74 -6.70 14.09 -49.80
C GLY O 74 -7.55 13.68 -50.98
N MET O 75 -8.46 14.56 -51.34
CA MET O 75 -9.34 14.32 -52.51
C MET O 75 -8.55 14.32 -53.85
N ALA O 76 -7.47 15.08 -53.89
CA ALA O 76 -6.59 15.08 -55.08
C ALA O 76 -6.08 13.68 -55.26
N ILE O 77 -5.58 13.13 -54.16
CA ILE O 77 -5.09 11.75 -54.14
C ILE O 77 -6.20 10.78 -54.52
N TYR O 78 -7.36 10.96 -53.88
CA TYR O 78 -8.50 10.04 -54.11
C TYR O 78 -8.94 10.01 -55.56
N ASP O 79 -9.23 11.20 -56.11
CA ASP O 79 -9.60 11.33 -57.56
C ASP O 79 -8.50 10.73 -58.50
N THR O 80 -7.25 11.01 -58.18
CA THR O 80 -6.12 10.48 -58.94
C THR O 80 -6.12 8.95 -58.91
N MET O 81 -6.44 8.38 -57.74
CA MET O 81 -6.54 6.92 -57.54
C MET O 81 -7.64 6.36 -58.38
N VAL O 82 -8.83 6.92 -58.19
CA VAL O 82 -10.02 6.50 -58.99
C VAL O 82 -9.80 6.56 -60.53
N LEU O 83 -9.22 7.65 -61.02
CA LEU O 83 -9.02 7.88 -62.48
C LEU O 83 -7.88 7.12 -63.08
N ALA O 84 -6.96 6.66 -62.24
CA ALA O 84 -5.91 5.74 -62.70
C ALA O 84 -6.49 4.52 -63.44
N PRO O 85 -5.82 4.06 -64.50
CA PRO O 85 -6.33 2.88 -65.24
C PRO O 85 -6.12 1.63 -64.45
N CYS O 86 -4.96 1.56 -63.84
CA CYS O 86 -4.60 0.39 -63.10
C CYS O 86 -5.22 0.38 -61.74
N ASP O 87 -5.28 -0.82 -61.18
CA ASP O 87 -5.70 -1.03 -59.78
C ASP O 87 -4.73 -0.40 -58.76
N ILE O 88 -5.30 -0.03 -57.62
CA ILE O 88 -4.53 0.56 -56.50
C ILE O 88 -4.82 -0.19 -55.23
N ALA O 89 -3.79 -0.93 -54.81
CA ALA O 89 -3.80 -1.76 -53.60
C ALA O 89 -3.37 -0.87 -52.46
N THR O 90 -4.05 -0.97 -51.34
CA THR O 90 -3.73 -0.13 -50.18
C THR O 90 -3.37 -0.97 -48.96
N TYR O 91 -2.23 -0.64 -48.35
CA TYR O 91 -1.79 -1.30 -47.13
C TYR O 91 -1.75 -0.35 -45.99
N ALA O 92 -2.48 -0.72 -44.95
CA ALA O 92 -2.45 0.07 -43.71
C ALA O 92 -1.30 -0.44 -42.83
N MET O 93 -0.24 0.31 -42.75
CA MET O 93 0.82 -0.06 -41.83
C MET O 93 1.07 0.96 -40.73
N GLY O 94 1.07 0.44 -39.51
CA GLY O 94 1.28 1.25 -38.30
C GLY O 94 0.05 2.04 -37.94
N MET O 95 -0.25 3.01 -38.78
CA MET O 95 -1.43 3.83 -38.60
C MET O 95 -2.04 4.43 -39.86
N ALA O 96 -3.36 4.21 -40.00
CA ALA O 96 -4.17 4.87 -41.06
C ALA O 96 -5.32 5.64 -40.43
N ALA O 97 -5.11 6.94 -40.29
CA ALA O 97 -6.03 7.80 -39.56
C ALA O 97 -6.66 8.85 -40.45
N SER O 98 -7.95 9.03 -40.24
CA SER O 98 -8.67 10.15 -40.79
C SER O 98 -8.53 10.12 -42.33
N MET O 99 -7.95 11.14 -43.00
CA MET O 99 -7.73 11.02 -44.47
C MET O 99 -7.01 9.71 -44.79
N GLY O 100 -6.06 9.34 -43.94
CA GLY O 100 -5.31 8.06 -44.08
C GLY O 100 -6.23 6.86 -44.15
N GLU O 101 -7.23 6.84 -43.25
CA GLU O 101 -8.25 5.76 -43.24
C GLU O 101 -9.09 5.81 -44.52
N PHE O 102 -9.53 7.00 -44.84
CA PHE O 102 -10.32 7.25 -46.03
C PHE O 102 -9.61 6.70 -47.26
N LEU O 103 -8.36 7.07 -47.39
CA LEU O 103 -7.61 6.69 -48.59
C LEU O 103 -7.35 5.19 -48.63
N LEU O 104 -7.12 4.63 -47.45
CA LEU O 104 -6.97 3.20 -47.30
C LEU O 104 -8.22 2.52 -47.81
N ALA O 105 -9.34 2.94 -47.29
CA ALA O 105 -10.66 2.35 -47.64
C ALA O 105 -11.06 2.59 -49.06
N ALA O 106 -10.46 3.60 -49.66
CA ALA O 106 -10.69 3.93 -51.10
C ALA O 106 -9.90 3.05 -52.09
N GLY O 107 -8.98 2.24 -51.58
CA GLY O 107 -8.26 1.30 -52.41
C GLY O 107 -9.23 0.45 -53.23
N THR O 108 -8.76 -0.07 -54.38
CA THR O 108 -9.62 -0.92 -55.22
C THR O 108 -10.07 -2.18 -54.46
N LYS O 109 -11.39 -2.37 -54.45
CA LYS O 109 -12.05 -3.41 -53.62
C LYS O 109 -11.51 -4.78 -53.85
N GLY O 110 -11.17 -5.43 -52.75
CA GLY O 110 -10.57 -6.75 -52.74
C GLY O 110 -9.10 -6.65 -52.44
N LYS O 111 -8.50 -5.52 -52.84
CA LYS O 111 -7.03 -5.28 -52.66
C LYS O 111 -6.69 -4.24 -51.59
N ARG O 112 -7.49 -4.19 -50.52
CA ARG O 112 -7.26 -3.32 -49.34
C ARG O 112 -6.83 -4.14 -48.15
N TYR O 113 -5.61 -3.91 -47.72
CA TYR O 113 -5.00 -4.70 -46.68
C TYR O 113 -4.71 -3.92 -45.42
N ALA O 114 -4.77 -4.62 -44.31
CA ALA O 114 -4.25 -4.08 -43.06
C ALA O 114 -3.13 -4.98 -42.55
N LEU O 115 -2.06 -4.36 -42.04
CA LEU O 115 -1.02 -5.15 -41.33
C LEU O 115 -1.62 -5.41 -39.95
N PRO O 116 -1.31 -6.53 -39.29
CA PRO O 116 -2.06 -7.04 -38.13
C PRO O 116 -2.15 -6.13 -36.90
N HIS O 117 -1.16 -5.27 -36.71
CA HIS O 117 -1.14 -4.35 -35.52
C HIS O 117 -1.23 -2.89 -35.94
N ALA O 118 -1.74 -2.69 -37.15
CA ALA O 118 -2.08 -1.37 -37.65
C ALA O 118 -3.34 -0.89 -36.94
N ARG O 119 -3.39 0.39 -36.69
CA ARG O 119 -4.59 1.00 -36.14
C ARG O 119 -5.23 1.92 -37.19
N ILE O 120 -6.53 1.80 -37.27
CA ILE O 120 -7.37 2.66 -38.09
C ILE O 120 -8.26 3.58 -37.21
N LEU O 121 -8.35 4.85 -37.63
CA LEU O 121 -9.05 5.94 -36.90
C LEU O 121 -9.99 6.63 -37.81
N MET O 122 -11.26 6.58 -37.48
CA MET O 122 -12.29 7.26 -38.27
C MET O 122 -12.85 8.32 -37.39
N HIS O 123 -12.95 9.52 -37.93
CA HIS O 123 -13.71 10.61 -37.27
C HIS O 123 -14.16 11.71 -38.28
N GLN O 124 -14.97 12.67 -37.78
CA GLN O 124 -15.56 13.72 -38.64
C GLN O 124 -14.54 14.83 -38.79
N PRO O 125 -14.73 15.70 -39.80
CA PRO O 125 -13.82 16.77 -40.11
C PRO O 125 -13.72 17.80 -39.02
N LEU O 126 -12.53 18.32 -38.95
CA LEU O 126 -12.21 19.42 -38.08
C LEU O 126 -11.92 20.60 -38.97
N GLY O 127 -11.87 21.78 -38.39
CA GLY O 127 -11.50 22.94 -39.15
C GLY O 127 -11.51 24.20 -38.33
N GLY O 128 -11.81 25.30 -38.98
CA GLY O 128 -11.75 26.61 -38.36
C GLY O 128 -12.77 27.57 -38.94
N VAL O 129 -13.07 28.59 -38.17
CA VAL O 129 -14.07 29.59 -38.53
C VAL O 129 -13.46 30.94 -38.22
N THR O 130 -13.43 31.80 -39.24
CA THR O 130 -12.54 33.02 -39.32
C THR O 130 -13.22 34.42 -39.30
N GLY O 131 -14.05 34.77 -40.27
CA GLY O 131 -14.28 36.20 -40.53
C GLY O 131 -15.44 37.06 -40.06
N SER O 132 -16.02 37.79 -41.00
CA SER O 132 -17.30 38.42 -40.76
C SER O 132 -18.41 37.34 -40.66
N ALA O 133 -19.51 37.71 -40.03
CA ALA O 133 -20.64 36.78 -39.80
C ALA O 133 -21.14 36.20 -41.12
N ALA O 134 -21.13 37.06 -42.12
CA ALA O 134 -21.43 36.65 -43.52
C ALA O 134 -20.43 35.62 -44.05
N ASP O 135 -19.16 35.87 -43.81
CA ASP O 135 -18.10 34.96 -44.26
C ASP O 135 -18.25 33.61 -43.64
N ILE O 136 -18.68 33.66 -42.39
CA ILE O 136 -18.72 32.48 -41.51
C ILE O 136 -19.91 31.62 -41.88
N ALA O 137 -21.02 32.30 -42.11
CA ALA O 137 -22.23 31.69 -42.67
C ALA O 137 -21.88 30.82 -43.88
N ILE O 138 -20.98 31.35 -44.72
CA ILE O 138 -20.54 30.67 -45.96
C ILE O 138 -19.66 29.42 -45.68
N GLN O 139 -18.73 29.60 -44.76
CA GLN O 139 -17.84 28.54 -44.33
C GLN O 139 -18.63 27.38 -43.81
N ALA O 140 -19.61 27.74 -43.02
CA ALA O 140 -20.46 26.79 -42.34
C ALA O 140 -21.22 25.95 -43.32
N GLU O 141 -21.80 26.65 -44.30
CA GLU O 141 -22.55 26.03 -45.42
C GLU O 141 -21.73 24.96 -46.13
N GLN O 142 -20.46 25.29 -46.30
CA GLN O 142 -19.44 24.43 -46.90
C GLN O 142 -19.12 23.21 -46.05
N PHE O 143 -19.07 23.42 -44.74
CA PHE O 143 -18.85 22.32 -43.79
C PHE O 143 -19.95 21.28 -44.01
N ALA O 144 -21.20 21.74 -44.05
CA ALA O 144 -22.35 20.87 -44.27
C ALA O 144 -22.15 19.97 -45.49
N VAL O 145 -21.78 20.62 -46.57
CA VAL O 145 -21.59 19.95 -47.87
C VAL O 145 -20.53 18.89 -47.75
N ILE O 146 -19.41 19.29 -47.15
CA ILE O 146 -18.24 18.43 -47.04
C ILE O 146 -18.45 17.25 -46.07
N LYS O 147 -18.94 17.57 -44.89
CA LYS O 147 -19.28 16.56 -43.90
C LYS O 147 -20.11 15.50 -44.58
N LYS O 148 -21.13 15.94 -45.27
CA LYS O 148 -22.08 15.05 -45.91
C LYS O 148 -21.44 14.14 -46.93
N GLU O 149 -20.61 14.76 -47.72
CA GLU O 149 -19.96 14.08 -48.81
C GLU O 149 -18.94 13.06 -48.31
N MET O 150 -18.15 13.46 -47.34
CA MET O 150 -17.10 12.56 -46.80
C MET O 150 -17.76 11.34 -46.16
N PHE O 151 -18.90 11.55 -45.54
CA PHE O 151 -19.64 10.44 -44.94
C PHE O 151 -20.15 9.52 -46.02
N ARG O 152 -20.76 10.14 -47.03
CA ARG O 152 -21.34 9.39 -48.19
C ARG O 152 -20.31 8.42 -48.77
N LEU O 153 -19.10 8.91 -48.92
CA LEU O 153 -18.01 8.15 -49.50
C LEU O 153 -17.48 7.04 -48.61
N ASN O 154 -17.38 7.31 -47.32
CA ASN O 154 -16.92 6.26 -46.34
C ASN O 154 -17.94 5.16 -46.22
N ALA O 155 -19.19 5.58 -46.29
CA ALA O 155 -20.30 4.66 -46.38
C ALA O 155 -20.11 3.74 -47.61
N GLU O 156 -19.83 4.35 -48.74
CA GLU O 156 -19.67 3.61 -49.98
C GLU O 156 -18.52 2.64 -49.82
N PHE O 157 -17.41 3.11 -49.30
CA PHE O 157 -16.19 2.27 -49.22
C PHE O 157 -16.38 1.05 -48.32
N THR O 158 -16.95 1.32 -47.16
CA THR O 158 -17.09 0.33 -46.10
C THR O 158 -18.21 -0.59 -46.31
N GLY O 159 -19.26 -0.06 -46.89
CA GLY O 159 -20.54 -0.82 -47.03
C GLY O 159 -21.53 -0.56 -45.91
N GLN O 160 -21.17 0.34 -45.02
CA GLN O 160 -22.04 0.71 -43.93
C GLN O 160 -23.06 1.72 -44.35
N PRO O 161 -24.17 1.80 -43.57
CA PRO O 161 -25.09 2.87 -43.84
C PRO O 161 -24.56 4.23 -43.41
N ILE O 162 -24.85 5.25 -44.21
CA ILE O 162 -24.45 6.61 -43.88
C ILE O 162 -24.81 7.03 -42.44
N GLU O 163 -25.89 6.50 -41.89
CA GLU O 163 -26.35 6.87 -40.51
C GLU O 163 -25.39 6.40 -39.45
N ARG O 164 -24.82 5.22 -39.66
CA ARG O 164 -23.80 4.67 -38.78
C ARG O 164 -22.44 5.33 -38.92
N ILE O 165 -22.05 5.57 -40.15
CA ILE O 165 -20.84 6.39 -40.43
C ILE O 165 -20.91 7.76 -39.71
N GLU O 166 -22.06 8.43 -39.78
CA GLU O 166 -22.29 9.75 -39.11
C GLU O 166 -22.12 9.64 -37.62
N ALA O 167 -22.82 8.67 -37.07
CA ALA O 167 -22.85 8.37 -35.63
C ALA O 167 -21.49 7.97 -35.09
N ASP O 168 -20.86 7.01 -35.76
CA ASP O 168 -19.54 6.47 -35.31
C ASP O 168 -18.41 7.52 -35.46
N SER O 169 -18.49 8.25 -36.55
CA SER O 169 -17.54 9.36 -36.88
C SER O 169 -17.64 10.61 -35.98
N ASP O 170 -18.64 10.68 -35.12
CA ASP O 170 -18.92 11.90 -34.31
C ASP O 170 -17.74 12.33 -33.48
N ARG O 171 -17.08 11.31 -32.93
CA ARG O 171 -15.80 11.48 -32.22
C ARG O 171 -14.83 10.39 -32.60
N ASP O 172 -13.59 10.52 -32.13
CA ASP O 172 -12.58 9.57 -32.53
C ASP O 172 -13.13 8.14 -32.35
N ARG O 173 -12.98 7.38 -33.44
CA ARG O 173 -13.44 5.97 -33.52
C ARG O 173 -12.32 5.00 -33.93
N TRP O 174 -11.85 4.21 -32.97
CA TRP O 174 -10.63 3.44 -33.19
C TRP O 174 -10.92 2.04 -33.54
N PHE O 175 -10.14 1.54 -34.47
CA PHE O 175 -10.28 0.18 -34.95
C PHE O 175 -8.94 -0.52 -34.95
N THR O 176 -8.96 -1.74 -34.46
CA THR O 176 -7.84 -2.66 -34.66
C THR O 176 -7.93 -3.20 -36.07
N ALA O 177 -6.88 -3.81 -36.57
CA ALA O 177 -7.00 -4.45 -37.91
C ALA O 177 -8.26 -5.35 -38.00
N ALA O 178 -8.45 -6.17 -36.97
CA ALA O 178 -9.60 -7.10 -36.88
C ALA O 178 -10.95 -6.39 -37.09
N GLU O 179 -11.15 -5.38 -36.27
CA GLU O 179 -12.39 -4.57 -36.27
C GLU O 179 -12.62 -3.80 -37.59
N ALA O 180 -11.51 -3.36 -38.17
CA ALA O 180 -11.49 -2.65 -39.45
C ALA O 180 -11.91 -3.55 -40.59
N LEU O 181 -11.54 -4.82 -40.50
CA LEU O 181 -12.00 -5.81 -41.46
C LEU O 181 -13.53 -5.98 -41.42
N GLU O 182 -14.04 -6.16 -40.21
CA GLU O 182 -15.49 -6.36 -40.08
C GLU O 182 -16.31 -5.11 -40.28
N TYR O 183 -15.69 -3.95 -40.18
CA TYR O 183 -16.40 -2.69 -40.47
C TYR O 183 -16.40 -2.40 -41.95
N GLY O 184 -15.41 -2.90 -42.66
CA GLY O 184 -15.35 -2.80 -44.15
C GLY O 184 -14.39 -1.78 -44.72
N PHE O 185 -13.42 -1.36 -43.89
CA PHE O 185 -12.36 -0.38 -44.31
C PHE O 185 -11.34 -1.06 -45.15
N VAL O 186 -11.36 -2.36 -44.99
CA VAL O 186 -10.26 -3.17 -45.44
C VAL O 186 -10.81 -4.56 -45.81
N ASP O 187 -10.18 -5.19 -46.76
CA ASP O 187 -10.62 -6.51 -47.25
C ASP O 187 -9.92 -7.70 -46.59
N HIS O 188 -8.64 -7.54 -46.36
CA HIS O 188 -7.83 -8.59 -45.78
C HIS O 188 -6.90 -8.09 -44.73
N ILE O 189 -6.46 -9.05 -43.92
CA ILE O 189 -5.38 -8.84 -42.97
C ILE O 189 -4.24 -9.74 -43.34
N ILE O 190 -3.05 -9.20 -43.41
CA ILE O 190 -1.88 -9.96 -43.83
C ILE O 190 -1.17 -10.65 -42.67
N THR O 191 -0.68 -11.85 -42.92
CA THR O 191 -0.06 -12.70 -41.89
C THR O 191 0.83 -13.68 -42.63
N ARG O 192 2.14 -13.61 -42.44
CA ARG O 192 3.07 -14.56 -43.09
C ARG O 192 4.57 -14.25 -42.82
N LEU P 2 -9.81 19.84 -42.55
CA LEU P 2 -8.94 18.75 -42.05
C LEU P 2 -9.85 17.60 -41.68
N LEU P 3 -9.32 16.40 -41.83
CA LEU P 3 -9.96 15.16 -41.43
C LEU P 3 -8.78 14.45 -40.80
N SER Q 15 26.92 11.04 -50.06
CA SER Q 15 27.10 11.67 -48.71
C SER Q 15 27.79 10.71 -47.74
N LEU Q 16 28.83 11.14 -47.03
CA LEU Q 16 29.77 10.14 -46.41
C LEU Q 16 29.07 9.19 -45.50
N THR Q 17 28.12 9.69 -44.73
CA THR Q 17 27.38 8.83 -43.82
C THR Q 17 26.43 7.95 -44.60
N ASP Q 18 25.65 8.57 -45.47
CA ASP Q 18 24.75 7.85 -46.36
C ASP Q 18 25.50 6.73 -47.09
N SER Q 19 26.64 7.08 -47.67
CA SER Q 19 27.48 6.14 -48.42
C SER Q 19 27.91 4.92 -47.56
N VAL Q 20 28.23 5.20 -46.33
CA VAL Q 20 28.65 4.18 -45.35
C VAL Q 20 27.51 3.25 -44.97
N TYR Q 21 26.33 3.81 -44.85
CA TYR Q 21 25.13 3.02 -44.51
C TYR Q 21 24.65 2.17 -45.67
N GLU Q 22 24.48 2.83 -46.82
CA GLU Q 22 24.41 2.19 -48.18
C GLU Q 22 25.25 0.91 -48.31
N ARG Q 23 26.55 1.03 -48.07
CA ARG Q 23 27.46 -0.13 -48.21
C ARG Q 23 27.13 -1.25 -47.25
N LEU Q 24 26.70 -0.84 -46.08
CA LEU Q 24 26.14 -1.80 -45.09
C LEU Q 24 24.78 -2.38 -45.48
N LEU Q 25 23.95 -1.50 -46.01
CA LEU Q 25 22.65 -1.88 -46.51
C LEU Q 25 22.79 -3.05 -47.51
N SER Q 26 23.74 -2.93 -48.42
CA SER Q 26 23.95 -3.94 -49.42
C SER Q 26 24.46 -5.20 -48.76
N GLU Q 27 25.00 -5.08 -47.56
CA GLU Q 27 25.41 -6.31 -46.75
C GLU Q 27 24.26 -6.86 -45.89
N ARG Q 28 23.06 -6.36 -46.19
CA ARG Q 28 21.81 -6.69 -45.47
C ARG Q 28 21.81 -6.22 -43.97
N ILE Q 29 22.49 -5.10 -43.70
CA ILE Q 29 22.59 -4.51 -42.33
C ILE Q 29 21.93 -3.14 -42.28
N ILE Q 30 20.98 -3.05 -41.42
CA ILE Q 30 20.14 -1.83 -41.23
C ILE Q 30 20.27 -1.32 -39.81
N PHE Q 31 20.09 -0.02 -39.66
CA PHE Q 31 20.16 0.62 -38.32
C PHE Q 31 18.91 1.32 -37.90
N LEU Q 32 18.56 1.07 -36.65
CA LEU Q 32 17.57 1.85 -35.96
C LEU Q 32 18.35 2.58 -34.92
N GLY Q 33 18.83 3.76 -35.30
CA GLY Q 33 19.82 4.49 -34.44
C GLY Q 33 19.31 5.73 -33.72
N SER Q 34 18.01 5.90 -33.64
CA SER Q 34 17.43 7.15 -33.15
C SER Q 34 16.04 6.97 -32.64
N GLU Q 35 15.49 8.10 -32.25
CA GLU Q 35 14.06 8.18 -31.85
C GLU Q 35 13.22 7.61 -32.97
N VAL Q 36 12.22 6.85 -32.60
CA VAL Q 36 11.38 6.13 -33.53
C VAL Q 36 10.23 7.03 -33.96
N ASN Q 37 10.39 7.67 -35.09
CA ASN Q 37 9.29 8.39 -35.73
C ASN Q 37 8.68 7.61 -36.84
N ASP Q 38 7.52 8.12 -37.24
CA ASP Q 38 6.93 7.82 -38.49
C ASP Q 38 8.02 7.85 -39.59
N GLU Q 39 8.81 8.91 -39.62
CA GLU Q 39 9.82 9.04 -40.68
C GLU Q 39 10.86 7.92 -40.67
N ILE Q 40 11.40 7.69 -39.50
CA ILE Q 40 12.44 6.66 -39.34
C ILE Q 40 11.88 5.26 -39.56
N ALA Q 41 10.68 5.06 -39.05
CA ALA Q 41 9.95 3.81 -39.24
C ALA Q 41 9.72 3.51 -40.67
N ASN Q 42 9.33 4.52 -41.42
CA ASN Q 42 8.94 4.29 -42.83
C ASN Q 42 10.11 3.86 -43.69
N ARG Q 43 11.22 4.51 -43.42
CA ARG Q 43 12.49 4.17 -44.08
C ARG Q 43 12.93 2.77 -43.75
N LEU Q 44 12.81 2.42 -42.48
CA LEU Q 44 13.14 1.05 -42.06
C LEU Q 44 12.23 0.04 -42.73
N CYS Q 45 10.96 0.34 -42.75
CA CYS Q 45 9.99 -0.54 -43.34
C CYS Q 45 10.26 -0.71 -44.83
N ALA Q 46 10.62 0.39 -45.47
CA ALA Q 46 11.00 0.36 -46.88
C ALA Q 46 12.25 -0.50 -47.11
N GLN Q 47 13.25 -0.31 -46.27
CA GLN Q 47 14.48 -1.09 -46.36
C GLN Q 47 14.24 -2.57 -46.18
N ILE Q 48 13.45 -2.95 -45.19
CA ILE Q 48 13.12 -4.39 -45.00
C ILE Q 48 12.36 -4.99 -46.20
N LEU Q 49 11.44 -4.19 -46.76
CA LEU Q 49 10.66 -4.53 -47.99
C LEU Q 49 11.56 -4.76 -49.20
N LEU Q 50 12.50 -3.85 -49.37
CA LEU Q 50 13.45 -3.82 -50.46
C LEU Q 50 14.41 -5.03 -50.35
N LEU Q 51 14.94 -5.27 -49.16
CA LEU Q 51 15.86 -6.39 -48.91
C LEU Q 51 15.20 -7.76 -49.07
N ALA Q 52 13.98 -7.89 -48.56
CA ALA Q 52 13.19 -9.13 -48.75
C ALA Q 52 12.99 -9.42 -50.24
N ALA Q 53 12.54 -8.38 -50.96
CA ALA Q 53 12.31 -8.43 -52.42
C ALA Q 53 13.59 -8.79 -53.21
N GLU Q 54 14.74 -8.34 -52.72
CA GLU Q 54 16.03 -8.69 -53.36
C GLU Q 54 16.28 -10.16 -53.14
N ASP Q 55 16.62 -10.50 -51.92
CA ASP Q 55 16.91 -11.88 -51.57
C ASP Q 55 16.01 -12.33 -50.43
N ALA Q 56 15.00 -13.11 -50.76
CA ALA Q 56 13.98 -13.51 -49.77
C ALA Q 56 14.40 -14.65 -48.84
N SER Q 57 15.61 -15.12 -48.98
CA SER Q 57 16.09 -16.26 -48.20
C SER Q 57 17.09 -15.86 -47.12
N LYS Q 58 17.97 -14.93 -47.48
CA LYS Q 58 19.02 -14.46 -46.55
C LYS Q 58 18.52 -13.55 -45.41
N ASP Q 59 19.17 -13.71 -44.27
CA ASP Q 59 18.90 -12.89 -43.10
C ASP Q 59 19.12 -11.41 -43.34
N ILE Q 60 18.34 -10.64 -42.57
CA ILE Q 60 18.53 -9.20 -42.32
C ILE Q 60 18.98 -8.92 -40.89
N SER Q 61 20.03 -8.14 -40.79
CA SER Q 61 20.55 -7.72 -39.50
C SER Q 61 20.13 -6.28 -39.13
N LEU Q 62 19.42 -6.18 -38.02
CA LEU Q 62 18.86 -4.91 -37.52
C LEU Q 62 19.57 -4.49 -36.27
N TYR Q 63 20.52 -3.56 -36.45
CA TYR Q 63 21.23 -2.95 -35.31
C TYR Q 63 20.40 -1.85 -34.65
N ILE Q 64 20.19 -1.95 -33.35
CA ILE Q 64 19.32 -1.05 -32.63
C ILE Q 64 20.03 -0.28 -31.53
N ASN Q 65 20.04 1.04 -31.69
CA ASN Q 65 20.58 1.97 -30.67
C ASN Q 65 19.66 3.15 -30.58
N SER Q 66 18.58 2.97 -29.87
CA SER Q 66 17.44 3.89 -29.89
C SER Q 66 16.89 4.04 -28.52
N PRO Q 67 16.46 5.25 -28.17
CA PRO Q 67 15.85 5.55 -26.89
C PRO Q 67 14.34 5.25 -26.82
N GLY Q 68 13.78 4.82 -27.93
CA GLY Q 68 12.34 4.50 -27.99
C GLY Q 68 11.65 5.49 -28.93
N GLY Q 69 10.34 5.57 -28.85
CA GLY Q 69 9.56 6.43 -29.72
C GLY Q 69 8.09 6.09 -29.88
N SER Q 70 7.54 6.41 -31.04
CA SER Q 70 6.11 6.25 -31.34
C SER Q 70 5.71 4.80 -31.40
N ILE Q 71 4.67 4.43 -30.69
CA ILE Q 71 4.19 3.06 -30.79
C ILE Q 71 3.66 2.72 -32.20
N SER Q 72 2.71 3.51 -32.64
CA SER Q 72 2.17 3.43 -34.00
C SER Q 72 3.31 3.11 -34.99
N ALA Q 73 4.32 3.99 -34.99
CA ALA Q 73 5.52 3.88 -35.89
C ALA Q 73 6.34 2.64 -35.66
N GLY Q 74 6.42 2.28 -34.39
CA GLY Q 74 7.10 1.03 -33.98
C GLY Q 74 6.42 -0.27 -34.43
N MET Q 75 5.09 -0.26 -34.37
CA MET Q 75 4.30 -1.37 -34.89
C MET Q 75 4.37 -1.56 -36.42
N ALA Q 76 4.56 -0.45 -37.13
CA ALA Q 76 4.80 -0.49 -38.59
C ALA Q 76 6.05 -1.37 -38.82
N ILE Q 77 7.11 -1.04 -38.09
CA ILE Q 77 8.37 -1.79 -38.16
C ILE Q 77 8.16 -3.24 -37.73
N TYR Q 78 7.48 -3.43 -36.59
CA TYR Q 78 7.25 -4.78 -36.09
C TYR Q 78 6.51 -5.62 -37.10
N ASP Q 79 5.37 -5.11 -37.57
CA ASP Q 79 4.55 -5.88 -38.59
C ASP Q 79 5.37 -6.20 -39.86
N THR Q 80 6.11 -5.20 -40.29
CA THR Q 80 6.98 -5.36 -41.48
C THR Q 80 7.99 -6.49 -41.24
N MET Q 81 8.51 -6.54 -40.00
CA MET Q 81 9.49 -7.59 -39.56
C MET Q 81 8.82 -8.93 -39.62
N VAL Q 82 7.70 -9.04 -38.94
CA VAL Q 82 6.97 -10.28 -38.90
C VAL Q 82 6.61 -10.80 -40.30
N LEU Q 83 6.14 -9.91 -41.16
CA LEU Q 83 5.64 -10.32 -42.51
C LEU Q 83 6.75 -10.61 -43.51
N ALA Q 84 7.94 -10.12 -43.22
CA ALA Q 84 9.10 -10.43 -44.06
C ALA Q 84 9.28 -11.95 -44.21
N PRO Q 85 9.67 -12.42 -45.41
CA PRO Q 85 9.90 -13.85 -45.61
C PRO Q 85 11.15 -14.32 -44.91
N CYS Q 86 12.17 -13.51 -45.01
CA CYS Q 86 13.45 -13.85 -44.38
C CYS Q 86 13.45 -13.58 -42.92
N ASP Q 87 14.37 -14.23 -42.25
CA ASP Q 87 14.64 -13.97 -40.84
C ASP Q 87 15.23 -12.55 -40.56
N ILE Q 88 14.96 -12.05 -39.36
CA ILE Q 88 15.43 -10.75 -38.92
C ILE Q 88 16.13 -10.93 -37.60
N ALA Q 89 17.45 -10.77 -37.68
CA ALA Q 89 18.38 -10.81 -36.54
C ALA Q 89 18.47 -9.40 -35.91
N THR Q 90 18.45 -9.32 -34.59
CA THR Q 90 18.43 -8.01 -33.91
C THR Q 90 19.57 -7.90 -32.95
N TYR Q 91 20.32 -6.79 -33.09
CA TYR Q 91 21.51 -6.51 -32.24
C TYR Q 91 21.31 -5.29 -31.41
N ALA Q 92 21.36 -5.48 -30.11
CA ALA Q 92 21.21 -4.35 -29.20
C ALA Q 92 22.58 -3.77 -29.00
N MET Q 93 22.82 -2.63 -29.62
CA MET Q 93 24.08 -1.94 -29.33
C MET Q 93 23.93 -0.57 -28.64
N GLY Q 94 24.65 -0.43 -27.51
CA GLY Q 94 24.63 0.79 -26.74
C GLY Q 94 23.38 0.90 -25.89
N MET Q 95 22.27 1.09 -26.57
CA MET Q 95 20.94 1.19 -25.92
C MET Q 95 19.72 0.82 -26.74
N ALA Q 96 18.93 -0.05 -26.14
CA ALA Q 96 17.63 -0.49 -26.69
C ALA Q 96 16.58 -0.26 -25.71
N ALA Q 97 15.91 0.86 -25.89
CA ALA Q 97 14.94 1.37 -24.92
C ALA Q 97 13.54 1.45 -25.45
N SER Q 98 12.60 0.98 -24.64
CA SER Q 98 11.18 1.16 -24.88
C SER Q 98 10.84 0.52 -26.21
N MET Q 99 10.40 1.28 -27.24
CA MET Q 99 10.14 0.63 -28.58
C MET Q 99 11.38 -0.11 -29.05
N GLY Q 100 12.52 0.51 -28.80
CA GLY Q 100 13.82 -0.10 -29.10
C GLY Q 100 13.97 -1.50 -28.49
N GLU Q 101 13.59 -1.64 -27.22
CA GLU Q 101 13.64 -2.95 -26.56
C GLU Q 101 12.64 -3.89 -27.22
N PHE Q 102 11.43 -3.38 -27.38
CA PHE Q 102 10.34 -4.14 -28.01
C PHE Q 102 10.74 -4.75 -29.37
N LEU Q 103 11.29 -3.92 -30.21
CA LEU Q 103 11.73 -4.33 -31.51
C LEU Q 103 12.90 -5.32 -31.44
N LEU Q 104 13.80 -5.08 -30.49
CA LEU Q 104 14.92 -5.96 -30.25
C LEU Q 104 14.38 -7.34 -29.93
N ALA Q 105 13.47 -7.37 -28.98
CA ALA Q 105 12.86 -8.63 -28.49
C ALA Q 105 11.99 -9.31 -29.51
N ALA Q 106 11.56 -8.51 -30.49
CA ALA Q 106 10.71 -9.00 -31.64
C ALA Q 106 11.53 -9.65 -32.78
N GLY Q 107 12.84 -9.57 -32.67
CA GLY Q 107 13.69 -10.28 -33.60
C GLY Q 107 13.39 -11.78 -33.66
N THR Q 108 13.69 -12.44 -34.78
CA THR Q 108 13.38 -13.87 -34.91
C THR Q 108 14.16 -14.68 -33.87
N LYS Q 109 13.40 -15.51 -33.16
CA LYS Q 109 13.88 -16.27 -32.00
C LYS Q 109 15.09 -17.12 -32.27
N GLY Q 110 16.08 -16.93 -31.44
CA GLY Q 110 17.38 -17.57 -31.61
C GLY Q 110 18.42 -16.62 -32.15
N LYS Q 111 17.96 -15.61 -32.90
CA LYS Q 111 18.83 -14.61 -33.54
C LYS Q 111 18.66 -13.19 -33.01
N ARG Q 112 18.45 -13.11 -31.71
CA ARG Q 112 18.44 -11.82 -30.97
C ARG Q 112 19.64 -11.68 -30.08
N TYR Q 113 20.42 -10.68 -30.38
CA TYR Q 113 21.71 -10.49 -29.73
C TYR Q 113 21.80 -9.19 -28.94
N ALA Q 114 22.63 -9.24 -27.90
CA ALA Q 114 22.98 -8.03 -27.16
C ALA Q 114 24.48 -7.90 -27.20
N LEU Q 115 24.96 -6.69 -27.41
CA LEU Q 115 26.39 -6.41 -27.26
C LEU Q 115 26.58 -6.29 -25.76
N PRO Q 116 27.77 -6.64 -25.24
CA PRO Q 116 27.97 -6.87 -23.78
C PRO Q 116 27.67 -5.72 -22.81
N HIS Q 117 27.79 -4.51 -23.27
CA HIS Q 117 27.59 -3.33 -22.41
C HIS Q 117 26.40 -2.51 -22.85
N ALA Q 118 25.55 -3.17 -23.60
CA ALA Q 118 24.31 -2.53 -24.06
C ALA Q 118 23.40 -2.49 -22.90
N ARG Q 119 22.57 -1.47 -22.86
CA ARG Q 119 21.51 -1.40 -21.86
C ARG Q 119 20.12 -1.50 -22.50
N ILE Q 120 19.28 -2.33 -21.85
CA ILE Q 120 17.84 -2.50 -22.22
C ILE Q 120 16.92 -1.94 -21.17
N LEU Q 121 15.91 -1.22 -21.66
CA LEU Q 121 14.96 -0.43 -20.85
C LEU Q 121 13.56 -0.80 -21.23
N MET Q 122 12.84 -1.37 -20.28
CA MET Q 122 11.46 -1.75 -20.50
C MET Q 122 10.63 -0.86 -19.61
N HIS Q 123 9.58 -0.29 -20.17
CA HIS Q 123 8.55 0.41 -19.39
C HIS Q 123 7.22 0.50 -20.13
N GLN Q 124 6.21 0.96 -19.42
CA GLN Q 124 4.85 1.11 -19.97
C GLN Q 124 4.78 2.39 -20.82
N PRO Q 125 3.75 2.47 -21.69
CA PRO Q 125 3.51 3.63 -22.50
C PRO Q 125 3.28 4.96 -21.76
N LEU Q 126 3.77 6.00 -22.42
CA LEU Q 126 3.56 7.38 -22.06
C LEU Q 126 2.74 8.03 -23.14
N GLY Q 127 2.16 9.15 -22.80
CA GLY Q 127 1.37 9.85 -23.76
C GLY Q 127 0.78 11.12 -23.19
N GLY Q 128 -0.41 11.43 -23.68
CA GLY Q 128 -1.07 12.65 -23.35
C GLY Q 128 -2.57 12.54 -23.45
N VAL Q 129 -3.22 13.50 -22.81
CA VAL Q 129 -4.68 13.57 -22.72
C VAL Q 129 -5.08 15.04 -22.96
N THR Q 130 -5.98 15.26 -23.92
CA THR Q 130 -6.32 16.66 -24.48
C THR Q 130 -7.67 17.28 -24.36
N GLY Q 131 -8.72 16.65 -24.85
CA GLY Q 131 -9.88 17.44 -25.12
C GLY Q 131 -11.06 17.63 -24.19
N SER Q 132 -12.24 17.43 -24.76
CA SER Q 132 -13.46 17.36 -23.96
C SER Q 132 -13.46 16.04 -23.19
N ALA Q 133 -14.23 16.02 -22.12
CA ALA Q 133 -14.28 14.87 -21.21
C ALA Q 133 -14.63 13.62 -22.00
N ALA Q 134 -15.51 13.83 -22.97
CA ALA Q 134 -15.89 12.76 -23.90
C ALA Q 134 -14.73 12.28 -24.74
N ASP Q 135 -13.98 13.24 -25.26
CA ASP Q 135 -12.80 12.93 -26.10
C ASP Q 135 -11.72 12.17 -25.32
N ILE Q 136 -11.64 12.54 -24.05
CA ILE Q 136 -10.64 11.98 -23.13
C ILE Q 136 -11.02 10.56 -22.69
N ALA Q 137 -12.31 10.39 -22.37
CA ALA Q 137 -12.89 9.08 -22.14
C ALA Q 137 -12.45 8.09 -23.24
N ILE Q 138 -12.45 8.57 -24.49
CA ILE Q 138 -12.12 7.75 -25.70
C ILE Q 138 -10.64 7.41 -25.74
N GLN Q 139 -9.84 8.44 -25.49
CA GLN Q 139 -8.37 8.30 -25.46
C GLN Q 139 -7.93 7.29 -24.43
N ALA Q 140 -8.57 7.40 -23.30
CA ALA Q 140 -8.32 6.51 -22.16
C ALA Q 140 -8.61 5.08 -22.48
N GLU Q 141 -9.76 4.87 -23.05
CA GLU Q 141 -10.22 3.54 -23.53
C GLU Q 141 -9.19 2.85 -24.42
N GLN Q 142 -8.62 3.68 -25.25
CA GLN Q 142 -7.57 3.27 -26.17
C GLN Q 142 -6.23 2.95 -25.51
N PHE Q 143 -5.91 3.72 -24.49
CA PHE Q 143 -4.73 3.44 -23.70
C PHE Q 143 -4.82 2.00 -23.17
N ALA Q 144 -5.96 1.67 -22.57
CA ALA Q 144 -6.23 0.33 -22.03
C ALA Q 144 -5.87 -0.74 -23.06
N VAL Q 145 -6.41 -0.53 -24.26
CA VAL Q 145 -6.27 -1.49 -25.39
C VAL Q 145 -4.82 -1.70 -25.71
N ILE Q 146 -4.15 -0.58 -25.83
CA ILE Q 146 -2.75 -0.55 -26.24
C ILE Q 146 -1.82 -1.09 -25.17
N LYS Q 147 -1.94 -0.56 -23.97
CA LYS Q 147 -1.19 -1.04 -22.81
C LYS Q 147 -1.28 -2.58 -22.82
N LYS Q 148 -2.51 -3.08 -22.92
CA LYS Q 148 -2.77 -4.53 -22.83
C LYS Q 148 -1.99 -5.28 -23.88
N GLU Q 149 -2.05 -4.75 -25.08
CA GLU Q 149 -1.53 -5.42 -26.28
C GLU Q 149 -0.03 -5.41 -26.26
N MET Q 150 0.54 -4.26 -25.88
CA MET Q 150 2.00 -4.15 -25.84
C MET Q 150 2.56 -5.11 -24.82
N PHE Q 151 1.84 -5.26 -23.71
CA PHE Q 151 2.27 -6.18 -22.65
C PHE Q 151 2.20 -7.58 -23.16
N ARG Q 152 1.06 -7.92 -23.76
CA ARG Q 152 0.81 -9.28 -24.31
C ARG Q 152 1.98 -9.74 -25.22
N LEU Q 153 2.43 -8.82 -26.05
CA LEU Q 153 3.49 -9.07 -27.02
C LEU Q 153 4.85 -9.21 -26.38
N ASN Q 154 5.14 -8.38 -25.39
CA ASN Q 154 6.45 -8.48 -24.69
C ASN Q 154 6.52 -9.77 -23.90
N ALA Q 155 5.39 -10.16 -23.33
CA ALA Q 155 5.24 -11.42 -22.68
C ALA Q 155 5.58 -12.50 -23.67
N GLU Q 156 4.99 -12.42 -24.85
CA GLU Q 156 5.23 -13.45 -25.90
C GLU Q 156 6.70 -13.51 -26.25
N PHE Q 157 7.31 -12.35 -26.45
CA PHE Q 157 8.73 -12.28 -26.91
C PHE Q 157 9.69 -12.85 -25.91
N THR Q 158 9.46 -12.42 -24.68
CA THR Q 158 10.33 -12.76 -23.55
C THR Q 158 10.11 -14.17 -23.00
N GLY Q 159 8.89 -14.61 -23.01
CA GLY Q 159 8.50 -15.87 -22.39
C GLY Q 159 8.02 -15.70 -20.97
N GLN Q 160 8.01 -14.46 -20.49
CA GLN Q 160 7.48 -14.15 -19.14
C GLN Q 160 6.00 -14.09 -19.09
N PRO Q 161 5.48 -14.21 -17.86
CA PRO Q 161 4.03 -14.08 -17.78
C PRO Q 161 3.58 -12.62 -17.87
N ILE Q 162 2.44 -12.41 -18.50
CA ILE Q 162 1.90 -11.06 -18.65
C ILE Q 162 1.87 -10.28 -17.31
N GLU Q 163 1.68 -10.97 -16.21
CA GLU Q 163 1.55 -10.27 -14.91
C GLU Q 163 2.82 -9.65 -14.51
N ARG Q 164 3.93 -10.35 -14.81
CA ARG Q 164 5.30 -9.86 -14.49
C ARG Q 164 5.72 -8.73 -15.43
N ILE Q 165 5.40 -8.88 -16.70
CA ILE Q 165 5.59 -7.79 -17.65
C ILE Q 165 4.86 -6.48 -17.17
N GLU Q 166 3.63 -6.63 -16.73
CA GLU Q 166 2.78 -5.48 -16.28
C GLU Q 166 3.48 -4.80 -15.13
N ALA Q 167 3.81 -5.62 -14.17
CA ALA Q 167 4.40 -5.19 -12.88
C ALA Q 167 5.73 -4.52 -13.15
N ASP Q 168 6.59 -5.18 -13.89
CA ASP Q 168 7.99 -4.72 -14.07
C ASP Q 168 8.00 -3.43 -14.92
N SER Q 169 7.11 -3.41 -15.89
CA SER Q 169 6.93 -2.27 -16.84
C SER Q 169 6.33 -1.03 -16.20
N ASP Q 170 5.88 -1.11 -14.96
CA ASP Q 170 5.11 -0.01 -14.31
C ASP Q 170 5.93 1.31 -14.29
N ARG Q 171 7.21 1.14 -14.01
CA ARG Q 171 8.17 2.22 -14.11
C ARG Q 171 9.45 1.75 -14.78
N ASP Q 172 10.35 2.67 -15.07
CA ASP Q 172 11.54 2.33 -15.80
C ASP Q 172 12.16 1.07 -15.18
N ARG Q 173 12.43 0.11 -16.06
CA ARG Q 173 13.04 -1.16 -15.69
C ARG Q 173 14.29 -1.40 -16.49
N TRP Q 174 15.42 -1.32 -15.83
CA TRP Q 174 16.69 -1.43 -16.55
C TRP Q 174 17.25 -2.83 -16.49
N PHE Q 175 17.82 -3.19 -17.61
CA PHE Q 175 18.56 -4.48 -17.77
C PHE Q 175 19.96 -4.29 -18.34
N THR Q 176 20.91 -4.99 -17.74
CA THR Q 176 22.21 -5.16 -18.36
C THR Q 176 22.09 -6.27 -19.40
N ALA Q 177 23.06 -6.39 -20.32
CA ALA Q 177 22.96 -7.46 -21.32
C ALA Q 177 22.68 -8.79 -20.64
N ALA Q 178 23.42 -9.02 -19.57
CA ALA Q 178 23.27 -10.26 -18.76
C ALA Q 178 21.81 -10.53 -18.33
N GLU Q 179 21.26 -9.54 -17.68
CA GLU Q 179 19.91 -9.61 -17.12
C GLU Q 179 18.85 -9.78 -18.22
N ALA Q 180 19.11 -9.14 -19.34
CA ALA Q 180 18.22 -9.17 -20.53
C ALA Q 180 18.15 -10.54 -21.12
N LEU Q 181 19.27 -11.25 -21.04
CA LEU Q 181 19.35 -12.62 -21.50
C LEU Q 181 18.45 -13.51 -20.64
N GLU Q 182 18.57 -13.35 -19.34
CA GLU Q 182 17.80 -14.20 -18.47
C GLU Q 182 16.34 -13.82 -18.44
N TYR Q 183 16.02 -12.61 -18.82
CA TYR Q 183 14.62 -12.18 -18.80
C TYR Q 183 13.94 -12.65 -20.07
N GLY Q 184 14.73 -12.81 -21.11
CA GLY Q 184 14.23 -13.33 -22.40
C GLY Q 184 14.01 -12.31 -23.50
N PHE Q 185 14.61 -11.15 -23.35
CA PHE Q 185 14.58 -10.07 -24.41
C PHE Q 185 15.47 -10.46 -25.58
N VAL Q 186 16.37 -11.36 -25.28
CA VAL Q 186 17.53 -11.55 -26.13
C VAL Q 186 17.98 -12.99 -25.96
N ASP Q 187 18.53 -13.56 -27.03
CA ASP Q 187 18.96 -14.98 -27.02
C ASP Q 187 20.41 -15.20 -26.69
N HIS Q 188 21.24 -14.31 -27.16
CA HIS Q 188 22.66 -14.40 -26.96
C HIS Q 188 23.27 -13.07 -26.58
N ILE Q 189 24.46 -13.19 -26.00
CA ILE Q 189 25.37 -12.09 -25.82
C ILE Q 189 26.64 -12.33 -26.62
N ILE Q 190 27.06 -11.35 -27.38
CA ILE Q 190 28.21 -11.49 -28.26
C ILE Q 190 29.52 -11.10 -27.61
N THR Q 191 30.57 -11.86 -27.93
CA THR Q 191 31.90 -11.72 -27.30
C THR Q 191 33.05 -12.17 -28.19
N ARG Q 192 34.18 -11.51 -28.03
CA ARG Q 192 35.44 -12.00 -28.60
C ARG Q 192 36.59 -11.04 -28.33
N LEU R 2 3.28 6.99 -27.02
CA LEU R 2 4.77 6.80 -26.99
C LEU R 2 5.23 5.62 -26.07
N LEU R 3 6.26 4.93 -26.50
CA LEU R 3 7.07 4.06 -25.65
C LEU R 3 8.53 4.60 -25.68
N SER S 15 31.48 16.11 -51.31
CA SER S 15 31.62 17.25 -50.35
C SER S 15 33.06 17.31 -49.80
N LEU S 16 33.71 18.47 -49.83
CA LEU S 16 35.19 18.48 -49.66
C LEU S 16 35.64 17.81 -48.40
N THR S 17 34.93 18.06 -47.31
CA THR S 17 35.31 17.45 -46.03
C THR S 17 34.99 15.96 -46.03
N ASP S 18 33.78 15.63 -46.44
CA ASP S 18 33.35 14.23 -46.66
C ASP S 18 34.34 13.44 -47.53
N SER S 19 34.68 14.04 -48.66
CA SER S 19 35.64 13.45 -49.63
C SER S 19 37.04 13.18 -49.01
N VAL S 20 37.48 14.11 -48.18
CA VAL S 20 38.77 14.00 -47.44
C VAL S 20 38.75 12.89 -46.40
N TYR S 21 37.61 12.73 -45.73
CA TYR S 21 37.44 11.69 -44.68
C TYR S 21 37.31 10.32 -45.29
N GLU S 22 36.38 10.20 -46.24
CA GLU S 22 36.31 9.11 -47.23
C GLU S 22 37.69 8.56 -47.63
N ARG S 23 38.55 9.40 -48.15
CA ARG S 23 39.88 8.94 -48.64
C ARG S 23 40.71 8.34 -47.48
N LEU S 24 40.59 8.95 -46.33
CA LEU S 24 41.17 8.42 -45.09
C LEU S 24 40.52 7.13 -44.61
N LEU S 25 39.20 7.10 -44.73
CA LEU S 25 38.40 5.93 -44.39
C LEU S 25 38.87 4.72 -45.18
N SER S 26 39.12 4.90 -46.46
CA SER S 26 39.66 3.81 -47.26
C SER S 26 41.08 3.42 -46.84
N GLU S 27 41.77 4.32 -46.15
CA GLU S 27 43.09 4.02 -45.54
C GLU S 27 42.98 3.49 -44.10
N ARG S 28 41.77 3.12 -43.76
CA ARG S 28 41.40 2.49 -42.45
C ARG S 28 41.63 3.46 -41.29
N ILE S 29 41.42 4.73 -41.60
CA ILE S 29 41.54 5.82 -40.60
C ILE S 29 40.18 6.49 -40.37
N ILE S 30 39.77 6.48 -39.11
CA ILE S 30 38.47 7.02 -38.66
C ILE S 30 38.68 8.09 -37.60
N PHE S 31 37.72 9.00 -37.53
CA PHE S 31 37.79 10.07 -36.53
C PHE S 31 36.63 10.12 -35.61
N LEU S 32 36.97 10.32 -34.35
CA LEU S 32 36.02 10.70 -33.32
C LEU S 32 36.41 12.09 -32.96
N GLY S 33 35.84 13.04 -33.71
CA GLY S 33 36.26 14.45 -33.61
C GLY S 33 35.28 15.42 -32.94
N SER S 34 34.32 14.88 -32.20
CA SER S 34 33.31 15.72 -31.59
C SER S 34 32.65 15.08 -30.36
N GLU S 35 31.66 15.80 -29.87
CA GLU S 35 30.80 15.30 -28.80
C GLU S 35 30.31 13.94 -29.27
N VAL S 36 30.27 13.02 -28.33
CA VAL S 36 29.79 11.66 -28.54
C VAL S 36 28.29 11.56 -28.41
N ASN S 37 27.57 11.65 -29.54
CA ASN S 37 26.12 11.34 -29.59
C ASN S 37 25.88 9.97 -30.10
N ASP S 38 24.64 9.59 -29.91
CA ASP S 38 24.03 8.49 -30.63
C ASP S 38 24.36 8.59 -32.10
N GLU S 39 24.20 9.77 -32.67
CA GLU S 39 24.47 9.95 -34.13
C GLU S 39 25.92 9.73 -34.58
N ILE S 40 26.83 10.33 -33.83
CA ILE S 40 28.27 10.14 -34.07
C ILE S 40 28.72 8.71 -33.78
N ALA S 41 28.23 8.17 -32.67
CA ALA S 41 28.50 6.77 -32.27
C ALA S 41 28.05 5.76 -33.32
N ASN S 42 26.88 5.98 -33.88
CA ASN S 42 26.33 5.03 -34.83
C ASN S 42 27.16 4.97 -36.09
N ARG S 43 27.56 6.14 -36.56
CA ARG S 43 28.37 6.26 -37.74
C ARG S 43 29.72 5.59 -37.52
N LEU S 44 30.31 5.82 -36.35
CA LEU S 44 31.58 5.16 -36.02
C LEU S 44 31.45 3.67 -35.97
N CYS S 45 30.36 3.22 -35.36
CA CYS S 45 30.12 1.79 -35.24
C CYS S 45 29.94 1.16 -36.62
N ALA S 46 29.22 1.88 -37.47
CA ALA S 46 29.00 1.43 -38.86
C ALA S 46 30.35 1.32 -39.58
N GLN S 47 31.16 2.34 -39.40
CA GLN S 47 32.48 2.39 -40.04
C GLN S 47 33.34 1.21 -39.59
N ILE S 48 33.36 0.94 -38.29
CA ILE S 48 34.20 -0.18 -37.76
C ILE S 48 33.70 -1.52 -38.28
N LEU S 49 32.37 -1.64 -38.35
CA LEU S 49 31.69 -2.81 -38.94
C LEU S 49 32.10 -3.07 -40.41
N LEU S 50 32.06 -1.98 -41.19
CA LEU S 50 32.31 -1.94 -42.65
C LEU S 50 33.78 -2.28 -42.91
N LEU S 51 34.67 -1.68 -42.14
CA LEU S 51 36.13 -1.94 -42.26
C LEU S 51 36.55 -3.34 -41.88
N ALA S 52 35.98 -3.85 -40.80
CA ALA S 52 36.19 -5.25 -40.37
C ALA S 52 35.75 -6.23 -41.46
N ALA S 53 34.54 -6.00 -41.94
CA ALA S 53 33.95 -6.78 -43.06
C ALA S 53 34.80 -6.71 -44.35
N GLU S 54 35.42 -5.57 -44.61
CA GLU S 54 36.31 -5.45 -45.76
C GLU S 54 37.53 -6.30 -45.52
N ASP S 55 38.38 -5.86 -44.63
CA ASP S 55 39.63 -6.56 -44.35
C ASP S 55 39.70 -6.87 -42.86
N ALA S 56 39.46 -8.12 -42.51
CA ALA S 56 39.33 -8.50 -41.08
C ALA S 56 40.67 -8.71 -40.36
N SER S 57 41.74 -8.48 -41.07
CA SER S 57 43.09 -8.72 -40.51
C SER S 57 43.83 -7.41 -40.20
N LYS S 58 43.70 -6.43 -41.09
CA LYS S 58 44.38 -5.13 -40.92
C LYS S 58 43.81 -4.23 -39.82
N ASP S 59 44.73 -3.52 -39.20
CA ASP S 59 44.38 -2.55 -38.16
C ASP S 59 43.49 -1.45 -38.65
N ILE S 60 42.73 -0.95 -37.68
CA ILE S 60 41.96 0.29 -37.77
C ILE S 60 42.55 1.35 -36.85
N SER S 61 42.74 2.54 -37.43
CA SER S 61 43.23 3.68 -36.70
C SER S 61 42.11 4.68 -36.36
N LEU S 62 41.93 4.88 -35.06
CA LEU S 62 40.88 5.72 -34.50
C LEU S 62 41.49 6.93 -33.88
N TYR S 63 41.46 8.00 -34.62
CA TYR S 63 41.88 9.32 -34.13
C TYR S 63 40.80 9.94 -33.24
N ILE S 64 41.16 10.36 -32.03
CA ILE S 64 40.20 10.93 -31.07
C ILE S 64 40.52 12.33 -30.61
N ASN S 65 39.62 13.23 -30.93
CA ASN S 65 39.69 14.66 -30.48
C ASN S 65 38.31 15.08 -30.09
N SER S 66 37.92 14.66 -28.90
CA SER S 66 36.54 14.76 -28.43
C SER S 66 36.51 15.23 -26.98
N PRO S 67 35.55 16.08 -26.60
CA PRO S 67 35.32 16.50 -25.24
C PRO S 67 34.53 15.49 -24.36
N GLY S 68 34.10 14.36 -24.94
CA GLY S 68 33.33 13.38 -24.23
C GLY S 68 31.92 13.33 -24.75
N GLY S 69 31.03 12.70 -23.99
CA GLY S 69 29.65 12.56 -24.42
C GLY S 69 28.87 11.45 -23.75
N SER S 70 27.88 10.92 -24.48
CA SER S 70 26.88 9.99 -23.94
C SER S 70 27.60 8.70 -23.60
N ILE S 71 27.36 8.19 -22.40
CA ILE S 71 27.88 6.85 -22.05
C ILE S 71 27.27 5.74 -22.90
N SER S 72 25.95 5.67 -22.90
CA SER S 72 25.21 4.75 -23.76
C SER S 72 25.87 4.65 -25.16
N ALA S 73 25.99 5.80 -25.82
CA ALA S 73 26.54 5.94 -27.18
C ALA S 73 27.97 5.54 -27.24
N GLY S 74 28.69 5.90 -26.20
CA GLY S 74 30.13 5.53 -26.08
C GLY S 74 30.35 4.03 -25.99
N MET S 75 29.46 3.37 -25.24
CA MET S 75 29.51 1.89 -25.05
C MET S 75 29.17 1.10 -26.31
N ALA S 76 28.37 1.73 -27.17
CA ALA S 76 28.13 1.20 -28.52
C ALA S 76 29.46 1.13 -29.24
N ILE S 77 30.19 2.25 -29.23
CA ILE S 77 31.52 2.31 -29.87
C ILE S 77 32.51 1.32 -29.24
N TYR S 78 32.53 1.32 -27.92
CA TYR S 78 33.38 0.41 -27.17
C TYR S 78 33.13 -1.06 -27.48
N ASP S 79 31.88 -1.51 -27.33
CA ASP S 79 31.54 -2.91 -27.70
C ASP S 79 31.87 -3.26 -29.17
N THR S 80 31.57 -2.32 -30.05
CA THR S 80 31.88 -2.46 -31.48
C THR S 80 33.38 -2.61 -31.76
N MET S 81 34.15 -1.82 -31.02
CA MET S 81 35.65 -1.97 -30.95
C MET S 81 36.12 -3.36 -30.47
N VAL S 82 35.67 -3.75 -29.28
CA VAL S 82 36.01 -5.04 -28.69
C VAL S 82 35.63 -6.22 -29.60
N LEU S 83 34.45 -6.16 -30.18
CA LEU S 83 33.95 -7.30 -31.01
C LEU S 83 34.55 -7.37 -32.41
N ALA S 84 35.09 -6.25 -32.87
CA ALA S 84 35.82 -6.25 -34.14
C ALA S 84 36.92 -7.35 -34.16
N PRO S 85 37.13 -8.03 -35.30
CA PRO S 85 38.17 -9.07 -35.42
C PRO S 85 39.54 -8.46 -35.43
N CYS S 86 39.64 -7.35 -36.15
CA CYS S 86 40.90 -6.67 -36.25
C CYS S 86 41.18 -5.81 -35.05
N ASP S 87 42.46 -5.51 -34.89
CA ASP S 87 42.95 -4.55 -33.87
C ASP S 87 42.45 -3.14 -34.14
N ILE S 88 42.36 -2.38 -33.06
CA ILE S 88 41.98 -0.97 -33.11
C ILE S 88 42.96 -0.12 -32.35
N ALA S 89 43.67 0.66 -33.14
CA ALA S 89 44.71 1.56 -32.65
C ALA S 89 44.04 2.88 -32.34
N THR S 90 44.42 3.51 -31.24
CA THR S 90 43.80 4.77 -30.84
C THR S 90 44.80 5.87 -30.64
N TYR S 91 44.52 7.00 -31.27
CA TYR S 91 45.40 8.16 -31.19
C TYR S 91 44.68 9.28 -30.50
N ALA S 92 45.28 9.77 -29.44
CA ALA S 92 44.75 10.96 -28.78
C ALA S 92 45.35 12.20 -29.42
N MET S 93 44.58 12.92 -30.20
CA MET S 93 45.08 14.19 -30.72
C MET S 93 44.28 15.40 -30.27
N GLY S 94 45.01 16.35 -29.75
CA GLY S 94 44.41 17.61 -29.22
C GLY S 94 43.75 17.46 -27.87
N MET S 95 42.67 16.74 -27.91
CA MET S 95 41.95 16.34 -26.66
C MET S 95 41.18 15.04 -26.67
N ALA S 96 41.44 14.25 -25.63
CA ALA S 96 40.65 13.03 -25.32
C ALA S 96 40.11 13.12 -23.92
N ALA S 97 38.86 13.54 -23.83
CA ALA S 97 38.19 13.81 -22.55
C ALA S 97 37.01 12.89 -22.27
N SER S 98 36.95 12.43 -21.02
CA SER S 98 35.78 11.70 -20.51
C SER S 98 35.50 10.43 -21.38
N MET S 99 34.37 10.29 -22.06
CA MET S 99 34.22 9.16 -23.01
C MET S 99 35.42 9.05 -23.95
N GLY S 100 35.87 10.20 -24.43
CA GLY S 100 37.04 10.32 -25.34
C GLY S 100 38.27 9.61 -24.75
N GLU S 101 38.52 9.86 -23.45
CA GLU S 101 39.63 9.22 -22.74
C GLU S 101 39.35 7.72 -22.64
N PHE S 102 38.14 7.37 -22.19
CA PHE S 102 37.72 5.98 -22.05
C PHE S 102 37.97 5.15 -23.37
N LEU S 103 37.49 5.71 -24.48
CA LEU S 103 37.64 5.03 -25.75
C LEU S 103 39.08 4.97 -26.17
N LEU S 104 39.82 6.01 -25.87
CA LEU S 104 41.26 6.03 -26.14
C LEU S 104 41.94 4.91 -25.42
N ALA S 105 41.69 4.84 -24.13
CA ALA S 105 42.25 3.80 -23.27
C ALA S 105 41.77 2.40 -23.59
N ALA S 106 40.64 2.34 -24.27
CA ALA S 106 40.08 1.04 -24.74
C ALA S 106 40.71 0.46 -26.00
N GLY S 107 41.54 1.26 -26.63
CA GLY S 107 42.27 0.80 -27.81
C GLY S 107 43.08 -0.47 -27.50
N THR S 108 43.35 -1.28 -28.53
CA THR S 108 44.01 -2.59 -28.27
C THR S 108 45.39 -2.35 -27.71
N LYS S 109 45.66 -3.05 -26.60
CA LYS S 109 46.87 -2.84 -25.77
C LYS S 109 48.11 -2.95 -26.52
N GLY S 110 48.90 -1.90 -26.41
CA GLY S 110 50.15 -1.75 -27.15
C GLY S 110 50.02 -0.70 -28.24
N LYS S 111 48.82 -0.55 -28.74
CA LYS S 111 48.57 0.31 -29.89
C LYS S 111 47.72 1.50 -29.55
N ARG S 112 47.94 2.00 -28.36
CA ARG S 112 47.29 3.26 -27.88
C ARG S 112 48.28 4.38 -27.78
N TYR S 113 48.05 5.39 -28.60
CA TYR S 113 49.02 6.49 -28.75
C TYR S 113 48.49 7.84 -28.28
N ALA S 114 49.39 8.69 -27.80
CA ALA S 114 49.05 10.08 -27.53
C ALA S 114 49.97 10.95 -28.36
N LEU S 115 49.42 12.00 -28.95
CA LEU S 115 50.25 13.01 -29.60
C LEU S 115 50.77 13.86 -28.45
N PRO S 116 51.93 14.52 -28.59
CA PRO S 116 52.75 15.03 -27.44
C PRO S 116 52.11 16.12 -26.65
N HIS S 117 51.23 16.84 -27.27
CA HIS S 117 50.55 17.99 -26.60
C HIS S 117 49.06 17.80 -26.49
N ALA S 118 48.68 16.52 -26.56
CA ALA S 118 47.29 16.13 -26.37
C ALA S 118 47.05 16.20 -24.88
N ARG S 119 45.83 16.59 -24.54
CA ARG S 119 45.39 16.52 -23.14
C ARG S 119 44.30 15.44 -22.90
N ILE S 120 44.50 14.67 -21.82
CA ILE S 120 43.55 13.64 -21.40
C ILE S 120 42.88 14.05 -20.10
N LEU S 121 41.58 13.81 -20.03
CA LEU S 121 40.72 14.24 -18.92
C LEU S 121 39.91 13.06 -18.46
N MET S 122 40.08 12.70 -17.19
CA MET S 122 39.34 11.58 -16.60
C MET S 122 38.49 12.18 -15.51
N HIS S 123 37.21 11.81 -15.53
CA HIS S 123 36.27 12.16 -14.42
C HIS S 123 35.06 11.22 -14.35
N GLN S 124 34.30 11.37 -13.28
CA GLN S 124 33.12 10.52 -13.08
C GLN S 124 31.96 11.07 -13.89
N PRO S 125 30.92 10.22 -14.05
CA PRO S 125 29.74 10.59 -14.82
C PRO S 125 28.95 11.72 -14.27
N LEU S 126 28.37 12.44 -15.19
CA LEU S 126 27.46 13.52 -14.87
C LEU S 126 26.16 13.12 -15.38
N GLY S 127 25.13 13.82 -14.96
CA GLY S 127 23.81 13.52 -15.47
C GLY S 127 22.77 14.39 -14.85
N GLY S 128 21.58 13.84 -14.76
CA GLY S 128 20.42 14.58 -14.30
C GLY S 128 19.42 13.69 -13.57
N VAL S 129 18.56 14.35 -12.79
CA VAL S 129 17.61 13.66 -12.00
C VAL S 129 16.33 14.43 -12.18
N THR S 130 15.28 13.70 -12.49
CA THR S 130 13.93 14.27 -12.62
C THR S 130 12.86 13.22 -12.39
N GLY S 131 11.67 13.69 -12.08
CA GLY S 131 10.51 12.86 -11.97
C GLY S 131 9.97 12.69 -10.56
N SER S 132 9.15 11.67 -10.42
CA SER S 132 8.66 11.28 -9.11
C SER S 132 9.79 10.63 -8.26
N ALA S 133 9.59 10.66 -6.95
CA ALA S 133 10.61 10.17 -6.00
C ALA S 133 10.95 8.73 -6.31
N ALA S 134 9.91 8.00 -6.69
CA ALA S 134 10.07 6.61 -7.18
C ALA S 134 10.92 6.49 -8.46
N ASP S 135 10.63 7.35 -9.42
CA ASP S 135 11.41 7.45 -10.70
C ASP S 135 12.88 7.78 -10.46
N ILE S 136 13.08 8.62 -9.43
CA ILE S 136 14.43 9.15 -9.08
C ILE S 136 15.24 8.12 -8.33
N ALA S 137 14.58 7.46 -7.37
CA ALA S 137 15.13 6.26 -6.72
C ALA S 137 15.73 5.28 -7.76
N ILE S 138 15.02 5.08 -8.87
CA ILE S 138 15.41 4.16 -9.97
C ILE S 138 16.63 4.68 -10.69
N GLN S 139 16.59 5.96 -11.02
CA GLN S 139 17.70 6.65 -11.76
C GLN S 139 18.97 6.56 -11.00
N ALA S 140 18.80 6.78 -9.70
CA ALA S 140 19.89 6.75 -8.74
C ALA S 140 20.54 5.40 -8.69
N GLU S 141 19.71 4.40 -8.59
CA GLU S 141 20.14 2.98 -8.61
C GLU S 141 21.05 2.66 -9.80
N GLN S 142 20.62 3.20 -10.92
CA GLN S 142 21.27 3.09 -12.25
C GLN S 142 22.60 3.77 -12.27
N PHE S 143 22.66 4.91 -11.62
CA PHE S 143 23.93 5.67 -11.50
C PHE S 143 24.97 4.81 -10.83
N ALA S 144 24.58 4.21 -9.71
CA ALA S 144 25.44 3.29 -8.96
C ALA S 144 26.05 2.23 -9.87
N VAL S 145 25.17 1.59 -10.62
CA VAL S 145 25.55 0.47 -11.53
C VAL S 145 26.54 0.93 -12.55
N ILE S 146 26.21 2.04 -13.17
CA ILE S 146 27.04 2.63 -14.25
C ILE S 146 28.38 3.19 -13.77
N LYS S 147 28.33 4.04 -12.77
CA LYS S 147 29.52 4.54 -12.13
C LYS S 147 30.48 3.37 -11.87
N LYS S 148 29.96 2.32 -11.23
CA LYS S 148 30.78 1.17 -10.83
C LYS S 148 31.46 0.56 -12.04
N GLU S 149 30.67 0.38 -13.05
CA GLU S 149 31.09 -0.35 -14.23
C GLU S 149 32.12 0.48 -14.99
N MET S 150 31.86 1.76 -15.17
CA MET S 150 32.77 2.61 -15.90
C MET S 150 34.12 2.63 -15.22
N PHE S 151 34.10 2.65 -13.91
CA PHE S 151 35.36 2.63 -13.11
C PHE S 151 36.07 1.33 -13.29
N ARG S 152 35.33 0.24 -13.16
CA ARG S 152 35.87 -1.12 -13.38
C ARG S 152 36.65 -1.25 -14.68
N LEU S 153 36.05 -0.73 -15.72
CA LEU S 153 36.65 -0.76 -17.05
C LEU S 153 37.89 0.12 -17.21
N ASN S 154 37.85 1.30 -16.63
CA ASN S 154 39.02 2.21 -16.71
C ASN S 154 40.17 1.66 -15.95
N ALA S 155 39.81 1.01 -14.87
CA ALA S 155 40.78 0.26 -14.07
C ALA S 155 41.46 -0.80 -14.98
N GLU S 156 40.62 -1.55 -15.68
CA GLU S 156 41.11 -2.65 -16.53
C GLU S 156 42.04 -2.07 -17.57
N PHE S 157 41.61 -1.00 -18.18
CA PHE S 157 42.39 -0.40 -19.30
C PHE S 157 43.75 0.10 -18.86
N THR S 158 43.73 0.85 -17.77
CA THR S 158 44.91 1.57 -17.24
C THR S 158 45.84 0.71 -16.51
N GLY S 159 45.28 -0.28 -15.82
CA GLY S 159 46.03 -1.17 -14.92
C GLY S 159 46.03 -0.71 -13.48
N GLN S 160 45.32 0.37 -13.23
CA GLN S 160 45.19 0.93 -11.86
C GLN S 160 44.18 0.16 -11.05
N PRO S 161 44.30 0.22 -9.72
CA PRO S 161 43.24 -0.31 -8.90
C PRO S 161 41.95 0.54 -8.94
N ILE S 162 40.82 -0.16 -8.90
CA ILE S 162 39.51 0.52 -8.97
C ILE S 162 39.35 1.63 -7.88
N GLU S 163 40.02 1.46 -6.76
CA GLU S 163 39.93 2.46 -5.68
C GLU S 163 40.55 3.78 -6.07
N ARG S 164 41.67 3.73 -6.80
CA ARG S 164 42.33 4.95 -7.31
C ARG S 164 41.56 5.61 -8.44
N ILE S 165 41.02 4.79 -9.33
CA ILE S 165 40.15 5.30 -10.42
C ILE S 165 38.95 6.06 -9.86
N GLU S 166 38.36 5.50 -8.84
CA GLU S 166 37.22 6.15 -8.11
C GLU S 166 37.65 7.51 -7.59
N ALA S 167 38.74 7.48 -6.86
CA ALA S 167 39.25 8.63 -6.13
C ALA S 167 39.66 9.72 -7.09
N ASP S 168 40.47 9.37 -8.06
CA ASP S 168 41.07 10.34 -9.02
C ASP S 168 39.92 10.93 -9.89
N SER S 169 38.97 10.06 -10.22
CA SER S 169 37.75 10.40 -11.05
C SER S 169 36.71 11.30 -10.37
N ASP S 170 36.89 11.58 -9.08
CA ASP S 170 35.86 12.26 -8.29
C ASP S 170 35.54 13.61 -8.85
N ARG S 171 36.58 14.28 -9.29
CA ARG S 171 36.48 15.53 -10.04
C ARG S 171 37.42 15.56 -11.25
N ASP S 172 37.34 16.60 -12.07
CA ASP S 172 38.20 16.71 -13.25
C ASP S 172 39.67 16.46 -12.94
N ARG S 173 40.21 15.53 -13.71
CA ARG S 173 41.55 15.02 -13.50
C ARG S 173 42.29 15.10 -14.80
N TRP S 174 43.22 16.05 -14.86
CA TRP S 174 43.89 16.37 -16.13
C TRP S 174 45.26 15.75 -16.25
N PHE S 175 45.50 15.22 -17.44
CA PHE S 175 46.76 14.54 -17.76
C PHE S 175 47.38 15.16 -19.00
N THR S 176 48.67 15.44 -18.93
CA THR S 176 49.45 15.68 -20.11
C THR S 176 49.69 14.33 -20.82
N ALA S 177 50.13 14.33 -22.08
CA ALA S 177 50.55 13.04 -22.70
C ALA S 177 51.50 12.20 -21.78
N ALA S 178 52.49 12.86 -21.24
CA ALA S 178 53.48 12.24 -20.33
C ALA S 178 52.82 11.48 -19.18
N GLU S 179 52.00 12.21 -18.47
CA GLU S 179 51.30 11.68 -17.28
C GLU S 179 50.33 10.50 -17.62
N ALA S 180 49.71 10.63 -18.77
CA ALA S 180 48.75 9.64 -19.26
C ALA S 180 49.43 8.35 -19.55
N LEU S 181 50.68 8.44 -19.98
CA LEU S 181 51.46 7.27 -20.29
C LEU S 181 51.70 6.54 -18.98
N GLU S 182 52.12 7.30 -17.97
CA GLU S 182 52.47 6.63 -16.71
C GLU S 182 51.25 6.18 -15.92
N TYR S 183 50.11 6.74 -16.25
CA TYR S 183 48.88 6.32 -15.57
C TYR S 183 48.36 5.03 -16.21
N GLY S 184 48.64 4.87 -17.49
CA GLY S 184 48.21 3.68 -18.22
C GLY S 184 47.01 3.86 -19.14
N PHE S 185 46.69 5.10 -19.50
CA PHE S 185 45.64 5.40 -20.54
C PHE S 185 46.11 5.08 -21.96
N VAL S 186 47.42 5.03 -22.07
CA VAL S 186 48.04 5.09 -23.34
C VAL S 186 49.36 4.30 -23.24
N ASP S 187 49.75 3.71 -24.35
CA ASP S 187 51.01 2.90 -24.42
C ASP S 187 52.27 3.67 -24.89
N HIS S 188 52.08 4.53 -25.84
CA HIS S 188 53.15 5.30 -26.41
C HIS S 188 52.79 6.76 -26.60
N ILE S 189 53.85 7.54 -26.71
CA ILE S 189 53.79 8.95 -27.18
C ILE S 189 54.54 9.09 -28.46
N ILE S 190 53.91 9.65 -29.44
CA ILE S 190 54.50 9.77 -30.78
C ILE S 190 55.34 11.04 -31.00
N THR S 191 56.45 10.90 -31.70
CA THR S 191 57.44 12.00 -31.87
C THR S 191 58.32 12.00 -33.13
N ARG S 192 58.63 13.21 -33.60
CA ARG S 192 59.65 13.39 -34.62
C ARG S 192 59.86 14.88 -34.87
N LEU T 2 26.02 10.73 -18.80
CA LEU T 2 27.15 11.35 -19.57
C LEU T 2 28.51 11.20 -18.87
N LEU T 3 29.52 10.72 -19.57
CA LEU T 3 30.93 10.91 -19.18
C LEU T 3 31.47 12.15 -19.89
N SER U 15 30.85 21.47 -55.51
CA SER U 15 30.47 22.80 -54.93
C SER U 15 31.54 23.84 -55.25
N LEU U 16 31.18 25.00 -55.79
CA LEU U 16 32.21 25.87 -56.40
C LEU U 16 33.35 26.20 -55.48
N THR U 17 33.06 26.47 -54.23
CA THR U 17 34.14 26.80 -53.27
C THR U 17 34.94 25.56 -52.91
N ASP U 18 34.21 24.49 -52.56
CA ASP U 18 34.79 23.17 -52.33
C ASP U 18 35.72 22.75 -53.48
N SER U 19 35.20 22.87 -54.70
CA SER U 19 35.94 22.52 -55.94
C SER U 19 37.25 23.31 -56.09
N VAL U 20 37.18 24.58 -55.72
CA VAL U 20 38.33 25.48 -55.77
C VAL U 20 39.40 25.15 -54.76
N TYR U 21 38.95 24.74 -53.59
CA TYR U 21 39.87 24.36 -52.49
C TYR U 21 40.52 23.00 -52.75
N GLU U 22 39.68 22.03 -53.07
CA GLU U 22 40.05 20.75 -53.73
C GLU U 22 41.23 20.87 -54.72
N ARG U 23 41.05 21.69 -55.73
CA ARG U 23 42.11 21.85 -56.75
C ARG U 23 43.42 22.36 -56.13
N LEU U 24 43.29 23.26 -55.17
CA LEU U 24 44.44 23.72 -54.38
C LEU U 24 45.01 22.65 -53.48
N LEU U 25 44.13 21.88 -52.88
CA LEU U 25 44.48 20.79 -52.01
C LEU U 25 45.39 19.81 -52.78
N SER U 26 45.03 19.52 -54.02
CA SER U 26 45.86 18.64 -54.86
C SER U 26 47.18 19.31 -55.21
N GLU U 27 47.25 20.62 -55.08
CA GLU U 27 48.54 21.39 -55.20
C GLU U 27 49.26 21.56 -53.85
N ARG U 28 48.82 20.77 -52.88
CA ARG U 28 49.42 20.69 -51.53
C ARG U 28 49.28 22.02 -50.77
N ILE U 29 48.18 22.70 -51.05
CA ILE U 29 47.84 23.98 -50.43
C ILE U 29 46.56 23.87 -49.62
N ILE U 30 46.72 24.23 -48.38
CA ILE U 30 45.70 24.12 -47.33
C ILE U 30 45.41 25.46 -46.70
N PHE U 31 44.16 25.66 -46.26
CA PHE U 31 43.78 26.91 -45.59
C PHE U 31 43.26 26.72 -44.20
N LEU U 32 43.77 27.59 -43.35
CA LEU U 32 43.21 27.84 -42.03
C LEU U 32 42.61 29.24 -42.10
N GLY U 33 41.36 29.30 -42.53
CA GLY U 33 40.71 30.57 -42.87
C GLY U 33 39.61 31.00 -41.93
N SER U 34 39.57 30.44 -40.74
CA SER U 34 38.53 30.81 -39.78
C SER U 34 38.91 30.57 -38.33
N GLU U 35 37.93 30.80 -37.48
CA GLU U 35 38.05 30.46 -36.05
C GLU U 35 38.47 29.01 -35.99
N VAL U 36 39.38 28.75 -35.08
CA VAL U 36 39.91 27.42 -34.87
C VAL U 36 39.03 26.60 -33.93
N ASN U 37 38.16 25.77 -34.50
CA ASN U 37 37.41 24.77 -33.73
C ASN U 37 37.99 23.41 -33.86
N ASP U 38 37.49 22.55 -32.97
CA ASP U 38 37.60 21.11 -33.09
C ASP U 38 37.27 20.69 -34.54
N GLU U 39 36.18 21.21 -35.08
CA GLU U 39 35.79 20.84 -36.45
C GLU U 39 36.77 21.25 -37.54
N ILE U 40 37.19 22.48 -37.47
CA ILE U 40 38.18 23.00 -38.43
C ILE U 40 39.53 22.29 -38.26
N ALA U 41 39.92 22.13 -37.01
CA ALA U 41 41.20 21.50 -36.66
C ALA U 41 41.25 20.11 -37.20
N ASN U 42 40.14 19.42 -37.08
CA ASN U 42 40.12 18.02 -37.46
C ASN U 42 40.34 17.83 -38.93
N ARG U 43 39.68 18.69 -39.67
CA ARG U 43 39.75 18.67 -41.11
C ARG U 43 41.15 19.01 -41.58
N LEU U 44 41.75 19.98 -40.93
CA LEU U 44 43.13 20.33 -41.24
C LEU U 44 44.08 19.19 -40.93
N CYS U 45 43.87 18.59 -39.77
CA CYS U 45 44.70 17.45 -39.35
C CYS U 45 44.57 16.28 -40.35
N ALA U 46 43.34 16.05 -40.78
CA ALA U 46 43.06 15.00 -41.77
C ALA U 46 43.79 15.33 -43.07
N GLN U 47 43.70 16.58 -43.51
CA GLN U 47 44.34 17.03 -44.76
C GLN U 47 45.84 16.85 -44.71
N ILE U 48 46.44 17.25 -43.60
CA ILE U 48 47.89 17.07 -43.46
C ILE U 48 48.28 15.58 -43.48
N LEU U 49 47.47 14.77 -42.80
CA LEU U 49 47.64 13.30 -42.77
C LEU U 49 47.60 12.67 -44.19
N LEU U 50 46.59 13.09 -44.94
CA LEU U 50 46.29 12.62 -46.30
C LEU U 50 47.41 13.01 -47.26
N LEU U 51 47.84 14.25 -47.14
CA LEU U 51 48.95 14.77 -48.00
C LEU U 51 50.28 14.09 -47.71
N ALA U 52 50.58 13.91 -46.44
CA ALA U 52 51.81 13.22 -46.04
C ALA U 52 51.82 11.82 -46.63
N ALA U 53 50.69 11.14 -46.40
CA ALA U 53 50.48 9.76 -46.90
C ALA U 53 50.57 9.67 -48.44
N GLU U 54 50.15 10.71 -49.14
CA GLU U 54 50.31 10.77 -50.62
C GLU U 54 51.78 10.90 -50.96
N ASP U 55 52.33 12.06 -50.74
CA ASP U 55 53.75 12.32 -51.04
C ASP U 55 54.50 12.80 -49.80
N ALA U 56 55.28 11.92 -49.20
CA ALA U 56 55.89 12.20 -47.88
C ALA U 56 57.15 13.08 -47.96
N SER U 57 57.48 13.52 -49.15
CA SER U 57 58.71 14.26 -49.36
C SER U 57 58.45 15.74 -49.67
N LYS U 58 57.43 15.99 -50.48
CA LYS U 58 57.04 17.36 -50.87
C LYS U 58 56.39 18.21 -49.75
N ASP U 59 56.73 19.48 -49.79
CA ASP U 59 56.18 20.46 -48.87
C ASP U 59 54.66 20.56 -48.93
N ILE U 60 54.12 20.93 -47.78
CA ILE U 60 52.74 21.43 -47.62
C ILE U 60 52.71 22.92 -47.27
N SER U 61 51.84 23.61 -47.98
CA SER U 61 51.66 25.05 -47.77
C SER U 61 50.37 25.35 -47.03
N LEU U 62 50.54 25.96 -45.86
CA LEU U 62 49.44 26.26 -44.93
C LEU U 62 49.19 27.75 -44.85
N TYR U 63 48.20 28.17 -45.60
CA TYR U 63 47.79 29.58 -45.62
C TYR U 63 46.93 29.87 -44.41
N ILE U 64 47.28 30.90 -43.67
CA ILE U 64 46.58 31.23 -42.43
C ILE U 64 45.98 32.60 -42.47
N ASN U 65 44.65 32.65 -42.37
CA ASN U 65 43.86 33.92 -42.16
C ASN U 65 42.78 33.69 -41.10
N SER U 66 43.20 33.71 -39.85
CA SER U 66 42.36 33.23 -38.72
C SER U 66 42.50 34.17 -37.54
N PRO U 67 41.39 34.43 -36.81
CA PRO U 67 41.38 35.28 -35.61
C PRO U 67 41.83 34.56 -34.33
N GLY U 68 42.10 33.26 -34.45
CA GLY U 68 42.49 32.44 -33.30
C GLY U 68 41.39 31.46 -32.98
N GLY U 69 41.48 30.87 -31.79
CA GLY U 69 40.52 29.83 -31.41
C GLY U 69 40.94 28.92 -30.28
N SER U 70 40.39 27.70 -30.29
CA SER U 70 40.58 26.71 -29.19
C SER U 70 42.03 26.25 -29.13
N ILE U 71 42.61 26.30 -27.95
CA ILE U 71 43.97 25.79 -27.79
C ILE U 71 44.07 24.30 -28.05
N SER U 72 43.23 23.55 -27.30
CA SER U 72 43.09 22.12 -27.51
C SER U 72 43.13 21.76 -29.02
N ALA U 73 42.19 22.34 -29.74
CA ALA U 73 42.07 22.17 -31.23
C ALA U 73 43.31 22.61 -32.00
N GLY U 74 43.90 23.71 -31.57
CA GLY U 74 45.07 24.22 -32.16
C GLY U 74 46.25 23.27 -32.00
N MET U 75 46.34 22.66 -30.84
CA MET U 75 47.47 21.72 -30.52
C MET U 75 47.38 20.40 -31.31
N ALA U 76 46.16 20.05 -31.65
CA ALA U 76 45.94 18.94 -32.60
C ALA U 76 46.62 19.24 -33.90
N ILE U 77 46.34 20.42 -34.41
CA ILE U 77 46.99 20.90 -35.66
C ILE U 77 48.51 20.99 -35.53
N TYR U 78 48.96 21.59 -34.44
CA TYR U 78 50.39 21.73 -34.19
C TYR U 78 51.10 20.38 -34.16
N ASP U 79 50.65 19.47 -33.30
CA ASP U 79 51.26 18.13 -33.22
C ASP U 79 51.25 17.45 -34.59
N THR U 80 50.12 17.57 -35.28
CA THR U 80 49.95 16.95 -36.61
C THR U 80 50.98 17.51 -37.59
N MET U 81 51.22 18.82 -37.47
CA MET U 81 52.30 19.53 -38.22
C MET U 81 53.68 18.96 -37.90
N VAL U 82 54.02 19.00 -36.63
CA VAL U 82 55.30 18.48 -36.15
C VAL U 82 55.55 17.03 -36.59
N LEU U 83 54.54 16.18 -36.44
CA LEU U 83 54.70 14.74 -36.72
C LEU U 83 54.71 14.40 -38.20
N ALA U 84 54.23 15.30 -39.01
CA ALA U 84 54.28 15.11 -40.50
C ALA U 84 55.70 14.89 -40.98
N PRO U 85 55.90 13.99 -41.97
CA PRO U 85 57.28 13.68 -42.46
C PRO U 85 57.80 14.82 -43.29
N CYS U 86 56.91 15.38 -44.07
CA CYS U 86 57.25 16.49 -44.88
C CYS U 86 57.24 17.79 -44.11
N ASP U 87 57.93 18.76 -44.70
CA ASP U 87 57.94 20.15 -44.24
C ASP U 87 56.60 20.84 -44.41
N ILE U 88 56.37 21.83 -43.53
CA ILE U 88 55.12 22.64 -43.52
C ILE U 88 55.46 24.09 -43.51
N ALA U 89 55.17 24.67 -44.67
CA ALA U 89 55.40 26.09 -44.92
C ALA U 89 54.16 26.85 -44.47
N THR U 90 54.34 27.97 -43.81
CA THR U 90 53.17 28.74 -43.30
C THR U 90 53.17 30.15 -43.82
N TYR U 91 52.04 30.55 -44.37
CA TYR U 91 51.83 31.89 -44.93
C TYR U 91 50.82 32.66 -44.17
N ALA U 92 51.24 33.79 -43.65
CA ALA U 92 50.31 34.63 -42.94
C ALA U 92 49.67 35.58 -43.91
N MET U 93 48.40 35.34 -44.23
CA MET U 93 47.69 36.27 -45.11
C MET U 93 46.48 36.96 -44.50
N GLY U 94 46.47 38.30 -44.62
CA GLY U 94 45.45 39.13 -44.01
C GLY U 94 45.63 39.23 -42.52
N MET U 95 45.39 38.11 -41.84
CA MET U 95 45.50 38.03 -40.36
C MET U 95 45.79 36.69 -39.74
N ALA U 96 46.80 36.73 -38.88
CA ALA U 96 47.21 35.58 -38.08
C ALA U 96 47.25 36.00 -36.65
N ALA U 97 46.16 35.68 -35.99
CA ALA U 97 45.94 36.08 -34.59
C ALA U 97 45.89 34.87 -33.61
N SER U 98 46.55 35.06 -32.47
CA SER U 98 46.44 34.16 -31.33
C SER U 98 46.85 32.70 -31.73
N MET U 99 45.98 31.69 -31.67
CA MET U 99 46.35 30.36 -32.22
C MET U 99 46.88 30.49 -33.66
N GLY U 100 46.26 31.37 -34.44
CA GLY U 100 46.67 31.66 -35.85
C GLY U 100 48.14 32.09 -35.92
N GLU U 101 48.54 32.98 -35.00
CA GLU U 101 49.97 33.41 -34.90
C GLU U 101 50.86 32.23 -34.47
N PHE U 102 50.42 31.54 -33.42
CA PHE U 102 51.11 30.35 -32.88
C PHE U 102 51.41 29.34 -34.01
N LEU U 103 50.38 29.01 -34.77
CA LEU U 103 50.50 27.99 -35.82
C LEU U 103 51.37 28.49 -36.95
N LEU U 104 51.26 29.78 -37.23
CA LEU U 104 52.13 30.42 -38.20
C LEU U 104 53.58 30.25 -37.81
N ALA U 105 53.85 30.67 -36.60
CA ALA U 105 55.21 30.60 -36.03
C ALA U 105 55.76 29.17 -35.89
N ALA U 106 54.82 28.23 -35.82
CA ALA U 106 55.15 26.78 -35.70
C ALA U 106 55.50 26.12 -37.06
N GLY U 107 55.34 26.86 -38.15
CA GLY U 107 55.79 26.39 -39.45
C GLY U 107 57.30 26.02 -39.46
N THR U 108 57.69 25.12 -40.36
CA THR U 108 59.07 24.64 -40.32
C THR U 108 60.02 25.80 -40.60
N LYS U 109 61.02 25.93 -39.72
CA LYS U 109 61.94 27.09 -39.70
C LYS U 109 62.62 27.34 -40.99
N GLY U 110 62.53 28.56 -41.43
CA GLY U 110 63.03 28.96 -42.72
C GLY U 110 61.90 29.17 -43.71
N LYS U 111 60.82 28.42 -43.52
CA LYS U 111 59.69 28.41 -44.47
C LYS U 111 58.42 29.00 -43.90
N ARG U 112 58.61 30.01 -43.06
CA ARG U 112 57.48 30.79 -42.47
C ARG U 112 57.41 32.19 -43.04
N TYR U 113 56.34 32.44 -43.74
CA TYR U 113 56.20 33.68 -44.52
C TYR U 113 55.07 34.57 -44.02
N ALA U 114 55.26 35.86 -44.21
CA ALA U 114 54.18 36.82 -44.02
C ALA U 114 53.93 37.54 -45.32
N LEU U 115 52.66 37.73 -45.67
CA LEU U 115 52.32 38.59 -46.80
C LEU U 115 52.48 40.00 -46.24
N PRO U 116 52.88 40.99 -47.07
CA PRO U 116 53.38 42.34 -46.60
C PRO U 116 52.44 43.18 -45.72
N HIS U 117 51.15 42.98 -45.89
CA HIS U 117 50.13 43.76 -45.11
C HIS U 117 49.30 42.90 -44.18
N ALA U 118 49.87 41.75 -43.89
CA ALA U 118 49.27 40.84 -42.95
C ALA U 118 49.53 41.41 -41.58
N ARG U 119 48.60 41.15 -40.68
CA ARG U 119 48.80 41.51 -39.26
C ARG U 119 48.87 40.27 -38.37
N ILE U 120 49.84 40.31 -37.47
CA ILE U 120 50.05 39.27 -36.48
C ILE U 120 49.74 39.80 -35.07
N LEU U 121 49.03 38.98 -34.30
CA LEU U 121 48.48 39.31 -32.95
C LEU U 121 48.89 38.25 -31.99
N MET U 122 49.65 38.66 -31.00
CA MET U 122 50.06 37.72 -29.96
C MET U 122 49.43 38.20 -28.69
N HIS U 123 48.84 37.25 -27.95
CA HIS U 123 48.36 37.51 -26.58
C HIS U 123 48.22 36.21 -25.77
N GLN U 124 47.93 36.37 -24.49
CA GLN U 124 47.78 35.22 -23.55
C GLN U 124 46.41 34.67 -23.70
N PRO U 125 46.21 33.45 -23.17
CA PRO U 125 44.96 32.74 -23.27
C PRO U 125 43.83 33.42 -22.56
N LEU U 126 42.67 33.28 -23.17
CA LEU U 126 41.40 33.67 -22.58
C LEU U 126 40.65 32.37 -22.21
N GLY U 127 39.63 32.49 -21.38
CA GLY U 127 38.83 31.35 -21.10
C GLY U 127 37.68 31.67 -20.17
N GLY U 128 37.34 30.71 -19.32
CA GLY U 128 36.24 30.82 -18.42
C GLY U 128 36.43 30.00 -17.16
N VAL U 129 35.68 30.38 -16.14
CA VAL U 129 35.73 29.73 -14.84
C VAL U 129 34.29 29.54 -14.38
N THR U 130 33.99 28.32 -13.95
CA THR U 130 32.66 27.98 -13.44
C THR U 130 32.73 26.79 -12.52
N GLY U 131 31.70 26.65 -11.70
CA GLY U 131 31.49 25.46 -10.92
C GLY U 131 31.69 25.68 -9.44
N SER U 132 31.93 24.59 -8.74
CA SER U 132 32.25 24.65 -7.31
C SER U 132 33.68 25.13 -7.14
N ALA U 133 33.94 25.61 -5.94
CA ALA U 133 35.25 26.25 -5.64
C ALA U 133 36.35 25.25 -5.91
N ALA U 134 36.03 24.01 -5.60
CA ALA U 134 36.94 22.88 -5.87
C ALA U 134 37.18 22.69 -7.36
N ASP U 135 36.11 22.76 -8.10
CA ASP U 135 36.17 22.61 -9.58
C ASP U 135 37.02 23.72 -10.22
N ILE U 136 36.91 24.87 -9.61
CA ILE U 136 37.54 26.10 -10.13
C ILE U 136 39.04 26.12 -9.82
N ALA U 137 39.34 25.73 -8.59
CA ALA U 137 40.72 25.47 -8.16
C ALA U 137 41.47 24.64 -9.22
N ILE U 138 40.77 23.65 -9.74
CA ILE U 138 41.33 22.67 -10.71
C ILE U 138 41.56 23.34 -12.03
N GLN U 139 40.56 24.08 -12.45
CA GLN U 139 40.61 24.85 -13.73
C GLN U 139 41.76 25.79 -13.76
N ALA U 140 41.90 26.45 -12.64
CA ALA U 140 42.92 27.42 -12.40
C ALA U 140 44.30 26.81 -12.52
N GLU U 141 44.48 25.70 -11.84
CA GLU U 141 45.73 24.92 -11.89
C GLU U 141 46.18 24.64 -13.28
N GLN U 142 45.17 24.32 -14.07
CA GLN U 142 45.33 23.98 -15.47
C GLN U 142 45.68 25.18 -16.32
N PHE U 143 45.10 26.31 -15.99
CA PHE U 143 45.44 27.58 -16.67
C PHE U 143 46.94 27.82 -16.53
N ALA U 144 47.44 27.67 -15.32
CA ALA U 144 48.89 27.83 -15.01
C ALA U 144 49.73 26.99 -15.97
N VAL U 145 49.36 25.71 -16.05
CA VAL U 145 50.09 24.71 -16.86
C VAL U 145 50.12 25.12 -18.32
N ILE U 146 48.95 25.47 -18.80
CA ILE U 146 48.75 25.85 -20.20
C ILE U 146 49.40 27.19 -20.59
N LYS U 147 49.10 28.21 -19.82
CA LYS U 147 49.76 29.51 -19.99
C LYS U 147 51.29 29.32 -20.12
N LYS U 148 51.85 28.60 -19.17
CA LYS U 148 53.31 28.38 -19.14
C LYS U 148 53.82 27.71 -20.39
N GLU U 149 53.11 26.68 -20.82
CA GLU U 149 53.60 25.91 -21.96
C GLU U 149 53.43 26.64 -23.22
N MET U 150 52.32 27.35 -23.38
CA MET U 150 52.07 28.12 -24.64
C MET U 150 53.13 29.19 -24.80
N PHE U 151 53.51 29.77 -23.68
CA PHE U 151 54.62 30.76 -23.65
C PHE U 151 55.95 30.15 -23.97
N ARG U 152 56.25 29.06 -23.31
CA ARG U 152 57.44 28.23 -23.62
C ARG U 152 57.60 27.97 -25.17
N LEU U 153 56.51 27.55 -25.79
CA LEU U 153 56.51 27.20 -27.21
C LEU U 153 56.66 28.39 -28.14
N ASN U 154 56.00 29.49 -27.81
CA ASN U 154 56.16 30.73 -28.60
C ASN U 154 57.58 31.30 -28.49
N ALA U 155 58.13 31.17 -27.29
CA ALA U 155 59.53 31.49 -27.06
C ALA U 155 60.44 30.64 -27.99
N GLU U 156 60.18 29.34 -28.03
CA GLU U 156 60.95 28.40 -28.87
C GLU U 156 60.82 28.83 -30.33
N PHE U 157 59.61 29.09 -30.76
CA PHE U 157 59.35 29.44 -32.21
C PHE U 157 60.06 30.72 -32.66
N THR U 158 59.91 31.75 -31.83
CA THR U 158 60.37 33.11 -32.11
C THR U 158 61.82 33.32 -31.84
N GLY U 159 62.33 32.63 -30.83
CA GLY U 159 63.70 32.80 -30.41
C GLY U 159 63.84 33.83 -29.33
N GLN U 160 62.73 34.36 -28.90
CA GLN U 160 62.69 35.27 -27.74
C GLN U 160 62.73 34.58 -26.39
N PRO U 161 63.10 35.34 -25.34
CA PRO U 161 63.11 34.72 -24.02
C PRO U 161 61.70 34.63 -23.48
N ILE U 162 61.45 33.54 -22.78
CA ILE U 162 60.10 33.34 -22.21
C ILE U 162 59.62 34.60 -21.43
N GLU U 163 60.52 35.36 -20.84
CA GLU U 163 60.15 36.52 -19.97
C GLU U 163 59.55 37.60 -20.77
N ARG U 164 60.06 37.78 -21.97
CA ARG U 164 59.50 38.77 -22.90
C ARG U 164 58.17 38.32 -23.55
N ILE U 165 58.11 37.06 -23.93
CA ILE U 165 56.85 36.46 -24.42
C ILE U 165 55.74 36.68 -23.38
N GLU U 166 56.04 36.42 -22.10
CA GLU U 166 55.07 36.57 -20.98
C GLU U 166 54.56 38.01 -20.91
N ALA U 167 55.54 38.90 -20.90
CA ALA U 167 55.32 40.34 -20.73
C ALA U 167 54.55 40.88 -21.90
N ASP U 168 55.03 40.58 -23.10
CA ASP U 168 54.41 41.16 -24.36
C ASP U 168 52.98 40.60 -24.55
N SER U 169 52.84 39.31 -24.22
CA SER U 169 51.58 38.58 -24.37
C SER U 169 50.49 38.98 -23.37
N ASP U 170 50.84 39.81 -22.40
CA ASP U 170 49.92 40.11 -21.25
C ASP U 170 48.62 40.68 -21.72
N ARG U 171 48.75 41.53 -22.73
CA ARG U 171 47.58 42.06 -23.47
C ARG U 171 47.79 42.01 -24.96
N ASP U 172 46.77 42.31 -25.73
CA ASP U 172 46.93 42.29 -27.18
C ASP U 172 48.21 43.00 -27.62
N ARG U 173 48.97 42.26 -28.42
CA ARG U 173 50.26 42.70 -28.96
C ARG U 173 50.30 42.58 -30.47
N TRP U 174 50.25 43.73 -31.12
CA TRP U 174 50.11 43.76 -32.57
C TRP U 174 51.44 43.92 -33.30
N PHE U 175 51.58 43.15 -34.38
CA PHE U 175 52.74 43.20 -35.24
C PHE U 175 52.34 43.41 -36.70
N THR U 176 53.05 44.31 -37.35
CA THR U 176 53.02 44.41 -38.81
C THR U 176 53.90 43.30 -39.36
N ALA U 177 53.80 43.01 -40.65
CA ALA U 177 54.71 41.96 -41.20
C ALA U 177 56.18 42.24 -40.80
N ALA U 178 56.56 43.48 -40.96
CA ALA U 178 57.92 43.93 -40.66
C ALA U 178 58.35 43.54 -39.25
N GLU U 179 57.55 43.96 -38.31
CA GLU U 179 57.82 43.75 -36.87
C GLU U 179 57.85 42.26 -36.50
N ALA U 180 57.00 41.51 -37.20
CA ALA U 180 56.85 40.05 -36.98
C ALA U 180 58.08 39.33 -37.41
N LEU U 181 58.72 39.85 -38.43
CA LEU U 181 59.98 39.30 -38.91
C LEU U 181 61.06 39.48 -37.84
N GLU U 182 61.16 40.70 -37.31
CA GLU U 182 62.21 40.99 -36.32
C GLU U 182 61.93 40.33 -35.00
N TYR U 183 60.69 40.00 -34.74
CA TYR U 183 60.36 39.34 -33.45
C TYR U 183 60.61 37.86 -33.55
N GLY U 184 60.52 37.32 -34.75
CA GLY U 184 60.82 35.92 -35.01
C GLY U 184 59.64 34.98 -35.17
N PHE U 185 58.47 35.56 -35.46
CA PHE U 185 57.24 34.77 -35.77
C PHE U 185 57.34 34.14 -37.15
N VAL U 186 58.22 34.73 -37.94
CA VAL U 186 58.19 34.55 -39.37
C VAL U 186 59.63 34.71 -39.88
N ASP U 187 59.96 34.00 -40.94
CA ASP U 187 61.33 34.03 -41.52
C ASP U 187 61.50 35.02 -42.66
N HIS U 188 60.47 35.13 -43.48
CA HIS U 188 60.49 36.00 -44.62
C HIS U 188 59.23 36.79 -44.78
N ILE U 189 59.39 37.86 -45.55
CA ILE U 189 58.27 38.59 -46.10
C ILE U 189 58.25 38.48 -47.59
N ILE U 190 57.11 38.14 -48.16
CA ILE U 190 57.02 37.97 -49.61
C ILE U 190 56.69 39.26 -50.33
N THR U 191 57.58 39.71 -51.21
CA THR U 191 57.31 40.83 -52.19
C THR U 191 57.63 40.34 -53.60
N ARG U 192 56.67 40.41 -54.52
CA ARG U 192 56.96 40.06 -55.92
C ARG U 192 55.66 40.17 -56.76
N LEU V 2 41.03 29.29 -24.74
CA LEU V 2 41.03 30.02 -26.07
C LEU V 2 42.29 30.92 -26.25
N LEU V 3 42.85 30.93 -27.45
CA LEU V 3 43.83 31.94 -27.88
C LEU V 3 43.21 32.58 -29.11
N SER W 15 25.31 23.39 -59.36
CA SER W 15 24.34 24.43 -58.86
C SER W 15 24.27 25.61 -59.82
N LEU W 16 23.10 26.05 -60.24
CA LEU W 16 23.04 26.95 -61.42
C LEU W 16 23.89 28.18 -61.32
N THR W 17 23.91 28.80 -60.15
CA THR W 17 24.76 30.01 -59.95
C THR W 17 26.23 29.66 -59.87
N ASP W 18 26.53 28.65 -59.06
CA ASP W 18 27.89 28.06 -59.00
C ASP W 18 28.40 27.72 -60.40
N SER W 19 27.60 26.96 -61.16
CA SER W 19 27.96 26.54 -62.50
C SER W 19 28.30 27.74 -63.40
N VAL W 20 27.52 28.79 -63.24
CA VAL W 20 27.67 30.03 -64.06
C VAL W 20 28.95 30.79 -63.72
N TYR W 21 29.28 30.77 -62.45
CA TYR W 21 30.51 31.43 -61.98
C TYR W 21 31.74 30.63 -62.39
N GLU W 22 31.71 29.34 -62.06
CA GLU W 22 32.63 28.29 -62.61
C GLU W 22 33.03 28.55 -64.05
N ARG W 23 32.05 28.63 -64.92
CA ARG W 23 32.33 28.85 -66.37
C ARG W 23 33.07 30.18 -66.63
N LEU W 24 32.70 31.21 -65.87
CA LEU W 24 33.44 32.48 -65.83
C LEU W 24 34.82 32.39 -65.22
N LEU W 25 34.91 31.63 -64.15
CA LEU W 25 36.18 31.36 -63.49
C LEU W 25 37.19 30.74 -64.46
N SER W 26 36.74 29.80 -65.27
CA SER W 26 37.61 29.20 -66.30
C SER W 26 37.98 30.22 -67.39
N GLU W 27 37.19 31.27 -67.52
CA GLU W 27 37.56 32.42 -68.40
C GLU W 27 38.42 33.48 -67.70
N ARG W 28 38.93 33.12 -66.55
CA ARG W 28 39.77 33.99 -65.70
C ARG W 28 39.01 35.26 -65.18
N ILE W 29 37.72 35.07 -64.95
CA ILE W 29 36.86 36.13 -64.39
C ILE W 29 36.30 35.73 -62.99
N ILE W 30 36.59 36.61 -62.08
CA ILE W 30 36.29 36.47 -60.68
C ILE W 30 35.38 37.60 -60.18
N PHE W 31 34.55 37.30 -59.17
CA PHE W 31 33.68 38.34 -58.56
C PHE W 31 33.91 38.56 -57.09
N LEU W 32 33.94 39.84 -56.75
CA LEU W 32 33.81 40.30 -55.38
C LEU W 32 32.47 41.01 -55.31
N GLY W 33 31.44 40.24 -55.02
CA GLY W 33 30.03 40.70 -55.15
C GLY W 33 29.29 40.98 -53.86
N SER W 34 30.03 41.07 -52.78
CA SER W 34 29.41 41.14 -51.48
C SER W 34 30.26 41.74 -50.43
N GLU W 35 29.71 41.73 -49.23
CA GLU W 35 30.45 42.15 -48.02
C GLU W 35 31.72 41.32 -47.97
N VAL W 36 32.81 41.99 -47.64
CA VAL W 36 34.12 41.38 -47.57
C VAL W 36 34.40 40.71 -46.23
N ASN W 37 34.15 39.41 -46.14
CA ASN W 37 34.52 38.64 -44.96
C ASN W 37 35.75 37.90 -45.20
N ASP W 38 36.26 37.40 -44.07
CA ASP W 38 37.25 36.36 -44.06
C ASP W 38 36.83 35.30 -45.09
N GLU W 39 35.57 34.89 -45.07
CA GLU W 39 35.12 33.76 -45.95
C GLU W 39 35.20 34.07 -47.40
N ILE W 40 34.68 35.22 -47.72
CA ILE W 40 34.69 35.69 -49.10
C ILE W 40 36.11 35.98 -49.58
N ALA W 41 36.89 36.60 -48.71
CA ALA W 41 38.32 36.92 -48.95
C ALA W 41 39.14 35.67 -49.21
N ASN W 42 38.90 34.65 -48.43
CA ASN W 42 39.66 33.40 -48.59
C ASN W 42 39.45 32.71 -49.94
N ARG W 43 38.19 32.70 -50.35
CA ARG W 43 37.78 32.09 -51.61
C ARG W 43 38.39 32.86 -52.75
N LEU W 44 38.37 34.17 -52.65
CA LEU W 44 38.99 35.03 -53.68
C LEU W 44 40.48 34.83 -53.75
N CYS W 45 41.09 34.78 -52.59
CA CYS W 45 42.53 34.53 -52.52
C CYS W 45 42.89 33.18 -53.15
N ALA W 46 42.06 32.19 -52.84
CA ALA W 46 42.24 30.81 -53.37
C ALA W 46 42.12 30.84 -54.90
N GLN W 47 41.09 31.52 -55.36
CA GLN W 47 40.84 31.64 -56.77
C GLN W 47 42.06 32.30 -57.48
N ILE W 48 42.57 33.39 -56.92
CA ILE W 48 43.69 34.10 -57.56
C ILE W 48 44.95 33.22 -57.58
N LEU W 49 45.14 32.49 -56.49
CA LEU W 49 46.22 31.49 -56.37
C LEU W 49 46.15 30.39 -57.46
N LEU W 50 44.94 29.87 -57.62
CA LEU W 50 44.61 28.76 -58.53
C LEU W 50 44.82 29.20 -59.97
N LEU W 51 44.31 30.37 -60.29
CA LEU W 51 44.43 30.95 -61.66
C LEU W 51 45.87 31.26 -62.03
N ALA W 52 46.61 31.86 -61.09
CA ALA W 52 48.04 32.15 -61.27
C ALA W 52 48.82 30.85 -61.57
N ALA W 53 48.58 29.86 -60.71
CA ALA W 53 49.16 28.51 -60.85
C ALA W 53 48.79 27.81 -62.18
N GLU W 54 47.58 28.04 -62.69
CA GLU W 54 47.19 27.53 -64.02
C GLU W 54 48.00 28.23 -65.09
N ASP W 55 47.69 29.48 -65.37
CA ASP W 55 48.37 30.28 -66.42
C ASP W 55 48.96 31.58 -65.83
N ALA W 56 50.26 31.58 -65.60
CA ALA W 56 50.89 32.68 -64.81
C ALA W 56 51.12 33.93 -65.66
N SER W 57 50.70 33.89 -66.90
CA SER W 57 51.00 34.97 -67.83
C SER W 57 49.75 35.78 -68.17
N LYS W 58 48.62 35.08 -68.35
CA LYS W 58 47.33 35.74 -68.65
C LYS W 58 46.70 36.53 -67.48
N ASP W 59 46.09 37.64 -67.85
CA ASP W 59 45.35 38.47 -66.91
C ASP W 59 44.23 37.73 -66.22
N ILE W 60 43.98 38.24 -65.01
CA ILE W 60 42.77 37.95 -64.19
C ILE W 60 41.87 39.20 -64.10
N SER W 61 40.60 38.97 -64.36
CA SER W 61 39.59 40.00 -64.26
C SER W 61 38.76 39.88 -62.98
N LEU W 62 38.82 40.94 -62.18
CA LEU W 62 38.17 41.03 -60.87
C LEU W 62 37.04 42.05 -60.90
N TYR W 63 35.84 41.53 -61.09
CA TYR W 63 34.64 42.34 -61.04
C TYR W 63 34.27 42.63 -59.60
N ILE W 64 34.09 43.90 -59.30
CA ILE W 64 33.76 44.34 -57.92
C ILE W 64 32.42 45.07 -57.82
N ASN W 65 31.52 44.46 -57.04
CA ASN W 65 30.21 45.06 -56.63
C ASN W 65 29.99 44.79 -55.18
N SER W 66 30.64 45.58 -54.36
CA SER W 66 30.72 45.31 -52.91
C SER W 66 30.53 46.60 -52.12
N PRO W 67 29.83 46.55 -50.98
CA PRO W 67 29.70 47.65 -50.06
C PRO W 67 30.89 47.86 -49.11
N GLY W 68 31.89 46.99 -49.16
CA GLY W 68 33.04 47.11 -48.28
C GLY W 68 33.06 45.94 -47.34
N GLY W 69 33.86 46.05 -46.30
CA GLY W 69 34.00 44.96 -45.33
C GLY W 69 35.27 45.00 -44.51
N SER W 70 35.70 43.83 -44.08
CA SER W 70 36.79 43.69 -43.10
C SER W 70 38.11 44.16 -43.75
N ILE W 71 38.84 45.01 -43.07
CA ILE W 71 40.19 45.38 -43.54
C ILE W 71 41.18 44.19 -43.56
N SER W 72 41.37 43.56 -42.39
CA SER W 72 42.12 42.36 -42.33
C SER W 72 41.88 41.45 -43.62
N ALA W 73 40.62 41.07 -43.84
CA ALA W 73 40.17 40.18 -44.96
C ALA W 73 40.45 40.80 -46.28
N GLY W 74 40.26 42.11 -46.35
CA GLY W 74 40.58 42.89 -47.59
C GLY W 74 42.07 42.89 -47.94
N MET W 75 42.91 43.02 -46.92
CA MET W 75 44.38 42.98 -47.12
C MET W 75 44.90 41.62 -47.60
N ALA W 76 44.18 40.58 -47.21
CA ALA W 76 44.49 39.21 -47.67
C ALA W 76 44.34 39.25 -49.19
N ILE W 77 43.20 39.75 -49.64
CA ILE W 77 42.92 39.87 -51.08
C ILE W 77 43.92 40.81 -51.79
N TYR W 78 44.16 41.97 -51.19
CA TYR W 78 45.17 42.86 -51.70
C TYR W 78 46.57 42.23 -51.87
N ASP W 79 47.14 41.69 -50.79
CA ASP W 79 48.47 41.06 -50.87
C ASP W 79 48.50 39.97 -51.93
N THR W 80 47.43 39.21 -51.97
CA THR W 80 47.32 38.07 -52.91
C THR W 80 47.36 38.57 -54.32
N MET W 81 46.69 39.71 -54.51
CA MET W 81 46.69 40.45 -55.81
C MET W 81 48.09 40.90 -56.17
N VAL W 82 48.70 41.65 -55.27
CA VAL W 82 50.07 42.15 -55.49
C VAL W 82 51.08 41.02 -55.78
N LEU W 83 51.00 39.93 -55.02
CA LEU W 83 51.99 38.83 -55.16
C LEU W 83 51.75 37.93 -56.38
N ALA W 84 50.55 37.97 -56.91
CA ALA W 84 50.26 37.22 -58.14
C ALA W 84 51.24 37.59 -59.27
N PRO W 85 51.64 36.63 -60.12
CA PRO W 85 52.61 36.89 -61.20
C PRO W 85 51.93 37.63 -62.29
N CYS W 86 50.71 37.22 -62.55
CA CYS W 86 49.92 37.84 -63.61
C CYS W 86 49.28 39.11 -63.15
N ASP W 87 48.94 39.90 -64.13
CA ASP W 87 48.21 41.15 -63.89
C ASP W 87 46.79 40.89 -63.39
N ILE W 88 46.28 41.88 -62.67
CA ILE W 88 44.92 41.86 -62.15
C ILE W 88 44.18 43.10 -62.54
N ALA W 89 43.23 42.88 -63.43
CA ALA W 89 42.35 43.94 -63.93
C ALA W 89 41.17 44.07 -63.01
N THR W 90 40.76 45.29 -62.69
CA THR W 90 39.61 45.50 -61.77
C THR W 90 38.50 46.31 -62.39
N TYR W 91 37.29 45.78 -62.30
CA TYR W 91 36.10 46.42 -62.87
C TYR W 91 35.15 46.82 -61.76
N ALA W 92 34.86 48.10 -61.68
CA ALA W 92 33.88 48.58 -60.72
C ALA W 92 32.50 48.50 -61.35
N MET W 93 31.70 47.53 -60.95
CA MET W 93 30.30 47.46 -61.45
C MET W 93 29.21 47.61 -60.39
N GLY W 94 28.32 48.55 -60.65
CA GLY W 94 27.27 48.91 -59.71
C GLY W 94 27.78 49.75 -58.54
N MET W 95 28.58 49.09 -57.72
CA MET W 95 29.18 49.74 -56.54
C MET W 95 30.49 49.15 -56.06
N ALA W 96 31.44 50.04 -55.89
CA ALA W 96 32.70 49.77 -55.22
C ALA W 96 32.89 50.72 -54.06
N ALA W 97 32.56 50.20 -52.88
CA ALA W 97 32.61 50.99 -51.63
C ALA W 97 33.65 50.51 -50.60
N SER W 98 34.34 51.49 -50.00
CA SER W 98 35.23 51.25 -48.87
C SER W 98 36.31 50.22 -49.27
N MET W 99 36.39 49.04 -48.65
CA MET W 99 37.37 47.99 -49.12
C MET W 99 37.20 47.73 -50.62
N GLY W 100 35.95 47.74 -51.06
CA GLY W 100 35.62 47.57 -52.49
C GLY W 100 36.34 48.60 -53.36
N GLU W 101 36.32 49.87 -52.93
CA GLU W 101 37.02 50.96 -53.65
C GLU W 101 38.53 50.73 -53.60
N PHE W 102 39.01 50.46 -52.40
CA PHE W 102 40.44 50.17 -52.18
C PHE W 102 40.94 49.09 -53.14
N LEU W 103 40.21 47.98 -53.18
CA LEU W 103 40.63 46.83 -54.00
C LEU W 103 40.56 47.14 -55.45
N LEU W 104 39.55 47.89 -55.81
CA LEU W 104 39.40 48.42 -57.19
C LEU W 104 40.61 49.24 -57.60
N ALA W 105 40.93 50.18 -56.75
CA ALA W 105 42.10 51.07 -56.96
C ALA W 105 43.45 50.38 -56.88
N ALA W 106 43.46 49.26 -56.20
CA ALA W 106 44.67 48.40 -56.13
C ALA W 106 44.93 47.55 -57.40
N GLY W 107 43.99 47.53 -58.33
CA GLY W 107 44.17 46.78 -59.60
C GLY W 107 45.44 47.26 -60.30
N THR W 108 46.04 46.39 -61.14
CA THR W 108 47.29 46.76 -61.80
C THR W 108 47.07 47.99 -62.69
N LYS W 109 47.95 48.96 -62.50
CA LYS W 109 47.84 50.32 -63.13
C LYS W 109 47.74 50.31 -64.60
N GLY W 110 46.71 50.97 -65.08
CA GLY W 110 46.33 50.93 -66.49
C GLY W 110 45.13 50.05 -66.79
N LYS W 111 44.94 49.03 -65.96
CA LYS W 111 43.84 48.02 -66.13
C LYS W 111 42.81 48.07 -65.05
N ARG W 112 42.54 49.28 -64.59
CA ARG W 112 41.45 49.57 -63.60
C ARG W 112 40.28 50.32 -64.22
N TYR W 113 39.16 49.64 -64.26
CA TYR W 113 38.00 50.13 -65.02
C TYR W 113 36.82 50.44 -64.14
N ALA W 114 36.04 51.41 -64.56
CA ALA W 114 34.73 51.65 -63.95
C ALA W 114 33.65 51.51 -65.03
N LEU W 115 32.56 50.86 -64.68
CA LEU W 115 31.41 50.82 -65.58
C LEU W 115 30.78 52.18 -65.40
N PRO W 116 30.13 52.73 -66.45
CA PRO W 116 29.74 54.17 -66.48
C PRO W 116 28.83 54.69 -65.33
N HIS W 117 28.00 53.84 -64.78
CA HIS W 117 27.05 54.24 -63.72
C HIS W 117 27.37 53.56 -62.40
N ALA W 118 28.62 53.13 -62.29
CA ALA W 118 29.10 52.56 -61.03
C ALA W 118 29.36 53.72 -60.10
N ARG W 119 29.15 53.46 -58.81
CA ARG W 119 29.48 54.44 -57.77
C ARG W 119 30.62 53.94 -56.89
N ILE W 120 31.54 54.87 -56.65
CA ILE W 120 32.71 54.67 -55.77
C ILE W 120 32.57 55.51 -54.49
N LEU W 121 32.86 54.85 -53.36
CA LEU W 121 32.72 55.42 -52.00
C LEU W 121 33.99 55.28 -51.25
N MET W 122 34.57 56.40 -50.89
CA MET W 122 35.81 56.39 -50.13
C MET W 122 35.49 56.97 -48.79
N HIS W 123 35.94 56.29 -47.75
CA HIS W 123 35.89 56.84 -46.37
C HIS W 123 36.92 56.19 -45.41
N GLN W 124 37.02 56.74 -44.19
CA GLN W 124 37.94 56.22 -43.17
C GLN W 124 37.32 55.04 -42.47
N PRO W 125 38.17 54.26 -41.76
CA PRO W 125 37.76 53.03 -41.10
C PRO W 125 36.79 53.25 -39.99
N LEU W 126 35.90 52.30 -39.86
CA LEU W 126 34.91 52.23 -38.79
C LEU W 126 35.36 51.06 -37.93
N GLY W 127 34.85 50.98 -36.71
CA GLY W 127 35.17 49.83 -35.88
C GLY W 127 34.47 49.88 -34.57
N GLY W 128 35.15 49.36 -33.57
CA GLY W 128 34.58 49.27 -32.24
C GLY W 128 35.66 49.36 -31.19
N VAL W 129 35.22 49.71 -30.00
CA VAL W 129 36.08 49.80 -28.84
C VAL W 129 35.38 49.07 -27.66
N THR W 130 36.13 48.20 -26.99
CA THR W 130 35.62 47.49 -25.82
C THR W 130 36.76 47.10 -24.90
N GLY W 131 36.42 46.84 -23.66
CA GLY W 131 37.33 46.26 -22.71
C GLY W 131 37.76 47.20 -21.62
N SER W 132 38.86 46.85 -20.98
CA SER W 132 39.47 47.72 -19.98
C SER W 132 40.08 48.92 -20.67
N ALA W 133 40.29 49.95 -19.89
CA ALA W 133 40.91 51.19 -20.42
C ALA W 133 42.25 50.92 -21.05
N ALA W 134 42.98 50.02 -20.43
CA ALA W 134 44.24 49.53 -20.98
C ALA W 134 44.06 48.87 -22.35
N ASP W 135 43.08 48.01 -22.44
CA ASP W 135 42.80 47.24 -23.66
C ASP W 135 42.45 48.18 -24.76
N ILE W 136 41.78 49.24 -24.33
CA ILE W 136 41.19 50.24 -25.28
C ILE W 136 42.28 51.19 -25.80
N ALA W 137 43.11 51.63 -24.88
CA ALA W 137 44.37 52.30 -25.22
C ALA W 137 45.14 51.59 -26.36
N ILE W 138 45.21 50.27 -26.27
CA ILE W 138 45.92 49.43 -27.28
C ILE W 138 45.18 49.40 -28.61
N GLN W 139 43.87 49.23 -28.53
CA GLN W 139 43.00 49.23 -29.73
C GLN W 139 43.12 50.51 -30.50
N ALA W 140 43.12 51.59 -29.73
CA ALA W 140 43.24 52.97 -30.24
C ALA W 140 44.53 53.20 -30.97
N GLU W 141 45.62 52.78 -30.34
CA GLU W 141 46.98 52.78 -30.91
C GLU W 141 47.01 52.11 -32.31
N GLN W 142 46.30 51.00 -32.39
CA GLN W 142 46.16 50.16 -33.59
C GLN W 142 45.35 50.83 -34.64
N PHE W 143 44.35 51.57 -34.21
CA PHE W 143 43.54 52.42 -35.15
C PHE W 143 44.44 53.41 -35.88
N ALA W 144 45.26 54.10 -35.10
CA ALA W 144 46.27 55.04 -35.62
C ALA W 144 47.12 54.43 -36.75
N VAL W 145 47.69 53.27 -36.43
CA VAL W 145 48.56 52.55 -37.35
C VAL W 145 47.82 52.23 -38.65
N ILE W 146 46.61 51.72 -38.49
CA ILE W 146 45.82 51.21 -39.61
C ILE W 146 45.27 52.33 -40.47
N LYS W 147 44.65 53.29 -39.82
CA LYS W 147 44.20 54.52 -40.49
C LYS W 147 45.33 55.10 -41.37
N LYS W 148 46.50 55.28 -40.77
CA LYS W 148 47.68 55.81 -41.46
C LYS W 148 48.00 55.01 -42.71
N GLU W 149 48.05 53.70 -42.54
CA GLU W 149 48.52 52.78 -43.58
C GLU W 149 47.52 52.76 -44.71
N MET W 150 46.23 52.69 -44.38
CA MET W 150 45.17 52.57 -45.40
C MET W 150 45.16 53.82 -46.22
N PHE W 151 45.42 54.93 -45.57
CA PHE W 151 45.54 56.23 -46.29
C PHE W 151 46.74 56.27 -47.21
N ARG W 152 47.89 55.92 -46.66
CA ARG W 152 49.16 55.82 -47.43
C ARG W 152 48.96 55.06 -48.75
N LEU W 153 48.28 53.94 -48.67
CA LEU W 153 48.06 53.07 -49.83
C LEU W 153 47.10 53.63 -50.83
N ASN W 154 46.04 54.26 -50.35
CA ASN W 154 45.05 54.88 -51.25
C ASN W 154 45.69 56.03 -51.97
N ALA W 155 46.53 56.74 -51.24
CA ALA W 155 47.35 57.82 -51.80
C ALA W 155 48.22 57.27 -52.94
N GLU W 156 48.89 56.17 -52.65
CA GLU W 156 49.74 55.51 -53.67
C GLU W 156 48.90 55.16 -54.89
N PHE W 157 47.75 54.54 -54.66
CA PHE W 157 46.90 54.00 -55.77
C PHE W 157 46.42 55.10 -56.68
N THR W 158 45.90 56.13 -56.02
CA THR W 158 45.23 57.24 -56.68
C THR W 158 46.18 58.23 -57.27
N GLY W 159 47.33 58.41 -56.60
CA GLY W 159 48.29 59.43 -56.95
C GLY W 159 48.09 60.74 -56.19
N GLN W 160 47.12 60.75 -55.32
CA GLN W 160 46.84 61.94 -54.50
C GLN W 160 47.80 62.04 -53.34
N PRO W 161 47.96 63.24 -52.78
CA PRO W 161 48.69 63.37 -51.54
C PRO W 161 47.94 62.84 -50.32
N ILE W 162 48.69 62.22 -49.43
CA ILE W 162 48.10 61.60 -48.23
C ILE W 162 47.23 62.59 -47.45
N GLU W 163 47.55 63.87 -47.51
CA GLU W 163 46.79 64.90 -46.77
C GLU W 163 45.38 65.02 -47.30
N ARG W 164 45.25 64.90 -48.62
CA ARG W 164 43.91 64.99 -49.28
C ARG W 164 43.08 63.72 -49.09
N ILE W 165 43.76 62.58 -49.19
CA ILE W 165 43.13 61.30 -48.84
C ILE W 165 42.57 61.35 -47.40
N GLU W 166 43.34 61.88 -46.46
CA GLU W 166 42.94 61.98 -45.04
C GLU W 166 41.67 62.83 -44.91
N ALA W 167 41.77 64.01 -45.49
CA ALA W 167 40.72 65.03 -45.44
C ALA W 167 39.43 64.54 -46.11
N ASP W 168 39.55 64.05 -47.34
CA ASP W 168 38.37 63.59 -48.14
C ASP W 168 37.71 62.35 -47.49
N SER W 169 38.57 61.47 -46.99
CA SER W 169 38.15 60.20 -46.32
C SER W 169 37.49 60.40 -44.93
N ASP W 170 37.48 61.63 -44.40
CA ASP W 170 36.99 61.89 -43.03
C ASP W 170 35.55 61.43 -42.84
N ARG W 171 34.76 61.67 -43.86
CA ARG W 171 33.40 61.15 -43.95
C ARG W 171 33.09 60.59 -45.31
N ASP W 172 31.93 59.99 -45.46
CA ASP W 172 31.59 59.40 -46.74
C ASP W 172 31.86 60.39 -47.90
N ARG W 173 32.59 59.89 -48.88
CA ARG W 173 33.01 60.67 -50.07
C ARG W 173 32.64 59.93 -51.34
N TRP W 174 31.63 60.45 -52.01
CA TRP W 174 31.03 59.74 -53.15
C TRP W 174 31.54 60.23 -54.50
N PHE W 175 31.78 59.26 -55.37
CA PHE W 175 32.28 59.51 -56.68
C PHE W 175 31.39 58.82 -57.69
N THR W 176 31.08 59.56 -58.74
CA THR W 176 30.59 58.97 -60.00
C THR W 176 31.78 58.33 -60.77
N ALA W 177 31.50 57.47 -61.75
CA ALA W 177 32.62 56.91 -62.54
C ALA W 177 33.55 58.04 -63.04
N ALA W 178 32.94 59.10 -63.55
CA ALA W 178 33.68 60.26 -64.05
C ALA W 178 34.70 60.79 -63.03
N GLU W 179 34.17 61.08 -61.85
CA GLU W 179 34.94 61.73 -60.73
C GLU W 179 36.05 60.82 -60.23
N ALA W 180 35.73 59.53 -60.26
CA ALA W 180 36.67 58.46 -59.83
C ALA W 180 37.85 58.38 -60.75
N LEU W 181 37.61 58.62 -62.01
CA LEU W 181 38.67 58.64 -62.99
C LEU W 181 39.63 59.78 -62.66
N GLU W 182 39.08 60.96 -62.43
CA GLU W 182 39.95 62.14 -62.24
C GLU W 182 40.60 62.16 -60.89
N TYR W 183 40.05 61.39 -59.96
CA TYR W 183 40.65 61.30 -58.63
C TYR W 183 41.78 60.30 -58.64
N GLY W 184 41.68 59.32 -59.53
CA GLY W 184 42.75 58.31 -59.73
C GLY W 184 42.50 56.94 -59.10
N PHE W 185 41.23 56.65 -58.83
CA PHE W 185 40.81 55.30 -58.37
C PHE W 185 40.83 54.27 -59.51
N VAL W 186 40.79 54.80 -60.70
CA VAL W 186 40.43 54.02 -61.84
C VAL W 186 41.09 54.69 -63.07
N ASP W 187 41.46 53.86 -64.04
CA ASP W 187 42.20 54.34 -65.23
C ASP W 187 41.31 54.67 -66.42
N HIS W 188 40.30 53.85 -66.60
CA HIS W 188 39.37 53.99 -67.70
C HIS W 188 37.94 53.85 -67.26
N ILE W 189 37.09 54.40 -68.11
CA ILE W 189 35.66 54.12 -68.06
C ILE W 189 35.27 53.35 -69.30
N ILE W 190 34.57 52.24 -69.12
CA ILE W 190 34.24 51.34 -70.20
C ILE W 190 32.93 51.79 -70.91
N THR W 191 32.93 51.61 -72.23
CA THR W 191 31.84 52.03 -73.10
C THR W 191 31.80 51.16 -74.44
N ARG W 192 30.73 51.35 -75.21
CA ARG W 192 30.47 50.62 -76.54
C ARG W 192 29.73 49.27 -76.35
N LEU X 2 36.96 47.71 -39.79
CA LEU X 2 36.03 47.65 -41.01
C LEU X 2 36.22 48.88 -41.96
N LEU X 3 36.17 48.65 -43.28
CA LEU X 3 36.16 49.70 -44.33
C LEU X 3 34.85 49.43 -45.09
N SER Y 15 19.04 20.27 -60.03
CA SER Y 15 17.87 20.77 -59.26
C SER Y 15 16.73 21.21 -60.21
N LEU Y 16 15.50 20.76 -59.99
CA LEU Y 16 14.50 20.84 -61.08
C LEU Y 16 14.33 22.24 -61.61
N THR Y 17 14.32 23.21 -60.73
CA THR Y 17 14.14 24.62 -61.16
C THR Y 17 15.38 25.12 -61.84
N ASP Y 18 16.51 24.89 -61.18
CA ASP Y 18 17.82 25.18 -61.76
C ASP Y 18 17.94 24.60 -63.18
N SER Y 19 17.63 23.30 -63.28
CA SER Y 19 17.72 22.56 -64.56
C SER Y 19 16.86 23.21 -65.67
N VAL Y 20 15.69 23.65 -65.26
CA VAL Y 20 14.73 24.29 -66.18
C VAL Y 20 15.25 25.62 -66.67
N TYR Y 21 15.90 26.34 -65.78
CA TYR Y 21 16.39 27.67 -66.11
C TYR Y 21 17.62 27.57 -66.98
N GLU Y 22 18.57 26.77 -66.53
CA GLU Y 22 19.69 26.22 -67.33
C GLU Y 22 19.31 25.98 -68.78
N ARG Y 23 18.30 25.16 -69.01
CA ARG Y 23 17.90 24.80 -70.41
C ARG Y 23 17.44 26.07 -71.21
N LEU Y 24 16.76 26.95 -70.50
CA LEU Y 24 16.40 28.29 -71.03
C LEU Y 24 17.60 29.20 -71.25
N LEU Y 25 18.51 29.13 -70.32
CA LEU Y 25 19.77 29.90 -70.37
C LEU Y 25 20.56 29.55 -71.63
N SER Y 26 20.61 28.28 -71.94
CA SER Y 26 21.26 27.82 -73.20
C SER Y 26 20.46 28.29 -74.44
N GLU Y 27 19.19 28.61 -74.27
CA GLU Y 27 18.38 29.26 -75.35
C GLU Y 27 18.49 30.80 -75.34
N ARG Y 28 19.45 31.30 -74.56
CA ARG Y 28 19.73 32.75 -74.40
C ARG Y 28 18.57 33.52 -73.71
N ILE Y 29 17.89 32.81 -72.82
CA ILE Y 29 16.75 33.38 -72.05
C ILE Y 29 17.09 33.42 -70.55
N ILE Y 30 17.03 34.63 -70.03
CA ILE Y 30 17.35 34.95 -68.63
C ILE Y 30 16.17 35.61 -67.92
N PHE Y 31 16.10 35.40 -66.61
CA PHE Y 31 14.99 35.95 -65.79
C PHE Y 31 15.43 36.84 -64.71
N LEU Y 32 14.70 37.95 -64.60
CA LEU Y 32 14.77 38.82 -63.44
C LEU Y 32 13.44 38.70 -62.77
N GLY Y 33 13.36 37.71 -61.88
CA GLY Y 33 12.07 37.27 -61.34
C GLY Y 33 11.83 37.62 -59.91
N SER Y 34 12.61 38.55 -59.38
CA SER Y 34 12.50 38.86 -57.94
C SER Y 34 13.03 40.24 -57.60
N GLU Y 35 13.02 40.49 -56.30
CA GLU Y 35 13.62 41.70 -55.76
C GLU Y 35 15.03 41.75 -56.30
N VAL Y 36 15.43 42.95 -56.67
CA VAL Y 36 16.76 43.21 -57.19
C VAL Y 36 17.81 43.44 -56.09
N ASN Y 37 18.55 42.39 -55.74
CA ASN Y 37 19.70 42.52 -54.82
C ASN Y 37 20.94 42.51 -55.58
N ASP Y 38 21.95 42.91 -54.85
CA ASP Y 38 23.32 42.62 -55.20
C ASP Y 38 23.42 41.16 -55.70
N GLU Y 39 22.85 40.21 -54.95
CA GLU Y 39 23.02 38.79 -55.30
C GLU Y 39 22.42 38.46 -56.62
N ILE Y 40 21.21 38.91 -56.78
CA ILE Y 40 20.45 38.63 -58.02
C ILE Y 40 21.09 39.35 -59.21
N ALA Y 41 21.47 40.60 -58.97
CA ALA Y 41 22.15 41.45 -59.98
C ALA Y 41 23.43 40.84 -60.46
N ASN Y 42 24.19 40.29 -59.53
CA ASN Y 42 25.49 39.72 -59.90
C ASN Y 42 25.38 38.51 -60.82
N ARG Y 43 24.42 37.66 -60.48
CA ARG Y 43 24.12 36.45 -61.26
C ARG Y 43 23.66 36.83 -62.66
N LEU Y 44 22.83 37.85 -62.74
CA LEU Y 44 22.35 38.34 -64.04
C LEU Y 44 23.48 38.89 -64.84
N CYS Y 45 24.32 39.65 -64.18
CA CYS Y 45 25.46 40.28 -64.85
C CYS Y 45 26.39 39.21 -65.37
N ALA Y 46 26.59 38.18 -64.53
CA ALA Y 46 27.43 37.03 -64.92
C ALA Y 46 26.84 36.30 -66.14
N GLN Y 47 25.54 36.07 -66.08
CA GLN Y 47 24.83 35.43 -67.19
C GLN Y 47 24.96 36.23 -68.51
N ILE Y 48 24.77 37.54 -68.44
CA ILE Y 48 24.88 38.37 -69.66
C ILE Y 48 26.32 38.33 -70.20
N LEU Y 49 27.29 38.37 -69.29
CA LEU Y 49 28.73 38.27 -69.62
C LEU Y 49 29.05 36.95 -70.37
N LEU Y 50 28.52 35.87 -69.79
CA LEU Y 50 28.75 34.47 -70.24
C LEU Y 50 28.14 34.32 -71.62
N LEU Y 51 26.91 34.81 -71.78
CA LEU Y 51 26.18 34.69 -73.06
C LEU Y 51 26.81 35.51 -74.19
N ALA Y 52 27.24 36.72 -73.85
CA ALA Y 52 27.97 37.56 -74.79
C ALA Y 52 29.26 36.87 -75.26
N ALA Y 53 30.02 36.41 -74.29
CA ALA Y 53 31.27 35.64 -74.51
C ALA Y 53 31.05 34.37 -75.35
N GLU Y 54 29.89 33.73 -75.20
CA GLU Y 54 29.55 32.56 -76.04
C GLU Y 54 29.32 33.03 -77.44
N ASP Y 55 28.20 33.67 -77.66
CA ASP Y 55 27.82 34.14 -79.01
C ASP Y 55 27.56 35.63 -78.97
N ALA Y 56 28.51 36.40 -79.46
CA ALA Y 56 28.46 37.88 -79.33
C ALA Y 56 27.51 38.56 -80.34
N SER Y 57 26.85 37.76 -81.17
CA SER Y 57 26.02 38.31 -82.25
C SER Y 57 24.52 38.13 -81.97
N LYS Y 58 24.16 36.97 -81.42
CA LYS Y 58 22.75 36.65 -81.12
C LYS Y 58 22.18 37.43 -79.92
N ASP Y 59 20.90 37.77 -80.06
CA ASP Y 59 20.13 38.41 -79.00
C ASP Y 59 20.07 37.59 -77.71
N ILE Y 60 19.95 38.35 -76.63
CA ILE Y 60 19.59 37.88 -75.29
C ILE Y 60 18.19 38.37 -74.89
N SER Y 61 17.39 37.44 -74.41
CA SER Y 61 16.05 37.73 -73.94
C SER Y 61 15.99 37.76 -72.41
N LEU Y 62 15.61 38.92 -71.90
CA LEU Y 62 15.51 39.23 -70.45
C LEU Y 62 14.07 39.38 -70.01
N TYR Y 63 13.54 38.31 -69.45
CA TYR Y 63 12.19 38.32 -68.92
C TYR Y 63 12.22 38.96 -67.56
N ILE Y 64 11.36 39.93 -67.37
CA ILE Y 64 11.30 40.67 -66.12
C ILE Y 64 9.94 40.55 -65.41
N ASN Y 65 9.96 39.97 -64.19
CA ASN Y 65 8.80 39.95 -63.24
C ASN Y 65 9.34 40.26 -61.88
N SER Y 66 9.53 41.54 -61.64
CA SER Y 66 10.20 42.03 -60.44
C SER Y 66 9.50 43.27 -59.86
N PRO Y 67 9.45 43.35 -58.54
CA PRO Y 67 8.86 44.50 -57.84
C PRO Y 67 9.80 45.70 -57.73
N GLY Y 68 11.03 45.54 -58.16
CA GLY Y 68 12.05 46.57 -58.01
C GLY Y 68 13.15 46.15 -57.07
N GLY Y 69 13.94 47.11 -56.61
CA GLY Y 69 15.05 46.81 -55.71
C GLY Y 69 16.16 47.84 -55.64
N SER Y 70 17.36 47.36 -55.39
CA SER Y 70 18.53 48.24 -55.15
C SER Y 70 18.93 48.97 -56.40
N ILE Y 71 19.10 50.27 -56.29
CA ILE Y 71 19.59 51.03 -57.47
C ILE Y 71 21.03 50.64 -57.87
N SER Y 72 21.94 50.75 -56.92
CA SER Y 72 23.31 50.27 -57.09
C SER Y 72 23.38 48.95 -57.92
N ALA Y 73 22.68 47.95 -57.40
CA ALA Y 73 22.55 46.60 -58.01
C ALA Y 73 21.92 46.63 -59.38
N GLY Y 74 20.91 47.45 -59.51
CA GLY Y 74 20.20 47.63 -60.79
C GLY Y 74 21.09 48.24 -61.86
N MET Y 75 21.91 49.19 -61.45
CA MET Y 75 22.89 49.85 -62.37
C MET Y 75 24.02 48.91 -62.84
N ALA Y 76 24.35 47.94 -62.01
CA ALA Y 76 25.26 46.87 -62.40
C ALA Y 76 24.65 46.17 -63.60
N ILE Y 77 23.37 45.79 -63.47
CA ILE Y 77 22.64 45.09 -64.55
C ILE Y 77 22.53 45.97 -65.77
N TYR Y 78 22.13 47.21 -65.55
CA TYR Y 78 22.02 48.18 -66.66
C TYR Y 78 23.32 48.36 -67.46
N ASP Y 79 24.41 48.71 -66.77
CA ASP Y 79 25.73 48.89 -67.44
C ASP Y 79 26.15 47.63 -68.18
N THR Y 80 25.93 46.50 -67.55
CA THR Y 80 26.27 45.20 -68.15
C THR Y 80 25.50 45.02 -69.45
N MET Y 81 24.23 45.43 -69.43
CA MET Y 81 23.31 45.38 -70.61
C MET Y 81 23.84 46.26 -71.70
N VAL Y 82 24.04 47.53 -71.38
CA VAL Y 82 24.58 48.51 -72.33
C VAL Y 82 25.92 48.07 -72.95
N LEU Y 83 26.83 47.58 -72.12
CA LEU Y 83 28.19 47.19 -72.61
C LEU Y 83 28.24 45.88 -73.40
N ALA Y 84 27.23 45.04 -73.21
CA ALA Y 84 27.13 43.81 -73.99
C ALA Y 84 27.22 44.11 -75.50
N PRO Y 85 27.92 43.28 -76.29
CA PRO Y 85 27.99 43.47 -77.74
C PRO Y 85 26.66 43.21 -78.39
N CYS Y 86 26.00 42.17 -77.93
CA CYS Y 86 24.73 41.75 -78.52
C CYS Y 86 23.62 42.60 -77.99
N ASP Y 87 22.57 42.59 -78.76
CA ASP Y 87 21.32 43.18 -78.33
C ASP Y 87 20.70 42.48 -77.09
N ILE Y 88 19.95 43.26 -76.31
CA ILE Y 88 19.20 42.74 -75.15
C ILE Y 88 17.70 43.12 -75.25
N ALA Y 89 16.91 42.08 -75.49
CA ALA Y 89 15.44 42.18 -75.63
C ALA Y 89 14.84 42.04 -74.23
N THR Y 90 13.84 42.86 -73.92
CA THR Y 90 13.23 42.85 -72.58
C THR Y 90 11.75 42.62 -72.66
N TYR Y 91 11.31 41.64 -71.88
CA TYR Y 91 9.88 41.26 -71.79
C TYR Y 91 9.36 41.58 -70.40
N ALA Y 92 8.35 42.42 -70.35
CA ALA Y 92 7.68 42.67 -69.09
C ALA Y 92 6.59 41.61 -68.87
N MET Y 93 6.82 40.67 -67.97
CA MET Y 93 5.74 39.72 -67.67
C MET Y 93 5.23 39.78 -66.25
N GLY Y 94 3.92 39.89 -66.13
CA GLY Y 94 3.26 40.00 -64.82
C GLY Y 94 3.43 41.35 -64.17
N MET Y 95 4.68 41.64 -63.78
CA MET Y 95 5.04 42.94 -63.21
C MET Y 95 6.46 43.40 -63.41
N ALA Y 96 6.57 44.64 -63.91
CA ALA Y 96 7.84 45.37 -64.01
C ALA Y 96 7.75 46.69 -63.28
N ALA Y 97 8.28 46.68 -62.08
CA ALA Y 97 8.15 47.82 -61.15
C ALA Y 97 9.48 48.41 -60.78
N SER Y 98 9.48 49.74 -60.74
CA SER Y 98 10.60 50.50 -60.18
C SER Y 98 11.90 50.13 -60.93
N MET Y 99 12.92 49.57 -60.27
CA MET Y 99 14.13 49.09 -61.05
C MET Y 99 13.71 48.16 -62.20
N GLY Y 100 12.71 47.34 -61.93
CA GLY Y 100 12.16 46.43 -62.92
C GLY Y 100 11.71 47.20 -64.17
N GLU Y 101 10.99 48.29 -63.96
CA GLU Y 101 10.49 49.12 -65.08
C GLU Y 101 11.71 49.71 -65.80
N PHE Y 102 12.62 50.27 -65.01
CA PHE Y 102 13.85 50.91 -65.51
C PHE Y 102 14.61 49.97 -66.44
N LEU Y 103 14.82 48.78 -65.95
CA LEU Y 103 15.57 47.79 -66.73
C LEU Y 103 14.82 47.32 -67.97
N LEU Y 104 13.51 47.20 -67.83
CA LEU Y 104 12.64 46.90 -68.96
C LEU Y 104 12.84 47.96 -70.04
N ALA Y 105 12.67 49.20 -69.63
CA ALA Y 105 12.79 50.35 -70.55
C ALA Y 105 14.19 50.57 -71.12
N ALA Y 106 15.16 50.03 -70.43
CA ALA Y 106 16.57 50.06 -70.87
C ALA Y 106 16.90 49.02 -71.96
N GLY Y 107 15.98 48.12 -72.23
CA GLY Y 107 16.19 47.10 -73.29
C GLY Y 107 16.54 47.79 -74.61
N THR Y 108 17.24 47.10 -75.50
CA THR Y 108 17.64 47.73 -76.76
C THR Y 108 16.38 48.14 -77.56
N LYS Y 109 16.40 49.41 -77.99
CA LYS Y 109 15.23 50.04 -78.62
C LYS Y 109 14.70 49.27 -79.79
N GLY Y 110 13.41 49.02 -79.74
CA GLY Y 110 12.70 48.24 -80.78
C GLY Y 110 12.38 46.86 -80.29
N LYS Y 111 13.22 46.37 -79.37
CA LYS Y 111 13.07 45.03 -78.82
C LYS Y 111 12.65 44.99 -77.36
N ARG Y 112 11.81 45.94 -76.98
CA ARG Y 112 11.19 46.02 -75.63
C ARG Y 112 9.71 45.71 -75.65
N TYR Y 113 9.37 44.62 -74.99
CA TYR Y 113 8.03 44.06 -75.06
C TYR Y 113 7.31 44.04 -73.76
N ALA Y 114 6.00 44.17 -73.85
CA ALA Y 114 5.14 43.94 -72.68
C ALA Y 114 4.17 42.82 -72.98
N LEU Y 115 3.98 41.92 -72.00
CA LEU Y 115 2.91 40.92 -72.12
C LEU Y 115 1.64 41.67 -71.77
N PRO Y 116 0.47 41.28 -72.32
CA PRO Y 116 -0.72 42.16 -72.39
C PRO Y 116 -1.31 42.59 -71.05
N HIS Y 117 -1.13 41.77 -70.04
CA HIS Y 117 -1.71 42.03 -68.71
C HIS Y 117 -0.62 42.28 -67.70
N ALA Y 118 0.55 42.66 -68.20
CA ALA Y 118 1.67 43.06 -67.36
C ALA Y 118 1.38 44.45 -66.86
N ARG Y 119 1.82 44.71 -65.64
CA ARG Y 119 1.71 46.05 -65.05
C ARG Y 119 3.11 46.67 -64.83
N ILE Y 120 3.20 47.94 -65.25
CA ILE Y 120 4.41 48.77 -65.09
C ILE Y 120 4.21 49.90 -64.11
N LEU Y 121 5.20 50.06 -63.24
CA LEU Y 121 5.15 50.99 -62.09
C LEU Y 121 6.38 51.83 -62.13
N MET Y 122 6.16 53.12 -62.24
CA MET Y 122 7.25 54.06 -62.22
C MET Y 122 7.05 54.89 -60.99
N HIS Y 123 8.13 55.08 -60.25
CA HIS Y 123 8.16 56.06 -59.12
C HIS Y 123 9.61 56.52 -58.77
N GLN Y 124 9.71 57.51 -57.89
CA GLN Y 124 11.00 58.05 -57.48
C GLN Y 124 11.62 57.14 -56.42
N PRO Y 125 12.93 57.31 -56.19
CA PRO Y 125 13.65 56.52 -55.21
C PRO Y 125 13.17 56.68 -53.79
N LEU Y 126 13.25 55.58 -53.07
CA LEU Y 126 13.03 55.64 -51.65
C LEU Y 126 14.37 55.16 -51.00
N GLY Y 127 14.50 55.44 -49.74
CA GLY Y 127 15.73 55.12 -49.05
C GLY Y 127 15.61 55.37 -47.55
N GLY Y 128 16.73 55.72 -46.97
CA GLY Y 128 16.82 55.91 -45.55
C GLY Y 128 17.82 56.99 -45.23
N VAL Y 129 17.63 57.56 -44.06
CA VAL Y 129 18.52 58.59 -43.56
C VAL Y 129 18.87 58.24 -42.10
N THR Y 130 20.16 58.25 -41.80
CA THR Y 130 20.64 57.99 -40.45
C THR Y 130 21.96 58.69 -40.21
N GLY Y 131 22.28 58.90 -38.96
CA GLY Y 131 23.62 59.29 -38.58
C GLY Y 131 23.67 60.66 -38.01
N SER Y 132 24.87 61.18 -37.99
CA SER Y 132 25.07 62.56 -37.57
C SER Y 132 24.56 63.50 -38.66
N ALA Y 133 24.30 64.73 -38.26
CA ALA Y 133 23.69 65.72 -39.15
C ALA Y 133 24.56 65.91 -40.35
N ALA Y 134 25.85 65.84 -40.07
CA ALA Y 134 26.86 65.88 -41.13
C ALA Y 134 26.72 64.71 -42.10
N ASP Y 135 26.57 63.54 -41.53
CA ASP Y 135 26.47 62.28 -42.31
C ASP Y 135 25.24 62.32 -43.22
N ILE Y 136 24.22 62.95 -42.67
CA ILE Y 136 22.90 63.00 -43.29
C ILE Y 136 22.88 64.02 -44.42
N ALA Y 137 23.49 65.17 -44.15
CA ALA Y 137 23.80 66.21 -45.19
C ALA Y 137 24.41 65.59 -46.45
N ILE Y 138 25.33 64.66 -46.22
CA ILE Y 138 26.03 63.93 -47.30
C ILE Y 138 25.09 62.98 -48.06
N GLN Y 139 24.33 62.21 -47.30
CA GLN Y 139 23.36 61.26 -47.85
C GLN Y 139 22.40 61.98 -48.74
N ALA Y 140 21.95 63.12 -48.23
CA ALA Y 140 20.95 63.98 -48.90
C ALA Y 140 21.45 64.50 -50.26
N GLU Y 141 22.66 65.01 -50.23
CA GLU Y 141 23.39 65.43 -51.41
C GLU Y 141 23.41 64.36 -52.50
N GLN Y 142 23.67 63.15 -52.05
CA GLN Y 142 23.70 61.94 -52.87
C GLN Y 142 22.34 61.61 -53.47
N PHE Y 143 21.30 61.82 -52.67
CA PHE Y 143 19.91 61.60 -53.13
C PHE Y 143 19.62 62.49 -54.33
N ALA Y 144 19.96 63.76 -54.19
CA ALA Y 144 19.88 64.75 -55.31
C ALA Y 144 20.49 64.22 -56.61
N VAL Y 145 21.73 63.75 -56.48
CA VAL Y 145 22.54 63.23 -57.62
C VAL Y 145 21.83 62.07 -58.30
N ILE Y 146 21.41 61.15 -57.47
CA ILE Y 146 20.81 59.91 -57.92
C ILE Y 146 19.42 60.09 -58.50
N LYS Y 147 18.59 60.76 -57.75
CA LYS Y 147 17.28 61.13 -58.24
C LYS Y 147 17.38 61.76 -59.65
N LYS Y 148 18.25 62.75 -59.79
CA LYS Y 148 18.45 63.45 -61.04
C LYS Y 148 18.80 62.49 -62.15
N GLU Y 149 19.75 61.63 -61.85
CA GLU Y 149 20.35 60.74 -62.84
C GLU Y 149 19.32 59.69 -63.28
N MET Y 150 18.61 59.13 -62.30
CA MET Y 150 17.63 58.09 -62.62
C MET Y 150 16.55 58.67 -63.50
N PHE Y 151 16.20 59.91 -63.23
CA PHE Y 151 15.17 60.61 -64.05
C PHE Y 151 15.66 60.86 -65.48
N ARG Y 152 16.87 61.38 -65.57
CA ARG Y 152 17.52 61.62 -66.85
C ARG Y 152 17.44 60.40 -67.74
N LEU Y 153 17.75 59.26 -67.15
CA LEU Y 153 17.81 57.97 -67.88
C LEU Y 153 16.45 57.46 -68.32
N ASN Y 154 15.47 57.64 -67.47
CA ASN Y 154 14.08 57.20 -67.80
C ASN Y 154 13.48 58.06 -68.86
N ALA Y 155 13.86 59.33 -68.77
CA ALA Y 155 13.57 60.30 -69.85
C ALA Y 155 14.17 59.82 -71.19
N GLU Y 156 15.44 59.47 -71.16
CA GLU Y 156 16.12 58.98 -72.36
C GLU Y 156 15.38 57.75 -72.92
N PHE Y 157 15.08 56.81 -72.04
CA PHE Y 157 14.50 55.50 -72.48
C PHE Y 157 13.15 55.67 -73.11
N THR Y 158 12.33 56.45 -72.42
CA THR Y 158 10.92 56.63 -72.76
C THR Y 158 10.75 57.59 -73.90
N GLY Y 159 11.60 58.60 -73.95
CA GLY Y 159 11.47 59.72 -74.93
C GLY Y 159 10.72 60.92 -74.36
N GLN Y 160 10.33 60.81 -73.11
CA GLN Y 160 9.64 61.91 -72.40
C GLN Y 160 10.62 62.98 -71.96
N PRO Y 161 10.12 64.20 -71.78
CA PRO Y 161 10.93 65.20 -71.09
C PRO Y 161 11.17 64.91 -69.59
N ILE Y 162 12.38 65.23 -69.16
CA ILE Y 162 12.77 65.03 -67.74
C ILE Y 162 11.77 65.67 -66.75
N GLU Y 163 11.14 66.78 -67.13
CA GLU Y 163 10.15 67.47 -66.26
C GLU Y 163 8.93 66.61 -66.00
N ARG Y 164 8.49 65.86 -67.02
CA ARG Y 164 7.34 64.95 -66.88
C ARG Y 164 7.69 63.69 -66.07
N ILE Y 165 8.87 63.17 -66.34
CA ILE Y 165 9.37 62.02 -65.59
C ILE Y 165 9.43 62.38 -64.09
N GLU Y 166 9.92 63.56 -63.77
CA GLU Y 166 10.02 64.06 -62.37
C GLU Y 166 8.65 64.11 -61.69
N ALA Y 167 7.74 64.78 -62.40
CA ALA Y 167 6.36 65.00 -61.98
C ALA Y 167 5.59 63.70 -61.82
N ASP Y 168 5.60 62.87 -62.85
CA ASP Y 168 4.86 61.59 -62.83
C ASP Y 168 5.44 60.61 -61.78
N SER Y 169 6.75 60.63 -61.68
CA SER Y 169 7.50 59.76 -60.74
C SER Y 169 7.35 60.17 -59.26
N ASP Y 170 6.72 61.29 -58.99
CA ASP Y 170 6.66 61.84 -57.61
C ASP Y 170 6.05 60.85 -56.61
N ARG Y 171 5.02 60.19 -57.09
CA ARG Y 171 4.41 59.05 -56.38
C ARG Y 171 4.14 57.87 -57.29
N ASP Y 172 3.71 56.76 -56.73
CA ASP Y 172 3.44 55.59 -57.52
C ASP Y 172 2.62 55.96 -58.77
N ARG Y 173 3.15 55.54 -59.92
CA ARG Y 173 2.55 55.80 -61.23
C ARG Y 173 2.38 54.49 -61.99
N TRP Y 174 1.14 54.06 -62.09
CA TRP Y 174 0.85 52.76 -62.67
C TRP Y 174 0.50 52.83 -64.14
N PHE Y 175 1.00 51.86 -64.87
CA PHE Y 175 0.69 51.71 -66.28
C PHE Y 175 0.19 50.32 -66.60
N THR Y 176 -0.84 50.26 -67.40
CA THR Y 176 -1.20 49.02 -68.08
C THR Y 176 -0.24 48.80 -69.28
N ALA Y 177 -0.18 47.59 -69.84
CA ALA Y 177 0.70 47.39 -71.03
C ALA Y 177 0.44 48.52 -72.09
N ALA Y 178 -0.84 48.75 -72.33
CA ALA Y 178 -1.28 49.76 -73.31
C ALA Y 178 -0.62 51.12 -73.07
N GLU Y 179 -0.82 51.60 -71.85
CA GLU Y 179 -0.34 52.94 -71.42
C GLU Y 179 1.19 53.04 -71.46
N ALA Y 180 1.82 51.92 -71.14
CA ALA Y 180 3.28 51.82 -71.12
C ALA Y 180 3.86 51.95 -72.48
N LEU Y 181 3.10 51.44 -73.45
CA LEU Y 181 3.49 51.58 -74.86
C LEU Y 181 3.46 53.06 -75.25
N GLU Y 182 2.36 53.74 -74.91
CA GLU Y 182 2.17 55.16 -75.26
C GLU Y 182 3.12 56.08 -74.51
N TYR Y 183 3.55 55.65 -73.35
CA TYR Y 183 4.49 56.48 -72.59
C TYR Y 183 5.93 56.32 -73.10
N GLY Y 184 6.22 55.15 -73.67
CA GLY Y 184 7.57 54.84 -74.23
C GLY Y 184 8.51 53.96 -73.39
N PHE Y 185 7.93 53.21 -72.44
CA PHE Y 185 8.69 52.19 -71.63
C PHE Y 185 8.99 50.95 -72.42
N VAL Y 186 8.20 50.81 -73.46
CA VAL Y 186 8.12 49.56 -74.17
C VAL Y 186 7.79 49.89 -75.65
N ASP Y 187 8.25 49.03 -76.55
CA ASP Y 187 8.04 49.21 -78.01
C ASP Y 187 6.81 48.48 -78.57
N HIS Y 188 6.60 47.31 -78.07
CA HIS Y 188 5.51 46.46 -78.53
C HIS Y 188 4.78 45.78 -77.38
N ILE Y 189 3.58 45.35 -77.72
CA ILE Y 189 2.81 44.46 -76.92
C ILE Y 189 2.60 43.15 -77.64
N ILE Y 190 2.85 42.05 -76.96
CA ILE Y 190 2.78 40.72 -77.57
C ILE Y 190 1.38 40.11 -77.49
N THR Y 191 0.95 39.42 -78.54
CA THR Y 191 -0.43 38.85 -78.60
C THR Y 191 -0.65 37.56 -79.41
N ARG Y 192 -1.71 36.86 -79.02
CA ARG Y 192 -2.16 35.64 -79.68
C ARG Y 192 -3.48 35.06 -79.16
N LEU Z 2 17.10 52.84 -53.20
CA LEU Z 2 16.12 51.89 -53.84
C LEU Z 2 15.10 52.52 -54.80
N LEU Z 3 14.94 51.97 -56.00
CA LEU Z 3 13.75 52.22 -56.83
C LEU Z 3 12.85 51.03 -56.68
N SER AA 15 16.93 14.44 -57.03
CA SER AA 15 16.04 14.55 -55.82
C SER AA 15 14.68 13.86 -56.06
N LEU AA 16 14.22 12.99 -55.17
CA LEU AA 16 13.13 12.07 -55.57
C LEU AA 16 11.91 12.76 -56.10
N THR AA 17 11.54 13.86 -55.48
CA THR AA 17 10.35 14.62 -55.93
C THR AA 17 10.64 15.33 -57.23
N ASP AA 18 11.76 16.04 -57.26
CA ASP AA 18 12.27 16.69 -58.48
C ASP AA 18 12.31 15.71 -59.65
N SER AA 19 12.94 14.56 -59.40
CA SER AA 19 13.09 13.49 -60.41
C SER AA 19 11.71 13.04 -60.97
N VAL AA 20 10.76 12.93 -60.08
CA VAL AA 20 9.39 12.50 -60.43
C VAL AA 20 8.68 13.54 -61.28
N TYR AA 21 8.91 14.80 -60.95
CA TYR AA 21 8.27 15.92 -61.67
C TYR AA 21 8.90 16.11 -63.06
N GLU AA 22 10.21 16.23 -63.08
CA GLU AA 22 11.08 16.00 -64.27
C GLU AA 22 10.49 14.98 -65.25
N ARG AA 23 10.29 13.76 -64.79
CA ARG AA 23 9.84 12.69 -65.71
C ARG AA 23 8.46 13.03 -66.29
N LEU AA 24 7.65 13.63 -65.45
CA LEU AA 24 6.33 14.16 -65.88
C LEU AA 24 6.46 15.38 -66.83
N LEU AA 25 7.44 16.22 -66.53
CA LEU AA 25 7.75 17.40 -67.36
C LEU AA 25 8.06 17.01 -68.77
N SER AA 26 8.85 15.97 -68.91
CA SER AA 26 9.19 15.42 -70.25
C SER AA 26 7.98 14.80 -70.92
N GLU AA 27 6.96 14.46 -70.15
CA GLU AA 27 5.63 14.06 -70.69
C GLU AA 27 4.67 15.26 -70.90
N ARG AA 28 5.21 16.46 -70.82
CA ARG AA 28 4.50 17.74 -71.05
C ARG AA 28 3.42 17.97 -69.99
N ILE AA 29 3.71 17.48 -68.81
CA ILE AA 29 2.82 17.67 -67.63
C ILE AA 29 3.51 18.54 -66.54
N ILE AA 30 2.81 19.61 -66.20
CA ILE AA 30 3.25 20.61 -65.23
C ILE AA 30 2.26 20.78 -64.10
N PHE AA 31 2.78 21.16 -62.95
CA PHE AA 31 1.93 21.38 -61.76
C PHE AA 31 2.00 22.76 -61.19
N LEU AA 32 0.80 23.26 -60.92
CA LEU AA 32 0.62 24.41 -60.07
C LEU AA 32 0.02 23.88 -58.76
N GLY AA 33 0.89 23.52 -57.82
CA GLY AA 33 0.46 22.79 -56.63
C GLY AA 33 0.54 23.54 -55.34
N SER AA 34 0.62 24.85 -55.41
CA SER AA 34 0.79 25.66 -54.21
C SER AA 34 0.34 27.10 -54.36
N GLU AA 35 0.58 27.85 -53.30
CA GLU AA 35 0.35 29.29 -53.32
C GLU AA 35 1.08 29.83 -54.49
N VAL AA 36 0.44 30.76 -55.17
CA VAL AA 36 1.01 31.40 -56.35
C VAL AA 36 1.89 32.57 -55.99
N ASN AA 37 3.19 32.34 -55.94
CA ASN AA 37 4.19 33.44 -55.81
C ASN AA 37 4.81 33.76 -57.11
N ASP AA 38 5.45 34.90 -57.09
CA ASP AA 38 6.45 35.26 -58.06
C ASP AA 38 7.34 34.04 -58.35
N GLU AA 39 7.84 33.40 -57.30
CA GLU AA 39 8.76 32.28 -57.51
C GLU AA 39 8.15 31.12 -58.26
N ILE AA 40 6.97 30.73 -57.80
CA ILE AA 40 6.27 29.59 -58.40
C ILE AA 40 5.85 29.92 -59.82
N ALA AA 41 5.37 31.14 -59.99
CA ALA AA 41 4.94 31.68 -61.31
C ALA AA 41 6.05 31.65 -62.32
N ASN AA 42 7.21 32.07 -61.87
CA ASN AA 42 8.35 32.18 -62.77
C ASN AA 42 8.78 30.85 -63.33
N ARG AA 43 8.81 29.87 -62.43
CA ARG AA 43 9.16 28.50 -62.78
C ARG AA 43 8.16 27.94 -63.77
N LEU AA 44 6.90 28.21 -63.50
CA LEU AA 44 5.85 27.74 -64.39
C LEU AA 44 5.99 28.37 -65.75
N CYS AA 45 6.23 29.65 -65.74
CA CYS AA 45 6.38 30.40 -66.97
C CYS AA 45 7.57 29.85 -67.77
N ALA AA 46 8.65 29.59 -67.04
CA ALA AA 46 9.87 29.04 -67.66
C ALA AA 46 9.53 27.69 -68.31
N GLN AA 47 8.81 26.87 -67.56
CA GLN AA 47 8.45 25.53 -68.02
C GLN AA 47 7.61 25.60 -69.31
N ILE AA 48 6.63 26.49 -69.31
CA ILE AA 48 5.76 26.62 -70.47
C ILE AA 48 6.59 27.09 -71.69
N LEU AA 49 7.51 28.01 -71.43
CA LEU AA 49 8.44 28.55 -72.46
C LEU AA 49 9.30 27.46 -73.08
N LEU AA 50 9.83 26.64 -72.20
CA LEU AA 50 10.75 25.53 -72.54
C LEU AA 50 10.01 24.48 -73.38
N LEU AA 51 8.82 24.12 -72.91
CA LEU AA 51 7.98 23.09 -73.59
C LEU AA 51 7.54 23.52 -74.94
N ALA AA 52 7.13 24.77 -75.04
CA ALA AA 52 6.74 25.37 -76.34
C ALA AA 52 7.89 25.34 -77.35
N ALA AA 53 9.03 25.83 -76.86
CA ALA AA 53 10.29 25.81 -77.61
C ALA AA 53 10.72 24.38 -78.04
N GLU AA 54 10.45 23.37 -77.21
CA GLU AA 54 10.74 21.98 -77.58
C GLU AA 54 9.82 21.56 -78.70
N ASP AA 55 8.57 21.34 -78.38
CA ASP AA 55 7.56 20.90 -79.36
C ASP AA 55 6.38 21.90 -79.40
N ALA AA 56 6.35 22.74 -80.42
CA ALA AA 56 5.39 23.86 -80.47
C ALA AA 56 3.99 23.44 -80.92
N SER AA 57 3.79 22.15 -81.14
CA SER AA 57 2.52 21.63 -81.68
C SER AA 57 1.73 20.83 -80.65
N LYS AA 58 2.45 20.04 -79.86
CA LYS AA 58 1.84 19.23 -78.79
C LYS AA 58 1.31 20.01 -77.56
N ASP AA 59 0.19 19.52 -77.04
CA ASP AA 59 -0.40 20.08 -75.86
C ASP AA 59 0.53 20.05 -74.65
N ILE AA 60 0.28 21.03 -73.78
CA ILE AA 60 0.75 21.04 -72.41
C ILE AA 60 -0.41 20.85 -71.40
N SER AA 61 -0.17 19.95 -70.46
CA SER AA 61 -1.12 19.69 -69.39
C SER AA 61 -0.71 20.37 -68.09
N LEU AA 62 -1.58 21.26 -67.61
CA LEU AA 62 -1.39 22.04 -66.38
C LEU AA 62 -2.30 21.60 -65.26
N TYR AA 63 -1.76 20.75 -64.37
CA TYR AA 63 -2.53 20.28 -63.22
C TYR AA 63 -2.52 21.35 -62.15
N ILE AA 64 -3.69 21.69 -61.64
CA ILE AA 64 -3.79 22.76 -60.64
C ILE AA 64 -4.40 22.30 -59.33
N ASN AA 65 -3.62 22.42 -58.28
CA ASN AA 65 -4.10 22.20 -56.88
C ASN AA 65 -3.52 23.29 -56.02
N SER AA 66 -4.19 24.43 -56.07
CA SER AA 66 -3.67 25.70 -55.48
C SER AA 66 -4.76 26.50 -54.79
N PRO AA 67 -4.43 27.15 -53.66
CA PRO AA 67 -5.36 27.96 -52.88
C PRO AA 67 -5.48 29.39 -53.40
N GLY AA 68 -4.70 29.70 -54.42
CA GLY AA 68 -4.67 31.05 -55.00
C GLY AA 68 -3.36 31.71 -54.71
N GLY AA 69 -3.34 33.00 -54.85
CA GLY AA 69 -2.08 33.77 -54.69
C GLY AA 69 -2.00 35.14 -55.40
N SER AA 70 -0.80 35.54 -55.72
CA SER AA 70 -0.52 36.91 -56.24
C SER AA 70 -1.12 37.09 -57.60
N ILE AA 71 -1.84 38.18 -57.78
CA ILE AA 71 -2.44 38.45 -59.12
C ILE AA 71 -1.34 38.74 -60.17
N SER AA 72 -0.48 39.70 -59.86
CA SER AA 72 0.71 40.01 -60.63
C SER AA 72 1.36 38.70 -61.18
N ALA AA 73 1.73 37.82 -60.23
CA ALA AA 73 2.37 36.50 -60.50
C ALA AA 73 1.49 35.56 -61.32
N GLY AA 74 0.21 35.58 -61.01
CA GLY AA 74 -0.78 34.82 -61.77
C GLY AA 74 -0.93 35.26 -63.22
N MET AA 75 -0.90 36.58 -63.44
CA MET AA 75 -0.98 37.17 -64.81
C MET AA 75 0.24 36.87 -65.68
N ALA AA 76 1.37 36.71 -65.02
CA ALA AA 76 2.58 36.22 -65.70
C ALA AA 76 2.27 34.85 -66.30
N ILE AA 77 1.73 33.97 -65.47
CA ILE AA 77 1.38 32.60 -65.91
C ILE AA 77 0.33 32.69 -67.00
N TYR AA 78 -0.69 33.50 -66.77
CA TYR AA 78 -1.79 33.64 -67.76
C TYR AA 78 -1.30 34.10 -69.13
N ASP AA 79 -0.59 35.22 -69.14
CA ASP AA 79 -0.03 35.75 -70.41
C ASP AA 79 0.88 34.72 -71.07
N THR AA 80 1.70 34.05 -70.25
CA THR AA 80 2.59 33.02 -70.80
C THR AA 80 1.79 31.88 -71.48
N MET AA 81 0.65 31.53 -70.86
CA MET AA 81 -0.30 30.51 -71.38
C MET AA 81 -0.89 30.94 -72.69
N VAL AA 82 -1.47 32.12 -72.67
CA VAL AA 82 -2.04 32.73 -73.91
C VAL AA 82 -1.04 32.87 -75.07
N LEU AA 83 0.17 33.31 -74.77
CA LEU AA 83 1.19 33.51 -75.81
C LEU AA 83 1.84 32.24 -76.32
N ALA AA 84 1.76 31.19 -75.55
CA ALA AA 84 2.27 29.88 -76.00
C ALA AA 84 1.64 29.50 -77.37
N PRO AA 85 2.42 28.89 -78.27
CA PRO AA 85 1.87 28.41 -79.57
C PRO AA 85 0.96 27.25 -79.41
N CYS AA 86 1.36 26.34 -78.54
CA CYS AA 86 0.59 25.16 -78.31
C CYS AA 86 -0.57 25.44 -77.39
N ASP AA 87 -1.54 24.54 -77.48
CA ASP AA 87 -2.63 24.49 -76.51
C ASP AA 87 -2.18 24.18 -75.08
N ILE AA 88 -2.97 24.71 -74.13
CA ILE AA 88 -2.75 24.46 -72.68
C ILE AA 88 -4.03 23.91 -72.03
N ALA AA 89 -3.95 22.63 -71.68
CA ALA AA 89 -5.05 21.92 -71.06
C ALA AA 89 -4.93 22.15 -69.56
N THR AA 90 -6.05 22.36 -68.89
CA THR AA 90 -6.02 22.58 -67.45
C THR AA 90 -6.88 21.59 -66.68
N TYR AA 91 -6.27 21.00 -65.66
CA TYR AA 91 -6.97 20.03 -64.80
C TYR AA 91 -7.08 20.60 -63.41
N ALA AA 92 -8.29 20.70 -62.94
CA ALA AA 92 -8.50 21.04 -61.56
C ALA AA 92 -8.48 19.75 -60.65
N MET AA 93 -7.42 19.59 -59.87
CA MET AA 93 -7.38 18.48 -58.94
C MET AA 93 -7.29 18.87 -57.47
N GLY AA 94 -8.22 18.31 -56.67
CA GLY AA 94 -8.33 18.64 -55.27
C GLY AA 94 -8.95 20.02 -55.02
N MET AA 95 -8.18 21.04 -55.38
CA MET AA 95 -8.62 22.44 -55.25
C MET AA 95 -8.02 23.45 -56.20
N ALA AA 96 -8.93 24.20 -56.83
CA ALA AA 96 -8.59 25.34 -57.69
C ALA AA 96 -9.30 26.55 -57.22
N ALA AA 97 -8.57 27.32 -56.42
CA ALA AA 97 -9.12 28.52 -55.73
C ALA AA 97 -8.51 29.84 -56.21
N SER AA 98 -9.39 30.82 -56.37
CA SER AA 98 -8.97 32.19 -56.60
C SER AA 98 -8.10 32.27 -57.88
N MET AA 99 -6.84 32.70 -57.80
CA MET AA 99 -5.94 32.63 -59.00
C MET AA 99 -5.98 31.23 -59.62
N GLY AA 100 -5.99 30.21 -58.76
CA GLY AA 100 -6.08 28.80 -59.18
C GLY AA 100 -7.29 28.54 -60.05
N GLU AA 101 -8.43 29.07 -59.62
CA GLU AA 101 -9.65 28.98 -60.43
C GLU AA 101 -9.51 29.77 -61.77
N PHE AA 102 -9.05 31.02 -61.66
CA PHE AA 102 -8.79 31.87 -62.81
C PHE AA 102 -7.92 31.16 -63.87
N LEU AA 103 -6.83 30.61 -63.42
CA LEU AA 103 -5.90 29.94 -64.34
C LEU AA 103 -6.47 28.68 -64.95
N LEU AA 104 -7.26 27.99 -64.14
CA LEU AA 104 -7.97 26.82 -64.60
C LEU AA 104 -8.86 27.22 -65.74
N ALA AA 105 -9.67 28.21 -65.47
CA ALA AA 105 -10.69 28.69 -66.45
C ALA AA 105 -10.06 29.32 -67.66
N ALA AA 106 -8.82 29.73 -67.52
CA ALA AA 106 -8.00 30.32 -68.64
C ALA AA 106 -7.39 29.26 -69.60
N GLY AA 107 -7.51 28.00 -69.23
CA GLY AA 107 -7.09 26.92 -70.13
C GLY AA 107 -7.77 27.04 -71.51
N THR AA 108 -7.12 26.50 -72.54
CA THR AA 108 -7.67 26.59 -73.89
C THR AA 108 -9.02 25.86 -73.94
N LYS AA 109 -9.98 26.62 -74.42
CA LYS AA 109 -11.36 26.23 -74.41
C LYS AA 109 -11.63 24.88 -75.08
N GLY AA 110 -12.32 24.03 -74.34
CA GLY AA 110 -12.60 22.65 -74.74
C GLY AA 110 -11.72 21.69 -74.00
N LYS AA 111 -10.55 22.17 -73.60
CA LYS AA 111 -9.56 21.35 -72.89
C LYS AA 111 -9.35 21.77 -71.43
N ARG AA 112 -10.44 22.16 -70.78
CA ARG AA 112 -10.46 22.48 -69.31
C ARG AA 112 -11.24 21.45 -68.53
N TYR AA 113 -10.52 20.75 -67.66
CA TYR AA 113 -11.09 19.63 -66.94
C TYR AA 113 -11.17 19.85 -65.45
N ALA AA 114 -12.18 19.23 -64.86
CA ALA AA 114 -12.21 19.11 -63.40
C ALA AA 114 -12.19 17.62 -63.01
N LEU AA 115 -11.43 17.28 -61.98
CA LEU AA 115 -11.51 15.93 -61.38
C LEU AA 115 -12.77 15.95 -60.55
N PRO AA 116 -13.47 14.81 -60.40
CA PRO AA 116 -14.87 14.78 -59.90
C PRO AA 116 -15.14 15.34 -58.47
N HIS AA 117 -14.12 15.29 -57.61
CA HIS AA 117 -14.23 15.77 -56.24
C HIS AA 117 -13.31 16.96 -55.98
N ALA AA 118 -12.95 17.63 -57.07
CA ALA AA 118 -12.24 18.92 -56.98
C ALA AA 118 -13.21 20.02 -56.60
N ARG AA 119 -12.70 20.98 -55.85
CA ARG AA 119 -13.48 22.17 -55.49
C ARG AA 119 -12.88 23.41 -56.13
N ILE AA 120 -13.78 24.22 -56.69
CA ILE AA 120 -13.45 25.52 -57.27
C ILE AA 120 -14.06 26.68 -56.44
N LEU AA 121 -13.24 27.69 -56.24
CA LEU AA 121 -13.52 28.86 -55.36
C LEU AA 121 -13.30 30.12 -56.14
N MET AA 122 -14.34 30.91 -56.28
CA MET AA 122 -14.23 32.20 -56.99
C MET AA 122 -14.53 33.23 -55.98
N HIS AA 123 -13.71 34.26 -55.96
CA HIS AA 123 -14.00 35.48 -55.16
C HIS AA 123 -13.23 36.73 -55.70
N GLN AA 124 -13.55 37.90 -55.14
CA GLN AA 124 -12.88 39.14 -55.52
C GLN AA 124 -11.54 39.27 -54.81
N PRO AA 125 -10.71 40.19 -55.31
CA PRO AA 125 -9.38 40.41 -54.78
C PRO AA 125 -9.35 40.94 -53.37
N LEU AA 126 -8.32 40.53 -52.66
CA LEU AA 126 -8.00 41.02 -51.34
C LEU AA 126 -6.75 41.76 -51.48
N GLY AA 127 -6.44 42.54 -50.46
CA GLY AA 127 -5.16 43.22 -50.46
C GLY AA 127 -4.95 44.01 -49.19
N GLY AA 128 -4.25 45.11 -49.36
CA GLY AA 128 -3.90 45.95 -48.25
C GLY AA 128 -3.80 47.40 -48.66
N VAL AA 129 -3.88 48.25 -47.67
CA VAL AA 129 -3.81 49.68 -47.86
C VAL AA 129 -2.90 50.25 -46.78
N THR AA 130 -1.96 51.06 -47.20
CA THR AA 130 -1.02 51.72 -46.27
C THR AA 130 -0.47 53.00 -46.88
N GLY AA 131 0.04 53.87 -46.03
CA GLY AA 131 0.76 55.02 -46.45
C GLY AA 131 0.05 56.33 -46.16
N SER AA 132 0.49 57.36 -46.87
CA SER AA 132 -0.17 58.63 -46.85
C SER AA 132 -1.49 58.56 -47.61
N ALA AA 133 -2.37 59.49 -47.28
CA ALA AA 133 -3.72 59.53 -47.86
C ALA AA 133 -3.64 59.60 -49.37
N ALA AA 134 -2.66 60.36 -49.82
CA ALA AA 134 -2.33 60.43 -51.24
C ALA AA 134 -1.94 59.05 -51.83
N ASP AA 135 -1.06 58.35 -51.11
CA ASP AA 135 -0.54 57.02 -51.54
C ASP AA 135 -1.67 55.99 -51.62
N ILE AA 136 -2.61 56.19 -50.72
CA ILE AA 136 -3.75 55.27 -50.55
C ILE AA 136 -4.81 55.51 -51.62
N ALA AA 137 -5.08 56.79 -51.85
CA ALA AA 137 -5.87 57.24 -53.03
C ALA AA 137 -5.45 56.54 -54.35
N ILE AA 138 -4.14 56.46 -54.55
CA ILE AA 138 -3.55 55.80 -55.72
C ILE AA 138 -3.80 54.28 -55.72
N GLN AA 139 -3.54 53.65 -54.57
CA GLN AA 139 -3.72 52.20 -54.37
C GLN AA 139 -5.12 51.81 -54.66
N ALA AA 140 -6.01 52.63 -54.14
CA ALA AA 140 -7.43 52.46 -54.31
C ALA AA 140 -7.86 52.49 -55.81
N GLU AA 141 -7.37 53.50 -56.50
CA GLU AA 141 -7.59 53.70 -57.94
C GLU AA 141 -7.22 52.45 -58.72
N GLN AA 142 -6.12 51.88 -58.30
CA GLN AA 142 -5.58 50.67 -58.89
C GLN AA 142 -6.44 49.44 -58.61
N PHE AA 143 -7.01 49.40 -57.41
CA PHE AA 143 -7.92 48.31 -57.04
C PHE AA 143 -9.06 48.28 -58.01
N ALA AA 144 -9.63 49.45 -58.26
CA ALA AA 144 -10.72 49.62 -59.26
C ALA AA 144 -10.36 49.00 -60.62
N VAL AA 145 -9.18 49.35 -61.10
CA VAL AA 145 -8.67 48.91 -62.43
C VAL AA 145 -8.55 47.41 -62.48
N ILE AA 146 -7.92 46.87 -61.45
CA ILE AA 146 -7.66 45.43 -61.33
C ILE AA 146 -8.94 44.58 -61.13
N LYS AA 147 -9.72 44.96 -60.15
CA LYS AA 147 -11.02 44.34 -59.89
C LYS AA 147 -11.81 44.22 -61.19
N LYS AA 148 -11.89 45.34 -61.90
CA LYS AA 148 -12.63 45.41 -63.17
C LYS AA 148 -12.10 44.40 -64.19
N GLU AA 149 -10.80 44.39 -64.32
CA GLU AA 149 -10.12 43.60 -65.37
C GLU AA 149 -10.26 42.13 -65.04
N MET AA 150 -10.03 41.78 -63.76
CA MET AA 150 -10.10 40.34 -63.35
C MET AA 150 -11.51 39.82 -63.58
N PHE AA 151 -12.49 40.65 -63.33
CA PHE AA 151 -13.86 40.29 -63.57
C PHE AA 151 -14.15 40.12 -65.04
N ARG AA 152 -13.73 41.10 -65.83
CA ARG AA 152 -13.84 41.05 -67.32
C ARG AA 152 -13.35 39.72 -67.90
N LEU AA 153 -12.19 39.31 -67.45
CA LEU AA 153 -11.58 38.08 -67.90
C LEU AA 153 -12.30 36.80 -67.46
N ASN AA 154 -12.74 36.75 -66.21
CA ASN AA 154 -13.48 35.56 -65.71
C ASN AA 154 -14.78 35.44 -66.46
N ALA AA 155 -15.36 36.59 -66.76
CA ALA AA 155 -16.58 36.67 -67.59
C ALA AA 155 -16.31 36.06 -68.95
N GLU AA 156 -15.20 36.46 -69.55
CA GLU AA 156 -14.79 35.92 -70.88
C GLU AA 156 -14.58 34.43 -70.80
N PHE AA 157 -13.88 33.98 -69.78
CA PHE AA 157 -13.57 32.52 -69.62
C PHE AA 157 -14.80 31.64 -69.45
N THR AA 158 -15.66 32.10 -68.54
CA THR AA 158 -16.84 31.36 -68.14
C THR AA 158 -17.98 31.47 -69.10
N GLY AA 159 -18.10 32.62 -69.73
CA GLY AA 159 -19.24 32.92 -70.62
C GLY AA 159 -20.37 33.65 -69.90
N GLN AA 160 -20.15 33.93 -68.64
CA GLN AA 160 -21.12 34.67 -67.85
C GLN AA 160 -21.04 36.16 -68.10
N PRO AA 161 -22.12 36.89 -67.79
CA PRO AA 161 -22.04 38.33 -67.80
C PRO AA 161 -21.24 38.92 -66.64
N ILE AA 162 -20.47 39.96 -66.94
CA ILE AA 162 -19.62 40.61 -65.95
C ILE AA 162 -20.41 40.99 -64.68
N GLU AA 163 -21.70 41.31 -64.81
CA GLU AA 163 -22.53 41.71 -63.64
C GLU AA 163 -22.70 40.56 -62.66
N ARG AA 164 -22.83 39.35 -63.19
CA ARG AA 164 -22.93 38.15 -62.34
C ARG AA 164 -21.60 37.78 -61.69
N ILE AA 165 -20.54 37.90 -62.48
CA ILE AA 165 -19.18 37.63 -61.97
C ILE AA 165 -18.89 38.57 -60.80
N GLU AA 166 -19.27 39.82 -60.94
CA GLU AA 166 -19.10 40.84 -59.86
C GLU AA 166 -19.85 40.46 -58.60
N ALA AA 167 -21.11 40.17 -58.80
CA ALA AA 167 -22.05 39.81 -57.72
C ALA AA 167 -21.64 38.53 -57.00
N ASP AA 168 -21.39 37.48 -57.78
CA ASP AA 168 -21.05 36.15 -57.22
C ASP AA 168 -19.68 36.20 -56.51
N SER AA 169 -18.77 36.95 -57.12
CA SER AA 169 -17.39 37.14 -56.62
C SER AA 169 -17.28 38.02 -55.37
N ASP AA 170 -18.39 38.62 -54.94
CA ASP AA 170 -18.37 39.58 -53.79
C ASP AA 170 -17.80 38.97 -52.52
N ARG AA 171 -18.20 37.71 -52.30
CA ARG AA 171 -17.64 36.89 -51.25
C ARG AA 171 -17.33 35.48 -51.72
N ASP AA 172 -16.70 34.67 -50.85
CA ASP AA 172 -16.33 33.32 -51.23
C ASP AA 172 -17.52 32.61 -51.87
N ARG AA 173 -17.26 32.08 -53.07
CA ARG AA 173 -18.24 31.40 -53.89
C ARG AA 173 -17.71 30.02 -54.25
N TRP AA 174 -18.30 28.99 -53.64
CA TRP AA 174 -17.81 27.61 -53.80
C TRP AA 174 -18.58 26.77 -54.78
N PHE AA 175 -17.83 26.03 -55.55
CA PHE AA 175 -18.38 25.20 -56.63
C PHE AA 175 -17.83 23.81 -56.55
N THR AA 176 -18.74 22.87 -56.70
CA THR AA 176 -18.36 21.45 -56.88
C THR AA 176 -17.97 21.31 -58.34
N ALA AA 177 -17.32 20.21 -58.69
CA ALA AA 177 -16.99 20.01 -60.14
C ALA AA 177 -18.24 20.25 -61.00
N ALA AA 178 -19.33 19.66 -60.56
CA ALA AA 178 -20.60 19.72 -61.28
C ALA AA 178 -20.97 21.15 -61.58
N GLU AA 179 -21.01 21.92 -60.51
CA GLU AA 179 -21.47 23.34 -60.55
C GLU AA 179 -20.53 24.22 -61.42
N ALA AA 180 -19.26 23.86 -61.37
CA ALA AA 180 -18.21 24.56 -62.10
C ALA AA 180 -18.35 24.35 -63.57
N LEU AA 181 -18.82 23.17 -63.92
CA LEU AA 181 -19.12 22.88 -65.32
C LEU AA 181 -20.23 23.81 -65.82
N GLU AA 182 -21.30 23.88 -65.05
CA GLU AA 182 -22.48 24.65 -65.52
C GLU AA 182 -22.18 26.10 -65.49
N TYR AA 183 -21.24 26.51 -64.68
CA TYR AA 183 -20.95 27.95 -64.56
C TYR AA 183 -20.02 28.37 -65.66
N GLY AA 184 -19.25 27.40 -66.17
CA GLY AA 184 -18.36 27.64 -67.34
C GLY AA 184 -16.88 27.84 -67.03
N PHE AA 185 -16.45 27.39 -65.85
CA PHE AA 185 -15.01 27.42 -65.44
C PHE AA 185 -14.23 26.34 -66.15
N VAL AA 186 -14.98 25.38 -66.62
CA VAL AA 186 -14.45 24.12 -66.96
C VAL AA 186 -15.35 23.53 -68.05
N ASP AA 187 -14.75 22.75 -68.95
CA ASP AA 187 -15.49 22.14 -70.10
C ASP AA 187 -15.96 20.74 -69.84
N HIS AA 188 -15.14 19.97 -69.14
CA HIS AA 188 -15.44 18.58 -68.85
C HIS AA 188 -15.15 18.20 -67.41
N ILE AA 189 -15.80 17.10 -67.02
CA ILE AA 189 -15.47 16.39 -65.80
C ILE AA 189 -14.96 15.01 -66.14
N ILE AA 190 -13.82 14.64 -65.59
CA ILE AA 190 -13.19 13.35 -65.93
C ILE AA 190 -13.65 12.17 -65.08
N THR AA 191 -13.69 10.98 -65.67
CA THR AA 191 -14.18 9.80 -64.98
C THR AA 191 -13.75 8.46 -65.57
N ARG AA 192 -13.72 7.43 -64.70
CA ARG AA 192 -13.45 6.03 -65.08
C ARG AA 192 -14.13 5.13 -64.04
N ALA AA 193 -13.67 3.89 -63.88
CA ALA AA 193 -14.27 2.99 -62.91
C ALA AA 193 -13.41 1.79 -62.65
N LEU BA 2 -3.86 40.31 -54.35
CA LEU BA 2 -3.95 38.81 -54.28
C LEU BA 2 -5.34 38.24 -54.49
N LEU BA 3 -5.48 37.16 -55.24
CA LEU BA 3 -6.77 36.51 -55.43
C LEU BA 3 -6.71 35.28 -54.52
N ILE CA 15 -23.26 -12.36 37.25
CA ILE CA 15 -23.39 -11.31 38.33
C ILE CA 15 -24.75 -10.57 38.28
N LEU CA 16 -25.43 -10.70 39.42
CA LEU CA 16 -26.85 -10.26 39.61
C LEU CA 16 -26.98 -9.55 40.95
N PRO CA 17 -27.22 -8.23 40.93
CA PRO CA 17 -27.11 -7.52 42.19
C PRO CA 17 -28.29 -7.75 43.08
N SER CA 18 -28.05 -7.57 44.37
CA SER CA 18 -29.12 -7.50 45.32
C SER CA 18 -29.11 -6.11 45.89
N PHE CA 19 -30.22 -5.78 46.51
CA PHE CA 19 -30.48 -4.44 47.01
C PHE CA 19 -31.37 -4.58 48.23
N ILE CA 20 -31.60 -3.45 48.90
CA ILE CA 20 -32.37 -3.40 50.14
C ILE CA 20 -33.62 -2.50 50.04
N GLU CA 21 -34.73 -2.94 50.64
CA GLU CA 21 -35.95 -2.10 50.66
C GLU CA 21 -36.34 -1.54 52.06
N HIS CA 22 -36.21 -0.20 52.18
CA HIS CA 22 -36.79 0.60 53.28
C HIS CA 22 -38.30 0.35 53.50
N SER CA 23 -38.71 0.43 54.76
CA SER CA 23 -40.13 0.51 55.19
C SER CA 23 -40.21 0.82 56.70
N SER CA 24 -41.35 1.29 57.15
CA SER CA 24 -41.54 1.60 58.62
C SER CA 24 -41.57 0.33 59.48
N PHE CA 25 -41.73 -0.80 58.84
CA PHE CA 25 -41.87 -2.10 59.53
C PHE CA 25 -40.51 -2.73 59.79
N GLY CA 26 -39.69 -2.61 58.78
CA GLY CA 26 -38.38 -3.24 58.76
C GLY CA 26 -37.72 -3.09 57.40
N VAL CA 27 -36.56 -3.69 57.30
CA VAL CA 27 -35.66 -3.48 56.15
C VAL CA 27 -35.28 -4.83 55.61
N LYS CA 28 -35.63 -5.09 54.36
CA LYS CA 28 -35.39 -6.42 53.76
C LYS CA 28 -34.47 -6.41 52.52
N GLU CA 29 -33.65 -7.46 52.43
CA GLU CA 29 -32.76 -7.68 51.28
C GLU CA 29 -33.49 -8.50 50.19
N SER CA 30 -33.36 -8.10 48.93
CA SER CA 30 -33.86 -8.97 47.83
C SER CA 30 -33.12 -8.85 46.46
N ASN CA 31 -33.26 -9.89 45.64
CA ASN CA 31 -32.85 -9.93 44.20
C ASN CA 31 -33.87 -9.29 43.35
N PRO CA 32 -33.53 -9.12 42.05
CA PRO CA 32 -34.52 -8.79 41.08
C PRO CA 32 -35.51 -9.90 40.91
N TYR CA 33 -35.04 -11.14 41.00
CA TYR CA 33 -35.93 -12.29 40.71
C TYR CA 33 -36.93 -12.45 41.85
N ASN CA 34 -36.46 -12.11 43.05
CA ASN CA 34 -37.29 -12.20 44.24
C ASN CA 34 -38.32 -11.12 44.34
N LYS CA 35 -37.85 -9.92 44.10
CA LYS CA 35 -38.71 -8.72 43.95
C LYS CA 35 -39.78 -8.98 42.88
N LEU CA 36 -39.36 -9.54 41.78
CA LEU CA 36 -40.32 -9.96 40.75
C LEU CA 36 -41.34 -10.94 41.32
N PHE CA 37 -40.85 -11.92 42.05
CA PHE CA 37 -41.73 -12.97 42.62
C PHE CA 37 -42.63 -12.38 43.69
N GLU CA 38 -42.09 -11.45 44.43
CA GLU CA 38 -42.89 -10.74 45.45
C GLU CA 38 -44.12 -10.10 44.87
N GLU CA 39 -44.00 -9.75 43.59
CA GLU CA 39 -45.06 -9.09 42.79
C GLU CA 39 -45.83 -10.05 41.91
N ARG CA 40 -45.74 -11.30 42.26
CA ARG CA 40 -46.43 -12.39 41.59
C ARG CA 40 -46.03 -12.60 40.13
N ILE CA 41 -44.75 -12.35 39.89
CA ILE CA 41 -44.19 -12.63 38.56
C ILE CA 41 -43.23 -13.79 38.62
N ILE CA 42 -43.52 -14.78 37.82
CA ILE CA 42 -42.68 -15.94 37.69
C ILE CA 42 -41.87 -15.84 36.40
N PHE CA 43 -40.58 -16.10 36.44
CA PHE CA 43 -39.75 -15.92 35.24
C PHE CA 43 -39.40 -17.24 34.55
N LEU CA 44 -39.80 -17.36 33.31
CA LEU CA 44 -39.52 -18.54 32.50
C LEU CA 44 -38.50 -18.23 31.42
N GLY CA 45 -37.23 -18.42 31.78
CA GLY CA 45 -36.08 -17.96 30.97
C GLY CA 45 -35.16 -19.06 30.46
N VAL CA 46 -35.06 -20.16 31.16
CA VAL CA 46 -34.20 -21.21 30.70
C VAL CA 46 -35.00 -22.00 29.71
N GLN CA 47 -34.32 -23.05 29.24
CA GLN CA 47 -34.94 -24.19 28.57
C GLN CA 47 -35.70 -25.05 29.60
N VAL CA 48 -36.94 -25.34 29.23
CA VAL CA 48 -37.94 -26.09 30.03
C VAL CA 48 -37.52 -27.57 30.23
N ASP CA 49 -36.43 -27.79 30.97
CA ASP CA 49 -36.05 -29.15 31.37
C ASP CA 49 -36.97 -29.62 32.53
N ASP CA 50 -36.93 -30.92 32.86
CA ASP CA 50 -37.76 -31.46 33.99
C ASP CA 50 -37.53 -30.69 35.33
N ALA CA 51 -36.29 -30.36 35.58
CA ALA CA 51 -35.90 -29.59 36.79
C ALA CA 51 -36.60 -28.24 36.86
N SER CA 52 -36.40 -27.44 35.83
CA SER CA 52 -36.95 -26.05 35.78
C SER CA 52 -38.48 -26.06 35.88
N ALA CA 53 -39.05 -27.08 35.29
CA ALA CA 53 -40.51 -27.22 35.26
C ALA CA 53 -41.09 -27.38 36.63
N ASN CA 54 -40.46 -28.22 37.41
CA ASN CA 54 -40.85 -28.38 38.82
C ASN CA 54 -40.79 -27.06 39.58
N ASP CA 55 -39.71 -26.33 39.35
CA ASP CA 55 -39.51 -24.99 39.96
C ASP CA 55 -40.63 -24.02 39.58
N ILE CA 56 -41.04 -24.08 38.32
CA ILE CA 56 -42.15 -23.23 37.85
C ILE CA 56 -43.46 -23.62 38.47
N MET CA 57 -43.73 -24.91 38.52
CA MET CA 57 -44.99 -25.44 39.11
C MET CA 57 -45.10 -25.09 40.60
N ALA CA 58 -44.02 -25.33 41.30
CA ALA CA 58 -43.91 -25.02 42.73
C ALA CA 58 -44.18 -23.54 42.97
N GLN CA 59 -43.56 -22.69 42.18
CA GLN CA 59 -43.77 -21.23 42.28
C GLN CA 59 -45.23 -20.87 42.05
N LEU CA 60 -45.80 -21.46 41.02
CA LEU CA 60 -47.24 -21.28 40.71
C LEU CA 60 -48.11 -21.68 41.85
N LEU CA 61 -47.93 -22.91 42.29
CA LEU CA 61 -48.69 -23.49 43.46
C LEU CA 61 -48.58 -22.70 44.76
N VAL CA 62 -47.39 -22.19 44.99
CA VAL CA 62 -47.08 -21.41 46.17
C VAL CA 62 -47.76 -20.07 46.09
N LEU CA 63 -47.58 -19.41 44.96
CA LEU CA 63 -48.31 -18.12 44.72
C LEU CA 63 -49.84 -18.22 44.87
N GLU CA 64 -50.42 -19.30 44.41
CA GLU CA 64 -51.84 -19.53 44.63
C GLU CA 64 -52.16 -19.67 46.12
N SER CA 65 -51.40 -20.53 46.77
CA SER CA 65 -51.55 -20.75 48.21
C SER CA 65 -51.46 -19.43 49.01
N LEU CA 66 -50.55 -18.57 48.61
CA LEU CA 66 -50.35 -17.27 49.32
C LEU CA 66 -51.50 -16.30 49.17
N ASP CA 67 -52.18 -16.33 48.03
CA ASP CA 67 -53.26 -15.37 47.68
C ASP CA 67 -54.02 -15.82 46.42
N PRO CA 68 -55.08 -16.61 46.60
CA PRO CA 68 -55.70 -17.24 45.46
C PRO CA 68 -56.46 -16.30 44.54
N ASP CA 69 -56.75 -15.09 44.98
CA ASP CA 69 -57.56 -14.19 44.16
C ASP CA 69 -56.72 -13.36 43.20
N ARG CA 70 -55.60 -12.88 43.70
CA ARG CA 70 -54.72 -12.04 42.89
C ARG CA 70 -54.05 -12.78 41.73
N ASP CA 71 -53.80 -12.03 40.68
CA ASP CA 71 -53.26 -12.56 39.42
C ASP CA 71 -51.82 -12.97 39.56
N ILE CA 72 -51.50 -14.03 38.82
CA ILE CA 72 -50.11 -14.46 38.62
C ILE CA 72 -49.71 -14.12 37.21
N THR CA 73 -48.53 -13.55 37.11
CA THR CA 73 -48.02 -13.18 35.80
C THR CA 73 -46.74 -13.98 35.53
N MET CA 74 -46.58 -14.38 34.28
CA MET CA 74 -45.52 -15.28 33.82
C MET CA 74 -44.76 -14.59 32.70
N TYR CA 75 -43.52 -14.21 32.99
CA TYR CA 75 -42.61 -13.60 31.99
C TYR CA 75 -41.91 -14.70 31.22
N ILE CA 76 -42.06 -14.66 29.92
CA ILE CA 76 -41.54 -15.74 29.07
C ILE CA 76 -40.48 -15.24 28.09
N ASN CA 77 -39.28 -15.79 28.26
CA ASN CA 77 -38.19 -15.68 27.26
C ASN CA 77 -37.46 -16.98 27.27
N SER CA 78 -38.01 -17.94 26.56
CA SER CA 78 -37.51 -19.30 26.62
C SER CA 78 -37.43 -19.88 25.21
N PRO CA 79 -36.34 -20.56 24.89
CA PRO CA 79 -36.20 -21.26 23.63
C PRO CA 79 -36.95 -22.56 23.55
N GLY CA 80 -37.66 -22.94 24.60
CA GLY CA 80 -38.51 -24.10 24.45
C GLY CA 80 -38.12 -25.13 25.45
N GLY CA 81 -38.34 -26.39 25.14
CA GLY CA 81 -38.18 -27.44 26.17
C GLY CA 81 -39.02 -28.71 26.10
N GLY CA 82 -38.83 -29.58 27.08
CA GLY CA 82 -39.42 -30.93 27.13
C GLY CA 82 -40.93 -30.96 27.05
N PHE CA 83 -41.48 -31.97 26.39
CA PHE CA 83 -42.93 -32.03 26.17
C PHE CA 83 -43.60 -32.48 27.45
N THR CA 84 -42.99 -33.43 28.09
CA THR CA 84 -43.60 -33.97 29.30
C THR CA 84 -43.78 -32.83 30.36
N SER CA 85 -42.80 -31.96 30.34
CA SER CA 85 -42.73 -30.78 31.23
C SER CA 85 -43.73 -29.72 30.85
N LEU CA 86 -43.75 -29.41 29.57
CA LEU CA 86 -44.74 -28.49 29.00
C LEU CA 86 -46.11 -28.78 29.57
N MET CA 87 -46.55 -30.01 29.42
CA MET CA 87 -47.90 -30.40 29.85
C MET CA 87 -48.17 -30.26 31.35
N ALA CA 88 -47.19 -30.62 32.13
CA ALA CA 88 -47.26 -30.46 33.55
C ALA CA 88 -47.44 -29.00 33.96
N ILE CA 89 -46.64 -28.13 33.35
CA ILE CA 89 -46.67 -26.70 33.65
C ILE CA 89 -48.00 -26.11 33.24
N TYR CA 90 -48.35 -26.40 32.01
CA TYR CA 90 -49.68 -26.13 31.50
C TYR CA 90 -50.83 -26.52 32.46
N ASP CA 91 -50.83 -27.79 32.92
CA ASP CA 91 -51.93 -28.29 33.79
C ASP CA 91 -52.00 -27.44 35.05
N THR CA 92 -50.83 -27.13 35.55
CA THR CA 92 -50.72 -26.36 36.79
C THR CA 92 -51.26 -24.93 36.53
N MET CA 93 -50.84 -24.32 35.42
CA MET CA 93 -51.28 -22.94 35.04
C MET CA 93 -52.79 -22.83 35.07
N GLN CA 94 -53.40 -23.81 34.40
CA GLN CA 94 -54.86 -23.86 34.23
C GLN CA 94 -55.55 -24.18 35.57
N TYR CA 95 -54.88 -25.01 36.35
CA TYR CA 95 -55.45 -25.57 37.56
C TYR CA 95 -55.62 -24.57 38.70
N VAL CA 96 -54.63 -23.72 38.90
CA VAL CA 96 -54.63 -22.78 40.06
C VAL CA 96 -55.80 -21.80 39.94
N ARG CA 97 -56.27 -21.34 41.08
CA ARG CA 97 -57.47 -20.48 41.18
C ARG CA 97 -57.28 -19.17 40.47
N ALA CA 98 -56.06 -18.71 40.56
CA ALA CA 98 -55.72 -17.37 40.07
C ALA CA 98 -55.62 -17.28 38.57
N ASP CA 99 -55.95 -16.12 38.06
CA ASP CA 99 -55.74 -15.87 36.64
C ASP CA 99 -54.25 -15.85 36.32
N ILE CA 100 -53.93 -16.30 35.13
CA ILE CA 100 -52.54 -16.25 34.65
C ILE CA 100 -52.36 -15.33 33.47
N GLN CA 101 -51.43 -14.44 33.66
CA GLN CA 101 -51.10 -13.45 32.67
C GLN CA 101 -49.77 -13.85 32.10
N THR CA 102 -49.71 -14.03 30.80
CA THR CA 102 -48.47 -14.41 30.13
C THR CA 102 -47.92 -13.27 29.31
N VAL CA 103 -46.63 -13.04 29.48
CA VAL CA 103 -45.94 -11.96 28.80
C VAL CA 103 -44.61 -12.37 28.12
N CYS CA 104 -44.56 -12.30 26.80
CA CYS CA 104 -43.39 -12.76 26.07
C CYS CA 104 -42.54 -11.58 25.91
N LEU CA 105 -41.32 -11.73 26.37
CA LEU CA 105 -40.37 -10.60 26.42
C LEU CA 105 -39.42 -10.66 25.30
N GLY CA 106 -39.06 -11.86 24.92
CA GLY CA 106 -38.11 -12.00 23.84
C GLY CA 106 -38.62 -13.02 22.87
N GLN CA 107 -38.48 -14.24 23.31
CA GLN CA 107 -38.78 -15.34 22.47
C GLN CA 107 -39.62 -16.30 23.26
N ALA CA 108 -40.61 -16.85 22.61
CA ALA CA 108 -41.36 -17.96 23.18
C ALA CA 108 -41.42 -19.00 22.11
N ALA CA 109 -40.48 -19.92 22.20
CA ALA CA 109 -40.35 -20.97 21.16
C ALA CA 109 -40.78 -22.32 21.63
N SER CA 110 -41.26 -23.10 20.67
CA SER CA 110 -41.55 -24.50 20.86
C SER CA 110 -42.68 -24.68 21.89
N ALA CA 111 -42.26 -25.14 23.08
CA ALA CA 111 -43.11 -25.43 24.22
C ALA CA 111 -43.56 -24.14 24.83
N ALA CA 112 -42.61 -23.24 24.94
CA ALA CA 112 -42.81 -21.90 25.52
C ALA CA 112 -43.91 -21.16 24.80
N ALA CA 113 -44.03 -21.46 23.52
CA ALA CA 113 -45.10 -20.85 22.71
C ALA CA 113 -46.49 -21.24 23.21
N VAL CA 114 -46.63 -22.53 23.46
CA VAL CA 114 -47.89 -23.12 23.92
C VAL CA 114 -48.28 -22.52 25.27
N LEU CA 115 -47.29 -22.42 26.12
CA LEU CA 115 -47.45 -21.80 27.45
C LEU CA 115 -47.87 -20.36 27.39
N LEU CA 116 -47.19 -19.60 26.53
CA LEU CA 116 -47.60 -18.19 26.23
C LEU CA 116 -49.08 -18.14 25.86
N ALA CA 117 -49.42 -19.03 24.92
CA ALA CA 117 -50.78 -19.14 24.41
C ALA CA 117 -51.75 -19.52 25.48
N ALA CA 118 -51.25 -20.24 26.47
CA ALA CA 118 -52.11 -20.90 27.49
C ALA CA 118 -52.46 -20.06 28.69
N GLY CA 119 -52.04 -18.83 28.66
CA GLY CA 119 -52.44 -17.88 29.67
C GLY CA 119 -53.95 -17.69 29.62
N THR CA 120 -54.49 -17.04 30.66
CA THR CA 120 -55.97 -16.77 30.62
C THR CA 120 -56.31 -15.73 29.53
N PRO CA 121 -57.42 -15.96 28.80
CA PRO CA 121 -57.78 -15.15 27.67
C PRO CA 121 -57.96 -13.72 28.09
N GLY CA 122 -57.54 -12.80 27.23
CA GLY CA 122 -57.45 -11.38 27.57
C GLY CA 122 -56.09 -10.96 28.07
N LYS CA 123 -55.37 -11.92 28.66
CA LYS CA 123 -54.13 -11.58 29.42
C LYS CA 123 -52.80 -12.10 28.84
N ARG CA 124 -52.80 -12.35 27.55
CA ARG CA 124 -51.63 -12.84 26.88
C ARG CA 124 -50.98 -11.75 26.03
N MET CA 125 -49.72 -11.51 26.29
CA MET CA 125 -49.01 -10.39 25.71
C MET CA 125 -47.63 -10.67 25.19
N ALA CA 126 -47.16 -9.76 24.34
CA ALA CA 126 -45.76 -9.79 23.91
C ALA CA 126 -45.24 -8.38 23.66
N LEU CA 127 -43.95 -8.20 23.88
CA LEU CA 127 -43.29 -6.94 23.51
C LEU CA 127 -43.19 -6.96 22.00
N PRO CA 128 -43.07 -5.79 21.35
CA PRO CA 128 -43.28 -5.69 19.85
C PRO CA 128 -42.32 -6.51 18.97
N ASN CA 129 -41.02 -6.46 19.27
CA ASN CA 129 -40.05 -7.30 18.53
C ASN CA 129 -39.93 -8.70 19.12
N ALA CA 130 -40.92 -9.12 19.89
CA ALA CA 130 -40.88 -10.47 20.39
C ALA CA 130 -41.18 -11.35 19.23
N ARG CA 131 -40.87 -12.60 19.48
CA ARG CA 131 -40.83 -13.62 18.46
C ARG CA 131 -41.41 -14.93 19.04
N VAL CA 132 -42.39 -15.47 18.32
CA VAL CA 132 -42.98 -16.69 18.70
C VAL CA 132 -42.74 -17.72 17.65
N LEU CA 133 -42.22 -18.86 18.05
CA LEU CA 133 -41.99 -19.95 17.10
C LEU CA 133 -42.69 -21.25 17.50
N ILE CA 134 -43.46 -21.83 16.58
CA ILE CA 134 -44.13 -23.09 16.85
C ILE CA 134 -43.63 -24.11 15.92
N HIS CA 135 -43.55 -25.33 16.42
CA HIS CA 135 -43.11 -26.42 15.57
C HIS CA 135 -43.52 -27.70 16.25
N GLN CA 136 -43.51 -28.81 15.51
CA GLN CA 136 -43.99 -30.05 16.03
C GLN CA 136 -42.86 -30.64 16.88
N PRO CA 137 -43.18 -31.62 17.74
CA PRO CA 137 -42.18 -32.20 18.60
C PRO CA 137 -41.13 -32.97 17.84
N SER CA 138 -39.88 -32.68 18.17
CA SER CA 138 -38.72 -33.38 17.63
C SER CA 138 -38.09 -34.22 18.70
N LEU CA 139 -37.32 -35.19 18.25
CA LEU CA 139 -36.49 -35.96 19.13
C LEU CA 139 -35.10 -35.92 18.55
N SER CA 140 -34.24 -35.06 19.06
CA SER CA 140 -32.83 -35.14 18.65
C SER CA 140 -32.22 -36.14 19.60
N GLY CA 141 -31.18 -36.81 19.15
CA GLY CA 141 -30.77 -38.05 19.85
C GLY CA 141 -31.70 -39.17 19.44
N VAL CA 142 -31.29 -40.38 19.72
CA VAL CA 142 -31.96 -41.55 19.16
C VAL CA 142 -32.53 -42.41 20.26
N ILE CA 143 -33.74 -42.86 20.08
CA ILE CA 143 -34.29 -43.92 20.88
C ILE CA 143 -34.12 -45.27 20.18
N GLN CA 144 -33.36 -46.12 20.87
CA GLN CA 144 -32.97 -47.44 20.41
C GLN CA 144 -33.95 -48.50 20.95
N GLY CA 145 -34.11 -49.61 20.26
CA GLY CA 145 -35.02 -50.64 20.75
C GLY CA 145 -35.49 -51.67 19.75
N GLN CA 146 -36.08 -52.72 20.30
CA GLN CA 146 -36.80 -53.68 19.49
C GLN CA 146 -37.92 -52.93 18.80
N PHE CA 147 -38.31 -53.45 17.65
CA PHE CA 147 -39.36 -52.79 16.85
C PHE CA 147 -40.62 -52.68 17.72
N SER CA 148 -40.94 -53.74 18.46
CA SER CA 148 -42.13 -53.73 19.30
C SER CA 148 -42.12 -52.57 20.23
N ASP CA 149 -40.96 -52.27 20.75
CA ASP CA 149 -40.80 -51.14 21.69
C ASP CA 149 -40.91 -49.85 20.96
N LEU CA 150 -40.33 -49.83 19.76
CA LEU CA 150 -40.22 -48.58 18.96
C LEU CA 150 -41.58 -48.21 18.43
N GLU CA 151 -42.40 -49.22 18.17
CA GLU CA 151 -43.75 -48.97 17.63
C GLU CA 151 -44.64 -48.33 18.72
N ILE CA 152 -44.46 -48.80 19.93
CA ILE CA 152 -45.16 -48.25 21.13
C ILE CA 152 -44.77 -46.79 21.32
N GLN CA 153 -43.47 -46.58 21.20
CA GLN CA 153 -42.85 -45.29 21.36
C GLN CA 153 -43.38 -44.31 20.31
N ALA CA 154 -43.31 -44.72 19.06
CA ALA CA 154 -43.78 -43.91 17.95
C ALA CA 154 -45.24 -43.49 18.18
N ALA CA 155 -46.04 -44.46 18.58
CA ALA CA 155 -47.45 -44.24 18.92
C ALA CA 155 -47.64 -43.16 19.96
N GLU CA 156 -46.89 -43.30 21.04
CA GLU CA 156 -46.88 -42.32 22.14
C GLU CA 156 -46.45 -40.91 21.64
N ILE CA 157 -45.54 -40.87 20.68
CA ILE CA 157 -45.12 -39.60 20.09
C ILE CA 157 -46.17 -38.96 19.21
N GLU CA 158 -46.91 -39.78 18.49
CA GLU CA 158 -48.04 -39.25 17.68
C GLU CA 158 -49.06 -38.63 18.60
N ARG CA 159 -49.25 -39.26 19.75
CA ARG CA 159 -50.25 -38.81 20.75
C ARG CA 159 -49.85 -37.45 21.28
N MET CA 160 -48.57 -37.37 21.62
CA MET CA 160 -47.93 -36.16 22.17
C MET CA 160 -48.06 -35.05 21.16
N ARG CA 161 -47.66 -35.35 19.95
CA ARG CA 161 -47.89 -34.40 18.83
C ARG CA 161 -49.32 -33.87 18.77
N THR CA 162 -50.28 -34.79 18.68
CA THR CA 162 -51.71 -34.40 18.51
C THR CA 162 -52.21 -33.69 19.79
N LEU CA 163 -51.58 -33.95 20.93
CA LEU CA 163 -51.98 -33.25 22.17
C LEU CA 163 -51.52 -31.80 22.17
N MET CA 164 -50.33 -31.59 21.63
CA MET CA 164 -49.83 -30.21 21.41
C MET CA 164 -50.81 -29.43 20.51
N GLU CA 165 -51.24 -30.10 19.47
CA GLU CA 165 -52.14 -29.48 18.51
C GLU CA 165 -53.52 -29.19 19.11
N THR CA 166 -54.04 -30.16 19.84
CA THR CA 166 -55.30 -30.01 20.56
C THR CA 166 -55.26 -28.78 21.44
N THR CA 167 -54.21 -28.71 22.25
CA THR CA 167 -54.18 -27.68 23.35
C THR CA 167 -53.82 -26.33 22.82
N LEU CA 168 -53.13 -26.28 21.70
CA LEU CA 168 -53.01 -25.02 21.00
C LEU CA 168 -54.33 -24.57 20.40
N ALA CA 169 -54.96 -25.50 19.69
CA ALA CA 169 -56.29 -25.28 19.08
C ALA CA 169 -57.28 -24.68 20.11
N ARG CA 170 -57.34 -25.34 21.27
CA ARG CA 170 -58.17 -24.88 22.39
C ARG CA 170 -57.94 -23.37 22.60
N HIS CA 171 -56.68 -22.94 22.68
CA HIS CA 171 -56.31 -21.57 23.18
C HIS CA 171 -56.21 -20.51 22.16
N THR CA 172 -56.03 -20.93 20.93
CA THR CA 172 -55.91 -19.99 19.77
C THR CA 172 -57.24 -19.73 19.07
N GLY CA 173 -58.18 -20.65 19.30
CA GLY CA 173 -59.45 -20.65 18.58
C GLY CA 173 -59.33 -21.20 17.16
N LYS CA 174 -58.22 -21.86 16.87
CA LYS CA 174 -58.00 -22.49 15.57
C LYS CA 174 -58.36 -23.95 15.59
N ASP CA 175 -58.49 -24.50 14.40
CA ASP CA 175 -58.80 -25.92 14.25
C ASP CA 175 -57.54 -26.73 14.46
N ALA CA 176 -57.65 -27.82 15.21
CA ALA CA 176 -56.49 -28.73 15.46
C ALA CA 176 -55.73 -29.13 14.15
N GLY CA 177 -56.49 -29.47 13.14
CA GLY CA 177 -55.90 -29.90 11.87
C GLY CA 177 -55.09 -28.78 11.23
N VAL CA 178 -55.53 -27.55 11.44
CA VAL CA 178 -54.90 -26.38 10.84
C VAL CA 178 -53.59 -26.14 11.52
N ILE CA 179 -53.62 -26.18 12.84
CA ILE CA 179 -52.39 -26.17 13.60
C ILE CA 179 -51.37 -27.21 13.04
N ARG CA 180 -51.81 -28.44 12.90
CA ARG CA 180 -50.91 -29.52 12.39
C ARG CA 180 -50.28 -29.19 11.06
N LYS CA 181 -51.09 -28.67 10.17
CA LYS CA 181 -50.59 -28.18 8.91
C LYS CA 181 -49.56 -27.05 9.08
N ASP CA 182 -49.90 -26.05 9.87
CA ASP CA 182 -49.04 -24.89 10.06
C ASP CA 182 -47.70 -25.23 10.81
N THR CA 183 -47.71 -26.26 11.64
CA THR CA 183 -46.53 -26.70 12.43
C THR CA 183 -45.75 -27.87 11.86
N ASP CA 184 -46.19 -28.36 10.72
CA ASP CA 184 -45.54 -29.53 10.09
C ASP CA 184 -44.05 -29.18 9.90
N ARG CA 185 -43.83 -27.92 9.63
CA ARG CA 185 -42.50 -27.33 9.50
C ARG CA 185 -42.48 -26.21 10.53
N ASP CA 186 -41.33 -25.64 10.77
CA ASP CA 186 -41.27 -24.51 11.72
C ASP CA 186 -42.06 -23.30 11.25
N LYS CA 187 -42.74 -22.70 12.19
CA LYS CA 187 -43.56 -21.52 11.94
C LYS CA 187 -43.23 -20.34 12.85
N ILE CA 188 -42.66 -19.30 12.27
CA ILE CA 188 -42.19 -18.17 13.05
C ILE CA 188 -43.15 -17.05 12.95
N LEU CA 189 -43.43 -16.44 14.10
CA LEU CA 189 -44.43 -15.34 14.22
C LEU CA 189 -43.90 -14.16 14.94
N THR CA 190 -44.05 -13.04 14.27
CA THR CA 190 -43.77 -11.74 14.87
C THR CA 190 -44.85 -11.53 15.96
N ALA CA 191 -44.63 -10.60 16.86
CA ALA CA 191 -45.67 -10.32 17.91
C ALA CA 191 -47.06 -10.04 17.29
N GLU CA 192 -47.10 -9.22 16.25
CA GLU CA 192 -48.35 -8.93 15.52
C GLU CA 192 -48.97 -10.21 14.97
N GLU CA 193 -48.17 -10.95 14.25
CA GLU CA 193 -48.63 -12.18 13.63
C GLU CA 193 -49.20 -13.17 14.67
N ALA CA 194 -48.57 -13.15 15.84
CA ALA CA 194 -48.89 -14.04 16.93
C ALA CA 194 -50.20 -13.69 17.52
N LYS CA 195 -50.50 -12.42 17.47
CA LYS CA 195 -51.81 -11.94 17.92
C LYS CA 195 -52.93 -12.37 16.96
N ASP CA 196 -52.67 -12.19 15.68
CA ASP CA 196 -53.54 -12.68 14.59
C ASP CA 196 -53.78 -14.15 14.69
N TYR CA 197 -52.73 -14.86 15.02
CA TYR CA 197 -52.80 -16.32 15.11
C TYR CA 197 -53.59 -16.75 16.33
N GLY CA 198 -53.75 -15.83 17.26
CA GLY CA 198 -54.54 -16.11 18.48
C GLY CA 198 -53.72 -16.66 19.64
N ILE CA 199 -52.44 -16.37 19.62
CA ILE CA 199 -51.50 -16.89 20.62
C ILE CA 199 -51.33 -15.90 21.76
N ILE CA 200 -51.48 -14.65 21.41
CA ILE CA 200 -51.52 -13.58 22.40
C ILE CA 200 -52.73 -12.73 22.11
N ASP CA 201 -53.10 -11.94 23.08
CA ASP CA 201 -54.23 -11.02 22.91
C ASP CA 201 -53.83 -9.62 22.51
N THR CA 202 -52.83 -9.10 23.18
CA THR CA 202 -52.38 -7.74 22.91
C THR CA 202 -50.88 -7.68 22.73
N VAL CA 203 -50.45 -6.67 21.99
CA VAL CA 203 -49.03 -6.41 21.85
C VAL CA 203 -48.72 -5.21 22.68
N LEU CA 204 -47.82 -5.34 23.63
CA LEU CA 204 -47.45 -4.19 24.48
C LEU CA 204 -46.81 -3.07 23.71
N GLU CA 205 -47.32 -1.89 23.94
CA GLU CA 205 -46.68 -0.71 23.40
C GLU CA 205 -45.76 -0.17 24.47
N TYR CA 206 -44.70 0.50 24.03
CA TYR CA 206 -43.74 1.07 24.97
C TYR CA 206 -44.45 2.15 25.81
N ARG CA 207 -44.17 2.22 27.10
CA ARG CA 207 -44.71 3.31 27.96
C ARG CA 207 -43.74 4.45 28.25
N LYS CA 208 -42.76 4.71 27.41
CA LYS CA 208 -41.72 5.70 27.81
C LYS CA 208 -42.31 7.09 28.00
N LEU CA 209 -42.00 7.72 29.13
CA LEU CA 209 -42.54 9.07 29.42
C LEU CA 209 -42.01 10.13 28.45
N SER CA 210 -40.85 9.89 27.83
CA SER CA 210 -40.38 10.76 26.75
C SER CA 210 -41.32 10.73 25.51
N ALA CA 211 -41.95 9.61 25.13
CA ALA CA 211 -42.99 9.59 24.03
C ALA CA 211 -44.01 10.77 24.01
N LEU DA 2 -39.13 -30.80 22.53
CA LEU DA 2 -38.05 -31.79 22.33
C LEU DA 2 -38.67 -32.99 23.07
N LEU DA 3 -38.35 -34.19 22.65
CA LEU DA 3 -38.81 -35.36 23.35
C LEU DA 3 -37.55 -36.08 23.77
N ILE EA 15 -32.61 -20.95 38.53
CA ILE EA 15 -33.05 -19.78 39.40
C ILE EA 15 -34.47 -19.95 40.01
N LEU EA 16 -34.46 -19.94 41.35
CA LEU EA 16 -35.65 -20.30 42.21
C LEU EA 16 -35.82 -19.27 43.31
N PRO EA 17 -36.86 -18.44 43.23
CA PRO EA 17 -36.86 -17.29 44.16
C PRO EA 17 -37.21 -17.70 45.57
N SER EA 18 -36.75 -16.90 46.51
CA SER EA 18 -37.25 -16.98 47.86
C SER EA 18 -38.01 -15.70 48.16
N PHE EA 19 -38.78 -15.77 49.21
CA PHE EA 19 -39.71 -14.73 49.58
C PHE EA 19 -39.86 -14.76 51.08
N ILE EA 20 -40.58 -13.79 51.62
CA ILE EA 20 -40.74 -13.63 53.07
C ILE EA 20 -42.21 -13.68 53.50
N GLU EA 21 -42.48 -14.32 54.64
CA GLU EA 21 -43.85 -14.33 55.20
C GLU EA 21 -44.07 -13.50 56.50
N HIS EA 22 -44.84 -12.40 56.34
CA HIS EA 22 -45.43 -11.61 57.47
C HIS EA 22 -46.22 -12.48 58.47
N SER EA 23 -46.16 -12.07 59.73
CA SER EA 23 -47.02 -12.56 60.83
C SER EA 23 -46.81 -11.71 62.08
N SER EA 24 -47.75 -11.76 63.00
CA SER EA 24 -47.63 -11.01 64.29
C SER EA 24 -46.54 -11.60 65.22
N PHE EA 25 -46.10 -12.80 64.90
CA PHE EA 25 -45.12 -13.55 65.73
C PHE EA 25 -43.68 -13.23 65.33
N GLY EA 26 -43.52 -13.12 64.03
CA GLY EA 26 -42.23 -12.85 63.43
C GLY EA 26 -42.30 -12.95 61.91
N VAL EA 27 -41.14 -12.81 61.31
CA VAL EA 27 -41.04 -12.72 59.85
C VAL EA 27 -40.04 -13.77 59.39
N LYS EA 28 -40.49 -14.69 58.55
CA LYS EA 28 -39.63 -15.81 58.09
C LYS EA 28 -39.38 -15.86 56.57
N GLU EA 29 -38.16 -16.22 56.20
CA GLU EA 29 -37.76 -16.43 54.80
C GLU EA 29 -38.03 -17.88 54.36
N SER EA 30 -38.59 -18.08 53.17
CA SER EA 30 -38.70 -19.46 52.64
C SER EA 30 -38.69 -19.58 51.09
N ASN EA 31 -38.34 -20.76 50.59
CA ASN EA 31 -38.51 -21.19 49.18
C ASN EA 31 -39.87 -21.63 48.92
N PRO EA 32 -40.14 -21.89 47.64
CA PRO EA 32 -41.31 -22.58 47.30
C PRO EA 32 -41.28 -24.00 47.82
N TYR EA 33 -40.11 -24.61 47.82
CA TYR EA 33 -40.05 -26.06 48.18
C TYR EA 33 -40.24 -26.23 49.70
N ASN EA 34 -39.79 -25.20 50.42
CA ASN EA 34 -39.93 -25.17 51.87
C ASN EA 34 -41.32 -24.86 52.32
N LYS EA 35 -41.90 -23.87 51.68
CA LYS EA 35 -43.32 -23.55 51.86
C LYS EA 35 -44.19 -24.76 51.53
N LEU EA 36 -43.87 -25.44 50.46
CA LEU EA 36 -44.55 -26.69 50.12
C LEU EA 36 -44.40 -27.73 51.26
N PHE EA 37 -43.18 -27.89 51.74
CA PHE EA 37 -42.94 -28.85 52.85
C PHE EA 37 -43.66 -28.42 54.14
N GLU EA 38 -43.69 -27.11 54.37
CA GLU EA 38 -44.36 -26.56 55.55
C GLU EA 38 -45.79 -27.01 55.59
N GLU EA 39 -46.32 -27.28 54.42
CA GLU EA 39 -47.71 -27.69 54.20
C GLU EA 39 -47.85 -29.15 53.95
N ARG EA 40 -46.85 -29.87 54.40
CA ARG EA 40 -46.81 -31.35 54.36
C ARG EA 40 -46.82 -31.94 52.92
N ILE EA 41 -46.20 -31.18 52.02
CA ILE EA 41 -46.04 -31.63 50.63
C ILE EA 41 -44.60 -31.91 50.29
N ILE EA 42 -44.36 -33.15 49.88
CA ILE EA 42 -43.03 -33.66 49.55
C ILE EA 42 -42.93 -33.73 48.07
N PHE EA 43 -41.88 -33.16 47.47
CA PHE EA 43 -41.82 -33.10 46.02
C PHE EA 43 -40.90 -34.18 45.45
N LEU EA 44 -41.49 -35.03 44.61
CA LEU EA 44 -40.75 -36.10 43.92
C LEU EA 44 -40.59 -35.79 42.42
N GLY EA 45 -39.50 -35.12 42.09
CA GLY EA 45 -39.27 -34.51 40.77
C GLY EA 45 -38.09 -35.03 40.02
N VAL EA 46 -37.08 -35.47 40.72
CA VAL EA 46 -35.91 -36.02 40.03
C VAL EA 46 -36.21 -37.45 39.69
N GLN EA 47 -35.20 -38.07 39.09
CA GLN EA 47 -35.04 -39.51 38.98
C GLN EA 47 -34.68 -40.10 40.35
N VAL EA 48 -35.45 -41.11 40.72
CA VAL EA 48 -35.38 -41.84 42.03
C VAL EA 48 -34.04 -42.61 42.19
N ASP EA 49 -32.95 -41.86 42.28
CA ASP EA 49 -31.64 -42.47 42.59
C ASP EA 49 -31.56 -42.79 44.14
N ASP EA 50 -30.55 -43.54 44.58
CA ASP EA 50 -30.42 -43.89 46.01
C ASP EA 50 -30.40 -42.64 46.92
N ALA EA 51 -29.70 -41.61 46.47
CA ALA EA 51 -29.58 -40.33 47.19
C ALA EA 51 -30.94 -39.70 47.43
N SER EA 52 -31.67 -39.47 46.34
CA SER EA 52 -32.98 -38.78 46.38
C SER EA 52 -33.98 -39.58 47.24
N ALA EA 53 -33.87 -40.88 47.18
CA ALA EA 53 -34.78 -41.77 47.92
C ALA EA 53 -34.65 -41.59 49.40
N ASN EA 54 -33.42 -41.51 49.84
CA ASN EA 54 -33.14 -41.21 51.25
C ASN EA 54 -33.72 -39.87 51.72
N ASP EA 55 -33.53 -38.86 50.90
CA ASP EA 55 -34.15 -37.52 51.10
C ASP EA 55 -35.68 -37.59 51.20
N ILE EA 56 -36.30 -38.38 50.33
CA ILE EA 56 -37.78 -38.61 50.39
C ILE EA 56 -38.20 -39.34 51.68
N MET EA 57 -37.48 -40.39 52.03
CA MET EA 57 -37.80 -41.17 53.24
C MET EA 57 -37.68 -40.32 54.50
N ALA EA 58 -36.58 -39.62 54.57
CA ALA EA 58 -36.30 -38.73 55.68
C ALA EA 58 -37.41 -37.69 55.84
N GLN EA 59 -37.81 -37.09 54.74
CA GLN EA 59 -38.89 -36.07 54.74
C GLN EA 59 -40.19 -36.68 55.24
N LEU EA 60 -40.48 -37.86 54.74
CA LEU EA 60 -41.66 -38.62 55.20
C LEU EA 60 -41.61 -38.86 56.71
N LEU EA 61 -40.54 -39.51 57.13
CA LEU EA 61 -40.34 -39.84 58.56
C LEU EA 61 -40.41 -38.62 59.50
N VAL EA 62 -39.88 -37.50 59.01
CA VAL EA 62 -39.81 -36.25 59.78
C VAL EA 62 -41.19 -35.69 59.90
N LEU EA 63 -41.87 -35.62 58.77
CA LEU EA 63 -43.28 -35.17 58.75
C LEU EA 63 -44.20 -35.99 59.68
N GLU EA 64 -43.99 -37.29 59.71
CA GLU EA 64 -44.75 -38.13 60.64
C GLU EA 64 -44.43 -37.75 62.08
N SER EA 65 -43.15 -37.68 62.37
CA SER EA 65 -42.64 -37.28 63.71
C SER EA 65 -43.20 -35.88 64.16
N LEU EA 66 -43.30 -34.95 63.23
CA LEU EA 66 -43.84 -33.60 63.53
C LEU EA 66 -45.32 -33.55 63.82
N ASP EA 67 -46.09 -34.44 63.22
CA ASP EA 67 -47.57 -34.51 63.39
C ASP EA 67 -48.16 -35.81 62.77
N PRO EA 68 -48.27 -36.88 63.59
CA PRO EA 68 -48.66 -38.17 63.02
C PRO EA 68 -50.08 -38.30 62.51
N ASP EA 69 -50.94 -37.36 62.86
CA ASP EA 69 -52.36 -37.47 62.46
C ASP EA 69 -52.67 -36.83 61.12
N ARG EA 70 -52.06 -35.67 60.90
CA ARG EA 70 -52.25 -34.95 59.64
C ARG EA 70 -51.65 -35.66 58.43
N ASP EA 71 -52.32 -35.45 57.32
CA ASP EA 71 -51.97 -36.06 56.04
C ASP EA 71 -50.69 -35.52 55.43
N ILE EA 72 -49.99 -36.44 54.78
CA ILE EA 72 -48.83 -36.09 53.98
C ILE EA 72 -49.23 -36.23 52.56
N THR EA 73 -48.85 -35.24 51.79
CA THR EA 73 -49.12 -35.27 50.36
C THR EA 73 -47.77 -35.30 49.57
N MET EA 74 -47.76 -36.06 48.48
CA MET EA 74 -46.56 -36.36 47.67
C MET EA 74 -46.81 -35.96 46.23
N TYR EA 75 -46.13 -34.90 45.78
CA TYR EA 75 -46.27 -34.36 44.40
C TYR EA 75 -45.31 -35.07 43.54
N ILE EA 76 -45.83 -35.69 42.51
CA ILE EA 76 -45.02 -36.59 41.67
C ILE EA 76 -44.93 -36.09 40.21
N ASN EA 77 -43.71 -35.80 39.80
CA ASN EA 77 -43.37 -35.60 38.39
C ASN EA 77 -42.01 -36.16 38.21
N SER EA 78 -41.95 -37.45 38.02
CA SER EA 78 -40.69 -38.15 37.99
C SER EA 78 -40.65 -39.16 36.84
N PRO EA 79 -39.53 -39.20 36.09
CA PRO EA 79 -39.36 -40.18 35.01
C PRO EA 79 -39.03 -41.56 35.51
N GLY EA 80 -38.93 -41.75 36.81
CA GLY EA 80 -38.78 -43.12 37.29
C GLY EA 80 -37.53 -43.23 38.09
N GLY EA 81 -36.94 -44.41 38.10
CA GLY EA 81 -35.81 -44.64 39.04
C GLY EA 81 -35.57 -46.03 39.56
N GLY EA 82 -34.56 -46.14 40.41
CA GLY EA 82 -34.06 -47.43 40.92
C GLY EA 82 -35.10 -48.29 41.65
N PHE EA 83 -35.01 -49.62 41.49
CA PHE EA 83 -35.98 -50.51 42.09
C PHE EA 83 -35.74 -50.66 43.57
N THR EA 84 -34.49 -50.75 43.94
CA THR EA 84 -34.10 -50.87 45.35
C THR EA 84 -34.70 -49.68 46.19
N SER EA 85 -34.60 -48.53 45.55
CA SER EA 85 -35.08 -47.25 46.11
C SER EA 85 -36.59 -47.18 46.15
N LEU EA 86 -37.19 -47.52 45.03
CA LEU EA 86 -38.65 -47.63 44.94
C LEU EA 86 -39.22 -48.33 46.16
N MET EA 87 -38.74 -49.52 46.42
CA MET EA 87 -39.28 -50.36 47.53
C MET EA 87 -39.12 -49.71 48.92
N ALA EA 88 -37.96 -49.09 49.10
CA ALA EA 88 -37.66 -48.42 50.34
C ALA EA 88 -38.64 -47.28 50.60
N ILE EA 89 -38.89 -46.52 49.55
CA ILE EA 89 -39.79 -45.37 49.64
C ILE EA 89 -41.18 -45.85 49.94
N TYR EA 90 -41.60 -46.79 49.12
CA TYR EA 90 -42.86 -47.48 49.30
C TYR EA 90 -43.08 -47.92 50.73
N ASP EA 91 -42.11 -48.63 51.24
CA ASP EA 91 -42.25 -49.22 52.60
C ASP EA 91 -42.47 -48.08 53.61
N THR EA 92 -41.77 -47.00 53.39
CA THR EA 92 -41.82 -45.86 54.30
C THR EA 92 -43.21 -45.23 54.20
N MET EA 93 -43.68 -45.09 52.99
CA MET EA 93 -45.02 -44.47 52.73
C MET EA 93 -46.10 -45.15 53.47
N GLN EA 94 -46.07 -46.45 53.31
CA GLN EA 94 -47.07 -47.33 53.92
C GLN EA 94 -46.91 -47.36 55.45
N TYR EA 95 -45.66 -47.34 55.89
CA TYR EA 95 -45.30 -47.51 57.28
C TYR EA 95 -45.77 -46.36 58.20
N VAL EA 96 -45.62 -45.12 57.75
CA VAL EA 96 -45.87 -43.96 58.62
C VAL EA 96 -47.35 -43.94 58.98
N ARG EA 97 -47.61 -43.37 60.13
CA ARG EA 97 -48.97 -43.33 60.70
C ARG EA 97 -49.94 -42.58 59.83
N ALA EA 98 -49.42 -41.54 59.23
CA ALA EA 98 -50.23 -40.57 58.46
C ALA EA 98 -50.66 -41.10 57.14
N ASP EA 99 -51.82 -40.67 56.73
CA ASP EA 99 -52.26 -41.00 55.39
C ASP EA 99 -51.40 -40.33 54.34
N ILE EA 100 -51.25 -41.02 53.22
CA ILE EA 100 -50.49 -40.44 52.11
C ILE EA 100 -51.34 -40.16 50.90
N GLN EA 101 -51.26 -38.91 50.49
CA GLN EA 101 -51.96 -38.43 49.33
C GLN EA 101 -50.97 -38.25 48.18
N THR EA 102 -51.20 -38.94 47.08
CA THR EA 102 -50.29 -38.89 45.93
C THR EA 102 -50.93 -38.11 44.78
N VAL EA 103 -50.15 -37.19 44.24
CA VAL EA 103 -50.61 -36.32 43.17
C VAL EA 103 -49.65 -36.23 42.01
N CYS EA 104 -50.05 -36.75 40.88
CA CYS EA 104 -49.19 -36.76 39.70
C CYS EA 104 -49.45 -35.47 38.95
N LEU EA 105 -48.39 -34.74 38.72
CA LEU EA 105 -48.46 -33.41 38.12
C LEU EA 105 -48.10 -33.41 36.67
N GLY EA 106 -47.17 -34.25 36.30
CA GLY EA 106 -46.78 -34.33 34.90
C GLY EA 106 -46.71 -35.74 34.42
N GLN EA 107 -45.65 -36.39 34.85
CA GLN EA 107 -45.43 -37.78 34.49
C GLN EA 107 -45.17 -38.56 35.81
N ALA EA 108 -45.67 -39.76 35.88
CA ALA EA 108 -45.23 -40.68 36.87
C ALA EA 108 -44.89 -41.92 36.13
N ALA EA 109 -43.61 -42.07 35.85
CA ALA EA 109 -43.13 -43.21 35.05
C ALA EA 109 -42.36 -44.25 35.85
N SER EA 110 -42.46 -45.48 35.37
CA SER EA 110 -41.68 -46.56 35.86
C SER EA 110 -42.00 -46.85 37.35
N ALA EA 111 -41.05 -46.47 38.21
CA ALA EA 111 -41.08 -46.63 39.65
C ALA EA 111 -42.09 -45.68 40.21
N ALA EA 112 -42.00 -44.48 39.71
CA ALA EA 112 -42.86 -43.34 40.12
C ALA EA 112 -44.33 -43.70 39.97
N ALA EA 113 -44.60 -44.53 38.98
CA ALA EA 113 -45.98 -44.99 38.74
C ALA EA 113 -46.49 -45.80 39.92
N VAL EA 114 -45.65 -46.72 40.36
CA VAL EA 114 -45.97 -47.60 41.50
C VAL EA 114 -46.22 -46.81 42.79
N LEU EA 115 -45.34 -45.85 43.03
CA LEU EA 115 -45.48 -44.91 44.15
C LEU EA 115 -46.80 -44.13 44.06
N LEU EA 116 -47.10 -43.60 42.88
CA LEU EA 116 -48.37 -42.89 42.67
C LEU EA 116 -49.53 -43.77 43.13
N ALA EA 117 -49.45 -45.01 42.64
CA ALA EA 117 -50.45 -46.05 42.91
C ALA EA 117 -50.53 -46.39 44.35
N ALA EA 118 -49.42 -46.21 45.02
CA ALA EA 118 -49.26 -46.69 46.41
C ALA EA 118 -49.69 -45.73 47.48
N GLY EA 119 -50.24 -44.62 47.08
CA GLY EA 119 -50.85 -43.67 48.01
C GLY EA 119 -52.07 -44.32 48.68
N THR EA 120 -52.58 -43.70 49.75
CA THR EA 120 -53.70 -44.35 50.48
C THR EA 120 -54.93 -44.26 49.62
N PRO EA 121 -55.76 -45.35 49.63
CA PRO EA 121 -56.91 -45.42 48.71
C PRO EA 121 -57.87 -44.32 49.00
N GLY EA 122 -58.46 -43.80 47.94
CA GLY EA 122 -59.21 -42.53 48.01
C GLY EA 122 -58.40 -41.27 47.72
N LYS EA 123 -57.10 -41.32 47.96
CA LYS EA 123 -56.27 -40.12 47.90
C LYS EA 123 -55.20 -40.01 46.77
N ARG EA 124 -55.42 -40.74 45.70
CA ARG EA 124 -54.50 -40.79 44.58
C ARG EA 124 -55.02 -40.03 43.38
N MET EA 125 -54.23 -39.08 42.91
CA MET EA 125 -54.67 -38.14 41.92
C MET EA 125 -53.72 -37.86 40.82
N ALA EA 126 -54.25 -37.27 39.76
CA ALA EA 126 -53.44 -36.73 38.69
C ALA EA 126 -54.11 -35.54 38.03
N LEU EA 127 -53.29 -34.62 37.53
CA LEU EA 127 -53.80 -33.50 36.74
C LEU EA 127 -54.20 -34.11 35.38
N PRO EA 128 -55.13 -33.51 34.60
CA PRO EA 128 -55.77 -34.18 33.45
C PRO EA 128 -54.87 -34.65 32.32
N ASN EA 129 -53.93 -33.80 31.90
CA ASN EA 129 -52.94 -34.24 30.88
C ASN EA 129 -51.72 -34.91 31.47
N ALA EA 130 -51.88 -35.43 32.68
CA ALA EA 130 -50.77 -36.17 33.27
C ALA EA 130 -50.74 -37.49 32.56
N ARG EA 131 -49.61 -38.12 32.76
CA ARG EA 131 -49.22 -39.31 32.01
C ARG EA 131 -48.57 -40.31 32.98
N VAL EA 132 -49.06 -41.53 32.93
CA VAL EA 132 -48.52 -42.59 33.75
C VAL EA 132 -47.99 -43.67 32.89
N LEU EA 133 -46.74 -44.05 33.11
CA LEU EA 133 -46.14 -45.13 32.33
C LEU EA 133 -45.65 -46.27 33.22
N ILE EA 134 -46.08 -47.51 32.93
CA ILE EA 134 -45.59 -48.66 33.64
C ILE EA 134 -44.85 -49.56 32.73
N HIS EA 135 -43.81 -50.16 33.27
CA HIS EA 135 -43.05 -51.09 32.48
C HIS EA 135 -42.24 -51.95 33.45
N GLN EA 136 -41.72 -53.06 32.96
CA GLN EA 136 -41.03 -54.00 33.82
C GLN EA 136 -39.64 -53.47 34.05
N PRO EA 137 -38.94 -53.98 35.05
CA PRO EA 137 -37.59 -53.52 35.36
C PRO EA 137 -36.57 -53.84 34.30
N SER EA 138 -35.84 -52.79 33.90
CA SER EA 138 -34.77 -52.91 32.91
C SER EA 138 -33.49 -52.67 33.59
N LEU EA 139 -32.47 -53.15 32.93
CA LEU EA 139 -31.13 -52.90 33.37
C LEU EA 139 -30.43 -52.40 32.14
N SER EA 140 -30.28 -51.10 32.01
CA SER EA 140 -29.38 -50.60 30.96
C SER EA 140 -28.01 -50.60 31.62
N GLY EA 141 -26.98 -50.75 30.79
CA GLY EA 141 -25.67 -51.10 31.34
C GLY EA 141 -25.65 -52.60 31.62
N VAL EA 142 -24.47 -53.12 31.83
CA VAL EA 142 -24.30 -54.55 31.85
C VAL EA 142 -23.79 -55.00 33.19
N ILE EA 143 -24.35 -56.08 33.72
CA ILE EA 143 -23.75 -56.75 34.86
C ILE EA 143 -22.91 -57.93 34.39
N GLN EA 144 -21.63 -57.83 34.71
CA GLN EA 144 -20.60 -58.76 34.30
C GLN EA 144 -20.35 -59.79 35.38
N GLY EA 145 -19.90 -60.97 35.02
CA GLY EA 145 -19.66 -61.97 36.06
C GLY EA 145 -19.54 -63.41 35.61
N GLN EA 146 -19.11 -64.23 36.56
CA GLN EA 146 -19.20 -65.68 36.38
C GLN EA 146 -20.67 -66.05 36.22
N PHE EA 147 -20.92 -67.12 35.51
CA PHE EA 147 -22.29 -67.58 35.30
C PHE EA 147 -22.96 -67.81 36.67
N SER EA 148 -22.24 -68.45 37.60
CA SER EA 148 -22.79 -68.68 38.95
C SER EA 148 -23.29 -67.44 39.62
N ASP EA 149 -22.55 -66.36 39.45
CA ASP EA 149 -22.94 -65.05 39.98
C ASP EA 149 -24.12 -64.52 39.20
N LEU EA 150 -24.11 -64.75 37.87
CA LEU EA 150 -25.12 -64.16 36.98
C LEU EA 150 -26.44 -64.82 37.19
N GLU EA 151 -26.39 -66.11 37.54
CA GLU EA 151 -27.62 -66.92 37.72
C GLU EA 151 -28.30 -66.39 38.96
N ILE EA 152 -27.49 -66.08 39.97
CA ILE EA 152 -27.97 -65.52 41.29
C ILE EA 152 -28.60 -64.17 41.09
N GLN EA 153 -27.90 -63.37 40.29
CA GLN EA 153 -28.34 -62.02 39.86
C GLN EA 153 -29.67 -62.03 39.05
N ALA EA 154 -29.74 -62.90 38.06
CA ALA EA 154 -30.97 -63.11 37.27
C ALA EA 154 -32.16 -63.50 38.12
N ALA EA 155 -31.91 -64.45 39.02
CA ALA EA 155 -32.91 -64.90 40.00
C ALA EA 155 -33.48 -63.75 40.82
N GLU EA 156 -32.57 -62.96 41.37
CA GLU EA 156 -32.93 -61.78 42.16
C GLU EA 156 -33.75 -60.79 41.32
N ILE EA 157 -33.43 -60.70 40.03
CA ILE EA 157 -34.18 -59.80 39.16
C ILE EA 157 -35.57 -60.32 38.91
N GLU EA 158 -35.74 -61.62 38.80
CA GLU EA 158 -37.09 -62.18 38.58
C GLU EA 158 -37.93 -61.92 39.82
N ARG EA 159 -37.28 -61.97 40.96
CA ARG EA 159 -37.96 -61.70 42.23
C ARG EA 159 -38.46 -60.27 42.26
N MET EA 160 -37.55 -59.39 41.85
CA MET EA 160 -37.76 -57.91 41.84
C MET EA 160 -38.91 -57.62 40.90
N ARG EA 161 -38.82 -58.15 39.70
CA ARG EA 161 -39.92 -58.06 38.75
C ARG EA 161 -41.25 -58.47 39.36
N THR EA 162 -41.31 -59.70 39.92
CA THR EA 162 -42.59 -60.23 40.48
C THR EA 162 -43.03 -59.44 41.75
N LEU EA 163 -42.11 -58.84 42.45
CA LEU EA 163 -42.48 -57.97 43.56
C LEU EA 163 -43.16 -56.68 43.07
N MET EA 164 -42.66 -56.11 41.95
CA MET EA 164 -43.28 -54.89 41.32
C MET EA 164 -44.72 -55.22 40.93
N GLU EA 165 -44.89 -56.41 40.38
CA GLU EA 165 -46.20 -56.89 39.98
C GLU EA 165 -47.14 -57.15 41.15
N THR EA 166 -46.63 -57.82 42.17
CA THR EA 166 -47.39 -58.05 43.42
C THR EA 166 -47.90 -56.71 43.95
N THR EA 167 -47.00 -55.75 44.08
CA THR EA 167 -47.32 -54.53 44.87
C THR EA 167 -48.20 -53.60 44.06
N LEU EA 168 -48.11 -53.70 42.75
CA LEU EA 168 -49.08 -52.98 41.92
C LEU EA 168 -50.44 -53.61 42.00
N ALA EA 169 -50.43 -54.92 41.89
CA ALA EA 169 -51.66 -55.71 42.03
C ALA EA 169 -52.41 -55.33 43.32
N ARG EA 170 -51.66 -55.31 44.43
CA ARG EA 170 -52.23 -54.96 45.77
C ARG EA 170 -52.99 -53.65 45.66
N HIS EA 171 -52.38 -52.66 45.04
CA HIS EA 171 -52.94 -51.30 45.06
C HIS EA 171 -53.95 -50.93 44.00
N THR EA 172 -53.92 -51.66 42.89
CA THR EA 172 -54.79 -51.39 41.72
C THR EA 172 -56.03 -52.21 41.79
N GLY EA 173 -55.98 -53.27 42.59
CA GLY EA 173 -57.03 -54.27 42.65
C GLY EA 173 -57.00 -55.24 41.49
N LYS EA 174 -55.92 -55.25 40.74
CA LYS EA 174 -55.77 -56.11 39.55
C LYS EA 174 -55.01 -57.36 39.95
N ASP EA 175 -55.06 -58.34 39.08
CA ASP EA 175 -54.39 -59.61 39.33
C ASP EA 175 -52.94 -59.47 38.97
N ALA EA 176 -52.07 -60.03 39.79
CA ALA EA 176 -50.58 -59.96 39.52
C ALA EA 176 -50.18 -60.44 38.11
N GLY EA 177 -50.77 -61.54 37.67
CA GLY EA 177 -50.47 -62.10 36.35
C GLY EA 177 -50.88 -61.17 35.23
N VAL EA 178 -51.95 -60.45 35.49
CA VAL EA 178 -52.46 -59.43 34.52
C VAL EA 178 -51.50 -58.24 34.38
N ILE EA 179 -51.08 -57.73 35.53
CA ILE EA 179 -50.02 -56.72 35.56
C ILE EA 179 -48.82 -57.17 34.71
N ARG EA 180 -48.34 -58.37 34.97
CA ARG EA 180 -47.18 -58.89 34.24
C ARG EA 180 -47.38 -58.88 32.74
N LYS EA 181 -48.55 -59.31 32.32
CA LYS EA 181 -48.89 -59.24 30.92
C LYS EA 181 -48.86 -57.78 30.41
N ASP EA 182 -49.51 -56.88 31.14
CA ASP EA 182 -49.70 -55.48 30.68
C ASP EA 182 -48.37 -54.69 30.67
N THR EA 183 -47.44 -55.12 31.51
CA THR EA 183 -46.09 -54.48 31.65
C THR EA 183 -44.96 -55.20 30.95
N ASP EA 184 -45.27 -56.28 30.30
CA ASP EA 184 -44.25 -57.00 29.55
C ASP EA 184 -43.51 -56.07 28.58
N ARG EA 185 -44.30 -55.14 28.07
CA ARG EA 185 -43.83 -54.10 27.19
C ARG EA 185 -44.24 -52.82 27.87
N ASP EA 186 -43.82 -51.69 27.36
CA ASP EA 186 -44.23 -50.40 27.99
C ASP EA 186 -45.70 -50.11 27.82
N LYS EA 187 -46.28 -49.59 28.88
CA LYS EA 187 -47.72 -49.31 28.94
C LYS EA 187 -47.97 -47.91 29.38
N ILE EA 188 -48.41 -47.12 28.44
CA ILE EA 188 -48.63 -45.73 28.78
C ILE EA 188 -50.15 -45.42 29.00
N LEU EA 189 -50.41 -44.64 30.02
CA LEU EA 189 -51.78 -44.29 30.47
C LEU EA 189 -51.98 -42.80 30.62
N THR EA 190 -53.03 -42.31 29.99
CA THR EA 190 -53.54 -40.97 30.29
C THR EA 190 -54.05 -40.94 31.71
N ALA EA 191 -54.29 -39.75 32.24
CA ALA EA 191 -54.86 -39.65 33.62
C ALA EA 191 -56.19 -40.42 33.79
N GLU EA 192 -57.08 -40.27 32.82
CA GLU EA 192 -58.34 -41.06 32.78
C GLU EA 192 -58.06 -42.58 32.80
N GLU EA 193 -57.22 -43.01 31.86
CA GLU EA 193 -56.88 -44.43 31.72
C GLU EA 193 -56.29 -44.99 33.02
N ALA EA 194 -55.53 -44.14 33.69
CA ALA EA 194 -54.82 -44.47 34.92
C ALA EA 194 -55.76 -44.65 36.07
N LYS EA 195 -56.84 -43.91 36.01
CA LYS EA 195 -57.93 -44.07 36.96
C LYS EA 195 -58.66 -45.42 36.75
N ASP EA 196 -59.00 -45.69 35.51
CA ASP EA 196 -59.59 -46.95 35.09
C ASP EA 196 -58.76 -48.12 35.49
N TYR EA 197 -57.48 -47.96 35.32
CA TYR EA 197 -56.53 -49.04 35.66
C TYR EA 197 -56.44 -49.27 37.17
N GLY EA 198 -56.87 -48.27 37.92
CA GLY EA 198 -56.84 -48.37 39.39
C GLY EA 198 -55.57 -47.85 40.03
N ILE EA 199 -54.89 -46.95 39.32
CA ILE EA 199 -53.58 -46.37 39.76
C ILE EA 199 -53.77 -45.07 40.50
N ILE EA 200 -54.82 -44.37 40.11
CA ILE EA 200 -55.29 -43.18 40.82
C ILE EA 200 -56.78 -43.29 41.05
N ASP EA 201 -57.27 -42.50 41.96
CA ASP EA 201 -58.68 -42.52 42.29
C ASP EA 201 -59.46 -41.46 41.57
N THR EA 202 -58.93 -40.27 41.56
CA THR EA 202 -59.63 -39.15 40.93
C THR EA 202 -58.68 -38.39 40.02
N VAL EA 203 -59.28 -37.74 39.04
CA VAL EA 203 -58.54 -36.85 38.15
C VAL EA 203 -58.88 -35.43 38.51
N LEU EA 204 -57.90 -34.65 38.91
CA LEU EA 204 -58.16 -33.29 39.31
C LEU EA 204 -58.71 -32.43 38.17
N GLU EA 205 -59.77 -31.71 38.48
CA GLU EA 205 -60.28 -30.72 37.56
C GLU EA 205 -59.66 -29.40 37.94
N TYR EA 206 -59.52 -28.54 36.95
CA TYR EA 206 -58.95 -27.21 37.20
C TYR EA 206 -59.86 -26.43 38.16
N ARG EA 207 -59.29 -25.66 39.08
CA ARG EA 207 -60.06 -24.73 39.93
C ARG EA 207 -60.00 -23.25 39.52
N LYS EA 208 -59.86 -22.94 38.25
CA LYS EA 208 -59.75 -21.50 37.90
C LYS EA 208 -60.99 -20.73 38.35
N LEU EA 209 -60.78 -19.59 39.00
CA LEU EA 209 -61.90 -18.69 39.42
C LEU EA 209 -62.72 -18.15 38.25
N SER EA 210 -62.16 -18.09 37.04
CA SER EA 210 -62.98 -17.99 35.82
C SER EA 210 -63.76 -19.35 35.78
N ALA EA 211 -64.48 -19.63 36.89
CA ALA EA 211 -65.13 -20.94 37.21
C ALA EA 211 -66.62 -20.96 36.90
N GLN EA 212 -67.18 -19.91 36.27
CA GLN EA 212 -68.65 -19.83 36.25
C GLN EA 212 -69.16 -21.02 35.42
N THR EA 213 -69.44 -22.11 36.13
CA THR EA 213 -70.20 -23.25 35.58
C THR EA 213 -71.08 -23.91 36.72
N ALA EA 214 -72.20 -23.30 37.15
CA ALA EA 214 -73.11 -23.83 38.24
C ALA EA 214 -72.69 -25.16 38.91
N LEU FA 2 -35.45 -49.46 37.16
CA LEU FA 2 -34.15 -49.67 36.52
C LEU FA 2 -33.20 -50.07 37.59
N LEU FA 3 -32.20 -50.85 37.21
CA LEU FA 3 -31.33 -51.53 38.15
C LEU FA 3 -29.89 -51.40 37.68
N ILE GA 15 -32.63 -31.31 45.70
CA ILE GA 15 -33.45 -30.36 46.54
C ILE GA 15 -34.09 -31.04 47.79
N LEU GA 16 -33.71 -30.49 48.94
CA LEU GA 16 -34.03 -31.03 50.30
C LEU GA 16 -34.51 -29.91 51.20
N PRO GA 17 -35.81 -29.87 51.52
CA PRO GA 17 -36.31 -28.68 52.16
C PRO GA 17 -35.88 -28.55 53.60
N SER GA 18 -35.84 -27.31 54.05
CA SER GA 18 -35.69 -27.03 55.44
C SER GA 18 -36.99 -26.38 55.89
N PHE GA 19 -37.13 -26.36 57.19
CA PHE GA 19 -38.36 -25.94 57.83
C PHE GA 19 -37.99 -25.39 59.19
N ILE GA 20 -38.97 -24.82 59.86
CA ILE GA 20 -38.76 -24.13 61.13
C ILE GA 20 -39.58 -24.75 62.26
N GLU GA 21 -39.00 -24.87 63.44
CA GLU GA 21 -39.76 -25.34 64.62
C GLU GA 21 -40.09 -24.27 65.70
N HIS GA 22 -41.40 -23.95 65.81
CA HIS GA 22 -42.00 -23.22 66.95
C HIS GA 22 -41.64 -23.83 68.31
N SER GA 23 -41.50 -22.96 69.31
CA SER GA 23 -41.46 -23.31 70.76
C SER GA 23 -41.53 -22.04 71.60
N SER GA 24 -41.90 -22.18 72.87
CA SER GA 24 -41.91 -21.01 73.81
C SER GA 24 -40.47 -20.48 74.14
N PHE GA 25 -39.47 -21.28 73.82
CA PHE GA 25 -38.05 -20.96 74.12
C PHE GA 25 -37.40 -20.11 73.00
N GLY GA 26 -37.75 -20.47 71.79
CA GLY GA 26 -37.23 -19.83 70.60
C GLY GA 26 -37.66 -20.60 69.36
N VAL GA 27 -37.16 -20.14 68.23
CA VAL GA 27 -37.59 -20.64 66.92
C VAL GA 27 -36.35 -21.07 66.14
N LYS GA 28 -36.27 -22.34 65.78
CA LYS GA 28 -35.05 -22.89 65.12
C LYS GA 28 -35.28 -23.49 63.72
N GLU GA 29 -34.32 -23.25 62.84
CA GLU GA 29 -34.33 -23.80 61.48
C GLU GA 29 -33.66 -25.18 61.46
N SER GA 30 -34.26 -26.15 60.77
CA SER GA 30 -33.56 -27.43 60.56
C SER GA 30 -33.93 -28.19 59.23
N ASN GA 31 -33.05 -29.09 58.82
CA ASN GA 31 -33.29 -30.13 57.77
C ASN GA 31 -34.04 -31.28 58.32
N PRO GA 32 -34.51 -32.15 57.42
CA PRO GA 32 -34.85 -33.48 57.81
C PRO GA 32 -33.69 -34.27 58.44
N TYR GA 33 -32.47 -34.09 57.92
CA TYR GA 33 -31.32 -34.92 58.40
C TYR GA 33 -30.87 -34.46 59.76
N ASN GA 34 -31.04 -33.17 59.99
CA ASN GA 34 -30.74 -32.57 61.31
C ASN GA 34 -31.77 -32.86 62.39
N LYS GA 35 -33.03 -32.71 62.02
CA LYS GA 35 -34.16 -33.17 62.84
C LYS GA 35 -34.02 -34.67 63.19
N LEU GA 36 -33.65 -35.46 62.22
CA LEU GA 36 -33.35 -36.87 62.46
C LEU GA 36 -32.23 -37.04 63.48
N PHE GA 37 -31.19 -36.28 63.29
CA PHE GA 37 -30.03 -36.35 64.23
C PHE GA 37 -30.39 -35.82 65.64
N GLU GA 38 -31.22 -34.79 65.66
CA GLU GA 38 -31.70 -34.23 66.91
C GLU GA 38 -32.38 -35.29 67.76
N GLU GA 39 -32.92 -36.28 67.07
CA GLU GA 39 -33.61 -37.44 67.66
C GLU GA 39 -32.77 -38.69 67.76
N ARG GA 40 -31.47 -38.49 67.73
CA ARG GA 40 -30.47 -39.55 67.86
C ARG GA 40 -30.53 -40.61 66.76
N ILE GA 41 -30.89 -40.14 65.56
CA ILE GA 41 -30.88 -41.01 64.38
C ILE GA 41 -29.80 -40.58 63.41
N ILE GA 42 -28.94 -41.56 63.10
CA ILE GA 42 -27.83 -41.36 62.19
C ILE GA 42 -28.19 -42.04 60.89
N PHE GA 43 -28.03 -41.34 59.76
CA PHE GA 43 -28.46 -41.91 58.47
C PHE GA 43 -27.31 -42.48 57.65
N LEU GA 44 -27.37 -43.77 57.38
CA LEU GA 44 -26.33 -44.43 56.60
C LEU GA 44 -26.86 -44.79 55.23
N GLY GA 45 -26.67 -43.86 54.29
CA GLY GA 45 -27.31 -43.88 52.95
C GLY GA 45 -26.40 -43.95 51.77
N VAL GA 46 -25.20 -43.43 51.91
CA VAL GA 46 -24.25 -43.52 50.81
C VAL GA 46 -23.57 -44.85 50.90
N GLN GA 47 -22.66 -45.02 49.94
CA GLN GA 47 -21.59 -46.08 49.97
C GLN GA 47 -20.54 -45.69 51.01
N VAL GA 48 -20.27 -46.67 51.86
CA VAL GA 48 -19.37 -46.59 53.04
C VAL GA 48 -17.89 -46.36 52.57
N ASP GA 49 -17.63 -45.21 51.97
CA ASP GA 49 -16.24 -44.83 51.66
C ASP GA 49 -15.54 -44.34 52.96
N ASP GA 50 -14.22 -44.18 52.93
CA ASP GA 50 -13.46 -43.73 54.13
C ASP GA 50 -14.01 -42.39 54.71
N ALA GA 51 -14.39 -41.50 53.81
CA ALA GA 51 -14.95 -40.17 54.16
C ALA GA 51 -16.23 -40.29 54.95
N SER GA 52 -17.21 -40.96 54.37
CA SER GA 52 -18.52 -41.16 55.00
C SER GA 52 -18.42 -41.89 56.38
N ALA GA 53 -17.49 -42.81 56.45
CA ALA GA 53 -17.27 -43.59 57.70
C ALA GA 53 -16.88 -42.72 58.87
N ASN GA 54 -15.97 -41.82 58.61
CA ASN GA 54 -15.54 -40.87 59.61
C ASN GA 54 -16.73 -40.07 60.09
N ASP GA 55 -17.54 -39.65 59.14
CA ASP GA 55 -18.76 -38.83 59.43
C ASP GA 55 -19.73 -39.62 60.31
N ILE GA 56 -19.85 -40.89 60.05
CA ILE GA 56 -20.69 -41.80 60.90
C ILE GA 56 -20.11 -41.96 62.28
N MET GA 57 -18.80 -42.17 62.36
CA MET GA 57 -18.12 -42.37 63.67
C MET GA 57 -18.25 -41.13 64.55
N ALA GA 58 -18.00 -40.01 63.92
CA ALA GA 58 -18.06 -38.70 64.59
C ALA GA 58 -19.42 -38.46 65.11
N GLN GA 59 -20.42 -38.73 64.30
CA GLN GA 59 -21.84 -38.62 64.72
C GLN GA 59 -22.19 -39.55 65.91
N LEU GA 60 -21.76 -40.79 65.80
CA LEU GA 60 -21.88 -41.71 66.91
C LEU GA 60 -21.23 -41.18 68.18
N LEU GA 61 -19.95 -40.84 68.06
CA LEU GA 61 -19.12 -40.35 69.21
C LEU GA 61 -19.65 -39.08 69.88
N VAL GA 62 -20.19 -38.22 69.04
CA VAL GA 62 -20.79 -36.97 69.49
C VAL GA 62 -22.11 -37.22 70.22
N LEU GA 63 -22.96 -38.04 69.62
CA LEU GA 63 -24.22 -38.47 70.27
C LEU GA 63 -23.99 -39.12 71.66
N GLU GA 64 -22.96 -39.94 71.77
CA GLU GA 64 -22.62 -40.54 73.07
C GLU GA 64 -22.22 -39.45 74.06
N SER GA 65 -21.32 -38.58 73.61
CA SER GA 65 -20.86 -37.43 74.40
C SER GA 65 -22.04 -36.52 74.86
N LEU GA 66 -23.03 -36.31 73.99
CA LEU GA 66 -24.23 -35.49 74.35
C LEU GA 66 -25.16 -36.10 75.37
N ASP GA 67 -25.25 -37.43 75.41
CA ASP GA 67 -26.17 -38.17 76.33
C ASP GA 67 -25.90 -39.69 76.31
N PRO GA 68 -25.02 -40.18 77.20
CA PRO GA 68 -24.54 -41.56 77.08
C PRO GA 68 -25.56 -42.61 77.39
N ASP GA 69 -26.68 -42.22 77.98
CA ASP GA 69 -27.65 -43.23 78.42
C ASP GA 69 -28.69 -43.51 77.37
N ARG GA 70 -29.14 -42.46 76.71
CA ARG GA 70 -30.15 -42.60 75.63
C ARG GA 70 -29.66 -43.33 74.38
N ASP GA 71 -30.59 -44.03 73.75
CA ASP GA 71 -30.31 -44.89 72.60
C ASP GA 71 -29.96 -44.09 71.37
N ILE GA 72 -29.07 -44.67 70.58
CA ILE GA 72 -28.77 -44.19 69.23
C ILE GA 72 -29.36 -45.15 68.22
N THR GA 73 -30.00 -44.58 67.23
CA THR GA 73 -30.64 -45.34 66.16
C THR GA 73 -29.88 -45.02 64.85
N MET GA 74 -29.71 -46.06 64.03
CA MET GA 74 -28.98 -46.02 62.79
C MET GA 74 -29.88 -46.51 61.69
N TYR GA 75 -30.25 -45.59 60.81
CA TYR GA 75 -31.10 -45.87 59.60
C TYR GA 75 -30.20 -46.27 58.47
N ILE GA 76 -30.43 -47.45 57.97
CA ILE GA 76 -29.54 -48.02 56.97
C ILE GA 76 -30.23 -48.28 55.64
N ASN GA 77 -29.72 -47.61 54.62
CA ASN GA 77 -30.07 -47.89 53.22
C ASN GA 77 -28.83 -47.68 52.43
N SER GA 78 -27.98 -48.67 52.41
CA SER GA 78 -26.64 -48.51 51.87
C SER GA 78 -26.25 -49.71 51.02
N PRO GA 79 -25.65 -49.47 49.83
CA PRO GA 79 -25.24 -50.56 48.97
C PRO GA 79 -23.94 -51.17 49.42
N GLY GA 80 -23.37 -50.70 50.49
CA GLY GA 80 -22.20 -51.38 51.02
C GLY GA 80 -21.04 -50.46 51.09
N GLY GA 81 -19.84 -51.00 50.96
CA GLY GA 81 -18.65 -50.16 51.16
C GLY GA 81 -17.39 -50.83 51.69
N GLY GA 82 -16.39 -49.99 51.92
CA GLY GA 82 -15.01 -50.43 52.26
C GLY GA 82 -14.93 -51.28 53.51
N PHE GA 83 -14.01 -52.24 53.51
CA PHE GA 83 -13.87 -53.14 54.65
C PHE GA 83 -13.20 -52.43 55.80
N THR GA 84 -12.19 -51.69 55.49
CA THR GA 84 -11.42 -51.02 56.53
C THR GA 84 -12.37 -50.09 57.36
N SER GA 85 -13.27 -49.48 56.62
CA SER GA 85 -14.27 -48.55 57.15
C SER GA 85 -15.30 -49.31 57.96
N LEU GA 86 -15.81 -50.38 57.38
CA LEU GA 86 -16.78 -51.30 58.06
C LEU GA 86 -16.34 -51.53 59.48
N MET GA 87 -15.13 -51.98 59.62
CA MET GA 87 -14.60 -52.37 60.95
C MET GA 87 -14.53 -51.21 61.95
N ALA GA 88 -14.12 -50.07 61.42
CA ALA GA 88 -13.99 -48.85 62.24
C ALA GA 88 -15.33 -48.41 62.79
N ILE GA 89 -16.32 -48.46 61.92
CA ILE GA 89 -17.69 -48.06 62.28
C ILE GA 89 -18.21 -49.02 63.32
N TYR GA 90 -18.09 -50.30 62.99
CA TYR GA 90 -18.43 -51.41 63.89
C TYR GA 90 -17.86 -51.21 65.27
N ASP GA 91 -16.56 -50.97 65.33
CA ASP GA 91 -15.87 -50.85 66.61
C ASP GA 91 -16.47 -49.71 67.42
N THR GA 92 -16.77 -48.65 66.72
CA THR GA 92 -17.32 -47.46 67.34
C THR GA 92 -18.72 -47.78 67.88
N MET GA 93 -19.51 -48.44 67.05
CA MET GA 93 -20.92 -48.82 67.41
C MET GA 93 -20.98 -49.58 68.70
N GLN GA 94 -20.12 -50.59 68.75
CA GLN GA 94 -19.98 -51.46 69.92
C GLN GA 94 -19.39 -50.73 71.12
N TYR GA 95 -18.46 -49.85 70.85
CA TYR GA 95 -17.71 -49.11 71.88
C TYR GA 95 -18.52 -48.13 72.72
N VAL GA 96 -19.37 -47.36 72.08
CA VAL GA 96 -20.05 -46.24 72.78
C VAL GA 96 -20.94 -46.84 73.86
N ARG GA 97 -21.16 -46.03 74.89
CA ARG GA 97 -21.96 -46.46 76.07
C ARG GA 97 -23.39 -46.85 75.71
N ALA GA 98 -23.93 -46.07 74.79
CA ALA GA 98 -25.34 -46.16 74.43
C ALA GA 98 -25.68 -47.38 73.62
N ASP GA 99 -26.91 -47.85 73.79
CA ASP GA 99 -27.41 -48.93 72.94
C ASP GA 99 -27.53 -48.45 71.50
N ILE GA 100 -27.26 -49.36 70.58
CA ILE GA 100 -27.50 -49.08 69.18
C ILE GA 100 -28.65 -49.87 68.59
N GLN GA 101 -29.58 -49.12 68.02
CA GLN GA 101 -30.71 -49.66 67.32
C GLN GA 101 -30.47 -49.51 65.83
N THR GA 102 -30.49 -50.63 65.10
CA THR GA 102 -30.27 -50.60 63.64
C THR GA 102 -31.59 -50.89 62.88
N VAL GA 103 -31.86 -50.01 61.91
CA VAL GA 103 -33.06 -50.10 61.09
C VAL GA 103 -32.77 -50.06 59.57
N CYS GA 104 -33.02 -51.16 58.89
CA CYS GA 104 -32.81 -51.24 57.48
C CYS GA 104 -34.09 -50.79 56.81
N LEU GA 105 -33.94 -49.79 55.98
CA LEU GA 105 -35.08 -49.14 55.32
C LEU GA 105 -35.26 -49.62 53.93
N GLY GA 106 -34.16 -49.89 53.27
CA GLY GA 106 -34.27 -50.34 51.89
C GLY GA 106 -33.40 -51.54 51.69
N GLN GA 107 -32.13 -51.25 51.67
CA GLN GA 107 -31.14 -52.24 51.39
C GLN GA 107 -30.03 -52.10 52.37
N ALA GA 108 -29.53 -53.23 52.82
CA ALA GA 108 -28.30 -53.23 53.60
C ALA GA 108 -27.44 -54.29 52.98
N ALA GA 109 -26.56 -53.83 52.12
CA ALA GA 109 -25.72 -54.77 51.35
C ALA GA 109 -24.27 -54.74 51.77
N SER GA 110 -23.64 -55.87 51.57
CA SER GA 110 -22.21 -56.02 51.75
C SER GA 110 -21.83 -55.74 53.22
N ALA GA 111 -21.22 -54.57 53.40
CA ALA GA 111 -20.68 -54.09 54.67
C ALA GA 111 -21.81 -53.68 55.53
N ALA GA 112 -22.72 -52.98 54.89
CA ALA GA 112 -23.94 -52.44 55.52
C ALA GA 112 -24.70 -53.55 56.22
N ALA GA 113 -24.59 -54.74 55.65
CA ALA GA 113 -25.30 -55.92 56.20
C ALA GA 113 -24.76 -56.28 57.58
N VAL GA 114 -23.45 -56.27 57.64
CA VAL GA 114 -22.74 -56.57 58.88
C VAL GA 114 -23.10 -55.56 59.97
N LEU GA 115 -23.09 -54.31 59.59
CA LEU GA 115 -23.48 -53.21 60.47
C LEU GA 115 -24.89 -53.35 60.97
N LEU GA 116 -25.81 -53.64 60.05
CA LEU GA 116 -27.21 -53.91 60.41
C LEU GA 116 -27.24 -54.98 61.52
N ALA GA 117 -26.52 -56.05 61.23
CA ALA GA 117 -26.44 -57.19 62.13
C ALA GA 117 -25.82 -56.85 63.43
N ALA GA 118 -24.96 -55.84 63.40
CA ALA GA 118 -24.10 -55.45 64.57
C ALA GA 118 -24.75 -54.50 65.58
N GLY GA 119 -26.02 -54.19 65.38
CA GLY GA 119 -26.78 -53.43 66.35
C GLY GA 119 -26.92 -54.23 67.62
N THR GA 120 -27.37 -53.56 68.70
CA THR GA 120 -27.51 -54.30 69.99
C THR GA 120 -28.67 -55.28 69.88
N PRO GA 121 -28.48 -56.51 70.46
CA PRO GA 121 -29.47 -57.58 70.30
C PRO GA 121 -30.79 -57.17 70.88
N GLY GA 122 -31.84 -57.58 70.21
CA GLY GA 122 -33.18 -57.02 70.46
C GLY GA 122 -33.58 -55.81 69.62
N LYS GA 123 -32.60 -55.03 69.20
CA LYS GA 123 -32.86 -53.72 68.51
C LYS GA 123 -32.52 -53.60 66.99
N ARG GA 124 -32.53 -54.74 66.31
CA ARG GA 124 -32.23 -54.82 64.89
C ARG GA 124 -33.44 -55.09 64.03
N MET GA 125 -33.69 -54.18 63.12
CA MET GA 125 -34.95 -54.15 62.38
C MET GA 125 -34.83 -53.90 60.92
N ALA GA 126 -35.91 -54.25 60.23
CA ALA GA 126 -36.03 -53.92 58.80
C ALA GA 126 -37.47 -53.71 58.42
N LEU GA 127 -37.68 -52.83 57.44
CA LEU GA 127 -39.01 -52.67 56.83
C LEU GA 127 -39.26 -53.92 55.97
N PRO GA 128 -40.52 -54.29 55.69
CA PRO GA 128 -40.84 -55.65 55.15
C PRO GA 128 -40.20 -56.02 53.80
N ASN GA 129 -40.25 -55.11 52.86
CA ASN GA 129 -39.62 -55.32 51.55
C ASN GA 129 -38.19 -54.89 51.55
N ALA GA 130 -37.61 -54.82 52.72
CA ALA GA 130 -36.20 -54.52 52.75
C ALA GA 130 -35.48 -55.76 52.30
N ARG GA 131 -34.22 -55.52 51.98
CA ARG GA 131 -33.37 -56.47 51.30
C ARG GA 131 -31.95 -56.43 51.88
N VAL GA 132 -31.47 -57.61 52.28
CA VAL GA 132 -30.13 -57.74 52.89
C VAL GA 132 -29.30 -58.64 52.06
N LEU GA 133 -28.16 -58.15 51.68
CA LEU GA 133 -27.28 -58.97 50.87
C LEU GA 133 -25.91 -59.14 51.53
N ILE GA 134 -25.46 -60.38 51.64
CA ILE GA 134 -24.13 -60.61 52.17
C ILE GA 134 -23.29 -61.24 51.14
N HIS GA 135 -22.00 -60.91 51.15
CA HIS GA 135 -21.09 -61.54 50.20
C HIS GA 135 -19.69 -61.29 50.71
N GLN GA 136 -18.73 -62.06 50.20
CA GLN GA 136 -17.38 -62.01 50.74
C GLN GA 136 -16.70 -60.81 50.12
N PRO GA 137 -15.59 -60.37 50.69
CA PRO GA 137 -14.95 -59.16 50.20
C PRO GA 137 -14.39 -59.34 48.83
N SER GA 138 -14.68 -58.37 47.97
CA SER GA 138 -14.12 -58.32 46.61
C SER GA 138 -13.19 -57.19 46.54
N LEU GA 139 -12.36 -57.26 45.53
CA LEU GA 139 -11.49 -56.15 45.17
C LEU GA 139 -11.71 -55.93 43.69
N SER GA 140 -12.54 -54.97 43.34
CA SER GA 140 -12.55 -54.59 41.91
C SER GA 140 -11.43 -53.58 41.76
N GLY GA 141 -10.88 -53.51 40.56
CA GLY GA 141 -9.57 -52.87 40.41
C GLY GA 141 -8.49 -53.84 40.86
N VAL GA 142 -7.26 -53.51 40.52
CA VAL GA 142 -6.16 -54.46 40.66
C VAL GA 142 -5.15 -53.91 41.64
N ILE GA 143 -4.66 -54.76 42.50
CA ILE GA 143 -3.41 -54.46 43.24
C ILE GA 143 -2.18 -55.11 42.58
N GLN GA 144 -1.28 -54.22 42.19
CA GLN GA 144 -0.07 -54.52 41.43
C GLN GA 144 1.11 -54.65 42.37
N GLY GA 145 2.10 -55.43 42.00
CA GLY GA 145 3.25 -55.60 42.89
C GLY GA 145 4.18 -56.78 42.64
N GLN GA 146 5.32 -56.75 43.30
CA GLN GA 146 6.15 -57.94 43.43
C GLN GA 146 5.36 -59.04 44.15
N PHE GA 147 5.71 -60.28 43.86
CA PHE GA 147 4.96 -61.43 44.41
C PHE GA 147 5.02 -61.36 45.91
N SER GA 148 6.19 -61.01 46.43
CA SER GA 148 6.39 -60.90 47.90
C SER GA 148 5.42 -59.95 48.52
N ASP GA 149 5.16 -58.85 47.83
CA ASP GA 149 4.17 -57.86 48.30
C ASP GA 149 2.76 -58.37 48.14
N LEU GA 150 2.53 -59.11 47.05
CA LEU GA 150 1.19 -59.63 46.74
C LEU GA 150 0.78 -60.74 47.65
N GLU GA 151 1.76 -61.51 48.07
CA GLU GA 151 1.48 -62.64 48.98
C GLU GA 151 1.07 -62.09 50.37
N ILE GA 152 1.73 -61.01 50.78
CA ILE GA 152 1.40 -60.29 52.05
C ILE GA 152 0.00 -59.73 52.00
N GLN GA 153 -0.28 -59.13 50.86
CA GLN GA 153 -1.58 -58.51 50.56
C GLN GA 153 -2.69 -59.55 50.54
N ALA GA 154 -2.47 -60.62 49.82
CA ALA GA 154 -3.41 -61.78 49.81
C ALA GA 154 -3.74 -62.32 51.22
N ALA GA 155 -2.68 -62.49 51.99
CA ALA GA 155 -2.75 -62.89 53.40
C ALA GA 155 -3.64 -62.02 54.22
N GLU GA 156 -3.40 -60.73 54.09
CA GLU GA 156 -4.20 -59.68 54.75
C GLU GA 156 -5.67 -59.73 54.32
N ILE GA 157 -5.89 -60.09 53.07
CA ILE GA 157 -7.27 -60.23 52.58
C ILE GA 157 -7.97 -61.47 53.12
N GLU GA 158 -7.25 -62.57 53.27
CA GLU GA 158 -7.83 -63.78 53.88
C GLU GA 158 -8.22 -63.49 55.33
N ARG GA 159 -7.41 -62.67 55.97
CA ARG GA 159 -7.67 -62.28 57.35
C ARG GA 159 -8.96 -61.48 57.43
N MET GA 160 -9.02 -60.50 56.54
CA MET GA 160 -10.15 -59.56 56.43
C MET GA 160 -11.41 -60.41 56.20
N ARG GA 161 -11.35 -61.26 55.20
CA ARG GA 161 -12.46 -62.19 54.94
C ARG GA 161 -12.91 -62.91 56.20
N THR GA 162 -11.96 -63.57 56.88
CA THR GA 162 -12.32 -64.40 58.05
C THR GA 162 -12.78 -63.50 59.21
N LEU GA 163 -12.33 -62.26 59.25
CA LEU GA 163 -12.80 -61.34 60.30
C LEU GA 163 -14.28 -60.96 60.06
N MET GA 164 -14.64 -60.79 58.79
CA MET GA 164 -16.06 -60.53 58.44
C MET GA 164 -16.92 -61.71 58.93
N GLU GA 165 -16.41 -62.89 58.68
CA GLU GA 165 -17.12 -64.14 59.03
C GLU GA 165 -17.23 -64.36 60.55
N THR GA 166 -16.14 -64.12 61.26
CA THR GA 166 -16.12 -64.07 62.71
C THR GA 166 -17.18 -63.13 63.27
N THR GA 167 -17.17 -61.89 62.79
CA THR GA 167 -18.00 -60.85 63.44
C THR GA 167 -19.46 -61.01 63.06
N LEU GA 168 -19.73 -61.58 61.91
CA LEU GA 168 -21.11 -61.93 61.59
C LEU GA 168 -21.58 -63.07 62.46
N ALA GA 169 -20.74 -64.08 62.55
CA ALA GA 169 -21.00 -65.26 63.40
C ALA GA 169 -21.35 -64.82 64.83
N ARG GA 170 -20.55 -63.92 65.37
CA ARG GA 170 -20.78 -63.35 66.72
C ARG GA 170 -22.19 -62.84 66.86
N HIS GA 171 -22.63 -62.06 65.89
CA HIS GA 171 -23.95 -61.35 65.99
C HIS GA 171 -25.18 -62.07 65.52
N THR GA 172 -24.99 -63.08 64.67
CA THR GA 172 -26.09 -63.89 64.10
C THR GA 172 -26.35 -65.13 64.87
N GLY GA 173 -25.37 -65.51 65.65
CA GLY GA 173 -25.40 -66.77 66.41
C GLY GA 173 -25.06 -67.99 65.57
N LYS GA 174 -24.52 -67.74 64.39
CA LYS GA 174 -24.16 -68.82 63.48
C LYS GA 174 -22.75 -69.16 63.61
N ASP GA 175 -22.40 -70.30 63.05
CA ASP GA 175 -21.04 -70.75 63.05
C ASP GA 175 -20.26 -69.97 61.97
N ALA GA 176 -19.06 -69.52 62.29
CA ALA GA 176 -18.18 -68.85 61.30
C ALA GA 176 -18.00 -69.60 59.96
N GLY GA 177 -17.76 -70.89 60.04
CA GLY GA 177 -17.59 -71.72 58.83
C GLY GA 177 -18.85 -71.74 57.97
N VAL GA 178 -20.00 -71.65 58.62
CA VAL GA 178 -21.30 -71.67 57.92
C VAL GA 178 -21.50 -70.38 57.16
N ILE GA 179 -21.22 -69.28 57.83
CA ILE GA 179 -21.17 -67.95 57.16
C ILE GA 179 -20.30 -68.03 55.88
N ARG GA 180 -19.10 -68.52 56.02
CA ARG GA 180 -18.18 -68.64 54.88
C ARG GA 180 -18.77 -69.42 53.70
N LYS GA 181 -19.40 -70.56 53.99
CA LYS GA 181 -20.14 -71.38 52.97
C LYS GA 181 -21.21 -70.51 52.34
N ASP GA 182 -22.02 -69.86 53.18
CA ASP GA 182 -23.20 -69.10 52.70
C ASP GA 182 -22.81 -67.81 51.90
N THR GA 183 -21.66 -67.23 52.21
CA THR GA 183 -21.13 -65.98 51.56
C THR GA 183 -20.07 -66.18 50.48
N ASP GA 184 -19.75 -67.43 50.22
CA ASP GA 184 -18.79 -67.74 49.17
C ASP GA 184 -19.23 -67.08 47.85
N ARG GA 185 -20.53 -67.09 47.65
CA ARG GA 185 -21.18 -66.46 46.55
C ARG GA 185 -22.14 -65.47 47.17
N ASP GA 186 -22.73 -64.64 46.37
CA ASP GA 186 -23.71 -63.65 46.96
C ASP GA 186 -24.95 -64.31 47.53
N LYS GA 187 -25.38 -63.77 48.64
CA LYS GA 187 -26.52 -64.28 49.37
C LYS GA 187 -27.52 -63.22 49.70
N ILE GA 188 -28.65 -63.30 49.04
CA ILE GA 188 -29.67 -62.28 49.17
C ILE GA 188 -30.75 -62.74 50.12
N LEU GA 189 -31.14 -61.86 51.03
CA LEU GA 189 -32.16 -62.14 52.08
C LEU GA 189 -33.28 -61.12 52.13
N THR GA 190 -34.51 -61.62 52.07
CA THR GA 190 -35.69 -60.80 52.35
C THR GA 190 -35.63 -60.42 53.81
N ALA GA 191 -36.42 -59.45 54.21
CA ALA GA 191 -36.44 -59.06 55.63
C ALA GA 191 -36.72 -60.27 56.53
N GLU GA 192 -37.72 -61.07 56.15
CA GLU GA 192 -38.09 -62.32 56.89
C GLU GA 192 -36.88 -63.26 56.98
N GLU GA 193 -36.30 -63.53 55.83
CA GLU GA 193 -35.12 -64.42 55.74
C GLU GA 193 -33.97 -63.93 56.61
N ALA GA 194 -33.84 -62.62 56.65
CA ALA GA 194 -32.77 -61.95 57.39
C ALA GA 194 -32.96 -62.10 58.87
N LYS GA 195 -34.21 -62.17 59.26
CA LYS GA 195 -34.56 -62.43 60.68
C LYS GA 195 -34.23 -63.85 61.09
N ASP GA 196 -34.63 -64.78 60.24
CA ASP GA 196 -34.28 -66.20 60.35
C ASP GA 196 -32.79 -66.42 60.42
N TYR GA 197 -32.08 -65.70 59.59
CA TYR GA 197 -30.61 -65.80 59.54
C TYR GA 197 -29.94 -65.23 60.79
N GLY GA 198 -30.67 -64.42 61.53
CA GLY GA 198 -30.18 -63.83 62.80
C GLY GA 198 -29.49 -62.50 62.60
N ILE GA 199 -29.86 -61.82 61.53
CA ILE GA 199 -29.25 -60.50 61.15
C ILE GA 199 -30.05 -59.34 61.68
N ILE GA 200 -31.34 -59.57 61.75
CA ILE GA 200 -32.23 -58.64 62.42
C ILE GA 200 -33.08 -59.41 63.42
N ASP GA 201 -33.67 -58.68 64.35
CA ASP GA 201 -34.50 -59.29 65.38
C ASP GA 201 -36.00 -59.25 65.03
N THR GA 202 -36.46 -58.11 64.57
CA THR GA 202 -37.85 -57.98 64.20
C THR GA 202 -37.99 -57.38 62.83
N VAL GA 203 -39.13 -57.67 62.21
CA VAL GA 203 -39.50 -57.00 60.96
C VAL GA 203 -40.59 -56.00 61.23
N LEU GA 204 -40.33 -54.73 60.95
CA LEU GA 204 -41.33 -53.70 61.23
C LEU GA 204 -42.60 -53.90 60.42
N GLU GA 205 -43.72 -53.82 61.11
CA GLU GA 205 -45.00 -53.84 60.43
C GLU GA 205 -45.42 -52.40 60.25
N TYR GA 206 -46.19 -52.16 59.21
CA TYR GA 206 -46.66 -50.79 58.92
C TYR GA 206 -47.52 -50.31 60.07
N ARG GA 207 -47.39 -49.04 60.44
CA ARG GA 207 -48.32 -48.42 61.45
C ARG GA 207 -49.44 -47.54 60.87
N LYS GA 208 -49.93 -47.80 59.67
CA LYS GA 208 -50.96 -46.90 59.10
C LYS GA 208 -52.21 -46.86 60.00
N LEU GA 209 -52.66 -45.67 60.38
CA LEU GA 209 -53.89 -45.51 61.18
C LEU GA 209 -55.14 -46.01 60.45
N SER GA 210 -55.14 -46.02 59.12
CA SER GA 210 -56.24 -46.60 58.35
C SER GA 210 -56.37 -48.12 58.55
N ALA GA 211 -55.26 -48.88 58.71
CA ALA GA 211 -55.35 -50.36 59.06
C ALA GA 211 -56.44 -50.80 60.09
N LEU HA 2 -15.66 -54.35 49.96
CA LEU HA 2 -14.90 -54.00 48.76
C LEU HA 2 -13.63 -53.33 49.26
N LEU HA 3 -12.48 -53.65 48.68
CA LEU HA 3 -11.19 -53.23 49.23
C LEU HA 3 -10.33 -52.52 48.20
N ILE IA 15 -23.40 -35.98 53.23
CA ILE IA 15 -24.40 -35.35 54.18
C ILE IA 15 -24.05 -35.59 55.67
N LEU IA 16 -23.85 -34.46 56.36
CA LEU IA 16 -23.31 -34.39 57.75
C LEU IA 16 -24.11 -33.42 58.60
N PRO IA 17 -24.86 -33.92 59.58
CA PRO IA 17 -25.89 -33.03 60.16
C PRO IA 17 -25.29 -32.10 61.12
N SER IA 18 -25.97 -30.99 61.30
CA SER IA 18 -25.63 -30.07 62.38
C SER IA 18 -26.78 -30.08 63.34
N PHE IA 19 -26.52 -29.57 64.51
CA PHE IA 19 -27.47 -29.62 65.60
C PHE IA 19 -27.20 -28.42 66.48
N ILE IA 20 -28.05 -28.26 67.48
CA ILE IA 20 -28.00 -27.08 68.36
C ILE IA 20 -27.81 -27.46 69.83
N GLU IA 21 -27.00 -26.69 70.55
CA GLU IA 21 -26.82 -26.93 71.99
C GLU IA 21 -27.43 -25.86 72.91
N HIS IA 22 -28.49 -26.27 73.62
CA HIS IA 22 -29.05 -25.56 74.80
C HIS IA 22 -27.99 -25.20 75.86
N SER IA 23 -28.20 -24.06 76.51
CA SER IA 23 -27.49 -23.67 77.76
C SER IA 23 -28.13 -22.40 78.34
N SER IA 24 -27.88 -22.14 79.61
CA SER IA 24 -28.39 -20.90 80.26
C SER IA 24 -27.70 -19.61 79.73
N PHE IA 25 -26.59 -19.80 79.05
CA PHE IA 25 -25.77 -18.68 78.53
C PHE IA 25 -26.26 -18.21 77.13
N GLY IA 26 -26.61 -19.20 76.34
CA GLY IA 26 -27.05 -18.97 74.98
C GLY IA 26 -27.19 -20.30 74.25
N VAL IA 27 -27.49 -20.20 72.97
CA VAL IA 27 -27.80 -21.36 72.15
C VAL IA 27 -26.91 -21.34 70.92
N LYS IA 28 -26.10 -22.38 70.75
CA LYS IA 28 -25.11 -22.42 69.63
C LYS IA 28 -25.31 -23.61 68.67
N GLU IA 29 -25.09 -23.32 67.39
CA GLU IA 29 -25.13 -24.34 66.34
C GLU IA 29 -23.74 -25.02 66.18
N SER IA 30 -23.69 -26.35 66.04
CA SER IA 30 -22.40 -26.98 65.67
C SER IA 30 -22.53 -28.32 64.90
N ASN IA 31 -21.43 -28.68 64.20
CA ASN IA 31 -21.21 -30.00 63.55
C ASN IA 31 -20.77 -30.97 64.55
N PRO IA 32 -20.72 -32.23 64.13
CA PRO IA 32 -19.97 -33.19 64.87
C PRO IA 32 -18.48 -32.88 64.93
N TYR IA 33 -17.92 -32.35 63.84
CA TYR IA 33 -16.44 -32.16 63.77
C TYR IA 33 -16.05 -31.01 64.67
N ASN IA 34 -16.98 -30.07 64.78
CA ASN IA 34 -16.78 -28.90 65.63
C ASN IA 34 -16.94 -29.17 67.07
N LYS IA 35 -18.01 -29.88 67.37
CA LYS IA 35 -18.25 -30.43 68.73
C LYS IA 35 -17.03 -31.24 69.15
N LEU IA 36 -16.56 -32.07 68.25
CA LEU IA 36 -15.35 -32.83 68.54
C LEU IA 36 -14.17 -31.90 68.89
N PHE IA 37 -14.01 -30.87 68.06
CA PHE IA 37 -12.90 -29.93 68.25
C PHE IA 37 -13.09 -29.12 69.54
N GLU IA 38 -14.34 -28.81 69.84
CA GLU IA 38 -14.67 -28.08 71.06
C GLU IA 38 -14.19 -28.83 72.26
N GLU IA 39 -14.15 -30.15 72.12
CA GLU IA 39 -13.75 -31.09 73.18
C GLU IA 39 -12.26 -31.59 72.96
N ARG IA 40 -11.50 -30.75 72.24
CA ARG IA 40 -10.03 -30.90 72.03
C ARG IA 40 -9.66 -32.16 71.25
N ILE IA 41 -10.56 -32.54 70.36
CA ILE IA 41 -10.32 -33.70 69.51
C ILE IA 41 -10.12 -33.24 68.09
N ILE IA 42 -8.97 -33.60 67.54
CA ILE IA 42 -8.62 -33.31 66.15
C ILE IA 42 -8.82 -34.57 65.33
N PHE IA 43 -9.51 -34.50 64.20
CA PHE IA 43 -9.78 -35.73 63.41
C PHE IA 43 -8.87 -35.89 62.19
N LEU IA 44 -8.11 -36.97 62.18
CA LEU IA 44 -7.19 -37.27 61.09
C LEU IA 44 -7.73 -38.42 60.26
N GLY IA 45 -8.52 -38.06 59.26
CA GLY IA 45 -9.30 -39.01 58.45
C GLY IA 45 -8.99 -39.09 56.96
N VAL IA 46 -8.49 -38.02 56.39
CA VAL IA 46 -8.11 -38.10 54.99
C VAL IA 46 -6.72 -38.69 54.91
N GLN IA 47 -6.26 -38.77 53.66
CA GLN IA 47 -4.83 -38.96 53.30
C GLN IA 47 -4.07 -37.67 53.58
N VAL IA 48 -2.97 -37.84 54.30
CA VAL IA 48 -2.08 -36.76 54.82
C VAL IA 48 -1.36 -36.03 53.63
N ASP IA 49 -2.14 -35.33 52.80
CA ASP IA 49 -1.56 -34.45 51.77
C ASP IA 49 -1.04 -33.12 52.43
N ASP IA 50 -0.25 -32.32 51.70
CA ASP IA 50 0.33 -31.07 52.28
C ASP IA 50 -0.77 -30.12 52.85
N ALA IA 51 -1.88 -30.06 52.14
CA ALA IA 51 -3.06 -29.25 52.55
C ALA IA 51 -3.59 -29.65 53.93
N SER IA 52 -3.95 -30.91 54.03
CA SER IA 52 -4.53 -31.46 55.27
C SER IA 52 -3.59 -31.29 56.47
N ALA IA 53 -2.32 -31.46 56.18
CA ALA IA 53 -1.28 -31.39 57.22
C ALA IA 53 -1.24 -30.01 57.87
N ASN IA 54 -1.32 -28.98 57.04
CA ASN IA 54 -1.40 -27.62 57.53
C ASN IA 54 -2.60 -27.42 58.43
N ASP IA 55 -3.71 -27.94 57.98
CA ASP IA 55 -4.98 -27.90 58.75
C ASP IA 55 -4.81 -28.57 60.13
N ILE IA 56 -4.14 -29.71 60.13
CA ILE IA 56 -3.88 -30.44 61.39
C ILE IA 56 -2.99 -29.60 62.31
N MET IA 57 -1.93 -29.01 61.73
CA MET IA 57 -0.94 -28.25 62.54
C MET IA 57 -1.60 -27.03 63.16
N ALA IA 58 -2.33 -26.35 62.32
CA ALA IA 58 -3.08 -25.16 62.72
C ALA IA 58 -4.03 -25.48 63.85
N GLN IA 59 -4.77 -26.58 63.72
CA GLN IA 59 -5.69 -27.01 64.78
C GLN IA 59 -4.94 -27.28 66.08
N LEU IA 60 -3.87 -28.01 65.95
CA LEU IA 60 -3.00 -28.30 67.10
C LEU IA 60 -2.53 -27.00 67.79
N LEU IA 61 -1.89 -26.14 67.00
CA LEU IA 61 -1.34 -24.85 67.47
C LEU IA 61 -2.40 -23.97 68.14
N VAL IA 62 -3.58 -24.02 67.58
CA VAL IA 62 -4.72 -23.20 68.08
C VAL IA 62 -5.22 -23.74 69.39
N LEU IA 63 -5.45 -25.03 69.41
CA LEU IA 63 -5.80 -25.71 70.69
C LEU IA 63 -4.79 -25.44 71.83
N GLU IA 64 -3.50 -25.43 71.51
CA GLU IA 64 -2.48 -25.13 72.52
C GLU IA 64 -2.67 -23.69 73.01
N SER IA 65 -2.77 -22.79 72.05
CA SER IA 65 -3.00 -21.37 72.34
C SER IA 65 -4.26 -21.15 73.23
N LEU IA 66 -5.30 -21.92 72.98
CA LEU IA 66 -6.58 -21.78 73.74
C LEU IA 66 -6.52 -22.25 75.17
N ASP IA 67 -5.68 -23.24 75.44
CA ASP IA 67 -5.56 -23.86 76.79
C ASP IA 67 -4.34 -24.83 76.87
N PRO IA 68 -3.17 -24.31 77.26
CA PRO IA 68 -1.96 -25.11 77.08
C PRO IA 68 -1.83 -26.28 78.02
N ASP IA 69 -2.67 -26.33 79.04
CA ASP IA 69 -2.52 -27.38 80.06
C ASP IA 69 -3.34 -28.60 79.76
N ARG IA 70 -4.53 -28.37 79.26
CA ARG IA 70 -5.42 -29.48 78.89
C ARG IA 70 -4.97 -30.28 77.66
N ASP IA 71 -5.32 -31.55 77.70
CA ASP IA 71 -4.87 -32.54 76.72
C ASP IA 71 -5.56 -32.36 75.42
N ILE IA 72 -4.81 -32.70 74.39
CA ILE IA 72 -5.32 -32.78 72.99
C ILE IA 72 -5.39 -34.20 72.64
N THR IA 73 -6.50 -34.57 72.05
CA THR IA 73 -6.70 -35.91 71.56
C THR IA 73 -6.78 -35.87 70.02
N MET IA 74 -6.20 -36.90 69.40
CA MET IA 74 -6.09 -37.03 67.94
C MET IA 74 -6.67 -38.35 67.52
N TYR IA 75 -7.81 -38.28 66.84
CA TYR IA 75 -8.52 -39.46 66.30
C TYR IA 75 -7.97 -39.79 64.94
N ILE IA 76 -7.51 -41.00 64.80
CA ILE IA 76 -6.82 -41.41 63.60
C ILE IA 76 -7.49 -42.56 62.85
N ASN IA 77 -7.90 -42.25 61.63
CA ASN IA 77 -8.36 -43.28 60.67
C ASN IA 77 -7.91 -42.82 59.32
N SER IA 78 -6.66 -43.08 59.01
CA SER IA 78 -6.02 -42.51 57.84
C SER IA 78 -5.17 -43.53 57.12
N PRO IA 79 -5.22 -43.55 55.79
CA PRO IA 79 -4.51 -44.54 55.02
C PRO IA 79 -3.13 -44.11 54.80
N GLY IA 80 -2.76 -42.98 55.35
CA GLY IA 80 -1.35 -42.63 55.30
C GLY IA 80 -1.15 -41.31 54.64
N GLY IA 81 -0.02 -41.12 53.98
CA GLY IA 81 0.27 -39.80 53.42
C GLY IA 81 1.71 -39.36 53.32
N GLY IA 82 1.90 -38.13 52.85
CA GLY IA 82 3.21 -37.59 52.49
C GLY IA 82 4.21 -37.63 53.63
N PHE IA 83 5.47 -37.84 53.32
CA PHE IA 83 6.53 -37.92 54.34
C PHE IA 83 6.88 -36.54 54.85
N THR IA 84 6.97 -35.60 53.95
CA THR IA 84 7.32 -34.24 54.34
C THR IA 84 6.28 -33.67 55.38
N SER IA 85 5.04 -34.03 55.12
CA SER IA 85 3.90 -33.67 55.95
C SER IA 85 3.93 -34.38 57.30
N LEU IA 86 4.12 -35.69 57.23
CA LEU IA 86 4.30 -36.54 58.44
C LEU IA 86 5.19 -35.84 59.41
N MET IA 87 6.37 -35.48 58.96
CA MET IA 87 7.38 -34.88 59.87
C MET IA 87 6.94 -33.56 60.50
N ALA IA 88 6.29 -32.77 59.69
CA ALA IA 88 5.80 -31.46 60.13
C ALA IA 88 4.76 -31.61 61.23
N ILE IA 89 3.85 -32.53 61.00
CA ILE IA 89 2.76 -32.79 61.97
C ILE IA 89 3.36 -33.31 63.26
N TYR IA 90 4.18 -34.33 63.11
CA TYR IA 90 4.96 -34.88 64.19
C TYR IA 90 5.64 -33.82 65.02
N ASP IA 91 6.39 -32.96 64.35
CA ASP IA 91 7.16 -31.92 65.08
C ASP IA 91 6.20 -31.04 65.91
N THR IA 92 5.05 -30.74 65.32
CA THR IA 92 4.04 -29.88 65.95
C THR IA 92 3.42 -30.61 67.15
N MET IA 93 3.09 -31.87 66.96
CA MET IA 93 2.55 -32.73 68.05
C MET IA 93 3.45 -32.68 69.28
N GLN IA 94 4.72 -32.91 69.03
CA GLN IA 94 5.76 -32.99 70.09
C GLN IA 94 6.01 -31.61 70.71
N TYR IA 95 5.92 -30.61 69.88
CA TYR IA 95 6.29 -29.23 70.23
C TYR IA 95 5.34 -28.55 71.19
N VAL IA 96 4.04 -28.72 70.97
CA VAL IA 96 3.02 -28.01 71.78
C VAL IA 96 3.12 -28.43 73.26
N ARG IA 97 2.73 -27.53 74.15
CA ARG IA 97 2.84 -27.74 75.62
C ARG IA 97 2.01 -28.88 76.11
N ALA IA 98 0.87 -29.02 75.47
CA ALA IA 98 -0.14 -30.00 75.88
C ALA IA 98 0.22 -31.43 75.53
N ASP IA 99 -0.23 -32.34 76.38
CA ASP IA 99 -0.06 -33.75 76.06
C ASP IA 99 -0.89 -34.10 74.84
N ILE IA 100 -0.40 -35.05 74.08
CA ILE IA 100 -1.19 -35.58 72.98
C ILE IA 100 -1.61 -37.01 73.21
N GLN IA 101 -2.89 -37.20 73.08
CA GLN IA 101 -3.48 -38.50 73.12
C GLN IA 101 -3.84 -38.94 71.70
N THR IA 102 -3.32 -40.07 71.26
CA THR IA 102 -3.63 -40.63 69.94
C THR IA 102 -4.54 -41.87 70.02
N VAL IA 103 -5.58 -41.83 69.21
CA VAL IA 103 -6.57 -42.90 69.16
C VAL IA 103 -6.85 -43.40 67.77
N CYS IA 104 -6.48 -44.64 67.50
CA CYS IA 104 -6.70 -45.23 66.19
C CYS IA 104 -8.05 -45.88 66.19
N LEU IA 105 -8.87 -45.47 65.25
CA LEU IA 105 -10.27 -45.89 65.21
C LEU IA 105 -10.47 -46.97 64.22
N GLY IA 106 -9.73 -46.90 63.14
CA GLY IA 106 -9.94 -47.87 62.07
C GLY IA 106 -8.63 -48.38 61.58
N GLN IA 107 -8.01 -47.53 60.78
CA GLN IA 107 -6.68 -47.84 60.22
C GLN IA 107 -5.74 -46.67 60.51
N ALA IA 108 -4.52 -47.01 60.84
CA ALA IA 108 -3.46 -46.03 60.90
C ALA IA 108 -2.36 -46.62 60.09
N ALA IA 109 -2.31 -46.21 58.84
CA ALA IA 109 -1.35 -46.78 57.89
C ALA IA 109 -0.25 -45.81 57.53
N SER IA 110 0.89 -46.39 57.23
CA SER IA 110 2.01 -45.68 56.64
C SER IA 110 2.51 -44.62 57.63
N ALA IA 111 2.21 -43.37 57.26
CA ALA IA 111 2.61 -42.18 58.00
C ALA IA 111 1.81 -42.10 59.26
N ALA IA 112 0.53 -42.38 59.09
CA ALA IA 112 -0.47 -42.32 60.17
C ALA IA 112 -0.06 -43.22 61.30
N ALA IA 113 0.63 -44.28 60.95
CA ALA IA 113 1.10 -45.22 61.96
C ALA IA 113 2.10 -44.57 62.89
N VAL IA 114 3.03 -43.88 62.28
CA VAL IA 114 4.07 -43.17 63.01
C VAL IA 114 3.45 -42.14 63.96
N LEU IA 115 2.50 -41.41 63.43
CA LEU IA 115 1.78 -40.40 64.21
C LEU IA 115 1.08 -41.02 65.40
N LEU IA 116 0.38 -42.11 65.15
CA LEU IA 116 -0.30 -42.89 66.24
C LEU IA 116 0.70 -43.17 67.32
N ALA IA 117 1.83 -43.69 66.86
CA ALA IA 117 2.96 -44.05 67.72
C ALA IA 117 3.56 -42.87 68.45
N ALA IA 118 3.46 -41.73 67.84
CA ALA IA 118 4.13 -40.51 68.34
C ALA IA 118 3.35 -39.71 69.40
N GLY IA 119 2.21 -40.23 69.79
CA GLY IA 119 1.46 -39.62 70.88
C GLY IA 119 2.30 -39.67 72.14
N THR IA 120 1.86 -38.95 73.17
CA THR IA 120 2.62 -39.02 74.45
C THR IA 120 2.46 -40.39 75.09
N PRO IA 121 3.56 -40.96 75.63
CA PRO IA 121 3.57 -42.28 76.21
C PRO IA 121 2.56 -42.38 77.31
N GLY IA 122 1.92 -43.52 77.35
CA GLY IA 122 0.73 -43.73 78.19
C GLY IA 122 -0.60 -43.46 77.50
N LYS IA 123 -0.57 -42.61 76.49
CA LYS IA 123 -1.83 -42.12 75.88
C LYS IA 123 -2.12 -42.51 74.41
N ARG IA 124 -1.55 -43.61 74.00
CA ARG IA 124 -1.74 -44.11 72.66
C ARG IA 124 -2.65 -45.34 72.66
N MET IA 125 -3.69 -45.22 71.87
CA MET IA 125 -4.76 -46.23 71.87
C MET IA 125 -5.25 -46.68 70.53
N ALA IA 126 -5.94 -47.80 70.56
CA ALA IA 126 -6.67 -48.25 69.38
C ALA IA 126 -7.91 -49.02 69.77
N LEU IA 127 -8.92 -48.94 68.92
CA LEU IA 127 -10.12 -49.81 69.05
C LEU IA 127 -9.70 -51.23 68.63
N PRO IA 128 -10.39 -52.29 69.10
CA PRO IA 128 -9.86 -53.67 69.03
C PRO IA 128 -9.61 -54.22 67.63
N ASN IA 129 -10.57 -54.03 66.73
CA ASN IA 129 -10.36 -54.40 65.32
C ASN IA 129 -9.68 -53.33 64.49
N ALA IA 130 -9.00 -52.43 65.16
CA ALA IA 130 -8.19 -51.46 64.43
C ALA IA 130 -7.01 -52.20 63.87
N ARG IA 131 -6.38 -51.51 62.92
CA ARG IA 131 -5.38 -52.08 62.08
C ARG IA 131 -4.29 -51.06 61.83
N VAL IA 132 -3.06 -51.47 62.10
CA VAL IA 132 -1.92 -50.58 61.93
C VAL IA 132 -1.01 -51.18 60.92
N LEU IA 133 -0.65 -50.37 59.93
CA LEU IA 133 0.27 -50.85 58.90
C LEU IA 133 1.50 -49.97 58.74
N ILE IA 134 2.68 -50.58 58.80
CA ILE IA 134 3.92 -49.82 58.61
C ILE IA 134 4.62 -50.30 57.43
N HIS IA 135 5.24 -49.37 56.73
CA HIS IA 135 6.00 -49.77 55.56
C HIS IA 135 6.90 -48.62 55.23
N GLN IA 136 7.91 -48.91 54.42
CA GLN IA 136 8.96 -47.91 54.16
C GLN IA 136 8.38 -46.95 53.13
N PRO IA 137 8.97 -45.78 53.01
CA PRO IA 137 8.52 -44.81 52.03
C PRO IA 137 8.63 -45.26 50.58
N SER IA 138 7.53 -45.13 49.88
CA SER IA 138 7.49 -45.44 48.44
C SER IA 138 7.34 -44.15 47.69
N LEU IA 139 7.66 -44.24 46.42
CA LEU IA 139 7.38 -43.17 45.52
C LEU IA 139 6.65 -43.81 44.34
N SER IA 140 5.33 -43.69 44.29
CA SER IA 140 4.62 -44.09 43.06
C SER IA 140 4.60 -42.85 42.21
N GLY IA 141 4.58 -43.05 40.90
CA GLY IA 141 5.02 -41.98 40.00
C GLY IA 141 6.56 -41.88 39.96
N VAL IA 142 7.07 -41.13 39.00
CA VAL IA 142 8.49 -41.16 38.69
C VAL IA 142 9.09 -39.79 38.87
N ILE IA 143 10.26 -39.74 39.47
CA ILE IA 143 11.07 -38.54 39.43
C ILE IA 143 12.14 -38.62 38.38
N GLN IA 144 12.03 -37.68 37.46
CA GLN IA 144 12.82 -37.63 36.22
C GLN IA 144 14.00 -36.71 36.47
N GLY IA 145 15.11 -36.94 35.79
CA GLY IA 145 16.25 -36.04 35.96
C GLY IA 145 17.58 -36.52 35.43
N GLN IA 146 18.52 -35.59 35.36
CA GLN IA 146 19.90 -35.96 35.18
C GLN IA 146 20.34 -36.87 36.36
N PHE IA 147 21.33 -37.73 36.11
CA PHE IA 147 21.77 -38.70 37.13
C PHE IA 147 22.25 -37.91 38.37
N SER IA 148 22.98 -36.82 38.15
CA SER IA 148 23.45 -35.98 39.26
C SER IA 148 22.32 -35.52 40.14
N ASP IA 149 21.20 -35.17 39.51
CA ASP IA 149 19.97 -34.76 40.26
C ASP IA 149 19.29 -35.93 40.94
N LEU IA 150 19.30 -37.08 40.26
CA LEU IA 150 18.69 -38.33 40.78
C LEU IA 150 19.46 -38.92 41.94
N GLU IA 151 20.76 -38.75 41.92
CA GLU IA 151 21.61 -39.28 43.00
C GLU IA 151 21.38 -38.47 44.31
N ILE IA 152 21.23 -37.17 44.16
CA ILE IA 152 20.92 -36.23 45.27
C ILE IA 152 19.57 -36.56 45.86
N GLN IA 153 18.65 -36.83 44.95
CA GLN IA 153 17.29 -37.25 45.31
C GLN IA 153 17.29 -38.54 46.08
N ALA IA 154 17.94 -39.54 45.50
CA ALA IA 154 18.03 -40.88 46.11
C ALA IA 154 18.56 -40.79 47.51
N ALA IA 155 19.61 -39.99 47.63
CA ALA IA 155 20.24 -39.68 48.93
C ALA IA 155 19.28 -39.14 49.95
N GLU IA 156 18.53 -38.15 49.52
CA GLU IA 156 17.49 -37.53 50.36
C GLU IA 156 16.39 -38.53 50.76
N ILE IA 157 16.08 -39.45 49.86
CA ILE IA 157 15.07 -40.44 50.14
C ILE IA 157 15.61 -41.52 51.12
N GLU IA 158 16.89 -41.84 51.06
CA GLU IA 158 17.46 -42.73 52.07
C GLU IA 158 17.51 -42.08 53.47
N ARG IA 159 17.71 -40.77 53.50
CA ARG IA 159 17.68 -39.95 54.76
C ARG IA 159 16.28 -40.03 55.36
N MET IA 160 15.30 -39.80 54.48
CA MET IA 160 13.87 -39.77 54.84
C MET IA 160 13.49 -41.14 55.40
N ARG IA 161 13.82 -42.18 54.66
CA ARG IA 161 13.66 -43.56 55.16
C ARG IA 161 14.21 -43.75 56.56
N THR IA 162 15.48 -43.44 56.74
CA THR IA 162 16.14 -43.69 58.04
C THR IA 162 15.56 -42.76 59.13
N LEU IA 163 15.01 -41.63 58.73
CA LEU IA 163 14.38 -40.73 59.73
C LEU IA 163 13.07 -41.31 60.23
N MET IA 164 12.34 -41.96 59.32
CA MET IA 164 11.11 -42.71 59.72
C MET IA 164 11.46 -43.78 60.74
N GLU IA 165 12.55 -44.47 60.47
CA GLU IA 165 13.02 -45.54 61.32
C GLU IA 165 13.50 -45.06 62.68
N THR IA 166 14.28 -43.98 62.67
CA THR IA 166 14.73 -43.31 63.91
C THR IA 166 13.54 -42.95 64.79
N THR IA 167 12.56 -42.28 64.19
CA THR IA 167 11.51 -41.67 65.00
C THR IA 167 10.48 -42.71 65.46
N LEU IA 168 10.35 -43.79 64.70
CA LEU IA 168 9.57 -44.92 65.21
C LEU IA 168 10.28 -45.62 66.37
N ALA IA 169 11.57 -45.87 66.14
CA ALA IA 169 12.46 -46.46 67.18
C ALA IA 169 12.35 -45.68 68.50
N ARG IA 170 12.46 -44.34 68.39
CA ARG IA 170 12.31 -43.45 69.57
C ARG IA 170 11.03 -43.80 70.36
N HIS IA 171 9.90 -43.89 69.65
CA HIS IA 171 8.57 -44.02 70.28
C HIS IA 171 8.08 -45.41 70.64
N THR IA 172 8.65 -46.41 69.97
CA THR IA 172 8.28 -47.84 70.19
C THR IA 172 9.19 -48.54 71.18
N GLY IA 173 10.35 -47.95 71.38
CA GLY IA 173 11.39 -48.52 72.23
C GLY IA 173 12.18 -49.60 71.53
N LYS IA 174 12.00 -49.67 70.23
CA LYS IA 174 12.64 -50.70 69.42
C LYS IA 174 13.92 -50.10 68.83
N ASP IA 175 14.75 -50.98 68.33
CA ASP IA 175 16.00 -50.56 67.70
C ASP IA 175 15.72 -50.11 66.29
N ALA IA 176 16.34 -49.01 65.89
CA ALA IA 176 16.18 -48.49 64.51
C ALA IA 176 16.40 -49.57 63.43
N GLY IA 177 17.45 -50.37 63.59
CA GLY IA 177 17.79 -51.42 62.62
C GLY IA 177 16.73 -52.50 62.53
N VAL IA 178 16.07 -52.73 63.65
CA VAL IA 178 14.96 -53.72 63.73
C VAL IA 178 13.75 -53.23 62.97
N ILE IA 179 13.37 -51.98 63.25
CA ILE IA 179 12.34 -51.32 62.47
C ILE IA 179 12.63 -51.49 60.95
N ARG IA 180 13.83 -51.15 60.52
CA ARG IA 180 14.18 -51.23 59.13
C ARG IA 180 13.92 -52.61 58.56
N LYS IA 181 14.34 -53.61 59.30
CA LYS IA 181 14.12 -54.97 58.89
C LYS IA 181 12.64 -55.22 58.77
N ASP IA 182 11.89 -54.82 59.79
CA ASP IA 182 10.42 -55.16 59.86
C ASP IA 182 9.56 -54.40 58.82
N THR IA 183 10.06 -53.25 58.38
CA THR IA 183 9.38 -52.40 57.38
C THR IA 183 9.92 -52.49 55.98
N ASP IA 184 10.90 -53.32 55.80
CA ASP IA 184 11.45 -53.51 54.47
C ASP IA 184 10.32 -53.88 53.46
N ARG IA 185 9.40 -54.65 53.99
CA ARG IA 185 8.21 -55.05 53.29
C ARG IA 185 7.07 -54.55 54.16
N ASP IA 186 5.85 -54.65 53.67
CA ASP IA 186 4.69 -54.15 54.49
C ASP IA 186 4.46 -55.00 55.72
N LYS IA 187 4.16 -54.33 56.81
CA LYS IA 187 3.96 -54.98 58.11
C LYS IA 187 2.65 -54.58 58.75
N ILE IA 188 1.76 -55.54 58.79
CA ILE IA 188 0.41 -55.27 59.25
C ILE IA 188 0.26 -55.75 60.68
N LEU IA 189 -0.33 -54.91 61.51
CA LEU IA 189 -0.52 -55.17 62.92
C LEU IA 189 -1.95 -55.01 63.37
N THR IA 190 -2.45 -56.05 64.04
CA THR IA 190 -3.73 -55.95 64.78
C THR IA 190 -3.52 -54.99 65.95
N ALA IA 191 -4.60 -54.53 66.53
CA ALA IA 191 -4.45 -53.63 67.67
C ALA IA 191 -3.56 -54.26 68.76
N GLU IA 192 -3.81 -55.54 69.08
CA GLU IA 192 -3.00 -56.25 70.08
C GLU IA 192 -1.52 -56.25 69.69
N GLU IA 193 -1.28 -56.67 68.48
CA GLU IA 193 0.11 -56.75 67.94
C GLU IA 193 0.81 -55.41 68.01
N ALA IA 194 0.03 -54.37 67.77
CA ALA IA 194 0.50 -52.98 67.72
C ALA IA 194 0.92 -52.50 69.09
N LYS IA 195 0.22 -53.03 70.09
CA LYS IA 195 0.56 -52.76 71.50
C LYS IA 195 1.86 -53.42 71.89
N ASP IA 196 1.98 -54.68 71.51
CA ASP IA 196 3.23 -55.46 71.64
C ASP IA 196 4.40 -54.80 70.99
N TYR IA 197 4.15 -54.28 69.83
CA TYR IA 197 5.20 -53.64 69.04
C TYR IA 197 5.65 -52.34 69.66
N GLY IA 198 4.80 -51.83 70.52
CA GLY IA 198 5.10 -50.56 71.19
C GLY IA 198 4.63 -49.33 70.44
N ILE IA 199 3.59 -49.50 69.62
CA ILE IA 199 3.02 -48.40 68.81
C ILE IA 199 1.84 -47.73 69.50
N ILE IA 200 1.13 -48.54 70.28
CA ILE IA 200 0.08 -48.03 71.17
C ILE IA 200 0.32 -48.58 72.57
N ASP IA 201 -0.28 -47.96 73.56
CA ASP IA 201 -0.10 -48.40 74.95
C ASP IA 201 -1.23 -49.30 75.39
N THR IA 202 -2.44 -48.91 75.07
CA THR IA 202 -3.58 -49.70 75.46
C THR IA 202 -4.52 -49.94 74.27
N VAL IA 203 -5.26 -51.02 74.37
CA VAL IA 203 -6.32 -51.29 73.41
C VAL IA 203 -7.63 -50.98 74.07
N LEU IA 204 -8.41 -50.06 73.52
CA LEU IA 204 -9.72 -49.73 74.11
C LEU IA 204 -10.69 -50.90 74.14
N GLU IA 205 -11.27 -51.12 75.30
CA GLU IA 205 -12.34 -52.10 75.40
C GLU IA 205 -13.65 -51.34 75.24
N TYR IA 206 -14.64 -52.03 74.71
CA TYR IA 206 -15.96 -51.40 74.51
C TYR IA 206 -16.53 -50.98 75.88
N ARG IA 207 -17.17 -49.81 75.95
CA ARG IA 207 -17.91 -49.41 77.19
C ARG IA 207 -19.44 -49.59 77.13
N LYS IA 208 -19.97 -50.55 76.38
CA LYS IA 208 -21.45 -50.65 76.30
C LYS IA 208 -22.06 -50.90 77.67
N LEU IA 209 -23.09 -50.14 78.02
CA LEU IA 209 -23.74 -50.32 79.34
C LEU IA 209 -24.37 -51.70 79.50
N SER IA 210 -24.49 -52.47 78.43
CA SER IA 210 -25.18 -53.79 78.51
C SER IA 210 -24.38 -54.98 77.90
N LEU JA 2 4.09 -41.93 51.59
CA LEU JA 2 4.02 -41.71 50.11
C LEU JA 2 4.80 -40.44 49.89
N LEU JA 3 5.66 -40.38 48.86
CA LEU JA 3 6.50 -39.19 48.67
C LEU JA 3 6.66 -38.65 47.21
N ILE KA 15 -11.98 -30.90 55.41
CA ILE KA 15 -12.78 -30.50 56.66
C ILE KA 15 -11.91 -29.86 57.76
N LEU KA 16 -12.30 -28.62 58.07
CA LEU KA 16 -11.57 -27.72 58.98
C LEU KA 16 -12.52 -27.10 59.96
N PRO KA 17 -12.44 -27.48 61.25
CA PRO KA 17 -13.50 -27.06 62.15
C PRO KA 17 -13.40 -25.60 62.49
N SER KA 18 -14.57 -25.04 62.83
CA SER KA 18 -14.62 -23.74 63.47
C SER KA 18 -15.14 -23.95 64.90
N PHE KA 19 -14.89 -22.93 65.70
CA PHE KA 19 -15.15 -22.99 67.12
C PHE KA 19 -15.49 -21.59 67.54
N ILE KA 20 -15.89 -21.47 68.78
CA ILE KA 20 -16.40 -20.20 69.33
C ILE KA 20 -15.60 -19.74 70.54
N GLU KA 21 -15.36 -18.43 70.63
CA GLU KA 21 -14.64 -17.89 71.80
C GLU KA 21 -15.52 -17.02 72.74
N HIS KA 22 -15.77 -17.58 73.94
CA HIS KA 22 -16.28 -16.83 75.11
C HIS KA 22 -15.49 -15.55 75.43
N SER KA 23 -16.22 -14.55 75.93
CA SER KA 23 -15.66 -13.34 76.59
C SER KA 23 -16.81 -12.51 77.19
N SER KA 24 -16.47 -11.64 78.11
CA SER KA 24 -17.49 -10.76 78.75
C SER KA 24 -18.08 -9.74 77.75
N PHE KA 25 -17.41 -9.56 76.65
CA PHE KA 25 -17.73 -8.51 75.68
C PHE KA 25 -18.74 -9.04 74.68
N GLY KA 26 -18.54 -10.29 74.35
CA GLY KA 26 -19.36 -10.98 73.34
C GLY KA 26 -18.76 -12.32 72.98
N VAL KA 27 -19.40 -12.97 72.01
CA VAL KA 27 -19.07 -14.33 71.65
C VAL KA 27 -18.80 -14.40 70.14
N LYS KA 28 -17.59 -14.80 69.75
CA LYS KA 28 -17.21 -14.78 68.32
C LYS KA 28 -16.83 -16.15 67.76
N GLU KA 29 -17.23 -16.39 66.52
CA GLU KA 29 -16.89 -17.61 65.76
C GLU KA 29 -15.56 -17.42 65.00
N SER KA 30 -14.69 -18.42 65.04
CA SER KA 30 -13.49 -18.36 64.18
C SER KA 30 -12.91 -19.73 63.75
N ASN KA 31 -12.13 -19.73 62.66
CA ASN KA 31 -11.28 -20.86 62.20
C ASN KA 31 -10.01 -20.89 62.93
N PRO KA 32 -9.26 -21.98 62.72
CA PRO KA 32 -7.87 -21.98 63.12
C PRO KA 32 -7.05 -20.94 62.38
N TYR KA 33 -7.38 -20.72 61.10
CA TYR KA 33 -6.54 -19.85 60.27
C TYR KA 33 -6.78 -18.41 60.66
N ASN KA 34 -8.01 -18.15 61.06
CA ASN KA 34 -8.38 -16.82 61.51
C ASN KA 34 -7.86 -16.46 62.85
N LYS KA 35 -8.02 -17.40 63.75
CA LYS KA 35 -7.42 -17.32 65.09
C LYS KA 35 -5.93 -17.09 64.94
N LEU KA 36 -5.32 -17.84 64.06
CA LEU KA 36 -3.89 -17.63 63.78
C LEU KA 36 -3.59 -16.18 63.30
N PHE KA 37 -4.43 -15.71 62.40
CA PHE KA 37 -4.25 -14.37 61.84
C PHE KA 37 -4.52 -13.32 62.95
N GLU KA 38 -5.47 -13.62 63.81
CA GLU KA 38 -5.83 -12.70 64.90
C GLU KA 38 -4.62 -12.42 65.72
N GLU KA 39 -3.72 -13.39 65.74
CA GLU KA 39 -2.45 -13.37 66.52
C GLU KA 39 -1.24 -13.04 65.69
N ARG KA 40 -1.52 -12.41 64.56
CA ARG KA 40 -0.51 -11.88 63.63
C ARG KA 40 0.37 -12.95 63.00
N ILE KA 41 -0.25 -14.10 62.80
CA ILE KA 41 0.42 -15.20 62.12
C ILE KA 41 -0.21 -15.48 60.76
N ILE KA 42 0.64 -15.43 59.75
CA ILE KA 42 0.26 -15.62 58.35
C ILE KA 42 0.75 -16.95 57.93
N PHE KA 43 -0.10 -17.74 57.30
CA PHE KA 43 0.28 -19.15 56.97
C PHE KA 43 0.60 -19.34 55.49
N LEU KA 44 1.82 -19.75 55.27
CA LEU KA 44 2.31 -19.95 53.91
C LEU KA 44 2.47 -21.42 53.66
N GLY KA 45 1.40 -22.01 53.15
CA GLY KA 45 1.26 -23.49 53.05
C GLY KA 45 1.11 -24.05 51.66
N VAL KA 46 0.55 -23.28 50.78
CA VAL KA 46 0.42 -23.76 49.41
C VAL KA 46 1.75 -23.51 48.71
N GLN KA 47 1.73 -23.88 47.44
CA GLN KA 47 2.70 -23.43 46.42
C GLN KA 47 2.44 -21.97 46.09
N VAL KA 48 3.51 -21.21 46.17
CA VAL KA 48 3.57 -19.74 45.95
C VAL KA 48 3.22 -19.38 44.47
N ASP KA 49 1.99 -19.65 44.07
CA ASP KA 49 1.48 -19.15 42.77
C ASP KA 49 1.17 -17.60 42.86
N ASP KA 50 0.96 -16.94 41.73
CA ASP KA 50 0.69 -15.48 41.72
C ASP KA 50 -0.53 -15.11 42.64
N ALA KA 51 -1.55 -15.96 42.61
CA ALA KA 51 -2.79 -15.79 43.43
C ALA KA 51 -2.49 -15.76 44.92
N SER KA 52 -1.85 -16.82 45.38
CA SER KA 52 -1.49 -16.98 46.80
C SER KA 52 -0.57 -15.82 47.30
N ALA KA 53 0.31 -15.40 46.43
CA ALA KA 53 1.26 -14.35 46.75
C ALA KA 53 0.57 -13.05 47.07
N ASN KA 54 -0.40 -12.72 46.27
CA ASN KA 54 -1.21 -11.52 46.51
C ASN KA 54 -1.91 -11.58 47.85
N ASP KA 55 -2.47 -12.74 48.13
CA ASP KA 55 -3.12 -13.03 49.44
C ASP KA 55 -2.12 -12.83 50.62
N ILE KA 56 -0.89 -13.31 50.45
CA ILE KA 56 0.15 -13.12 51.47
C ILE KA 56 0.52 -11.65 51.64
N MET KA 57 0.68 -10.96 50.54
CA MET KA 57 1.06 -9.51 50.57
C MET KA 57 -0.04 -8.67 51.27
N ALA KA 58 -1.27 -8.95 50.86
CA ALA KA 58 -2.42 -8.26 51.39
C ALA KA 58 -2.48 -8.47 52.89
N GLN KA 59 -2.32 -9.69 53.32
CA GLN KA 59 -2.33 -10.01 54.74
C GLN KA 59 -1.24 -9.26 55.48
N LEU KA 60 -0.06 -9.29 54.90
CA LEU KA 60 1.10 -8.55 55.47
C LEU KA 60 0.78 -7.06 55.62
N LEU KA 61 0.39 -6.46 54.50
CA LEU KA 61 0.01 -5.02 54.44
C LEU KA 61 -1.11 -4.60 55.41
N VAL KA 62 -2.06 -5.49 55.56
CA VAL KA 62 -3.20 -5.28 56.43
C VAL KA 62 -2.75 -5.33 57.89
N LEU KA 63 -2.03 -6.38 58.23
CA LEU KA 63 -1.48 -6.51 59.59
C LEU KA 63 -0.65 -5.28 59.98
N GLU KA 64 0.14 -4.75 59.04
CA GLU KA 64 0.94 -3.56 59.32
C GLU KA 64 0.00 -2.41 59.61
N SER KA 65 -0.96 -2.24 58.72
CA SER KA 65 -1.98 -1.16 58.87
C SER KA 65 -2.72 -1.24 60.22
N LEU KA 66 -3.02 -2.45 60.66
CA LEU KA 66 -3.72 -2.66 61.94
C LEU KA 66 -2.91 -2.30 63.18
N ASP KA 67 -1.59 -2.48 63.13
CA ASP KA 67 -0.69 -2.26 64.29
C ASP KA 67 0.80 -2.32 63.86
N PRO KA 68 1.36 -1.17 63.48
CA PRO KA 68 2.68 -1.19 62.84
C PRO KA 68 3.83 -1.56 63.74
N ASP KA 69 3.61 -1.57 65.05
CA ASP KA 69 4.73 -1.81 65.99
C ASP KA 69 4.88 -3.27 66.33
N ARG KA 70 3.76 -3.93 66.51
CA ARG KA 70 3.78 -5.36 66.83
C ARG KA 70 4.29 -6.26 65.67
N ASP KA 71 4.91 -7.36 66.08
CA ASP KA 71 5.52 -8.30 65.16
C ASP KA 71 4.51 -9.05 64.37
N ILE KA 72 4.93 -9.36 63.16
CA ILE KA 72 4.24 -10.33 62.28
C ILE KA 72 5.04 -11.59 62.20
N THR KA 73 4.34 -12.70 62.35
CA THR KA 73 4.97 -14.00 62.25
C THR KA 73 4.44 -14.66 60.97
N MET KA 74 5.31 -15.39 60.30
CA MET KA 74 5.01 -16.13 59.05
C MET KA 74 5.34 -17.59 59.23
N TYR KA 75 4.32 -18.40 59.26
CA TYR KA 75 4.48 -19.90 59.36
C TYR KA 75 4.66 -20.48 57.98
N ILE KA 76 5.74 -21.20 57.81
CA ILE KA 76 6.09 -21.65 56.48
C ILE KA 76 6.12 -23.18 56.40
N ASN KA 77 5.27 -23.72 55.54
CA ASN KA 77 5.35 -25.14 55.09
C ASN KA 77 4.98 -25.22 53.63
N SER KA 78 5.91 -24.92 52.76
CA SER KA 78 5.62 -24.67 51.36
C SER KA 78 6.66 -25.29 50.48
N PRO KA 79 6.24 -25.98 49.41
CA PRO KA 79 7.15 -26.64 48.52
C PRO KA 79 7.79 -25.65 47.56
N GLY KA 80 7.46 -24.39 47.66
CA GLY KA 80 8.14 -23.44 46.82
C GLY KA 80 7.19 -22.67 45.96
N GLY KA 81 7.64 -22.23 44.81
CA GLY KA 81 6.78 -21.37 43.98
C GLY KA 81 7.44 -20.36 43.08
N GLY KA 82 6.61 -19.58 42.41
CA GLY KA 82 7.03 -18.66 41.35
C GLY KA 82 8.06 -17.64 41.79
N PHE KA 83 8.97 -17.29 40.89
CA PHE KA 83 10.05 -16.34 41.22
C PHE KA 83 9.50 -14.94 41.27
N THR KA 84 8.66 -14.63 40.32
CA THR KA 84 8.14 -13.27 40.25
C THR KA 84 7.37 -12.92 41.58
N SER KA 85 6.69 -13.95 42.07
CA SER KA 85 5.93 -13.90 43.34
C SER KA 85 6.82 -13.84 44.58
N LEU KA 86 7.78 -14.74 44.63
CA LEU KA 86 8.86 -14.70 45.65
C LEU KA 86 9.32 -13.28 45.92
N MET KA 87 9.77 -12.60 44.89
CA MET KA 87 10.32 -11.24 45.05
C MET KA 87 9.32 -10.21 45.60
N ALA KA 88 8.10 -10.32 45.12
CA ALA KA 88 7.04 -9.42 45.53
C ALA KA 88 6.77 -9.58 47.03
N ILE KA 89 6.68 -10.83 47.47
CA ILE KA 89 6.42 -11.15 48.84
C ILE KA 89 7.55 -10.63 49.69
N TYR KA 90 8.74 -11.02 49.29
CA TYR KA 90 10.02 -10.53 49.89
C TYR KA 90 10.04 -9.02 50.07
N ASP KA 91 9.76 -8.30 49.00
CA ASP KA 91 9.81 -6.84 49.04
C ASP KA 91 8.82 -6.32 50.11
N THR KA 92 7.64 -6.93 50.11
CA THR KA 92 6.59 -6.55 51.05
C THR KA 92 7.05 -6.86 52.50
N MET KA 93 7.60 -8.06 52.71
CA MET KA 93 8.11 -8.48 54.05
C MET KA 93 9.01 -7.41 54.63
N GLN KA 94 9.91 -6.98 53.79
CA GLN KA 94 10.92 -5.99 54.25
C GLN KA 94 10.44 -4.65 54.38
N TYR KA 95 9.49 -4.35 53.53
CA TYR KA 95 8.95 -3.01 53.43
C TYR KA 95 8.13 -2.58 54.63
N VAL KA 96 7.31 -3.49 55.15
CA VAL KA 96 6.39 -3.13 56.26
C VAL KA 96 7.19 -2.73 57.50
N ARG KA 97 6.60 -1.85 58.31
CA ARG KA 97 7.25 -1.29 59.52
C ARG KA 97 7.62 -2.36 60.52
N ALA KA 98 6.75 -3.35 60.62
CA ALA KA 98 6.84 -4.38 61.64
C ALA KA 98 7.94 -5.37 61.37
N ASP KA 99 8.50 -5.89 62.44
CA ASP KA 99 9.44 -7.01 62.31
C ASP KA 99 8.73 -8.25 61.79
N ILE KA 100 9.48 -9.03 61.02
CA ILE KA 100 8.96 -10.32 60.60
C ILE KA 100 9.68 -11.50 61.15
N GLN KA 101 8.89 -12.37 61.73
CA GLN KA 101 9.37 -13.57 62.33
C GLN KA 101 8.99 -14.70 61.38
N THR KA 102 9.98 -15.45 60.91
CA THR KA 102 9.73 -16.59 60.05
C THR KA 102 9.94 -17.93 60.80
N VAL KA 103 8.96 -18.81 60.64
CA VAL KA 103 8.99 -20.14 61.26
C VAL KA 103 8.70 -21.28 60.31
N CYS KA 104 9.68 -22.12 60.07
CA CYS KA 104 9.52 -23.24 59.15
C CYS KA 104 9.02 -24.43 59.95
N LEU KA 105 7.88 -24.95 59.52
CA LEU KA 105 7.18 -26.00 60.27
C LEU KA 105 7.41 -27.34 59.70
N GLY KA 106 7.53 -27.40 58.39
CA GLY KA 106 7.77 -28.68 57.75
C GLY KA 106 8.87 -28.55 56.78
N GLN KA 107 8.54 -27.88 55.72
CA GLN KA 107 9.44 -27.73 54.65
C GLN KA 107 9.41 -26.29 54.24
N ALA KA 108 10.57 -25.77 53.90
CA ALA KA 108 10.66 -24.50 53.17
C ALA KA 108 11.56 -24.74 51.97
N ALA KA 109 10.93 -25.02 50.86
CA ALA KA 109 11.68 -25.34 49.63
C ALA KA 109 11.66 -24.22 48.59
N SER KA 110 12.74 -24.18 47.82
CA SER KA 110 12.86 -23.32 46.67
C SER KA 110 12.78 -21.85 47.08
N ALA KA 111 11.65 -21.25 46.76
CA ALA KA 111 11.33 -19.86 46.99
C ALA KA 111 11.10 -19.63 48.44
N ALA KA 112 10.34 -20.56 49.00
CA ALA KA 112 9.98 -20.57 50.42
C ALA KA 112 11.21 -20.51 51.29
N ALA KA 113 12.28 -21.12 50.81
CA ALA KA 113 13.55 -21.10 51.54
C ALA KA 113 14.06 -19.69 51.70
N VAL KA 114 14.03 -18.95 50.61
CA VAL KA 114 14.51 -17.56 50.56
C VAL KA 114 13.72 -16.71 51.51
N LEU KA 115 12.42 -16.92 51.47
CA LEU KA 115 11.48 -16.21 52.36
C LEU KA 115 11.79 -16.49 53.83
N LEU KA 116 11.97 -17.76 54.14
CA LEU KA 116 12.33 -18.19 55.49
C LEU KA 116 13.54 -17.40 55.93
N ALA KA 117 14.52 -17.41 55.04
CA ALA KA 117 15.81 -16.71 55.25
C ALA KA 117 15.66 -15.21 55.39
N ALA KA 118 14.63 -14.69 54.76
CA ALA KA 118 14.42 -13.24 54.65
C ALA KA 118 13.65 -12.59 55.81
N GLY KA 119 13.31 -13.37 56.81
CA GLY KA 119 12.75 -12.85 58.03
C GLY KA 119 13.76 -11.88 58.68
N THR KA 120 13.30 -11.10 59.67
CA THR KA 120 14.23 -10.19 60.36
C THR KA 120 15.21 -10.97 61.21
N PRO KA 121 16.50 -10.55 61.18
CA PRO KA 121 17.57 -11.33 61.81
C PRO KA 121 17.29 -11.49 63.26
N GLY KA 122 17.66 -12.63 63.81
CA GLY KA 122 17.24 -13.01 65.17
C GLY KA 122 15.94 -13.79 65.24
N LYS KA 123 15.07 -13.58 64.27
CA LYS KA 123 13.69 -14.12 64.32
C LYS KA 123 13.32 -15.23 63.33
N ARG KA 124 14.33 -15.95 62.86
CA ARG KA 124 14.13 -16.99 61.88
C ARG KA 124 14.31 -18.33 62.49
N MET KA 125 13.28 -19.15 62.36
CA MET KA 125 13.20 -20.44 63.06
C MET KA 125 12.74 -21.62 62.26
N ALA KA 126 13.04 -22.79 62.78
CA ALA KA 126 12.49 -24.02 62.24
C ALA KA 126 12.27 -25.06 63.35
N LEU KA 127 11.27 -25.90 63.18
CA LEU KA 127 11.08 -27.07 64.04
C LEU KA 127 12.19 -28.05 63.67
N PRO KA 128 12.57 -28.97 64.58
CA PRO KA 128 13.82 -29.77 64.41
C PRO KA 128 13.92 -30.65 63.18
N ASN KA 129 12.86 -31.40 62.89
CA ASN KA 129 12.83 -32.24 61.66
C ASN KA 129 12.37 -31.46 60.42
N ALA KA 130 12.47 -30.15 60.51
CA ALA KA 130 12.15 -29.34 59.33
C ALA KA 130 13.26 -29.50 58.36
N ARG KA 131 12.92 -29.13 57.15
CA ARG KA 131 13.71 -29.41 56.00
C ARG KA 131 13.70 -28.18 55.07
N VAL KA 132 14.92 -27.73 54.72
CA VAL KA 132 15.06 -26.56 53.86
C VAL KA 132 15.77 -26.95 52.61
N LEU KA 133 15.18 -26.63 51.47
CA LEU KA 133 15.81 -26.99 50.22
C LEU KA 133 16.02 -25.77 49.35
N ILE KA 134 17.24 -25.57 48.87
CA ILE KA 134 17.49 -24.50 47.95
C ILE KA 134 17.93 -25.00 46.63
N HIS KA 135 17.55 -24.29 45.58
CA HIS KA 135 18.00 -24.70 44.27
C HIS KA 135 17.78 -23.54 43.36
N GLN KA 136 18.41 -23.58 42.18
CA GLN KA 136 18.37 -22.43 41.29
C GLN KA 136 17.00 -22.48 40.58
N PRO KA 137 16.57 -21.36 39.99
CA PRO KA 137 15.32 -21.34 39.26
C PRO KA 137 15.27 -22.27 38.05
N SER KA 138 14.19 -23.04 38.00
CA SER KA 138 13.89 -23.92 36.88
C SER KA 138 12.69 -23.39 36.15
N LEU KA 139 12.56 -23.83 34.94
CA LEU KA 139 11.38 -23.58 34.15
C LEU KA 139 10.96 -24.92 33.60
N SER KA 140 9.98 -25.55 34.23
CA SER KA 140 9.46 -26.79 33.60
C SER KA 140 8.39 -26.29 32.67
N GLY KA 141 8.14 -27.05 31.61
CA GLY KA 141 7.42 -26.47 30.49
C GLY KA 141 8.35 -25.59 29.67
N VAL KA 142 7.91 -25.21 28.48
CA VAL KA 142 8.82 -24.62 27.51
C VAL KA 142 8.39 -23.24 27.15
N ILE KA 143 9.32 -22.32 27.08
CA ILE KA 143 9.06 -21.03 26.44
C ILE KA 143 9.53 -21.05 25.01
N GLN KA 144 8.54 -20.86 24.15
CA GLN KA 144 8.68 -20.91 22.69
C GLN KA 144 8.95 -19.49 22.15
N GLY KA 145 9.62 -19.39 21.01
CA GLY KA 145 9.85 -18.06 20.43
C GLY KA 145 10.96 -17.91 19.41
N GLN KA 146 10.98 -16.77 18.77
CA GLN KA 146 12.09 -16.41 17.91
C GLN KA 146 13.32 -16.35 18.80
N PHE KA 147 14.49 -16.59 18.20
CA PHE KA 147 15.75 -16.59 18.98
C PHE KA 147 15.89 -15.25 19.65
N SER KA 148 15.59 -14.18 18.93
CA SER KA 148 15.69 -12.81 19.49
C SER KA 148 14.90 -12.68 20.76
N ASP KA 149 13.73 -13.31 20.78
CA ASP KA 149 12.85 -13.27 21.96
C ASP KA 149 13.38 -14.14 23.05
N LEU KA 150 13.92 -15.27 22.62
CA LEU KA 150 14.45 -16.25 23.57
C LEU KA 150 15.69 -15.74 24.26
N GLU KA 151 16.49 -14.98 23.53
CA GLU KA 151 17.77 -14.49 24.06
C GLU KA 151 17.47 -13.44 25.17
N ILE KA 152 16.46 -12.65 24.93
CA ILE KA 152 15.98 -11.63 25.88
C ILE KA 152 15.48 -12.31 27.13
N GLN KA 153 14.71 -13.37 26.89
CA GLN KA 153 14.11 -14.25 27.96
C GLN KA 153 15.21 -14.95 28.81
N ALA KA 154 16.18 -15.55 28.12
CA ALA KA 154 17.37 -16.15 28.77
C ALA KA 154 18.13 -15.19 29.67
N ALA KA 155 18.39 -14.02 29.12
CA ALA KA 155 19.00 -12.88 29.83
C ALA KA 155 18.26 -12.55 31.12
N GLU KA 156 16.95 -12.39 31.00
CA GLU KA 156 16.09 -12.09 32.16
C GLU KA 156 16.16 -13.21 33.19
N ILE KA 157 16.29 -14.44 32.73
CA ILE KA 157 16.32 -15.60 33.63
C ILE KA 157 17.72 -15.66 34.32
N GLU KA 158 18.79 -15.24 33.67
CA GLU KA 158 20.13 -15.12 34.33
C GLU KA 158 20.09 -14.04 35.41
N ARG KA 159 19.33 -13.00 35.16
CA ARG KA 159 19.17 -11.90 36.13
C ARG KA 159 18.45 -12.35 37.36
N MET KA 160 17.37 -13.07 37.09
CA MET KA 160 16.47 -13.67 38.13
C MET KA 160 17.29 -14.62 38.97
N ARG KA 161 17.96 -15.55 38.34
CA ARG KA 161 18.93 -16.40 39.03
C ARG KA 161 19.88 -15.62 39.96
N THR KA 162 20.60 -14.66 39.41
CA THR KA 162 21.62 -13.88 40.21
C THR KA 162 20.93 -13.03 41.30
N LEU KA 163 19.68 -12.66 41.10
CA LEU KA 163 18.97 -11.90 42.13
C LEU KA 163 18.64 -12.79 43.32
N MET KA 164 18.29 -14.04 43.03
CA MET KA 164 18.03 -15.03 44.11
C MET KA 164 19.30 -15.14 44.93
N GLU KA 165 20.40 -15.22 44.24
CA GLU KA 165 21.72 -15.44 44.87
C GLU KA 165 22.16 -14.23 45.69
N THR KA 166 21.96 -13.06 45.12
CA THR KA 166 22.18 -11.78 45.83
C THR KA 166 21.40 -11.76 47.13
N THR KA 167 20.11 -12.05 47.03
CA THR KA 167 19.25 -11.79 48.18
C THR KA 167 19.43 -12.86 49.24
N LEU KA 168 19.82 -14.04 48.85
CA LEU KA 168 20.14 -15.05 49.85
C LEU KA 168 21.41 -14.68 50.54
N ALA KA 169 22.40 -14.31 49.74
CA ALA KA 169 23.69 -13.85 50.25
C ALA KA 169 23.48 -12.78 51.34
N ARG KA 170 22.66 -11.79 51.00
CA ARG KA 170 22.37 -10.64 51.91
C ARG KA 170 21.94 -11.19 53.25
N HIS KA 171 21.04 -12.13 53.24
CA HIS KA 171 20.42 -12.66 54.49
C HIS KA 171 21.10 -13.79 55.27
N THR KA 172 21.95 -14.53 54.56
CA THR KA 172 22.70 -15.66 55.12
C THR KA 172 24.08 -15.24 55.61
N GLY KA 173 24.55 -14.11 55.11
CA GLY KA 173 25.92 -13.63 55.37
C GLY KA 173 26.96 -14.31 54.50
N LYS KA 174 26.50 -15.02 53.48
CA LYS KA 174 27.39 -15.75 52.58
C LYS KA 174 27.67 -14.96 51.38
N ASP KA 175 28.66 -15.40 50.66
CA ASP KA 175 29.05 -14.73 49.44
C ASP KA 175 28.09 -15.17 48.33
N ALA KA 176 27.65 -14.23 47.51
CA ALA KA 176 26.79 -14.55 46.34
C ALA KA 176 27.31 -15.71 45.44
N GLY KA 177 28.59 -15.67 45.13
CA GLY KA 177 29.20 -16.71 44.29
C GLY KA 177 29.18 -18.08 44.93
N VAL KA 178 29.24 -18.08 46.26
CA VAL KA 178 29.17 -19.35 47.04
C VAL KA 178 27.77 -19.97 46.97
N ILE KA 179 26.78 -19.13 47.18
CA ILE KA 179 25.39 -19.53 46.98
C ILE KA 179 25.24 -20.18 45.60
N ARG KA 180 25.70 -19.50 44.57
CA ARG KA 180 25.56 -20.01 43.20
C ARG KA 180 26.14 -21.40 43.07
N LYS KA 181 27.33 -21.57 43.61
CA LYS KA 181 27.95 -22.85 43.57
C LYS KA 181 27.06 -23.87 44.31
N ASP KA 182 26.59 -23.52 45.51
CA ASP KA 182 25.89 -24.47 46.41
C ASP KA 182 24.48 -24.82 45.85
N THR KA 183 23.92 -23.91 45.05
CA THR KA 183 22.58 -24.09 44.42
C THR KA 183 22.57 -24.50 42.96
N ASP KA 184 23.74 -24.68 42.40
CA ASP KA 184 23.84 -25.14 41.01
C ASP KA 184 22.98 -26.42 40.83
N ARG KA 185 23.02 -27.22 41.87
CA ARG KA 185 22.29 -28.42 41.94
C ARG KA 185 21.43 -28.26 43.18
N ASP KA 186 20.50 -29.16 43.40
CA ASP KA 186 19.67 -29.06 44.65
C ASP KA 186 20.49 -29.24 45.92
N LYS KA 187 20.15 -28.43 46.90
CA LYS KA 187 20.81 -28.46 48.20
C LYS KA 187 19.86 -28.59 49.37
N ILE KA 188 19.90 -29.73 50.01
CA ILE KA 188 18.93 -30.04 51.07
C ILE KA 188 19.57 -29.84 52.42
N LEU KA 189 18.85 -29.16 53.30
CA LEU KA 189 19.34 -28.79 54.67
C LEU KA 189 18.41 -29.17 55.78
N THR KA 190 18.94 -29.88 56.76
CA THR KA 190 18.21 -30.16 58.00
C THR KA 190 18.07 -28.84 58.69
N ALA KA 191 17.20 -28.79 59.67
CA ALA KA 191 17.06 -27.56 60.45
C ALA KA 191 18.41 -27.07 61.02
N GLU KA 192 19.18 -27.98 61.62
CA GLU KA 192 20.55 -27.67 62.15
C GLU KA 192 21.46 -27.11 61.06
N GLU KA 193 21.54 -27.85 59.96
CA GLU KA 193 22.32 -27.42 58.79
C GLU KA 193 21.91 -26.00 58.27
N ALA KA 194 20.62 -25.75 58.32
CA ALA KA 194 20.03 -24.50 57.82
C ALA KA 194 20.40 -23.34 58.68
N LYS KA 195 20.56 -23.64 59.93
CA LYS KA 195 21.06 -22.63 60.89
C LYS KA 195 22.51 -22.29 60.60
N ASP KA 196 23.32 -23.33 60.42
CA ASP KA 196 24.72 -23.20 60.07
C ASP KA 196 24.88 -22.43 58.82
N TYR KA 197 23.99 -22.67 57.89
CA TYR KA 197 24.06 -22.03 56.56
C TYR KA 197 23.67 -20.58 56.67
N GLY KA 198 23.05 -20.24 57.76
CA GLY KA 198 22.62 -18.84 58.01
C GLY KA 198 21.24 -18.49 57.47
N ILE KA 199 20.42 -19.51 57.32
CA ILE KA 199 19.06 -19.36 56.78
C ILE KA 199 18.03 -19.14 57.90
N ILE KA 200 18.31 -19.76 59.02
CA ILE KA 200 17.51 -19.55 60.22
C ILE KA 200 18.47 -19.24 61.36
N ASP KA 201 17.93 -18.66 62.42
CA ASP KA 201 18.74 -18.27 63.56
C ASP KA 201 18.72 -19.32 64.64
N THR KA 202 17.53 -19.79 64.95
CA THR KA 202 17.39 -20.79 66.02
C THR KA 202 16.53 -21.96 65.57
N VAL KA 203 16.78 -23.08 66.20
CA VAL KA 203 15.96 -24.26 65.95
C VAL KA 203 15.08 -24.44 67.14
N LEU KA 204 13.79 -24.41 66.93
CA LEU KA 204 12.86 -24.56 68.04
C LEU KA 204 12.98 -25.92 68.74
N GLU KA 205 13.04 -25.86 70.06
CA GLU KA 205 13.00 -27.07 70.85
C GLU KA 205 11.56 -27.26 71.26
N TYR KA 206 11.19 -28.52 71.46
CA TYR KA 206 9.81 -28.84 71.88
C TYR KA 206 9.52 -28.23 73.26
N ARG KA 207 8.32 -27.69 73.48
CA ARG KA 207 7.89 -27.17 74.83
C ARG KA 207 6.95 -28.10 75.58
N LYS KA 208 7.03 -29.40 75.37
CA LYS KA 208 6.05 -30.28 76.09
C LYS KA 208 6.22 -30.14 77.59
N LEU KA 209 5.11 -29.95 78.27
CA LEU KA 209 5.13 -29.81 79.75
C LEU KA 209 5.62 -31.08 80.46
N SER KA 210 5.51 -32.25 79.80
CA SER KA 210 6.22 -33.45 80.22
C SER KA 210 7.77 -33.27 79.84
N ALA KA 211 8.39 -32.24 80.42
CA ALA KA 211 9.81 -31.82 80.22
C ALA KA 211 10.73 -32.00 81.48
N GLN KA 212 11.68 -32.94 81.41
CA GLN KA 212 12.68 -33.29 82.47
C GLN KA 212 14.03 -32.64 82.13
N THR KA 213 14.23 -31.43 82.66
CA THR KA 213 15.35 -30.55 82.24
C THR KA 213 15.84 -29.59 83.40
N ALA KA 214 16.17 -30.16 84.55
CA ALA KA 214 16.59 -29.38 85.73
C ALA KA 214 17.73 -28.40 85.41
N LEU LA 2 10.50 -21.38 40.27
CA LEU LA 2 9.94 -21.91 39.01
C LEU LA 2 9.38 -20.69 38.31
N LEU LA 3 9.36 -20.71 36.97
CA LEU LA 3 9.08 -19.52 36.18
C LEU LA 3 8.24 -19.93 34.97
N ILE MA 15 -6.65 -20.26 50.70
CA ILE MA 15 -7.04 -19.89 52.11
C ILE MA 15 -6.58 -18.46 52.52
N LEU MA 16 -7.60 -17.69 52.86
CA LEU MA 16 -7.49 -16.23 53.12
C LEU MA 16 -8.27 -15.86 54.37
N PRO MA 17 -7.58 -15.50 55.45
CA PRO MA 17 -8.33 -15.33 56.68
C PRO MA 17 -9.18 -14.08 56.71
N SER MA 18 -10.23 -14.13 57.52
CA SER MA 18 -10.95 -12.93 57.91
C SER MA 18 -10.74 -12.72 59.40
N PHE MA 19 -11.04 -11.52 59.81
CA PHE MA 19 -10.73 -11.04 61.17
C PHE MA 19 -11.77 -10.00 61.51
N ILE MA 20 -11.74 -9.55 62.75
CA ILE MA 20 -12.78 -8.67 63.29
C ILE MA 20 -12.19 -7.37 63.82
N GLU MA 21 -12.88 -6.26 63.59
CA GLU MA 21 -12.44 -4.97 64.14
C GLU MA 21 -13.33 -4.39 65.26
N HIS MA 22 -12.77 -4.39 66.48
CA HIS MA 22 -13.27 -3.60 67.66
C HIS MA 22 -13.51 -2.10 67.33
N SER MA 23 -14.53 -1.56 67.98
CA SER MA 23 -14.80 -0.10 68.09
C SER MA 23 -15.93 0.15 69.11
N SER MA 24 -16.03 1.38 69.61
CA SER MA 24 -17.13 1.77 70.54
C SER MA 24 -18.53 1.78 69.84
N PHE MA 25 -18.52 1.79 68.52
CA PHE MA 25 -19.76 1.90 67.70
C PHE MA 25 -20.37 0.50 67.48
N GLY MA 26 -19.48 -0.44 67.23
CA GLY MA 26 -19.85 -1.78 66.88
C GLY MA 26 -18.65 -2.58 66.45
N VAL MA 27 -18.92 -3.81 66.07
CA VAL MA 27 -17.87 -4.80 65.79
C VAL MA 27 -18.09 -5.38 64.37
N LYS MA 28 -17.12 -5.18 63.47
CA LYS MA 28 -17.29 -5.61 62.05
C LYS MA 28 -16.27 -6.66 61.59
N GLU MA 29 -16.76 -7.60 60.80
CA GLU MA 29 -15.93 -8.63 60.16
C GLU MA 29 -15.36 -8.11 58.81
N SER MA 30 -14.09 -8.35 58.54
CA SER MA 30 -13.58 -8.09 57.16
C SER MA 30 -12.38 -9.00 56.71
N ASN MA 31 -12.21 -9.10 55.38
CA ASN MA 31 -11.01 -9.67 54.72
C ASN MA 31 -9.90 -8.70 54.68
N PRO MA 32 -8.74 -9.18 54.23
CA PRO MA 32 -7.69 -8.29 53.87
C PRO MA 32 -8.06 -7.45 52.67
N TYR MA 33 -8.79 -8.04 51.74
CA TYR MA 33 -9.05 -7.32 50.48
C TYR MA 33 -10.06 -6.22 50.74
N ASN MA 34 -10.94 -6.49 51.69
CA ASN MA 34 -12.00 -5.52 52.05
C ASN MA 34 -11.49 -4.39 52.85
N LYS MA 35 -10.68 -4.75 53.83
CA LYS MA 35 -9.92 -3.79 54.64
C LYS MA 35 -9.09 -2.90 53.72
N LEU MA 36 -8.45 -3.52 52.76
CA LEU MA 36 -7.70 -2.75 51.73
C LEU MA 36 -8.63 -1.77 50.99
N PHE MA 37 -9.79 -2.27 50.60
CA PHE MA 37 -10.74 -1.47 49.85
C PHE MA 37 -11.32 -0.36 50.73
N GLU MA 38 -11.49 -0.68 51.99
CA GLU MA 38 -12.00 0.30 52.96
C GLU MA 38 -11.11 1.50 53.00
N GLU MA 39 -9.85 1.25 52.71
CA GLU MA 39 -8.77 2.28 52.71
C GLU MA 39 -8.44 2.84 51.33
N ARG MA 40 -9.38 2.65 50.43
CA ARG MA 40 -9.32 3.13 49.05
C ARG MA 40 -8.20 2.51 48.23
N ILE MA 41 -7.93 1.25 48.55
CA ILE MA 41 -6.95 0.50 47.77
C ILE MA 41 -7.63 -0.59 46.97
N ILE MA 42 -7.42 -0.52 45.66
CA ILE MA 42 -7.95 -1.51 44.71
C ILE MA 42 -6.83 -2.46 44.29
N PHE MA 43 -7.05 -3.76 44.36
CA PHE MA 43 -5.96 -4.70 44.07
C PHE MA 43 -6.04 -5.30 42.68
N LEU MA 44 -5.02 -5.04 41.90
CA LEU MA 44 -4.95 -5.56 40.54
C LEU MA 44 -3.92 -6.68 40.46
N GLY MA 45 -4.40 -7.90 40.67
CA GLY MA 45 -3.52 -9.10 40.83
C GLY MA 45 -3.68 -10.20 39.80
N VAL MA 46 -4.85 -10.32 39.22
CA VAL MA 46 -5.04 -11.35 38.21
C VAL MA 46 -4.56 -10.79 36.91
N GLN MA 47 -4.71 -11.64 35.90
CA GLN MA 47 -4.65 -11.25 34.48
C GLN MA 47 -5.91 -10.49 34.12
N VAL MA 48 -5.68 -9.34 33.52
CA VAL MA 48 -6.69 -8.34 33.11
C VAL MA 48 -7.61 -8.91 32.00
N ASP MA 49 -8.39 -9.92 32.35
CA ASP MA 49 -9.45 -10.39 31.44
C ASP MA 49 -10.66 -9.40 31.46
N ASP MA 50 -11.61 -9.53 30.52
CA ASP MA 50 -12.80 -8.62 30.47
C ASP MA 50 -13.58 -8.60 31.84
N ALA MA 51 -13.72 -9.75 32.46
CA ALA MA 51 -14.39 -9.90 33.77
C ALA MA 51 -13.76 -9.06 34.84
N SER MA 52 -12.48 -9.29 35.06
CA SER MA 52 -11.71 -8.58 36.10
C SER MA 52 -11.72 -7.05 35.88
N ALA MA 53 -11.68 -6.67 34.62
CA ALA MA 53 -11.61 -5.25 34.23
C ALA MA 53 -12.85 -4.51 34.67
N ASN MA 54 -13.99 -5.15 34.46
CA ASN MA 54 -15.28 -4.61 34.96
C ASN MA 54 -15.27 -4.40 36.48
N ASP MA 55 -14.79 -5.42 37.17
CA ASP MA 55 -14.65 -5.40 38.63
C ASP MA 55 -13.77 -4.21 39.07
N ILE MA 56 -12.68 -3.99 38.35
CA ILE MA 56 -11.76 -2.86 38.66
C ILE MA 56 -12.49 -1.54 38.41
N MET MA 57 -13.23 -1.47 37.32
CA MET MA 57 -13.86 -0.20 36.93
C MET MA 57 -14.92 0.15 37.96
N ALA MA 58 -15.68 -0.86 38.30
CA ALA MA 58 -16.79 -0.73 39.26
C ALA MA 58 -16.28 -0.27 40.59
N GLN MA 59 -15.23 -0.91 41.04
CA GLN MA 59 -14.52 -0.49 42.28
C GLN MA 59 -14.05 0.98 42.21
N LEU MA 60 -13.42 1.34 41.10
CA LEU MA 60 -12.97 2.74 40.86
C LEU MA 60 -14.14 3.70 40.93
N LEU MA 61 -15.16 3.42 40.12
CA LEU MA 61 -16.40 4.26 40.06
C LEU MA 61 -17.10 4.43 41.43
N VAL MA 62 -17.11 3.33 42.18
CA VAL MA 62 -17.78 3.28 43.48
C VAL MA 62 -17.02 4.09 44.46
N LEU MA 63 -15.71 3.87 44.51
CA LEU MA 63 -14.83 4.70 45.38
C LEU MA 63 -14.97 6.20 45.11
N GLU MA 64 -15.11 6.57 43.84
CA GLU MA 64 -15.32 7.99 43.49
C GLU MA 64 -16.63 8.50 44.03
N SER MA 65 -17.66 7.75 43.74
CA SER MA 65 -19.01 8.02 44.26
C SER MA 65 -19.01 8.16 45.82
N LEU MA 66 -18.26 7.32 46.53
CA LEU MA 66 -18.22 7.37 48.01
C LEU MA 66 -17.54 8.58 48.59
N ASP MA 67 -16.56 9.12 47.88
CA ASP MA 67 -15.74 10.27 48.34
C ASP MA 67 -14.83 10.81 47.22
N PRO MA 68 -15.35 11.80 46.44
CA PRO MA 68 -14.64 12.20 45.22
C PRO MA 68 -13.36 12.98 45.43
N ASP MA 69 -13.13 13.43 46.64
CA ASP MA 69 -11.91 14.22 46.89
C ASP MA 69 -10.71 13.37 47.31
N ARG MA 70 -10.95 12.38 48.15
CA ARG MA 70 -9.87 11.50 48.60
C ARG MA 70 -9.26 10.61 47.48
N ASP MA 71 -7.97 10.34 47.64
CA ASP MA 71 -7.19 9.57 46.68
C ASP MA 71 -7.58 8.12 46.65
N ILE MA 72 -7.47 7.57 45.44
CA ILE MA 72 -7.59 6.12 45.21
C ILE MA 72 -6.22 5.61 44.90
N THR MA 73 -5.90 4.50 45.54
CA THR MA 73 -4.63 3.86 45.30
C THR MA 73 -4.89 2.46 44.68
N MET MA 74 -4.02 2.09 43.75
CA MET MA 74 -4.13 0.88 42.94
C MET MA 74 -2.86 0.05 43.10
N TYR MA 75 -2.99 -1.10 43.75
CA TYR MA 75 -1.88 -2.02 43.96
C TYR MA 75 -1.79 -2.97 42.78
N ILE MA 76 -0.63 -3.01 42.15
CA ILE MA 76 -0.47 -3.73 40.92
C ILE MA 76 0.56 -4.84 41.02
N ASN MA 77 0.08 -6.04 40.78
CA ASN MA 77 0.95 -7.20 40.59
C ASN MA 77 0.27 -8.08 39.60
N SER MA 78 0.43 -7.76 38.35
CA SER MA 78 -0.34 -8.38 37.30
C SER MA 78 0.50 -8.70 36.10
N PRO MA 79 0.31 -9.88 35.49
CA PRO MA 79 1.13 -10.29 34.37
C PRO MA 79 0.60 -9.72 33.09
N GLY MA 80 -0.43 -8.91 33.17
CA GLY MA 80 -0.84 -8.21 31.98
C GLY MA 80 -2.26 -8.50 31.67
N GLY MA 81 -2.61 -8.49 30.39
CA GLY MA 81 -4.01 -8.71 30.01
C GLY MA 81 -4.52 -8.06 28.75
N GLY MA 82 -5.81 -8.23 28.53
CA GLY MA 82 -6.48 -7.80 27.29
C GLY MA 82 -6.34 -6.31 26.98
N PHE MA 83 -6.24 -5.98 25.70
CA PHE MA 83 -6.05 -4.58 25.29
C PHE MA 83 -7.35 -3.82 25.43
N THR MA 84 -8.42 -4.45 25.01
CA THR MA 84 -9.72 -3.78 25.05
C THR MA 84 -10.07 -3.34 26.52
N SER MA 85 -9.68 -4.22 27.43
CA SER MA 85 -9.82 -4.03 28.87
C SER MA 85 -8.89 -2.96 29.43
N LEU MA 86 -7.63 -3.07 29.10
CA LEU MA 86 -6.60 -2.02 29.40
C LEU MA 86 -7.15 -0.64 29.19
N MET MA 87 -7.64 -0.39 28.00
CA MET MA 87 -8.14 0.95 27.66
C MET MA 87 -9.32 1.42 28.50
N ALA MA 88 -10.21 0.50 28.76
CA ALA MA 88 -11.41 0.79 29.55
C ALA MA 88 -11.03 1.19 30.97
N ILE MA 89 -10.10 0.44 31.52
CA ILE MA 89 -9.63 0.67 32.88
C ILE MA 89 -8.92 2.02 32.95
N TYR MA 90 -7.99 2.19 32.04
CA TYR MA 90 -7.30 3.46 31.80
C TYR MA 90 -8.23 4.66 31.71
N ASP MA 91 -9.25 4.56 30.86
CA ASP MA 91 -10.21 5.68 30.72
C ASP MA 91 -10.90 6.01 32.05
N THR MA 92 -11.25 4.95 32.77
CA THR MA 92 -11.92 5.10 34.04
C THR MA 92 -10.98 5.78 35.06
N MET MA 93 -9.75 5.31 35.10
CA MET MA 93 -8.73 5.85 36.04
C MET MA 93 -8.62 7.35 35.89
N GLN MA 94 -8.43 7.74 34.64
CA GLN MA 94 -8.24 9.15 34.28
C GLN MA 94 -9.53 9.95 34.51
N TYR MA 95 -10.66 9.29 34.28
CA TYR MA 95 -11.99 9.93 34.30
C TYR MA 95 -12.48 10.35 35.69
N VAL MA 96 -12.27 9.50 36.68
CA VAL MA 96 -12.80 9.77 38.03
C VAL MA 96 -12.16 11.04 38.59
N ARG MA 97 -12.91 11.72 39.46
CA ARG MA 97 -12.48 13.01 40.06
C ARG MA 97 -11.19 12.88 40.88
N ALA MA 98 -11.10 11.75 41.55
CA ALA MA 98 -10.04 11.51 42.51
C ALA MA 98 -8.72 11.22 41.86
N ASP MA 99 -7.67 11.61 42.56
CA ASP MA 99 -6.35 11.25 42.09
C ASP MA 99 -6.14 9.75 42.18
N ILE MA 100 -5.34 9.23 41.26
CA ILE MA 100 -4.96 7.83 41.32
C ILE MA 100 -3.48 7.65 41.63
N GLN MA 101 -3.25 6.86 42.65
CA GLN MA 101 -1.93 6.45 43.04
C GLN MA 101 -1.69 5.00 42.61
N THR MA 102 -0.67 4.75 41.80
CA THR MA 102 -0.35 3.41 41.35
C THR MA 102 0.93 2.89 42.01
N VAL MA 103 0.82 1.66 42.51
CA VAL MA 103 1.91 1.01 43.23
C VAL MA 103 2.19 -0.38 42.75
N CYS MA 104 3.36 -0.59 42.15
CA CYS MA 104 3.72 -1.91 41.64
C CYS MA 104 4.41 -2.64 42.71
N LEU MA 105 3.88 -3.81 43.01
CA LEU MA 105 4.36 -4.60 44.14
C LEU MA 105 5.26 -5.70 43.72
N GLY MA 106 4.95 -6.26 42.56
CA GLY MA 106 5.77 -7.38 42.07
C GLY MA 106 6.14 -7.17 40.65
N GLN MA 107 5.15 -7.39 39.82
CA GLN MA 107 5.33 -7.26 38.37
C GLN MA 107 4.20 -6.41 37.86
N ALA MA 108 4.53 -5.56 36.93
CA ALA MA 108 3.52 -4.88 36.14
C ALA MA 108 3.91 -5.09 34.70
N ALA MA 109 3.32 -6.11 34.10
CA ALA MA 109 3.68 -6.51 32.75
C ALA MA 109 2.62 -6.20 31.74
N SER MA 110 3.08 -5.97 30.52
CA SER MA 110 2.22 -5.80 29.38
C SER MA 110 1.30 -4.56 29.55
N ALA MA 111 0.02 -4.86 29.80
CA ALA MA 111 -1.07 -3.91 29.97
C ALA MA 111 -0.94 -3.21 31.29
N ALA MA 112 -0.65 -4.02 32.28
CA ALA MA 112 -0.45 -3.59 33.67
C ALA MA 112 0.61 -2.50 33.75
N ALA MA 113 1.57 -2.58 32.85
CA ALA MA 113 2.65 -1.59 32.82
C ALA MA 113 2.11 -0.22 32.48
N VAL MA 114 1.25 -0.21 31.46
CA VAL MA 114 0.63 1.04 30.99
C VAL MA 114 -0.23 1.68 32.08
N LEU MA 115 -0.98 0.83 32.75
CA LEU MA 115 -1.80 1.25 33.92
C LEU MA 115 -0.94 1.84 35.03
N LEU MA 116 0.13 1.14 35.39
CA LEU MA 116 1.09 1.62 36.39
C LEU MA 116 1.49 3.03 36.01
N ALA MA 117 1.89 3.15 34.76
CA ALA MA 117 2.35 4.43 34.18
C ALA MA 117 1.29 5.48 34.16
N ALA MA 118 0.05 5.03 34.08
CA ALA MA 118 -1.10 5.93 33.88
C ALA MA 118 -1.67 6.53 35.16
N GLY MA 119 -1.05 6.25 36.29
CA GLY MA 119 -1.43 6.87 37.56
C GLY MA 119 -1.21 8.37 37.45
N THR MA 120 -1.74 9.13 38.40
CA THR MA 120 -1.51 10.61 38.36
C THR MA 120 -0.06 10.93 38.66
N PRO MA 121 0.50 11.88 37.89
CA PRO MA 121 1.92 12.19 38.00
C PRO MA 121 2.27 12.60 39.39
N GLY MA 122 3.45 12.20 39.82
CA GLY MA 122 3.84 12.30 41.24
C GLY MA 122 3.52 11.08 42.09
N LYS MA 123 2.51 10.33 41.69
CA LYS MA 123 1.99 9.23 42.55
C LYS MA 123 2.18 7.78 42.05
N ARG MA 124 3.17 7.58 41.21
CA ARG MA 124 3.45 6.29 40.63
C ARG MA 124 4.67 5.66 41.23
N MET MA 125 4.49 4.46 41.77
CA MET MA 125 5.53 3.81 42.58
C MET MA 125 5.78 2.36 42.29
N ALA MA 126 6.91 1.91 42.76
CA ALA MA 126 7.19 0.49 42.76
C ALA MA 126 8.10 0.13 43.94
N LEU MA 127 7.93 -1.09 44.43
CA LEU MA 127 8.87 -1.65 45.41
C LEU MA 127 10.16 -1.96 44.67
N PRO MA 128 11.31 -1.99 45.37
CA PRO MA 128 12.65 -1.98 44.70
C PRO MA 128 12.94 -3.13 43.72
N ASN MA 129 12.63 -4.35 44.11
CA ASN MA 129 12.81 -5.50 43.21
C ASN MA 129 11.59 -5.74 42.34
N ALA MA 130 10.79 -4.72 42.20
CA ALA MA 130 9.68 -4.84 41.29
C ALA MA 130 10.25 -4.80 39.91
N ARG MA 131 9.39 -5.22 39.02
CA ARG MA 131 9.75 -5.51 37.66
C ARG MA 131 8.63 -5.03 36.72
N VAL MA 132 9.03 -4.26 35.73
CA VAL MA 132 8.06 -3.74 34.76
C VAL MA 132 8.43 -4.24 33.40
N LEU MA 133 7.46 -4.83 32.71
CA LEU MA 133 7.75 -5.30 31.34
C LEU MA 133 6.80 -4.70 30.32
N ILE MA 134 7.35 -4.11 29.25
CA ILE MA 134 6.51 -3.57 28.18
C ILE MA 134 6.79 -4.25 26.92
N HIS MA 135 5.73 -4.42 26.14
CA HIS MA 135 5.91 -5.11 24.86
C HIS MA 135 4.69 -4.80 24.04
N GLN MA 136 4.78 -5.05 22.74
CA GLN MA 136 3.69 -4.64 21.84
C GLN MA 136 2.59 -5.71 21.97
N PRO MA 137 1.37 -5.41 21.52
CA PRO MA 137 0.28 -6.36 21.58
C PRO MA 137 0.49 -7.56 20.71
N SER MA 138 0.30 -8.71 21.32
CA SER MA 138 0.38 -10.03 20.66
C SER MA 138 -0.98 -10.59 20.60
N LEU MA 139 -1.13 -11.55 19.72
CA LEU MA 139 -2.33 -12.31 19.64
C LEU MA 139 -1.84 -13.73 19.63
N SER MA 140 -1.90 -14.40 20.77
CA SER MA 140 -1.69 -15.85 20.74
C SER MA 140 -3.05 -16.44 20.43
N GLY MA 141 -3.05 -17.61 19.80
CA GLY MA 141 -4.28 -18.08 19.15
C GLY MA 141 -4.45 -17.36 17.84
N VAL MA 142 -5.36 -17.86 17.01
CA VAL MA 142 -5.43 -17.42 15.63
C VAL MA 142 -6.78 -16.80 15.33
N ILE MA 143 -6.78 -15.68 14.63
CA ILE MA 143 -8.03 -15.16 14.05
C ILE MA 143 -8.15 -15.56 12.59
N GLN MA 144 -9.21 -16.31 12.35
CA GLN MA 144 -9.48 -16.95 11.08
C GLN MA 144 -10.41 -16.07 10.27
N GLY MA 145 -10.35 -16.16 8.95
CA GLY MA 145 -11.25 -15.33 8.16
C GLY MA 145 -10.90 -15.13 6.71
N GLN MA 146 -11.86 -14.60 5.98
CA GLN MA 146 -11.58 -14.12 4.66
C GLN MA 146 -10.54 -13.02 4.77
N PHE MA 147 -9.78 -12.84 3.70
CA PHE MA 147 -8.71 -11.80 3.67
C PHE MA 147 -9.32 -10.44 3.94
N SER MA 148 -10.46 -10.16 3.34
CA SER MA 148 -11.16 -8.88 3.58
C SER MA 148 -11.39 -8.61 5.05
N ASP MA 149 -11.75 -9.64 5.76
CA ASP MA 149 -12.02 -9.55 7.21
C ASP MA 149 -10.74 -9.39 7.95
N LEU MA 150 -9.73 -10.10 7.46
CA LEU MA 150 -8.43 -10.13 8.13
C LEU MA 150 -7.72 -8.82 7.95
N GLU MA 151 -7.96 -8.16 6.81
CA GLU MA 151 -7.27 -6.86 6.48
C GLU MA 151 -7.84 -5.78 7.45
N ILE MA 152 -9.13 -5.87 7.69
CA ILE MA 152 -9.85 -4.98 8.63
C ILE MA 152 -9.34 -5.17 10.04
N GLN MA 153 -9.23 -6.44 10.39
CA GLN MA 153 -8.68 -6.84 11.67
C GLN MA 153 -7.27 -6.34 11.90
N ALA MA 154 -6.41 -6.63 10.94
CA ALA MA 154 -5.00 -6.22 10.99
C ALA MA 154 -4.90 -4.72 11.23
N ALA MA 155 -5.71 -3.98 10.47
CA ALA MA 155 -5.81 -2.52 10.58
C ALA MA 155 -6.13 -2.06 11.98
N GLU MA 156 -7.15 -2.69 12.53
CA GLU MA 156 -7.58 -2.41 13.90
C GLU MA 156 -6.49 -2.73 14.90
N ILE MA 157 -5.71 -3.76 14.61
CA ILE MA 157 -4.57 -4.09 15.51
C ILE MA 157 -3.45 -3.05 15.43
N GLU MA 158 -3.18 -2.50 14.25
CA GLU MA 158 -2.13 -1.48 14.09
C GLU MA 158 -2.55 -0.27 14.87
N ARG MA 159 -3.86 -0.02 14.89
CA ARG MA 159 -4.42 1.13 15.63
C ARG MA 159 -4.20 0.97 17.12
N MET MA 160 -4.53 -0.24 17.56
CA MET MA 160 -4.45 -0.64 18.97
C MET MA 160 -3.02 -0.50 19.39
N ARG MA 161 -2.13 -1.11 18.62
CA ARG MA 161 -0.67 -0.92 18.84
C ARG MA 161 -0.26 0.55 19.02
N THR MA 162 -0.60 1.36 18.04
CA THR MA 162 -0.18 2.80 18.07
C THR MA 162 -0.90 3.55 19.22
N LEU MA 163 -2.06 3.07 19.63
CA LEU MA 163 -2.74 3.71 20.78
C LEU MA 163 -1.99 3.43 22.08
N MET MA 164 -1.45 2.21 22.20
CA MET MA 164 -0.65 1.85 23.36
C MET MA 164 0.53 2.77 23.42
N GLU MA 165 1.12 2.98 22.27
CA GLU MA 165 2.35 3.81 22.13
C GLU MA 165 2.06 5.27 22.42
N THR MA 166 0.96 5.77 21.90
CA THR MA 166 0.47 7.14 22.21
C THR MA 166 0.33 7.34 23.72
N THR MA 167 -0.40 6.42 24.34
CA THR MA 167 -0.82 6.67 25.71
C THR MA 167 0.34 6.44 26.68
N LEU MA 168 1.28 5.61 26.31
CA LEU MA 168 2.50 5.51 27.11
C LEU MA 168 3.32 6.76 26.97
N ALA MA 169 3.47 7.20 25.73
CA ALA MA 169 4.20 8.45 25.40
C ALA MA 169 3.66 9.61 26.22
N ARG MA 170 2.33 9.73 26.22
CA ARG MA 170 1.63 10.77 27.05
C ARG MA 170 2.14 10.74 28.48
N HIS MA 171 2.16 9.58 29.09
CA HIS MA 171 2.47 9.44 30.55
C HIS MA 171 3.94 9.36 30.98
N THR MA 172 4.79 8.97 30.04
CA THR MA 172 6.23 8.78 30.29
C THR MA 172 7.01 10.00 29.94
N GLY MA 173 6.41 10.83 29.10
CA GLY MA 173 7.08 12.01 28.52
C GLY MA 173 7.96 11.68 27.34
N LYS MA 174 7.84 10.46 26.85
CA LYS MA 174 8.66 9.99 25.73
C LYS MA 174 7.95 10.17 24.43
N ASP MA 175 8.72 10.08 23.33
CA ASP MA 175 8.15 10.17 21.94
C ASP MA 175 7.47 8.86 21.69
N ALA MA 176 6.30 8.94 21.09
CA ALA MA 176 5.60 7.75 20.62
C ALA MA 176 6.47 6.80 19.76
N GLY MA 177 7.21 7.39 18.82
CA GLY MA 177 8.07 6.61 17.92
C GLY MA 177 9.18 5.89 18.68
N VAL MA 178 9.61 6.49 19.76
CA VAL MA 178 10.65 5.88 20.63
C VAL MA 178 10.10 4.65 21.39
N ILE MA 179 8.94 4.84 21.98
CA ILE MA 179 8.24 3.76 22.58
C ILE MA 179 8.16 2.59 21.59
N ARG MA 180 7.69 2.88 20.39
CA ARG MA 180 7.51 1.81 19.37
C ARG MA 180 8.80 1.00 19.14
N LYS MA 181 9.89 1.73 19.01
CA LYS MA 181 11.17 1.11 18.86
C LYS MA 181 11.48 0.25 20.07
N ASP MA 182 11.30 0.81 21.26
CA ASP MA 182 11.69 0.11 22.52
C ASP MA 182 10.81 -1.11 22.81
N THR MA 183 9.59 -1.10 22.32
CA THR MA 183 8.60 -2.20 22.52
C THR MA 183 8.43 -3.15 21.35
N ASP MA 184 9.20 -2.93 20.32
CA ASP MA 184 9.15 -3.83 19.16
C ASP MA 184 9.41 -5.27 19.60
N ARG MA 185 10.28 -5.38 20.57
CA ARG MA 185 10.59 -6.62 21.20
C ARG MA 185 10.27 -6.40 22.67
N ASP MA 186 10.31 -7.43 23.46
CA ASP MA 186 10.06 -7.24 24.92
C ASP MA 186 11.12 -6.38 25.63
N LYS MA 187 10.65 -5.53 26.52
CA LYS MA 187 11.49 -4.61 27.25
C LYS MA 187 11.29 -4.66 28.73
N ILE MA 188 12.28 -5.17 29.42
CA ILE MA 188 12.15 -5.42 30.84
C ILE MA 188 12.86 -4.33 31.60
N LEU MA 189 12.18 -3.83 32.63
CA LEU MA 189 12.68 -2.73 33.48
C LEU MA 189 12.67 -3.07 34.94
N THR MA 190 13.82 -2.87 35.56
CA THR MA 190 13.96 -2.85 36.99
C THR MA 190 13.21 -1.61 37.53
N ALA MA 191 12.90 -1.59 38.82
CA ALA MA 191 12.16 -0.45 39.36
C ALA MA 191 12.87 0.85 39.06
N GLU MA 192 14.17 0.84 39.28
CA GLU MA 192 15.04 2.04 38.95
C GLU MA 192 14.92 2.45 37.47
N GLU MA 193 15.13 1.48 36.61
CA GLU MA 193 15.03 1.67 35.17
C GLU MA 193 13.67 2.25 34.76
N ALA MA 194 12.65 1.78 35.43
CA ALA MA 194 11.27 2.14 35.16
C ALA MA 194 11.02 3.58 35.52
N LYS MA 195 11.73 4.02 36.53
CA LYS MA 195 11.63 5.40 36.97
C LYS MA 195 12.29 6.28 35.93
N ASP MA 196 13.46 5.87 35.50
CA ASP MA 196 14.19 6.55 34.41
C ASP MA 196 13.40 6.65 33.18
N TYR MA 197 12.69 5.58 32.88
CA TYR MA 197 11.90 5.51 31.67
C TYR MA 197 10.68 6.42 31.77
N GLY MA 198 10.35 6.81 32.97
CA GLY MA 198 9.21 7.70 33.19
C GLY MA 198 7.90 6.97 33.40
N ILE MA 199 8.00 5.75 33.88
CA ILE MA 199 6.82 4.89 34.12
C ILE MA 199 6.32 5.03 35.56
N ILE MA 200 7.26 5.25 36.43
CA ILE MA 200 6.95 5.51 37.83
C ILE MA 200 7.72 6.74 38.23
N ASP MA 201 7.30 7.35 39.31
CA ASP MA 201 7.92 8.57 39.81
C ASP MA 201 8.92 8.29 40.90
N THR MA 202 8.55 7.44 41.82
CA THR MA 202 9.45 7.10 42.91
C THR MA 202 9.57 5.60 43.11
N VAL MA 203 10.70 5.19 43.65
CA VAL MA 203 10.89 3.81 44.09
C VAL MA 203 10.78 3.73 45.61
N LEU MA 204 9.81 2.97 46.11
CA LEU MA 204 9.62 2.88 47.56
C LEU MA 204 10.83 2.29 48.27
N GLU MA 205 11.25 2.95 49.32
CA GLU MA 205 12.27 2.39 50.19
C GLU MA 205 11.53 1.69 51.31
N TYR MA 206 12.16 0.65 51.82
CA TYR MA 206 11.56 -0.10 52.91
C TYR MA 206 11.34 0.81 54.13
N ARG MA 207 10.23 0.66 54.83
CA ARG MA 207 10.03 1.31 56.15
C ARG MA 207 10.17 0.27 57.22
N LYS MA 208 11.28 0.13 57.93
CA LYS MA 208 11.44 -0.91 58.98
C LYS MA 208 12.09 -0.23 60.17
N LEU MA 209 11.58 -0.48 61.36
CA LEU MA 209 12.16 0.12 62.56
C LEU MA 209 13.63 -0.27 62.78
N SER MA 210 14.15 -1.26 62.07
CA SER MA 210 15.51 -1.75 62.30
C SER MA 210 16.34 -1.88 60.99
N LEU NA 2 -2.74 -8.40 25.11
CA LEU NA 2 -3.23 -9.68 24.57
C LEU NA 2 -4.34 -9.23 23.64
N LEU NA 3 -4.57 -9.96 22.57
CA LEU NA 3 -5.65 -9.65 21.66
C LEU NA 3 -6.50 -10.92 21.53
N ILE OA 15 -11.84 -12.06 42.67
CA ILE OA 15 -11.97 -11.35 44.00
C ILE OA 15 -12.49 -9.90 43.86
N LEU OA 16 -13.65 -9.69 44.52
CA LEU OA 16 -14.50 -8.46 44.44
C LEU OA 16 -14.93 -8.02 45.83
N PRO OA 17 -14.37 -6.93 46.34
CA PRO OA 17 -14.55 -6.69 47.74
C PRO OA 17 -15.93 -6.17 48.02
N SER OA 18 -16.34 -6.37 49.26
CA SER OA 18 -17.51 -5.72 49.77
C SER OA 18 -17.06 -4.78 50.87
N PHE OA 19 -17.97 -3.91 51.23
CA PHE OA 19 -17.69 -2.84 52.15
C PHE OA 19 -19.00 -2.50 52.85
N ILE OA 20 -18.90 -1.62 53.84
CA ILE OA 20 -20.04 -1.25 54.69
C ILE OA 20 -20.36 0.25 54.66
N GLU OA 21 -21.65 0.60 54.65
CA GLU OA 21 -22.06 2.03 54.67
C GLU OA 21 -22.75 2.49 56.00
N HIS OA 22 -22.02 3.33 56.74
CA HIS OA 22 -22.55 4.13 57.89
C HIS OA 22 -23.84 4.90 57.53
N SER OA 23 -24.70 5.03 58.53
CA SER OA 23 -25.85 6.00 58.54
C SER OA 23 -26.48 6.01 59.95
N SER OA 24 -27.25 7.05 60.25
CA SER OA 24 -27.95 7.15 61.56
C SER OA 24 -29.10 6.14 61.69
N PHE OA 25 -29.49 5.56 60.57
CA PHE OA 25 -30.61 4.61 60.51
C PHE OA 25 -30.14 3.18 60.85
N GLY OA 26 -28.97 2.88 60.31
CA GLY OA 26 -28.38 1.56 60.39
C GLY OA 26 -27.15 1.44 59.52
N VAL OA 27 -26.62 0.24 59.49
CA VAL OA 27 -25.34 -0.03 58.83
C VAL OA 27 -25.50 -1.18 57.85
N LYS OA 28 -25.24 -0.93 56.57
CA LYS OA 28 -25.50 -1.95 55.53
C LYS OA 28 -24.25 -2.38 54.78
N GLU OA 29 -24.19 -3.68 54.48
CA GLU OA 29 -23.13 -4.28 53.64
C GLU OA 29 -23.47 -4.23 52.13
N SER OA 30 -22.53 -3.85 51.28
CA SER OA 30 -22.79 -3.98 49.82
C SER OA 30 -21.52 -4.22 48.95
N ASN OA 31 -21.73 -4.76 47.75
CA ASN OA 31 -20.73 -4.83 46.66
C ASN OA 31 -20.63 -3.55 45.94
N PRO OA 32 -19.62 -3.46 45.09
CA PRO OA 32 -19.64 -2.42 44.06
C PRO OA 32 -20.80 -2.56 43.07
N TYR OA 33 -21.19 -3.80 42.74
CA TYR OA 33 -22.23 -4.01 41.73
C TYR OA 33 -23.58 -3.62 42.33
N ASN OA 34 -23.71 -3.85 43.63
CA ASN OA 34 -24.95 -3.52 44.34
C ASN OA 34 -25.13 -2.05 44.58
N LYS OA 35 -24.06 -1.45 45.06
CA LYS OA 35 -23.96 0.01 45.20
C LYS OA 35 -24.26 0.67 43.86
N LEU OA 36 -23.69 0.12 42.80
CA LEU OA 36 -24.01 0.62 41.43
C LEU OA 36 -25.53 0.51 41.13
N PHE OA 37 -26.09 -0.64 41.48
CA PHE OA 37 -27.53 -0.88 41.24
C PHE OA 37 -28.40 0.02 42.14
N GLU OA 38 -27.91 0.24 43.35
CA GLU OA 38 -28.61 1.12 44.28
C GLU OA 38 -28.80 2.49 43.69
N GLU OA 39 -27.88 2.84 42.81
CA GLU OA 39 -27.83 4.15 42.09
C GLU OA 39 -28.40 4.10 40.70
N ARG OA 40 -29.20 3.09 40.48
CA ARG OA 40 -29.89 2.85 39.21
C ARG OA 40 -28.96 2.62 38.01
N ILE OA 41 -27.84 1.98 38.31
CA ILE OA 41 -26.89 1.59 37.26
C ILE OA 41 -26.84 0.08 37.09
N ILE OA 42 -27.12 -0.35 35.87
CA ILE OA 42 -27.13 -1.76 35.47
C ILE OA 42 -25.86 -2.01 34.70
N PHE OA 43 -25.11 -3.04 35.04
CA PHE OA 43 -23.84 -3.30 34.36
C PHE OA 43 -23.91 -4.43 33.33
N LEU OA 44 -23.62 -4.07 32.11
CA LEU OA 44 -23.66 -5.02 31.01
C LEU OA 44 -22.22 -5.32 30.56
N GLY OA 45 -21.65 -6.36 31.17
CA GLY OA 45 -20.22 -6.71 31.05
C GLY OA 45 -19.89 -8.05 30.48
N VAL OA 46 -20.77 -9.00 30.62
CA VAL OA 46 -20.54 -10.29 29.96
C VAL OA 46 -20.98 -10.20 28.51
N GLN OA 47 -20.83 -11.35 27.86
CA GLN OA 47 -21.49 -11.66 26.57
C GLN OA 47 -22.98 -11.92 26.83
N VAL OA 48 -23.77 -11.23 26.01
CA VAL OA 48 -25.26 -11.22 26.04
C VAL OA 48 -25.86 -12.61 25.67
N ASP OA 49 -25.61 -13.60 26.53
CA ASP OA 49 -26.27 -14.91 26.38
C ASP OA 49 -27.74 -14.83 26.91
N ASP OA 50 -28.56 -15.84 26.64
CA ASP OA 50 -30.01 -15.81 27.04
C ASP OA 50 -30.15 -15.60 28.57
N ALA OA 51 -29.27 -16.25 29.31
CA ALA OA 51 -29.22 -16.12 30.79
C ALA OA 51 -29.02 -14.66 31.24
N SER OA 52 -27.94 -14.05 30.78
CA SER OA 52 -27.57 -12.67 31.17
C SER OA 52 -28.67 -11.67 30.78
N ALA OA 53 -29.28 -11.95 29.65
CA ALA OA 53 -30.32 -11.06 29.11
C ALA OA 53 -31.51 -10.96 30.02
N ASN OA 54 -31.92 -12.11 30.50
CA ASN OA 54 -33.00 -12.16 31.49
C ASN OA 54 -32.67 -11.34 32.74
N ASP OA 55 -31.45 -11.51 33.20
CA ASP OA 55 -30.93 -10.77 34.36
C ASP OA 55 -30.98 -9.24 34.13
N ILE OA 56 -30.61 -8.83 32.92
CA ILE OA 56 -30.67 -7.40 32.55
C ILE OA 56 -32.11 -6.92 32.51
N MET OA 57 -32.98 -7.71 31.92
CA MET OA 57 -34.40 -7.30 31.78
C MET OA 57 -35.04 -7.15 33.16
N ALA OA 58 -34.78 -8.14 33.98
CA ALA OA 58 -35.33 -8.18 35.33
C ALA OA 58 -34.87 -6.96 36.11
N GLN OA 59 -33.59 -6.67 36.03
CA GLN OA 59 -33.01 -5.48 36.71
C GLN OA 59 -33.69 -4.21 36.20
N LEU OA 60 -33.83 -4.12 34.90
CA LEU OA 60 -34.57 -3.00 34.28
C LEU OA 60 -36.02 -2.87 34.81
N LEU OA 61 -36.78 -3.94 34.66
CA LEU OA 61 -38.20 -4.02 35.14
C LEU OA 61 -38.37 -3.70 36.64
N VAL OA 62 -37.41 -4.15 37.42
CA VAL OA 62 -37.42 -3.94 38.87
C VAL OA 62 -37.15 -2.49 39.17
N LEU OA 63 -36.09 -1.94 38.57
CA LEU OA 63 -35.77 -0.53 38.73
C LEU OA 63 -36.95 0.37 38.36
N GLU OA 64 -37.67 0.01 37.32
CA GLU OA 64 -38.85 0.81 36.94
C GLU OA 64 -39.91 0.73 38.02
N SER OA 65 -40.17 -0.49 38.43
CA SER OA 65 -41.15 -0.78 39.53
C SER OA 65 -40.79 -0.01 40.82
N LEU OA 66 -39.50 0.10 41.12
CA LEU OA 66 -39.05 0.83 42.34
C LEU OA 66 -39.20 2.33 42.28
N ASP OA 67 -39.11 2.92 41.10
CA ASP OA 67 -39.21 4.40 40.90
C ASP OA 67 -39.31 4.80 39.41
N PRO OA 68 -40.55 4.93 38.88
CA PRO OA 68 -40.69 4.99 37.44
C PRO OA 68 -40.25 6.29 36.83
N ASP OA 69 -40.02 7.28 37.66
CA ASP OA 69 -39.69 8.61 37.11
C ASP OA 69 -38.21 8.81 36.94
N ARG OA 70 -37.46 8.35 37.92
CA ARG OA 70 -36.00 8.48 37.87
C ARG OA 70 -35.34 7.66 36.74
N ASP OA 71 -34.23 8.19 36.27
CA ASP OA 71 -33.46 7.60 35.18
C ASP OA 71 -32.76 6.33 35.56
N ILE OA 72 -32.70 5.45 34.58
CA ILE OA 72 -31.89 4.24 34.64
C ILE OA 72 -30.68 4.42 33.74
N THR OA 73 -29.54 4.03 34.25
CA THR OA 73 -28.35 4.13 33.48
C THR OA 73 -27.76 2.71 33.30
N MET OA 74 -27.21 2.50 32.12
CA MET OA 74 -26.70 1.19 31.67
C MET OA 74 -25.24 1.32 31.27
N TYR OA 75 -24.37 0.70 32.04
CA TYR OA 75 -22.92 0.69 31.78
C TYR OA 75 -22.58 -0.46 30.89
N ILE OA 76 -21.97 -0.16 29.77
CA ILE OA 76 -21.75 -1.17 28.75
C ILE OA 76 -20.27 -1.39 28.46
N ASN OA 77 -19.84 -2.61 28.71
CA ASN OA 77 -18.54 -3.10 28.24
C ASN OA 77 -18.69 -4.55 27.87
N SER OA 78 -19.17 -4.79 26.67
CA SER OA 78 -19.61 -6.11 26.28
C SER OA 78 -19.19 -6.41 24.88
N PRO OA 79 -18.66 -7.62 24.65
CA PRO OA 79 -18.24 -8.03 23.33
C PRO OA 79 -19.38 -8.47 22.45
N GLY OA 80 -20.59 -8.38 22.92
CA GLY OA 80 -21.69 -8.63 22.04
C GLY OA 80 -22.49 -9.75 22.54
N GLY OA 81 -23.15 -10.48 21.65
CA GLY OA 81 -24.11 -11.51 22.09
C GLY OA 81 -25.27 -11.85 21.19
N GLY OA 82 -26.11 -12.74 21.70
CA GLY OA 82 -27.24 -13.31 20.95
C GLY OA 82 -28.24 -12.29 20.39
N PHE OA 83 -28.77 -12.57 19.21
CA PHE OA 83 -29.69 -11.63 18.56
C PHE OA 83 -31.05 -11.69 19.25
N THR OA 84 -31.47 -12.89 19.56
CA THR OA 84 -32.78 -13.05 20.15
C THR OA 84 -32.87 -12.24 21.50
N SER OA 85 -31.75 -12.27 22.18
CA SER OA 85 -31.57 -11.59 23.47
C SER OA 85 -31.50 -10.11 23.28
N LEU OA 86 -30.67 -9.68 22.33
CA LEU OA 86 -30.56 -8.22 21.93
C LEU OA 86 -31.91 -7.58 21.83
N MET OA 87 -32.78 -8.19 21.04
CA MET OA 87 -34.14 -7.63 20.83
C MET OA 87 -35.03 -7.56 22.08
N ALA OA 88 -34.94 -8.60 22.91
CA ALA OA 88 -35.68 -8.66 24.17
C ALA OA 88 -35.26 -7.55 25.14
N ILE OA 89 -33.95 -7.37 25.25
CA ILE OA 89 -33.38 -6.32 26.11
C ILE OA 89 -33.81 -4.95 25.60
N TYR OA 90 -33.56 -4.73 24.31
CA TYR OA 90 -34.01 -3.52 23.57
C TYR OA 90 -35.46 -3.16 23.82
N ASP OA 91 -36.34 -4.15 23.66
CA ASP OA 91 -37.79 -3.91 23.85
C ASP OA 91 -38.06 -3.46 25.28
N THR OA 92 -37.38 -4.08 26.21
CA THR OA 92 -37.55 -3.76 27.63
C THR OA 92 -37.05 -2.34 27.89
N MET OA 93 -35.88 -2.01 27.35
CA MET OA 93 -35.25 -0.66 27.51
C MET OA 93 -36.20 0.43 27.09
N GLN OA 94 -36.74 0.24 25.90
CA GLN OA 94 -37.68 1.21 25.30
C GLN OA 94 -39.01 1.24 26.05
N TYR OA 95 -39.41 0.07 26.56
CA TYR OA 95 -40.72 -0.13 27.17
C TYR OA 95 -40.90 0.54 28.51
N VAL OA 96 -39.89 0.44 29.36
CA VAL OA 96 -40.04 0.97 30.73
C VAL OA 96 -40.28 2.49 30.70
N ARG OA 97 -40.96 2.99 31.72
CA ARG OA 97 -41.35 4.43 31.83
C ARG OA 97 -40.15 5.34 31.88
N ALA OA 98 -39.13 4.87 32.56
CA ALA OA 98 -37.94 5.67 32.86
C ALA OA 98 -37.05 5.86 31.66
N ASP OA 99 -36.39 7.00 31.62
CA ASP OA 99 -35.38 7.25 30.60
C ASP OA 99 -34.21 6.32 30.79
N ILE OA 100 -33.61 5.93 29.67
CA ILE OA 100 -32.41 5.12 29.70
C ILE OA 100 -31.18 5.86 29.21
N GLN OA 101 -30.18 5.87 30.08
CA GLN OA 101 -28.91 6.46 29.81
C GLN OA 101 -27.89 5.38 29.56
N THR OA 102 -27.28 5.38 28.39
CA THR OA 102 -26.32 4.32 28.04
C THR OA 102 -24.92 4.89 28.04
N VAL OA 103 -24.03 4.16 28.69
CA VAL OA 103 -22.63 4.57 28.80
C VAL OA 103 -21.61 3.49 28.44
N CYS OA 104 -20.87 3.68 27.35
CA CYS OA 104 -19.92 2.68 26.90
C CYS OA 104 -18.63 2.97 27.56
N LEU OA 105 -18.14 1.98 28.28
CA LEU OA 105 -16.93 2.16 29.10
C LEU OA 105 -15.70 1.65 28.43
N GLY OA 106 -15.87 0.58 27.68
CA GLY OA 106 -14.72 -0.01 27.02
C GLY OA 106 -15.09 -0.29 25.59
N GLN OA 107 -15.88 -1.30 25.46
CA GLN OA 107 -16.25 -1.77 24.18
C GLN OA 107 -17.73 -2.02 24.17
N ALA OA 108 -18.34 -1.66 23.07
CA ALA OA 108 -19.71 -2.05 22.83
C ALA OA 108 -19.73 -2.65 21.46
N ALA OA 109 -19.65 -3.96 21.42
CA ALA OA 109 -19.57 -4.65 20.12
C ALA OA 109 -20.85 -5.40 19.76
N SER OA 110 -21.08 -5.51 18.47
CA SER OA 110 -22.11 -6.38 17.91
C SER OA 110 -23.49 -5.91 18.33
N ALA OA 111 -24.06 -6.68 19.23
CA ALA OA 111 -25.39 -6.47 19.82
C ALA OA 111 -25.34 -5.30 20.76
N ALA OA 112 -24.29 -5.31 21.56
CA ALA OA 112 -24.03 -4.27 22.57
C ALA OA 112 -24.04 -2.91 21.95
N ALA OA 113 -23.59 -2.85 20.70
CA ALA OA 113 -23.52 -1.57 19.97
C ALA OA 113 -24.90 -1.01 19.77
N VAL OA 114 -25.81 -1.88 19.36
CA VAL OA 114 -27.21 -1.52 19.11
C VAL OA 114 -27.88 -1.02 20.39
N LEU OA 115 -27.62 -1.76 21.46
CA LEU OA 115 -28.09 -1.36 22.78
C LEU OA 115 -27.58 0.02 23.22
N LEU OA 116 -26.28 0.23 23.07
CA LEU OA 116 -25.66 1.52 23.34
C LEU OA 116 -26.44 2.60 22.59
N ALA OA 117 -26.63 2.32 21.31
CA ALA OA 117 -27.34 3.24 20.43
C ALA OA 117 -28.77 3.45 20.84
N ALA OA 118 -29.34 2.44 21.47
CA ALA OA 118 -30.79 2.38 21.76
C ALA OA 118 -31.20 3.07 23.06
N GLY OA 119 -30.25 3.68 23.73
CA GLY OA 119 -30.56 4.54 24.87
C GLY OA 119 -31.43 5.71 24.45
N THR OA 120 -31.99 6.42 25.43
CA THR OA 120 -32.84 7.57 25.06
C THR OA 120 -31.97 8.67 24.49
N PRO OA 121 -32.46 9.33 23.38
CA PRO OA 121 -31.70 10.36 22.74
C PRO OA 121 -31.30 11.49 23.69
N GLY OA 122 -30.10 11.99 23.52
CA GLY OA 122 -29.48 12.90 24.49
C GLY OA 122 -28.62 12.22 25.54
N LYS OA 123 -28.93 10.97 25.82
CA LYS OA 123 -28.30 10.26 26.97
C LYS OA 123 -27.40 9.06 26.65
N ARG OA 124 -26.82 9.08 25.46
CA ARG OA 124 -25.92 8.04 25.02
C ARG OA 124 -24.48 8.51 25.00
N MET OA 125 -23.65 7.79 25.75
CA MET OA 125 -22.27 8.20 25.99
C MET OA 125 -21.20 7.16 25.83
N ALA OA 126 -19.97 7.64 25.69
CA ALA OA 126 -18.81 6.76 25.70
C ALA OA 126 -17.60 7.48 26.26
N LEU OA 127 -16.76 6.73 26.94
CA LEU OA 127 -15.48 7.23 27.40
C LEU OA 127 -14.63 7.36 26.13
N PRO OA 128 -13.59 8.23 26.12
CA PRO OA 128 -12.89 8.62 24.88
C PRO OA 128 -12.22 7.48 24.07
N ASN OA 129 -11.48 6.62 24.74
CA ASN OA 129 -10.88 5.48 24.04
C ASN OA 129 -11.80 4.30 23.96
N ALA OA 130 -13.09 4.56 24.10
CA ALA OA 130 -14.03 3.48 23.94
C ALA OA 130 -14.10 3.20 22.48
N ARG OA 131 -14.67 2.04 22.22
CA ARG OA 131 -14.65 1.40 20.94
C ARG OA 131 -16.03 0.78 20.69
N VAL OA 132 -16.58 1.12 19.54
CA VAL OA 132 -17.85 0.55 19.14
C VAL OA 132 -17.71 -0.22 17.88
N LEU OA 133 -18.17 -1.47 17.89
CA LEU OA 133 -18.07 -2.27 16.67
C LEU OA 133 -19.43 -2.76 16.20
N ILE OA 134 -19.77 -2.52 14.94
CA ILE OA 134 -20.99 -3.07 14.39
C ILE OA 134 -20.73 -4.02 13.29
N HIS OA 135 -21.58 -5.05 13.21
CA HIS OA 135 -21.39 -6.01 12.14
C HIS OA 135 -22.67 -6.75 12.02
N GLN OA 136 -22.85 -7.41 10.88
CA GLN OA 136 -24.11 -8.08 10.64
C GLN OA 136 -24.12 -9.36 11.50
N PRO OA 137 -25.28 -9.95 11.73
CA PRO OA 137 -25.37 -11.22 12.41
C PRO OA 137 -24.66 -12.43 11.76
N SER OA 138 -23.87 -13.11 12.57
CA SER OA 138 -23.16 -14.30 12.16
C SER OA 138 -23.71 -15.47 12.91
N LEU OA 139 -23.46 -16.64 12.37
CA LEU OA 139 -23.78 -17.85 13.00
C LEU OA 139 -22.48 -18.63 12.94
N SER OA 140 -21.72 -18.63 14.03
CA SER OA 140 -20.64 -19.64 14.13
C SER OA 140 -21.27 -20.93 14.70
N GLY OA 141 -20.69 -22.07 14.35
CA GLY OA 141 -21.44 -23.33 14.48
C GLY OA 141 -22.42 -23.48 13.32
N VAL OA 142 -22.96 -24.67 13.16
CA VAL OA 142 -23.72 -24.98 11.97
C VAL OA 142 -25.13 -25.32 12.31
N ILE OA 143 -26.07 -24.83 11.53
CA ILE OA 143 -27.45 -25.35 11.57
C ILE OA 143 -27.69 -26.36 10.46
N GLN OA 144 -28.00 -27.56 10.91
CA GLN OA 144 -28.17 -28.75 10.07
C GLN OA 144 -29.64 -28.92 9.75
N GLY OA 145 -29.95 -29.54 8.63
CA GLY OA 145 -31.36 -29.74 8.27
C GLY OA 145 -31.69 -30.06 6.84
N GLN OA 146 -32.92 -30.49 6.64
CA GLN OA 146 -33.46 -30.58 5.32
C GLN OA 146 -33.43 -29.20 4.72
N PHE OA 147 -33.35 -29.15 3.40
CA PHE OA 147 -33.31 -27.84 2.69
C PHE OA 147 -34.54 -27.01 3.06
N SER OA 148 -35.71 -27.67 3.11
CA SER OA 148 -36.98 -26.98 3.46
C SER OA 148 -36.86 -26.27 4.76
N ASP OA 149 -36.19 -26.91 5.70
CA ASP OA 149 -35.99 -26.35 7.03
C ASP OA 149 -34.98 -25.25 6.95
N LEU OA 150 -33.96 -25.46 6.13
CA LEU OA 150 -32.83 -24.51 6.03
C LEU OA 150 -33.27 -23.24 5.37
N GLU OA 151 -34.23 -23.38 4.47
CA GLU OA 151 -34.69 -22.20 3.69
C GLU OA 151 -35.52 -21.30 4.60
N ILE OA 152 -36.27 -21.95 5.48
CA ILE OA 152 -37.09 -21.25 6.50
C ILE OA 152 -36.18 -20.48 7.44
N GLN OA 153 -35.14 -21.20 7.84
CA GLN OA 153 -34.12 -20.69 8.78
C GLN OA 153 -33.37 -19.50 8.18
N ALA OA 154 -32.96 -19.66 6.92
CA ALA OA 154 -32.29 -18.59 6.17
C ALA OA 154 -33.13 -17.34 6.09
N ALA OA 155 -34.37 -17.56 5.75
CA ALA OA 155 -35.37 -16.49 5.71
C ALA OA 155 -35.42 -15.70 7.01
N GLU OA 156 -35.54 -16.45 8.09
CA GLU OA 156 -35.65 -15.88 9.44
C GLU OA 156 -34.40 -15.08 9.74
N ILE OA 157 -33.29 -15.54 9.22
CA ILE OA 157 -32.03 -14.84 9.45
C ILE OA 157 -31.97 -13.54 8.67
N GLU OA 158 -32.51 -13.53 7.47
CA GLU OA 158 -32.52 -12.31 6.66
C GLU OA 158 -33.38 -11.29 7.39
N ARG OA 159 -34.43 -11.79 8.04
CA ARG OA 159 -35.37 -10.92 8.77
C ARG OA 159 -34.66 -10.26 9.92
N MET OA 160 -33.94 -11.12 10.62
CA MET OA 160 -33.17 -10.76 11.84
C MET OA 160 -32.14 -9.70 11.43
N ARG OA 161 -31.38 -10.00 10.41
CA ARG OA 161 -30.46 -9.01 9.81
C ARG OA 161 -31.13 -7.66 9.56
N THR OA 162 -32.22 -7.66 8.79
CA THR OA 162 -32.88 -6.40 8.38
C THR OA 162 -33.51 -5.73 9.58
N LEU OA 163 -33.85 -6.49 10.61
CA LEU OA 163 -34.39 -5.87 11.85
C LEU OA 163 -33.28 -5.09 12.60
N MET OA 164 -32.08 -5.64 12.59
CA MET OA 164 -30.92 -4.98 13.23
C MET OA 164 -30.70 -3.66 12.53
N GLU OA 165 -30.80 -3.71 11.23
CA GLU OA 165 -30.57 -2.53 10.36
C GLU OA 165 -31.67 -1.47 10.52
N THR OA 166 -32.92 -1.93 10.56
CA THR OA 166 -34.06 -1.07 10.88
C THR OA 166 -33.84 -0.33 12.21
N THR OA 167 -33.52 -1.10 13.24
CA THR OA 167 -33.56 -0.52 14.60
C THR OA 167 -32.34 0.34 14.83
N LEU OA 168 -31.26 0.05 14.14
CA LEU OA 168 -30.12 0.96 14.20
C LEU OA 168 -30.44 2.27 13.48
N ALA OA 169 -31.01 2.12 12.30
CA ALA OA 169 -31.44 3.26 11.49
C ALA OA 169 -32.32 4.19 12.31
N ARG OA 170 -33.30 3.59 13.01
CA ARG OA 170 -34.25 4.34 13.89
C ARG OA 170 -33.46 5.22 14.83
N HIS OA 171 -32.47 4.66 15.49
CA HIS OA 171 -31.74 5.36 16.59
C HIS OA 171 -30.54 6.27 16.19
N THR OA 172 -29.98 6.02 15.03
CA THR OA 172 -28.81 6.73 14.53
C THR OA 172 -29.20 7.87 13.62
N GLY OA 173 -30.42 7.80 13.12
CA GLY OA 173 -30.92 8.76 12.14
C GLY OA 173 -30.42 8.47 10.74
N LYS OA 174 -29.85 7.31 10.54
CA LYS OA 174 -29.35 6.91 9.24
C LYS OA 174 -30.36 6.12 8.48
N ASP OA 175 -30.09 5.95 7.19
CA ASP OA 175 -30.93 5.13 6.34
C ASP OA 175 -30.61 3.64 6.53
N ALA OA 176 -31.66 2.80 6.60
CA ALA OA 176 -31.50 1.32 6.79
C ALA OA 176 -30.55 0.68 5.77
N GLY OA 177 -30.70 1.10 4.51
CA GLY OA 177 -29.82 0.60 3.43
C GLY OA 177 -28.36 0.96 3.63
N VAL OA 178 -28.14 2.10 4.25
CA VAL OA 178 -26.77 2.61 4.50
C VAL OA 178 -26.09 1.79 5.59
N ILE OA 179 -26.84 1.60 6.66
CA ILE OA 179 -26.43 0.68 7.70
C ILE OA 179 -26.01 -0.68 7.08
N ARG OA 180 -26.89 -1.25 6.27
CA ARG OA 180 -26.57 -2.53 5.63
C ARG OA 180 -25.24 -2.54 4.84
N LYS OA 181 -25.01 -1.48 4.06
CA LYS OA 181 -23.71 -1.26 3.32
C LYS OA 181 -22.59 -1.26 4.35
N ASP OA 182 -22.75 -0.46 5.39
CA ASP OA 182 -21.64 -0.24 6.35
C ASP OA 182 -21.29 -1.47 7.21
N THR OA 183 -22.29 -2.32 7.45
CA THR OA 183 -22.18 -3.52 8.32
C THR OA 183 -22.02 -4.82 7.57
N ASP OA 184 -21.97 -4.72 6.25
CA ASP OA 184 -21.76 -5.92 5.43
C ASP OA 184 -20.50 -6.66 5.89
N ARG OA 185 -19.54 -5.85 6.28
CA ARG OA 185 -18.29 -6.32 6.83
C ARG OA 185 -18.22 -5.65 8.17
N ASP OA 186 -17.26 -6.01 8.97
CA ASP OA 186 -17.13 -5.33 10.29
C ASP OA 186 -16.77 -3.85 10.20
N LYS OA 187 -17.41 -3.09 11.08
CA LYS OA 187 -17.19 -1.65 11.14
C LYS OA 187 -16.84 -1.17 12.52
N ILE OA 188 -15.61 -0.75 12.67
CA ILE OA 188 -15.11 -0.34 13.95
C ILE OA 188 -15.15 1.17 14.08
N LEU OA 189 -15.63 1.65 15.21
CA LEU OA 189 -15.75 3.09 15.50
C LEU OA 189 -15.10 3.49 16.81
N THR OA 190 -14.27 4.52 16.72
CA THR OA 190 -13.79 5.22 17.93
C THR OA 190 -14.97 5.92 18.57
N ALA OA 191 -14.81 6.37 19.80
CA ALA OA 191 -15.90 7.10 20.45
C ALA OA 191 -16.35 8.30 19.64
N GLU OA 192 -15.38 9.07 19.12
CA GLU OA 192 -15.69 10.26 18.22
C GLU OA 192 -16.48 9.85 16.96
N GLU OA 193 -15.94 8.87 16.27
CA GLU OA 193 -16.60 8.31 15.08
C GLU OA 193 -18.04 7.86 15.38
N ALA OA 194 -18.21 7.29 16.57
CA ALA OA 194 -19.47 6.69 17.00
C ALA OA 194 -20.49 7.76 17.20
N LYS OA 195 -20.00 8.89 17.63
CA LYS OA 195 -20.85 10.06 17.82
C LYS OA 195 -21.33 10.60 16.48
N ASP OA 196 -20.38 10.74 15.57
CA ASP OA 196 -20.65 11.13 14.17
C ASP OA 196 -21.66 10.21 13.55
N TYR OA 197 -21.50 8.93 13.84
CA TYR OA 197 -22.35 7.89 13.24
C TYR OA 197 -23.76 7.94 13.83
N GLY OA 198 -23.87 8.60 14.95
CA GLY OA 198 -25.17 8.78 15.59
C GLY OA 198 -25.52 7.66 16.55
N ILE OA 199 -24.50 7.02 17.07
CA ILE OA 199 -24.67 5.87 18.01
C ILE OA 199 -24.65 6.34 19.46
N ILE OA 200 -23.90 7.39 19.67
CA ILE OA 200 -23.87 8.04 20.97
C ILE OA 200 -24.06 9.52 20.74
N ASP OA 201 -24.41 10.21 21.79
CA ASP OA 201 -24.64 11.64 21.72
C ASP OA 201 -23.43 12.46 22.15
N THR OA 202 -22.84 12.06 23.26
CA THR OA 202 -21.68 12.78 23.74
C THR OA 202 -20.54 11.83 24.05
N VAL OA 203 -19.34 12.36 24.00
CA VAL OA 203 -18.17 11.63 24.45
C VAL OA 203 -17.74 12.20 25.79
N LEU OA 204 -17.73 11.38 26.82
CA LEU OA 204 -17.34 11.87 28.14
C LEU OA 204 -15.92 12.38 28.18
N GLU OA 205 -15.76 13.55 28.76
CA GLU OA 205 -14.42 14.05 29.06
C GLU OA 205 -14.08 13.67 30.49
N TYR OA 206 -12.80 13.48 30.73
CA TYR OA 206 -12.34 13.10 32.08
C TYR OA 206 -12.72 14.23 33.05
N ARG OA 207 -13.16 13.90 34.27
CA ARG OA 207 -13.39 14.91 35.35
C ARG OA 207 -12.28 15.01 36.41
N LYS OA 208 -11.04 14.69 36.10
CA LYS OA 208 -10.01 14.75 37.16
C LYS OA 208 -9.88 16.15 37.71
N LEU OA 209 -9.89 16.27 39.02
CA LEU OA 209 -9.73 17.61 39.65
C LEU OA 209 -8.39 18.29 39.30
N SER OA 210 -7.41 17.59 38.74
CA SER OA 210 -6.05 18.15 38.54
C SER OA 210 -5.46 17.98 37.12
N LEU PA 2 -24.81 -12.76 17.24
CA LEU PA 2 -24.44 -14.17 16.94
C LEU PA 2 -25.78 -14.88 17.09
N LEU PA 3 -26.09 -15.86 16.25
CA LEU PA 3 -27.36 -16.55 16.38
C LEU PA 3 -27.09 -18.04 16.51
N SER QA 15 -1.36 -62.03 1.81
CA SER QA 15 -1.58 -61.90 3.28
C SER QA 15 -2.08 -63.25 3.85
N LEU QA 16 -1.49 -63.74 4.93
CA LEU QA 16 -1.73 -65.16 5.29
C LEU QA 16 -3.19 -65.51 5.40
N THR QA 17 -3.97 -64.64 6.01
CA THR QA 17 -5.41 -64.95 6.19
C THR QA 17 -6.13 -64.84 4.89
N ASP QA 18 -5.88 -63.73 4.20
CA ASP QA 18 -6.38 -63.51 2.83
C ASP QA 18 -6.06 -64.70 1.91
N SER QA 19 -4.80 -65.10 1.92
CA SER QA 19 -4.32 -66.23 1.11
C SER QA 19 -5.11 -67.53 1.41
N VAL QA 20 -5.40 -67.72 2.68
CA VAL QA 20 -6.10 -68.93 3.16
C VAL QA 20 -7.56 -68.95 2.74
N TYR QA 21 -8.15 -67.78 2.72
CA TYR QA 21 -9.56 -67.62 2.31
C TYR QA 21 -9.69 -67.75 0.81
N GLU QA 22 -8.85 -67.00 0.10
CA GLU QA 22 -8.52 -67.19 -1.36
C GLU QA 22 -8.53 -68.65 -1.81
N ARG QA 23 -7.71 -69.45 -1.18
CA ARG QA 23 -7.61 -70.87 -1.56
C ARG QA 23 -8.95 -71.59 -1.37
N LEU QA 24 -9.64 -71.24 -0.31
CA LEU QA 24 -11.00 -71.76 -0.06
C LEU QA 24 -12.01 -71.24 -1.06
N LEU QA 25 -11.84 -69.98 -1.39
CA LEU QA 25 -12.70 -69.28 -2.37
C LEU QA 25 -12.64 -70.01 -3.70
N SER QA 26 -11.46 -70.45 -4.07
CA SER QA 26 -11.40 -71.30 -5.26
C SER QA 26 -12.06 -72.58 -5.16
N GLU QA 27 -12.17 -73.08 -3.96
CA GLU QA 27 -12.89 -74.32 -3.71
C GLU QA 27 -14.39 -74.08 -3.54
N ARG QA 28 -14.81 -72.88 -3.91
CA ARG QA 28 -16.23 -72.44 -3.87
C ARG QA 28 -16.78 -72.35 -2.45
N ILE QA 29 -15.88 -72.02 -1.53
CA ILE QA 29 -16.21 -71.88 -0.08
C ILE QA 29 -16.00 -70.43 0.38
N ILE QA 30 -17.09 -69.90 0.88
CA ILE QA 30 -17.23 -68.51 1.32
C ILE QA 30 -17.61 -68.40 2.79
N PHE QA 31 -17.17 -67.34 3.44
CA PHE QA 31 -17.51 -67.12 4.86
C PHE QA 31 -18.24 -65.86 5.14
N LEU QA 32 -19.27 -66.02 5.96
CA LEU QA 32 -19.91 -64.90 6.62
C LEU QA 32 -19.56 -65.02 8.07
N GLY QA 33 -18.43 -64.43 8.42
CA GLY QA 33 -17.81 -64.63 9.76
C GLY QA 33 -17.86 -63.47 10.72
N SER QA 34 -18.76 -62.53 10.46
CA SER QA 34 -18.84 -61.33 11.28
C SER QA 34 -20.17 -60.62 11.21
N GLU QA 35 -20.19 -59.48 11.89
CA GLU QA 35 -21.34 -58.57 11.82
C GLU QA 35 -21.60 -58.29 10.36
N VAL QA 36 -22.88 -58.27 10.03
CA VAL QA 36 -23.32 -58.05 8.63
C VAL QA 36 -23.45 -56.57 8.32
N ASN QA 37 -22.42 -56.00 7.71
CA ASN QA 37 -22.47 -54.63 7.19
C ASN QA 37 -22.72 -54.66 5.74
N ASP QA 38 -23.04 -53.46 5.27
CA ASP QA 38 -22.90 -53.07 3.88
C ASP QA 38 -21.56 -53.58 3.30
N GLU QA 39 -20.46 -53.33 4.00
CA GLU QA 39 -19.10 -53.73 3.46
C GLU QA 39 -18.92 -55.22 3.36
N ILE QA 40 -19.32 -55.94 4.40
CA ILE QA 40 -19.24 -57.41 4.38
C ILE QA 40 -20.19 -58.02 3.37
N ALA QA 41 -21.40 -57.46 3.33
CA ALA QA 41 -22.47 -57.90 2.39
C ALA QA 41 -22.05 -57.76 1.00
N ASN QA 42 -21.40 -56.65 0.72
CA ASN QA 42 -21.02 -56.35 -0.67
C ASN QA 42 -19.99 -57.34 -1.21
N ARG QA 43 -19.03 -57.64 -0.36
CA ARG QA 43 -17.95 -58.55 -0.67
C ARG QA 43 -18.53 -59.92 -0.90
N LEU QA 44 -19.48 -60.29 -0.05
CA LEU QA 44 -20.13 -61.60 -0.21
C LEU QA 44 -20.88 -61.66 -1.51
N CYS QA 45 -21.58 -60.57 -1.79
CA CYS QA 45 -22.40 -60.52 -2.99
C CYS QA 45 -21.49 -60.62 -4.21
N ALA QA 46 -20.37 -59.94 -4.13
CA ALA QA 46 -19.40 -59.97 -5.21
C ALA QA 46 -18.86 -61.36 -5.42
N GLN QA 47 -18.53 -62.00 -4.32
CA GLN QA 47 -18.02 -63.36 -4.36
C GLN QA 47 -19.02 -64.31 -5.01
N ILE QA 48 -20.26 -64.20 -4.61
CA ILE QA 48 -21.29 -65.12 -5.15
C ILE QA 48 -21.45 -64.87 -6.66
N LEU QA 49 -21.39 -63.60 -7.03
CA LEU QA 49 -21.46 -63.16 -8.46
C LEU QA 49 -20.34 -63.75 -9.30
N LEU QA 50 -19.15 -63.66 -8.73
CA LEU QA 50 -17.90 -64.10 -9.35
C LEU QA 50 -17.91 -65.62 -9.51
N LEU QA 51 -18.30 -66.32 -8.45
CA LEU QA 51 -18.35 -67.80 -8.47
C LEU QA 51 -19.39 -68.34 -9.44
N ALA QA 52 -20.54 -67.70 -9.48
CA ALA QA 52 -21.61 -68.07 -10.44
C ALA QA 52 -21.10 -67.91 -11.86
N ALA QA 53 -20.50 -66.76 -12.10
CA ALA QA 53 -19.91 -66.37 -13.42
C ALA QA 53 -18.78 -67.31 -13.84
N GLU QA 54 -18.03 -67.81 -12.89
CA GLU QA 54 -17.03 -68.87 -13.18
C GLU QA 54 -17.73 -70.16 -13.60
N ASP QA 55 -18.31 -70.85 -12.64
CA ASP QA 55 -19.00 -72.12 -12.87
C ASP QA 55 -20.44 -72.08 -12.41
N ALA QA 56 -21.35 -71.95 -13.35
CA ALA QA 56 -22.77 -71.68 -13.00
C ALA QA 56 -23.55 -72.93 -12.56
N SER QA 57 -22.87 -74.05 -12.52
CA SER QA 57 -23.54 -75.33 -12.27
C SER QA 57 -23.18 -75.89 -10.89
N LYS QA 58 -21.91 -75.75 -10.50
CA LYS QA 58 -21.42 -76.19 -9.19
C LYS QA 58 -21.91 -75.37 -7.97
N ASP QA 59 -22.17 -76.09 -6.89
CA ASP QA 59 -22.58 -75.49 -5.61
C ASP QA 59 -21.56 -74.51 -5.08
N ILE QA 60 -22.11 -73.56 -4.33
CA ILE QA 60 -21.38 -72.66 -3.42
C ILE QA 60 -21.69 -72.97 -1.97
N SER QA 61 -20.63 -73.06 -1.19
CA SER QA 61 -20.75 -73.32 0.23
C SER QA 61 -20.51 -72.03 1.03
N LEU QA 62 -21.54 -71.66 1.79
CA LEU QA 62 -21.56 -70.44 2.65
C LEU QA 62 -21.54 -70.77 4.12
N TYR QA 63 -20.35 -70.69 4.67
CA TYR QA 63 -20.13 -70.95 6.11
C TYR QA 63 -20.51 -69.70 6.89
N ILE QA 64 -21.36 -69.87 7.89
CA ILE QA 64 -21.90 -68.73 8.64
C ILE QA 64 -21.57 -68.83 10.11
N ASN QA 65 -20.83 -67.84 10.58
CA ASN QA 65 -20.54 -67.64 12.02
C ASN QA 65 -20.64 -66.16 12.30
N SER QA 66 -21.88 -65.71 12.42
CA SER QA 66 -22.19 -64.27 12.50
C SER QA 66 -23.23 -64.00 13.57
N PRO QA 67 -23.08 -62.88 14.31
CA PRO QA 67 -24.02 -62.48 15.33
C PRO QA 67 -25.27 -61.74 14.77
N GLY QA 68 -25.29 -61.51 13.48
CA GLY QA 68 -26.37 -60.79 12.85
C GLY QA 68 -25.88 -59.48 12.31
N GLY QA 69 -26.81 -58.58 12.01
CA GLY QA 69 -26.46 -57.29 11.41
C GLY QA 69 -27.56 -56.58 10.62
N SER QA 70 -27.15 -55.79 9.63
CA SER QA 70 -28.05 -54.86 8.90
C SER QA 70 -28.99 -55.63 8.04
N ILE QA 71 -30.27 -55.33 8.15
CA ILE QA 71 -31.25 -56.04 7.31
C ILE QA 71 -31.05 -55.70 5.82
N SER QA 72 -31.05 -54.38 5.52
CA SER QA 72 -30.75 -53.87 4.19
C SER QA 72 -29.59 -54.66 3.50
N ALA QA 73 -28.44 -54.67 4.19
CA ALA QA 73 -27.21 -55.45 3.81
C ALA QA 73 -27.43 -56.96 3.71
N GLY QA 74 -28.19 -57.50 4.64
CA GLY QA 74 -28.52 -58.89 4.62
C GLY QA 74 -29.33 -59.28 3.40
N MET QA 75 -30.26 -58.43 3.04
CA MET QA 75 -31.19 -58.69 1.90
C MET QA 75 -30.46 -58.61 0.55
N ALA QA 76 -29.40 -57.82 0.54
CA ALA QA 76 -28.49 -57.83 -0.60
C ALA QA 76 -27.94 -59.23 -0.80
N ILE QA 77 -27.41 -59.78 0.28
CA ILE QA 77 -26.87 -61.19 0.30
C ILE QA 77 -27.95 -62.21 -0.05
N TYR QA 78 -29.11 -62.09 0.59
CA TYR QA 78 -30.27 -62.99 0.29
C TYR QA 78 -30.68 -62.99 -1.18
N ASP QA 79 -30.97 -61.80 -1.72
CA ASP QA 79 -31.34 -61.66 -3.18
C ASP QA 79 -30.25 -62.20 -4.11
N THR QA 80 -29.01 -61.91 -3.76
CA THR QA 80 -27.87 -62.40 -4.53
C THR QA 80 -27.80 -63.92 -4.52
N MET QA 81 -28.09 -64.50 -3.35
CA MET QA 81 -28.24 -66.00 -3.14
C MET QA 81 -29.37 -66.60 -3.98
N VAL QA 82 -30.56 -66.06 -3.82
CA VAL QA 82 -31.72 -66.45 -4.63
C VAL QA 82 -31.50 -66.33 -6.13
N LEU QA 83 -30.93 -65.23 -6.59
CA LEU QA 83 -30.74 -65.01 -8.04
C LEU QA 83 -29.61 -65.82 -8.68
N ALA QA 84 -28.69 -66.27 -7.85
CA ALA QA 84 -27.58 -67.10 -8.36
C ALA QA 84 -28.13 -68.29 -9.12
N PRO QA 85 -27.46 -68.70 -10.19
CA PRO QA 85 -27.91 -69.89 -10.95
C PRO QA 85 -27.67 -71.16 -10.17
N CYS QA 86 -26.52 -71.23 -9.55
CA CYS QA 86 -26.13 -72.39 -8.82
C CYS QA 86 -26.78 -72.42 -7.47
N ASP QA 87 -26.81 -73.63 -6.91
CA ASP QA 87 -27.24 -73.84 -5.53
C ASP QA 87 -26.29 -73.23 -4.51
N ILE QA 88 -26.87 -72.88 -3.35
CA ILE QA 88 -26.12 -72.30 -2.22
C ILE QA 88 -26.40 -73.08 -0.99
N ALA QA 89 -25.34 -73.79 -0.58
CA ALA QA 89 -25.35 -74.60 0.62
C ALA QA 89 -24.96 -73.73 1.80
N THR QA 90 -25.64 -73.87 2.93
CA THR QA 90 -25.33 -73.03 4.12
C THR QA 90 -24.99 -73.88 5.32
N TYR QA 91 -23.86 -73.55 5.93
CA TYR QA 91 -23.37 -74.22 7.11
C TYR QA 91 -23.37 -73.28 8.29
N ALA QA 92 -24.10 -73.66 9.33
CA ALA QA 92 -24.07 -72.92 10.58
C ALA QA 92 -22.93 -73.43 11.44
N MET QA 93 -21.88 -72.66 11.53
CA MET QA 93 -20.78 -73.03 12.45
C MET QA 93 -20.52 -72.02 13.58
N GLY QA 94 -20.53 -72.56 14.78
CA GLY QA 94 -20.37 -71.76 15.99
C GLY QA 94 -21.62 -71.01 16.35
N MET QA 95 -21.93 -70.04 15.52
CA MET QA 95 -23.14 -69.22 15.69
C MET QA 95 -23.73 -68.63 14.44
N ALA QA 96 -25.03 -68.86 14.32
CA ALA QA 96 -25.87 -68.20 13.31
C ALA QA 96 -27.02 -67.46 13.96
N ALA QA 97 -26.83 -66.16 14.11
CA ALA QA 97 -27.77 -65.31 14.87
C ALA QA 97 -28.43 -64.24 13.99
N SER QA 98 -29.73 -64.08 14.20
CA SER QA 98 -30.48 -62.99 13.62
C SER QA 98 -30.35 -63.03 12.08
N MET QA 99 -29.77 -62.00 11.41
CA MET QA 99 -29.56 -62.11 9.95
C MET QA 99 -28.84 -63.40 9.63
N GLY QA 100 -27.87 -63.74 10.48
CA GLY QA 100 -27.08 -64.98 10.31
C GLY QA 100 -28.00 -66.19 10.21
N GLU QA 101 -29.00 -66.24 11.08
CA GLU QA 101 -29.99 -67.34 11.09
C GLU QA 101 -30.82 -67.30 9.82
N PHE QA 102 -31.31 -66.11 9.53
CA PHE QA 102 -32.08 -65.87 8.32
C PHE QA 102 -31.36 -66.39 7.06
N LEU QA 103 -30.12 -66.00 6.93
CA LEU QA 103 -29.35 -66.34 5.72
C LEU QA 103 -29.07 -67.81 5.68
N LEU QA 104 -28.84 -68.36 6.86
CA LEU QA 104 -28.65 -69.82 7.01
C LEU QA 104 -29.89 -70.52 6.47
N ALA QA 105 -31.03 -70.11 6.99
CA ALA QA 105 -32.32 -70.71 6.64
C ALA QA 105 -32.73 -70.48 5.21
N ALA QA 106 -32.13 -69.45 4.62
CA ALA QA 106 -32.35 -69.09 3.18
C ALA QA 106 -31.50 -69.92 2.19
N GLY QA 107 -30.60 -70.73 2.70
CA GLY QA 107 -29.85 -71.68 1.87
C GLY QA 107 -30.78 -72.62 1.08
N THR QA 108 -30.30 -73.11 -0.07
CA THR QA 108 -31.17 -73.90 -0.95
C THR QA 108 -31.61 -75.17 -0.23
N LYS QA 109 -32.92 -75.38 -0.24
CA LYS QA 109 -33.58 -76.43 0.57
C LYS QA 109 -33.01 -77.77 0.33
N GLY QA 110 -32.66 -78.41 1.42
CA GLY QA 110 -32.02 -79.73 1.38
C GLY QA 110 -30.53 -79.63 1.68
N LYS QA 111 -29.97 -78.49 1.35
CA LYS QA 111 -28.53 -78.25 1.55
C LYS QA 111 -28.20 -77.20 2.62
N ARG QA 112 -29.02 -77.17 3.65
CA ARG QA 112 -28.79 -76.33 4.84
C ARG QA 112 -28.35 -77.18 6.03
N TYR QA 113 -27.13 -76.91 6.48
CA TYR QA 113 -26.51 -77.69 7.51
C TYR QA 113 -26.24 -76.91 8.79
N ALA QA 114 -26.30 -77.63 9.90
CA ALA QA 114 -25.78 -77.11 11.16
C ALA QA 114 -24.65 -78.01 11.66
N LEU QA 115 -23.59 -77.40 12.18
CA LEU QA 115 -22.53 -78.16 12.86
C LEU QA 115 -23.09 -78.41 14.25
N PRO QA 116 -22.73 -79.53 14.90
CA PRO QA 116 -23.51 -80.10 16.01
C PRO QA 116 -23.64 -79.19 17.25
N HIS QA 117 -22.66 -78.31 17.43
CA HIS QA 117 -22.64 -77.46 18.61
C HIS QA 117 -22.76 -75.99 18.22
N ALA QA 118 -23.29 -75.79 17.04
CA ALA QA 118 -23.66 -74.45 16.59
C ALA QA 118 -24.91 -74.01 17.32
N ARG QA 119 -24.99 -72.72 17.58
CA ARG QA 119 -26.23 -72.13 18.11
C ARG QA 119 -26.89 -71.20 17.11
N ILE QA 120 -28.20 -71.35 17.03
CA ILE QA 120 -29.05 -70.50 16.21
C ILE QA 120 -29.93 -69.60 17.10
N LEU QA 121 -30.05 -68.34 16.69
CA LEU QA 121 -30.77 -67.29 17.43
C LEU QA 121 -31.73 -66.59 16.50
N MET QA 122 -32.99 -66.65 16.84
CA MET QA 122 -34.05 -65.99 16.06
C MET QA 122 -34.66 -64.97 16.97
N HIS QA 123 -34.80 -63.78 16.42
CA HIS QA 123 -35.56 -62.69 17.11
C HIS QA 123 -36.03 -61.59 16.10
N GLN QA 124 -36.86 -60.66 16.59
CA GLN QA 124 -37.44 -59.58 15.76
C GLN QA 124 -36.44 -58.48 15.62
N PRO QA 125 -36.64 -57.61 14.62
CA PRO QA 125 -35.76 -56.50 14.35
C PRO QA 125 -35.65 -55.52 15.47
N LEU QA 126 -34.45 -55.00 15.58
CA LEU QA 126 -34.15 -53.88 16.45
C LEU QA 126 -33.87 -52.68 15.57
N GLY QA 127 -33.89 -51.51 16.16
CA GLY QA 127 -33.55 -50.33 15.43
C GLY QA 127 -33.57 -49.10 16.29
N GLY QA 128 -33.89 -48.00 15.63
CA GLY QA 128 -33.82 -46.70 16.24
C GLY QA 128 -34.84 -45.76 15.67
N VAL QA 129 -35.16 -44.76 16.45
CA VAL QA 129 -36.18 -43.77 16.10
C VAL QA 129 -35.62 -42.38 16.44
N THR QA 130 -35.66 -41.50 15.47
CA THR QA 130 -35.15 -40.13 15.63
C THR QA 130 -35.83 -39.19 14.68
N GLY QA 131 -35.80 -37.93 15.04
CA GLY QA 131 -36.26 -36.87 14.17
C GLY QA 131 -37.50 -36.15 14.62
N SER QA 132 -38.14 -35.48 13.67
CA SER QA 132 -39.45 -34.90 13.90
C SER QA 132 -40.53 -35.99 13.96
N ALA QA 133 -41.63 -35.64 14.61
CA ALA QA 133 -42.71 -36.58 14.85
C ALA QA 133 -43.16 -37.15 13.53
N ALA QA 134 -43.16 -36.27 12.53
CA ALA QA 134 -43.49 -36.66 11.12
C ALA QA 134 -42.50 -37.68 10.57
N ASP QA 135 -41.22 -37.42 10.82
CA ASP QA 135 -40.15 -38.31 10.37
C ASP QA 135 -40.29 -39.69 11.01
N ILE QA 136 -40.75 -39.65 12.24
CA ILE QA 136 -40.80 -40.85 13.13
C ILE QA 136 -41.98 -41.71 12.75
N ALA QA 137 -43.10 -41.03 12.51
CA ALA QA 137 -44.31 -41.65 11.93
C ALA QA 137 -43.96 -42.50 10.70
N ILE QA 138 -43.05 -41.97 9.89
CA ILE QA 138 -42.60 -42.64 8.66
C ILE QA 138 -41.77 -43.87 8.95
N GLN QA 139 -40.84 -43.69 9.84
CA GLN QA 139 -39.93 -44.75 10.23
C GLN QA 139 -40.72 -45.92 10.75
N ALA QA 140 -41.71 -45.58 11.55
CA ALA QA 140 -42.58 -46.53 12.23
C ALA QA 140 -43.31 -47.35 11.24
N GLU QA 141 -43.87 -46.65 10.27
CA GLU QA 141 -44.60 -47.28 9.13
C GLU QA 141 -43.78 -48.35 8.41
N GLN QA 142 -42.52 -48.01 8.26
CA GLN QA 142 -41.49 -48.85 7.65
C GLN QA 142 -41.17 -50.06 8.48
N PHE QA 143 -41.13 -49.86 9.79
CA PHE QA 143 -40.89 -50.97 10.73
C PHE QA 143 -41.93 -52.04 10.50
N ALA QA 144 -43.18 -51.58 10.45
CA ALA QA 144 -44.33 -52.47 10.21
C ALA QA 144 -44.11 -53.37 9.00
N VAL QA 145 -43.75 -52.69 7.91
CA VAL QA 145 -43.54 -53.34 6.60
C VAL QA 145 -42.47 -54.42 6.71
N ILE QA 146 -41.36 -54.02 7.31
CA ILE QA 146 -40.16 -54.84 7.39
C ILE QA 146 -40.33 -56.01 8.36
N LYS QA 147 -40.81 -55.71 9.54
CA LYS QA 147 -41.16 -56.75 10.51
C LYS QA 147 -42.01 -57.84 9.83
N LYS QA 148 -43.06 -57.40 9.17
CA LYS QA 148 -44.01 -58.30 8.51
C LYS QA 148 -43.33 -59.17 7.50
N GLU QA 149 -42.49 -58.54 6.71
CA GLU QA 149 -41.85 -59.21 5.60
C GLU QA 149 -40.80 -60.22 6.08
N MET QA 150 -40.00 -59.80 7.05
CA MET QA 150 -38.94 -60.68 7.60
C MET QA 150 -39.56 -61.94 8.21
N PHE QA 151 -40.71 -61.76 8.85
CA PHE QA 151 -41.44 -62.88 9.43
C PHE QA 151 -41.94 -63.82 8.36
N ARG QA 152 -42.60 -63.22 7.36
CA ARG QA 152 -43.15 -63.96 6.18
C ARG QA 152 -42.10 -64.90 5.58
N LEU QA 153 -40.89 -64.37 5.42
CA LEU QA 153 -39.77 -65.11 4.81
C LEU QA 153 -39.21 -66.22 5.70
N ASN QA 154 -39.12 -65.96 6.99
CA ASN QA 154 -38.65 -66.99 7.95
C ASN QA 154 -39.65 -68.12 8.00
N ALA QA 155 -40.93 -67.73 7.92
CA ALA QA 155 -42.05 -68.67 7.88
C ALA QA 155 -41.88 -69.56 6.66
N GLU QA 156 -41.61 -68.93 5.55
CA GLU QA 156 -41.37 -69.68 4.29
C GLU QA 156 -40.20 -70.63 4.47
N PHE QA 157 -39.10 -70.14 4.99
CA PHE QA 157 -37.84 -70.92 5.07
C PHE QA 157 -38.01 -72.15 5.94
N THR QA 158 -38.59 -71.89 7.09
CA THR QA 158 -38.72 -72.90 8.16
C THR QA 158 -39.83 -73.86 7.92
N GLY QA 159 -40.89 -73.36 7.32
CA GLY QA 159 -42.12 -74.12 7.19
C GLY QA 159 -43.12 -73.91 8.34
N GLN QA 160 -42.78 -73.03 9.25
CA GLN QA 160 -43.67 -72.66 10.34
C GLN QA 160 -44.69 -71.65 9.94
N PRO QA 161 -45.77 -71.58 10.71
CA PRO QA 161 -46.76 -70.55 10.43
C PRO QA 161 -46.30 -69.19 10.89
N ILE QA 162 -46.65 -68.19 10.13
CA ILE QA 162 -46.22 -66.84 10.47
C ILE QA 162 -46.56 -66.46 11.92
N GLU QA 163 -47.63 -66.99 12.44
CA GLU QA 163 -48.12 -66.64 13.83
C GLU QA 163 -47.15 -67.11 14.87
N ARG QA 164 -46.55 -68.27 14.63
CA ARG QA 164 -45.52 -68.79 15.53
C ARG QA 164 -44.17 -68.08 15.40
N ILE QA 165 -43.80 -67.77 14.17
CA ILE QA 165 -42.57 -66.97 13.90
C ILE QA 165 -42.67 -65.63 14.62
N GLU QA 166 -43.83 -64.99 14.53
CA GLU QA 166 -44.08 -63.71 15.22
C GLU QA 166 -43.88 -63.84 16.71
N ALA QA 167 -44.57 -64.83 17.26
CA ALA QA 167 -44.63 -65.11 18.71
C ALA QA 167 -43.27 -65.48 19.24
N ASP QA 168 -42.62 -66.44 18.60
CA ASP QA 168 -41.28 -66.95 19.06
C ASP QA 168 -40.19 -65.86 18.93
N SER QA 169 -40.27 -65.10 17.82
CA SER QA 169 -39.33 -64.01 17.50
C SER QA 169 -39.47 -62.76 18.42
N ASP QA 170 -40.48 -62.71 19.28
CA ASP QA 170 -40.82 -61.50 20.07
C ASP QA 170 -39.64 -61.07 20.92
N ARG QA 171 -38.96 -62.08 21.46
CA ARG QA 171 -37.67 -61.90 22.17
C ARG QA 171 -36.66 -62.97 21.80
N ASP QA 172 -35.43 -62.84 22.27
CA ASP QA 172 -34.39 -63.77 21.87
C ASP QA 172 -34.88 -65.19 22.02
N ARG QA 173 -34.74 -65.93 20.93
CA ARG QA 173 -35.19 -67.35 20.83
C ARG QA 173 -34.06 -68.29 20.41
N TRP QA 174 -33.57 -69.08 21.36
CA TRP QA 174 -32.33 -69.83 21.15
C TRP QA 174 -32.59 -71.24 20.75
N PHE QA 175 -31.80 -71.69 19.81
CA PHE QA 175 -31.88 -73.06 19.31
C PHE QA 175 -30.54 -73.75 19.31
N THR QA 176 -30.54 -74.99 19.80
CA THR QA 176 -29.40 -75.89 19.59
C THR QA 176 -29.49 -76.43 18.17
N ALA QA 177 -28.43 -77.05 17.67
CA ALA QA 177 -28.52 -77.65 16.30
C ALA QA 177 -29.74 -78.57 16.18
N ALA QA 178 -29.90 -79.41 17.19
CA ALA QA 178 -31.04 -80.31 17.27
C ALA QA 178 -32.39 -79.60 17.04
N GLU QA 179 -32.62 -78.59 17.86
CA GLU QA 179 -33.90 -77.83 17.90
C GLU QA 179 -34.16 -77.09 16.60
N ALA QA 180 -33.06 -76.62 16.03
CA ALA QA 180 -33.08 -75.87 14.75
C ALA QA 180 -33.49 -76.74 13.61
N LEU QA 181 -33.10 -78.01 13.69
CA LEU QA 181 -33.52 -79.00 12.70
C LEU QA 181 -35.04 -79.19 12.75
N GLU QA 182 -35.55 -79.40 13.96
CA GLU QA 182 -36.98 -79.66 14.09
C GLU QA 182 -37.81 -78.43 13.89
N TYR QA 183 -37.22 -77.26 14.00
CA TYR QA 183 -37.96 -76.01 13.73
C TYR QA 183 -38.01 -75.72 12.23
N GLY QA 184 -36.99 -76.18 11.51
CA GLY QA 184 -36.92 -76.01 10.05
C GLY QA 184 -36.00 -74.92 9.53
N PHE QA 185 -35.06 -74.50 10.36
CA PHE QA 185 -33.96 -73.54 9.95
C PHE QA 185 -32.92 -74.21 9.08
N VAL QA 186 -32.91 -75.52 9.22
CA VAL QA 186 -31.81 -76.29 8.75
C VAL QA 186 -32.36 -77.65 8.35
N ASP QA 187 -31.71 -78.26 7.36
CA ASP QA 187 -32.11 -79.61 6.86
C ASP QA 187 -31.39 -80.78 7.56
N HIS QA 188 -30.12 -80.59 7.82
CA HIS QA 188 -29.29 -81.63 8.37
C HIS QA 188 -28.39 -81.13 9.46
N ILE QA 189 -27.95 -82.10 10.27
CA ILE QA 189 -26.86 -81.90 11.15
C ILE QA 189 -25.69 -82.76 10.76
N ILE QA 190 -24.50 -82.20 10.70
CA ILE QA 190 -23.31 -82.94 10.27
C ILE QA 190 -22.55 -83.61 11.38
N THR QA 191 -22.04 -84.80 11.11
CA THR QA 191 -21.35 -85.68 12.13
C THR QA 191 -20.35 -86.67 11.49
N ARG QA 192 -19.17 -86.92 12.12
CA ARG QA 192 -18.15 -88.07 11.78
C ARG QA 192 -16.71 -87.58 11.50
N LEU RA 2 -32.04 -53.51 11.78
CA LEU RA 2 -31.15 -54.62 12.28
C LEU RA 2 -31.89 -55.91 12.64
N LEU RA 3 -31.27 -57.05 12.35
CA LEU RA 3 -31.63 -58.33 12.97
C LEU RA 3 -30.39 -58.82 13.68
N SER SA 15 5.08 -61.04 4.43
CA SER SA 15 5.26 -60.46 5.79
C SER SA 15 5.98 -61.44 6.74
N LEU SA 16 7.02 -61.02 7.44
CA LEU SA 16 7.95 -62.04 8.03
C LEU SA 16 7.28 -63.02 8.93
N THR SA 17 6.35 -62.55 9.72
CA THR SA 17 5.62 -63.45 10.63
C THR SA 17 4.66 -64.33 9.86
N ASP SA 18 3.88 -63.69 9.00
CA ASP SA 18 2.98 -64.39 8.05
C ASP SA 18 3.72 -65.51 7.29
N SER SA 19 4.85 -65.11 6.71
CA SER SA 19 5.70 -66.03 5.92
C SER SA 19 6.14 -67.25 6.75
N VAL SA 20 6.48 -66.99 7.99
CA VAL SA 20 6.94 -68.03 8.91
C VAL SA 20 5.82 -69.01 9.26
N TYR SA 21 4.63 -68.48 9.42
CA TYR SA 21 3.48 -69.27 9.80
C TYR SA 21 3.04 -70.11 8.61
N GLU SA 22 2.84 -69.42 7.49
CA GLU SA 22 2.74 -70.04 6.12
C GLU SA 22 3.59 -71.31 5.98
N ARG SA 23 4.88 -71.17 6.21
CA ARG SA 23 5.81 -72.31 6.00
C ARG SA 23 5.47 -73.45 6.94
N LEU SA 24 5.07 -73.09 8.14
CA LEU SA 24 4.53 -74.06 9.14
C LEU SA 24 3.17 -74.64 8.79
N LEU SA 25 2.33 -73.79 8.26
CA LEU SA 25 1.04 -74.19 7.72
C LEU SA 25 1.17 -75.30 6.65
N SER SA 26 2.10 -75.11 5.74
CA SER SA 26 2.37 -76.14 4.71
C SER SA 26 2.93 -77.42 5.35
N GLU SA 27 3.49 -77.32 6.54
CA GLU SA 27 3.91 -78.52 7.35
C GLU SA 27 2.78 -79.09 8.23
N ARG SA 28 1.57 -78.61 7.96
CA ARG SA 28 0.34 -79.01 8.68
C ARG SA 28 0.33 -78.59 10.17
N ILE SA 29 0.99 -77.47 10.44
CA ILE SA 29 1.09 -76.91 11.80
C ILE SA 29 0.39 -75.55 11.86
N ILE SA 30 -0.57 -75.50 12.75
CA ILE SA 30 -1.42 -74.31 12.99
C ILE SA 30 -1.28 -73.81 14.44
N PHE SA 31 -1.49 -72.52 14.62
CA PHE SA 31 -1.43 -71.91 15.96
C PHE SA 31 -2.69 -71.24 16.39
N LEU SA 32 -3.04 -71.51 17.63
CA LEU SA 32 -4.06 -70.77 18.35
C LEU SA 32 -3.30 -70.03 19.40
N GLY SA 33 -2.82 -68.86 19.03
CA GLY SA 33 -1.87 -68.12 19.87
C GLY SA 33 -2.41 -66.88 20.55
N SER SA 34 -3.72 -66.79 20.64
CA SER SA 34 -4.32 -65.60 21.21
C SER SA 34 -5.72 -65.79 21.75
N GLU SA 35 -6.29 -64.68 22.18
CA GLU SA 35 -7.71 -64.63 22.57
C GLU SA 35 -8.52 -65.19 21.43
N VAL SA 36 -9.51 -65.99 21.79
CA VAL SA 36 -10.37 -66.68 20.84
C VAL SA 36 -11.52 -65.78 20.43
N ASN SA 37 -11.37 -65.09 19.31
CA ASN SA 37 -12.50 -64.38 18.68
C ASN SA 37 -13.07 -65.16 17.57
N ASP SA 38 -14.25 -64.69 17.18
CA ASP SA 38 -14.82 -64.98 15.91
C ASP SA 38 -13.73 -64.92 14.83
N GLU SA 39 -12.94 -63.87 14.83
CA GLU SA 39 -11.93 -63.68 13.74
C GLU SA 39 -10.88 -64.75 13.71
N ILE SA 40 -10.35 -65.01 14.89
CA ILE SA 40 -9.27 -66.01 15.05
C ILE SA 40 -9.82 -67.39 14.81
N ALA SA 41 -11.00 -67.63 15.34
CA ALA SA 41 -11.73 -68.88 15.11
C ALA SA 41 -11.96 -69.20 13.66
N ASN SA 42 -12.41 -68.20 12.95
CA ASN SA 42 -12.75 -68.43 11.55
C ASN SA 42 -11.56 -68.82 10.69
N ARG SA 43 -10.46 -68.16 10.96
CA ARG SA 43 -9.20 -68.42 10.28
C ARG SA 43 -8.75 -69.81 10.57
N LEU SA 44 -8.88 -70.21 11.82
CA LEU SA 44 -8.47 -71.57 12.22
C LEU SA 44 -9.33 -72.57 11.54
N CYS SA 45 -10.61 -72.28 11.52
CA CYS SA 45 -11.58 -73.20 10.90
C CYS SA 45 -11.30 -73.35 9.41
N ALA SA 46 -10.98 -72.21 8.80
CA ALA SA 46 -10.61 -72.20 7.38
C ALA SA 46 -9.35 -73.04 7.14
N GLN SA 47 -8.35 -72.84 7.98
CA GLN SA 47 -7.09 -73.59 7.88
C GLN SA 47 -7.34 -75.09 8.01
N ILE SA 48 -8.13 -75.49 8.99
CA ILE SA 48 -8.39 -76.94 9.19
C ILE SA 48 -9.12 -77.51 7.96
N LEU SA 49 -10.05 -76.72 7.42
CA LEU SA 49 -10.83 -77.10 6.21
C LEU SA 49 -9.91 -77.33 5.01
N LEU SA 50 -8.99 -76.41 4.85
CA LEU SA 50 -8.05 -76.33 3.72
C LEU SA 50 -7.10 -77.51 3.81
N LEU SA 51 -6.59 -77.75 5.01
CA LEU SA 51 -5.63 -78.84 5.24
C LEU SA 51 -6.25 -80.21 5.04
N ALA SA 52 -7.47 -80.38 5.54
CA ALA SA 52 -8.25 -81.64 5.34
C ALA SA 52 -8.46 -81.91 3.84
N ALA SA 53 -8.93 -80.86 3.16
CA ALA SA 53 -9.15 -80.88 1.70
C ALA SA 53 -7.86 -81.19 0.91
N GLU SA 54 -6.71 -80.72 1.41
CA GLU SA 54 -5.42 -81.04 0.77
C GLU SA 54 -5.16 -82.52 0.97
N ASP SA 55 -4.80 -82.88 2.17
CA ASP SA 55 -4.44 -84.27 2.50
C ASP SA 55 -5.32 -84.78 3.63
N ALA SA 56 -6.31 -85.57 3.30
CA ALA SA 56 -7.33 -85.97 4.28
C ALA SA 56 -6.88 -87.11 5.21
N SER SA 57 -5.64 -87.53 5.07
CA SER SA 57 -5.14 -88.69 5.83
C SER SA 57 -4.12 -88.30 6.89
N LYS SA 58 -3.23 -87.36 6.53
CA LYS SA 58 -2.20 -86.84 7.46
C LYS SA 58 -2.71 -85.92 8.61
N ASP SA 59 -2.07 -86.09 9.75
CA ASP SA 59 -2.38 -85.32 10.95
C ASP SA 59 -2.19 -83.84 10.75
N ILE SA 60 -3.00 -83.11 11.51
CA ILE SA 60 -2.84 -81.66 11.76
C ILE SA 60 -2.42 -81.39 13.20
N SER SA 61 -1.42 -80.55 13.32
CA SER SA 61 -0.87 -80.17 14.63
C SER SA 61 -1.30 -78.78 15.02
N LEU SA 62 -2.02 -78.71 16.13
CA LEU SA 62 -2.63 -77.47 16.68
C LEU SA 62 -1.95 -77.04 17.95
N TYR SA 63 -1.01 -76.11 17.79
CA TYR SA 63 -0.29 -75.51 18.92
C TYR SA 63 -1.15 -74.46 19.59
N ILE SA 64 -1.33 -74.59 20.87
CA ILE SA 64 -2.23 -73.70 21.64
C ILE SA 64 -1.49 -72.95 22.73
N ASN SA 65 -1.48 -71.62 22.58
CA ASN SA 65 -1.01 -70.68 23.64
C ASN SA 65 -1.99 -69.53 23.73
N SER SA 66 -3.10 -69.78 24.43
CA SER SA 66 -4.25 -68.88 24.44
C SER SA 66 -4.79 -68.73 25.83
N PRO SA 67 -5.24 -67.54 26.20
CA PRO SA 67 -5.88 -67.28 27.46
C PRO SA 67 -7.39 -67.61 27.52
N GLY SA 68 -7.94 -68.02 26.39
CA GLY SA 68 -9.35 -68.36 26.32
C GLY SA 68 -10.05 -67.37 25.44
N GLY SA 69 -11.36 -67.34 25.54
CA GLY SA 69 -12.18 -66.49 24.68
C GLY SA 69 -13.66 -66.84 24.50
N SER SA 70 -14.20 -66.49 23.34
CA SER SA 70 -15.64 -66.68 23.02
C SER SA 70 -16.02 -68.18 22.90
N ILE SA 71 -17.07 -68.59 23.60
CA ILE SA 71 -17.51 -69.97 23.49
C ILE SA 71 -18.04 -70.30 22.11
N SER SA 72 -19.01 -69.51 21.67
CA SER SA 72 -19.52 -69.57 20.28
C SER SA 72 -18.40 -69.83 19.23
N ALA SA 73 -17.42 -68.94 19.24
CA ALA SA 73 -16.18 -69.01 18.39
C ALA SA 73 -15.37 -70.26 18.62
N GLY SA 74 -15.26 -70.66 19.88
CA GLY SA 74 -14.53 -71.85 20.27
C GLY SA 74 -15.18 -73.11 19.76
N MET SA 75 -16.51 -73.12 19.81
CA MET SA 75 -17.29 -74.28 19.32
C MET SA 75 -17.22 -74.44 17.79
N ALA SA 76 -17.00 -73.31 17.10
CA ALA SA 76 -16.75 -73.33 15.64
C ALA SA 76 -15.50 -74.12 15.39
N ILE SA 77 -14.46 -73.79 16.12
CA ILE SA 77 -13.18 -74.54 16.06
C ILE SA 77 -13.37 -76.00 16.44
N TYR SA 78 -14.03 -76.24 17.57
CA TYR SA 78 -14.27 -77.61 18.07
C TYR SA 78 -14.99 -78.47 17.03
N ASP SA 79 -16.16 -78.01 16.55
CA ASP SA 79 -16.92 -78.77 15.54
C ASP SA 79 -16.08 -79.03 14.31
N THR SA 80 -15.32 -78.01 13.92
CA THR SA 80 -14.47 -78.09 12.71
C THR SA 80 -13.40 -79.17 12.88
N MET SA 81 -12.87 -79.24 14.11
CA MET SA 81 -11.91 -80.30 14.56
C MET SA 81 -12.56 -81.66 14.48
N VAL SA 82 -13.69 -81.81 15.14
CA VAL SA 82 -14.42 -83.10 15.15
C VAL SA 82 -14.81 -83.60 13.76
N LEU SA 83 -15.30 -82.70 12.93
CA LEU SA 83 -15.75 -83.08 11.57
C LEU SA 83 -14.64 -83.32 10.57
N ALA SA 84 -13.45 -82.80 10.85
CA ALA SA 84 -12.28 -83.07 10.00
C ALA SA 84 -12.06 -84.59 9.83
N PRO SA 85 -11.66 -85.04 8.62
CA PRO SA 85 -11.40 -86.47 8.40
C PRO SA 85 -10.17 -86.91 9.12
N CYS SA 86 -9.17 -86.06 9.07
CA CYS SA 86 -7.87 -86.39 9.66
C CYS SA 86 -7.88 -86.12 11.13
N ASP SA 87 -6.94 -86.77 11.78
CA ASP SA 87 -6.65 -86.55 13.19
C ASP SA 87 -6.12 -85.13 13.47
N ILE SA 88 -6.39 -84.66 14.68
CA ILE SA 88 -5.92 -83.35 15.15
C ILE SA 88 -5.22 -83.50 16.47
N ALA SA 89 -3.92 -83.28 16.38
CA ALA SA 89 -3.02 -83.35 17.53
C ALA SA 89 -3.00 -81.98 18.18
N THR SA 90 -3.02 -81.94 19.51
CA THR SA 90 -3.01 -80.65 20.22
C THR SA 90 -1.83 -80.57 21.17
N TYR SA 91 -1.10 -79.46 21.05
CA TYR SA 91 0.03 -79.16 21.93
C TYR SA 91 -0.27 -77.95 22.78
N ALA SA 92 -0.20 -78.14 24.08
CA ALA SA 92 -0.33 -77.03 25.01
C ALA SA 92 1.02 -76.41 25.24
N MET SA 93 1.26 -75.24 24.65
CA MET SA 93 2.52 -74.53 24.92
C MET SA 93 2.35 -73.18 25.63
N GLY SA 94 3.06 -73.05 26.73
CA GLY SA 94 3.02 -71.83 27.54
C GLY SA 94 1.78 -71.75 28.39
N MET SA 95 0.66 -71.59 27.70
CA MET SA 95 -0.65 -71.54 28.35
C MET SA 95 -1.83 -71.99 27.49
N ALA SA 96 -2.60 -72.90 28.08
CA ALA SA 96 -3.91 -73.30 27.56
C ALA SA 96 -4.97 -73.08 28.60
N ALA SA 97 -5.67 -71.96 28.46
CA ALA SA 97 -6.66 -71.51 29.42
C ALA SA 97 -8.07 -71.50 28.85
N SER SA 98 -9.01 -72.00 29.65
CA SER SA 98 -10.42 -71.81 29.41
C SER SA 98 -10.74 -72.44 28.05
N MET SA 99 -11.24 -71.69 27.06
CA MET SA 99 -11.48 -72.30 25.71
C MET SA 99 -10.21 -73.01 25.24
N GLY SA 100 -9.08 -72.38 25.52
CA GLY SA 100 -7.77 -72.95 25.17
C GLY SA 100 -7.60 -74.36 25.74
N GLU SA 101 -7.98 -74.53 27.00
CA GLU SA 101 -7.92 -75.84 27.64
C GLU SA 101 -8.89 -76.79 26.97
N PHE SA 102 -10.10 -76.31 26.78
CA PHE SA 102 -11.19 -77.10 26.15
C PHE SA 102 -10.76 -77.66 24.83
N LEU SA 103 -10.20 -76.79 24.04
CA LEU SA 103 -9.76 -77.16 22.69
C LEU SA 103 -8.57 -78.11 22.72
N LEU SA 104 -7.69 -77.88 23.67
CA LEU SA 104 -6.55 -78.76 23.91
C LEU SA 104 -7.06 -80.15 24.21
N ALA SA 105 -7.94 -80.20 25.17
CA ALA SA 105 -8.54 -81.49 25.60
C ALA SA 105 -9.39 -82.18 24.54
N ALA SA 106 -9.86 -81.38 23.59
CA ALA SA 106 -10.70 -81.87 22.47
C ALA SA 106 -9.87 -82.49 21.34
N GLY SA 107 -8.55 -82.39 21.44
CA GLY SA 107 -7.66 -83.04 20.46
C GLY SA 107 -7.92 -84.55 20.39
N THR SA 108 -7.60 -85.15 19.25
CA THR SA 108 -7.93 -86.60 19.08
C THR SA 108 -7.15 -87.39 20.14
N LYS SA 109 -7.89 -88.23 20.84
CA LYS SA 109 -7.37 -89.00 21.98
C LYS SA 109 -6.15 -89.77 21.65
N GLY SA 110 -5.15 -89.57 22.48
CA GLY SA 110 -3.85 -90.23 22.33
C GLY SA 110 -2.82 -89.27 21.80
N LYS SA 111 -3.31 -88.29 21.08
CA LYS SA 111 -2.45 -87.25 20.47
C LYS SA 111 -2.60 -85.84 21.05
N ARG SA 112 -2.84 -85.77 22.36
CA ARG SA 112 -2.93 -84.51 23.10
C ARG SA 112 -1.75 -84.35 24.01
N TYR SA 113 -0.98 -83.32 23.73
CA TYR SA 113 0.31 -83.10 24.41
C TYR SA 113 0.38 -81.82 25.21
N ALA SA 114 1.15 -81.88 26.27
CA ALA SA 114 1.50 -80.68 27.04
C ALA SA 114 3.02 -80.52 27.04
N LEU SA 115 3.48 -79.31 26.83
CA LEU SA 115 4.91 -79.00 26.98
C LEU SA 115 5.10 -78.90 28.46
N PRO SA 116 6.28 -79.23 29.00
CA PRO SA 116 6.49 -79.53 30.44
C PRO SA 116 6.16 -78.39 31.41
N HIS SA 117 6.28 -77.15 30.95
CA HIS SA 117 6.03 -75.99 31.83
C HIS SA 117 4.85 -75.18 31.36
N ALA SA 118 3.98 -75.86 30.62
CA ALA SA 118 2.74 -75.25 30.17
C ALA SA 118 1.82 -75.27 31.33
N ARG SA 119 0.98 -74.24 31.38
CA ARG SA 119 -0.08 -74.18 32.39
C ARG SA 119 -1.48 -74.29 31.76
N ILE SA 120 -2.31 -75.15 32.38
CA ILE SA 120 -3.68 -75.35 31.97
C ILE SA 120 -4.61 -74.78 33.05
N LEU SA 121 -5.66 -74.09 32.58
CA LEU SA 121 -6.64 -73.38 33.42
C LEU SA 121 -8.04 -73.78 33.03
N MET SA 122 -8.75 -74.36 33.97
CA MET SA 122 -10.12 -74.75 33.74
C MET SA 122 -10.95 -73.90 34.65
N HIS SA 123 -11.98 -73.31 34.09
CA HIS SA 123 -13.05 -72.65 34.90
C HIS SA 123 -14.42 -72.54 34.17
N GLN SA 124 -15.44 -72.06 34.89
CA GLN SA 124 -16.81 -71.93 34.30
C GLN SA 124 -16.82 -70.75 33.43
N PRO SA 125 -17.87 -70.67 32.58
CA PRO SA 125 -18.14 -69.51 31.79
C PRO SA 125 -18.41 -68.23 32.53
N LEU SA 126 -17.94 -67.17 31.89
CA LEU SA 126 -18.21 -65.82 32.31
C LEU SA 126 -19.07 -65.19 31.26
N GLY SA 127 -19.69 -64.09 31.61
CA GLY SA 127 -20.46 -63.38 30.63
C GLY SA 127 -21.05 -62.13 31.21
N GLY SA 128 -22.22 -61.79 30.70
CA GLY SA 128 -22.87 -60.55 31.07
C GLY SA 128 -24.38 -60.65 30.99
N VAL SA 129 -25.03 -59.74 31.67
CA VAL SA 129 -26.47 -59.71 31.74
C VAL SA 129 -26.90 -58.24 31.51
N THR SA 130 -27.82 -58.03 30.59
CA THR SA 130 -28.45 -56.70 30.32
C THR SA 130 -29.86 -56.87 29.84
N GLY SA 131 -30.59 -55.78 29.96
CA GLY SA 131 -31.87 -55.65 29.33
C GLY SA 131 -33.03 -55.56 30.26
N SER SA 132 -34.20 -55.83 29.72
CA SER SA 132 -35.40 -56.04 30.53
C SER SA 132 -35.33 -57.38 31.31
N ALA SA 133 -36.10 -57.43 32.38
CA ALA SA 133 -36.12 -58.58 33.22
C ALA SA 133 -36.44 -59.82 32.42
N ALA SA 134 -37.34 -59.63 31.48
CA ALA SA 134 -37.73 -60.69 30.54
C ALA SA 134 -36.55 -61.16 29.69
N ASP SA 135 -35.82 -60.19 29.20
CA ASP SA 135 -34.63 -60.45 28.35
C ASP SA 135 -33.57 -61.23 29.13
N ILE SA 136 -33.50 -60.90 30.40
CA ILE SA 136 -32.46 -61.41 31.31
C ILE SA 136 -32.79 -62.81 31.71
N ALA SA 137 -34.07 -63.02 32.01
CA ALA SA 137 -34.64 -64.36 32.23
C ALA SA 137 -34.18 -65.33 31.13
N ILE SA 138 -34.20 -64.83 29.90
CA ILE SA 138 -33.85 -65.62 28.70
C ILE SA 138 -32.37 -65.93 28.64
N GLN SA 139 -31.59 -64.90 28.89
CA GLN SA 139 -30.11 -65.01 28.91
C GLN SA 139 -29.66 -66.02 29.91
N ALA SA 140 -30.30 -65.96 31.06
CA ALA SA 140 -30.02 -66.83 32.21
C ALA SA 140 -30.27 -68.24 31.84
N GLU SA 141 -31.43 -68.45 31.25
CA GLU SA 141 -31.87 -69.79 30.75
C GLU SA 141 -30.82 -70.44 29.86
N GLN SA 142 -30.25 -69.59 29.01
CA GLN SA 142 -29.18 -69.94 28.07
C GLN SA 142 -27.87 -70.30 28.78
N PHE SA 143 -27.59 -69.57 29.85
CA PHE SA 143 -26.38 -69.83 30.67
C PHE SA 143 -26.44 -71.25 31.18
N ALA SA 144 -27.59 -71.61 31.73
CA ALA SA 144 -27.86 -72.96 32.23
C ALA SA 144 -27.52 -74.03 31.19
N VAL SA 145 -28.05 -73.82 30.02
CA VAL SA 145 -27.87 -74.76 28.91
C VAL SA 145 -26.39 -74.91 28.60
N ILE SA 146 -25.74 -73.77 28.48
CA ILE SA 146 -24.36 -73.72 28.00
C ILE SA 146 -23.42 -74.28 29.05
N LYS SA 147 -23.56 -73.77 30.26
CA LYS SA 147 -22.78 -74.27 31.40
C LYS SA 147 -22.82 -75.80 31.40
N LYS SA 148 -24.03 -76.32 31.34
CA LYS SA 148 -24.28 -77.79 31.38
C LYS SA 148 -23.52 -78.51 30.27
N GLU SA 149 -23.61 -77.95 29.07
CA GLU SA 149 -23.06 -78.57 27.86
C GLU SA 149 -21.55 -78.52 27.87
N MET SA 150 -21.00 -77.40 28.26
CA MET SA 150 -19.52 -77.26 28.31
C MET SA 150 -18.93 -78.20 29.32
N PHE SA 151 -19.64 -78.37 30.42
CA PHE SA 151 -19.21 -79.33 31.46
C PHE SA 151 -19.29 -80.75 30.96
N ARG SA 152 -20.43 -81.10 30.37
CA ARG SA 152 -20.63 -82.43 29.75
C ARG SA 152 -19.47 -82.86 28.83
N LEU SA 153 -19.05 -81.92 28.00
CA LEU SA 153 -17.95 -82.11 27.03
C LEU SA 153 -16.56 -82.25 27.67
N ASN SA 154 -16.29 -81.45 28.69
CA ASN SA 154 -15.00 -81.51 29.39
C ASN SA 154 -14.89 -82.81 30.15
N ALA SA 155 -16.04 -83.23 30.68
CA ALA SA 155 -16.17 -84.54 31.31
C ALA SA 155 -15.83 -85.64 30.32
N GLU SA 156 -16.44 -85.55 29.15
CA GLU SA 156 -16.15 -86.52 28.07
C GLU SA 156 -14.65 -86.53 27.72
N PHE SA 157 -14.07 -85.36 27.55
CA PHE SA 157 -12.63 -85.25 27.11
C PHE SA 157 -11.64 -85.79 28.10
N THR SA 158 -11.87 -85.39 29.33
CA THR SA 158 -11.01 -85.73 30.46
C THR SA 158 -11.19 -87.16 30.99
N GLY SA 159 -12.43 -87.63 30.95
CA GLY SA 159 -12.81 -88.92 31.55
C GLY SA 159 -13.33 -88.77 32.98
N GLN SA 160 -13.40 -87.53 33.45
CA GLN SA 160 -13.91 -87.24 34.78
C GLN SA 160 -15.43 -87.22 34.82
N PRO SA 161 -16.00 -87.38 36.02
CA PRO SA 161 -17.43 -87.27 36.11
C PRO SA 161 -17.86 -85.83 36.05
N ILE SA 162 -18.99 -85.60 35.41
CA ILE SA 162 -19.54 -84.25 35.29
C ILE SA 162 -19.65 -83.52 36.66
N GLU SA 163 -19.89 -84.26 37.76
CA GLU SA 163 -20.01 -83.65 39.10
C GLU SA 163 -18.70 -82.98 39.54
N ARG SA 164 -17.59 -83.62 39.21
CA ARG SA 164 -16.25 -83.08 39.54
C ARG SA 164 -15.85 -81.91 38.64
N ILE SA 165 -16.14 -82.05 37.37
CA ILE SA 165 -15.92 -80.94 36.40
C ILE SA 165 -16.67 -79.67 36.90
N GLU SA 166 -17.91 -79.84 37.34
CA GLU SA 166 -18.76 -78.72 37.84
C GLU SA 166 -18.08 -78.05 39.03
N ALA SA 167 -17.75 -78.90 39.98
CA ALA SA 167 -17.15 -78.51 41.27
C ALA SA 167 -15.80 -77.82 41.05
N ASP SA 168 -14.92 -78.47 40.30
CA ASP SA 168 -13.54 -77.95 40.10
C ASP SA 168 -13.57 -76.64 39.31
N SER SA 169 -14.46 -76.62 38.33
CA SER SA 169 -14.66 -75.44 37.39
C SER SA 169 -15.31 -74.23 38.04
N ASP SA 170 -15.74 -74.34 39.29
CA ASP SA 170 -16.52 -73.27 39.96
C ASP SA 170 -15.75 -71.97 40.01
N ARG SA 171 -14.46 -72.11 40.26
CA ARG SA 171 -13.50 -71.01 40.18
C ARG SA 171 -12.23 -71.43 39.51
N ASP SA 172 -11.34 -70.47 39.26
CA ASP SA 172 -10.10 -70.78 38.54
C ASP SA 172 -9.41 -72.00 39.12
N ARG SA 173 -9.11 -72.93 38.22
CA ARG SA 173 -8.55 -74.22 38.57
C ARG SA 173 -7.30 -74.42 37.76
N TRP SA 174 -6.16 -74.29 38.42
CA TRP SA 174 -4.87 -74.35 37.73
C TRP SA 174 -4.22 -75.73 37.76
N PHE SA 175 -3.67 -76.09 36.62
CA PHE SA 175 -2.97 -77.35 36.45
C PHE SA 175 -1.56 -77.10 35.89
N THR SA 176 -0.59 -77.79 36.47
CA THR SA 176 0.72 -77.96 35.85
C THR SA 176 0.61 -79.04 34.77
N ALA SA 177 1.56 -79.14 33.89
CA ALA SA 177 1.50 -80.20 32.88
C ALA SA 177 1.25 -81.56 33.53
N ALA SA 178 2.01 -81.80 34.59
CA ALA SA 178 1.85 -83.04 35.37
C ALA SA 178 0.38 -83.35 35.77
N GLU SA 179 -0.19 -82.40 36.44
CA GLU SA 179 -1.56 -82.48 37.00
C GLU SA 179 -2.60 -82.67 35.89
N ALA SA 180 -2.33 -82.01 34.78
CA ALA SA 180 -3.22 -82.00 33.61
C ALA SA 180 -3.26 -83.36 32.99
N LEU SA 181 -2.12 -84.05 33.08
CA LEU SA 181 -2.03 -85.46 32.59
C LEU SA 181 -2.91 -86.37 33.43
N GLU SA 182 -2.80 -86.22 34.73
CA GLU SA 182 -3.56 -87.10 35.61
C GLU SA 182 -5.03 -86.73 35.67
N TYR SA 183 -5.37 -85.52 35.30
CA TYR SA 183 -6.78 -85.14 35.27
C TYR SA 183 -7.44 -85.62 33.99
N GLY SA 184 -6.66 -85.77 32.95
CA GLY SA 184 -7.15 -86.24 31.65
C GLY SA 184 -7.41 -85.19 30.57
N PHE SA 185 -6.80 -84.01 30.72
CA PHE SA 185 -6.82 -82.96 29.68
C PHE SA 185 -5.90 -83.26 28.50
N VAL SA 186 -4.98 -84.13 28.79
CA VAL SA 186 -3.86 -84.32 27.94
C VAL SA 186 -3.40 -85.78 28.10
N ASP SA 187 -2.85 -86.34 27.05
CA ASP SA 187 -2.38 -87.73 27.04
C ASP SA 187 -0.91 -87.92 27.39
N HIS SA 188 -0.09 -87.01 26.93
CA HIS SA 188 1.35 -87.08 27.11
C HIS SA 188 1.94 -85.74 27.50
N ILE SA 189 3.11 -85.85 28.08
CA ILE SA 189 3.99 -84.71 28.27
C ILE SA 189 5.26 -84.91 27.49
N ILE SA 190 5.66 -83.90 26.76
CA ILE SA 190 6.83 -84.03 25.89
C ILE SA 190 8.16 -83.63 26.57
N THR SA 191 9.25 -84.34 26.24
CA THR SA 191 10.59 -84.15 26.89
C THR SA 191 11.83 -84.50 26.03
N ARG SA 192 12.81 -83.58 25.90
CA ARG SA 192 14.10 -83.87 25.17
C ARG SA 192 13.91 -83.99 23.64
N LEU TA 2 -18.41 -66.45 27.47
CA LEU TA 2 -16.91 -66.47 27.45
C LEU TA 2 -16.40 -67.62 28.32
N LEU TA 3 -15.50 -68.46 27.79
CA LEU TA 3 -14.57 -69.25 28.64
C LEU TA 3 -13.18 -68.58 28.67
N SER UA 15 9.80 -56.06 3.25
CA SER UA 15 9.93 -54.92 4.21
C SER UA 15 11.36 -54.85 4.74
N LEU UA 16 11.99 -53.69 4.73
CA LEU UA 16 13.47 -53.67 4.94
C LEU UA 16 13.94 -54.35 6.22
N THR UA 17 13.23 -54.14 7.31
CA THR UA 17 13.59 -54.77 8.60
C THR UA 17 13.28 -56.26 8.59
N ASP UA 18 12.07 -56.59 8.16
CA ASP UA 18 11.67 -57.98 7.90
C ASP UA 18 12.71 -58.73 7.04
N SER UA 19 13.05 -58.12 5.91
CA SER UA 19 14.00 -58.71 4.94
C SER UA 19 15.35 -59.02 5.59
N VAL UA 20 15.77 -58.09 6.43
CA VAL UA 20 17.09 -58.18 7.12
C VAL UA 20 17.09 -59.30 8.14
N TYR UA 21 15.96 -59.46 8.80
CA TYR UA 21 15.82 -60.49 9.83
C TYR UA 21 15.71 -61.84 9.17
N GLU UA 22 14.77 -61.96 8.22
CA GLU UA 22 14.70 -63.06 7.21
C GLU UA 22 16.08 -63.60 6.84
N ARG UA 23 16.95 -62.73 6.33
CA ARG UA 23 18.28 -63.18 5.84
C ARG UA 23 19.13 -63.75 6.99
N LEU UA 24 18.98 -63.15 8.15
CA LEU UA 24 19.56 -63.71 9.39
C LEU UA 24 18.92 -65.01 9.86
N LEU UA 25 17.60 -65.07 9.71
CA LEU UA 25 16.79 -66.27 10.00
C LEU UA 25 17.30 -67.49 9.21
N SER UA 26 17.58 -67.28 7.95
CA SER UA 26 18.14 -68.33 7.12
C SER UA 26 19.56 -68.70 7.54
N GLU UA 27 20.22 -67.80 8.26
CA GLU UA 27 21.55 -68.11 8.89
C GLU UA 27 21.41 -68.70 10.30
N ARG UA 28 20.19 -69.09 10.63
CA ARG UA 28 19.82 -69.70 11.92
C ARG UA 28 20.03 -68.74 13.11
N ILE UA 29 19.82 -67.47 12.83
CA ILE UA 29 19.90 -66.39 13.85
C ILE UA 29 18.52 -65.72 14.09
N ILE UA 30 18.12 -65.78 15.34
CA ILE UA 30 16.82 -65.26 15.81
C ILE UA 30 17.01 -64.19 16.88
N PHE UA 31 16.06 -63.28 16.96
CA PHE UA 31 16.09 -62.22 17.97
C PHE UA 31 14.90 -62.21 18.91
N LEU UA 32 15.23 -62.03 20.18
CA LEU UA 32 14.27 -61.68 21.22
C LEU UA 32 14.64 -60.28 21.62
N GLY UA 33 14.07 -59.31 20.91
CA GLY UA 33 14.47 -57.91 21.04
C GLY UA 33 13.51 -56.99 21.73
N SER UA 34 12.53 -57.53 22.42
CA SER UA 34 11.48 -56.71 23.03
C SER UA 34 10.81 -57.38 24.24
N GLU UA 35 9.81 -56.70 24.73
CA GLU UA 35 8.96 -57.24 25.79
C GLU UA 35 8.45 -58.57 25.33
N VAL UA 36 8.44 -59.51 26.26
CA VAL UA 36 8.01 -60.86 25.98
C VAL UA 36 6.49 -61.00 26.10
N ASN UA 37 5.78 -60.91 24.98
CA ASN UA 37 4.33 -61.25 24.92
C ASN UA 37 4.11 -62.62 24.38
N ASP UA 38 2.89 -63.03 24.56
CA ASP UA 38 2.30 -64.12 23.81
C ASP UA 38 2.65 -63.98 22.33
N GLU UA 39 2.46 -62.78 21.78
CA GLU UA 39 2.72 -62.57 20.33
C GLU UA 39 4.15 -62.77 19.90
N ILE UA 40 5.05 -62.16 20.66
CA ILE UA 40 6.48 -62.30 20.41
C ILE UA 40 6.96 -63.73 20.64
N ALA UA 41 6.47 -64.32 21.72
CA ALA UA 41 6.78 -65.71 22.11
C ALA UA 41 6.39 -66.68 21.03
N ASN UA 42 5.19 -66.46 20.48
CA ASN UA 42 4.66 -67.41 19.52
C ASN UA 42 5.49 -67.47 18.26
N ARG UA 43 5.90 -66.30 17.84
CA ARG UA 43 6.73 -66.14 16.64
C ARG UA 43 8.09 -66.78 16.86
N LEU UA 44 8.62 -66.59 18.05
CA LEU UA 44 9.90 -67.21 18.40
C LEU UA 44 9.79 -68.71 18.44
N CYS UA 45 8.71 -69.17 19.01
CA CYS UA 45 8.45 -70.60 19.09
C CYS UA 45 8.27 -71.22 17.71
N ALA UA 46 7.56 -70.49 16.86
CA ALA UA 46 7.39 -70.90 15.45
C ALA UA 46 8.73 -70.97 14.72
N GLN UA 47 9.52 -69.92 14.89
CA GLN UA 47 10.87 -69.87 14.29
C GLN UA 47 11.78 -71.05 14.72
N ILE UA 48 11.80 -71.34 16.01
CA ILE UA 48 12.62 -72.47 16.52
C ILE UA 48 12.11 -73.80 15.98
N LEU UA 49 10.79 -73.94 15.90
CA LEU UA 49 10.12 -75.13 15.29
C LEU UA 49 10.54 -75.34 13.82
N LEU UA 50 10.48 -74.25 13.08
CA LEU UA 50 10.75 -74.19 11.63
C LEU UA 50 12.22 -74.51 11.37
N LEU UA 51 13.10 -73.91 12.15
CA LEU UA 51 14.56 -74.14 12.04
C LEU UA 51 14.99 -75.55 12.40
N ALA UA 52 14.43 -76.08 13.47
CA ALA UA 52 14.65 -77.50 13.85
C ALA UA 52 14.23 -78.46 12.72
N ALA UA 53 13.02 -78.22 12.23
CA ALA UA 53 12.41 -79.00 11.12
C ALA UA 53 13.25 -78.90 9.84
N GLU UA 54 13.88 -77.76 9.62
CA GLU UA 54 14.79 -77.61 8.47
C GLU UA 54 16.00 -78.47 8.71
N ASP UA 55 16.87 -78.03 9.59
CA ASP UA 55 18.12 -78.73 9.87
C ASP UA 55 18.16 -79.07 11.37
N ALA UA 56 17.89 -80.32 11.70
CA ALA UA 56 17.76 -80.73 13.11
C ALA UA 56 19.13 -80.92 13.83
N SER UA 57 20.21 -80.65 13.15
CA SER UA 57 21.53 -80.88 13.73
C SER UA 57 22.27 -79.60 14.08
N LYS UA 58 22.15 -78.62 13.19
CA LYS UA 58 22.84 -77.32 13.35
C LYS UA 58 22.25 -76.46 14.46
N ASP UA 59 23.16 -75.74 15.11
CA ASP UA 59 22.80 -74.78 16.14
C ASP UA 59 21.86 -73.70 15.65
N ILE UA 60 21.06 -73.24 16.61
CA ILE UA 60 20.32 -71.98 16.53
C ILE UA 60 20.92 -70.92 17.49
N SER UA 61 21.10 -69.73 16.95
CA SER UA 61 21.57 -68.58 17.73
C SER UA 61 20.43 -67.60 18.08
N LEU UA 62 20.23 -67.43 19.38
CA LEU UA 62 19.17 -66.59 19.97
C LEU UA 62 19.76 -65.37 20.63
N TYR UA 63 19.74 -64.27 19.90
CA TYR UA 63 20.16 -62.97 20.42
C TYR UA 63 19.08 -62.36 21.29
N ILE UA 64 19.44 -61.98 22.48
CA ILE UA 64 18.47 -61.45 23.44
C ILE UA 64 18.78 -60.04 23.90
N ASN UA 65 17.85 -59.14 23.62
CA ASN UA 65 17.88 -57.75 24.12
C ASN UA 65 16.49 -57.38 24.53
N SER UA 66 16.13 -57.85 25.72
CA SER UA 66 14.72 -57.77 26.20
C SER UA 66 14.64 -57.37 27.65
N PRO UA 67 13.61 -56.60 28.03
CA PRO UA 67 13.44 -56.09 29.41
C PRO UA 67 12.67 -57.09 30.26
N GLY UA 68 12.25 -58.19 29.64
CA GLY UA 68 11.48 -59.20 30.33
C GLY UA 68 10.07 -59.21 29.81
N GLY UA 69 9.18 -59.83 30.57
CA GLY UA 69 7.78 -60.02 30.12
C GLY UA 69 6.99 -61.15 30.76
N SER UA 70 6.04 -61.69 30.00
CA SER UA 70 5.07 -62.67 30.51
C SER UA 70 5.78 -63.97 30.83
N ILE UA 71 5.55 -64.52 32.03
CA ILE UA 71 6.13 -65.84 32.34
C ILE UA 71 5.53 -66.96 31.48
N SER UA 72 4.19 -67.05 31.48
CA SER UA 72 3.43 -67.97 30.58
C SER UA 72 4.05 -68.05 29.15
N ALA UA 73 4.11 -66.88 28.52
CA ALA UA 73 4.76 -66.67 27.20
C ALA UA 73 6.25 -67.06 27.14
N GLY UA 74 6.98 -66.71 28.18
CA GLY UA 74 8.39 -67.05 28.29
C GLY UA 74 8.61 -68.57 28.35
N MET UA 75 7.75 -69.26 29.09
CA MET UA 75 7.83 -70.73 29.25
C MET UA 75 7.53 -71.47 27.94
N ALA UA 76 6.73 -70.84 27.11
CA ALA UA 76 6.45 -71.34 25.75
C ALA UA 76 7.77 -71.39 25.02
N ILE UA 77 8.49 -70.29 25.09
CA ILE UA 77 9.83 -70.19 24.48
C ILE UA 77 10.83 -71.16 25.09
N TYR UA 78 10.86 -71.18 26.40
CA TYR UA 78 11.74 -72.12 27.12
C TYR UA 78 11.51 -73.59 26.74
N ASP UA 79 10.26 -74.05 26.90
CA ASP UA 79 9.91 -75.45 26.53
C ASP UA 79 10.29 -75.73 25.07
N THR UA 80 10.02 -74.77 24.20
CA THR UA 80 10.29 -74.90 22.76
C THR UA 80 11.78 -75.04 22.50
N MET UA 81 12.55 -74.28 23.29
CA MET UA 81 14.04 -74.39 23.34
C MET UA 81 14.50 -75.77 23.80
N VAL UA 82 14.08 -76.15 24.99
CA VAL UA 82 14.41 -77.48 25.52
C VAL UA 82 14.04 -78.66 24.57
N LEU UA 83 12.85 -78.63 24.00
CA LEU UA 83 12.35 -79.74 23.15
C LEU UA 83 12.98 -79.78 21.78
N ALA UA 84 13.55 -78.67 21.37
CA ALA UA 84 14.27 -78.61 20.08
C ALA UA 84 15.39 -79.70 20.02
N PRO UA 85 15.59 -80.37 18.86
CA PRO UA 85 16.62 -81.41 18.75
C PRO UA 85 17.98 -80.78 18.75
N CYS UA 86 18.08 -79.67 18.07
CA CYS UA 86 19.35 -78.95 17.97
C CYS UA 86 19.62 -78.08 19.17
N ASP UA 87 20.89 -77.78 19.33
CA ASP UA 87 21.36 -76.88 20.36
C ASP UA 87 20.86 -75.45 20.14
N ILE UA 88 20.73 -74.72 21.24
CA ILE UA 88 20.34 -73.30 21.22
C ILE UA 88 21.32 -72.44 21.99
N ALA UA 89 22.05 -71.65 21.22
CA ALA UA 89 23.08 -70.74 21.74
C ALA UA 89 22.39 -69.42 22.06
N THR UA 90 22.74 -68.82 23.20
CA THR UA 90 22.08 -67.57 23.62
C THR UA 90 23.09 -66.47 23.84
N TYR UA 91 22.83 -65.33 23.21
CA TYR UA 91 23.68 -64.14 23.31
C TYR UA 91 22.97 -63.04 24.01
N ALA UA 92 23.54 -62.59 25.10
CA ALA UA 92 23.00 -61.42 25.78
C ALA UA 92 23.60 -60.14 25.18
N MET UA 93 22.80 -59.42 24.41
CA MET UA 93 23.26 -58.14 23.91
C MET UA 93 22.45 -56.92 24.38
N GLY UA 94 23.18 -55.96 24.92
CA GLY UA 94 22.61 -54.76 25.49
C GLY UA 94 21.97 -55.00 26.84
N MET UA 95 20.88 -55.73 26.81
CA MET UA 95 20.14 -56.11 28.04
C MET UA 95 19.37 -57.40 28.02
N ALA UA 96 19.62 -58.19 29.04
CA ALA UA 96 18.86 -59.42 29.31
C ALA UA 96 18.30 -59.40 30.71
N ALA UA 97 17.04 -59.02 30.78
CA ALA UA 97 16.36 -58.77 32.03
C ALA UA 97 15.20 -59.74 32.27
N SER UA 98 15.13 -60.21 33.51
CA SER UA 98 13.96 -60.93 33.99
C SER UA 98 13.73 -62.15 33.08
N MET UA 99 12.60 -62.29 32.38
CA MET UA 99 12.44 -63.45 31.46
C MET UA 99 13.64 -63.52 30.53
N GLY UA 100 14.09 -62.36 30.09
CA GLY UA 100 15.24 -62.22 29.20
C GLY UA 100 16.46 -62.92 29.77
N GLU UA 101 16.72 -62.67 31.06
CA GLU UA 101 17.83 -63.32 31.78
C GLU UA 101 17.59 -64.84 31.84
N PHE UA 102 16.38 -65.21 32.22
CA PHE UA 102 15.97 -66.60 32.34
C PHE UA 102 16.23 -67.36 31.05
N LEU UA 103 15.76 -66.80 29.98
CA LEU UA 103 15.91 -67.45 28.66
C LEU UA 103 17.35 -67.51 28.20
N LEU UA 104 18.07 -66.46 28.51
CA LEU UA 104 19.51 -66.43 28.28
C LEU UA 104 20.16 -67.61 28.99
N ALA UA 105 19.89 -67.69 30.28
CA ALA UA 105 20.49 -68.73 31.13
C ALA UA 105 20.03 -70.11 30.79
N ALA UA 106 18.89 -70.18 30.12
CA ALA UA 106 18.34 -71.45 29.63
C ALA UA 106 18.98 -71.96 28.33
N GLY UA 107 19.83 -71.16 27.72
CA GLY UA 107 20.60 -71.61 26.55
C GLY UA 107 21.41 -72.86 26.82
N THR UA 108 21.68 -73.64 25.78
CA THR UA 108 22.34 -74.96 26.00
C THR UA 108 23.72 -74.70 26.60
N LYS UA 109 23.94 -75.40 27.70
CA LYS UA 109 25.09 -75.19 28.52
C LYS UA 109 26.43 -75.30 27.74
N GLY UA 110 27.23 -74.27 27.88
CA GLY UA 110 28.51 -74.12 27.16
C GLY UA 110 28.41 -73.10 26.06
N LYS UA 111 27.20 -72.95 25.55
CA LYS UA 111 26.95 -71.98 24.43
C LYS UA 111 26.12 -70.77 24.79
N ARG UA 112 26.33 -70.29 26.01
CA ARG UA 112 25.65 -69.10 26.52
C ARG UA 112 26.63 -68.00 26.68
N TYR UA 113 26.39 -66.97 25.90
CA TYR UA 113 27.32 -65.83 25.78
C TYR UA 113 26.75 -64.50 26.27
N ALA UA 114 27.64 -63.68 26.76
CA ALA UA 114 27.30 -62.29 27.04
C ALA UA 114 28.21 -61.39 26.22
N LEU UA 115 27.64 -60.35 25.63
CA LEU UA 115 28.46 -59.29 25.01
C LEU UA 115 28.98 -58.48 26.17
N PRO UA 116 30.18 -57.89 26.06
CA PRO UA 116 30.95 -57.33 27.21
C PRO UA 116 30.32 -56.21 28.02
N HIS UA 117 29.44 -55.45 27.39
CA HIS UA 117 28.73 -54.35 28.10
C HIS UA 117 27.22 -54.59 28.23
N ALA UA 118 26.86 -55.86 28.12
CA ALA UA 118 25.46 -56.28 28.31
C ALA UA 118 25.23 -56.26 29.79
N ARG UA 119 23.99 -55.93 30.14
CA ARG UA 119 23.55 -56.01 31.54
C ARG UA 119 22.50 -57.11 31.71
N ILE UA 120 22.70 -57.86 32.78
CA ILE UA 120 21.75 -58.89 33.22
C ILE UA 120 21.05 -58.48 34.53
N LEU UA 121 19.73 -58.72 34.57
CA LEU UA 121 18.84 -58.36 35.69
C LEU UA 121 18.06 -59.59 36.13
N MET UA 122 18.26 -59.98 37.36
CA MET UA 122 17.50 -61.06 37.92
C MET UA 122 16.65 -60.49 39.00
N HIS UA 123 15.38 -60.88 38.98
CA HIS UA 123 14.44 -60.57 40.11
C HIS UA 123 13.24 -61.56 40.17
N GLN UA 124 12.46 -61.45 41.24
CA GLN UA 124 11.28 -62.31 41.43
C GLN UA 124 10.11 -61.76 40.59
N PRO UA 125 9.09 -62.61 40.38
CA PRO UA 125 7.92 -62.23 39.65
C PRO UA 125 7.13 -61.08 40.25
N LEU UA 126 6.54 -60.33 39.34
CA LEU UA 126 5.57 -59.32 39.63
C LEU UA 126 4.27 -59.76 39.05
N GLY UA 127 3.20 -59.13 39.48
CA GLY UA 127 1.90 -59.44 38.93
C GLY UA 127 0.83 -58.56 39.52
N GLY UA 128 -0.35 -59.13 39.65
CA GLY UA 128 -1.49 -58.40 40.13
C GLY UA 128 -2.45 -59.31 40.88
N VAL UA 129 -3.29 -58.68 41.66
CA VAL UA 129 -4.30 -59.38 42.46
C VAL UA 129 -5.63 -58.62 42.31
N THR UA 130 -6.69 -59.35 41.95
CA THR UA 130 -8.10 -58.77 41.88
C THR UA 130 -9.39 -59.60 42.17
N GLY UA 131 -10.47 -58.87 42.34
CA GLY UA 131 -11.79 -59.52 42.52
C GLY UA 131 -12.03 -60.18 43.92
N SER UA 132 -12.70 -61.32 44.01
CA SER UA 132 -13.14 -61.82 45.34
C SER UA 132 -12.03 -62.45 46.16
N ALA UA 133 -12.24 -62.48 47.46
CA ALA UA 133 -11.23 -63.00 48.41
C ALA UA 133 -10.89 -64.43 48.08
N ALA UA 134 -11.91 -65.16 47.66
CA ALA UA 134 -11.75 -66.52 47.13
C ALA UA 134 -10.88 -66.59 45.89
N ASP UA 135 -11.16 -65.71 44.97
CA ASP UA 135 -10.40 -65.62 43.68
C ASP UA 135 -8.92 -65.28 43.92
N ILE UA 136 -8.72 -64.47 44.94
CA ILE UA 136 -7.40 -63.95 45.29
C ILE UA 136 -6.57 -65.00 45.99
N ALA UA 137 -7.22 -65.69 46.92
CA ALA UA 137 -6.66 -66.88 47.58
C ALA UA 137 -6.04 -67.81 46.54
N ILE UA 138 -6.75 -67.97 45.43
CA ILE UA 138 -6.36 -68.90 44.33
C ILE UA 138 -5.16 -68.38 43.60
N GLN UA 139 -5.24 -67.10 43.27
CA GLN UA 139 -4.14 -66.41 42.58
C GLN UA 139 -2.86 -66.55 43.36
N ALA UA 140 -3.01 -66.33 44.65
CA ALA UA 140 -1.91 -66.33 45.61
C ALA UA 140 -1.23 -67.68 45.63
N GLU UA 141 -2.06 -68.71 45.73
CA GLU UA 141 -1.64 -70.12 45.71
C GLU UA 141 -0.76 -70.41 44.50
N GLN UA 142 -1.19 -69.82 43.39
CA GLN UA 142 -0.53 -69.89 42.05
C GLN UA 142 0.80 -69.16 42.01
N PHE UA 143 0.84 -68.02 42.69
CA PHE UA 143 2.12 -67.27 42.87
C PHE UA 143 3.19 -68.12 43.55
N ALA UA 144 2.82 -68.76 44.65
CA ALA UA 144 3.68 -69.71 45.39
C ALA UA 144 4.31 -70.77 44.48
N VAL UA 145 3.44 -71.41 43.71
CA VAL UA 145 3.83 -72.49 42.77
C VAL UA 145 4.81 -72.00 41.75
N ILE UA 146 4.46 -70.86 41.14
CA ILE UA 146 5.27 -70.25 40.10
C ILE UA 146 6.60 -69.67 40.59
N LYS UA 147 6.53 -68.83 41.61
CA LYS UA 147 7.73 -68.32 42.29
C LYS UA 147 8.73 -69.49 42.54
N LYS UA 148 8.24 -70.54 43.18
CA LYS UA 148 9.06 -71.72 43.51
C LYS UA 148 9.73 -72.32 42.29
N GLU UA 149 8.94 -72.50 41.26
CA GLU UA 149 9.37 -73.20 40.04
C GLU UA 149 10.39 -72.36 39.29
N MET UA 150 10.12 -71.07 39.18
CA MET UA 150 11.03 -70.17 38.44
C MET UA 150 12.36 -70.12 39.13
N PHE UA 151 12.30 -70.12 40.45
CA PHE UA 151 13.55 -70.16 41.24
C PHE UA 151 14.32 -71.47 41.04
N ARG UA 152 13.60 -72.58 41.15
CA ARG UA 152 14.17 -73.92 40.92
C ARG UA 152 14.96 -74.01 39.62
N LEU UA 153 14.36 -73.46 38.58
CA LEU UA 153 14.95 -73.45 37.23
C LEU UA 153 16.16 -72.54 37.06
N ASN UA 154 16.10 -71.37 37.66
CA ASN UA 154 17.26 -70.46 37.63
C ASN UA 154 18.42 -71.03 38.40
N ALA UA 155 18.07 -71.70 39.50
CA ALA UA 155 19.05 -72.45 40.27
C ALA UA 155 19.73 -73.49 39.37
N GLU UA 156 18.93 -74.23 38.64
CA GLU UA 156 19.44 -75.31 37.76
C GLU UA 156 20.34 -74.71 36.73
N PHE UA 157 19.89 -73.64 36.11
CA PHE UA 157 20.66 -72.97 35.02
C PHE UA 157 22.01 -72.41 35.45
N THR UA 158 21.97 -71.67 36.55
CA THR UA 158 23.12 -71.00 37.10
C THR UA 158 24.07 -71.89 37.86
N GLY UA 159 23.53 -72.91 38.53
CA GLY UA 159 24.32 -73.81 39.41
C GLY UA 159 24.27 -73.41 40.87
N GLN UA 160 23.57 -72.32 41.13
CA GLN UA 160 23.44 -71.80 42.50
C GLN UA 160 22.42 -72.61 43.30
N PRO UA 161 22.51 -72.56 44.63
CA PRO UA 161 21.45 -73.07 45.43
C PRO UA 161 20.17 -72.24 45.36
N ILE UA 162 19.05 -72.94 45.38
CA ILE UA 162 17.73 -72.29 45.37
C ILE UA 162 17.57 -71.20 46.47
N GLU UA 163 18.19 -71.37 47.61
CA GLU UA 163 18.09 -70.38 48.72
C GLU UA 163 18.70 -69.06 48.33
N ARG UA 164 19.80 -69.12 47.58
CA ARG UA 164 20.48 -67.89 47.12
C ARG UA 164 19.72 -67.19 46.00
N ILE UA 165 19.23 -68.02 45.10
CA ILE UA 165 18.36 -67.49 44.02
C ILE UA 165 17.17 -66.72 44.64
N GLU UA 166 16.56 -67.30 45.66
CA GLU UA 166 15.37 -66.71 46.34
C GLU UA 166 15.76 -65.36 46.89
N ALA UA 167 16.84 -65.40 47.63
CA ALA UA 167 17.37 -64.25 48.37
C ALA UA 167 17.78 -63.14 47.42
N ASP UA 168 18.59 -63.48 46.43
CA ASP UA 168 19.13 -62.47 45.49
C ASP UA 168 18.02 -61.86 44.64
N SER UA 169 17.10 -62.73 44.27
CA SER UA 169 15.94 -62.38 43.44
C SER UA 169 14.89 -61.52 44.15
N ASP UA 170 15.02 -61.31 45.44
CA ASP UA 170 13.97 -60.63 46.23
C ASP UA 170 13.65 -59.25 45.67
N ARG UA 171 14.71 -58.58 45.26
CA ARG UA 171 14.61 -57.30 44.58
C ARG UA 171 15.54 -57.23 43.38
N ASP UA 172 15.44 -56.17 42.58
CA ASP UA 172 16.27 -56.06 41.41
C ASP UA 172 17.75 -56.33 41.72
N ARG UA 173 18.30 -57.24 40.95
CA ARG UA 173 19.66 -57.73 41.15
C ARG UA 173 20.42 -57.61 39.86
N TRP UA 174 21.32 -56.65 39.83
CA TRP UA 174 22.01 -56.30 38.56
C TRP UA 174 23.38 -56.92 38.42
N PHE UA 175 23.65 -57.40 37.23
CA PHE UA 175 24.93 -58.04 36.89
C PHE UA 175 25.53 -57.41 35.64
N THR UA 176 26.81 -57.13 35.73
CA THR UA 176 27.64 -56.85 34.55
C THR UA 176 27.97 -58.19 33.86
N ALA UA 177 28.42 -58.15 32.62
CA ALA UA 177 28.75 -59.42 31.93
C ALA UA 177 29.65 -60.25 32.83
N ALA UA 178 30.64 -59.57 33.38
CA ALA UA 178 31.65 -60.22 34.30
C ALA UA 178 31.00 -61.03 35.43
N GLU UA 179 30.16 -60.32 36.16
CA GLU UA 179 29.44 -60.85 37.33
C GLU UA 179 28.49 -62.00 36.96
N ALA UA 180 27.90 -61.86 35.79
CA ALA UA 180 26.97 -62.84 35.25
C ALA UA 180 27.65 -64.13 34.93
N LEU UA 181 28.88 -64.00 34.50
CA LEU UA 181 29.70 -65.19 34.25
C LEU UA 181 29.97 -65.96 35.56
N GLU UA 182 30.38 -65.24 36.59
CA GLU UA 182 30.68 -65.89 37.86
C GLU UA 182 29.45 -66.43 38.55
N TYR UA 183 28.30 -65.85 38.26
CA TYR UA 183 27.08 -66.28 38.93
C TYR UA 183 26.53 -67.51 38.23
N GLY UA 184 26.85 -67.64 36.97
CA GLY UA 184 26.47 -68.85 36.19
C GLY UA 184 25.29 -68.68 35.22
N PHE UA 185 24.98 -67.43 34.87
CA PHE UA 185 23.92 -67.11 33.88
C PHE UA 185 24.38 -67.40 32.48
N VAL UA 186 25.67 -67.44 32.39
CA VAL UA 186 26.31 -67.36 31.12
C VAL UA 186 27.65 -68.12 31.21
N ASP UA 187 28.08 -68.69 30.09
CA ASP UA 187 29.32 -69.49 30.04
C ASP UA 187 30.53 -68.69 29.61
N HIS UA 188 30.33 -67.81 28.67
CA HIS UA 188 31.43 -67.04 28.09
C HIS UA 188 31.07 -65.58 27.92
N ILE UA 189 32.14 -64.80 27.83
CA ILE UA 189 32.04 -63.42 27.38
C ILE UA 189 32.78 -63.24 26.07
N ILE UA 190 32.15 -62.63 25.11
CA ILE UA 190 32.76 -62.46 23.78
C ILE UA 190 33.62 -61.18 23.63
N THR UA 191 34.78 -61.33 22.95
CA THR UA 191 35.92 -60.35 22.98
C THR UA 191 36.31 -59.59 21.73
N ARG UA 192 36.53 -60.19 20.54
CA ARG UA 192 36.93 -59.45 19.30
C ARG UA 192 36.94 -60.39 18.04
N LEU VA 2 4.26 -62.03 35.69
CA LEU VA 2 5.34 -61.45 34.88
C LEU VA 2 6.65 -61.73 35.58
N LEU VA 3 7.70 -61.89 34.82
CA LEU VA 3 9.09 -61.75 35.30
C LEU VA 3 9.52 -60.41 34.67
N SER WA 15 9.00 -50.72 -0.83
CA SER WA 15 8.62 -49.39 -0.27
C SER WA 15 9.69 -48.35 -0.59
N LEU WA 16 9.32 -47.19 -1.10
CA LEU WA 16 10.36 -46.30 -1.69
C LEU WA 16 11.49 -45.97 -0.77
N THR WA 17 11.19 -45.68 0.48
CA THR WA 17 12.27 -45.37 1.46
C THR WA 17 13.07 -46.63 1.80
N ASP WA 18 12.36 -47.70 2.12
CA ASP WA 18 12.95 -49.02 2.34
C ASP WA 18 13.86 -49.42 1.18
N SER WA 19 13.33 -49.30 -0.02
CA SER WA 19 14.07 -49.63 -1.27
C SER WA 19 15.40 -48.83 -1.40
N VAL WA 20 15.31 -47.58 -1.02
CA VAL WA 20 16.46 -46.65 -1.08
C VAL WA 20 17.52 -46.99 -0.07
N TYR WA 21 17.08 -47.40 1.09
CA TYR WA 21 17.98 -47.78 2.15
C TYR WA 21 18.65 -49.13 1.83
N GLU WA 22 17.81 -50.12 1.52
CA GLU WA 22 18.20 -51.41 0.87
C GLU WA 22 19.38 -51.28 -0.09
N ARG WA 23 19.20 -50.42 -1.10
CA ARG WA 23 20.26 -50.24 -2.10
C ARG WA 23 21.57 -49.73 -1.46
N LEU WA 24 21.42 -48.86 -0.49
CA LEU WA 24 22.58 -48.37 0.31
C LEU WA 24 23.16 -49.44 1.20
N LEU WA 25 22.26 -50.21 1.80
CA LEU WA 25 22.65 -51.37 2.65
C LEU WA 25 23.57 -52.33 1.87
N SER WA 26 23.23 -52.60 0.61
CA SER WA 26 24.05 -53.46 -0.24
C SER WA 26 25.38 -52.78 -0.58
N GLU WA 27 25.43 -51.45 -0.46
CA GLU WA 27 26.71 -50.68 -0.56
C GLU WA 27 27.42 -50.53 0.79
N ARG WA 28 26.98 -51.33 1.76
CA ARG WA 28 27.58 -51.39 3.13
C ARG WA 28 27.44 -50.07 3.89
N ILE WA 29 26.32 -49.41 3.60
CA ILE WA 29 25.97 -48.14 4.27
C ILE WA 29 24.68 -48.30 5.08
N ILE WA 30 24.81 -47.95 6.34
CA ILE WA 30 23.80 -48.03 7.36
C ILE WA 30 23.52 -46.69 8.01
N PHE WA 31 22.27 -46.50 8.45
CA PHE WA 31 21.88 -45.27 9.15
C PHE WA 31 21.34 -45.46 10.53
N LEU WA 32 21.85 -44.62 11.40
CA LEU WA 32 21.26 -44.40 12.71
C LEU WA 32 20.68 -42.99 12.66
N GLY WA 33 19.44 -42.92 12.23
CA GLY WA 33 18.79 -41.63 11.90
C GLY WA 33 17.72 -41.18 12.86
N SER WA 34 17.69 -41.76 14.05
CA SER WA 34 16.63 -41.46 15.00
C SER WA 34 16.99 -41.71 16.42
N GLU WA 35 15.97 -41.52 17.25
CA GLU WA 35 16.06 -41.89 18.67
C GLU WA 35 16.47 -43.31 18.72
N VAL WA 36 17.37 -43.58 19.64
CA VAL WA 36 17.90 -44.91 19.87
C VAL WA 36 17.00 -45.75 20.79
N ASN WA 37 16.13 -46.55 20.21
CA ASN WA 37 15.40 -47.58 20.95
C ASN WA 37 16.04 -48.93 20.84
N ASP WA 38 15.55 -49.78 21.71
CA ASP WA 38 15.65 -51.22 21.54
C ASP WA 38 15.36 -51.60 20.04
N GLU WA 39 14.24 -51.10 19.50
CA GLU WA 39 13.77 -51.48 18.12
C GLU WA 39 14.79 -51.07 17.08
N ILE WA 40 15.21 -49.83 17.16
CA ILE WA 40 16.23 -49.30 16.22
C ILE WA 40 17.60 -49.98 16.38
N ALA WA 41 17.99 -50.17 17.62
CA ALA WA 41 19.24 -50.81 17.97
C ALA WA 41 19.31 -52.20 17.42
N ASN WA 42 18.21 -52.90 17.56
CA ASN WA 42 18.20 -54.32 17.16
C ASN WA 42 18.39 -54.49 15.68
N ARG WA 43 17.71 -53.64 14.95
CA ARG WA 43 17.83 -53.61 13.49
C ARG WA 43 19.26 -53.28 13.06
N LEU WA 44 19.86 -52.31 13.73
CA LEU WA 44 21.24 -51.92 13.42
C LEU WA 44 22.18 -53.04 13.72
N CYS WA 45 21.95 -53.66 14.85
CA CYS WA 45 22.78 -54.79 15.24
C CYS WA 45 22.66 -55.92 14.20
N ALA WA 46 21.42 -56.15 13.75
CA ALA WA 46 21.14 -57.21 12.77
C ALA WA 46 21.86 -56.89 11.46
N GLN WA 47 21.75 -55.65 11.06
CA GLN WA 47 22.43 -55.20 9.85
C GLN WA 47 23.96 -55.39 9.91
N ILE WA 48 24.56 -55.00 11.02
CA ILE WA 48 26.03 -55.14 11.16
C ILE WA 48 26.43 -56.60 11.11
N LEU WA 49 25.61 -57.41 11.76
CA LEU WA 49 25.79 -58.89 11.80
C LEU WA 49 25.78 -59.48 10.36
N LEU WA 50 24.78 -59.05 9.61
CA LEU WA 50 24.47 -59.55 8.27
C LEU WA 50 25.61 -59.13 7.34
N LEU WA 51 26.02 -57.87 7.47
CA LEU WA 51 27.11 -57.33 6.63
C LEU WA 51 28.45 -57.99 6.90
N ALA WA 52 28.76 -58.18 8.17
CA ALA WA 52 30.00 -58.88 8.57
C ALA WA 52 30.03 -60.31 7.97
N ALA WA 53 28.90 -61.00 8.16
CA ALA WA 53 28.69 -62.37 7.65
C ALA WA 53 28.79 -62.43 6.12
N GLU WA 54 28.36 -61.37 5.44
CA GLU WA 54 28.53 -61.29 3.96
C GLU WA 54 29.99 -61.16 3.61
N ASP WA 55 30.53 -60.00 3.86
CA ASP WA 55 31.94 -59.72 3.57
C ASP WA 55 32.68 -59.26 4.82
N ALA WA 56 33.46 -60.15 5.42
CA ALA WA 56 34.06 -59.88 6.75
C ALA WA 56 35.31 -58.98 6.68
N SER WA 57 35.64 -58.51 5.50
CA SER WA 57 36.88 -57.76 5.29
C SER WA 57 36.62 -56.29 4.97
N LYS WA 58 35.60 -56.04 4.15
CA LYS WA 58 35.20 -54.66 3.77
C LYS WA 58 34.53 -53.82 4.90
N ASP WA 59 34.87 -52.55 4.89
CA ASP WA 59 34.31 -51.59 5.83
C ASP WA 59 32.79 -51.50 5.76
N ILE WA 60 32.23 -51.16 6.92
CA ILE WA 60 30.85 -50.69 7.09
C ILE WA 60 30.82 -49.20 7.47
N SER WA 61 29.98 -48.48 6.75
CA SER WA 61 29.78 -47.07 6.97
C SER WA 61 28.47 -46.79 7.73
N LEU WA 62 28.63 -46.18 8.89
CA LEU WA 62 27.52 -45.88 9.82
C LEU WA 62 27.28 -44.41 9.91
N TYR WA 63 26.28 -43.98 9.17
CA TYR WA 63 25.85 -42.54 9.15
C TYR WA 63 24.98 -42.26 10.33
N ILE WA 64 25.34 -41.28 11.09
CA ILE WA 64 24.63 -40.98 12.34
C ILE WA 64 24.02 -39.58 12.30
N ASN WA 65 22.71 -39.55 12.41
CA ASN WA 65 21.90 -38.31 12.65
C ASN WA 65 20.81 -38.62 13.69
N SER WA 66 21.23 -38.61 14.96
CA SER WA 66 20.40 -39.06 16.08
C SER WA 66 20.52 -38.14 17.28
N PRO WA 67 19.42 -37.95 18.03
CA PRO WA 67 19.38 -37.08 19.18
C PRO WA 67 19.80 -37.82 20.46
N GLY WA 68 20.08 -39.11 20.33
CA GLY WA 68 20.46 -39.93 21.47
C GLY WA 68 19.38 -40.94 21.76
N GLY WA 69 19.43 -41.50 22.95
CA GLY WA 69 18.47 -42.54 23.34
C GLY WA 69 18.89 -43.48 24.48
N SER WA 70 18.41 -44.72 24.40
CA SER WA 70 18.58 -45.71 25.49
C SER WA 70 20.01 -46.16 25.56
N ILE WA 71 20.56 -46.13 26.77
CA ILE WA 71 21.94 -46.62 26.94
C ILE WA 71 22.06 -48.13 26.67
N SER WA 72 21.23 -48.88 27.39
CA SER WA 72 21.08 -50.33 27.15
C SER WA 72 21.13 -50.64 25.64
N ALA WA 73 20.22 -50.01 24.90
CA ALA WA 73 20.08 -50.18 23.42
C ALA WA 73 21.29 -49.74 22.67
N GLY WA 74 21.85 -48.64 23.13
CA GLY WA 74 23.09 -48.11 22.54
C GLY WA 74 24.30 -49.07 22.69
N MET WA 75 24.39 -49.72 23.85
CA MET WA 75 25.49 -50.64 24.14
C MET WA 75 25.39 -51.89 23.33
N ALA WA 76 24.17 -52.25 22.99
CA ALA WA 76 23.95 -53.37 22.06
C ALA WA 76 24.66 -53.04 20.78
N ILE WA 77 24.38 -51.86 20.26
CA ILE WA 77 25.01 -51.36 19.01
C ILE WA 77 26.54 -51.30 19.17
N TYR WA 78 26.99 -50.72 20.28
CA TYR WA 78 28.43 -50.57 20.55
C TYR WA 78 29.16 -51.91 20.57
N ASP WA 79 28.68 -52.82 21.40
CA ASP WA 79 29.29 -54.16 21.45
C ASP WA 79 29.27 -54.86 20.08
N THR WA 80 28.16 -54.73 19.39
CA THR WA 80 28.02 -55.32 18.07
C THR WA 80 29.04 -54.74 17.09
N MET WA 81 29.26 -53.42 17.22
CA MET WA 81 30.36 -52.69 16.46
C MET WA 81 31.76 -53.25 16.78
N VAL WA 82 32.10 -53.24 18.06
CA VAL WA 82 33.38 -53.76 18.53
C VAL WA 82 33.62 -55.20 18.07
N LEU WA 83 32.62 -56.06 18.20
CA LEU WA 83 32.79 -57.52 17.92
C LEU WA 83 32.80 -57.83 16.45
N ALA WA 84 32.29 -56.92 15.64
CA ALA WA 84 32.36 -57.08 14.16
C ALA WA 84 33.81 -57.29 13.70
N PRO WA 85 34.03 -58.15 12.68
CA PRO WA 85 35.39 -58.42 12.22
C PRO WA 85 35.91 -57.25 11.45
N CYS WA 86 35.03 -56.71 10.63
CA CYS WA 86 35.38 -55.59 9.78
C CYS WA 86 35.38 -54.30 10.55
N ASP WA 87 36.08 -53.33 9.98
CA ASP WA 87 36.07 -51.94 10.47
C ASP WA 87 34.73 -51.25 10.30
N ILE WA 88 34.49 -50.31 11.20
CA ILE WA 88 33.24 -49.52 11.22
C ILE WA 88 33.56 -48.06 11.23
N ALA WA 89 33.30 -47.47 10.08
CA ALA WA 89 33.49 -46.02 9.83
C ALA WA 89 32.24 -45.25 10.26
N THR WA 90 32.42 -44.13 10.93
CA THR WA 90 31.26 -43.41 11.48
C THR WA 90 31.25 -42.00 10.99
N TYR WA 91 30.11 -41.60 10.46
CA TYR WA 91 29.90 -40.25 9.92
C TYR WA 91 28.87 -39.50 10.70
N ALA WA 92 29.27 -38.39 11.24
CA ALA WA 92 28.34 -37.54 11.93
C ALA WA 92 27.70 -36.59 10.95
N MET WA 93 26.43 -36.82 10.64
CA MET WA 93 25.73 -35.89 9.81
C MET WA 93 24.54 -35.22 10.48
N GLY WA 94 24.54 -33.91 10.40
CA GLY WA 94 23.48 -33.07 10.94
C GLY WA 94 23.62 -32.96 12.42
N MET WA 95 23.38 -34.08 13.08
CA MET WA 95 23.48 -34.20 14.56
C MET WA 95 23.80 -35.56 15.13
N ALA WA 96 24.83 -35.55 15.97
CA ALA WA 96 25.24 -36.71 16.77
C ALA WA 96 25.25 -36.31 18.21
N ALA WA 97 24.16 -36.66 18.88
CA ALA WA 97 23.92 -36.29 20.28
C ALA WA 97 23.87 -37.47 21.24
N SER WA 98 24.53 -37.30 22.37
CA SER WA 98 24.41 -38.22 23.52
C SER WA 98 24.82 -39.63 23.10
N MET WA 99 23.94 -40.64 23.11
CA MET WA 99 24.31 -42.00 22.54
C MET WA 99 24.87 -41.84 21.13
N GLY WA 100 24.24 -40.97 20.35
CA GLY WA 100 24.67 -40.65 18.97
C GLY WA 100 26.15 -40.22 18.92
N GLU WA 101 26.54 -39.32 19.83
CA GLU WA 101 27.95 -38.90 19.95
C GLU WA 101 28.85 -40.10 20.35
N PHE WA 102 28.40 -40.82 21.38
CA PHE WA 102 29.09 -41.99 21.91
C PHE WA 102 29.40 -42.98 20.80
N LEU WA 103 28.38 -43.31 20.03
CA LEU WA 103 28.52 -44.30 18.97
C LEU WA 103 29.40 -43.78 17.85
N LEU WA 104 29.28 -42.51 17.59
CA LEU WA 104 30.14 -41.86 16.62
C LEU WA 104 31.58 -42.04 17.04
N ALA WA 105 31.85 -41.63 18.26
CA ALA WA 105 33.24 -41.66 18.82
C ALA WA 105 33.79 -43.07 18.95
N ALA WA 106 32.86 -44.03 18.97
CA ALA WA 106 33.20 -45.47 19.08
C ALA WA 106 33.61 -46.09 17.74
N GLY WA 107 33.45 -45.33 16.67
CA GLY WA 107 33.87 -45.80 15.35
C GLY WA 107 35.34 -46.18 15.36
N THR WA 108 35.75 -47.06 14.45
CA THR WA 108 37.15 -47.56 14.45
C THR WA 108 38.09 -46.38 14.18
N LYS WA 109 39.06 -46.25 15.07
CA LYS WA 109 39.99 -45.09 15.10
C LYS WA 109 40.66 -44.83 13.80
N GLY WA 110 40.57 -43.59 13.37
CA GLY WA 110 41.09 -43.15 12.09
C GLY WA 110 39.98 -42.97 11.08
N LYS WA 111 38.91 -43.75 11.25
CA LYS WA 111 37.77 -43.74 10.33
C LYS WA 111 36.50 -43.15 10.93
N ARG WA 112 36.67 -42.13 11.77
CA ARG WA 112 35.54 -41.35 12.36
C ARG WA 112 35.46 -39.97 11.81
N TYR WA 113 34.38 -39.72 11.12
CA TYR WA 113 34.22 -38.46 10.35
C TYR WA 113 33.11 -37.60 10.86
N ALA WA 114 33.32 -36.31 10.71
CA ALA WA 114 32.23 -35.36 10.90
C ALA WA 114 31.97 -34.59 9.59
N LEU WA 115 30.71 -34.40 9.26
CA LEU WA 115 30.37 -33.52 8.16
C LEU WA 115 30.55 -32.12 8.75
N PRO WA 116 30.90 -31.12 7.95
CA PRO WA 116 31.37 -29.80 8.43
C PRO WA 116 30.43 -29.01 9.30
N HIS WA 117 29.13 -29.19 9.12
CA HIS WA 117 28.13 -28.41 9.89
C HIS WA 117 27.31 -29.29 10.81
N ALA WA 118 27.88 -30.44 11.09
CA ALA WA 118 27.30 -31.36 12.03
C ALA WA 118 27.56 -30.80 13.40
N ARG WA 119 26.61 -31.05 14.28
CA ARG WA 119 26.78 -30.73 15.70
C ARG WA 119 26.85 -32.01 16.55
N ILE WA 120 27.81 -31.99 17.46
CA ILE WA 120 28.03 -33.05 18.45
C ILE WA 120 27.69 -32.53 19.89
N LEU WA 121 26.98 -33.38 20.66
CA LEU WA 121 26.42 -33.05 22.00
C LEU WA 121 26.82 -34.11 22.94
N MET WA 122 27.58 -33.73 23.94
CA MET WA 122 28.03 -34.66 24.96
C MET WA 122 27.39 -34.21 26.24
N HIS WA 123 26.79 -35.17 26.96
CA HIS WA 123 26.28 -34.92 28.32
C HIS WA 123 26.15 -36.21 29.12
N GLN WA 124 25.82 -36.07 30.41
CA GLN WA 124 25.69 -37.22 31.31
C GLN WA 124 24.33 -37.79 31.17
N PRO WA 125 24.15 -39.03 31.68
CA PRO WA 125 22.90 -39.74 31.60
C PRO WA 125 21.77 -39.10 32.35
N LEU WA 126 20.61 -39.29 31.78
CA LEU WA 126 19.35 -38.93 32.40
C LEU WA 126 18.65 -40.21 32.74
N GLY WA 127 17.63 -40.10 33.55
CA GLY WA 127 16.78 -41.27 33.78
C GLY WA 127 15.61 -40.95 34.68
N GLY WA 128 15.27 -41.94 35.50
CA GLY WA 128 14.16 -41.84 36.38
C GLY WA 128 14.34 -42.67 37.62
N VAL WA 129 13.58 -42.30 38.65
CA VAL WA 129 13.61 -42.98 39.94
C VAL WA 129 12.20 -43.20 40.43
N THR WA 130 11.92 -44.43 40.83
CA THR WA 130 10.59 -44.80 41.30
C THR WA 130 10.68 -45.97 42.19
N GLY WA 131 9.64 -46.14 42.99
CA GLY WA 131 9.46 -47.37 43.78
C GLY WA 131 9.63 -47.17 45.26
N SER WA 132 9.86 -48.27 45.94
CA SER WA 132 10.18 -48.21 47.37
C SER WA 132 11.60 -47.69 47.57
N ALA WA 133 11.84 -47.19 48.76
CA ALA WA 133 13.12 -46.56 49.10
C ALA WA 133 14.27 -47.54 48.86
N ALA WA 134 13.97 -48.77 49.17
CA ALA WA 134 14.88 -49.88 48.85
C ALA WA 134 15.13 -50.03 47.36
N ASP WA 135 14.07 -49.98 46.59
CA ASP WA 135 14.15 -50.15 45.12
C ASP WA 135 15.00 -49.03 44.49
N ILE WA 136 14.89 -47.88 45.11
CA ILE WA 136 15.48 -46.64 44.62
C ILE WA 136 16.93 -46.62 44.94
N ALA WA 137 17.23 -47.03 46.16
CA ALA WA 137 18.63 -47.24 46.60
C ALA WA 137 19.38 -48.07 45.55
N ILE WA 138 18.71 -49.09 45.01
CA ILE WA 138 19.30 -50.02 44.02
C ILE WA 138 19.52 -49.37 42.68
N GLN WA 139 18.49 -48.67 42.25
CA GLN WA 139 18.55 -47.87 41.00
C GLN WA 139 19.72 -46.91 41.01
N ALA WA 140 19.84 -46.24 42.13
CA ALA WA 140 20.84 -45.22 42.36
C ALA WA 140 22.23 -45.79 42.22
N GLU WA 141 22.42 -46.90 42.89
CA GLU WA 141 23.67 -47.67 42.85
C GLU WA 141 24.10 -47.93 41.41
N GLN WA 142 23.10 -48.29 40.62
CA GLN WA 142 23.21 -48.63 39.21
C GLN WA 142 23.60 -47.41 38.40
N PHE WA 143 23.04 -46.28 38.79
CA PHE WA 143 23.36 -44.96 38.12
C PHE WA 143 24.86 -44.68 38.25
N ALA WA 144 25.37 -44.83 39.47
CA ALA WA 144 26.83 -44.70 39.76
C ALA WA 144 27.69 -45.54 38.82
N VAL WA 145 27.33 -46.82 38.72
CA VAL WA 145 28.05 -47.80 37.88
C VAL WA 145 28.08 -47.36 36.43
N ILE WA 146 26.89 -47.02 35.95
CA ILE WA 146 26.69 -46.66 34.55
C ILE WA 146 27.35 -45.31 34.17
N LYS WA 147 27.06 -44.29 34.96
CA LYS WA 147 27.71 -43.00 34.80
C LYS WA 147 29.22 -43.18 34.65
N LYS WA 148 29.77 -43.92 35.57
CA LYS WA 148 31.22 -44.14 35.63
C LYS WA 148 31.74 -44.80 34.37
N GLU WA 149 31.04 -45.83 33.97
CA GLU WA 149 31.43 -46.63 32.82
C GLU WA 149 31.33 -45.81 31.54
N MET WA 150 30.22 -45.10 31.37
CA MET WA 150 30.00 -44.31 30.14
C MET WA 150 31.08 -43.26 30.01
N PHE WA 151 31.46 -42.69 31.13
CA PHE WA 151 32.53 -41.70 31.16
C PHE WA 151 33.86 -42.33 30.80
N ARG WA 152 34.14 -43.47 31.43
CA ARG WA 152 35.39 -44.25 31.17
C ARG WA 152 35.58 -44.48 29.65
N LEU WA 153 34.50 -44.88 29.01
CA LEU WA 153 34.50 -45.18 27.58
C LEU WA 153 34.68 -43.95 26.69
N ASN WA 154 34.03 -42.85 27.05
CA ASN WA 154 34.14 -41.60 26.26
C ASN WA 154 35.55 -41.04 26.37
N ALA WA 155 36.10 -41.19 27.56
CA ALA WA 155 37.51 -40.88 27.83
C ALA WA 155 38.42 -41.70 26.91
N GLU WA 156 38.18 -43.01 26.84
CA GLU WA 156 38.94 -43.94 25.96
C GLU WA 156 38.81 -43.52 24.50
N PHE WA 157 37.60 -43.25 24.04
CA PHE WA 157 37.36 -42.87 22.63
C PHE WA 157 38.08 -41.59 22.22
N THR WA 158 37.92 -40.59 23.07
CA THR WA 158 38.36 -39.23 22.79
C THR WA 158 39.80 -39.03 23.01
N GLY WA 159 40.32 -39.73 23.99
CA GLY WA 159 41.69 -39.51 24.48
C GLY WA 159 41.80 -38.48 25.59
N GLN WA 160 40.67 -37.97 26.04
CA GLN WA 160 40.62 -37.08 27.20
C GLN WA 160 40.67 -37.80 28.53
N PRO WA 161 41.04 -37.05 29.60
CA PRO WA 161 41.02 -37.69 30.92
C PRO WA 161 39.60 -37.79 31.45
N ILE WA 162 39.31 -38.87 32.12
CA ILE WA 162 37.99 -39.09 32.67
C ILE WA 162 37.50 -37.88 33.47
N GLU WA 163 38.40 -37.15 34.10
CA GLU WA 163 38.00 -35.99 34.99
C GLU WA 163 37.40 -34.89 34.20
N ARG WA 164 37.95 -34.66 33.01
CA ARG WA 164 37.40 -33.66 32.08
C ARG WA 164 36.06 -34.11 31.39
N ILE WA 165 36.01 -35.39 31.00
CA ILE WA 165 34.77 -35.96 30.52
C ILE WA 165 33.66 -35.76 31.57
N GLU WA 166 33.96 -36.03 32.83
CA GLU WA 166 32.97 -35.90 33.93
C GLU WA 166 32.44 -34.49 34.01
N ALA WA 167 33.41 -33.60 34.05
CA ALA WA 167 33.17 -32.16 34.23
C ALA WA 167 32.41 -31.61 33.05
N ASP WA 168 32.88 -31.90 31.86
CA ASP WA 168 32.29 -31.28 30.60
C ASP WA 168 30.88 -31.84 30.38
N SER WA 169 30.76 -33.13 30.69
CA SER WA 169 29.49 -33.87 30.55
C SER WA 169 28.38 -33.46 31.55
N ASP WA 170 28.70 -32.62 32.51
CA ASP WA 170 27.78 -32.36 33.66
C ASP WA 170 26.47 -31.80 33.18
N ARG WA 171 26.59 -30.93 32.21
CA ARG WA 171 25.45 -30.38 31.51
C ARG WA 171 25.69 -30.46 29.99
N ASP WA 172 24.68 -30.14 29.20
CA ASP WA 172 24.83 -30.13 27.76
C ASP WA 172 26.14 -29.43 27.36
N ARG WA 173 26.91 -30.15 26.57
CA ARG WA 173 28.18 -29.67 26.03
C ARG WA 173 28.25 -29.77 24.51
N TRP WA 174 28.21 -28.63 23.88
CA TRP WA 174 28.06 -28.60 22.43
C TRP WA 174 29.34 -28.37 21.68
N PHE WA 175 29.47 -29.12 20.59
CA PHE WA 175 30.64 -29.05 19.76
C PHE WA 175 30.24 -28.83 18.32
N THR WA 176 30.95 -27.92 17.69
CA THR WA 176 30.96 -27.83 16.22
C THR WA 176 31.88 -28.94 15.67
N ALA WA 177 31.78 -29.23 14.38
CA ALA WA 177 32.67 -30.27 13.82
C ALA WA 177 34.13 -29.97 14.22
N ALA WA 178 34.50 -28.72 14.06
CA ALA WA 178 35.88 -28.25 14.38
C ALA WA 178 36.31 -28.67 15.79
N GLU WA 179 35.49 -28.28 16.74
CA GLU WA 179 35.74 -28.50 18.20
C GLU WA 179 35.76 -30.00 18.56
N ALA WA 180 34.91 -30.74 17.88
CA ALA WA 180 34.78 -32.19 18.03
C ALA WA 180 36.04 -32.90 17.59
N LEU WA 181 36.68 -32.36 16.57
CA LEU WA 181 37.95 -32.90 16.08
C LEU WA 181 39.02 -32.71 17.13
N GLU WA 182 39.09 -31.49 17.65
CA GLU WA 182 40.08 -31.13 18.68
C GLU WA 182 39.84 -31.86 20.03
N TYR WA 183 38.60 -32.21 20.31
CA TYR WA 183 38.30 -32.89 21.56
C TYR WA 183 38.58 -34.39 21.44
N GLY WA 184 38.49 -34.92 20.22
CA GLY WA 184 38.82 -36.33 19.92
C GLY WA 184 37.65 -37.26 19.68
N PHE WA 185 36.48 -36.68 19.38
CA PHE WA 185 35.25 -37.48 19.09
C PHE WA 185 35.34 -38.13 17.74
N VAL WA 186 36.22 -37.53 16.97
CA VAL WA 186 36.18 -37.67 15.54
C VAL WA 186 37.61 -37.41 14.99
N ASP WA 187 37.97 -38.15 13.96
CA ASP WA 187 39.34 -38.13 13.39
C ASP WA 187 39.53 -37.09 12.24
N HIS WA 188 38.51 -36.98 11.42
CA HIS WA 188 38.53 -36.09 10.28
C HIS WA 188 37.25 -35.33 10.13
N ILE WA 189 37.39 -34.24 9.39
CA ILE WA 189 36.25 -33.50 8.87
C ILE WA 189 36.24 -33.57 7.37
N ILE WA 190 35.13 -33.90 6.78
CA ILE WA 190 35.04 -34.09 5.34
C ILE WA 190 34.70 -32.82 4.58
N THR WA 191 35.30 -32.68 3.41
CA THR WA 191 35.18 -31.47 2.57
C THR WA 191 35.39 -31.74 1.07
N ARG WA 192 34.71 -30.94 0.26
CA ARG WA 192 34.78 -30.99 -1.18
C ARG WA 192 34.38 -29.63 -1.81
N LEU XA 2 19.31 -43.12 30.12
CA LEU XA 2 19.36 -42.43 28.77
C LEU XA 2 20.54 -41.48 28.59
N LEU XA 3 21.35 -41.65 27.55
CA LEU XA 3 22.27 -40.61 27.11
C LEU XA 3 21.49 -39.95 26.01
N SER YA 15 3.50 -48.95 -4.65
CA SER YA 15 2.50 -47.93 -4.16
C SER YA 15 2.45 -46.78 -5.14
N LEU YA 16 1.27 -46.38 -5.57
CA LEU YA 16 1.22 -45.47 -6.75
C LEU YA 16 2.09 -44.21 -6.63
N THR YA 17 2.08 -43.58 -5.46
CA THR YA 17 2.86 -42.34 -5.25
C THR YA 17 4.32 -42.66 -5.17
N ASP YA 18 4.64 -43.65 -4.35
CA ASP YA 18 5.99 -44.23 -4.28
C ASP YA 18 6.53 -44.58 -5.69
N SER YA 19 5.72 -45.32 -6.45
CA SER YA 19 6.11 -45.77 -7.81
C SER YA 19 6.45 -44.54 -8.71
N VAL YA 20 5.65 -43.51 -8.56
CA VAL YA 20 5.79 -42.27 -9.38
C VAL YA 20 7.07 -41.53 -9.02
N TYR YA 21 7.41 -41.54 -7.75
CA TYR YA 21 8.60 -40.81 -7.25
C TYR YA 21 9.83 -41.58 -7.64
N GLU YA 22 9.81 -42.87 -7.34
CA GLU YA 22 10.75 -43.91 -7.89
C GLU YA 22 11.16 -43.64 -9.31
N ARG YA 23 10.18 -43.56 -10.19
CA ARG YA 23 10.46 -43.32 -11.62
C ARG YA 23 11.19 -41.98 -11.84
N LEU YA 24 10.81 -40.97 -11.08
CA LEU YA 24 11.51 -39.68 -11.06
C LEU YA 24 12.89 -39.77 -10.46
N LEU YA 25 12.98 -40.57 -9.43
CA LEU YA 25 14.26 -40.83 -8.72
C LEU YA 25 15.29 -41.40 -9.70
N SER YA 26 14.86 -42.35 -10.51
CA SER YA 26 15.74 -42.93 -11.53
C SER YA 26 16.09 -41.89 -12.62
N GLU YA 27 15.29 -40.84 -12.73
CA GLU YA 27 15.63 -39.68 -13.59
C GLU YA 27 16.46 -38.59 -12.85
N ARG YA 28 16.95 -38.96 -11.68
CA ARG YA 28 17.80 -38.09 -10.85
C ARG YA 28 17.04 -36.85 -10.32
N ILE YA 29 15.76 -37.07 -10.08
CA ILE YA 29 14.86 -36.01 -9.52
C ILE YA 29 14.32 -36.42 -8.14
N ILE YA 30 14.61 -35.56 -7.19
CA ILE YA 30 14.24 -35.75 -5.79
C ILE YA 30 13.39 -34.58 -5.26
N PHE YA 31 12.56 -34.88 -4.28
CA PHE YA 31 11.67 -33.86 -3.69
C PHE YA 31 11.90 -33.66 -2.23
N LEU YA 32 11.92 -32.40 -1.87
CA LEU YA 32 11.77 -31.96 -0.53
C LEU YA 32 10.42 -31.27 -0.46
N GLY YA 33 9.41 -32.06 -0.15
CA GLY YA 33 7.99 -31.61 -0.26
C GLY YA 33 7.23 -31.43 1.01
N SER YA 34 7.95 -31.34 2.11
CA SER YA 34 7.30 -31.21 3.42
C SER YA 34 8.16 -30.52 4.49
N GLU YA 35 7.60 -30.52 5.69
CA GLU YA 35 8.36 -30.14 6.88
C GLU YA 35 9.63 -30.97 6.93
N VAL YA 36 10.72 -30.29 7.29
CA VAL YA 36 12.05 -30.90 7.35
C VAL YA 36 12.30 -31.54 8.67
N ASN YA 37 12.05 -32.84 8.74
CA ASN YA 37 12.42 -33.63 9.92
C ASN YA 37 13.71 -34.36 9.69
N ASP YA 38 14.22 -34.85 10.81
CA ASP YA 38 15.19 -35.91 10.82
C ASP YA 38 14.79 -37.00 9.77
N GLU YA 39 13.54 -37.46 9.81
CA GLU YA 39 13.10 -38.54 8.91
C GLU YA 39 13.18 -38.21 7.46
N ILE YA 40 12.66 -37.05 7.14
CA ILE YA 40 12.67 -36.57 5.76
C ILE YA 40 14.09 -36.26 5.27
N ALA YA 41 14.85 -35.61 6.14
CA ALA YA 41 16.28 -35.31 5.90
C ALA YA 41 17.08 -36.57 5.61
N ASN YA 42 16.85 -37.59 6.39
CA ASN YA 42 17.66 -38.80 6.24
C ASN YA 42 17.47 -39.47 4.89
N ARG YA 43 16.19 -39.51 4.50
CA ARG YA 43 15.80 -40.10 3.22
C ARG YA 43 16.39 -39.32 2.08
N LEU YA 44 16.38 -38.02 2.21
CA LEU YA 44 16.99 -37.17 1.17
C LEU YA 44 18.47 -37.37 1.09
N CYS YA 45 19.08 -37.45 2.25
CA CYS YA 45 20.54 -37.64 2.33
C CYS YA 45 20.91 -38.99 1.70
N ALA YA 46 20.10 -39.98 2.01
CA ALA YA 46 20.28 -41.31 1.45
C ALA YA 46 20.19 -41.23 -0.09
N GLN YA 47 19.17 -40.56 -0.55
CA GLN YA 47 18.90 -40.46 -2.00
C GLN YA 47 20.05 -39.76 -2.74
N ILE YA 48 20.52 -38.68 -2.17
CA ILE YA 48 21.68 -37.98 -2.77
C ILE YA 48 22.94 -38.87 -2.77
N LEU YA 49 23.16 -39.61 -1.68
CA LEU YA 49 24.27 -40.58 -1.57
C LEU YA 49 24.22 -41.65 -2.68
N LEU YA 50 23.02 -42.19 -2.84
CA LEU YA 50 22.73 -43.30 -3.74
C LEU YA 50 22.95 -42.84 -5.17
N LEU YA 51 22.41 -41.67 -5.48
CA LEU YA 51 22.50 -41.07 -6.84
C LEU YA 51 23.94 -40.71 -7.21
N ALA YA 52 24.66 -40.14 -6.26
CA ALA YA 52 26.10 -39.85 -6.44
C ALA YA 52 26.89 -41.14 -6.75
N ALA YA 53 26.67 -42.14 -5.90
CA ALA YA 53 27.28 -43.49 -6.03
C ALA YA 53 26.92 -44.15 -7.37
N GLU YA 54 25.72 -43.91 -7.89
CA GLU YA 54 25.32 -44.43 -9.22
C GLU YA 54 26.13 -43.71 -10.28
N ASP YA 55 25.78 -42.48 -10.55
CA ASP YA 55 26.46 -41.66 -11.58
C ASP YA 55 27.03 -40.36 -11.00
N ALA YA 56 28.33 -40.32 -10.77
CA ALA YA 56 28.95 -39.24 -9.97
C ALA YA 56 29.19 -37.98 -10.80
N SER YA 57 28.76 -38.03 -12.03
CA SER YA 57 29.02 -36.92 -12.95
C SER YA 57 27.75 -36.11 -13.25
N LYS YA 58 26.64 -36.83 -13.44
CA LYS YA 58 25.34 -36.21 -13.77
C LYS YA 58 24.70 -35.44 -12.63
N ASP YA 59 24.06 -34.36 -13.00
CA ASP YA 59 23.32 -33.53 -12.05
C ASP YA 59 22.20 -34.24 -11.36
N ILE YA 60 21.94 -33.74 -10.16
CA ILE YA 60 20.74 -34.08 -9.36
C ILE YA 60 19.83 -32.86 -9.24
N SER YA 61 18.57 -33.10 -9.49
CA SER YA 61 17.58 -32.07 -9.37
C SER YA 61 16.74 -32.22 -8.10
N LEU YA 62 16.79 -31.16 -7.29
CA LEU YA 62 16.12 -31.10 -6.00
C LEU YA 62 14.99 -30.12 -6.03
N TYR YA 63 13.79 -30.65 -6.18
CA TYR YA 63 12.59 -29.84 -6.13
C TYR YA 63 12.23 -29.56 -4.70
N ILE YA 64 12.01 -28.32 -4.38
CA ILE YA 64 11.67 -27.90 -3.02
C ILE YA 64 10.31 -27.19 -2.90
N ASN YA 65 9.41 -27.84 -2.14
CA ASN YA 65 8.09 -27.26 -1.74
C ASN YA 65 7.92 -27.60 -0.26
N SER YA 66 8.57 -26.81 0.58
CA SER YA 66 8.65 -27.05 2.04
C SER YA 66 8.48 -25.78 2.83
N PRO YA 67 7.79 -25.88 3.98
CA PRO YA 67 7.58 -24.73 4.87
C PRO YA 67 8.77 -24.46 5.82
N GLY YA 68 9.79 -25.31 5.75
CA GLY YA 68 10.93 -25.20 6.65
C GLY YA 68 10.94 -26.36 7.61
N GLY YA 69 11.70 -26.21 8.68
CA GLY YA 69 11.87 -27.31 9.65
C GLY YA 69 13.13 -27.27 10.50
N SER YA 70 13.60 -28.44 10.88
CA SER YA 70 14.70 -28.58 11.84
C SER YA 70 15.99 -28.12 11.21
N ILE YA 71 16.72 -27.30 11.92
CA ILE YA 71 18.06 -26.89 11.42
C ILE YA 71 19.05 -28.07 11.36
N SER YA 72 19.22 -28.75 12.51
CA SER YA 72 20.02 -29.96 12.60
C SER YA 72 19.80 -30.84 11.33
N ALA YA 73 18.54 -31.16 11.08
CA ALA YA 73 18.09 -32.03 9.94
C ALA YA 73 18.37 -31.41 8.60
N GLY YA 74 18.18 -30.11 8.54
CA GLY YA 74 18.50 -29.32 7.34
C GLY YA 74 19.98 -29.29 6.98
N MET YA 75 20.82 -29.19 8.00
CA MET YA 75 22.30 -29.22 7.83
C MET YA 75 22.85 -30.57 7.36
N ALA YA 76 22.14 -31.61 7.72
CA ALA YA 76 22.44 -32.96 7.21
C ALA YA 76 22.31 -32.91 5.71
N ILE YA 77 21.18 -32.41 5.26
CA ILE YA 77 20.90 -32.29 3.82
C ILE YA 77 21.94 -31.39 3.16
N TYR YA 78 22.17 -30.24 3.76
CA TYR YA 78 23.14 -29.26 3.23
C TYR YA 78 24.54 -29.82 3.05
N ASP YA 79 25.09 -30.37 4.13
CA ASP YA 79 26.43 -31.05 4.06
C ASP YA 79 26.47 -32.18 3.02
N THR YA 80 25.40 -32.96 2.97
CA THR YA 80 25.27 -34.06 1.99
C THR YA 80 25.31 -33.54 0.58
N MET YA 81 24.64 -32.40 0.39
CA MET YA 81 24.64 -31.61 -0.91
C MET YA 81 26.04 -31.13 -1.28
N VAL YA 82 26.64 -30.39 -0.39
CA VAL YA 82 28.01 -29.92 -0.57
C VAL YA 82 29.06 -31.03 -0.83
N LEU YA 83 29.00 -32.11 -0.05
CA LEU YA 83 29.95 -33.26 -0.17
C LEU YA 83 29.75 -34.06 -1.48
N ALA YA 84 28.55 -34.01 -2.03
CA ALA YA 84 28.25 -34.77 -3.26
C ALA YA 84 29.24 -34.39 -4.36
N PRO YA 85 29.69 -35.36 -5.17
CA PRO YA 85 30.61 -35.06 -6.28
C PRO YA 85 29.91 -34.29 -7.40
N CYS YA 86 28.69 -34.71 -7.68
CA CYS YA 86 27.92 -34.09 -8.73
C CYS YA 86 27.28 -32.83 -8.25
N ASP YA 87 26.93 -32.03 -9.23
CA ASP YA 87 26.15 -30.82 -9.00
C ASP YA 87 24.72 -31.10 -8.54
N ILE YA 88 24.19 -30.12 -7.81
CA ILE YA 88 22.81 -30.19 -7.27
C ILE YA 88 22.06 -28.94 -7.63
N ALA YA 89 21.10 -29.17 -8.52
CA ALA YA 89 20.24 -28.11 -9.01
C ALA YA 89 19.07 -28.02 -8.10
N THR YA 90 18.64 -26.81 -7.79
CA THR YA 90 17.50 -26.62 -6.85
C THR YA 90 16.39 -25.82 -7.51
N TYR YA 91 15.18 -26.35 -7.42
CA TYR YA 91 13.99 -25.69 -7.94
C TYR YA 91 13.04 -25.34 -6.84
N ALA YA 92 12.73 -24.08 -6.75
CA ALA YA 92 11.72 -23.61 -5.78
C ALA YA 92 10.34 -23.67 -6.40
N MET YA 93 9.55 -24.66 -5.98
CA MET YA 93 8.19 -24.74 -6.47
C MET YA 93 7.14 -24.61 -5.39
N GLY YA 94 6.24 -23.71 -5.65
CA GLY YA 94 5.14 -23.38 -4.72
C GLY YA 94 5.63 -22.53 -3.57
N MET YA 95 6.45 -23.18 -2.75
CA MET YA 95 7.04 -22.55 -1.56
C MET YA 95 8.34 -23.12 -1.05
N ALA YA 96 9.27 -22.21 -0.84
CA ALA YA 96 10.56 -22.50 -0.22
C ALA YA 96 10.77 -21.55 0.93
N ALA YA 97 10.48 -22.09 2.10
CA ALA YA 97 10.47 -21.29 3.35
C ALA YA 97 11.51 -21.78 4.36
N SER YA 98 12.16 -20.80 4.97
CA SER YA 98 13.04 -21.03 6.09
C SER YA 98 14.14 -22.05 5.68
N MET YA 99 14.26 -23.23 6.30
CA MET YA 99 15.23 -24.25 5.83
C MET YA 99 15.07 -24.47 4.34
N GLY YA 100 13.83 -24.49 3.89
CA GLY YA 100 13.51 -24.65 2.45
C GLY YA 100 14.21 -23.61 1.59
N GLU YA 101 14.17 -22.35 2.01
CA GLU YA 101 14.85 -21.25 1.32
C GLU YA 101 16.36 -21.46 1.38
N PHE YA 102 16.85 -21.73 2.58
CA PHE YA 102 18.28 -22.02 2.81
C PHE YA 102 18.82 -23.10 1.84
N LEU YA 103 18.12 -24.22 1.78
CA LEU YA 103 18.55 -25.35 0.95
C LEU YA 103 18.44 -25.02 -0.50
N LEU YA 104 17.40 -24.25 -0.84
CA LEU YA 104 17.23 -23.74 -2.23
C LEU YA 104 18.45 -22.90 -2.62
N ALA YA 105 18.76 -21.95 -1.76
CA ALA YA 105 19.92 -21.06 -1.95
C ALA YA 105 21.28 -21.73 -1.90
N ALA YA 106 21.30 -22.88 -1.27
CA ALA YA 106 22.52 -23.74 -1.18
C ALA YA 106 22.79 -24.63 -2.44
N GLY YA 107 21.86 -24.61 -3.37
CA GLY YA 107 22.05 -25.30 -4.63
C GLY YA 107 23.30 -24.80 -5.32
N THR YA 108 23.88 -25.66 -6.16
CA THR YA 108 25.14 -25.25 -6.84
C THR YA 108 24.92 -24.03 -7.71
N LYS YA 109 25.78 -23.05 -7.50
CA LYS YA 109 25.66 -21.71 -8.14
C LYS YA 109 25.55 -21.71 -9.64
N GLY YA 110 24.52 -21.06 -10.13
CA GLY YA 110 24.17 -21.06 -11.53
C GLY YA 110 22.99 -21.96 -11.82
N LYS YA 111 22.84 -23.00 -11.01
CA LYS YA 111 21.76 -23.99 -11.18
C LYS YA 111 20.71 -23.94 -10.10
N ARG YA 112 20.39 -22.74 -9.63
CA ARG YA 112 19.29 -22.48 -8.67
C ARG YA 112 18.14 -21.77 -9.31
N TYR YA 113 17.02 -22.45 -9.36
CA TYR YA 113 15.84 -21.97 -10.06
C TYR YA 113 14.66 -21.69 -9.17
N ALA YA 114 13.89 -20.73 -9.60
CA ALA YA 114 12.57 -20.51 -9.01
C ALA YA 114 11.49 -20.65 -10.09
N LEU YA 115 10.38 -21.30 -9.74
CA LEU YA 115 9.20 -21.34 -10.62
C LEU YA 115 8.55 -20.00 -10.40
N PRO YA 116 7.88 -19.43 -11.41
CA PRO YA 116 7.54 -17.98 -11.46
C PRO YA 116 6.65 -17.51 -10.33
N HIS YA 117 5.84 -18.40 -9.77
CA HIS YA 117 4.88 -18.01 -8.71
C HIS YA 117 5.18 -18.65 -7.39
N ALA YA 118 6.43 -19.06 -7.28
CA ALA YA 118 6.93 -19.64 -6.05
C ALA YA 118 7.18 -18.51 -5.09
N ARG YA 119 6.97 -18.79 -3.82
CA ARG YA 119 7.30 -17.84 -2.79
C ARG YA 119 8.44 -18.33 -1.92
N ILE YA 120 9.33 -17.38 -1.62
CA ILE YA 120 10.46 -17.59 -0.70
C ILE YA 120 10.33 -16.78 0.55
N LEU YA 121 10.63 -17.44 1.67
CA LEU YA 121 10.50 -16.89 3.05
C LEU YA 121 11.78 -17.02 3.81
N MET YA 122 12.35 -15.89 4.19
CA MET YA 122 13.60 -15.88 4.93
C MET YA 122 13.31 -15.28 6.24
N HIS YA 123 13.77 -15.98 7.28
CA HIS YA 123 13.66 -15.46 8.69
C HIS YA 123 14.68 -16.13 9.63
N GLN YA 124 14.77 -15.61 10.85
CA GLN YA 124 15.70 -16.12 11.84
C GLN YA 124 15.11 -17.32 12.50
N PRO YA 125 15.97 -18.10 13.20
CA PRO YA 125 15.55 -19.32 13.87
C PRO YA 125 14.56 -19.11 15.00
N LEU YA 126 13.73 -20.12 15.20
CA LEU YA 126 12.78 -20.11 16.29
C LEU YA 126 13.31 -20.76 17.48
N GLY YA 127 13.04 -22.03 17.66
CA GLY YA 127 13.34 -22.72 18.92
C GLY YA 127 12.56 -22.42 20.21
N GLY YA 128 12.98 -23.05 21.31
CA GLY YA 128 12.35 -22.93 22.61
C GLY YA 128 13.39 -22.87 23.72
N VAL YA 129 12.94 -22.91 24.96
CA VAL YA 129 13.85 -22.75 26.11
C VAL YA 129 13.19 -23.43 27.30
N THR YA 130 13.93 -24.31 27.95
CA THR YA 130 13.40 -25.04 29.12
C THR YA 130 14.52 -25.49 30.02
N GLY YA 131 14.17 -25.74 31.27
CA GLY YA 131 15.11 -26.30 32.20
C GLY YA 131 15.53 -25.38 33.32
N SER YA 132 16.62 -25.74 33.96
CA SER YA 132 17.23 -24.89 34.99
C SER YA 132 17.91 -23.68 34.31
N ALA YA 133 18.11 -22.63 35.10
CA ALA YA 133 18.68 -21.36 34.60
C ALA YA 133 20.03 -21.62 33.97
N ALA YA 134 20.75 -22.57 34.58
CA ALA YA 134 22.02 -23.05 34.04
C ALA YA 134 21.85 -23.71 32.68
N ASP YA 135 20.85 -24.56 32.59
CA ASP YA 135 20.57 -25.29 31.34
C ASP YA 135 20.24 -24.32 30.19
N ILE YA 136 19.55 -23.28 30.60
CA ILE YA 136 18.98 -22.30 29.68
C ILE YA 136 20.06 -21.36 29.17
N ALA YA 137 20.89 -20.92 30.10
CA ALA YA 137 22.14 -20.20 29.78
C ALA YA 137 22.91 -20.89 28.63
N ILE YA 138 22.96 -22.22 28.67
CA ILE YA 138 23.69 -23.03 27.69
C ILE YA 138 22.97 -23.06 26.36
N GLN YA 139 21.67 -23.26 26.44
CA GLN YA 139 20.80 -23.24 25.22
C GLN YA 139 20.93 -21.95 24.48
N ALA YA 140 20.93 -20.90 25.25
CA ALA YA 140 21.03 -19.51 24.76
C ALA YA 140 22.32 -19.27 24.04
N GLU YA 141 23.39 -19.70 24.66
CA GLU YA 141 24.76 -19.64 24.09
C GLU YA 141 24.81 -20.27 22.71
N GLN YA 142 24.14 -21.40 22.62
CA GLN YA 142 23.98 -22.20 21.41
C GLN YA 142 23.19 -21.47 20.32
N PHE YA 143 22.14 -20.77 20.74
CA PHE YA 143 21.32 -19.96 19.84
C PHE YA 143 22.22 -18.94 19.13
N ALA YA 144 23.01 -18.22 19.92
CA ALA YA 144 24.01 -17.25 19.41
C ALA YA 144 24.89 -17.85 18.29
N VAL YA 145 25.45 -19.01 18.59
CA VAL YA 145 26.34 -19.73 17.67
C VAL YA 145 25.62 -20.04 16.36
N ILE YA 146 24.42 -20.60 16.52
CA ILE YA 146 23.64 -21.09 15.39
C ILE YA 146 23.08 -19.96 14.54
N LYS YA 147 22.45 -19.00 15.21
CA LYS YA 147 21.98 -17.79 14.55
C LYS YA 147 23.10 -17.19 13.67
N LYS YA 148 24.27 -17.02 14.28
CA LYS YA 148 25.43 -16.44 13.59
C LYS YA 148 25.79 -17.21 12.34
N GLU YA 149 25.86 -18.51 12.50
CA GLU YA 149 26.31 -19.42 11.45
C GLU YA 149 25.31 -19.44 10.31
N MET YA 150 24.02 -19.54 10.64
CA MET YA 150 22.98 -19.65 9.62
C MET YA 150 22.94 -18.38 8.80
N PHE YA 151 23.16 -17.27 9.48
CA PHE YA 151 23.29 -15.98 8.77
C PHE YA 151 24.51 -15.92 7.84
N ARG YA 152 25.66 -16.29 8.37
CA ARG YA 152 26.90 -16.36 7.63
C ARG YA 152 26.72 -17.09 6.32
N LEU YA 153 26.06 -18.21 6.38
CA LEU YA 153 25.86 -19.08 5.21
C LEU YA 153 24.89 -18.50 4.20
N ASN YA 154 23.81 -17.89 4.69
CA ASN YA 154 22.81 -17.27 3.78
C ASN YA 154 23.44 -16.10 3.08
N ALA YA 155 24.29 -15.40 3.82
CA ALA YA 155 25.13 -14.29 3.29
C ALA YA 155 26.01 -14.83 2.14
N GLU YA 156 26.69 -15.92 2.41
CA GLU YA 156 27.51 -16.57 1.39
C GLU YA 156 26.66 -16.92 0.14
N PHE YA 157 25.52 -17.56 0.36
CA PHE YA 157 24.69 -18.11 -0.75
C PHE YA 157 24.19 -17.00 -1.64
N THR YA 158 23.67 -16.00 -0.96
CA THR YA 158 22.99 -14.87 -1.63
C THR YA 158 23.93 -13.86 -2.21
N GLY YA 159 25.05 -13.67 -1.53
CA GLY YA 159 26.00 -12.64 -1.88
C GLY YA 159 25.78 -11.34 -1.10
N GLN YA 160 24.81 -11.35 -0.23
CA GLN YA 160 24.52 -10.18 0.62
C GLN YA 160 25.47 -10.08 1.79
N PRO YA 161 25.60 -8.86 2.36
CA PRO YA 161 26.37 -8.75 3.59
C PRO YA 161 25.64 -9.34 4.80
N ILE YA 162 26.39 -9.98 5.67
CA ILE YA 162 25.82 -10.58 6.86
C ILE YA 162 24.92 -9.60 7.65
N GLU YA 163 25.23 -8.32 7.62
CA GLU YA 163 24.46 -7.29 8.37
C GLU YA 163 23.06 -7.16 7.86
N ARG YA 164 22.92 -7.24 6.54
CA ARG YA 164 21.60 -7.20 5.90
C ARG YA 164 20.78 -8.51 6.12
N ILE YA 165 21.46 -9.63 6.00
CA ILE YA 165 20.84 -10.92 6.28
C ILE YA 165 20.27 -10.92 7.71
N GLU YA 166 21.04 -10.40 8.66
CA GLU YA 166 20.63 -10.31 10.07
C GLU YA 166 19.37 -9.47 10.20
N ALA YA 167 19.46 -8.28 9.62
CA ALA YA 167 18.39 -7.27 9.68
C ALA YA 167 17.11 -7.78 9.01
N ASP YA 168 17.23 -8.28 7.79
CA ASP YA 168 16.07 -8.70 7.00
C ASP YA 168 15.42 -9.94 7.61
N SER YA 169 16.27 -10.80 8.12
CA SER YA 169 15.86 -12.06 8.77
C SER YA 169 15.16 -11.89 10.12
N ASP YA 170 15.14 -10.68 10.65
CA ASP YA 170 14.66 -10.44 12.02
C ASP YA 170 13.23 -10.95 12.24
N ARG YA 171 12.43 -10.71 11.23
CA ARG YA 171 11.06 -11.24 11.16
C ARG YA 171 10.75 -11.76 9.76
N ASP YA 172 9.59 -12.37 9.59
CA ASP YA 172 9.25 -12.97 8.30
C ASP YA 172 9.48 -11.99 7.15
N ARG YA 173 10.23 -12.48 6.17
CA ARG YA 173 10.69 -11.71 5.03
C ARG YA 173 10.33 -12.46 3.77
N TRP YA 174 9.32 -11.93 3.09
CA TRP YA 174 8.77 -12.61 1.93
C TRP YA 174 9.32 -12.09 0.61
N PHE YA 175 9.56 -13.04 -0.27
CA PHE YA 175 10.05 -12.76 -1.59
C PHE YA 175 9.20 -13.46 -2.64
N THR YA 176 8.90 -12.70 -3.70
CA THR YA 176 8.38 -13.29 -4.95
C THR YA 176 9.56 -13.91 -5.71
N ALA YA 177 9.30 -14.77 -6.68
CA ALA YA 177 10.42 -15.29 -7.49
C ALA YA 177 11.35 -14.15 -7.97
N ALA YA 178 10.70 -13.11 -8.51
CA ALA YA 178 11.41 -11.95 -8.97
C ALA YA 178 12.42 -11.40 -7.93
N GLU YA 179 11.89 -11.08 -6.77
CA GLU YA 179 12.65 -10.44 -5.66
C GLU YA 179 13.78 -11.35 -5.16
N ALA YA 180 13.49 -12.65 -5.22
CA ALA YA 180 14.42 -13.70 -4.78
C ALA YA 180 15.60 -13.79 -5.70
N LEU YA 181 15.34 -13.54 -6.97
CA LEU YA 181 16.41 -13.46 -7.95
C LEU YA 181 17.36 -12.30 -7.64
N GLU YA 182 16.78 -11.12 -7.36
CA GLU YA 182 17.58 -9.90 -7.09
C GLU YA 182 18.28 -9.94 -5.78
N TYR YA 183 17.74 -10.70 -4.84
CA TYR YA 183 18.37 -10.83 -3.51
C TYR YA 183 19.50 -11.83 -3.54
N GLY YA 184 19.43 -12.78 -4.46
CA GLY YA 184 20.50 -13.78 -4.69
C GLY YA 184 20.26 -15.17 -4.11
N PHE YA 185 19.00 -15.49 -3.84
CA PHE YA 185 18.56 -16.84 -3.36
C PHE YA 185 18.56 -17.85 -4.49
N VAL YA 186 18.50 -17.29 -5.67
CA VAL YA 186 18.19 -18.06 -6.85
C VAL YA 186 18.88 -17.40 -8.06
N ASP YA 187 19.27 -18.20 -9.04
CA ASP YA 187 19.99 -17.72 -10.22
C ASP YA 187 19.11 -17.41 -11.43
N HIS YA 188 18.12 -18.23 -11.61
CA HIS YA 188 17.17 -18.08 -12.70
C HIS YA 188 15.72 -18.26 -12.28
N ILE YA 189 14.85 -17.71 -13.13
CA ILE YA 189 13.44 -17.96 -13.08
C ILE YA 189 13.01 -18.68 -14.33
N ILE YA 190 12.28 -19.75 -14.19
CA ILE YA 190 11.91 -20.57 -15.32
C ILE YA 190 10.62 -20.16 -15.99
N THR YA 191 10.58 -20.30 -17.32
CA THR YA 191 9.41 -20.08 -18.14
C THR YA 191 9.39 -21.11 -19.30
N ARG YA 192 8.23 -21.24 -19.92
CA ARG YA 192 8.02 -22.08 -21.11
C ARG YA 192 8.78 -21.59 -22.33
N LEU ZA 2 14.63 -24.66 15.10
CA LEU ZA 2 13.74 -24.63 13.88
C LEU ZA 2 13.99 -23.36 13.07
N LEU ZA 3 14.00 -23.54 11.75
CA LEU ZA 3 14.15 -22.48 10.75
C LEU ZA 3 13.06 -22.91 9.76
N SER AB 15 -2.66 -52.14 -5.43
CA SER AB 15 -3.85 -51.68 -4.65
C SER AB 15 -4.99 -51.27 -5.60
N LEU AB 16 -6.21 -51.74 -5.38
CA LEU AB 16 -7.23 -51.66 -6.47
C LEU AB 16 -7.46 -50.26 -6.98
N THR AB 17 -7.50 -49.31 -6.09
CA THR AB 17 -7.70 -47.90 -6.49
C THR AB 17 -6.46 -47.35 -7.17
N ASP AB 18 -5.31 -47.57 -6.54
CA ASP AB 18 -3.99 -47.23 -7.10
C ASP AB 18 -3.87 -47.81 -8.51
N SER AB 19 -4.15 -49.10 -8.62
CA SER AB 19 -4.07 -49.85 -9.91
C SER AB 19 -4.94 -49.22 -11.01
N VAL AB 20 -6.12 -48.80 -10.61
CA VAL AB 20 -7.11 -48.14 -11.52
C VAL AB 20 -6.66 -46.75 -11.98
N TYR AB 21 -6.02 -46.02 -11.08
CA TYR AB 21 -5.47 -44.68 -11.38
C TYR AB 21 -4.21 -44.76 -12.24
N GLU AB 22 -3.26 -45.55 -11.80
CA GLU AB 22 -2.15 -46.11 -12.62
C GLU AB 22 -2.52 -46.34 -14.07
N ARG AB 23 -3.52 -47.18 -14.32
CA ARG AB 23 -3.90 -47.52 -15.70
C ARG AB 23 -4.35 -46.27 -16.47
N LEU AB 24 -5.05 -45.41 -15.76
CA LEU AB 24 -5.42 -44.07 -16.30
C LEU AB 24 -4.23 -43.14 -16.51
N LEU AB 25 -3.33 -43.19 -15.56
CA LEU AB 25 -2.07 -42.43 -15.59
C LEU AB 25 -1.28 -42.75 -16.87
N SER AB 26 -1.21 -44.02 -17.21
CA SER AB 26 -0.56 -44.43 -18.47
C SER AB 26 -1.34 -43.96 -19.69
N GLU AB 27 -2.61 -43.65 -19.52
CA GLU AB 27 -3.41 -43.00 -20.59
C GLU AB 27 -3.35 -41.48 -20.58
N ARG AB 28 -2.41 -40.97 -19.80
CA ARG AB 28 -2.15 -39.51 -19.61
C ARG AB 28 -3.30 -38.76 -18.92
N ILE AB 29 -3.98 -39.49 -18.04
CA ILE AB 29 -5.15 -38.95 -17.26
C ILE AB 29 -4.82 -38.92 -15.77
N ILE AB 30 -4.89 -37.71 -15.24
CA ILE AB 30 -4.60 -37.40 -13.84
C ILE AB 30 -5.80 -36.79 -13.12
N PHE AB 31 -5.86 -37.04 -11.82
CA PHE AB 31 -6.96 -36.50 -10.99
C PHE AB 31 -6.49 -35.59 -9.90
N LEU AB 32 -7.21 -34.49 -9.78
CA LEU AB 32 -7.19 -33.66 -8.59
C LEU AB 32 -8.53 -33.82 -7.92
N GLY AB 33 -8.61 -34.82 -7.05
CA GLY AB 33 -9.92 -35.29 -6.50
C GLY AB 33 -10.18 -34.94 -5.05
N SER AB 34 -9.42 -34.01 -4.52
CA SER AB 34 -9.49 -33.72 -3.08
C SER AB 34 -9.00 -32.35 -2.73
N GLU AB 35 -9.00 -32.11 -1.43
CA GLU AB 35 -8.41 -30.89 -0.86
C GLU AB 35 -6.99 -30.81 -1.35
N VAL AB 36 -6.60 -29.61 -1.69
CA VAL AB 36 -5.30 -29.33 -2.26
C VAL AB 36 -4.29 -29.11 -1.16
N ASN AB 37 -3.55 -30.14 -0.80
CA ASN AB 37 -2.38 -30.00 0.09
C ASN AB 37 -1.11 -29.93 -0.70
N ASP AB 38 -0.10 -29.54 0.04
CA ASP AB 38 1.27 -29.83 -0.30
C ASP AB 38 1.42 -31.28 -0.79
N GLU AB 39 0.88 -32.24 -0.03
CA GLU AB 39 1.04 -33.64 -0.43
C GLU AB 39 0.44 -33.96 -1.78
N ILE AB 40 -0.80 -33.52 -1.94
CA ILE AB 40 -1.55 -33.83 -3.16
C ILE AB 40 -0.94 -33.10 -4.31
N ALA AB 41 -0.56 -31.87 -4.04
CA ALA AB 41 0.10 -30.99 -5.05
C ALA AB 41 1.39 -31.60 -5.57
N ASN AB 42 2.17 -32.13 -4.66
CA ASN AB 42 3.48 -32.64 -5.04
C ASN AB 42 3.37 -33.82 -5.97
N ARG AB 43 2.42 -34.67 -5.64
CA ARG AB 43 2.15 -35.88 -6.42
C ARG AB 43 1.70 -35.48 -7.82
N LEU AB 44 0.84 -34.48 -7.88
CA LEU AB 44 0.34 -33.99 -9.19
C LEU AB 44 1.44 -33.38 -10.00
N CYS AB 45 2.28 -32.60 -9.33
CA CYS AB 45 3.43 -32.00 -9.97
C CYS AB 45 4.39 -33.06 -10.49
N ALA AB 46 4.62 -34.08 -9.68
CA ALA AB 46 5.48 -35.21 -10.09
C ALA AB 46 4.90 -35.90 -11.33
N GLN AB 47 3.62 -36.16 -11.29
CA GLN AB 47 2.93 -36.82 -12.38
C GLN AB 47 3.05 -36.02 -13.67
N ILE AB 48 2.83 -34.73 -13.58
CA ILE AB 48 2.93 -33.85 -14.80
C ILE AB 48 4.36 -33.82 -15.37
N LEU AB 49 5.31 -33.79 -14.45
CA LEU AB 49 6.75 -33.91 -14.79
C LEU AB 49 7.11 -35.20 -15.54
N LEU AB 50 6.61 -36.29 -14.98
CA LEU AB 50 6.86 -37.65 -15.45
C LEU AB 50 6.25 -37.81 -16.84
N LEU AB 51 5.02 -37.37 -16.99
CA LEU AB 51 4.27 -37.49 -18.27
C LEU AB 51 4.88 -36.65 -19.37
N ALA AB 52 5.29 -35.44 -19.02
CA ALA AB 52 6.01 -34.55 -19.95
C ALA AB 52 7.31 -35.20 -20.44
N ALA AB 53 8.09 -35.65 -19.48
CA ALA AB 53 9.35 -36.42 -19.73
C ALA AB 53 9.14 -37.69 -20.59
N GLU AB 54 8.01 -38.37 -20.43
CA GLU AB 54 7.68 -39.53 -21.27
C GLU AB 54 7.43 -39.05 -22.67
N ASP AB 55 6.30 -38.43 -22.88
CA ASP AB 55 5.91 -37.94 -24.21
C ASP AB 55 5.63 -36.45 -24.17
N ALA AB 56 6.56 -35.66 -24.66
CA ALA AB 56 6.47 -34.17 -24.49
C ALA AB 56 5.54 -33.50 -25.50
N SER AB 57 4.89 -34.29 -26.33
CA SER AB 57 4.04 -33.76 -27.40
C SER AB 57 2.53 -33.96 -27.11
N LYS AB 58 2.19 -35.13 -26.59
CA LYS AB 58 0.79 -35.48 -26.27
C LYS AB 58 0.20 -34.76 -25.06
N ASP AB 59 -1.07 -34.45 -25.19
CA ASP AB 59 -1.82 -33.82 -24.13
C ASP AB 59 -1.89 -34.64 -22.85
N ILE AB 60 -2.02 -33.88 -21.74
CA ILE AB 60 -2.36 -34.39 -20.42
C ILE AB 60 -3.76 -33.92 -19.99
N SER AB 61 -4.54 -34.88 -19.52
CA SER AB 61 -5.88 -34.60 -19.07
C SER AB 61 -5.95 -34.58 -17.57
N LEU AB 62 -6.37 -33.44 -17.05
CA LEU AB 62 -6.48 -33.18 -15.60
C LEU AB 62 -7.93 -33.07 -15.17
N TYR AB 63 -8.45 -34.16 -14.61
CA TYR AB 63 -9.80 -34.18 -14.07
C TYR AB 63 -9.83 -33.57 -12.68
N ILE AB 64 -10.72 -32.64 -12.46
CA ILE AB 64 -10.75 -31.88 -11.19
C ILE AB 64 -12.07 -31.96 -10.48
N ASN AB 65 -12.02 -32.51 -9.29
CA ASN AB 65 -13.19 -32.61 -8.38
C ASN AB 65 -12.69 -32.33 -6.99
N SER AB 66 -12.52 -31.05 -6.74
CA SER AB 66 -11.86 -30.57 -5.51
C SER AB 66 -12.58 -29.38 -4.92
N PRO AB 67 -12.63 -29.30 -3.59
CA PRO AB 67 -13.24 -28.19 -2.89
C PRO AB 67 -12.31 -26.98 -2.72
N GLY AB 68 -11.07 -27.11 -3.18
CA GLY AB 68 -10.07 -26.06 -3.05
C GLY AB 68 -8.94 -26.47 -2.15
N GLY AB 69 -8.19 -25.50 -1.66
CA GLY AB 69 -7.07 -25.78 -0.75
C GLY AB 69 -5.99 -24.71 -0.62
N SER AB 70 -4.77 -25.18 -0.38
CA SER AB 70 -3.62 -24.30 -0.15
C SER AB 70 -3.21 -23.56 -1.41
N ILE AB 71 -3.05 -22.27 -1.30
CA ILE AB 71 -2.61 -21.49 -2.46
C ILE AB 71 -1.18 -21.87 -2.88
N SER AB 72 -0.27 -21.74 -1.92
CA SER AB 72 1.12 -22.17 -2.10
C SER AB 72 1.18 -23.48 -2.93
N ALA AB 73 0.49 -24.51 -2.43
CA ALA AB 73 0.41 -25.86 -3.06
C ALA AB 73 -0.23 -25.82 -4.42
N GLY AB 74 -1.24 -24.99 -4.55
CA GLY AB 74 -1.95 -24.81 -5.81
C GLY AB 74 -1.08 -24.19 -6.88
N MET AB 75 -0.28 -23.22 -6.47
CA MET AB 75 0.68 -22.52 -7.39
C MET AB 75 1.84 -23.41 -7.86
N ALA AB 76 2.20 -24.38 -7.01
CA ALA AB 76 3.11 -25.45 -7.42
C ALA AB 76 2.53 -26.18 -8.66
N ILE AB 77 1.27 -26.61 -8.52
CA ILE AB 77 0.55 -27.28 -9.62
C ILE AB 77 0.43 -26.35 -10.83
N TYR AB 78 0.01 -25.12 -10.59
CA TYR AB 78 -0.14 -24.12 -11.69
C TYR AB 78 1.14 -23.90 -12.50
N ASP AB 79 2.22 -23.53 -11.82
CA ASP AB 79 3.57 -23.34 -12.48
C ASP AB 79 4.02 -24.60 -13.22
N THR AB 80 3.80 -25.75 -12.58
CA THR AB 80 4.16 -27.04 -13.18
C THR AB 80 3.38 -27.24 -14.47
N MET AB 81 2.10 -26.86 -14.44
CA MET AB 81 1.19 -26.88 -15.64
C MET AB 81 1.72 -25.96 -16.73
N VAL AB 82 1.92 -24.72 -16.38
CA VAL AB 82 2.42 -23.73 -17.33
C VAL AB 82 3.77 -24.13 -17.96
N LEU AB 83 4.69 -24.61 -17.16
CA LEU AB 83 6.05 -24.93 -17.67
C LEU AB 83 6.10 -26.21 -18.49
N ALA AB 84 5.11 -27.07 -18.30
CA ALA AB 84 5.05 -28.34 -19.06
C ALA AB 84 5.15 -28.01 -20.56
N PRO AB 85 5.88 -28.83 -21.33
CA PRO AB 85 5.91 -28.64 -22.80
C PRO AB 85 4.58 -28.92 -23.47
N CYS AB 86 3.94 -29.98 -23.02
CA CYS AB 86 2.68 -30.39 -23.59
C CYS AB 86 1.53 -29.60 -23.04
N ASP AB 87 0.47 -29.58 -23.81
CA ASP AB 87 -0.79 -29.01 -23.39
C ASP AB 87 -1.39 -29.75 -22.20
N ILE AB 88 -2.16 -29.00 -21.42
CA ILE AB 88 -2.86 -29.55 -20.26
C ILE AB 88 -4.37 -29.21 -20.35
N ALA AB 89 -5.16 -30.25 -20.57
CA ALA AB 89 -6.62 -30.17 -20.72
C ALA AB 89 -7.22 -30.32 -19.33
N THR AB 90 -8.23 -29.53 -19.02
CA THR AB 90 -8.83 -29.58 -17.68
C THR AB 90 -10.31 -29.85 -17.74
N TYR AB 91 -10.74 -30.84 -16.98
CA TYR AB 91 -12.15 -31.21 -16.89
C TYR AB 91 -12.67 -30.95 -15.52
N ALA AB 92 -13.68 -30.13 -15.46
CA ALA AB 92 -14.37 -29.89 -14.20
C ALA AB 92 -15.46 -30.97 -14.01
N MET AB 93 -15.22 -31.90 -13.09
CA MET AB 93 -16.26 -32.88 -12.77
C MET AB 93 -16.74 -32.84 -11.36
N GLY AB 94 -18.06 -32.70 -11.24
CA GLY AB 94 -18.74 -32.63 -9.94
C GLY AB 94 -18.61 -31.29 -9.31
N MET AB 95 -17.37 -31.01 -8.91
CA MET AB 95 -17.03 -29.72 -8.28
C MET AB 95 -15.61 -29.23 -8.47
N ALA AB 96 -15.52 -27.98 -8.95
CA ALA AB 96 -14.26 -27.24 -9.06
C ALA AB 96 -14.38 -25.94 -8.31
N ALA AB 97 -13.86 -25.97 -7.09
CA ALA AB 97 -14.01 -24.85 -6.14
C ALA AB 97 -12.70 -24.23 -5.72
N SER AB 98 -12.70 -22.91 -5.69
CA SER AB 98 -11.60 -22.13 -5.18
C SER AB 98 -10.31 -22.50 -5.95
N MET AB 99 -9.28 -23.06 -5.32
CA MET AB 99 -8.07 -23.49 -6.09
C MET AB 99 -8.46 -24.39 -7.22
N GLY AB 100 -9.42 -25.23 -6.95
CA GLY AB 100 -9.97 -26.14 -7.97
C GLY AB 100 -10.45 -25.38 -9.22
N GLU AB 101 -11.19 -24.29 -9.00
CA GLU AB 101 -11.68 -23.41 -10.12
C GLU AB 101 -10.51 -22.75 -10.84
N PHE AB 102 -9.61 -22.18 -10.03
CA PHE AB 102 -8.38 -21.58 -10.50
C PHE AB 102 -7.61 -22.52 -11.44
N LEU AB 103 -7.37 -23.72 -10.98
CA LEU AB 103 -6.58 -24.68 -11.74
C LEU AB 103 -7.31 -25.12 -12.98
N LEU AB 104 -8.63 -25.24 -12.85
CA LEU AB 104 -9.49 -25.55 -13.97
C LEU AB 104 -9.30 -24.47 -15.06
N ALA AB 105 -9.46 -23.24 -14.64
CA ALA AB 105 -9.40 -22.09 -15.55
C ALA AB 105 -8.03 -21.85 -16.10
N ALA AB 106 -7.05 -22.40 -15.42
CA ALA AB 106 -5.61 -22.37 -15.87
C ALA AB 106 -5.24 -23.40 -16.95
N GLY AB 107 -6.15 -24.31 -17.25
CA GLY AB 107 -5.95 -25.25 -18.33
C GLY AB 107 -5.64 -24.53 -19.64
N THR AB 108 -4.91 -25.19 -20.54
CA THR AB 108 -4.53 -24.53 -21.79
C THR AB 108 -5.79 -24.14 -22.57
N LYS AB 109 -5.80 -22.89 -22.99
CA LYS AB 109 -6.99 -22.25 -23.63
C LYS AB 109 -7.51 -23.00 -24.81
N GLY AB 110 -8.79 -23.28 -24.75
CA GLY AB 110 -9.46 -24.05 -25.79
C GLY AB 110 -9.76 -25.45 -25.32
N LYS AB 111 -8.92 -25.93 -24.41
CA LYS AB 111 -9.05 -27.31 -23.87
C LYS AB 111 -9.46 -27.38 -22.41
N ARG AB 112 -10.33 -26.46 -22.00
CA ARG AB 112 -10.94 -26.40 -20.64
C ARG AB 112 -12.40 -26.73 -20.69
N TYR AB 113 -12.71 -27.83 -20.06
CA TYR AB 113 -14.05 -28.40 -20.14
C TYR AB 113 -14.77 -28.45 -18.82
N ALA AB 114 -16.08 -28.36 -18.91
CA ALA AB 114 -16.92 -28.63 -17.76
C ALA AB 114 -17.85 -29.76 -18.11
N LEU AB 115 -18.04 -30.67 -17.16
CA LEU AB 115 -19.09 -31.66 -17.28
C LEU AB 115 -20.38 -30.91 -16.94
N PRO AB 116 -21.53 -31.27 -17.55
CA PRO AB 116 -22.76 -30.44 -17.55
C PRO AB 116 -23.35 -30.06 -16.19
N HIS AB 117 -23.13 -30.89 -15.19
CA HIS AB 117 -23.73 -30.65 -13.85
C HIS AB 117 -22.67 -30.38 -12.81
N ALA AB 118 -21.52 -29.99 -13.32
CA ALA AB 118 -20.42 -29.60 -12.47
C ALA AB 118 -20.75 -28.26 -11.92
N ARG AB 119 -20.31 -28.02 -10.71
CA ARG AB 119 -20.39 -26.67 -10.15
C ARG AB 119 -18.99 -26.04 -9.97
N ILE AB 120 -18.90 -24.77 -10.37
CA ILE AB 120 -17.73 -23.95 -10.17
C ILE AB 120 -17.99 -22.84 -9.11
N LEU AB 121 -16.99 -22.66 -8.23
CA LEU AB 121 -17.05 -21.72 -7.07
C LEU AB 121 -15.84 -20.84 -7.10
N MET AB 122 -16.08 -19.56 -7.20
CA MET AB 122 -14.99 -18.59 -7.19
C MET AB 122 -15.19 -17.75 -5.96
N HIS AB 123 -14.12 -17.56 -5.23
CA HIS AB 123 -14.09 -16.59 -4.09
C HIS AB 123 -12.66 -16.09 -3.76
N GLN AB 124 -12.58 -15.11 -2.87
CA GLN AB 124 -11.29 -14.61 -2.39
C GLN AB 124 -10.64 -15.56 -1.35
N PRO AB 125 -9.30 -15.43 -1.12
CA PRO AB 125 -8.57 -16.14 -0.14
C PRO AB 125 -9.03 -15.99 1.29
N LEU AB 126 -8.91 -17.10 2.00
CA LEU AB 126 -9.13 -17.16 3.42
C LEU AB 126 -7.80 -17.38 4.05
N GLY AB 127 -7.73 -17.14 5.33
CA GLY AB 127 -6.53 -17.48 6.05
C GLY AB 127 -6.65 -17.25 7.53
N GLY AB 128 -5.53 -16.84 8.09
CA GLY AB 128 -5.43 -16.62 9.52
C GLY AB 128 -4.39 -15.57 9.87
N VAL AB 129 -4.54 -15.02 11.07
CA VAL AB 129 -3.67 -13.98 11.58
C VAL AB 129 -3.32 -14.30 13.01
N THR AB 130 -2.05 -14.28 13.29
CA THR AB 130 -1.54 -14.56 14.65
C THR AB 130 -0.20 -13.90 14.87
N GLY AB 131 0.15 -13.74 16.12
CA GLY AB 131 1.45 -13.29 16.50
C GLY AB 131 1.48 -11.89 17.06
N SER AB 132 2.67 -11.32 17.05
CA SER AB 132 2.86 -9.93 17.48
C SER AB 132 2.33 -8.99 16.41
N ALA AB 133 2.04 -7.77 16.83
CA ALA AB 133 1.42 -6.80 15.95
C ALA AB 133 2.27 -6.61 14.73
N ALA AB 134 3.57 -6.63 14.99
CA ALA AB 134 4.57 -6.55 13.93
C ALA AB 134 4.45 -7.73 12.96
N ASP AB 135 4.32 -8.93 13.53
CA ASP AB 135 4.22 -10.18 12.73
C ASP AB 135 2.97 -10.18 11.86
N ILE AB 136 1.95 -9.55 12.42
CA ILE AB 136 0.62 -9.50 11.82
C ILE AB 136 0.59 -8.48 10.67
N ALA AB 137 1.20 -7.33 10.94
CA ALA AB 137 1.44 -6.30 9.91
C ALA AB 137 2.06 -6.92 8.65
N ILE AB 138 3.01 -7.83 8.85
CA ILE AB 138 3.71 -8.52 7.74
C ILE AB 138 2.79 -9.48 7.01
N GLN AB 139 2.04 -10.27 7.78
CA GLN AB 139 1.06 -11.24 7.25
C GLN AB 139 0.04 -10.57 6.38
N ALA AB 140 -0.46 -9.47 6.91
CA ALA AB 140 -1.43 -8.59 6.23
C ALA AB 140 -0.90 -8.08 4.87
N GLU AB 141 0.33 -7.58 4.89
CA GLU AB 141 1.03 -7.10 3.70
C GLU AB 141 1.07 -8.14 2.62
N GLN AB 142 1.30 -9.34 3.07
CA GLN AB 142 1.35 -10.56 2.23
C GLN AB 142 0.00 -10.93 1.64
N PHE AB 143 -1.03 -10.75 2.45
CA PHE AB 143 -2.40 -10.96 1.98
C PHE AB 143 -2.69 -10.06 0.77
N ALA AB 144 -2.39 -8.78 0.91
CA ALA AB 144 -2.51 -7.78 -0.17
C ALA AB 144 -1.89 -8.28 -1.48
N VAL AB 145 -0.65 -8.71 -1.36
CA VAL AB 145 0.14 -9.18 -2.51
C VAL AB 145 -0.57 -10.34 -3.18
N ILE AB 146 -0.96 -11.29 -2.34
CA ILE AB 146 -1.53 -12.56 -2.82
C ILE AB 146 -2.91 -12.38 -3.41
N LYS AB 147 -3.75 -11.72 -2.66
CA LYS AB 147 -5.07 -11.37 -3.12
C LYS AB 147 -4.99 -10.77 -4.53
N LYS AB 148 -4.10 -9.77 -4.66
CA LYS AB 148 -3.92 -9.01 -5.92
C LYS AB 148 -3.53 -9.91 -7.06
N GLU AB 149 -2.57 -10.76 -6.76
CA GLU AB 149 -2.02 -11.66 -7.75
C GLU AB 149 -3.01 -12.76 -8.18
N MET AB 150 -3.72 -13.35 -7.22
CA MET AB 150 -4.72 -14.41 -7.53
C MET AB 150 -5.85 -13.86 -8.35
N PHE AB 151 -6.23 -12.62 -8.06
CA PHE AB 151 -7.22 -11.93 -8.88
C PHE AB 151 -6.69 -11.68 -10.29
N ARG AB 152 -5.48 -11.12 -10.38
CA ARG AB 152 -4.84 -10.83 -11.67
C ARG AB 152 -4.88 -12.04 -12.59
N LEU AB 153 -4.54 -13.17 -12.04
CA LEU AB 153 -4.50 -14.44 -12.78
C LEU AB 153 -5.87 -15.00 -13.20
N ASN AB 154 -6.86 -14.89 -12.35
CA ASN AB 154 -8.22 -15.31 -12.71
C ASN AB 154 -8.83 -14.44 -13.74
N ALA AB 155 -8.50 -13.17 -13.63
CA ALA AB 155 -8.80 -12.20 -14.69
C ALA AB 155 -8.21 -12.69 -16.02
N GLU AB 156 -6.93 -13.03 -15.99
CA GLU AB 156 -6.20 -13.47 -17.21
C GLU AB 156 -6.89 -14.70 -17.79
N PHE AB 157 -7.20 -15.62 -16.94
CA PHE AB 157 -7.79 -16.93 -17.37
C PHE AB 157 -9.16 -16.79 -18.01
N THR AB 158 -9.98 -16.01 -17.32
CA THR AB 158 -11.37 -15.82 -17.69
C THR AB 158 -11.58 -14.84 -18.78
N GLY AB 159 -10.74 -13.83 -18.83
CA GLY AB 159 -10.89 -12.71 -19.79
C GLY AB 159 -11.67 -11.54 -19.21
N GLN AB 160 -12.04 -11.66 -17.95
CA GLN AB 160 -12.75 -10.59 -17.25
C GLN AB 160 -11.82 -9.53 -16.75
N PRO AB 161 -12.36 -8.34 -16.47
CA PRO AB 161 -11.54 -7.31 -15.88
C PRO AB 161 -11.30 -7.56 -14.40
N ILE AB 162 -10.10 -7.24 -13.97
CA ILE AB 162 -9.70 -7.47 -12.57
C ILE AB 162 -10.72 -6.88 -11.59
N GLU AB 163 -11.37 -5.81 -11.98
CA GLU AB 163 -12.36 -5.13 -11.07
C GLU AB 163 -13.53 -6.00 -10.81
N ARG AB 164 -13.96 -6.74 -11.83
CA ARG AB 164 -15.10 -7.66 -11.70
C ARG AB 164 -14.74 -8.92 -10.93
N ILE AB 165 -13.56 -9.42 -11.21
CA ILE AB 165 -13.02 -10.55 -10.44
C ILE AB 165 -12.95 -10.21 -8.93
N GLU AB 166 -12.47 -9.01 -8.60
CA GLU AB 166 -12.38 -8.51 -7.17
C GLU AB 166 -13.77 -8.49 -6.52
N ALA AB 167 -14.67 -7.84 -7.22
CA ALA AB 167 -16.05 -7.66 -6.79
C ALA AB 167 -16.82 -8.99 -6.64
N ASP AB 168 -16.79 -9.81 -7.70
CA ASP AB 168 -17.52 -11.09 -7.70
C ASP AB 168 -16.94 -12.09 -6.65
N SER AB 169 -15.62 -12.07 -6.55
CA SER AB 169 -14.85 -12.94 -5.60
C SER AB 169 -15.04 -12.57 -4.13
N ASP AB 170 -15.70 -11.46 -3.85
CA ASP AB 170 -15.73 -10.90 -2.46
C ASP AB 170 -16.33 -11.88 -1.46
N ARG AB 171 -17.36 -12.56 -1.96
CA ARG AB 171 -17.94 -13.71 -1.29
C ARG AB 171 -18.21 -14.86 -2.23
N ASP AB 172 -18.63 -15.99 -1.70
CA ASP AB 172 -18.85 -17.19 -2.51
C ASP AB 172 -19.67 -16.80 -3.74
N ARG AB 173 -19.15 -17.20 -4.88
CA ARG AB 173 -19.74 -16.94 -6.17
C ARG AB 173 -19.90 -18.21 -6.96
N TRP AB 174 -21.14 -18.63 -7.08
CA TRP AB 174 -21.38 -19.95 -7.65
C TRP AB 174 -21.73 -19.89 -9.12
N PHE AB 175 -21.22 -20.87 -9.85
CA PHE AB 175 -21.51 -21.01 -11.25
C PHE AB 175 -21.97 -22.42 -11.57
N THR AB 176 -23.02 -22.48 -12.40
CA THR AB 176 -23.34 -23.73 -13.10
C THR AB 176 -22.38 -23.90 -14.29
N ALA AB 177 -22.29 -25.08 -14.87
CA ALA AB 177 -21.44 -25.24 -16.09
C ALA AB 177 -21.72 -24.13 -17.15
N ALA AB 178 -23.00 -23.92 -17.40
CA ALA AB 178 -23.45 -22.89 -18.33
C ALA AB 178 -22.83 -21.53 -18.06
N GLU AB 179 -23.04 -21.08 -16.84
CA GLU AB 179 -22.58 -19.74 -16.37
C GLU AB 179 -21.05 -19.61 -16.41
N ALA AB 180 -20.38 -20.73 -16.11
CA ALA AB 180 -18.92 -20.81 -16.08
C ALA AB 180 -18.35 -20.66 -17.45
N LEU AB 181 -19.09 -21.16 -18.43
CA LEU AB 181 -18.73 -20.96 -19.85
C LEU AB 181 -18.79 -19.45 -20.25
N GLU AB 182 -19.89 -18.80 -19.90
CA GLU AB 182 -20.04 -17.40 -20.27
C GLU AB 182 -19.13 -16.52 -19.48
N TYR AB 183 -18.68 -16.97 -18.34
CA TYR AB 183 -17.79 -16.11 -17.53
C TYR AB 183 -16.35 -16.26 -18.01
N GLY AB 184 -16.05 -17.41 -18.60
CA GLY AB 184 -14.73 -17.66 -19.17
C GLY AB 184 -13.78 -18.54 -18.36
N PHE AB 185 -14.35 -19.31 -17.43
CA PHE AB 185 -13.56 -20.31 -16.61
C PHE AB 185 -13.20 -21.52 -17.46
N VAL AB 186 -13.97 -21.66 -18.51
CA VAL AB 186 -14.06 -22.88 -19.20
C VAL AB 186 -14.37 -22.55 -20.63
N ASP AB 187 -13.88 -23.38 -21.52
CA ASP AB 187 -14.13 -23.20 -23.00
C ASP AB 187 -15.33 -23.94 -23.57
N HIS AB 188 -15.54 -25.13 -23.07
CA HIS AB 188 -16.62 -25.98 -23.53
C HIS AB 188 -17.34 -26.65 -22.41
N ILE AB 189 -18.53 -27.08 -22.76
CA ILE AB 189 -19.29 -28.04 -21.97
C ILE AB 189 -19.46 -29.35 -22.73
N ILE AB 190 -19.19 -30.45 -22.08
CA ILE AB 190 -19.28 -31.77 -22.74
C ILE AB 190 -20.67 -32.39 -22.68
N THR AB 191 -21.17 -32.95 -23.76
CA THR AB 191 -22.41 -33.75 -23.76
C THR AB 191 -22.18 -34.73 -24.91
N ARG AB 192 -22.56 -36.00 -24.79
CA ARG AB 192 -22.12 -37.01 -25.81
C ARG AB 192 -22.55 -38.43 -25.53
N LEU BB 2 -5.21 -19.96 1.80
CA LEU BB 2 -6.05 -21.02 1.18
C LEU BB 2 -7.13 -20.41 0.31
N LEU BB 3 -7.17 -20.76 -0.96
CA LEU BB 3 -8.31 -20.38 -1.81
C LEU BB 3 -9.39 -21.43 -1.52
N SER CB 15 -4.83 -58.04 -2.57
CA SER CB 15 -5.70 -57.98 -1.35
C SER CB 15 -7.03 -58.70 -1.63
N LEU CB 16 -7.46 -59.60 -0.75
CA LEU CB 16 -8.55 -60.53 -1.15
C LEU CB 16 -9.77 -59.83 -1.67
N THR CB 17 -10.17 -58.75 -1.02
CA THR CB 17 -11.39 -58.04 -1.44
C THR CB 17 -11.13 -57.31 -2.72
N ASP CB 18 -10.03 -56.57 -2.74
CA ASP CB 18 -9.56 -55.88 -3.95
C ASP CB 18 -9.50 -56.85 -5.14
N SER CB 19 -8.85 -57.99 -4.92
CA SER CB 19 -8.69 -59.04 -5.96
C SER CB 19 -10.05 -59.49 -6.53
N VAL CB 20 -11.00 -59.64 -5.63
CA VAL CB 20 -12.37 -60.10 -5.98
C VAL CB 20 -13.11 -59.06 -6.79
N TYR CB 21 -12.89 -57.82 -6.46
CA TYR CB 21 -13.53 -56.70 -7.15
C TYR CB 21 -12.92 -56.50 -8.53
N GLU CB 22 -11.60 -56.38 -8.54
CA GLU CB 22 -10.73 -56.54 -9.73
C GLU CB 22 -11.31 -57.55 -10.75
N ARG CB 23 -11.51 -58.79 -10.33
CA ARG CB 23 -11.95 -59.84 -11.25
C ARG CB 23 -13.33 -59.49 -11.83
N LEU CB 24 -14.16 -58.92 -10.98
CA LEU CB 24 -15.48 -58.39 -11.42
C LEU CB 24 -15.39 -57.17 -12.31
N LEU CB 25 -14.45 -56.32 -11.98
CA LEU CB 25 -14.12 -55.11 -12.78
C LEU CB 25 -13.76 -55.49 -14.21
N SER CB 26 -12.95 -56.53 -14.35
CA SER CB 26 -12.63 -57.03 -15.69
C SER CB 26 -13.87 -57.62 -16.39
N GLU CB 27 -14.88 -57.98 -15.63
CA GLU CB 27 -16.17 -58.45 -16.20
C GLU CB 27 -17.15 -57.30 -16.41
N ARG CB 28 -16.61 -56.11 -16.33
CA ARG CB 28 -17.37 -54.84 -16.53
C ARG CB 28 -18.47 -54.62 -15.44
N ILE CB 29 -18.16 -55.12 -14.26
CA ILE CB 29 -19.04 -54.96 -13.09
C ILE CB 29 -18.35 -54.09 -12.02
N ILE CB 30 -19.08 -53.04 -11.67
CA ILE CB 30 -18.67 -52.03 -10.73
C ILE CB 30 -19.63 -51.89 -9.55
N PHE CB 31 -19.10 -51.51 -8.39
CA PHE CB 31 -19.93 -51.32 -7.21
C PHE CB 31 -19.90 -49.91 -6.68
N LEU CB 32 -21.09 -49.43 -6.36
CA LEU CB 32 -21.28 -48.31 -5.46
C LEU CB 32 -21.88 -48.87 -4.17
N GLY CB 33 -21.00 -49.27 -3.25
CA GLY CB 33 -21.40 -50.00 -2.05
C GLY CB 33 -21.30 -49.26 -0.73
N SER CB 34 -21.22 -47.93 -0.80
CA SER CB 34 -21.09 -47.14 0.41
C SER CB 34 -21.56 -45.72 0.25
N GLU CB 35 -21.33 -44.99 1.33
CA GLU CB 35 -21.59 -43.55 1.34
C GLU CB 35 -20.85 -42.96 0.15
N VAL CB 36 -21.51 -42.02 -0.51
CA VAL CB 36 -20.98 -41.38 -1.69
C VAL CB 36 -20.14 -40.21 -1.33
N ASN CB 37 -18.84 -40.43 -1.26
CA ASN CB 37 -17.85 -39.33 -1.10
C ASN CB 37 -17.24 -38.96 -2.40
N ASP CB 38 -16.59 -37.81 -2.35
CA ASP CB 38 -15.63 -37.44 -3.32
C ASP CB 38 -14.74 -38.67 -3.63
N GLU CB 39 -14.21 -39.32 -2.61
CA GLU CB 39 -13.24 -40.43 -2.83
C GLU CB 39 -13.84 -41.59 -3.59
N ILE CB 40 -15.02 -42.00 -3.14
CA ILE CB 40 -15.75 -43.13 -3.78
C ILE CB 40 -16.18 -42.77 -5.18
N ALA CB 41 -16.66 -41.54 -5.32
CA ALA CB 41 -17.09 -40.98 -6.63
C ALA CB 41 -16.00 -40.95 -7.64
N ASN CB 42 -14.84 -40.53 -7.19
CA ASN CB 42 -13.67 -40.39 -8.10
C ASN CB 42 -13.18 -41.71 -8.67
N ARG CB 43 -13.14 -42.69 -7.80
CA ARG CB 43 -12.79 -44.05 -8.19
C ARG CB 43 -13.81 -44.63 -9.16
N LEU CB 44 -15.08 -44.39 -8.90
CA LEU CB 44 -16.14 -44.87 -9.80
C LEU CB 44 -16.03 -44.21 -11.13
N CYS CB 45 -15.82 -42.93 -11.09
CA CYS CB 45 -15.66 -42.15 -12.34
C CYS CB 45 -14.45 -42.65 -13.14
N ALA CB 46 -13.38 -42.94 -12.43
CA ALA CB 46 -12.16 -43.48 -13.06
C ALA CB 46 -12.47 -44.81 -13.70
N GLN CB 47 -13.17 -45.65 -12.95
CA GLN CB 47 -13.52 -46.97 -13.43
C GLN CB 47 -14.36 -46.91 -14.70
N ILE CB 48 -15.35 -46.05 -14.69
CA ILE CB 48 -16.23 -45.92 -15.87
C ILE CB 48 -15.45 -45.40 -17.09
N LEU CB 49 -14.56 -44.46 -16.82
CA LEU CB 49 -13.62 -43.93 -17.84
C LEU CB 49 -12.73 -45.02 -18.46
N LEU CB 50 -12.17 -45.84 -17.59
CA LEU CB 50 -11.23 -46.92 -17.93
C LEU CB 50 -11.96 -47.97 -18.76
N LEU CB 51 -13.15 -48.34 -18.29
CA LEU CB 51 -13.96 -49.37 -18.98
C LEU CB 51 -14.44 -48.93 -20.36
N ALA CB 52 -14.87 -47.68 -20.45
CA ALA CB 52 -15.26 -47.09 -21.73
C ALA CB 52 -14.09 -47.10 -22.74
N ALA CB 53 -12.96 -46.59 -22.26
CA ALA CB 53 -11.67 -46.60 -23.01
C ALA CB 53 -11.21 -48.01 -23.44
N GLU CB 54 -11.48 -49.01 -22.62
CA GLU CB 54 -11.19 -50.40 -23.00
C GLU CB 54 -12.11 -50.81 -24.14
N ASP CB 55 -13.36 -51.05 -23.82
CA ASP CB 55 -14.35 -51.50 -24.79
C ASP CB 55 -15.53 -50.54 -24.81
N ALA CB 56 -15.59 -49.70 -25.81
CA ALA CB 56 -16.59 -48.59 -25.86
C ALA CB 56 -17.98 -49.02 -26.32
N SER CB 57 -18.13 -50.31 -26.56
CA SER CB 57 -19.40 -50.83 -27.10
C SER CB 57 -20.18 -51.63 -26.06
N LYS CB 58 -19.46 -52.42 -25.28
CA LYS CB 58 -20.08 -53.26 -24.24
C LYS CB 58 -20.60 -52.53 -22.99
N ASP CB 59 -21.71 -53.04 -22.48
CA ASP CB 59 -22.34 -52.52 -21.27
C ASP CB 59 -21.43 -52.59 -20.06
N ILE CB 60 -21.69 -51.62 -19.18
CA ILE CB 60 -21.20 -51.58 -17.81
C ILE CB 60 -22.35 -51.82 -16.84
N SER CB 61 -22.12 -52.73 -15.91
CA SER CB 61 -23.04 -53.01 -14.83
C SER CB 61 -22.61 -52.35 -13.51
N LEU CB 62 -23.48 -51.48 -13.01
CA LEU CB 62 -23.29 -50.71 -11.78
C LEU CB 62 -24.22 -51.20 -10.70
N TYR CB 63 -23.67 -52.02 -9.82
CA TYR CB 63 -24.39 -52.48 -8.65
C TYR CB 63 -24.38 -51.39 -7.57
N ILE CB 64 -25.55 -51.08 -7.05
CA ILE CB 64 -25.69 -50.03 -6.04
C ILE CB 64 -26.31 -50.52 -4.75
N ASN CB 65 -25.53 -50.38 -3.69
CA ASN CB 65 -25.98 -50.62 -2.29
C ASN CB 65 -25.42 -49.53 -1.40
N SER CB 66 -26.08 -48.39 -1.47
CA SER CB 66 -25.60 -47.16 -0.86
C SER CB 66 -26.71 -46.41 -0.14
N PRO CB 67 -26.39 -45.79 1.00
CA PRO CB 67 -27.30 -44.97 1.76
C PRO CB 67 -27.42 -43.51 1.29
N GLY CB 68 -26.64 -43.16 0.29
CA GLY CB 68 -26.69 -41.83 -0.29
C GLY CB 68 -25.38 -41.15 0.03
N GLY CB 69 -25.37 -39.84 -0.10
CA GLY CB 69 -24.13 -39.06 0.06
C GLY CB 69 -24.08 -37.68 -0.60
N SER CB 70 -22.88 -37.27 -0.94
CA SER CB 70 -22.61 -35.91 -1.47
C SER CB 70 -23.25 -35.75 -2.84
N ILE CB 71 -24.00 -34.68 -3.00
CA ILE CB 71 -24.55 -34.36 -4.33
C ILE CB 71 -23.47 -34.04 -5.39
N SER CB 72 -22.63 -33.04 -5.08
CA SER CB 72 -21.43 -32.75 -5.85
C SER CB 72 -20.75 -34.03 -6.41
N ALA CB 73 -20.39 -34.91 -5.48
CA ALA CB 73 -19.72 -36.20 -5.78
C ALA CB 73 -20.59 -37.09 -6.63
N GLY CB 74 -21.87 -37.08 -6.32
CA GLY CB 74 -22.85 -37.91 -7.05
C GLY CB 74 -22.99 -37.47 -8.50
N MET CB 75 -22.97 -36.17 -8.70
CA MET CB 75 -23.08 -35.56 -10.05
C MET CB 75 -21.86 -35.84 -10.93
N ALA CB 76 -20.74 -36.00 -10.27
CA ALA CB 76 -19.56 -36.45 -10.96
C ALA CB 76 -19.86 -37.80 -11.60
N ILE CB 77 -20.37 -38.71 -10.77
CA ILE CB 77 -20.70 -40.08 -11.22
C ILE CB 77 -21.76 -40.04 -12.30
N TYR CB 78 -22.79 -39.25 -12.05
CA TYR CB 78 -23.88 -39.06 -13.03
C TYR CB 78 -23.38 -38.58 -14.39
N ASP CB 79 -22.69 -37.46 -14.41
CA ASP CB 79 -22.15 -36.91 -15.69
C ASP CB 79 -21.25 -37.94 -16.38
N THR CB 80 -20.45 -38.61 -15.57
CA THR CB 80 -19.51 -39.59 -16.11
C THR CB 80 -20.28 -40.70 -16.78
N MET CB 81 -21.40 -41.08 -16.16
CA MET CB 81 -22.35 -42.11 -16.68
C MET CB 81 -22.93 -41.65 -18.00
N VAL CB 82 -23.55 -40.49 -17.97
CA VAL CB 82 -24.12 -39.90 -19.20
C VAL CB 82 -23.15 -39.74 -20.38
N LEU CB 83 -21.95 -39.27 -20.10
CA LEU CB 83 -20.94 -39.04 -21.16
C LEU CB 83 -20.27 -40.32 -21.67
N ALA CB 84 -20.32 -41.36 -20.89
CA ALA CB 84 -19.80 -42.63 -21.35
C ALA CB 84 -20.41 -43.01 -22.71
N PRO CB 85 -19.62 -43.61 -23.64
CA PRO CB 85 -20.17 -44.10 -24.91
C PRO CB 85 -21.07 -45.29 -24.76
N CYS CB 86 -20.65 -46.20 -23.89
CA CYS CB 86 -21.40 -47.41 -23.67
C CYS CB 86 -22.54 -47.17 -22.74
N ASP CB 87 -23.49 -48.09 -22.84
CA ASP CB 87 -24.61 -48.15 -21.89
C ASP CB 87 -24.16 -48.49 -20.44
N ILE CB 88 -24.96 -48.02 -19.50
CA ILE CB 88 -24.76 -48.27 -18.06
C ILE CB 88 -26.00 -48.81 -17.42
N ALA CB 89 -25.89 -50.08 -17.06
CA ALA CB 89 -26.98 -50.86 -16.41
C ALA CB 89 -26.86 -50.70 -14.93
N THR CB 90 -27.96 -50.52 -14.25
CA THR CB 90 -27.92 -50.23 -12.80
C THR CB 90 -28.75 -51.20 -12.05
N TYR CB 91 -28.14 -51.80 -11.05
CA TYR CB 91 -28.81 -52.82 -10.18
C TYR CB 91 -28.91 -52.32 -8.78
N ALA CB 92 -30.15 -52.23 -8.31
CA ALA CB 92 -30.39 -51.84 -6.92
C ALA CB 92 -30.37 -53.10 -6.04
N MET CB 93 -29.33 -53.27 -5.28
CA MET CB 93 -29.27 -54.38 -4.36
C MET CB 93 -29.17 -53.96 -2.92
N GLY CB 94 -30.06 -54.54 -2.14
CA GLY CB 94 -30.15 -54.25 -0.70
C GLY CB 94 -30.76 -52.88 -0.43
N MET CB 95 -30.01 -51.84 -0.78
CA MET CB 95 -30.50 -50.46 -0.65
C MET CB 95 -29.92 -49.47 -1.61
N ALA CB 96 -30.83 -48.74 -2.23
CA ALA CB 96 -30.50 -47.56 -3.09
C ALA CB 96 -31.23 -46.33 -2.59
N ALA CB 97 -30.50 -45.55 -1.79
CA ALA CB 97 -31.07 -44.41 -1.06
C ALA CB 97 -30.49 -43.07 -1.51
N SER CB 98 -31.38 -42.09 -1.67
CA SER CB 98 -31.01 -40.74 -1.88
C SER CB 98 -30.13 -40.66 -3.16
N MET CB 99 -28.85 -40.23 -3.10
CA MET CB 99 -27.98 -40.25 -4.30
C MET CB 99 -28.02 -41.62 -4.93
N GLY CB 100 -28.03 -42.65 -4.08
CA GLY CB 100 -28.07 -44.04 -4.53
C GLY CB 100 -29.26 -44.27 -5.44
N GLU CB 101 -30.42 -43.75 -5.03
CA GLU CB 101 -31.66 -43.88 -5.82
C GLU CB 101 -31.54 -43.11 -7.13
N PHE CB 102 -31.08 -41.86 -7.00
CA PHE CB 102 -30.83 -40.99 -8.13
C PHE CB 102 -29.99 -41.69 -9.19
N LEU CB 103 -28.87 -42.24 -8.77
CA LEU CB 103 -27.92 -42.86 -9.70
C LEU CB 103 -28.49 -44.11 -10.32
N LEU CB 104 -29.27 -44.82 -9.53
CA LEU CB 104 -29.96 -46.01 -9.98
C LEU CB 104 -30.87 -45.64 -11.09
N ALA CB 105 -31.67 -44.64 -10.81
CA ALA CB 105 -32.68 -44.11 -11.78
C ALA CB 105 -32.08 -43.48 -13.01
N ALA CB 106 -30.83 -43.06 -12.88
CA ALA CB 106 -30.03 -42.48 -13.98
C ALA CB 106 -29.40 -43.51 -14.94
N GLY CB 107 -29.50 -44.76 -14.60
CA GLY CB 107 -29.06 -45.82 -15.48
C GLY CB 107 -29.77 -45.75 -16.84
N THR CB 108 -29.12 -46.28 -17.87
CA THR CB 108 -29.67 -46.15 -19.23
C THR CB 108 -31.02 -46.86 -19.29
N LYS CB 109 -32.01 -46.13 -19.80
CA LYS CB 109 -33.43 -46.58 -19.83
C LYS CB 109 -33.62 -47.89 -20.47
N GLY CB 110 -34.28 -48.74 -19.73
CA GLY CB 110 -34.52 -50.12 -20.15
C GLY CB 110 -33.64 -51.08 -19.42
N LYS CB 111 -32.49 -50.59 -19.00
CA LYS CB 111 -31.50 -51.41 -18.28
C LYS CB 111 -31.27 -51.02 -16.81
N ARG CB 112 -32.35 -50.62 -16.16
CA ARG CB 112 -32.37 -50.32 -14.71
C ARG CB 112 -33.14 -51.38 -13.94
N TYR CB 113 -32.42 -52.07 -13.08
CA TYR CB 113 -32.97 -53.21 -12.37
C TYR CB 113 -33.02 -53.01 -10.88
N ALA CB 114 -34.00 -53.67 -10.30
CA ALA CB 114 -34.04 -53.81 -8.83
C ALA CB 114 -34.04 -55.29 -8.46
N LEU CB 115 -33.28 -55.62 -7.44
CA LEU CB 115 -33.36 -56.97 -6.87
C LEU CB 115 -34.61 -56.94 -6.05
N PRO CB 116 -35.30 -58.06 -5.91
CA PRO CB 116 -36.68 -58.10 -5.38
C PRO CB 116 -36.94 -57.52 -4.00
N HIS CB 117 -35.92 -57.56 -3.17
CA HIS CB 117 -36.05 -57.14 -1.75
C HIS CB 117 -35.17 -55.94 -1.46
N ALA CB 118 -34.82 -55.28 -2.53
CA ALA CB 118 -34.10 -54.01 -2.43
C ALA CB 118 -35.08 -52.93 -2.04
N ARG CB 119 -34.57 -51.98 -1.26
CA ARG CB 119 -35.37 -50.79 -0.89
C ARG CB 119 -34.79 -49.52 -1.50
N ILE CB 120 -35.70 -48.74 -2.08
CA ILE CB 120 -35.40 -47.43 -2.66
C ILE CB 120 -36.01 -46.29 -1.80
N LEU CB 121 -35.19 -45.25 -1.58
CA LEU CB 121 -35.52 -44.13 -0.70
C LEU CB 121 -35.31 -42.86 -1.47
N MET CB 122 -36.37 -42.09 -1.62
CA MET CB 122 -36.28 -40.82 -2.27
C MET CB 122 -36.60 -39.80 -1.25
N HIS CB 123 -35.78 -38.78 -1.20
CA HIS CB 123 -36.06 -37.55 -0.40
C HIS CB 123 -35.28 -36.27 -0.92
N GLN CB 124 -35.58 -35.13 -0.35
CA GLN CB 124 -34.95 -33.86 -0.72
C GLN CB 124 -33.63 -33.73 -0.03
N PRO CB 125 -32.78 -32.84 -0.52
CA PRO CB 125 -31.47 -32.62 0.03
C PRO CB 125 -31.46 -32.13 1.44
N LEU CB 126 -30.44 -32.58 2.14
CA LEU CB 126 -30.15 -32.17 3.52
C LEU CB 126 -28.87 -31.34 3.41
N GLY CB 127 -28.59 -30.54 4.42
CA GLY CB 127 -27.38 -29.76 4.42
C GLY CB 127 -27.24 -28.94 5.65
N GLY CB 128 -26.55 -27.83 5.50
CA GLY CB 128 -26.12 -27.00 6.62
C GLY CB 128 -25.97 -25.55 6.26
N VAL CB 129 -26.08 -24.70 7.26
CA VAL CB 129 -26.04 -23.26 7.10
C VAL CB 129 -25.12 -22.70 8.18
N THR CB 130 -24.15 -21.90 7.78
CA THR CB 130 -23.24 -21.19 8.75
C THR CB 130 -22.77 -19.90 8.11
N GLY CB 131 -22.24 -19.04 8.96
CA GLY CB 131 -21.53 -17.86 8.53
C GLY CB 131 -22.26 -16.58 8.84
N SER CB 132 -21.85 -15.55 8.15
CA SER CB 132 -22.56 -14.30 8.19
C SER CB 132 -23.88 -14.40 7.43
N ALA CB 133 -24.77 -13.50 7.77
CA ALA CB 133 -26.12 -13.47 7.16
C ALA CB 133 -26.03 -13.37 5.65
N ALA CB 134 -25.05 -12.58 5.21
CA ALA CB 134 -24.72 -12.47 3.80
C ALA CB 134 -24.28 -13.82 3.21
N ASP CB 135 -23.41 -14.52 3.94
CA ASP CB 135 -22.88 -15.84 3.51
C ASP CB 135 -23.99 -16.86 3.39
N ILE CB 136 -24.95 -16.68 4.27
CA ILE CB 136 -26.08 -17.63 4.42
C ILE CB 136 -27.12 -17.40 3.37
N ALA CB 137 -27.38 -16.12 3.12
CA ALA CB 137 -28.19 -15.67 1.96
C ALA CB 137 -27.73 -16.33 0.63
N ILE CB 138 -26.42 -16.44 0.47
CA ILE CB 138 -25.80 -17.07 -0.71
C ILE CB 138 -25.97 -18.57 -0.76
N GLN CB 139 -25.72 -19.18 0.38
CA GLN CB 139 -25.95 -20.65 0.57
C GLN CB 139 -27.36 -21.05 0.23
N ALA CB 140 -28.27 -20.24 0.75
CA ALA CB 140 -29.70 -20.42 0.60
C ALA CB 140 -30.11 -20.39 -0.86
N GLU CB 141 -29.61 -19.37 -1.53
CA GLU CB 141 -29.82 -19.20 -2.96
C GLU CB 141 -29.46 -20.47 -3.74
N GLN CB 142 -28.36 -21.06 -3.31
CA GLN CB 142 -27.75 -22.26 -3.91
C GLN CB 142 -28.59 -23.47 -3.68
N PHE CB 143 -29.17 -23.52 -2.49
CA PHE CB 143 -30.10 -24.63 -2.11
C PHE CB 143 -31.23 -24.66 -3.11
N ALA CB 144 -31.79 -23.48 -3.37
CA ALA CB 144 -32.90 -23.31 -4.34
C ALA CB 144 -32.55 -23.94 -5.68
N VAL CB 145 -31.38 -23.56 -6.16
CA VAL CB 145 -30.89 -23.98 -7.50
C VAL CB 145 -30.78 -25.48 -7.54
N ILE CB 146 -30.15 -26.00 -6.52
CA ILE CB 146 -29.83 -27.42 -6.46
C ILE CB 146 -31.09 -28.28 -6.27
N LYS CB 147 -31.86 -27.93 -5.25
CA LYS CB 147 -33.15 -28.58 -5.01
C LYS CB 147 -33.90 -28.70 -6.36
N LYS CB 148 -34.03 -27.57 -7.05
CA LYS CB 148 -34.78 -27.47 -8.31
C LYS CB 148 -34.27 -28.44 -9.34
N GLU CB 149 -32.96 -28.45 -9.44
CA GLU CB 149 -32.30 -29.23 -10.48
C GLU CB 149 -32.44 -30.70 -10.19
N MET CB 150 -32.22 -31.06 -8.92
CA MET CB 150 -32.24 -32.51 -8.52
C MET CB 150 -33.62 -33.06 -8.73
N PHE CB 151 -34.60 -32.23 -8.47
CA PHE CB 151 -36.00 -32.61 -8.75
C PHE CB 151 -36.26 -32.77 -10.23
N ARG CB 152 -35.84 -31.78 -11.00
CA ARG CB 152 -35.98 -31.81 -12.47
C ARG CB 152 -35.48 -33.11 -13.08
N LEU CB 153 -34.31 -33.50 -12.63
CA LEU CB 153 -33.67 -34.72 -13.09
C LEU CB 153 -34.36 -36.04 -12.67
N ASN CB 154 -34.82 -36.09 -11.43
CA ASN CB 154 -35.55 -37.29 -10.94
C ASN CB 154 -36.87 -37.42 -11.67
N ALA CB 155 -37.44 -36.26 -11.96
CA ALA CB 155 -38.62 -36.19 -12.80
C ALA CB 155 -38.34 -36.82 -14.19
N GLU CB 156 -37.25 -36.40 -14.79
CA GLU CB 156 -36.85 -36.90 -16.10
C GLU CB 156 -36.67 -38.38 -16.03
N PHE CB 157 -35.98 -38.84 -15.01
CA PHE CB 157 -35.62 -40.29 -14.92
C PHE CB 157 -36.83 -41.18 -14.75
N THR CB 158 -37.68 -40.75 -13.84
CA THR CB 158 -38.86 -41.51 -13.45
C THR CB 158 -40.02 -41.40 -14.40
N GLY CB 159 -40.15 -40.24 -15.02
CA GLY CB 159 -41.28 -39.95 -15.89
C GLY CB 159 -42.42 -39.29 -15.15
N GLN CB 160 -42.20 -38.99 -13.90
CA GLN CB 160 -43.16 -38.24 -13.10
C GLN CB 160 -43.08 -36.75 -13.33
N PRO CB 161 -44.16 -36.04 -13.02
CA PRO CB 161 -44.08 -34.59 -13.05
C PRO CB 161 -43.29 -34.02 -11.90
N ILE CB 162 -42.55 -32.98 -12.19
CA ILE CB 162 -41.73 -32.31 -11.17
C ILE CB 162 -42.52 -31.97 -9.88
N GLU CB 163 -43.80 -31.69 -10.01
CA GLU CB 163 -44.62 -31.30 -8.84
C GLU CB 163 -44.76 -32.43 -7.87
N ARG CB 164 -44.88 -33.65 -8.42
CA ARG CB 164 -45.02 -34.86 -7.59
C ARG CB 164 -43.68 -35.24 -6.95
N ILE CB 165 -42.62 -35.13 -7.73
CA ILE CB 165 -41.27 -35.36 -7.22
C ILE CB 165 -40.98 -34.42 -6.03
N GLU CB 166 -41.35 -33.16 -6.17
CA GLU CB 166 -41.20 -32.14 -5.08
C GLU CB 166 -41.96 -32.54 -3.82
N ALA CB 167 -43.24 -32.84 -4.03
CA ALA CB 167 -44.19 -33.24 -2.96
C ALA CB 167 -43.77 -34.54 -2.28
N ASP CB 168 -43.48 -35.58 -3.07
CA ASP CB 168 -43.11 -36.89 -2.53
C ASP CB 168 -41.74 -36.85 -1.79
N SER CB 169 -40.84 -36.09 -2.38
CA SER CB 169 -39.48 -35.91 -1.85
C SER CB 169 -39.39 -35.11 -0.55
N ASP CB 170 -40.48 -34.54 -0.10
CA ASP CB 170 -40.46 -33.54 1.01
C ASP CB 170 -39.88 -34.15 2.23
N ARG CB 171 -40.27 -35.39 2.43
CA ARG CB 171 -39.72 -36.22 3.52
C ARG CB 171 -39.40 -37.62 3.03
N ASP CB 172 -38.78 -38.43 3.87
CA ASP CB 172 -38.37 -39.76 3.45
C ASP CB 172 -39.54 -40.49 2.81
N ARG CB 173 -39.24 -41.03 1.65
CA ARG CB 173 -40.23 -41.69 0.79
C ARG CB 173 -39.71 -43.05 0.38
N TRP CB 174 -40.30 -44.06 0.99
CA TRP CB 174 -39.80 -45.44 0.84
C TRP CB 174 -40.55 -46.26 -0.18
N PHE CB 175 -39.76 -47.00 -0.94
CA PHE CB 175 -40.30 -47.82 -2.03
C PHE CB 175 -39.76 -49.23 -1.90
N THR CB 176 -40.65 -50.18 -2.08
CA THR CB 176 -40.26 -51.56 -2.32
C THR CB 176 -39.85 -51.68 -3.78
N ALA CB 177 -39.16 -52.74 -4.14
CA ALA CB 177 -38.86 -52.95 -5.56
C ALA CB 177 -40.12 -52.74 -6.44
N ALA CB 178 -41.20 -53.35 -6.01
CA ALA CB 178 -42.49 -53.29 -6.72
C ALA CB 178 -42.89 -51.85 -7.01
N GLU CB 179 -42.94 -51.09 -5.93
CA GLU CB 179 -43.38 -49.67 -5.95
C GLU CB 179 -42.47 -48.77 -6.78
N ALA CB 180 -41.20 -49.11 -6.72
CA ALA CB 180 -40.14 -48.42 -7.48
C ALA CB 180 -40.27 -48.60 -8.97
N LEU CB 181 -40.75 -49.78 -9.37
CA LEU CB 181 -41.03 -50.05 -10.76
C LEU CB 181 -42.16 -49.16 -11.21
N GLU CB 182 -43.24 -49.10 -10.43
CA GLU CB 182 -44.43 -48.31 -10.88
C GLU CB 182 -44.19 -46.86 -10.83
N TYR CB 183 -43.24 -46.45 -10.02
CA TYR CB 183 -42.94 -45.01 -9.91
C TYR CB 183 -42.02 -44.56 -11.07
N GLY CB 184 -41.21 -45.48 -11.55
CA GLY CB 184 -40.33 -45.24 -12.67
C GLY CB 184 -38.87 -45.02 -12.35
N PHE CB 185 -38.46 -45.48 -11.18
CA PHE CB 185 -37.01 -45.47 -10.76
C PHE CB 185 -36.21 -46.56 -11.47
N VAL CB 186 -36.94 -47.52 -11.97
CA VAL CB 186 -36.38 -48.76 -12.36
C VAL CB 186 -37.26 -49.31 -13.46
N ASP CB 187 -36.66 -50.07 -14.34
CA ASP CB 187 -37.39 -50.69 -15.47
C ASP CB 187 -37.88 -52.14 -15.22
N HIS CB 188 -37.04 -52.91 -14.56
CA HIS CB 188 -37.33 -54.30 -14.29
C HIS CB 188 -37.03 -54.68 -12.85
N ILE CB 189 -37.65 -55.78 -12.47
CA ILE CB 189 -37.29 -56.49 -11.27
C ILE CB 189 -36.78 -57.86 -11.67
N ILE CB 190 -35.66 -58.23 -11.11
CA ILE CB 190 -35.04 -59.52 -11.43
C ILE CB 190 -35.50 -60.69 -10.54
N THR CB 191 -35.60 -61.88 -11.14
CA THR CB 191 -36.07 -63.09 -10.45
C THR CB 191 -35.54 -64.43 -11.04
N ARG CB 192 -35.47 -65.47 -10.18
CA ARG CB 192 -35.36 -66.88 -10.66
C ARG CB 192 -35.66 -66.82 -12.20
N LEU DB 2 -25.94 -32.57 0.67
CA LEU DB 2 -26.04 -34.05 0.82
C LEU DB 2 -27.44 -34.51 0.33
N LEU DB 3 -27.48 -35.57 -0.47
CA LEU DB 3 -28.71 -36.23 -0.87
C LEU DB 3 -28.52 -37.64 -0.27
#